data_7ZEB
#
_entry.id   7ZEB
#
_cell.length_a   1.00
_cell.length_b   1.00
_cell.length_c   1.00
_cell.angle_alpha   90.00
_cell.angle_beta   90.00
_cell.angle_gamma   90.00
#
_symmetry.space_group_name_H-M   'P 1'
#
loop_
_entity.id
_entity.type
_entity.pdbx_description
1 polymer 'NADH dehydrogenase [ubiquinone] iron-sulfur protein 2, mitochondrial'
2 polymer 'NADH-ubiquinone oxidoreductase chain 3'
3 polymer 'NADH-ubiquinone oxidoreductase chain 1'
4 polymer 'NADH-ubiquinone oxidoreductase chain 6'
5 polymer 'NADH-ubiquinone oxidoreductase chain 4L'
6 polymer 'NADH-ubiquinone oxidoreductase chain 5'
7 polymer 'NADH-ubiquinone oxidoreductase chain 4'
8 polymer 'NADH-ubiquinone oxidoreductase chain 2'
9 polymer 'Complex I-B14.7'
10 polymer 'Complex I-SGDH'
11 polymer 'Acyl carrier protein'
12 polymer 'NADH dehydrogenase [ubiquinone] 1 alpha subcomplex subunit 8'
13 polymer 'Complex I-PDSW'
14 polymer 'NADH dehydrogenase [ubiquinone] 1 alpha subcomplex subunit 10, mitochondrial'
15 polymer 'NADH dehydrogenase [ubiquinone] iron-sulfur protein 5'
16 polymer 'Complex I-B9'
17 polymer 'Complex I-B12'
18 polymer 'NADH dehydrogenase [ubiquinone] 1 subunit C2'
19 polymer 'NADH:ubiquinone oxidoreductase subunit B4'
20 polymer 'NADH dehydrogenase [ubiquinone] 1 alpha subcomplex subunit 13'
21 polymer 'NADH dehydrogenase [ubiquinone] 1 beta subcomplex subunit 6'
22 polymer 'NADH dehydrogenase [ubiquinone] 1 beta subcomplex subunit 7'
23 polymer 'Complex I-B22'
24 polymer 'Complex I-AGGG'
25 polymer 'NADH dehydrogenase [ubiquinone] 1 beta subcomplex subunit 8, mitochondrial'
26 polymer 'Complex I-ESSS'
27 polymer 'Complex I-KFYI'
28 polymer 'Complex I-MNLL'
29 polymer 'Complex I-MWFE'
30 polymer 'NADH dehydrogenase [ubiquinone] flavoprotein 1, mitochondrial'
31 polymer 'NADH dehydrogenase [ubiquinone] flavoprotein 2, mitochondrial'
32 polymer 'NADH-ubiquinone oxidoreductase 75 kDa subunit, mitochondrial'
33 polymer 'Complex I-30kD'
34 polymer 'NADH dehydrogenase [ubiquinone] iron-sulfur protein 7, mitochondrial'
35 polymer 'Complex I-23kD'
36 polymer 'Complex I-9kD'
37 polymer 'NADH dehydrogenase [ubiquinone] iron-sulfur protein 6, mitochondrial'
38 polymer 'NADH dehydrogenase [ubiquinone] iron-sulfur protein 4, mitochondrial'
39 polymer 'NADH:ubiquinone oxidoreductase subunit A9'
40 polymer 'NADH dehydrogenase [ubiquinone] 1 alpha subcomplex subunit 2'
41 polymer 'NADH dehydrogenase [ubiquinone] 1 alpha subcomplex subunit 5'
42 polymer 'Complex I-B14'
43 polymer 'NADH dehydrogenase [ubiquinone] 1 alpha subcomplex subunit 7'
44 polymer 'NADH dehydrogenase [ubiquinone] 1 alpha subcomplex subunit 12'
45 non-polymer 1,2-DIACYL-SN-GLYCERO-3-PHOSPHOCHOLINE
46 non-polymer 'S-[2-({N-[(2S)-2-hydroxy-3,3-dimethyl-4-(phosphonooxy)butanoyl]-beta-alanyl}amino)ethyl] tetradecanethioate'
47 non-polymer 'ADENOSINE MONOPHOSPHATE'
48 non-polymer 'MYRISTIC ACID'
49 non-polymer 'IRON/SULFUR CLUSTER'
50 non-polymer 'FLAVIN MONONUCLEOTIDE'
51 non-polymer '1,4-DIHYDRONICOTINAMIDE ADENINE DINUCLEOTIDE'
52 non-polymer 'FE2/S2 (INORGANIC) CLUSTER'
53 non-polymer 'POTASSIUM ION'
54 non-polymer 'ZINC ION'
55 non-polymer 'NADPH DIHYDRO-NICOTINAMIDE-ADENINE-DINUCLEOTIDE PHOSPHATE'
#
loop_
_entity_poly.entity_id
_entity_poly.type
_entity_poly.pdbx_seq_one_letter_code
_entity_poly.pdbx_strand_id
1 'polypeptide(L)'
;ARQWQPDVEWAEQYGGAVMYPTKETAHWKPPPWNDVDPPKDTLVSNLTLNFGPQHPAAHGVLRLVMELSGEMVRKCDPHI
GLLH(2MR)GTEKLIEYKTYLQALPYFDRLDYVSMMCNEQAYSLAVEKLLNIQPPPRAQWIRVLFGEITRLLNHIMAVTT
HALDIGAMTPFFWMFEEREKMFEFYERVSGARMHAAYVRPGGVHQDLPLGLMDDIYEFSKNFSLRIDELEEMLTNNRIWR
NRTVDIGVVTAEDALNYGFSGVMLRGSGIQWDLRKTQPYDVYDQVEFDVPIGSRGDCYDRYLCRVEEMRQSIRIISQCLN
KMPPGEIKVDDAKVSPPKRAEMKTSMESLIHHFKLYTEGYQVPPGATYTAIEAPKGEFGVYLVSDGSSRPYRCKIKAPGF
AHLAGLDKMSKGHMLADVVAIIGTQDIVFGEVDR
;
4
2 'polypeptide(L)'
;MNLMITLLTNFTLATLLVTIAFWLPQLNVYSEKTSPYECGFDPMGSARLPFSMKFFLVAITFLLFDLEIALLLPLPWASQ
TTNLNTMLTMALLLIFLLAVSLAYEWTQKGLEWTE
;
A
3 'polypeptide(L)'
;MFMINVLTLIIPILLAVAFLTLVERKVLGYMQFRKGPNVVGPYGLLQPIADAIKLFIKEPLRPATSSISMFILAPILALT
LALTMWIPLPMPYPLINMNLGVLFMLAMSSLAVYSILWSGWASNSKYALIGALRAVAQTISYEVTLAIILLSVLLMNGSF
TLSTLIITQEQVWLIFPAWPLAMMWFISTLAETNRAPFDLTEGESELVSGFNVEYAAGPFALFFMAEYANIIMMNIFTTT
LFLGAFHNPYMPELYTINFTIKSLLLSITFLWIRASYPRFRYDQLMHLLWKNFLPLTLALCMWHVSLPILLSSIPPQT
;
H
4 'polypeptide(L)'
;MMTYIVFILSIIFVMGFVGFSSKPSPIYGGLGLIVSGGVGCGIVLNFGGSFLGLMVFLIYLGGMMVVFGYTTAMATEQYP
EVWVSNKVVLGTFITGLLMEFLMVYYVLKDKEVEIVFKFNGMGDWVIYDTGDSGFFSEEAMGIAALYSYGTWLVIVTGWS
LLIGVVVIMEITRGN
;
J
5 'polypeptide(L)'
;(FME)SLVYMNIMMAFTVSLTGLLMYRSHLMSSLLCLEGMMLSLFILATLMILNSHFTLASMMPIILLVFAACEAALGLS
LLVMVSNTYGTDYVQNLNLLQC
;
K
6 'polypeptide(L)'
;(FME)NLFSSLTLVTLILLTMPIAAINFNTHKFTNYPLYVKTTISCAFITSMIPTMMFIHTGQEMIISNWHWLTIQTLKL
SLSFKMDFFSMMFVPVALFVTWSIMEFSMWYMHSDPNINQFFKYLLLFLITMLILVTANNLFQLFIGWEGVGIMSFLLIG
WWYGRTDANTAALQAILYNRIGDIGFILAMAWFLINLNTWDLQQIFMLNPNDSNLPLMGLILAATGKSAQFGLHPWLPSA
MEGPTPVSALLHSSTMVVAGIFLLIRFYPLTENNKFGQSIMLCLGAMTTLFTAMCALTQNDIKKIIAFSTSSQLGLMMVT
IGINQPHLAFLHICTHAFFKAMLFMCSGSIIHSLNDEQDIRKMGGLFKAMPFTTTALIIGSLALTGMPFLTGFYSKDLII
ESANTSYTNAWALLMTLVATSFTAIYSTRIIFFALLGQPRFPTLININENNPFLINSIKRLLIGSLFAGFIISNNIPPMT
IPQMTMPHYLKMTALTVTILGFILALEISNTTHYLKFNYPSNTFKFSNLLGYYPTIMHRLTPYMNLTMSQKSASSLLDLI
WLETILPKTISLAQMKMSTTITSQKGLIKLYFLSFLITILISTTLLNFHE
;
L
7 'polypeptide(L)'
;(FME)LKYIIPTMMLMPLTWLSKNSMIWINTTLHSLLISLTSLLLLNQFGDNSLNFSLTFFSDSLSTPLLILTMWLLPLM
LMASQHHLSKENLARKKLFISMLILLQLFLIMTFTATELIFFYIMFEATLVPTLIIITRWGNQTERLNAGLYFLFYTLAG
SLPLLVALIYIQNTMGSLNFLILQYWVQPMPNSWSNTFMWLACMMAFMVKMPLYGLHLWLPKAHVEAPIAGSMVLAAILL
KLGGYGMMRITLLLNPITDFMAYPFIMLSLWGMIMTSSICLRQTDLKSLIAYSSVSHMALVIVAILIQTPWSYMGATALM
IAHGLTSSMLFCLANSNYERVHSRTMILARGLQTLLPLMAAWWLLASLTNLALPPSINLIGELFVVMSTFSWSNITIILM
GLNMVITALYSLYMLITTQRGKHTHHINNILPSFTRENALMSLHMLPLLLLSLNPKIILGPLY
;
M
8 'polypeptide(L)'
;MNPIILIIILMTVMLGTIIVMISTHWLLIWIGFEMNMLAIIPIMMKKHNPRATEASTKYFLTQSTASMLLMMAIIINLMF
SGQWTVMKLFNPMASMLMTMALAMKLGMAPFHFWVPEVTQGIPLSSGLILLTWQKLAPMSVLYQILPSINLDLILTLSIL
SITIGGWGGLNQTQLRKIMAYSSIAHMGWMTAVLLYNPTMTLLNLIIYIIMTSTMFTLFMANSTTTTLSLSHTWNKAPIM
TILVLITLLSMGGLPPLSGFMPKWMIIQEMTKNDSIILPTLMAITALLNLYFYMRLTYSTALTMFPSTNNMKMKWQFPTT
KRMTLLPTMTVLSTMLLPLTPILSILE
;
N
9 'polypeptide(L)'
;(AYA)KTLLHQYWDIPEGTECHRKTYAATSIGGASGLVVSAYSVALKTPTSFLEGVARTGRYTFTAAAIGAIFGLTSCIS
AQVREKPDDPLNYLIGGCAGGLTLGARTRSYGIGAAACAYMGLTAALVKMGQLEGWKVFAEPKV
;
V
10 'polypeptide(L)'
;GKRLFIIKPSGFYDKRFLKLLRFYILLTGIPVVIGITLINVFIGEAELAEIPEGYVPEHWEYFKHPISRWIARTFFDAPE
KNYERTMAILQIESEKAELRLKELEVRRLMRAKGDGPWFQYPTIDKALIDHSPKATPDN
;
W
11 'polypeptide(L)'
;VEVKDFYTTNYQTAVSFSPLGPMPSMALMAVSLSGANVPKSGGRPEESRVPVLTQRKVPGRVTPLCRQYSDAPPLTLEGI
KDRVLYVLKLYDKIDPEKLSVNSHFMKDLGLDSLDQVEIIMAMEDEFGFEIPDIDAEKLMCPQEIVDYIADKKDVYE
;
X,j
12 'polypeptide(L)'
;PGIVELPSLEDLKVQEVKVSSSVLKAAAHHYGAQCDKPNKEFMLCRWEEKDPRRCLEEGKLVNQCALEFFRQIKRHCAEP
FTEYWTCIDYSGLQLFRRCRKEQAQFDKCVLDKLGWVRPDLGELSKVTKVKTDRPLPENPYHSRARPEPNPEVEGDLKPA
RHGSRLFFWTM
;
Y
13 'polypeptide(L)'
;SWDKDVYPEPPRRTPAPSPQTSLPNPITYLTKAFDLLVDRPVTLVREFIERQHAKNKYYYYHREFRRVPDITECHEKDVL
CMFEAEMQWKRDYKVDQEIVNIIQERLKACQQREGESHRQNCAKELQQFTQVVKAYQDRYHDLGAHYSARKCLAKQKQRM
LAERKATKEAA
;
Z
14 'polypeptide(L)'
;LQYGPLAYILGEKTTKKMTENSKLITVDGNICSGK(SEP)KLAKEVAEKLGLKHFPEAGIHYADSTTGDGKPLPVRFSGN
CSLEKFYDDPKSNDGNSYRLQAWLYASRLLQYADALEHLLSTGQGVVLERSIYSDFVFLEAMYRQGFIRKQCVDHYNQVK
KVTVCEYLPPHVVIYVDVPVSEVQSRIQKKGNPHEMKITSAYLQDIENVYKGTFLPEMSEKCEVLQYSAWEAEDAEKVVE
DIQYLKYDKGPWLDQDDRKLHNLRMLVQDKLEVLNYTSIPVFLPEVTIGAHQSDRVFQEFTELPGRKYRAGYNEDVGDKW
IWLK
;
k
15 'polypeptide(L)'
;PFFDVQKKLGVDLDHWMTIQSAEQPHRIPARCHAFEKEWIECAHGIGSIRAEKECKIEFEDFRECLLRQKTMKRLNAIKR
QRDKLIKEGKYTPPPHHSGQEDLRP
;
l
16 'polypeptide(L)' VAAFLKNVWAKEPVLVASFAIAGLAVILPTLSPYTKYSLMINRATPYNYPVPLRDDGNMPDVPSHPQDPQGPSLEWLKRL m
17 'polypeptide(L)' SKMELPDYKQWKIEGTPLETVQEKLAARGLRDPWGRNEAWRYMGGFANNVSFVGALLKGFKWGFAAFVVAVGAEYYLES n
18 'polypeptide(L)'
;MMTGRQARAPLQFLPDEARSLPPPKLTDPRLAYIGFLGYCSGLIDNAIRRRPVLSAGLHRQFLYITSFVFVGYYLLKRQD
YMYAVRDHDMFSYIKSHPEDFPEKDKKTYREVFEEFHPVR
;
o
19 'polypeptide(L)'
;SFPKYEPSRLASLPTTLDPAEYDISSETRKAQAERLAIRSRLKREYQLQYNDPSRRGVVEDPALIRWTCARSANVYPNFR
PNTKTSLLGALFGIGPLIFWYYVFKTDRDRKEKLIQEGKLDRTFNISY
;
p
20 'polypeptide(L)'
;VKQDMPPVGGYGPIDYKRNLPRRGLSGYSMFAVGIGALLFGYWSMMRWNRERRRLQIEDFEARIALMPLLQAEKDRRVLQ
MLRENLEEEATIMKDVPGWKVGESVFHTTRWVTPMMGELYGLRTGEEILSSTYGFIWYT
;
q
21 'polypeptide(L)'
;SGYTPDEKLRLQQLRELRRRWLKDQELSPREPVLPPRRVSPVERFWNKFLQDGALWKDVIYKTYRHSIFAFTHVLIPVWI
IHYYLKYHVTTKPYTIVEKKPRIFPGDTILETGEVIPPMKEFPDQH
;
r
22 'polypeptide(L)'
;GAHLARRYLGDASVEPEPLRMPTFPPDYGFPERKEREMVATQQEMNDAQLVLQQRDYCAHYLIRFLKCKRDSFPNFLACK
HEQHDWDYCEHLDYVKRMKEFERERRLLQRKKRREQREADMA
;
s
23 'polypeptide(L)'
;AFLPSAAYLTHQQKVLQLYKRALRHLESRCVHRDKYRYFACLLRARFDEHKNEKDMVKATQLLREAEKEFWHGQHPQPYI
FPESPGGTSYERYECYKVPEWCLDDWHPSEKAMYPDYFAKREQWKKLRRESWEREVKQLQEETPVGGPRTEALPPARKQG
DLPPLWWHIVTRPRERP
;
t
24 'polypeptide(L)' AHIEPRYRQFPQLTRSQVIQAEFFSATMWFWILWRFWHDSDAVLGHFPYPDPSQWTDEELGIPPD u
25 'polypeptide(L)'
;ITKDMLPGPYPKTPEERAAAAKKYNMRVEDYEPYPDDGMGYGDYPKLPDRSQQERDPWYDWDHPDLRLNWGEPMHWDLDM
YIRNRVDTSPTPVNWNLMCKHLFGFVAFMLFMFWVGETYPTYQPVGPKQYPYNNLYLERGGDPNKEPEPVVHYEI
;
v
26 'polypeptide(L)'
;TLRWQEDPEPEDENLYEKNPDSHGYDKDPAVDVWNMRVVFFFGFSIVLVLGSTFVAYLPDYRMQEWARREAERLVKYREA
HGLPLMESNCFDPSKIQLPED
;
w
27 'polypeptide(L)' KFYIQEPPHGSPNWLKVGLTLGTSAFLWIYLIKQHNEDVLEYKRRNGLE x
28 'polypeptide(L)' RDHWIHVLVPVGFVFGYYLDRKNDEKLAAFRNKSLLYKRELKPQEEVTWK y
29 'polypeptide(L)' MWFEVLPGIAVMGVCLFIPGMATARIHRFSNGGREKRVAHYSYQWYLMERDRRVSGVNRYYVSKGLENID z
30 'polypeptide(L)'
;KTSFGSLKDEDRIFTNLYGRHDWRLKGAQSRGDWYKTKEILLKGPDWILGEVKTSGLRGRGGAGFPTGLKWSFMNKPSDG
RPKYLVVNADEGEPGTCKDREIIRHDPHKLVEGCLVGGRAMGARAAYIYIRGEFYNEASNLQVAIREAYEAGLIGKNACG
SGYDFDVFVVRGAGAYICGEETALIESIEGKQGKPRLKPPFPADVGVFGCPTTVANVETVAVSPTICRRGGAWFASFGRE
RNSGTKLFNISGHVNNPCTVEEEMSVPLKELIEKHAGGVTGGWDNLLAVIPGGSSTPLIPKSVCETVLMDFDALIQAQTG
LGTAAVIVMDRSTDIVKAIARLIEFYKHESCGQCTPCREGVDWMNKVMARFVRGDARPAEIDSLWEISKQIEGHTICALG
DGAAWPVQGLIRHFRPELEERMQRFAQQHQ
;
1
31 'polypeptide(L)'
;ALFVHRDTPKNNPETPFDFTPENYKRIEAIVKNYPEGHKAAAVLPVLDLAQRQNGWLPISAMNKVAEILQVPPMRVYEVA
TFYTMYNRKPVGKYHIQVCTTTPCMLRNSDSILEAIQKKLGIKVGETTPDKLFTLIEVECLGACVNAPMVQINDNYYEDL
TPKDIEEIIDELKAGKIPKPGPRSGRFSCEPAGGLTSLTEPPKGPGFGVQAGL
;
2
32 'polypeptide(L)'
;SNLIEVFVDGQSVMVEPGTTVLQACEKVGMQIPRFCYHERLSVAGNCRMCLVEIEKAPKVVAACAMPVMKGWNILTNSEK
TKKAREGVMEFLLANHPLDCPICDQGGECDLQDQSMMFGSDRSRFLEGKRAVEDKNIGPLVKTIMTRCIQCTRCIRFASE
IAGVDDLGTTGRGNDMQVGTYIEKMFMSELSGNIIDICPVGALTSKPYAFTARPWETRKTESIDVMDAVGSNIVVSTRTG
EVMRILPRMHEDINEEWISDKTRFAYDGLKRQRLTEPMVRNEKGLLTHTTWEDALSRVAGMLQSCQGNDVAAIAGGLVDA
EALIALKDLLNRVDSDTLCTEEVFPTAGAGTDLRSNYLLNTTIAGVEEADVVLLVGTNPRFEAPLFNARIRKSWLHNDLK
VALIGSPVDLTYRYDHLGDSPKILQDIASGSHPFSQVLQEAKKPMVVLGSSALQRNDGAAILAAVSNIAQKIRTSSGVTG
DWKVMNILHRIASQVAALDLGYKPGVEAIRKNPPKMLFLLGADGGCVTRQDLPKDCFIVYQGHHGDVGAPIADVILPGAA
YTEKSATYVNTEGRAQQTKVAVMPPGLAREDWKIIRALSEIAGMTLPYDTLDQVRNRLEEVSPNLVRYDDVEGANYFQQA
SELSKLVNQQLLADPLVPPQLTIKDFYMTDSISRASQTMAKCVKAVTE
;
3
33 'polypeptide(L)'
;TRPTVRPRNDVAHKQLSAFGEYVAEILPKYVQQVQVSCFSELEICIHPDGVIPVLTFLRDHSNAQFKSLADLTAVDIPTR
QNRFEIVYNLLSLRFNSRIRVKTYTDELTPVESSVSVYKAANWYEREIWDMFGVFFANHPDLRRILTDYGFEGHPFRKDF
PLSGYVELRYDDEVKRVVAEPVELAQEFRKFDLNSPWEAFPAYRQPPE
;
5
34 'polypeptide(L)'
;VAKLDDLINWARRSSLWPMTFGLACCAVEMMHMAAPRYDMDRFGVVFRASPRQSDVMIVAGTLTNKMAPALRKVYDQMPE
PRYVVSMGSCANGGGYYHYSYSVVRGCDRIVPVDIYVPGCPPTAEALLYGILQLQKKIKREKRLRIWYRR
;
6
35 'polypeptide(L)'
;MRKPKMRCLTMPVLLRALAQAQAARAGHASGRGLHSSAVAATYKYVNLREPSMDMKSVTDRAAQTLLWTELIRGLGMTLS
YLFREPATINYPFEKGPLSPRFRGEHALRRYPSGEERCIACKLCEAVCPAQAITIEAEPRADGSRRTTRYDIDMTKCIYC
GFCQEACPVDAIVEGPNFEFSTETHEELLYNKEKLLNNGDKWEAEIAANIQADYLYR
;
9
36 'polypeptide(L)' PFDNTTYKNLQHHDYSTYTFLDLNLDLSKFRMPQPSSGRESPRH a
37 'polypeptide(L)'
;GVRTSPTGEKVTHTGQVYDDEDYRRVRFVGRQKEVNENFAIDLIAEQPVSQVGSRVISCDGGGGALGHPRVYINLDKETK
TGTCGYCGLQFRQQH
;
b
38 'polypeptide(L)'
;TQLITVDEKLDITTLTGVPEEHIKTRKARIFVPARNNMQSGVNNTKKWKMEFDTRERWENPLMGWASTADPLSNLVLTFS
TKEDAIAFAEKNGWSYDVEERKVPKPKSKSYGANFSWNKRTRVSTK
;
c
39 'polypeptide(L)'
;LHHAVIPHGKGGRSSVSGIVATVFGATGFLGRYLVNHLGRMGSQVIVPYRCEPYDTMHLRPMGDLGQIIFMDWNGRDKDS
IRRAVEHSNVVINLVGREWETKNFDFEDVFVKIPQAIAQVSKEAGVEKFIHISHLNADIKSSSKYLRNKAVGEKEVRETF
PEATIIKPADIFGREDRFLNYFANIRWFGGVPLISLGKKTVKQPVYIVDVTKGIINAIKDPDARGKTFAFVGPNRYLLFD
LVQYVFAVAHRPFLPYPMPHFAYRWIGRLFEISPFEPWTTRDKVERIHTTDRTLPHLPGLEDLGVQATPLELKAIEVLRR
HRTYRWLSSEIEDVQPAKTV
;
d
40 'polypeptide(L)'
;LGLREIRIHLCQRSPGSQGVRDFIEKRYVELKKANPDLPILIRECSDVQPKLWARYAFGQEKNVSLNNFSADQVTRALEN
VLSSKA
;
e
41 'polypeptide(L)'
;LLKKTTGLVGLAVCETPHERLKILYTKILDVLGHIPKNAAYRKYTEQITNEKLSIVKAEPDVKKLEEQLQGGQIEEVILQ
AENELSLARKMIQWKPWEPLVEEPPASQWKWPI
;
f
42 'polypeptide(L)'
;TSVKPIFSRDMNEAKRRVRELYRAWYREVPNTVHLFQLDISVKQGRDKVREMFKKNAHVTDPRVVDLLVIKGKMELEETI
NVWKQRTHVMRFFHETEAPRPKDFLSKFYVGHDP
;
g
43 'polypeptide(L)'
;(AYA)SATRLIQGLRNWASGRDLQAKLQLRYQEISKRTQPPPKLPVGPSHRLSNNYYCARDGRREAMPPSIVMSSQKVLV
AGKPAESSAVAASEKKAVSPAPPIKRWELSQDEPYL
;
h
44 'polypeptide(L)'
;MELLQVLKRGLQQVSGHGGLRGYLRVLFRANDVRVGTLVGEDKYGNKYYEDNKQFFGRHRWVIYTTEMNGKNTFWDVDGS
MVPPEWHRWLHCMTDDPPTVKPPTARKFIWTNHKFNLSGTPQQYVPYSTTRKKIQEWVPPSTPYK
;
i
#
loop_
_chem_comp.id
_chem_comp.type
_chem_comp.name
_chem_comp.formula
AMP non-polymer 'ADENOSINE MONOPHOSPHATE' 'C10 H14 N5 O7 P'
FES non-polymer 'FE2/S2 (INORGANIC) CLUSTER' 'Fe2 S2'
FMN non-polymer 'FLAVIN MONONUCLEOTIDE' 'C17 H21 N4 O9 P'
K non-polymer 'POTASSIUM ION' 'K 1'
MYR non-polymer 'MYRISTIC ACID' 'C14 H28 O2'
NAI non-polymer '1,4-DIHYDRONICOTINAMIDE ADENINE DINUCLEOTIDE' 'C21 H29 N7 O14 P2'
NDP non-polymer 'NADPH DIHYDRO-NICOTINAMIDE-ADENINE-DINUCLEOTIDE PHOSPHATE' 'C21 H30 N7 O17 P3'
PC1 non-polymer 1,2-DIACYL-SN-GLYCERO-3-PHOSPHOCHOLINE 'C44 H88 N O8 P'
SF4 non-polymer 'IRON/SULFUR CLUSTER' 'Fe4 S4'
ZMP non-polymer 'S-[2-({N-[(2S)-2-hydroxy-3,3-dimethyl-4-(phosphonooxy)butanoyl]-beta-alanyl}amino)ethyl] tetradecanethioate' 'C25 H49 N2 O8 P S'
ZN non-polymer 'ZINC ION' 'Zn 2'
#
# COMPACT_ATOMS: atom_id res chain seq x y z
N ALA A 1 41.05 22.92 -27.76
CA ALA A 1 42.40 23.24 -27.33
C ALA A 1 42.95 22.15 -26.41
N ARG A 2 42.37 22.06 -25.21
CA ARG A 2 42.79 21.05 -24.24
C ARG A 2 42.12 19.72 -24.55
N GLN A 3 42.38 18.73 -23.69
CA GLN A 3 41.79 17.41 -23.86
C GLN A 3 40.30 17.45 -23.57
N TRP A 4 39.52 16.79 -24.41
CA TRP A 4 38.09 16.67 -24.17
C TRP A 4 37.83 15.77 -22.97
N GLN A 5 36.84 16.16 -22.17
CA GLN A 5 36.43 15.41 -21.00
C GLN A 5 34.95 15.13 -21.09
N PRO A 6 34.47 14.03 -20.50
CA PRO A 6 33.04 13.72 -20.54
C PRO A 6 32.21 14.77 -19.81
N ASP A 7 31.06 15.09 -20.39
CA ASP A 7 30.11 16.03 -19.83
C ASP A 7 28.95 15.27 -19.19
N VAL A 8 27.91 16.00 -18.80
CA VAL A 8 26.76 15.34 -18.16
C VAL A 8 25.96 14.50 -19.15
N GLU A 9 26.07 14.78 -20.45
CA GLU A 9 25.31 14.00 -21.44
C GLU A 9 25.92 12.61 -21.62
N TRP A 10 27.25 12.52 -21.62
CA TRP A 10 27.90 11.20 -21.68
C TRP A 10 27.61 10.39 -20.43
N ALA A 11 27.69 11.03 -19.26
CA ALA A 11 27.50 10.32 -18.00
C ALA A 11 26.04 9.88 -17.84
N GLU A 12 25.09 10.67 -18.35
CA GLU A 12 23.70 10.24 -18.33
C GLU A 12 23.36 9.32 -19.49
N GLN A 13 24.22 9.24 -20.52
CA GLN A 13 24.12 8.16 -21.48
C GLN A 13 24.50 6.84 -20.83
N TYR A 14 25.47 6.86 -19.92
CA TYR A 14 25.85 5.64 -19.20
C TYR A 14 24.95 5.35 -18.01
N GLY A 15 23.98 6.22 -17.71
CA GLY A 15 23.17 6.11 -16.51
C GLY A 15 21.87 5.35 -16.64
N GLY A 16 21.61 4.69 -17.78
CA GLY A 16 20.36 3.99 -17.96
C GLY A 16 20.29 2.69 -17.17
N ALA A 17 19.08 2.11 -17.15
CA ALA A 17 18.91 0.80 -16.53
C ALA A 17 19.61 -0.29 -17.33
N VAL A 18 19.47 -0.27 -18.65
CA VAL A 18 20.21 -1.14 -19.53
C VAL A 18 21.09 -0.28 -20.43
N MET A 19 22.06 -0.93 -21.08
CA MET A 19 22.98 -0.21 -21.96
C MET A 19 22.27 0.36 -23.18
N TYR A 20 21.39 -0.43 -23.78
CA TYR A 20 20.68 -0.03 -24.99
C TYR A 20 19.18 -0.07 -24.72
N PRO A 21 18.53 1.07 -24.50
CA PRO A 21 17.11 1.06 -24.15
C PRO A 21 16.22 0.60 -25.30
N THR A 22 15.61 -0.58 -25.13
CA THR A 22 14.75 -1.15 -26.16
C THR A 22 13.31 -0.73 -25.92
N LYS A 23 12.37 -1.35 -26.64
CA LYS A 23 10.96 -1.02 -26.49
C LYS A 23 10.36 -1.55 -25.19
N GLU A 24 10.98 -2.57 -24.59
CA GLU A 24 10.48 -3.16 -23.36
C GLU A 24 11.03 -2.47 -22.12
N THR A 25 12.34 -2.21 -22.10
CA THR A 25 13.01 -1.62 -20.95
C THR A 25 12.91 -0.09 -20.98
N ALA A 26 11.67 0.39 -20.92
CA ALA A 26 11.38 1.82 -20.80
C ALA A 26 10.88 2.22 -19.42
N HIS A 27 10.20 1.30 -18.73
CA HIS A 27 9.73 1.53 -17.37
C HIS A 27 10.66 0.96 -16.31
N TRP A 28 11.80 0.40 -16.71
CA TRP A 28 12.76 -0.17 -15.77
C TRP A 28 13.49 0.96 -15.08
N LYS A 29 13.10 1.25 -13.84
CA LYS A 29 13.80 2.25 -13.06
C LYS A 29 15.11 1.68 -12.50
N PRO A 30 16.12 2.52 -12.27
CA PRO A 30 17.35 2.03 -11.64
C PRO A 30 17.08 1.59 -10.21
N PRO A 31 17.83 0.61 -9.72
CA PRO A 31 17.65 0.16 -8.33
C PRO A 31 18.09 1.23 -7.34
N PRO A 32 17.58 1.18 -6.10
CA PRO A 32 17.98 2.18 -5.12
C PRO A 32 19.46 2.10 -4.77
N TRP A 33 20.02 3.25 -4.40
CA TRP A 33 21.46 3.35 -4.16
C TRP A 33 21.87 2.61 -2.89
N ASN A 34 21.02 2.62 -1.86
CA ASN A 34 21.36 2.01 -0.58
C ASN A 34 20.90 0.57 -0.47
N ASP A 35 20.44 -0.03 -1.58
CA ASP A 35 20.01 -1.43 -1.65
C ASP A 35 18.88 -1.75 -0.68
N VAL A 36 18.00 -0.79 -0.45
CA VAL A 36 16.84 -0.98 0.42
C VAL A 36 15.60 -0.55 -0.36
N ASP A 37 14.61 -1.43 -0.43
CA ASP A 37 13.40 -1.15 -1.17
C ASP A 37 12.25 -0.85 -0.24
N SER A 45 -4.38 -6.02 8.25
CA SER A 45 -5.79 -6.19 8.59
C SER A 45 -5.97 -7.12 9.77
N ASN A 46 -6.02 -6.55 10.98
CA ASN A 46 -6.24 -7.34 12.18
C ASN A 46 -7.66 -7.88 12.20
N LEU A 47 -7.81 -9.11 12.70
CA LEU A 47 -9.08 -9.81 12.60
C LEU A 47 -10.08 -9.24 13.60
N THR A 48 -11.21 -8.77 13.10
CA THR A 48 -12.26 -8.24 13.96
C THR A 48 -13.14 -9.38 14.45
N LEU A 49 -13.12 -9.64 15.75
CA LEU A 49 -13.91 -10.72 16.34
C LEU A 49 -14.97 -10.14 17.26
N ASN A 50 -16.18 -10.70 17.16
CA ASN A 50 -17.31 -10.27 17.99
C ASN A 50 -17.58 -11.35 19.04
N PHE A 51 -17.17 -11.07 20.27
CA PHE A 51 -17.62 -11.85 21.41
C PHE A 51 -19.09 -11.49 21.63
N GLY A 52 -19.97 -12.31 21.06
CA GLY A 52 -21.38 -11.97 20.98
C GLY A 52 -22.10 -12.23 22.27
N PRO A 53 -23.42 -11.99 22.24
CA PRO A 53 -24.22 -12.20 23.46
C PRO A 53 -24.41 -13.67 23.79
N GLN A 54 -24.56 -14.54 22.79
CA GLN A 54 -24.75 -15.96 23.03
C GLN A 54 -23.38 -16.60 23.23
N HIS A 55 -22.83 -16.38 24.43
CA HIS A 55 -21.52 -16.89 24.80
C HIS A 55 -21.55 -17.11 26.30
N PRO A 56 -21.15 -18.30 26.78
CA PRO A 56 -21.18 -18.56 28.23
C PRO A 56 -20.27 -17.66 29.04
N ALA A 57 -19.11 -17.26 28.50
CA ALA A 57 -18.25 -16.34 29.24
C ALA A 57 -18.83 -14.93 29.24
N ALA A 58 -19.58 -14.57 28.21
CA ALA A 58 -20.34 -13.33 28.25
C ALA A 58 -21.50 -13.46 29.24
N HIS A 59 -21.87 -12.33 29.84
CA HIS A 59 -22.93 -12.33 30.86
C HIS A 59 -24.30 -12.13 30.20
N GLY A 60 -24.59 -12.99 29.23
CA GLY A 60 -25.87 -12.98 28.55
C GLY A 60 -25.98 -11.93 27.46
N VAL A 61 -25.78 -10.66 27.81
CA VAL A 61 -25.86 -9.55 26.87
C VAL A 61 -24.54 -8.81 26.89
N LEU A 62 -23.81 -8.88 25.77
CA LEU A 62 -22.52 -8.23 25.59
C LEU A 62 -22.11 -8.34 24.12
N ARG A 63 -21.43 -7.32 23.58
CA ARG A 63 -20.87 -7.45 22.24
C ARG A 63 -19.45 -6.87 22.25
N LEU A 64 -18.47 -7.70 22.57
CA LEU A 64 -17.09 -7.24 22.57
C LEU A 64 -16.53 -7.32 21.16
N VAL A 65 -16.36 -6.19 20.49
CA VAL A 65 -15.69 -6.18 19.20
C VAL A 65 -14.21 -5.89 19.46
N MET A 66 -13.35 -6.84 19.08
CA MET A 66 -11.93 -6.71 19.34
C MET A 66 -11.15 -6.85 18.04
N GLU A 67 -10.06 -6.08 17.96
CA GLU A 67 -9.14 -6.15 16.83
C GLU A 67 -8.00 -7.09 17.23
N LEU A 68 -8.23 -8.39 17.02
CA LEU A 68 -7.22 -9.41 17.31
C LEU A 68 -6.05 -9.25 16.35
N SER A 69 -4.88 -8.89 16.89
CA SER A 69 -3.64 -8.88 16.14
C SER A 69 -3.03 -10.26 16.23
N GLY A 70 -3.56 -11.16 15.40
CA GLY A 70 -3.28 -12.58 15.49
C GLY A 70 -4.18 -13.25 16.52
N GLU A 71 -3.84 -13.11 17.80
CA GLU A 71 -4.79 -13.42 18.85
C GLU A 71 -4.72 -12.47 20.06
N MET A 72 -3.80 -11.51 20.07
CA MET A 72 -3.79 -10.51 21.13
C MET A 72 -4.68 -9.34 20.74
N VAL A 73 -5.18 -8.64 21.74
CA VAL A 73 -6.08 -7.52 21.51
C VAL A 73 -5.27 -6.22 21.46
N ARG A 74 -5.57 -5.39 20.47
CA ARG A 74 -5.05 -4.04 20.40
C ARG A 74 -6.10 -2.98 20.63
N LYS A 75 -7.35 -3.24 20.24
CA LYS A 75 -8.46 -2.35 20.49
C LYS A 75 -9.68 -3.21 20.81
N CYS A 76 -10.17 -3.10 22.04
CA CYS A 76 -11.35 -3.81 22.50
C CYS A 76 -12.44 -2.79 22.81
N ASP A 77 -13.64 -3.05 22.30
CA ASP A 77 -14.76 -2.12 22.47
C ASP A 77 -16.00 -2.90 22.90
N PRO A 78 -16.50 -2.69 24.11
CA PRO A 78 -17.76 -3.32 24.54
C PRO A 78 -18.98 -2.56 24.02
N HIS A 79 -19.64 -3.13 23.02
CA HIS A 79 -20.94 -2.65 22.59
C HIS A 79 -22.00 -3.21 23.53
N ILE A 80 -22.73 -2.29 24.17
CA ILE A 80 -23.74 -2.63 25.17
C ILE A 80 -25.08 -2.06 24.72
N GLY A 81 -26.10 -2.21 25.56
CA GLY A 81 -27.42 -1.74 25.24
C GLY A 81 -28.38 -2.82 24.79
N LEU A 82 -27.94 -4.08 24.81
CA LEU A 82 -28.84 -5.19 24.50
C LEU A 82 -29.85 -5.45 25.59
N LEU A 83 -29.66 -4.88 26.78
CA LEU A 83 -30.61 -4.98 27.88
C LEU A 83 -30.97 -3.59 28.40
N HIS A 84 -31.02 -2.61 27.51
CA HIS A 84 -31.48 -1.28 27.89
C HIS A 84 -33.00 -1.24 27.89
N 2MR A 85 -33.59 -1.32 29.07
CA 2MR A 85 -35.02 -1.36 29.21
CB 2MR A 85 -35.50 -2.08 30.48
CG 2MR A 85 -35.66 -3.57 30.25
CD 2MR A 85 -34.33 -4.27 30.48
NE 2MR A 85 -33.76 -3.98 31.77
CZ 2MR A 85 -33.80 -4.83 32.95
NH1 2MR A 85 -33.27 -4.53 34.12
CQ1 2MR A 85 -32.59 -3.31 34.41
NH2 2MR A 85 -34.46 -6.10 32.85
CQ2 2MR A 85 -34.55 -7.02 33.96
C 2MR A 85 -35.59 0.04 29.24
O 2MR A 85 -36.72 0.34 28.85
N GLY A 86 -34.75 0.96 29.71
CA GLY A 86 -35.17 2.33 29.89
C GLY A 86 -35.94 2.50 31.18
N THR A 87 -35.30 2.12 32.29
CA THR A 87 -35.94 2.21 33.60
C THR A 87 -36.17 3.66 34.01
N GLU A 88 -35.21 4.54 33.71
CA GLU A 88 -35.26 5.92 34.20
C GLU A 88 -36.29 6.77 33.49
N LYS A 89 -36.93 6.26 32.42
CA LYS A 89 -38.12 6.91 31.89
C LYS A 89 -39.41 6.33 32.47
N LEU A 90 -39.41 5.04 32.80
CA LEU A 90 -40.58 4.45 33.43
C LEU A 90 -40.72 4.84 34.89
N ILE A 91 -39.64 5.31 35.52
CA ILE A 91 -39.72 5.68 36.93
C ILE A 91 -40.53 6.96 37.11
N GLU A 92 -40.31 7.96 36.24
CA GLU A 92 -40.96 9.25 36.40
C GLU A 92 -42.46 9.22 36.15
N TYR A 93 -42.98 8.12 35.60
CA TYR A 93 -44.41 7.95 35.41
C TYR A 93 -45.06 7.15 36.53
N LYS A 94 -44.32 6.88 37.61
CA LYS A 94 -44.83 6.09 38.72
C LYS A 94 -44.42 6.76 40.03
N THR A 95 -45.18 6.48 41.08
CA THR A 95 -44.89 7.02 42.39
C THR A 95 -43.72 6.28 43.02
N TYR A 96 -43.34 6.67 44.24
CA TYR A 96 -42.14 6.14 44.87
C TYR A 96 -42.31 4.68 45.25
N LEU A 97 -43.47 4.33 45.81
CA LEU A 97 -43.75 2.94 46.15
C LEU A 97 -43.80 2.07 44.90
N GLN A 98 -44.35 2.61 43.81
CA GLN A 98 -44.39 1.87 42.56
C GLN A 98 -43.03 1.79 41.89
N ALA A 99 -42.16 2.78 42.11
CA ALA A 99 -40.83 2.78 41.54
C ALA A 99 -39.82 2.00 42.39
N LEU A 100 -40.19 1.62 43.61
CA LEU A 100 -39.30 0.78 44.41
C LEU A 100 -38.98 -0.58 43.79
N PRO A 101 -39.94 -1.37 43.27
CA PRO A 101 -39.55 -2.67 42.67
C PRO A 101 -38.74 -2.57 41.38
N TYR A 102 -38.67 -1.39 40.76
CA TYR A 102 -37.79 -1.22 39.60
C TYR A 102 -36.32 -1.35 39.99
N PHE A 103 -35.98 -1.04 41.23
CA PHE A 103 -34.61 -1.10 41.69
C PHE A 103 -34.15 -2.52 42.04
N ASP A 104 -35.08 -3.47 42.15
CA ASP A 104 -34.71 -4.85 42.38
C ASP A 104 -34.10 -5.51 41.15
N ARG A 105 -34.29 -4.93 39.98
CA ARG A 105 -33.96 -5.60 38.73
C ARG A 105 -32.79 -4.97 38.00
N LEU A 106 -32.20 -3.90 38.54
CA LEU A 106 -30.99 -3.36 37.94
C LEU A 106 -29.82 -4.31 38.17
N ASP A 107 -29.44 -4.49 39.42
CA ASP A 107 -28.39 -5.44 39.80
C ASP A 107 -29.11 -6.60 40.47
N TYR A 108 -29.29 -7.70 39.73
CA TYR A 108 -30.07 -8.82 40.21
C TYR A 108 -29.23 -9.86 40.92
N VAL A 109 -28.15 -9.44 41.59
CA VAL A 109 -27.46 -10.28 42.55
C VAL A 109 -27.24 -9.44 43.80
N SER A 110 -27.59 -8.16 43.73
CA SER A 110 -27.42 -7.20 44.81
C SER A 110 -28.72 -6.43 45.04
N MET A 111 -29.82 -7.17 45.19
CA MET A 111 -31.16 -6.60 45.18
C MET A 111 -31.39 -5.69 46.39
N MET A 112 -31.11 -6.21 47.59
CA MET A 112 -31.44 -5.47 48.81
C MET A 112 -30.53 -4.27 49.01
N CYS A 113 -29.32 -4.30 48.45
CA CYS A 113 -28.46 -3.13 48.52
C CYS A 113 -29.01 -1.98 47.66
N ASN A 114 -29.55 -2.30 46.48
CA ASN A 114 -30.20 -1.28 45.67
C ASN A 114 -31.46 -0.77 46.35
N GLU A 115 -32.21 -1.66 47.00
CA GLU A 115 -33.36 -1.22 47.79
C GLU A 115 -32.93 -0.27 48.91
N GLN A 116 -31.81 -0.58 49.57
CA GLN A 116 -31.31 0.27 50.65
C GLN A 116 -30.86 1.63 50.12
N ALA A 117 -30.23 1.65 48.94
CA ALA A 117 -29.82 2.92 48.34
C ALA A 117 -31.01 3.81 47.99
N TYR A 118 -32.04 3.21 47.38
CA TYR A 118 -33.25 3.97 47.05
C TYR A 118 -33.97 4.45 48.30
N SER A 119 -34.07 3.59 49.32
CA SER A 119 -34.72 3.98 50.56
C SER A 119 -33.95 5.08 51.28
N LEU A 120 -32.60 5.02 51.23
CA LEU A 120 -31.80 6.07 51.84
C LEU A 120 -31.98 7.40 51.11
N ALA A 121 -32.09 7.37 49.78
CA ALA A 121 -32.35 8.60 49.04
C ALA A 121 -33.70 9.20 49.41
N VAL A 122 -34.74 8.36 49.44
CA VAL A 122 -36.07 8.88 49.75
C VAL A 122 -36.16 9.36 51.19
N GLU A 123 -35.49 8.67 52.12
CA GLU A 123 -35.52 9.09 53.51
C GLU A 123 -34.68 10.34 53.76
N LYS A 124 -33.60 10.53 52.98
CA LYS A 124 -32.85 11.78 53.08
C LYS A 124 -33.67 12.95 52.54
N LEU A 125 -34.45 12.72 51.48
CA LEU A 125 -35.30 13.79 50.99
C LEU A 125 -36.48 14.07 51.93
N LEU A 126 -37.01 13.03 52.57
CA LEU A 126 -38.18 13.18 53.44
C LEU A 126 -37.84 13.64 54.84
N ASN A 127 -36.54 13.77 55.18
CA ASN A 127 -36.08 14.20 56.50
C ASN A 127 -36.59 13.29 57.62
N ILE A 128 -36.66 11.99 57.33
CA ILE A 128 -37.08 10.99 58.32
C ILE A 128 -36.04 9.88 58.36
N GLN A 129 -36.03 9.15 59.47
CA GLN A 129 -35.10 8.05 59.67
C GLN A 129 -35.84 6.84 60.20
N PRO A 130 -35.41 5.63 59.85
CA PRO A 130 -36.11 4.42 60.28
C PRO A 130 -35.83 4.12 61.74
N PRO A 131 -36.62 3.24 62.36
CA PRO A 131 -36.30 2.77 63.72
C PRO A 131 -35.03 1.94 63.72
N PRO A 132 -34.34 1.84 64.86
CA PRO A 132 -33.07 1.11 64.90
C PRO A 132 -33.18 -0.37 64.54
N ARG A 133 -34.29 -1.04 64.88
CA ARG A 133 -34.46 -2.43 64.48
C ARG A 133 -34.51 -2.58 62.97
N ALA A 134 -35.18 -1.65 62.30
CA ALA A 134 -35.20 -1.65 60.83
C ALA A 134 -33.80 -1.45 60.27
N GLN A 135 -33.00 -0.58 60.91
CA GLN A 135 -31.63 -0.36 60.46
C GLN A 135 -30.77 -1.62 60.59
N TRP A 136 -30.90 -2.31 61.73
CA TRP A 136 -30.14 -3.55 61.93
C TRP A 136 -30.60 -4.64 60.95
N ILE A 137 -31.90 -4.72 60.69
CA ILE A 137 -32.42 -5.69 59.70
C ILE A 137 -31.87 -5.38 58.32
N ARG A 138 -31.86 -4.09 57.95
CA ARG A 138 -31.33 -3.67 56.65
C ARG A 138 -29.86 -4.02 56.51
N VAL A 139 -29.06 -3.80 57.55
CA VAL A 139 -27.64 -4.09 57.48
C VAL A 139 -27.39 -5.60 57.40
N LEU A 140 -28.15 -6.39 58.18
CA LEU A 140 -28.00 -7.84 58.15
C LEU A 140 -28.35 -8.40 56.77
N PHE A 141 -29.45 -7.93 56.18
CA PHE A 141 -29.83 -8.45 54.88
C PHE A 141 -28.96 -7.88 53.76
N GLY A 142 -28.40 -6.68 53.94
CA GLY A 142 -27.38 -6.20 53.03
C GLY A 142 -26.10 -7.01 53.05
N GLU A 143 -25.70 -7.51 54.22
CA GLU A 143 -24.54 -8.39 54.27
C GLU A 143 -24.83 -9.76 53.68
N ILE A 144 -26.05 -10.28 53.89
CA ILE A 144 -26.46 -11.51 53.20
C ILE A 144 -26.45 -11.31 51.69
N THR A 145 -26.90 -10.13 51.24
CA THR A 145 -26.86 -9.78 49.83
C THR A 145 -25.43 -9.70 49.30
N ARG A 146 -24.52 -9.14 50.11
CA ARG A 146 -23.11 -9.08 49.73
C ARG A 146 -22.51 -10.47 49.58
N LEU A 147 -22.85 -11.38 50.50
CA LEU A 147 -22.41 -12.77 50.37
C LEU A 147 -22.98 -13.43 49.12
N LEU A 148 -24.26 -13.15 48.82
CA LEU A 148 -24.89 -13.67 47.59
C LEU A 148 -24.13 -13.22 46.35
N ASN A 149 -23.86 -11.92 46.25
CA ASN A 149 -23.19 -11.38 45.08
C ASN A 149 -21.77 -11.92 44.95
N HIS A 150 -21.05 -12.02 46.07
CA HIS A 150 -19.68 -12.51 46.01
C HIS A 150 -19.62 -13.99 45.64
N ILE A 151 -20.56 -14.78 46.16
CA ILE A 151 -20.66 -16.19 45.75
C ILE A 151 -20.88 -16.29 44.25
N MET A 152 -21.85 -15.52 43.74
CA MET A 152 -22.18 -15.59 42.31
C MET A 152 -21.00 -15.15 41.45
N ALA A 153 -20.34 -14.05 41.83
CA ALA A 153 -19.23 -13.52 41.04
C ALA A 153 -18.04 -14.47 41.04
N VAL A 154 -17.65 -14.97 42.21
CA VAL A 154 -16.49 -15.85 42.29
C VAL A 154 -16.76 -17.17 41.58
N THR A 155 -17.96 -17.74 41.74
CA THR A 155 -18.25 -19.02 41.13
C THR A 155 -18.39 -18.90 39.62
N THR A 156 -18.99 -17.81 39.13
CA THR A 156 -19.08 -17.61 37.70
C THR A 156 -17.73 -17.31 37.08
N HIS A 157 -16.86 -16.60 37.79
CA HIS A 157 -15.50 -16.37 37.30
C HIS A 157 -14.71 -17.67 37.22
N ALA A 158 -14.86 -18.54 38.22
CA ALA A 158 -14.19 -19.84 38.20
C ALA A 158 -14.76 -20.75 37.13
N LEU A 159 -16.06 -20.65 36.85
CA LEU A 159 -16.64 -21.41 35.75
C LEU A 159 -16.15 -20.91 34.39
N ASP A 160 -16.03 -19.59 34.25
CA ASP A 160 -15.55 -19.01 33.00
C ASP A 160 -14.06 -19.25 32.79
N ILE A 161 -13.30 -19.50 33.84
CA ILE A 161 -11.91 -19.90 33.66
C ILE A 161 -11.80 -21.41 33.45
N GLY A 162 -12.61 -22.21 34.13
CA GLY A 162 -12.63 -23.64 33.87
C GLY A 162 -12.89 -24.56 35.05
N ALA A 163 -12.80 -24.05 36.28
CA ALA A 163 -13.09 -24.85 37.47
C ALA A 163 -14.59 -24.75 37.74
N MET A 164 -15.32 -25.82 37.45
CA MET A 164 -16.77 -25.79 37.46
C MET A 164 -17.38 -26.46 38.69
N THR A 165 -16.57 -26.91 39.64
CA THR A 165 -17.11 -27.52 40.86
C THR A 165 -17.58 -26.55 41.97
N PRO A 166 -16.87 -25.45 42.31
CA PRO A 166 -17.39 -24.60 43.40
C PRO A 166 -18.70 -23.90 43.08
N PHE A 167 -19.04 -23.78 41.78
CA PHE A 167 -20.35 -23.30 41.37
C PHE A 167 -21.46 -24.15 41.97
N PHE A 168 -21.39 -25.47 41.75
CA PHE A 168 -22.36 -26.38 42.34
C PHE A 168 -22.14 -26.55 43.84
N TRP A 169 -20.93 -26.30 44.34
CA TRP A 169 -20.70 -26.44 45.78
C TRP A 169 -21.42 -25.35 46.57
N MET A 170 -21.38 -24.10 46.10
CA MET A 170 -22.00 -23.01 46.85
C MET A 170 -23.33 -22.51 46.30
N PHE A 171 -23.83 -23.03 45.18
CA PHE A 171 -25.17 -22.61 44.80
C PHE A 171 -26.25 -23.19 45.69
N GLU A 172 -25.96 -24.25 46.44
CA GLU A 172 -26.94 -24.68 47.45
C GLU A 172 -26.96 -23.74 48.65
N GLU A 173 -25.82 -23.17 49.03
CA GLU A 173 -25.82 -22.13 50.06
C GLU A 173 -26.54 -20.89 49.56
N ARG A 174 -26.37 -20.57 48.27
CA ARG A 174 -27.12 -19.47 47.67
C ARG A 174 -28.62 -19.75 47.69
N GLU A 175 -29.00 -21.01 47.47
CA GLU A 175 -30.40 -21.40 47.59
C GLU A 175 -30.90 -21.32 49.03
N LYS A 176 -30.02 -21.61 50.00
CA LYS A 176 -30.40 -21.45 51.41
C LYS A 176 -30.69 -20.00 51.74
N MET A 177 -29.87 -19.08 51.25
CA MET A 177 -30.15 -17.66 51.47
C MET A 177 -31.37 -17.20 50.68
N PHE A 178 -31.63 -17.82 49.52
CA PHE A 178 -32.88 -17.55 48.81
C PHE A 178 -34.08 -18.01 49.62
N GLU A 179 -33.94 -19.13 50.34
CA GLU A 179 -34.99 -19.58 51.25
C GLU A 179 -35.16 -18.60 52.41
N PHE A 180 -34.06 -18.01 52.88
CA PHE A 180 -34.17 -16.97 53.91
C PHE A 180 -34.95 -15.75 53.39
N TYR A 181 -34.68 -15.34 52.15
CA TYR A 181 -35.46 -14.27 51.52
C TYR A 181 -36.93 -14.68 51.39
N GLU A 182 -37.17 -15.94 51.05
CA GLU A 182 -38.52 -16.47 50.93
C GLU A 182 -39.27 -16.38 52.26
N ARG A 183 -38.60 -16.75 53.34
CA ARG A 183 -39.22 -16.71 54.66
C ARG A 183 -39.44 -15.28 55.14
N VAL A 184 -38.55 -14.36 54.79
CA VAL A 184 -38.66 -13.01 55.34
C VAL A 184 -39.55 -12.08 54.52
N SER A 185 -39.71 -12.33 53.21
CA SER A 185 -40.45 -11.38 52.39
C SER A 185 -41.57 -12.03 51.59
N GLY A 186 -41.38 -13.28 51.19
CA GLY A 186 -42.38 -13.99 50.42
C GLY A 186 -41.98 -14.26 48.99
N ALA A 187 -40.83 -13.79 48.53
CA ALA A 187 -40.33 -14.07 47.19
C ALA A 187 -38.89 -14.54 47.29
N ARG A 188 -38.52 -15.46 46.41
CA ARG A 188 -37.18 -16.05 46.49
C ARG A 188 -36.11 -15.07 46.04
N MET A 189 -36.40 -14.26 45.02
CA MET A 189 -35.42 -13.30 44.53
C MET A 189 -35.84 -11.85 44.74
N HIS A 190 -36.96 -11.42 44.17
CA HIS A 190 -37.31 -10.00 44.18
C HIS A 190 -38.18 -9.75 45.40
N ALA A 191 -37.53 -9.37 46.51
CA ALA A 191 -38.21 -9.28 47.79
C ALA A 191 -39.14 -8.08 47.85
N ALA A 192 -38.67 -6.91 47.40
CA ALA A 192 -39.30 -5.61 47.65
C ALA A 192 -39.57 -5.42 49.13
N TYR A 193 -38.58 -5.76 49.95
CA TYR A 193 -38.70 -5.81 51.40
C TYR A 193 -38.26 -4.52 52.06
N VAL A 194 -37.12 -3.97 51.64
CA VAL A 194 -36.65 -2.69 52.16
C VAL A 194 -37.43 -1.58 51.44
N ARG A 195 -38.10 -0.75 52.22
CA ARG A 195 -38.96 0.32 51.72
C ARG A 195 -38.55 1.62 52.40
N PRO A 196 -38.89 2.77 51.80
CA PRO A 196 -38.70 4.04 52.51
C PRO A 196 -39.51 4.08 53.81
N GLY A 197 -38.82 4.34 54.91
CA GLY A 197 -39.42 4.27 56.23
C GLY A 197 -39.00 3.07 57.05
N GLY A 198 -38.03 2.28 56.59
CA GLY A 198 -37.61 1.10 57.32
C GLY A 198 -37.69 -0.15 56.47
N VAL A 199 -38.49 -1.12 56.91
CA VAL A 199 -38.76 -2.32 56.12
C VAL A 199 -40.26 -2.46 55.96
N HIS A 200 -40.70 -3.53 55.30
CA HIS A 200 -42.11 -3.76 55.05
C HIS A 200 -42.76 -4.65 56.10
N GLN A 201 -42.05 -5.65 56.61
CA GLN A 201 -42.61 -6.59 57.56
C GLN A 201 -41.54 -7.00 58.56
N ASP A 202 -41.98 -7.42 59.73
CA ASP A 202 -41.05 -7.90 60.74
C ASP A 202 -40.58 -9.31 60.40
N LEU A 203 -39.48 -9.71 61.04
CA LEU A 203 -38.94 -11.05 60.82
C LEU A 203 -39.85 -12.09 61.45
N PRO A 204 -40.12 -13.19 60.76
CA PRO A 204 -40.95 -14.25 61.35
C PRO A 204 -40.22 -14.96 62.47
N LEU A 205 -41.01 -15.60 63.33
CA LEU A 205 -40.45 -16.31 64.48
C LEU A 205 -39.67 -17.54 64.02
N GLY A 206 -38.48 -17.72 64.58
CA GLY A 206 -37.65 -18.86 64.26
C GLY A 206 -36.70 -18.69 63.09
N LEU A 207 -36.68 -17.51 62.46
CA LEU A 207 -35.80 -17.33 61.31
C LEU A 207 -34.35 -17.13 61.75
N MET A 208 -34.13 -16.40 62.84
CA MET A 208 -32.77 -16.03 63.24
C MET A 208 -31.95 -17.23 63.71
N ASP A 209 -32.61 -18.27 64.23
CA ASP A 209 -31.89 -19.50 64.54
C ASP A 209 -31.37 -20.16 63.27
N ASP A 210 -32.16 -20.13 62.19
CA ASP A 210 -31.70 -20.64 60.90
C ASP A 210 -30.54 -19.81 60.35
N ILE A 211 -30.64 -18.48 60.50
CA ILE A 211 -29.54 -17.60 60.07
C ILE A 211 -28.27 -17.91 60.85
N TYR A 212 -28.39 -18.11 62.16
CA TYR A 212 -27.22 -18.41 62.99
C TYR A 212 -26.60 -19.76 62.61
N GLU A 213 -27.44 -20.77 62.37
CA GLU A 213 -26.91 -22.08 61.98
C GLU A 213 -26.20 -22.02 60.64
N PHE A 214 -26.78 -21.33 59.66
CA PHE A 214 -26.16 -21.21 58.35
C PHE A 214 -24.86 -20.42 58.42
N SER A 215 -24.83 -19.33 59.20
CA SER A 215 -23.60 -18.55 59.34
C SER A 215 -22.54 -19.32 60.11
N LYS A 216 -22.96 -20.22 61.01
CA LYS A 216 -22.01 -21.07 61.70
C LYS A 216 -21.37 -22.07 60.73
N ASN A 217 -22.16 -22.64 59.82
CA ASN A 217 -21.64 -23.69 58.95
C ASN A 217 -21.14 -23.18 57.60
N PHE A 218 -21.19 -21.87 57.33
CA PHE A 218 -20.75 -21.37 56.03
C PHE A 218 -19.24 -21.12 55.92
N SER A 219 -18.56 -20.90 57.05
CA SER A 219 -17.12 -20.62 57.01
C SER A 219 -16.33 -21.83 56.55
N LEU A 220 -16.83 -23.04 56.80
CA LEU A 220 -16.18 -24.24 56.28
C LEU A 220 -16.27 -24.30 54.77
N ARG A 221 -17.39 -23.88 54.20
CA ARG A 221 -17.52 -23.80 52.74
C ARG A 221 -16.58 -22.75 52.17
N ILE A 222 -16.44 -21.62 52.87
CA ILE A 222 -15.49 -20.58 52.43
C ILE A 222 -14.07 -21.12 52.44
N ASP A 223 -13.70 -21.86 53.49
CA ASP A 223 -12.37 -22.47 53.55
C ASP A 223 -12.18 -23.52 52.45
N GLU A 224 -13.24 -24.25 52.13
CA GLU A 224 -13.17 -25.25 51.06
C GLU A 224 -12.92 -24.59 49.71
N LEU A 225 -13.63 -23.49 49.43
CA LEU A 225 -13.42 -22.76 48.18
C LEU A 225 -12.01 -22.17 48.12
N GLU A 226 -11.56 -21.58 49.24
CA GLU A 226 -10.24 -20.98 49.27
C GLU A 226 -9.14 -22.02 49.13
N GLU A 227 -9.37 -23.24 49.60
CA GLU A 227 -8.39 -24.28 49.28
C GLU A 227 -8.46 -24.66 47.81
N MET A 228 -9.67 -24.73 47.26
CA MET A 228 -9.84 -25.23 45.89
C MET A 228 -9.33 -24.26 44.82
N LEU A 229 -9.26 -22.97 45.12
CA LEU A 229 -8.86 -22.02 44.06
C LEU A 229 -7.60 -21.24 44.37
N THR A 230 -7.39 -20.80 45.61
CA THR A 230 -6.30 -19.85 45.90
C THR A 230 -4.93 -20.49 45.71
N ASN A 231 -4.73 -21.68 46.25
CA ASN A 231 -3.44 -22.35 46.18
C ASN A 231 -3.26 -23.18 44.91
N ASN A 232 -4.27 -23.25 44.06
CA ASN A 232 -4.12 -23.96 42.80
C ASN A 232 -3.18 -23.20 41.87
N ARG A 233 -2.22 -23.91 41.30
CA ARG A 233 -1.22 -23.26 40.45
C ARG A 233 -1.82 -22.82 39.12
N ILE A 234 -2.75 -23.61 38.58
CA ILE A 234 -3.39 -23.26 37.32
C ILE A 234 -4.25 -22.01 37.50
N TRP A 235 -4.96 -21.90 38.62
CA TRP A 235 -5.73 -20.68 38.89
C TRP A 235 -4.80 -19.49 39.12
N ARG A 236 -3.67 -19.72 39.77
CA ARG A 236 -2.72 -18.64 40.02
C ARG A 236 -2.16 -18.09 38.71
N ASN A 237 -1.69 -18.97 37.83
CA ASN A 237 -1.02 -18.54 36.61
C ASN A 237 -1.93 -17.84 35.62
N ARG A 238 -3.25 -17.88 35.81
CA ARG A 238 -4.15 -17.07 35.02
C ARG A 238 -4.28 -15.64 35.54
N THR A 239 -3.81 -15.36 36.77
CA THR A 239 -4.06 -14.06 37.40
C THR A 239 -2.84 -13.49 38.13
N VAL A 240 -1.61 -13.79 37.70
CA VAL A 240 -0.45 -13.24 38.40
C VAL A 240 -0.30 -11.75 38.09
N ASP A 241 -0.25 -11.40 36.81
CA ASP A 241 0.01 -10.03 36.38
C ASP A 241 -0.93 -9.67 35.24
N ILE A 242 -2.20 -10.01 35.39
CA ILE A 242 -3.22 -9.79 34.36
C ILE A 242 -4.18 -8.72 34.87
N GLY A 243 -4.48 -7.75 34.02
CA GLY A 243 -5.34 -6.65 34.40
C GLY A 243 -4.77 -5.74 35.47
N VAL A 244 -3.48 -5.42 35.36
CA VAL A 244 -2.85 -4.56 36.36
C VAL A 244 -3.29 -3.12 36.15
N VAL A 245 -3.65 -2.46 37.25
CA VAL A 245 -4.08 -1.06 37.22
C VAL A 245 -3.31 -0.30 38.29
N THR A 246 -3.18 1.01 38.09
CA THR A 246 -2.50 1.89 39.03
C THR A 246 -3.52 2.77 39.74
N ALA A 247 -3.09 3.36 40.86
CA ALA A 247 -3.98 4.15 41.70
C ALA A 247 -4.48 5.40 40.97
N GLU A 248 -3.59 6.07 40.24
CA GLU A 248 -3.98 7.28 39.50
C GLU A 248 -4.99 6.94 38.43
N ASP A 249 -4.77 5.85 37.69
CA ASP A 249 -5.75 5.38 36.71
C ASP A 249 -6.95 4.70 37.34
N ALA A 250 -6.85 4.30 38.61
CA ALA A 250 -8.04 3.81 39.31
C ALA A 250 -8.97 4.97 39.64
N LEU A 251 -8.43 6.07 40.16
CA LEU A 251 -9.28 7.19 40.52
C LEU A 251 -9.74 7.99 39.30
N ASN A 252 -8.87 8.14 38.29
CA ASN A 252 -9.22 8.97 37.14
C ASN A 252 -10.22 8.30 36.21
N TYR A 253 -10.36 6.98 36.27
CA TYR A 253 -11.31 6.27 35.42
C TYR A 253 -12.65 6.03 36.12
N GLY A 254 -12.85 6.57 37.31
CA GLY A 254 -14.11 6.42 38.00
C GLY A 254 -14.34 5.08 38.65
N PHE A 255 -13.28 4.31 38.87
CA PHE A 255 -13.43 3.02 39.54
C PHE A 255 -13.85 3.21 40.99
N SER A 256 -14.60 2.24 41.50
CA SER A 256 -15.09 2.31 42.87
C SER A 256 -15.15 0.91 43.45
N GLY A 257 -14.85 0.80 44.73
CA GLY A 257 -14.96 -0.49 45.41
C GLY A 257 -13.70 -1.30 45.27
N VAL A 258 -13.87 -2.58 44.92
CA VAL A 258 -12.80 -3.57 45.00
C VAL A 258 -11.62 -3.18 44.12
N MET A 259 -11.91 -2.59 42.96
CA MET A 259 -10.87 -2.11 42.04
C MET A 259 -9.92 -1.15 42.75
N LEU A 260 -10.48 -0.16 43.47
CA LEU A 260 -9.65 0.71 44.29
C LEU A 260 -8.91 -0.08 45.35
N ARG A 261 -9.61 -0.99 46.03
CA ARG A 261 -8.97 -1.83 47.01
C ARG A 261 -8.06 -2.88 46.37
N GLY A 262 -8.17 -3.09 45.05
CA GLY A 262 -7.19 -3.91 44.38
C GLY A 262 -5.87 -3.18 44.19
N SER A 263 -5.91 -1.86 44.11
CA SER A 263 -4.73 -1.07 43.79
C SER A 263 -4.05 -0.48 45.01
N GLY A 264 -4.47 -0.87 46.21
CA GLY A 264 -3.89 -0.33 47.42
C GLY A 264 -4.54 0.94 47.93
N ILE A 265 -5.51 1.49 47.20
CA ILE A 265 -6.22 2.67 47.67
C ILE A 265 -7.12 2.29 48.83
N GLN A 266 -6.99 3.02 49.94
CA GLN A 266 -7.76 2.73 51.14
C GLN A 266 -9.02 3.60 51.12
N TRP A 267 -10.14 3.01 50.69
CA TRP A 267 -11.39 3.73 50.62
C TRP A 267 -12.54 2.75 50.71
N ASP A 268 -13.46 3.00 51.64
CA ASP A 268 -14.67 2.21 51.78
C ASP A 268 -15.77 3.10 52.34
N LEU A 269 -16.93 3.09 51.69
CA LEU A 269 -18.03 3.97 52.09
C LEU A 269 -18.64 3.56 53.42
N ARG A 270 -18.44 2.31 53.85
CA ARG A 270 -18.91 1.89 55.16
C ARG A 270 -18.03 2.38 56.30
N LYS A 271 -16.84 2.90 55.99
CA LYS A 271 -15.90 3.35 57.01
C LYS A 271 -15.67 4.85 57.00
N THR A 272 -15.95 5.53 55.89
CA THR A 272 -15.72 6.96 55.76
C THR A 272 -17.00 7.79 55.79
N GLN A 273 -18.04 7.35 55.08
CA GLN A 273 -19.34 8.02 55.06
C GLN A 273 -20.40 6.99 55.43
N PRO A 274 -20.50 6.63 56.71
CA PRO A 274 -21.33 5.48 57.09
C PRO A 274 -22.81 5.80 57.01
N TYR A 275 -23.60 4.73 56.92
CA TYR A 275 -25.05 4.81 56.94
C TYR A 275 -25.52 3.91 58.06
N ASP A 276 -26.82 3.59 58.06
CA ASP A 276 -27.70 3.47 59.21
C ASP A 276 -27.09 2.97 60.53
N VAL A 277 -26.46 1.79 60.53
CA VAL A 277 -25.90 1.29 61.78
C VAL A 277 -24.49 0.74 61.56
N TYR A 278 -23.94 0.98 60.37
CA TYR A 278 -22.62 0.45 60.02
C TYR A 278 -21.49 1.04 60.84
N ASP A 279 -21.71 2.16 61.51
CA ASP A 279 -20.71 2.70 62.43
C ASP A 279 -20.73 2.01 63.79
N GLN A 280 -21.75 1.21 64.08
CA GLN A 280 -21.85 0.47 65.32
C GLN A 280 -21.37 -0.97 65.18
N VAL A 281 -20.76 -1.32 64.05
CA VAL A 281 -20.31 -2.67 63.77
C VAL A 281 -18.84 -2.61 63.41
N GLU A 282 -18.03 -3.46 64.05
CA GLU A 282 -16.59 -3.50 63.82
C GLU A 282 -16.25 -4.61 62.84
N PHE A 283 -15.53 -4.27 61.78
CA PHE A 283 -15.12 -5.26 60.77
C PHE A 283 -13.91 -4.73 60.03
N ASP A 284 -13.24 -5.64 59.32
CA ASP A 284 -12.00 -5.35 58.61
C ASP A 284 -12.26 -5.06 57.13
N VAL A 285 -11.32 -4.36 56.51
CA VAL A 285 -11.40 -4.01 55.10
C VAL A 285 -10.15 -4.54 54.39
N PRO A 286 -10.28 -5.52 53.50
CA PRO A 286 -9.10 -6.04 52.81
C PRO A 286 -8.56 -5.04 51.79
N ILE A 287 -7.23 -4.99 51.69
CA ILE A 287 -6.54 -4.08 50.79
C ILE A 287 -5.52 -4.87 49.98
N GLY A 288 -5.65 -4.82 48.65
CA GLY A 288 -4.72 -5.49 47.77
C GLY A 288 -3.39 -4.78 47.68
N SER A 289 -2.47 -5.38 46.90
CA SER A 289 -1.13 -4.84 46.80
C SER A 289 -0.54 -4.85 45.40
N ARG A 290 -1.24 -5.37 44.39
CA ARG A 290 -0.66 -5.40 43.04
C ARG A 290 -1.61 -4.98 41.93
N GLY A 291 -2.92 -4.91 42.17
CA GLY A 291 -3.85 -4.52 41.13
C GLY A 291 -4.27 -5.63 40.18
N ASP A 292 -3.78 -6.85 40.37
CA ASP A 292 -4.13 -7.96 39.51
C ASP A 292 -5.51 -8.51 39.87
N CYS A 293 -5.96 -9.52 39.13
CA CYS A 293 -7.24 -10.16 39.44
C CYS A 293 -7.13 -11.03 40.70
N TYR A 294 -5.92 -11.51 40.99
CA TYR A 294 -5.70 -12.35 42.17
C TYR A 294 -5.99 -11.58 43.45
N ASP A 295 -5.52 -10.34 43.54
CA ASP A 295 -5.78 -9.52 44.73
C ASP A 295 -7.25 -9.19 44.88
N ARG A 296 -7.95 -8.95 43.75
CA ARG A 296 -9.38 -8.67 43.83
C ARG A 296 -10.18 -9.89 44.27
N TYR A 297 -9.79 -11.08 43.78
CA TYR A 297 -10.46 -12.30 44.23
C TYR A 297 -10.21 -12.57 45.71
N LEU A 298 -8.98 -12.35 46.17
CA LEU A 298 -8.67 -12.49 47.59
C LEU A 298 -9.45 -11.46 48.42
N CYS A 299 -9.60 -10.24 47.89
CA CYS A 299 -10.37 -9.21 48.57
C CYS A 299 -11.84 -9.60 48.67
N ARG A 300 -12.39 -10.22 47.63
CA ARG A 300 -13.78 -10.67 47.68
C ARG A 300 -13.97 -11.80 48.69
N VAL A 301 -13.01 -12.73 48.77
CA VAL A 301 -13.09 -13.80 49.76
C VAL A 301 -13.01 -13.24 51.19
N GLU A 302 -12.09 -12.29 51.40
CA GLU A 302 -11.98 -11.66 52.72
C GLU A 302 -13.21 -10.82 53.04
N GLU A 303 -13.85 -10.22 52.02
CA GLU A 303 -15.09 -9.50 52.24
C GLU A 303 -16.21 -10.45 52.62
N MET A 304 -16.21 -11.66 52.09
CA MET A 304 -17.16 -12.68 52.53
C MET A 304 -16.95 -13.03 54.00
N ARG A 305 -15.69 -13.20 54.41
CA ARG A 305 -15.41 -13.50 55.81
C ARG A 305 -15.84 -12.36 56.73
N GLN A 306 -15.55 -11.12 56.34
CA GLN A 306 -16.00 -9.98 57.13
C GLN A 306 -17.52 -9.85 57.13
N SER A 307 -18.18 -10.28 56.05
CA SER A 307 -19.64 -10.29 56.03
C SER A 307 -20.20 -11.28 57.04
N ILE A 308 -19.55 -12.45 57.17
CA ILE A 308 -19.92 -13.39 58.22
C ILE A 308 -19.74 -12.77 59.60
N ARG A 309 -18.63 -12.05 59.80
CA ARG A 309 -18.39 -11.35 61.07
C ARG A 309 -19.47 -10.32 61.38
N ILE A 310 -19.85 -9.52 60.38
CA ILE A 310 -20.89 -8.51 60.57
C ILE A 310 -22.25 -9.17 60.82
N ILE A 311 -22.50 -10.31 60.18
CA ILE A 311 -23.75 -11.04 60.41
C ILE A 311 -23.83 -11.55 61.84
N SER A 312 -22.72 -12.04 62.38
CA SER A 312 -22.68 -12.45 63.78
C SER A 312 -22.94 -11.27 64.71
N GLN A 313 -22.30 -10.13 64.44
CA GLN A 313 -22.51 -8.94 65.26
C GLN A 313 -23.96 -8.46 65.17
N CYS A 314 -24.58 -8.59 64.00
CA CYS A 314 -25.97 -8.20 63.84
C CYS A 314 -26.90 -9.14 64.62
N LEU A 315 -26.65 -10.44 64.57
CA LEU A 315 -27.48 -11.40 65.27
C LEU A 315 -27.34 -11.31 66.78
N ASN A 316 -26.20 -10.82 67.28
CA ASN A 316 -26.02 -10.65 68.72
C ASN A 316 -26.43 -9.27 69.21
N LYS A 317 -26.97 -8.40 68.34
CA LYS A 317 -27.26 -7.04 68.76
C LYS A 317 -28.58 -6.48 68.20
N MET A 318 -29.54 -7.33 67.88
CA MET A 318 -30.81 -6.84 67.35
C MET A 318 -31.69 -6.33 68.50
N PRO A 319 -32.10 -5.06 68.48
CA PRO A 319 -32.92 -4.53 69.57
C PRO A 319 -34.40 -4.68 69.28
N PRO A 320 -35.23 -4.77 70.30
CA PRO A 320 -36.68 -4.79 70.08
C PRO A 320 -37.19 -3.42 69.64
N GLY A 321 -38.35 -3.44 69.00
CA GLY A 321 -38.98 -2.22 68.55
C GLY A 321 -39.84 -2.48 67.34
N GLU A 322 -40.25 -1.39 66.70
CA GLU A 322 -41.09 -1.45 65.52
C GLU A 322 -40.24 -1.54 64.25
N ILE A 323 -40.91 -1.77 63.12
CA ILE A 323 -40.24 -2.01 61.86
C ILE A 323 -40.53 -0.96 60.79
N LYS A 324 -41.35 0.04 61.10
CA LYS A 324 -41.62 1.13 60.17
C LYS A 324 -41.55 2.46 60.92
N VAL A 325 -41.42 3.54 60.14
CA VAL A 325 -41.52 4.88 60.71
C VAL A 325 -42.96 5.11 61.16
N ASP A 326 -43.12 5.54 62.41
CA ASP A 326 -44.46 5.66 62.98
C ASP A 326 -45.26 6.82 62.40
N ASP A 327 -44.64 7.70 61.62
CA ASP A 327 -45.38 8.70 60.86
C ASP A 327 -46.20 7.99 59.79
N ALA A 328 -47.51 7.91 60.00
CA ALA A 328 -48.39 7.16 59.10
C ALA A 328 -48.60 7.84 57.76
N LYS A 329 -48.15 9.09 57.60
CA LYS A 329 -48.25 9.76 56.31
C LYS A 329 -47.13 9.36 55.36
N VAL A 330 -46.15 8.60 55.84
CA VAL A 330 -45.09 8.03 54.99
C VAL A 330 -45.21 6.51 54.95
N SER A 331 -45.07 5.85 56.08
CA SER A 331 -45.25 4.41 56.14
C SER A 331 -46.73 4.06 56.26
N PRO A 332 -47.18 2.98 55.62
CA PRO A 332 -48.59 2.61 55.73
C PRO A 332 -48.91 2.09 57.12
N PRO A 333 -50.14 2.27 57.58
CA PRO A 333 -50.53 1.77 58.90
C PRO A 333 -50.73 0.26 58.89
N LYS A 334 -50.81 -0.31 60.09
CA LYS A 334 -51.07 -1.73 60.24
C LYS A 334 -52.51 -2.05 59.85
N ARG A 335 -52.72 -3.28 59.34
CA ARG A 335 -54.04 -3.69 58.90
C ARG A 335 -55.01 -3.89 60.04
N ALA A 336 -54.51 -4.06 61.28
CA ALA A 336 -55.41 -4.19 62.42
C ALA A 336 -56.05 -2.85 62.77
N GLU A 337 -55.27 -1.78 62.78
CA GLU A 337 -55.78 -0.45 63.11
C GLU A 337 -56.32 0.30 61.91
N MET A 338 -56.11 -0.21 60.69
CA MET A 338 -56.71 0.41 59.52
C MET A 338 -58.22 0.22 59.51
N LYS A 339 -58.69 -0.96 59.93
CA LYS A 339 -60.10 -1.29 59.92
C LYS A 339 -60.85 -0.78 61.15
N THR A 340 -60.17 -0.11 62.06
CA THR A 340 -60.79 0.43 63.26
C THR A 340 -60.73 1.94 63.33
N SER A 341 -59.62 2.55 62.96
CA SER A 341 -59.46 4.00 63.01
C SER A 341 -59.77 4.60 61.64
N MET A 342 -60.41 5.78 61.66
CA MET A 342 -60.73 6.47 60.42
C MET A 342 -59.50 7.10 59.79
N GLU A 343 -58.62 7.70 60.61
CA GLU A 343 -57.41 8.33 60.11
C GLU A 343 -56.50 7.32 59.43
N SER A 344 -56.37 6.13 60.02
CA SER A 344 -55.55 5.09 59.42
C SER A 344 -56.12 4.62 58.08
N LEU A 345 -57.44 4.54 57.98
CA LEU A 345 -58.06 4.17 56.70
C LEU A 345 -57.82 5.22 55.64
N ILE A 346 -57.96 6.50 56.01
CA ILE A 346 -57.71 7.59 55.06
C ILE A 346 -56.25 7.58 54.60
N HIS A 347 -55.32 7.38 55.54
CA HIS A 347 -53.91 7.37 55.19
C HIS A 347 -53.55 6.16 54.33
N HIS A 348 -54.15 4.99 54.62
CA HIS A 348 -53.94 3.81 53.79
C HIS A 348 -54.45 4.05 52.37
N PHE A 349 -55.65 4.61 52.25
CA PHE A 349 -56.24 4.94 50.95
C PHE A 349 -55.33 5.85 50.14
N LYS A 350 -54.93 6.98 50.73
CA LYS A 350 -54.17 7.96 49.98
C LYS A 350 -52.72 7.53 49.78
N LEU A 351 -52.17 6.68 50.64
CA LEU A 351 -50.81 6.19 50.44
C LEU A 351 -50.76 5.14 49.33
N TYR A 352 -51.78 4.29 49.24
CA TYR A 352 -51.78 3.26 48.22
C TYR A 352 -52.47 3.70 46.94
N THR A 353 -53.00 4.92 46.88
CA THR A 353 -53.54 5.46 45.63
C THR A 353 -52.75 6.64 45.08
N GLU A 354 -52.34 7.58 45.93
CA GLU A 354 -51.62 8.76 45.48
C GLU A 354 -50.12 8.65 45.74
N GLY A 355 -49.72 8.26 46.95
CA GLY A 355 -48.33 8.23 47.31
C GLY A 355 -47.91 9.46 48.10
N TYR A 356 -47.00 9.30 49.04
CA TYR A 356 -46.59 10.39 49.90
C TYR A 356 -45.79 11.43 49.11
N GLN A 357 -46.03 12.70 49.42
CA GLN A 357 -45.31 13.79 48.77
C GLN A 357 -43.89 13.89 49.31
N VAL A 358 -42.98 14.30 48.44
CA VAL A 358 -41.57 14.50 48.79
C VAL A 358 -41.26 15.98 48.58
N PRO A 359 -40.58 16.64 49.52
CA PRO A 359 -40.23 18.04 49.32
C PRO A 359 -39.32 18.21 48.12
N PRO A 360 -39.46 19.32 47.40
CA PRO A 360 -38.66 19.52 46.18
C PRO A 360 -37.17 19.65 46.47
N GLY A 361 -36.38 19.18 45.54
CA GLY A 361 -34.93 19.23 45.69
C GLY A 361 -34.27 18.05 45.01
N ALA A 362 -32.96 18.14 44.90
CA ALA A 362 -32.15 17.11 44.26
C ALA A 362 -31.09 16.62 45.24
N THR A 363 -30.91 15.30 45.28
CA THR A 363 -29.89 14.70 46.13
C THR A 363 -29.18 13.60 45.35
N TYR A 364 -27.95 13.32 45.75
CA TYR A 364 -27.18 12.20 45.21
C TYR A 364 -26.64 11.40 46.39
N THR A 365 -27.25 10.25 46.66
CA THR A 365 -26.72 9.41 47.72
C THR A 365 -25.96 8.24 47.12
N ALA A 366 -25.10 7.65 47.95
CA ALA A 366 -24.23 6.57 47.50
C ALA A 366 -24.03 5.58 48.64
N ILE A 367 -24.11 4.29 48.32
CA ILE A 367 -23.91 3.22 49.27
C ILE A 367 -22.80 2.31 48.76
N GLU A 368 -22.26 1.51 49.68
CA GLU A 368 -21.22 0.53 49.34
C GLU A 368 -21.93 -0.74 48.88
N ALA A 369 -22.25 -0.78 47.59
CA ALA A 369 -22.78 -1.97 46.98
C ALA A 369 -21.70 -3.04 46.88
N PRO A 370 -22.07 -4.32 46.77
CA PRO A 370 -21.06 -5.38 46.65
C PRO A 370 -20.19 -5.26 45.40
N LYS A 371 -20.63 -4.54 44.38
CA LYS A 371 -19.79 -4.25 43.22
C LYS A 371 -18.93 -3.01 43.38
N GLY A 372 -19.26 -2.12 44.32
CA GLY A 372 -18.57 -0.86 44.41
C GLY A 372 -19.40 0.23 45.07
N GLU A 373 -19.52 1.37 44.41
CA GLU A 373 -20.34 2.47 44.89
C GLU A 373 -21.60 2.57 44.04
N PHE A 374 -22.75 2.36 44.66
CA PHE A 374 -24.04 2.47 43.98
C PHE A 374 -24.71 3.75 44.43
N GLY A 375 -24.96 4.67 43.49
CA GLY A 375 -25.52 5.95 43.84
C GLY A 375 -26.78 6.22 43.02
N VAL A 376 -27.62 7.09 43.58
CA VAL A 376 -28.77 7.60 42.85
C VAL A 376 -28.83 9.11 43.01
N TYR A 377 -29.07 9.78 41.88
CA TYR A 377 -29.37 11.21 41.82
C TYR A 377 -30.88 11.32 41.63
N LEU A 378 -31.57 11.65 42.71
CA LEU A 378 -33.02 11.77 42.71
C LEU A 378 -33.39 13.24 42.80
N VAL A 379 -34.15 13.73 41.82
CA VAL A 379 -34.64 15.09 41.78
C VAL A 379 -36.16 15.02 41.84
N SER A 380 -36.75 15.67 42.85
CA SER A 380 -38.19 15.67 43.05
C SER A 380 -38.71 17.10 42.95
N ASP A 381 -39.85 17.26 42.26
CA ASP A 381 -40.45 18.56 42.03
C ASP A 381 -41.60 18.87 42.99
N GLY A 382 -41.77 18.06 44.03
CA GLY A 382 -42.81 18.27 45.02
C GLY A 382 -44.03 17.39 44.88
N SER A 383 -44.21 16.75 43.72
CA SER A 383 -45.35 15.87 43.52
C SER A 383 -45.06 14.49 44.09
N SER A 384 -46.00 13.57 43.90
CA SER A 384 -45.86 12.21 44.41
C SER A 384 -45.01 11.32 43.49
N ARG A 385 -44.49 11.86 42.40
CA ARG A 385 -43.66 11.13 41.47
C ARG A 385 -42.32 11.84 41.29
N PRO A 386 -41.23 11.11 41.12
CA PRO A 386 -39.92 11.76 40.98
C PRO A 386 -39.79 12.48 39.64
N TYR A 387 -39.15 13.65 39.67
CA TYR A 387 -38.93 14.39 38.44
C TYR A 387 -37.84 13.74 37.60
N ARG A 388 -36.76 13.29 38.23
CA ARG A 388 -35.66 12.67 37.48
C ARG A 388 -34.89 11.74 38.40
N CYS A 389 -34.80 10.47 38.04
CA CYS A 389 -34.08 9.46 38.84
C CYS A 389 -32.96 8.89 37.98
N LYS A 390 -31.73 9.31 38.25
CA LYS A 390 -30.55 8.78 37.55
C LYS A 390 -29.82 7.81 38.47
N ILE A 391 -29.31 6.73 37.89
CA ILE A 391 -28.66 5.67 38.64
C ILE A 391 -27.19 5.63 38.24
N LYS A 392 -26.31 5.91 39.20
CA LYS A 392 -24.88 5.74 39.01
C LYS A 392 -24.46 4.35 39.48
N ALA A 393 -23.79 3.63 38.60
CA ALA A 393 -23.42 2.25 38.81
C ALA A 393 -21.92 2.07 38.64
N PRO A 394 -21.31 1.12 39.38
CA PRO A 394 -19.87 0.88 39.19
C PRO A 394 -19.56 0.16 37.89
N GLY A 395 -20.52 -0.62 37.36
CA GLY A 395 -20.27 -1.40 36.16
C GLY A 395 -20.01 -0.57 34.94
N PHE A 396 -20.62 0.62 34.87
CA PHE A 396 -20.41 1.53 33.73
C PHE A 396 -18.95 1.96 33.65
N ALA A 397 -18.40 2.48 34.75
CA ALA A 397 -17.01 2.90 34.76
C ALA A 397 -16.05 1.72 34.67
N HIS A 398 -16.42 0.56 35.23
CA HIS A 398 -15.57 -0.62 35.11
C HIS A 398 -15.48 -1.09 33.67
N LEU A 399 -16.60 -1.10 32.94
CA LEU A 399 -16.55 -1.49 31.54
C LEU A 399 -15.91 -0.42 30.68
N ALA A 400 -15.97 0.84 31.11
CA ALA A 400 -15.21 1.88 30.42
C ALA A 400 -13.71 1.68 30.58
N GLY A 401 -13.27 1.31 31.78
CA GLY A 401 -11.86 1.03 32.02
C GLY A 401 -11.38 -0.32 31.56
N LEU A 402 -12.31 -1.19 31.13
CA LEU A 402 -11.94 -2.47 30.52
C LEU A 402 -11.03 -2.29 29.31
N ASP A 403 -11.22 -1.20 28.55
CA ASP A 403 -10.35 -0.93 27.40
C ASP A 403 -8.91 -0.71 27.83
N LYS A 404 -8.69 0.02 28.93
CA LYS A 404 -7.34 0.26 29.41
C LYS A 404 -6.76 -0.96 30.10
N MET A 405 -7.59 -1.70 30.84
CA MET A 405 -7.08 -2.83 31.62
C MET A 405 -6.71 -4.03 30.76
N SER A 406 -7.26 -4.15 29.56
CA SER A 406 -7.08 -5.31 28.72
C SER A 406 -6.04 -5.11 27.62
N LYS A 407 -5.24 -4.05 27.69
CA LYS A 407 -4.29 -3.74 26.63
C LYS A 407 -3.04 -4.61 26.78
N GLY A 408 -2.74 -5.39 25.75
CA GLY A 408 -1.53 -6.19 25.72
C GLY A 408 -1.66 -7.63 26.16
N HIS A 409 -2.88 -8.17 26.22
CA HIS A 409 -3.11 -9.52 26.73
C HIS A 409 -3.72 -10.41 25.65
N MET A 410 -3.62 -11.72 25.87
CA MET A 410 -4.25 -12.70 25.01
C MET A 410 -5.76 -12.74 25.28
N LEU A 411 -6.49 -13.39 24.37
CA LEU A 411 -7.95 -13.36 24.39
C LEU A 411 -8.53 -14.04 25.63
N ALA A 412 -7.91 -15.15 26.06
CA ALA A 412 -8.30 -15.78 27.31
C ALA A 412 -8.07 -14.87 28.50
N ASP A 413 -7.03 -14.05 28.46
CA ASP A 413 -6.86 -13.04 29.49
C ASP A 413 -7.91 -11.94 29.39
N VAL A 414 -8.44 -11.65 28.20
CA VAL A 414 -9.54 -10.70 28.11
C VAL A 414 -10.81 -11.27 28.74
N VAL A 415 -11.09 -12.57 28.55
CA VAL A 415 -12.27 -13.11 29.20
C VAL A 415 -12.03 -13.24 30.71
N ALA A 416 -10.78 -13.41 31.13
CA ALA A 416 -10.46 -13.36 32.56
C ALA A 416 -10.66 -11.96 33.14
N ILE A 417 -10.30 -10.92 32.38
CA ILE A 417 -10.53 -9.55 32.83
C ILE A 417 -12.03 -9.25 32.86
N ILE A 418 -12.79 -9.79 31.91
CA ILE A 418 -14.25 -9.67 31.94
C ILE A 418 -14.81 -10.34 33.18
N GLY A 419 -14.29 -11.52 33.53
CA GLY A 419 -14.76 -12.20 34.72
C GLY A 419 -14.39 -11.49 36.02
N THR A 420 -13.19 -10.92 36.08
CA THR A 420 -12.74 -10.31 37.34
C THR A 420 -13.46 -9.02 37.68
N GLN A 421 -14.18 -8.42 36.74
CA GLN A 421 -15.11 -7.35 37.04
C GLN A 421 -16.49 -7.98 37.22
N ASP A 422 -17.04 -7.87 38.42
CA ASP A 422 -18.38 -8.36 38.69
C ASP A 422 -19.37 -7.43 37.99
N ILE A 423 -19.79 -7.81 36.79
CA ILE A 423 -20.62 -6.96 35.94
C ILE A 423 -21.97 -7.63 35.76
N VAL A 424 -23.03 -6.90 36.09
CA VAL A 424 -24.40 -7.28 35.78
C VAL A 424 -24.94 -6.25 34.81
N PHE A 425 -25.34 -6.70 33.62
CA PHE A 425 -25.58 -5.77 32.52
C PHE A 425 -26.96 -5.12 32.57
N GLY A 426 -27.89 -5.64 33.37
CA GLY A 426 -29.09 -4.87 33.66
C GLY A 426 -28.78 -3.61 34.43
N GLU A 427 -27.84 -3.70 35.37
CA GLU A 427 -27.37 -2.51 36.08
C GLU A 427 -26.61 -1.58 35.15
N VAL A 428 -25.81 -2.14 34.24
CA VAL A 428 -24.98 -1.32 33.36
C VAL A 428 -25.84 -0.56 32.36
N ASP A 429 -26.80 -1.24 31.72
CA ASP A 429 -27.66 -0.59 30.74
C ASP A 429 -28.81 0.18 31.38
N ARG A 430 -29.01 0.04 32.69
CA ARG A 430 -30.16 0.62 33.43
C ARG A 430 -31.50 0.23 32.80
N MET B 1 -2.99 -58.88 5.05
CA MET B 1 -4.32 -59.09 4.53
C MET B 1 -5.38 -58.80 5.57
N ASN B 2 -5.14 -59.26 6.80
CA ASN B 2 -6.08 -59.03 7.89
C ASN B 2 -6.16 -57.55 8.26
N LEU B 3 -5.05 -56.82 8.12
CA LEU B 3 -5.07 -55.38 8.33
C LEU B 3 -5.97 -54.69 7.31
N MET B 4 -5.95 -55.16 6.05
CA MET B 4 -6.82 -54.60 5.04
C MET B 4 -8.29 -54.89 5.34
N ILE B 5 -8.60 -56.09 5.83
CA ILE B 5 -9.97 -56.43 6.19
C ILE B 5 -10.45 -55.57 7.35
N THR B 6 -9.58 -55.37 8.35
CA THR B 6 -9.95 -54.54 9.49
C THR B 6 -10.17 -53.09 9.06
N LEU B 7 -9.31 -52.57 8.18
CA LEU B 7 -9.47 -51.21 7.66
C LEU B 7 -10.77 -51.06 6.88
N LEU B 8 -11.09 -52.03 6.03
CA LEU B 8 -12.31 -51.95 5.23
C LEU B 8 -13.55 -52.05 6.11
N THR B 9 -13.52 -52.92 7.12
CA THR B 9 -14.66 -53.04 8.03
C THR B 9 -14.85 -51.77 8.85
N ASN B 10 -13.75 -51.17 9.33
CA ASN B 10 -13.85 -49.93 10.09
C ASN B 10 -14.39 -48.79 9.23
N PHE B 11 -13.92 -48.70 7.97
CA PHE B 11 -14.42 -47.66 7.08
C PHE B 11 -15.88 -47.89 6.72
N THR B 12 -16.29 -49.16 6.54
CA THR B 12 -17.68 -49.47 6.26
C THR B 12 -18.59 -49.08 7.42
N LEU B 13 -18.16 -49.40 8.65
CA LEU B 13 -18.97 -49.04 9.82
C LEU B 13 -19.00 -47.52 10.01
N ALA B 14 -17.91 -46.84 9.70
CA ALA B 14 -17.89 -45.38 9.85
C ALA B 14 -18.80 -44.71 8.84
N THR B 15 -18.69 -45.08 7.57
CA THR B 15 -19.47 -44.41 6.52
C THR B 15 -20.93 -44.86 6.50
N LEU B 16 -21.28 -45.95 7.19
CA LEU B 16 -22.67 -46.35 7.30
C LEU B 16 -23.44 -45.51 8.31
N LEU B 17 -22.75 -44.95 9.31
CA LEU B 17 -23.43 -44.16 10.33
C LEU B 17 -23.87 -42.81 9.81
N VAL B 18 -23.01 -42.15 9.01
CA VAL B 18 -23.38 -40.84 8.46
C VAL B 18 -24.49 -40.99 7.43
N THR B 19 -24.45 -42.06 6.64
CA THR B 19 -25.53 -42.33 5.68
C THR B 19 -26.85 -42.57 6.42
N ILE B 20 -26.81 -43.31 7.52
CA ILE B 20 -27.98 -43.47 8.38
C ILE B 20 -28.38 -42.12 8.98
N ALA B 21 -27.40 -41.31 9.38
CA ALA B 21 -27.70 -40.02 9.98
C ALA B 21 -28.24 -39.00 8.98
N PHE B 22 -28.01 -39.21 7.68
CA PHE B 22 -28.38 -38.22 6.67
C PHE B 22 -29.69 -38.56 5.95
N TRP B 23 -29.75 -39.73 5.32
CA TRP B 23 -30.85 -40.05 4.42
C TRP B 23 -32.07 -40.63 5.14
N LEU B 24 -31.96 -40.95 6.42
CA LEU B 24 -33.12 -41.41 7.19
C LEU B 24 -34.05 -40.27 7.65
N PRO B 25 -33.59 -39.21 8.32
CA PRO B 25 -34.54 -38.20 8.81
C PRO B 25 -35.00 -37.27 7.70
N GLN B 26 -36.05 -36.52 8.01
CA GLN B 26 -36.63 -35.57 7.07
C GLN B 26 -35.85 -34.26 7.08
N LEU B 27 -35.46 -33.81 5.89
CA LEU B 27 -34.70 -32.57 5.75
C LEU B 27 -35.63 -31.41 5.42
N ASN B 28 -35.34 -30.24 5.98
CA ASN B 28 -36.11 -29.02 5.72
C ASN B 28 -35.17 -27.84 5.92
N VAL B 29 -34.67 -27.30 4.82
CA VAL B 29 -33.61 -26.29 4.85
C VAL B 29 -34.12 -25.00 4.22
N TYR B 30 -33.76 -23.88 4.83
CA TYR B 30 -33.97 -22.53 4.30
C TYR B 30 -32.61 -21.83 4.25
N SER B 31 -32.62 -20.56 3.85
CA SER B 31 -31.37 -19.80 3.80
C SER B 31 -31.11 -19.04 5.11
N GLU B 32 -31.30 -19.71 6.23
CA GLU B 32 -30.77 -19.26 7.52
C GLU B 32 -30.16 -20.36 8.35
N LYS B 33 -30.59 -21.61 8.19
CA LYS B 33 -30.00 -22.72 8.93
C LYS B 33 -28.63 -23.07 8.38
N THR B 34 -28.40 -22.81 7.10
CA THR B 34 -27.11 -23.04 6.47
C THR B 34 -26.16 -21.86 6.64
N SER B 35 -26.59 -20.80 7.31
CA SER B 35 -25.75 -19.62 7.47
C SER B 35 -24.61 -19.90 8.45
N PRO B 36 -23.46 -19.25 8.26
CA PRO B 36 -22.36 -19.41 9.21
C PRO B 36 -22.71 -18.87 10.59
N TYR B 37 -22.12 -19.48 11.61
CA TYR B 37 -22.42 -19.17 13.00
C TYR B 37 -21.45 -18.10 13.52
N GLU B 38 -22.00 -16.94 13.86
CA GLU B 38 -21.23 -15.84 14.44
C GLU B 38 -21.98 -15.25 15.62
N CYS B 39 -22.44 -16.14 16.51
CA CYS B 39 -23.12 -15.79 17.77
C CYS B 39 -24.40 -14.98 17.56
N GLY B 40 -25.09 -15.22 16.45
CA GLY B 40 -26.34 -14.56 16.18
C GLY B 40 -26.28 -13.31 15.33
N PHE B 41 -25.11 -12.97 14.78
CA PHE B 41 -24.95 -11.81 13.94
C PHE B 41 -24.27 -12.23 12.63
N ASP B 42 -24.24 -11.30 11.68
CA ASP B 42 -23.60 -11.58 10.40
C ASP B 42 -22.07 -11.62 10.57
N PRO B 43 -21.39 -12.49 9.82
CA PRO B 43 -19.93 -12.54 9.92
C PRO B 43 -19.28 -11.31 9.31
N MET B 44 -18.22 -10.83 9.96
CA MET B 44 -17.43 -9.70 9.47
C MET B 44 -16.38 -10.24 8.51
N GLY B 45 -16.65 -10.11 7.21
CA GLY B 45 -15.75 -10.68 6.23
C GLY B 45 -15.88 -12.20 6.20
N SER B 46 -14.82 -12.83 5.70
CA SER B 46 -14.75 -14.28 5.63
C SER B 46 -13.62 -14.79 6.50
N ALA B 47 -13.65 -16.08 6.79
CA ALA B 47 -12.63 -16.72 7.61
C ALA B 47 -11.38 -17.09 6.83
N ARG B 48 -11.31 -16.74 5.55
CA ARG B 48 -10.15 -17.04 4.72
C ARG B 48 -9.09 -15.94 4.77
N LEU B 49 -9.26 -14.94 5.63
CA LEU B 49 -8.23 -13.94 5.82
C LEU B 49 -7.01 -14.59 6.47
N PRO B 50 -5.79 -14.18 6.10
CA PRO B 50 -4.58 -14.81 6.67
C PRO B 50 -4.45 -14.51 8.16
N PHE B 51 -4.40 -15.56 8.96
CA PHE B 51 -4.16 -15.43 10.38
C PHE B 51 -2.75 -14.92 10.64
N SER B 52 -2.60 -13.96 11.54
CA SER B 52 -1.28 -13.50 11.97
C SER B 52 -0.76 -14.42 13.06
N MET B 53 -0.52 -15.67 12.67
CA MET B 53 -0.14 -16.71 13.59
C MET B 53 1.29 -16.49 14.07
N LYS B 54 1.54 -16.83 15.33
CA LYS B 54 2.72 -16.38 16.05
C LYS B 54 3.71 -17.49 16.41
N PHE B 55 3.37 -18.75 16.17
CA PHE B 55 4.23 -19.87 16.52
C PHE B 55 4.71 -20.60 15.28
N PHE B 56 5.08 -19.85 14.24
CA PHE B 56 5.58 -20.45 13.00
C PHE B 56 6.91 -21.16 13.24
N LEU B 57 7.81 -20.51 13.99
CA LEU B 57 9.08 -21.13 14.35
C LEU B 57 8.87 -22.35 15.24
N VAL B 58 7.83 -22.34 16.08
CA VAL B 58 7.57 -23.49 16.94
C VAL B 58 7.09 -24.67 16.10
N ALA B 59 6.31 -24.42 15.05
CA ALA B 59 5.89 -25.51 14.17
C ALA B 59 7.06 -26.07 13.36
N ILE B 60 7.89 -25.18 12.81
CA ILE B 60 9.06 -25.63 12.06
C ILE B 60 10.01 -26.43 12.96
N THR B 61 10.24 -25.94 14.16
CA THR B 61 11.14 -26.65 15.05
C THR B 61 10.50 -27.89 15.67
N PHE B 62 9.17 -27.98 15.68
CA PHE B 62 8.53 -29.25 15.94
C PHE B 62 8.88 -30.26 14.86
N LEU B 63 8.85 -29.82 13.60
CA LEU B 63 9.26 -30.69 12.50
C LEU B 63 10.71 -31.14 12.68
N LEU B 64 11.60 -30.19 12.99
CA LEU B 64 13.01 -30.52 13.17
C LEU B 64 13.22 -31.46 14.36
N PHE B 65 12.48 -31.26 15.45
CA PHE B 65 12.61 -32.14 16.60
C PHE B 65 12.01 -33.52 16.31
N ASP B 66 10.99 -33.59 15.46
CA ASP B 66 10.49 -34.89 15.03
C ASP B 66 11.53 -35.64 14.21
N LEU B 67 12.32 -34.91 13.41
CA LEU B 67 13.42 -35.58 12.70
C LEU B 67 14.54 -35.99 13.65
N GLU B 68 14.77 -35.20 14.72
CA GLU B 68 15.64 -35.67 15.81
C GLU B 68 15.11 -36.96 16.42
N ILE B 69 13.78 -37.06 16.57
CA ILE B 69 13.18 -38.30 17.07
C ILE B 69 13.44 -39.44 16.10
N ALA B 70 13.30 -39.16 14.80
CA ALA B 70 13.56 -40.16 13.77
C ALA B 70 15.00 -40.67 13.81
N LEU B 71 15.96 -39.79 14.13
CA LEU B 71 17.32 -40.27 14.35
C LEU B 71 17.45 -41.09 15.62
N LEU B 72 16.72 -40.74 16.68
CA LEU B 72 16.88 -41.37 17.98
C LEU B 72 16.01 -42.61 18.15
N LEU B 73 15.14 -42.91 17.19
CA LEU B 73 14.15 -43.96 17.37
C LEU B 73 14.68 -45.40 17.21
N PRO B 74 15.63 -45.73 16.29
CA PRO B 74 16.11 -47.12 16.24
C PRO B 74 17.09 -47.51 17.35
N LEU B 75 17.16 -46.71 18.41
CA LEU B 75 18.06 -47.00 19.53
C LEU B 75 17.88 -48.35 20.22
N PRO B 76 16.66 -48.90 20.46
CA PRO B 76 16.59 -50.20 21.17
C PRO B 76 17.33 -51.36 20.49
N TRP B 77 17.23 -51.49 19.16
CA TRP B 77 17.97 -52.57 18.50
C TRP B 77 19.47 -52.36 18.57
N ALA B 78 19.91 -51.10 18.64
CA ALA B 78 21.32 -50.82 18.85
C ALA B 78 21.80 -51.30 20.22
N SER B 79 20.88 -51.60 21.15
CA SER B 79 21.27 -52.22 22.40
C SER B 79 21.82 -53.63 22.22
N GLN B 80 21.53 -54.27 21.09
CA GLN B 80 22.05 -55.61 20.83
C GLN B 80 23.39 -55.60 20.08
N THR B 81 23.95 -54.43 19.81
CA THR B 81 25.19 -54.34 19.05
C THR B 81 26.39 -54.77 19.90
N THR B 82 27.51 -55.03 19.23
CA THR B 82 28.74 -55.40 19.91
C THR B 82 29.53 -54.19 20.37
N ASN B 83 29.75 -53.21 19.49
CA ASN B 83 30.52 -52.01 19.82
C ASN B 83 29.65 -51.10 20.68
N LEU B 84 29.68 -51.35 21.99
CA LEU B 84 28.80 -50.65 22.91
C LEU B 84 29.28 -49.23 23.22
N ASN B 85 30.59 -49.01 23.21
CA ASN B 85 31.14 -47.71 23.58
C ASN B 85 30.75 -46.64 22.57
N THR B 86 30.88 -46.94 21.28
CA THR B 86 30.48 -46.00 20.23
C THR B 86 28.99 -45.75 20.26
N MET B 87 28.19 -46.80 20.50
CA MET B 87 26.74 -46.67 20.65
C MET B 87 26.38 -45.69 21.75
N LEU B 88 26.92 -45.89 22.95
CA LEU B 88 26.57 -45.05 24.08
C LEU B 88 27.06 -43.63 23.88
N THR B 89 28.29 -43.48 23.39
CA THR B 89 28.87 -42.16 23.17
C THR B 89 28.06 -41.36 22.17
N MET B 90 27.62 -42.00 21.08
CA MET B 90 26.93 -41.22 20.06
C MET B 90 25.44 -41.07 20.31
N ALA B 91 24.81 -41.98 21.04
CA ALA B 91 23.46 -41.71 21.51
C ALA B 91 23.45 -40.53 22.47
N LEU B 92 24.44 -40.46 23.37
CA LEU B 92 24.59 -39.30 24.23
C LEU B 92 24.89 -38.05 23.43
N LEU B 93 25.69 -38.18 22.37
CA LEU B 93 26.02 -37.04 21.51
C LEU B 93 24.78 -36.50 20.80
N LEU B 94 23.92 -37.39 20.29
CA LEU B 94 22.74 -36.93 19.57
C LEU B 94 21.72 -36.30 20.52
N ILE B 95 21.56 -36.89 21.72
CA ILE B 95 20.68 -36.28 22.72
C ILE B 95 21.24 -34.93 23.15
N PHE B 96 22.57 -34.82 23.25
CA PHE B 96 23.20 -33.55 23.57
C PHE B 96 23.02 -32.52 22.46
N LEU B 97 22.99 -32.96 21.20
CA LEU B 97 22.71 -32.04 20.09
C LEU B 97 21.28 -31.52 20.16
N LEU B 98 20.34 -32.42 20.51
CA LEU B 98 18.96 -31.99 20.73
C LEU B 98 18.88 -30.95 21.84
N ALA B 99 19.58 -31.21 22.95
CA ALA B 99 19.59 -30.28 24.07
C ALA B 99 20.28 -28.96 23.72
N VAL B 100 21.30 -29.01 22.87
CA VAL B 100 21.98 -27.80 22.42
C VAL B 100 21.04 -26.94 21.59
N SER B 101 20.28 -27.57 20.68
CA SER B 101 19.29 -26.83 19.90
C SER B 101 18.22 -26.21 20.80
N LEU B 102 17.74 -26.97 21.77
CA LEU B 102 16.74 -26.45 22.70
C LEU B 102 17.28 -25.30 23.55
N ALA B 103 18.54 -25.41 24.00
CA ALA B 103 19.13 -24.36 24.82
C ALA B 103 19.39 -23.09 24.02
N TYR B 104 19.81 -23.24 22.75
CA TYR B 104 19.95 -22.07 21.88
C TYR B 104 18.61 -21.42 21.62
N GLU B 105 17.54 -22.22 21.50
CA GLU B 105 16.20 -21.67 21.38
C GLU B 105 15.82 -20.90 22.64
N TRP B 106 16.15 -21.45 23.81
CA TRP B 106 15.82 -20.82 25.08
C TRP B 106 16.53 -19.48 25.25
N THR B 107 17.83 -19.43 24.92
CA THR B 107 18.60 -18.22 25.17
C THR B 107 18.26 -17.11 24.18
N GLN B 108 18.09 -17.45 22.91
CA GLN B 108 17.89 -16.46 21.86
C GLN B 108 16.42 -16.10 21.65
N LYS B 109 15.58 -16.35 22.64
CA LYS B 109 14.19 -15.89 22.68
C LYS B 109 13.37 -16.45 21.52
N GLY B 110 13.27 -17.78 21.48
CA GLY B 110 12.53 -18.45 20.43
C GLY B 110 11.29 -19.18 20.93
N LEU B 111 11.33 -19.63 22.19
CA LEU B 111 10.21 -20.35 22.76
C LEU B 111 9.07 -19.43 23.20
N GLU B 112 9.27 -18.12 23.19
CA GLU B 112 8.23 -17.18 23.55
C GLU B 112 7.35 -16.88 22.33
N TRP B 113 6.51 -15.87 22.43
CA TRP B 113 5.54 -15.54 21.40
C TRP B 113 5.81 -14.16 20.84
N THR B 114 5.43 -13.96 19.58
CA THR B 114 5.58 -12.68 18.92
C THR B 114 4.55 -11.69 19.42
N GLU B 115 4.80 -10.41 19.13
CA GLU B 115 3.95 -9.28 19.50
C GLU B 115 3.72 -9.19 21.01
N MET C 1 -12.58 -66.70 10.15
CA MET C 1 -13.48 -66.22 11.19
C MET C 1 -12.96 -64.92 11.80
N PHE C 2 -12.18 -64.17 11.03
CA PHE C 2 -11.67 -62.89 11.50
C PHE C 2 -12.75 -61.82 11.54
N MET C 3 -13.83 -61.99 10.77
CA MET C 3 -14.92 -61.02 10.77
C MET C 3 -15.63 -60.98 12.12
N ILE C 4 -15.86 -62.15 12.72
CA ILE C 4 -16.51 -62.21 14.03
C ILE C 4 -15.62 -61.56 15.09
N ASN C 5 -14.33 -61.82 15.03
CA ASN C 5 -13.39 -61.20 15.98
C ASN C 5 -13.35 -59.69 15.82
N VAL C 6 -13.36 -59.21 14.58
CA VAL C 6 -13.35 -57.77 14.32
C VAL C 6 -14.64 -57.12 14.84
N LEU C 7 -15.79 -57.76 14.59
CA LEU C 7 -17.06 -57.21 15.06
C LEU C 7 -17.14 -57.18 16.58
N THR C 8 -16.71 -58.27 17.23
CA THR C 8 -16.69 -58.32 18.68
C THR C 8 -15.62 -57.41 19.28
N LEU C 9 -14.67 -56.94 18.47
CA LEU C 9 -13.76 -55.90 18.97
C LEU C 9 -14.38 -54.52 18.83
N ILE C 10 -15.08 -54.25 17.72
CA ILE C 10 -15.47 -52.88 17.42
C ILE C 10 -16.83 -52.46 17.95
N ILE C 11 -17.76 -53.39 18.18
CA ILE C 11 -19.07 -53.00 18.70
C ILE C 11 -19.08 -52.79 20.22
N PRO C 12 -18.54 -53.70 21.07
CA PRO C 12 -18.59 -53.43 22.51
C PRO C 12 -17.75 -52.25 22.96
N ILE C 13 -16.78 -51.79 22.17
CA ILE C 13 -16.11 -50.54 22.58
C ILE C 13 -17.02 -49.34 22.32
N LEU C 14 -17.90 -49.43 21.31
CA LEU C 14 -18.91 -48.38 21.14
C LEU C 14 -19.92 -48.41 22.28
N LEU C 15 -20.30 -49.61 22.72
CA LEU C 15 -21.16 -49.71 23.90
C LEU C 15 -20.45 -49.19 25.15
N ALA C 16 -19.15 -49.45 25.25
CA ALA C 16 -18.35 -48.91 26.35
C ALA C 16 -18.29 -47.39 26.29
N VAL C 17 -18.24 -46.82 25.09
CA VAL C 17 -18.28 -45.37 24.93
C VAL C 17 -19.61 -44.81 25.44
N ALA C 18 -20.71 -45.47 25.09
CA ALA C 18 -22.03 -45.01 25.53
C ALA C 18 -22.16 -45.07 27.05
N PHE C 19 -21.77 -46.20 27.65
CA PHE C 19 -21.85 -46.28 29.11
C PHE C 19 -20.78 -45.43 29.79
N LEU C 20 -19.71 -45.07 29.07
CA LEU C 20 -18.77 -44.07 29.58
C LEU C 20 -19.41 -42.71 29.64
N THR C 21 -20.25 -42.36 28.65
CA THR C 21 -21.03 -41.12 28.75
C THR C 21 -21.96 -41.16 29.96
N LEU C 22 -22.62 -42.30 30.17
CA LEU C 22 -23.49 -42.48 31.34
C LEU C 22 -22.75 -42.22 32.64
N VAL C 23 -21.69 -43.00 32.90
CA VAL C 23 -20.95 -42.85 34.14
C VAL C 23 -20.19 -41.53 34.20
N GLU C 24 -19.89 -40.92 33.05
CA GLU C 24 -19.30 -39.60 33.02
C GLU C 24 -20.23 -38.58 33.64
N ARG C 25 -21.47 -38.53 33.15
CA ARG C 25 -22.43 -37.58 33.70
C ARG C 25 -22.74 -37.90 35.16
N LYS C 26 -22.84 -39.20 35.51
CA LYS C 26 -23.16 -39.56 36.88
C LYS C 26 -22.06 -39.15 37.86
N VAL C 27 -20.81 -39.52 37.59
CA VAL C 27 -19.71 -39.20 38.50
C VAL C 27 -19.44 -37.70 38.51
N LEU C 28 -19.48 -37.06 37.33
CA LEU C 28 -19.24 -35.62 37.24
C LEU C 28 -20.28 -34.83 38.00
N GLY C 29 -21.52 -35.33 38.05
CA GLY C 29 -22.48 -34.78 38.99
C GLY C 29 -22.10 -35.08 40.44
N TYR C 30 -21.57 -36.29 40.68
CA TYR C 30 -21.39 -36.73 42.07
C TYR C 30 -20.29 -35.99 42.80
N MET C 31 -19.20 -35.58 42.13
CA MET C 31 -18.30 -34.70 42.87
C MET C 31 -18.80 -33.26 42.94
N GLN C 32 -19.81 -32.91 42.15
CA GLN C 32 -20.43 -31.59 42.25
C GLN C 32 -21.63 -31.59 43.18
N PHE C 33 -21.68 -32.54 44.11
CA PHE C 33 -22.68 -32.59 45.20
C PHE C 33 -24.10 -32.75 44.68
N ARG C 34 -24.27 -33.32 43.49
CA ARG C 34 -25.59 -33.54 42.91
C ARG C 34 -25.67 -34.96 42.37
N LYS C 35 -26.89 -35.42 42.16
CA LYS C 35 -27.11 -36.71 41.53
C LYS C 35 -26.84 -36.63 40.03
N GLY C 36 -26.72 -37.79 39.41
CA GLY C 36 -26.57 -37.87 37.98
C GLY C 36 -27.89 -38.20 37.31
N PRO C 37 -27.84 -38.59 36.03
CA PRO C 37 -29.07 -38.99 35.33
C PRO C 37 -29.59 -40.32 35.87
N ASN C 38 -30.77 -40.29 36.48
CA ASN C 38 -31.39 -41.52 36.99
C ASN C 38 -32.89 -41.56 36.76
N VAL C 39 -33.45 -40.69 35.92
CA VAL C 39 -34.89 -40.64 35.71
C VAL C 39 -35.33 -41.58 34.60
N VAL C 40 -34.56 -41.62 33.50
CA VAL C 40 -34.97 -42.32 32.30
C VAL C 40 -35.07 -43.83 32.54
N GLY C 41 -34.04 -44.41 33.16
CA GLY C 41 -34.04 -45.81 33.48
C GLY C 41 -33.73 -46.05 34.94
N PRO C 42 -33.67 -47.32 35.34
CA PRO C 42 -33.21 -47.64 36.70
C PRO C 42 -31.75 -47.27 36.88
N TYR C 43 -31.51 -46.25 37.72
CA TYR C 43 -30.20 -45.61 37.88
C TYR C 43 -29.69 -45.06 36.54
N GLY C 44 -30.60 -44.62 35.68
CA GLY C 44 -30.26 -43.99 34.42
C GLY C 44 -29.59 -44.90 33.39
N LEU C 45 -29.99 -46.16 33.35
CA LEU C 45 -29.37 -47.10 32.42
C LEU C 45 -29.81 -46.89 30.98
N LEU C 46 -30.88 -46.14 30.74
CA LEU C 46 -31.39 -45.91 29.39
C LEU C 46 -31.02 -44.53 28.85
N GLN C 47 -30.19 -43.78 29.57
CA GLN C 47 -29.71 -42.49 29.06
C GLN C 47 -28.86 -42.60 27.79
N PRO C 48 -27.86 -43.51 27.67
CA PRO C 48 -27.11 -43.57 26.41
C PRO C 48 -27.95 -43.97 25.20
N ILE C 49 -28.96 -44.82 25.39
CA ILE C 49 -29.82 -45.21 24.27
C ILE C 49 -30.63 -44.01 23.78
N ALA C 50 -31.18 -43.22 24.71
CA ALA C 50 -31.92 -42.03 24.33
C ALA C 50 -31.00 -41.00 23.67
N ASP C 51 -29.78 -40.86 24.18
CA ASP C 51 -28.81 -39.93 23.58
C ASP C 51 -28.43 -40.37 22.17
N ALA C 52 -28.27 -41.68 21.95
CA ALA C 52 -27.85 -42.18 20.65
C ALA C 52 -28.98 -42.07 19.62
N ILE C 53 -30.21 -42.42 20.01
CA ILE C 53 -31.32 -42.33 19.07
C ILE C 53 -31.66 -40.86 18.80
N LYS C 54 -31.53 -39.99 19.81
CA LYS C 54 -31.90 -38.59 19.65
C LYS C 54 -31.00 -37.87 18.66
N LEU C 55 -29.70 -38.18 18.66
CA LEU C 55 -28.79 -37.52 17.73
C LEU C 55 -28.96 -38.02 16.30
N PHE C 56 -29.55 -39.19 16.11
CA PHE C 56 -29.66 -39.80 14.78
C PHE C 56 -31.04 -39.61 14.16
N ILE C 57 -31.93 -38.85 14.79
CA ILE C 57 -33.23 -38.54 14.20
C ILE C 57 -33.40 -37.03 14.11
N LYS C 58 -32.31 -36.30 14.31
CA LYS C 58 -32.30 -34.86 14.14
C LYS C 58 -31.98 -34.54 12.68
N GLU C 59 -31.83 -33.24 12.37
CA GLU C 59 -31.55 -32.82 11.01
C GLU C 59 -30.05 -32.59 10.87
N PRO C 60 -29.40 -33.15 9.84
CA PRO C 60 -27.94 -32.98 9.71
C PRO C 60 -27.47 -31.54 9.54
N LEU C 61 -28.23 -30.73 8.80
CA LEU C 61 -28.03 -29.27 8.69
C LEU C 61 -26.62 -28.95 8.18
N ARG C 62 -26.39 -29.31 6.92
CA ARG C 62 -25.12 -28.97 6.30
C ARG C 62 -25.08 -27.47 6.00
N PRO C 63 -23.99 -26.78 6.31
CA PRO C 63 -23.90 -25.35 5.99
C PRO C 63 -23.68 -25.13 4.51
N ALA C 64 -24.10 -23.95 4.04
CA ALA C 64 -23.91 -23.58 2.65
C ALA C 64 -22.46 -23.22 2.36
N THR C 65 -21.83 -22.49 3.28
CA THR C 65 -20.46 -22.03 3.07
C THR C 65 -19.42 -23.12 3.29
N SER C 66 -19.81 -24.26 3.85
CA SER C 66 -18.85 -25.32 4.15
C SER C 66 -18.53 -26.13 2.90
N SER C 67 -17.24 -26.41 2.71
CA SER C 67 -16.82 -27.32 1.65
C SER C 67 -17.22 -28.74 2.03
N ILE C 68 -18.14 -29.33 1.26
CA ILE C 68 -18.83 -30.54 1.69
C ILE C 68 -17.92 -31.77 1.72
N SER C 69 -16.79 -31.74 1.01
CA SER C 69 -15.92 -32.91 0.92
C SER C 69 -15.27 -33.23 2.27
N MET C 70 -14.46 -32.30 2.78
CA MET C 70 -13.85 -32.51 4.08
C MET C 70 -14.86 -32.42 5.21
N PHE C 71 -15.96 -31.69 5.01
CA PHE C 71 -17.02 -31.63 6.01
C PHE C 71 -17.64 -33.01 6.24
N ILE C 72 -17.84 -33.78 5.17
CA ILE C 72 -18.35 -35.14 5.32
C ILE C 72 -17.24 -36.15 5.56
N LEU C 73 -15.98 -35.80 5.31
CA LEU C 73 -14.88 -36.74 5.43
C LEU C 73 -14.24 -36.73 6.83
N ALA C 74 -14.32 -35.61 7.56
CA ALA C 74 -13.66 -35.53 8.86
C ALA C 74 -14.22 -36.50 9.91
N PRO C 75 -15.55 -36.58 10.18
CA PRO C 75 -15.97 -37.44 11.30
C PRO C 75 -15.79 -38.93 11.05
N ILE C 76 -15.95 -39.40 9.80
CA ILE C 76 -15.75 -40.81 9.52
C ILE C 76 -14.29 -41.18 9.70
N LEU C 77 -13.38 -40.30 9.27
CA LEU C 77 -11.95 -40.53 9.47
C LEU C 77 -11.60 -40.51 10.95
N ALA C 78 -12.23 -39.62 11.72
CA ALA C 78 -11.99 -39.58 13.17
C ALA C 78 -12.42 -40.88 13.84
N LEU C 79 -13.62 -41.37 13.50
CA LEU C 79 -14.12 -42.59 14.11
C LEU C 79 -13.28 -43.80 13.69
N THR C 80 -12.88 -43.86 12.42
CA THR C 80 -12.04 -44.95 11.95
C THR C 80 -10.67 -44.94 12.64
N LEU C 81 -10.06 -43.76 12.78
CA LEU C 81 -8.74 -43.66 13.40
C LEU C 81 -8.81 -43.98 14.89
N ALA C 82 -9.88 -43.58 15.57
CA ALA C 82 -10.07 -44.00 16.95
C ALA C 82 -10.35 -45.49 17.04
N LEU C 83 -10.88 -46.10 15.99
CA LEU C 83 -11.16 -47.53 15.97
C LEU C 83 -9.98 -48.37 15.51
N THR C 84 -9.16 -47.86 14.60
CA THR C 84 -8.18 -48.71 13.91
C THR C 84 -6.91 -48.97 14.70
N MET C 85 -6.69 -48.30 15.83
CA MET C 85 -5.49 -48.52 16.60
C MET C 85 -5.74 -49.40 17.82
N TRP C 86 -6.95 -49.94 17.96
CA TRP C 86 -7.25 -50.90 19.03
C TRP C 86 -6.60 -52.26 18.78
N ILE C 87 -6.25 -52.57 17.53
CA ILE C 87 -5.79 -53.92 17.20
C ILE C 87 -4.48 -54.36 17.85
N PRO C 88 -3.41 -53.55 17.93
CA PRO C 88 -2.18 -54.11 18.52
C PRO C 88 -2.21 -54.23 20.03
N LEU C 89 -3.30 -53.86 20.69
CA LEU C 89 -3.39 -53.99 22.14
C LEU C 89 -3.49 -55.45 22.53
N PRO C 90 -2.59 -55.97 23.38
CA PRO C 90 -2.73 -57.34 23.85
C PRO C 90 -3.88 -57.46 24.84
N MET C 91 -4.80 -58.38 24.57
CA MET C 91 -5.98 -58.46 25.40
C MET C 91 -6.45 -59.87 25.77
N PRO C 92 -5.59 -60.78 26.27
CA PRO C 92 -4.14 -60.87 26.44
C PRO C 92 -3.46 -61.20 25.12
N TYR C 93 -4.25 -61.63 24.16
CA TYR C 93 -3.78 -61.94 22.80
C TYR C 93 -4.34 -60.90 21.84
N PRO C 94 -3.49 -60.09 21.21
CA PRO C 94 -4.01 -59.03 20.34
C PRO C 94 -4.62 -59.57 19.06
N LEU C 95 -5.42 -58.70 18.42
CA LEU C 95 -6.05 -59.06 17.15
C LEU C 95 -5.00 -59.30 16.07
N ILE C 96 -4.09 -58.34 15.88
CA ILE C 96 -3.02 -58.43 14.90
C ILE C 96 -1.70 -58.35 15.65
N ASN C 97 -0.84 -59.35 15.44
CA ASN C 97 0.43 -59.43 16.16
C ASN C 97 1.51 -58.75 15.34
N MET C 98 1.58 -57.43 15.48
CA MET C 98 2.58 -56.63 14.78
C MET C 98 3.83 -56.48 15.64
N ASN C 99 4.99 -56.67 15.02
CA ASN C 99 6.26 -56.51 15.72
C ASN C 99 6.52 -55.06 16.09
N LEU C 100 5.95 -54.12 15.34
CA LEU C 100 6.21 -52.70 15.57
C LEU C 100 4.92 -51.97 15.88
N GLY C 101 4.11 -52.53 16.79
CA GLY C 101 2.82 -51.94 17.13
C GLY C 101 2.90 -50.57 17.78
N VAL C 102 4.01 -50.28 18.46
CA VAL C 102 4.21 -48.95 19.03
C VAL C 102 4.31 -47.90 17.93
N LEU C 103 5.04 -48.21 16.86
CA LEU C 103 5.16 -47.30 15.72
C LEU C 103 3.80 -47.12 15.03
N PHE C 104 3.02 -48.19 14.94
CA PHE C 104 1.68 -48.09 14.38
C PHE C 104 0.79 -47.20 15.22
N MET C 105 0.87 -47.34 16.55
CA MET C 105 0.12 -46.47 17.44
C MET C 105 0.53 -45.01 17.29
N LEU C 106 1.85 -44.76 17.18
CA LEU C 106 2.33 -43.39 17.04
C LEU C 106 1.87 -42.77 15.72
N ALA C 107 1.95 -43.53 14.63
CA ALA C 107 1.58 -42.97 13.33
C ALA C 107 0.07 -42.75 13.22
N MET C 108 -0.74 -43.72 13.66
CA MET C 108 -2.18 -43.50 13.67
C MET C 108 -2.62 -42.45 14.69
N SER C 109 -1.82 -42.19 15.73
CA SER C 109 -2.13 -41.08 16.63
C SER C 109 -1.77 -39.74 16.00
N SER C 110 -0.71 -39.71 15.19
CA SER C 110 -0.40 -38.52 14.41
C SER C 110 -1.48 -38.25 13.36
N LEU C 111 -2.10 -39.31 12.82
CA LEU C 111 -3.15 -39.12 11.83
C LEU C 111 -4.45 -38.62 12.44
N ALA C 112 -4.65 -38.82 13.75
CA ALA C 112 -5.92 -38.48 14.38
C ALA C 112 -6.19 -36.99 14.43
N VAL C 113 -5.16 -36.15 14.32
CA VAL C 113 -5.37 -34.71 14.34
C VAL C 113 -5.96 -34.20 13.02
N TYR C 114 -5.79 -34.96 11.93
CA TYR C 114 -6.18 -34.48 10.61
C TYR C 114 -7.68 -34.33 10.48
N SER C 115 -8.46 -35.15 11.18
CA SER C 115 -9.90 -34.94 11.20
C SER C 115 -10.25 -33.61 11.85
N ILE C 116 -9.55 -33.25 12.92
CA ILE C 116 -9.79 -31.97 13.59
C ILE C 116 -9.42 -30.81 12.65
N LEU C 117 -8.28 -30.92 11.97
CA LEU C 117 -7.89 -29.86 11.03
C LEU C 117 -8.87 -29.73 9.87
N TRP C 118 -9.32 -30.85 9.31
CA TRP C 118 -10.23 -30.79 8.17
C TRP C 118 -11.61 -30.32 8.59
N SER C 119 -12.05 -30.65 9.81
CA SER C 119 -13.33 -30.13 10.29
C SER C 119 -13.23 -28.64 10.61
N GLY C 120 -12.07 -28.19 11.08
CA GLY C 120 -11.88 -26.76 11.32
C GLY C 120 -11.85 -25.95 10.03
N TRP C 121 -11.18 -26.47 9.00
CA TRP C 121 -11.06 -25.71 7.76
C TRP C 121 -12.26 -25.87 6.83
N ALA C 122 -12.94 -27.01 6.87
CA ALA C 122 -14.06 -27.26 5.97
C ALA C 122 -15.22 -26.33 6.26
N SER C 123 -15.55 -26.14 7.53
CA SER C 123 -16.60 -25.20 7.91
C SER C 123 -16.04 -23.79 7.91
N ASN C 124 -16.73 -22.88 7.23
CA ASN C 124 -16.28 -21.50 7.06
C ASN C 124 -16.72 -20.68 8.26
N SER C 125 -15.86 -20.59 9.27
CA SER C 125 -16.14 -19.80 10.45
C SER C 125 -14.83 -19.43 11.12
N LYS C 126 -14.88 -18.39 11.94
CA LYS C 126 -13.69 -17.97 12.69
C LYS C 126 -13.42 -18.88 13.88
N TYR C 127 -14.48 -19.36 14.55
CA TYR C 127 -14.31 -20.22 15.71
C TYR C 127 -13.68 -21.55 15.34
N ALA C 128 -14.08 -22.11 14.20
CA ALA C 128 -13.45 -23.35 13.73
C ALA C 128 -11.98 -23.14 13.37
N LEU C 129 -11.65 -21.97 12.80
CA LEU C 129 -10.27 -21.66 12.49
C LEU C 129 -9.43 -21.53 13.76
N ILE C 130 -9.97 -20.88 14.79
CA ILE C 130 -9.25 -20.74 16.06
C ILE C 130 -9.09 -22.11 16.72
N GLY C 131 -10.12 -22.95 16.65
CA GLY C 131 -10.00 -24.29 17.18
C GLY C 131 -8.97 -25.14 16.45
N ALA C 132 -8.89 -25.00 15.13
CA ALA C 132 -7.87 -25.71 14.36
C ALA C 132 -6.48 -25.22 14.71
N LEU C 133 -6.31 -23.91 14.90
CA LEU C 133 -5.01 -23.38 15.29
C LEU C 133 -4.59 -23.87 16.68
N ARG C 134 -5.54 -23.90 17.62
CA ARG C 134 -5.24 -24.41 18.95
C ARG C 134 -4.95 -25.91 18.93
N ALA C 135 -5.62 -26.67 18.06
CA ALA C 135 -5.30 -28.08 17.91
C ALA C 135 -3.90 -28.28 17.33
N VAL C 136 -3.51 -27.43 16.38
CA VAL C 136 -2.16 -27.48 15.83
C VAL C 136 -1.14 -27.23 16.94
N ALA C 137 -1.38 -26.20 17.77
CA ALA C 137 -0.47 -25.89 18.87
C ALA C 137 -0.43 -27.02 19.90
N GLN C 138 -1.57 -27.67 20.15
CA GLN C 138 -1.61 -28.81 21.04
C GLN C 138 -0.78 -29.98 20.50
N THR C 139 -0.84 -30.21 19.19
CA THR C 139 -0.03 -31.26 18.59
C THR C 139 1.47 -30.94 18.68
N ILE C 140 1.82 -29.67 18.43
CA ILE C 140 3.19 -29.19 18.60
C ILE C 140 3.68 -29.47 20.02
N SER C 141 2.83 -29.19 21.00
CA SER C 141 3.19 -29.41 22.40
C SER C 141 3.40 -30.89 22.70
N TYR C 142 2.43 -31.74 22.32
CA TYR C 142 2.43 -33.08 22.90
C TYR C 142 3.28 -34.09 22.14
N GLU C 143 3.51 -33.91 20.82
CA GLU C 143 4.14 -34.98 20.05
C GLU C 143 5.60 -35.18 20.44
N VAL C 144 6.36 -34.08 20.52
CA VAL C 144 7.80 -34.16 20.79
C VAL C 144 8.10 -34.61 22.20
N THR C 145 7.13 -34.55 23.10
CA THR C 145 7.33 -35.16 24.41
C THR C 145 6.89 -36.62 24.42
N LEU C 146 5.72 -36.91 23.83
CA LEU C 146 5.13 -38.25 23.90
C LEU C 146 6.01 -39.29 23.23
N ALA C 147 6.65 -38.93 22.11
CA ALA C 147 7.53 -39.87 21.42
C ALA C 147 8.70 -40.29 22.32
N ILE C 148 9.31 -39.31 22.99
CA ILE C 148 10.45 -39.62 23.87
C ILE C 148 10.00 -40.36 25.12
N ILE C 149 8.81 -40.05 25.67
CA ILE C 149 8.30 -40.84 26.81
C ILE C 149 8.15 -42.30 26.42
N LEU C 150 7.54 -42.56 25.26
CA LEU C 150 7.31 -43.94 24.83
C LEU C 150 8.63 -44.66 24.54
N LEU C 151 9.59 -43.96 23.93
CA LEU C 151 10.88 -44.57 23.66
C LEU C 151 11.63 -44.91 24.94
N SER C 152 11.64 -43.98 25.90
CA SER C 152 12.43 -44.19 27.11
C SER C 152 11.79 -45.23 28.03
N VAL C 153 10.45 -45.30 28.05
CA VAL C 153 9.79 -46.38 28.78
C VAL C 153 10.05 -47.71 28.09
N LEU C 154 10.01 -47.72 26.77
CA LEU C 154 10.17 -48.92 25.97
C LEU C 154 11.61 -49.44 25.94
N LEU C 155 12.58 -48.66 26.42
CA LEU C 155 13.99 -49.05 26.32
C LEU C 155 14.32 -50.28 27.15
N MET C 156 13.56 -50.54 28.22
CA MET C 156 13.75 -51.77 28.98
C MET C 156 12.95 -52.93 28.41
N ASN C 157 12.01 -52.67 27.50
CA ASN C 157 11.21 -53.75 26.93
C ASN C 157 12.03 -54.59 25.96
N GLY C 158 12.88 -53.96 25.17
CA GLY C 158 13.75 -54.64 24.23
C GLY C 158 13.29 -54.63 22.80
N SER C 159 11.99 -54.42 22.55
CA SER C 159 11.48 -54.37 21.20
C SER C 159 10.18 -53.58 21.20
N PHE C 160 9.71 -53.26 20.01
CA PHE C 160 8.52 -52.44 19.81
C PHE C 160 7.22 -53.23 19.91
N THR C 161 7.31 -54.55 20.12
CA THR C 161 6.11 -55.38 20.16
C THR C 161 5.35 -55.14 21.47
N LEU C 162 4.02 -55.05 21.35
CA LEU C 162 3.17 -54.96 22.53
C LEU C 162 2.91 -56.33 23.16
N SER C 163 3.16 -57.41 22.43
CA SER C 163 2.98 -58.74 23.01
C SER C 163 4.07 -59.06 24.03
N THR C 164 5.31 -58.64 23.75
CA THR C 164 6.41 -58.83 24.69
C THR C 164 6.35 -57.85 25.86
N LEU C 165 5.47 -56.85 25.80
CA LEU C 165 5.31 -55.94 26.93
C LEU C 165 4.67 -56.64 28.12
N ILE C 166 3.84 -57.65 27.87
CA ILE C 166 3.23 -58.42 28.95
C ILE C 166 4.25 -59.36 29.61
N ILE C 167 5.36 -59.66 28.95
CA ILE C 167 6.38 -60.53 29.53
C ILE C 167 7.19 -59.79 30.58
N THR C 168 7.46 -58.51 30.36
CA THR C 168 8.29 -57.72 31.27
C THR C 168 7.62 -57.49 32.62
N GLN C 169 6.30 -57.60 32.70
CA GLN C 169 5.58 -57.40 33.96
C GLN C 169 5.66 -58.60 34.89
N GLU C 170 6.27 -59.71 34.46
CA GLU C 170 6.21 -60.97 35.20
C GLU C 170 6.91 -60.90 36.55
N GLN C 171 7.83 -59.96 36.74
CA GLN C 171 8.51 -59.78 38.01
C GLN C 171 8.03 -58.54 38.76
N VAL C 172 8.09 -57.36 38.13
CA VAL C 172 7.66 -56.13 38.75
C VAL C 172 7.10 -55.22 37.67
N TRP C 173 6.27 -54.25 38.08
CA TRP C 173 5.76 -53.26 37.15
C TRP C 173 6.88 -52.30 36.72
N LEU C 174 6.74 -51.76 35.51
CA LEU C 174 7.69 -50.75 35.04
C LEU C 174 7.35 -49.36 35.55
N ILE C 175 6.28 -49.22 36.33
CA ILE C 175 6.00 -47.94 36.97
C ILE C 175 6.94 -47.70 38.16
N PHE C 176 7.59 -48.74 38.65
CA PHE C 176 8.55 -48.58 39.75
C PHE C 176 9.91 -48.05 39.26
N PRO C 177 10.52 -48.55 38.17
CA PRO C 177 11.73 -47.89 37.69
C PRO C 177 11.49 -46.68 36.80
N ALA C 178 10.24 -46.37 36.47
CA ALA C 178 9.95 -45.24 35.58
C ALA C 178 8.73 -44.47 36.07
N TRP C 179 8.64 -44.22 37.38
CA TRP C 179 7.57 -43.36 37.89
C TRP C 179 7.62 -41.91 37.39
N PRO C 180 8.78 -41.22 37.24
CA PRO C 180 8.70 -39.89 36.62
C PRO C 180 8.17 -39.93 35.21
N LEU C 181 8.64 -40.90 34.40
CA LEU C 181 8.11 -41.10 33.06
C LEU C 181 6.64 -41.48 33.08
N ALA C 182 6.17 -42.14 34.15
CA ALA C 182 4.75 -42.38 34.29
C ALA C 182 3.98 -41.08 34.46
N MET C 183 4.51 -40.14 35.24
CA MET C 183 3.87 -38.82 35.35
C MET C 183 3.88 -38.09 34.01
N MET C 184 5.01 -38.13 33.30
CA MET C 184 5.08 -37.47 31.99
C MET C 184 4.09 -38.09 31.02
N TRP C 185 3.97 -39.41 31.03
CA TRP C 185 3.06 -40.10 30.13
C TRP C 185 1.61 -39.80 30.46
N PHE C 186 1.27 -39.70 31.74
CA PHE C 186 -0.11 -39.38 32.11
C PHE C 186 -0.47 -37.95 31.69
N ILE C 187 0.45 -36.99 31.86
CA ILE C 187 0.15 -35.64 31.40
C ILE C 187 0.07 -35.60 29.87
N SER C 188 0.89 -36.39 29.18
CA SER C 188 0.82 -36.44 27.72
C SER C 188 -0.48 -37.05 27.23
N THR C 189 -0.98 -38.09 27.90
CA THR C 189 -2.27 -38.66 27.53
C THR C 189 -3.41 -37.71 27.89
N LEU C 190 -3.23 -36.90 28.93
CA LEU C 190 -4.16 -35.82 29.21
C LEU C 190 -4.18 -34.81 28.07
N ALA C 191 -3.01 -34.50 27.50
CA ALA C 191 -2.92 -33.48 26.47
C ALA C 191 -3.41 -33.97 25.11
N GLU C 192 -3.14 -35.24 24.77
CA GLU C 192 -3.39 -35.71 23.40
C GLU C 192 -4.87 -35.85 23.13
N THR C 193 -5.62 -36.44 24.06
CA THR C 193 -7.01 -36.82 23.84
C THR C 193 -7.95 -35.62 23.86
N ASN C 194 -7.44 -34.43 24.17
CA ASN C 194 -8.20 -33.19 24.31
C ASN C 194 -9.27 -33.31 25.39
N ARG C 195 -8.78 -33.58 26.61
CA ARG C 195 -9.60 -33.60 27.81
C ARG C 195 -9.08 -32.55 28.77
N ALA C 196 -9.99 -31.99 29.57
CA ALA C 196 -9.63 -30.92 30.49
C ALA C 196 -8.62 -31.43 31.53
N PRO C 197 -7.66 -30.59 31.95
CA PRO C 197 -7.46 -29.17 31.66
C PRO C 197 -6.71 -28.87 30.37
N PHE C 198 -6.58 -29.87 29.49
CA PHE C 198 -5.88 -29.72 28.22
C PHE C 198 -6.82 -29.83 27.03
N ASP C 199 -8.10 -29.45 27.22
CA ASP C 199 -9.09 -29.57 26.16
C ASP C 199 -8.76 -28.66 24.98
N LEU C 200 -8.89 -27.34 25.18
CA LEU C 200 -8.41 -26.28 24.28
C LEU C 200 -8.99 -26.30 22.87
N THR C 201 -9.87 -27.24 22.56
CA THR C 201 -10.53 -27.31 21.27
C THR C 201 -12.05 -27.26 21.39
N GLU C 202 -12.63 -28.10 22.25
CA GLU C 202 -14.07 -28.04 22.52
C GLU C 202 -14.32 -27.19 23.76
N GLY C 203 -13.86 -25.94 23.68
CA GLY C 203 -13.99 -25.03 24.80
C GLY C 203 -15.41 -24.49 24.88
N GLU C 204 -15.88 -24.34 26.11
CA GLU C 204 -17.21 -23.77 26.37
C GLU C 204 -17.15 -22.28 26.69
N SER C 205 -16.14 -21.84 27.43
CA SER C 205 -16.01 -20.45 27.81
C SER C 205 -15.15 -19.65 26.83
N GLU C 206 -14.11 -20.27 26.27
CA GLU C 206 -13.27 -19.59 25.31
C GLU C 206 -13.96 -19.47 23.95
N LEU C 207 -14.23 -20.61 23.33
CA LEU C 207 -15.04 -20.68 22.12
C LEU C 207 -16.42 -21.21 22.48
N VAL C 208 -17.24 -21.48 21.48
CA VAL C 208 -18.55 -22.07 21.71
C VAL C 208 -18.41 -23.59 21.69
N SER C 209 -17.96 -24.13 20.56
CA SER C 209 -17.59 -25.54 20.49
C SER C 209 -16.31 -25.78 19.70
N GLY C 210 -15.71 -24.75 19.12
CA GLY C 210 -14.41 -24.88 18.47
C GLY C 210 -14.44 -25.52 17.10
N PHE C 211 -13.81 -26.69 16.98
CA PHE C 211 -13.62 -27.30 15.67
C PHE C 211 -14.93 -27.82 15.09
N ASN C 212 -15.90 -28.17 15.92
CA ASN C 212 -17.18 -28.68 15.47
C ASN C 212 -18.33 -27.78 15.91
N VAL C 213 -18.08 -26.47 15.93
CA VAL C 213 -19.12 -25.52 16.34
C VAL C 213 -20.22 -25.44 15.28
N GLU C 214 -19.89 -25.68 14.02
CA GLU C 214 -20.87 -25.69 12.94
C GLU C 214 -21.41 -27.09 12.67
N TYR C 215 -21.04 -28.07 13.47
CA TYR C 215 -21.42 -29.46 13.24
C TYR C 215 -22.70 -29.75 14.02
N ALA C 216 -23.79 -29.98 13.31
CA ALA C 216 -25.06 -30.33 13.95
C ALA C 216 -25.09 -31.84 14.20
N ALA C 217 -26.22 -32.34 14.67
CA ALA C 217 -26.33 -33.72 15.12
C ALA C 217 -26.22 -34.70 13.96
N GLY C 218 -25.80 -35.92 14.29
CA GLY C 218 -25.42 -36.94 13.34
C GLY C 218 -23.93 -36.99 13.08
N PRO C 219 -23.39 -36.02 12.33
CA PRO C 219 -21.93 -35.90 12.25
C PRO C 219 -21.26 -35.51 13.56
N PHE C 220 -21.98 -34.88 14.49
CA PHE C 220 -21.35 -34.46 15.75
C PHE C 220 -21.11 -35.65 16.67
N ALA C 221 -21.99 -36.64 16.65
CA ALA C 221 -21.85 -37.79 17.55
C ALA C 221 -20.61 -38.62 17.23
N LEU C 222 -20.16 -38.60 15.97
CA LEU C 222 -18.97 -39.35 15.59
C LEU C 222 -17.73 -38.83 16.29
N PHE C 223 -17.60 -37.50 16.40
CA PHE C 223 -16.48 -36.93 17.16
C PHE C 223 -16.56 -37.32 18.63
N PHE C 224 -17.77 -37.35 19.19
CA PHE C 224 -17.98 -37.72 20.59
C PHE C 224 -17.51 -39.15 20.85
N MET C 225 -17.98 -40.09 20.04
CA MET C 225 -17.57 -41.49 20.19
C MET C 225 -16.10 -41.69 19.87
N ALA C 226 -15.55 -40.92 18.92
CA ALA C 226 -14.14 -41.03 18.61
C ALA C 226 -13.27 -40.58 19.79
N GLU C 227 -13.63 -39.46 20.42
CA GLU C 227 -12.89 -38.99 21.58
C GLU C 227 -13.01 -39.94 22.76
N TYR C 228 -14.19 -40.53 22.96
CA TYR C 228 -14.34 -41.40 24.12
C TYR C 228 -13.70 -42.76 23.90
N ALA C 229 -13.73 -43.29 22.67
CA ALA C 229 -12.94 -44.46 22.36
C ALA C 229 -11.46 -44.17 22.49
N ASN C 230 -11.05 -42.95 22.13
CA ASN C 230 -9.66 -42.54 22.28
C ASN C 230 -9.22 -42.54 23.74
N ILE C 231 -10.05 -42.01 24.64
CA ILE C 231 -9.64 -41.94 26.03
C ILE C 231 -9.67 -43.32 26.68
N ILE C 232 -10.66 -44.16 26.34
CA ILE C 232 -10.71 -45.51 26.89
C ILE C 232 -9.52 -46.33 26.43
N MET C 233 -9.22 -46.28 25.13
CA MET C 233 -8.09 -47.00 24.56
C MET C 233 -6.76 -46.47 25.07
N MET C 234 -6.64 -45.16 25.26
CA MET C 234 -5.41 -44.59 25.80
C MET C 234 -5.19 -45.03 27.23
N ASN C 235 -6.25 -45.12 28.03
CA ASN C 235 -6.09 -45.61 29.39
C ASN C 235 -5.77 -47.10 29.42
N ILE C 236 -6.32 -47.88 28.48
CA ILE C 236 -5.95 -49.29 28.36
C ILE C 236 -4.47 -49.41 27.99
N PHE C 237 -3.99 -48.56 27.08
CA PHE C 237 -2.60 -48.56 26.67
C PHE C 237 -1.68 -48.18 27.83
N THR C 238 -2.08 -47.19 28.65
CA THR C 238 -1.30 -46.81 29.82
C THR C 238 -1.27 -47.94 30.85
N THR C 239 -2.40 -48.62 31.03
CA THR C 239 -2.46 -49.77 31.92
C THR C 239 -1.51 -50.88 31.46
N THR C 240 -1.50 -51.17 30.16
CA THR C 240 -0.60 -52.19 29.63
C THR C 240 0.85 -51.76 29.74
N LEU C 241 1.13 -50.47 29.58
CA LEU C 241 2.50 -49.98 29.60
C LEU C 241 3.09 -50.00 31.01
N PHE C 242 2.33 -49.55 32.00
CA PHE C 242 2.89 -49.34 33.32
C PHE C 242 2.39 -50.30 34.39
N LEU C 243 1.14 -50.74 34.31
CA LEU C 243 0.58 -51.59 35.35
C LEU C 243 0.15 -52.94 34.79
N GLY C 244 1.02 -53.55 33.99
CA GLY C 244 0.67 -54.83 33.39
C GLY C 244 0.52 -55.92 34.43
N ALA C 245 -0.40 -56.83 34.16
CA ALA C 245 -0.84 -57.79 35.16
C ALA C 245 -0.21 -59.15 34.93
N PHE C 246 -0.65 -60.14 35.69
CA PHE C 246 -0.12 -61.50 35.62
C PHE C 246 -0.85 -62.28 34.54
N HIS C 247 -0.10 -62.81 33.58
CA HIS C 247 -0.65 -63.54 32.45
C HIS C 247 -0.39 -65.03 32.61
N ASN C 248 -1.44 -65.84 32.49
CA ASN C 248 -1.31 -67.29 32.49
C ASN C 248 -1.86 -67.82 31.18
N PRO C 249 -1.09 -68.57 30.40
CA PRO C 249 -1.56 -69.05 29.09
C PRO C 249 -2.73 -70.02 29.17
N TYR C 250 -2.93 -70.69 30.31
CA TYR C 250 -4.02 -71.64 30.43
C TYR C 250 -5.35 -71.00 30.85
N MET C 251 -5.31 -69.76 31.35
CA MET C 251 -6.53 -69.07 31.80
C MET C 251 -6.39 -67.59 31.50
N PRO C 252 -6.89 -67.14 30.34
CA PRO C 252 -6.89 -65.70 30.05
C PRO C 252 -7.88 -64.89 30.88
N GLU C 253 -8.76 -65.57 31.62
CA GLU C 253 -9.77 -64.87 32.43
C GLU C 253 -9.14 -63.99 33.49
N LEU C 254 -8.03 -64.45 34.08
CA LEU C 254 -7.34 -63.67 35.11
C LEU C 254 -6.82 -62.35 34.56
N TYR C 255 -6.15 -62.41 33.40
CA TYR C 255 -5.57 -61.18 32.86
C TYR C 255 -6.66 -60.26 32.32
N THR C 256 -7.73 -60.81 31.73
CA THR C 256 -8.82 -59.96 31.26
C THR C 256 -9.48 -59.24 32.44
N ILE C 257 -9.73 -59.96 33.54
CA ILE C 257 -10.31 -59.35 34.74
C ILE C 257 -9.39 -58.26 35.27
N ASN C 258 -8.08 -58.55 35.35
CA ASN C 258 -7.16 -57.63 35.98
C ASN C 258 -6.98 -56.35 35.16
N PHE C 259 -6.77 -56.48 33.84
CA PHE C 259 -6.53 -55.26 33.08
C PHE C 259 -7.84 -54.50 32.86
N THR C 260 -8.99 -55.18 32.84
CA THR C 260 -10.26 -54.48 32.77
C THR C 260 -10.48 -53.63 34.01
N ILE C 261 -10.22 -54.21 35.21
CA ILE C 261 -10.39 -53.47 36.45
C ILE C 261 -9.40 -52.31 36.53
N LYS C 262 -8.13 -52.55 36.14
CA LYS C 262 -7.13 -51.49 36.22
C LYS C 262 -7.42 -50.35 35.25
N SER C 263 -7.84 -50.67 34.01
CA SER C 263 -8.15 -49.63 33.04
C SER C 263 -9.42 -48.87 33.43
N LEU C 264 -10.39 -49.57 34.02
CA LEU C 264 -11.59 -48.91 34.51
C LEU C 264 -11.26 -47.94 35.65
N LEU C 265 -10.38 -48.35 36.55
CA LEU C 265 -9.96 -47.46 37.63
C LEU C 265 -9.17 -46.27 37.09
N LEU C 266 -8.36 -46.48 36.06
CA LEU C 266 -7.62 -45.36 35.47
C LEU C 266 -8.56 -44.40 34.74
N SER C 267 -9.61 -44.92 34.11
CA SER C 267 -10.60 -44.03 33.49
C SER C 267 -11.40 -43.26 34.53
N ILE C 268 -11.69 -43.88 35.67
CA ILE C 268 -12.32 -43.16 36.79
C ILE C 268 -11.40 -42.06 37.30
N THR C 269 -10.09 -42.35 37.38
CA THR C 269 -9.11 -41.33 37.77
C THR C 269 -9.07 -40.20 36.74
N PHE C 270 -9.20 -40.53 35.46
CA PHE C 270 -9.27 -39.51 34.41
C PHE C 270 -10.50 -38.61 34.58
N LEU C 271 -11.64 -39.22 34.87
CA LEU C 271 -12.86 -38.46 35.14
C LEU C 271 -12.69 -37.57 36.37
N TRP C 272 -12.01 -38.10 37.39
CA TRP C 272 -11.71 -37.34 38.60
C TRP C 272 -10.82 -36.14 38.29
N ILE C 273 -9.85 -36.33 37.39
CA ILE C 273 -8.92 -35.25 37.04
C ILE C 273 -9.63 -34.17 36.23
N ARG C 274 -10.47 -34.57 35.28
CA ARG C 274 -10.95 -33.66 34.24
C ARG C 274 -11.84 -32.53 34.77
N ALA C 275 -12.36 -32.62 35.99
CA ALA C 275 -13.24 -31.61 36.54
C ALA C 275 -12.83 -31.23 37.95
N SER C 276 -11.54 -30.96 38.14
CA SER C 276 -11.05 -30.40 39.38
C SER C 276 -10.07 -29.25 39.16
N TYR C 277 -9.72 -28.95 37.92
CA TYR C 277 -8.66 -28.01 37.60
C TYR C 277 -9.14 -27.00 36.56
N PRO C 278 -8.66 -25.76 36.63
CA PRO C 278 -8.98 -24.80 35.59
C PRO C 278 -8.31 -25.15 34.27
N ARG C 279 -8.91 -24.69 33.17
CA ARG C 279 -8.35 -24.95 31.86
C ARG C 279 -7.09 -24.12 31.62
N PHE C 280 -6.09 -24.76 31.04
CA PHE C 280 -4.84 -24.09 30.71
C PHE C 280 -5.00 -23.24 29.47
N ARG C 281 -4.28 -22.12 29.43
CA ARG C 281 -4.13 -21.39 28.18
C ARG C 281 -3.21 -22.17 27.25
N TYR C 282 -3.45 -22.03 25.95
CA TYR C 282 -2.64 -22.76 24.99
C TYR C 282 -1.28 -22.10 24.74
N ASP C 283 -1.08 -20.85 25.20
CA ASP C 283 0.26 -20.30 25.18
C ASP C 283 1.11 -20.84 26.31
N GLN C 284 0.48 -21.23 27.42
CA GLN C 284 1.18 -21.92 28.50
C GLN C 284 1.33 -23.41 28.25
N LEU C 285 0.71 -23.93 27.19
CA LEU C 285 0.87 -25.35 26.88
C LEU C 285 2.27 -25.65 26.36
N MET C 286 2.76 -24.83 25.44
CA MET C 286 4.15 -24.93 24.99
C MET C 286 5.08 -23.99 25.74
N HIS C 287 4.58 -23.29 26.75
CA HIS C 287 5.44 -22.71 27.77
C HIS C 287 5.69 -23.68 28.91
N LEU C 288 5.10 -24.87 28.84
CA LEU C 288 5.30 -25.94 29.81
C LEU C 288 5.92 -27.18 29.18
N LEU C 289 5.35 -27.67 28.08
CA LEU C 289 5.84 -28.89 27.48
C LEU C 289 7.14 -28.67 26.71
N TRP C 290 7.31 -27.51 26.09
CA TRP C 290 8.56 -27.15 25.42
C TRP C 290 9.59 -26.54 26.37
N LYS C 291 9.20 -26.27 27.62
CA LYS C 291 10.08 -25.58 28.56
C LYS C 291 10.43 -26.42 29.78
N ASN C 292 9.44 -27.06 30.41
CA ASN C 292 9.66 -27.85 31.60
C ASN C 292 9.71 -29.34 31.32
N PHE C 293 8.86 -29.84 30.43
CA PHE C 293 8.80 -31.27 30.13
C PHE C 293 9.99 -31.74 29.30
N LEU C 294 10.38 -30.96 28.29
CA LEU C 294 11.38 -31.40 27.33
C LEU C 294 12.77 -31.60 27.94
N PRO C 295 13.35 -30.67 28.73
CA PRO C 295 14.69 -30.97 29.28
C PRO C 295 14.69 -32.13 30.26
N LEU C 296 13.63 -32.26 31.05
CA LEU C 296 13.52 -33.38 31.99
C LEU C 296 13.44 -34.70 31.25
N THR C 297 12.65 -34.76 30.17
CA THR C 297 12.56 -36.03 29.47
C THR C 297 13.79 -36.31 28.63
N LEU C 298 14.53 -35.27 28.21
CA LEU C 298 15.83 -35.52 27.58
C LEU C 298 16.82 -36.13 28.56
N ALA C 299 16.87 -35.59 29.78
CA ALA C 299 17.74 -36.15 30.81
C ALA C 299 17.35 -37.58 31.14
N LEU C 300 16.06 -37.84 31.28
CA LEU C 300 15.62 -39.20 31.60
C LEU C 300 15.82 -40.14 30.41
N CYS C 301 15.75 -39.63 29.18
CA CYS C 301 16.00 -40.45 28.01
C CYS C 301 17.47 -40.87 27.93
N MET C 302 18.39 -39.94 28.17
CA MET C 302 19.79 -40.32 28.17
C MET C 302 20.14 -41.18 29.38
N TRP C 303 19.44 -40.99 30.51
CA TRP C 303 19.62 -41.87 31.66
C TRP C 303 19.17 -43.29 31.36
N HIS C 304 18.04 -43.45 30.67
CA HIS C 304 17.58 -44.78 30.33
C HIS C 304 18.35 -45.39 29.17
N VAL C 305 19.04 -44.56 28.37
CA VAL C 305 20.00 -45.09 27.41
C VAL C 305 21.20 -45.67 28.14
N SER C 306 21.74 -44.93 29.11
CA SER C 306 22.97 -45.32 29.77
C SER C 306 22.77 -46.25 30.95
N LEU C 307 21.53 -46.54 31.33
CA LEU C 307 21.28 -47.37 32.50
C LEU C 307 21.46 -48.88 32.29
N PRO C 308 20.94 -49.52 31.22
CA PRO C 308 21.23 -50.95 31.06
C PRO C 308 22.69 -51.26 30.81
N ILE C 309 23.44 -50.31 30.25
CA ILE C 309 24.89 -50.46 30.15
C ILE C 309 25.52 -50.40 31.53
N LEU C 310 24.98 -49.55 32.41
CA LEU C 310 25.51 -49.38 33.76
C LEU C 310 25.35 -50.66 34.57
N LEU C 311 24.14 -51.21 34.61
CA LEU C 311 23.81 -52.32 35.48
C LEU C 311 23.96 -53.69 34.81
N SER C 312 24.40 -53.72 33.55
CA SER C 312 24.46 -54.92 32.72
C SER C 312 23.09 -55.60 32.65
N SER C 313 22.13 -54.85 32.12
CA SER C 313 20.74 -55.29 32.07
C SER C 313 20.14 -55.01 30.69
N ILE C 314 20.87 -55.39 29.65
CA ILE C 314 20.40 -55.19 28.27
C ILE C 314 19.27 -56.18 28.01
N PRO C 315 18.07 -55.70 27.66
CA PRO C 315 16.96 -56.63 27.45
C PRO C 315 17.10 -57.34 26.12
N PRO C 316 16.52 -58.53 25.99
CA PRO C 316 16.54 -59.22 24.70
C PRO C 316 15.56 -58.59 23.72
N GLN C 317 15.96 -58.56 22.45
CA GLN C 317 15.08 -58.02 21.41
C GLN C 317 14.02 -59.03 20.97
N THR C 318 14.14 -60.29 21.37
CA THR C 318 13.16 -61.31 21.02
C THR C 318 12.37 -61.75 22.24
N MET D 1 -6.26 -61.28 -10.92
CA MET D 1 -5.89 -59.93 -10.50
C MET D 1 -5.79 -59.84 -8.98
N MET D 2 -5.06 -60.78 -8.39
CA MET D 2 -4.88 -60.83 -6.94
C MET D 2 -3.44 -60.49 -6.57
N THR D 3 -2.46 -61.25 -7.10
CA THR D 3 -1.03 -61.03 -6.84
C THR D 3 -0.48 -59.73 -7.46
N TYR D 4 -1.31 -58.92 -8.11
CA TYR D 4 -0.93 -57.59 -8.58
C TYR D 4 -1.20 -56.52 -7.52
N ILE D 5 -1.16 -56.88 -6.24
CA ILE D 5 -1.46 -55.94 -5.15
C ILE D 5 -0.43 -54.81 -5.12
N VAL D 6 0.83 -55.13 -5.38
CA VAL D 6 1.86 -54.10 -5.48
C VAL D 6 1.60 -53.21 -6.69
N PHE D 7 1.14 -53.81 -7.81
CA PHE D 7 0.79 -53.03 -8.98
C PHE D 7 -0.39 -52.10 -8.71
N ILE D 8 -1.42 -52.60 -8.02
CA ILE D 8 -2.59 -51.78 -7.71
C ILE D 8 -2.20 -50.63 -6.77
N LEU D 9 -1.38 -50.91 -5.77
CA LEU D 9 -0.94 -49.87 -4.85
C LEU D 9 -0.08 -48.82 -5.57
N SER D 10 0.75 -49.27 -6.51
CA SER D 10 1.53 -48.33 -7.32
C SER D 10 0.63 -47.49 -8.23
N ILE D 11 -0.47 -48.06 -8.71
CA ILE D 11 -1.38 -47.30 -9.57
C ILE D 11 -2.11 -46.24 -8.75
N ILE D 12 -2.50 -46.57 -7.52
CA ILE D 12 -3.07 -45.56 -6.63
C ILE D 12 -2.03 -44.50 -6.27
N PHE D 13 -0.77 -44.90 -6.14
CA PHE D 13 0.32 -43.96 -5.92
C PHE D 13 0.42 -42.95 -7.06
N VAL D 14 0.44 -43.43 -8.30
CA VAL D 14 0.52 -42.54 -9.46
C VAL D 14 -0.75 -41.69 -9.59
N MET D 15 -1.91 -42.25 -9.24
CA MET D 15 -3.16 -41.50 -9.31
C MET D 15 -3.16 -40.32 -8.33
N GLY D 16 -2.75 -40.58 -7.08
CA GLY D 16 -2.63 -39.51 -6.11
C GLY D 16 -1.56 -38.50 -6.48
N PHE D 17 -0.47 -38.96 -7.11
CA PHE D 17 0.57 -38.03 -7.53
C PHE D 17 0.10 -37.11 -8.65
N VAL D 18 -0.65 -37.66 -9.61
CA VAL D 18 -1.26 -36.83 -10.63
C VAL D 18 -2.29 -35.89 -10.02
N GLY D 19 -3.01 -36.36 -8.99
CA GLY D 19 -4.02 -35.54 -8.36
C GLY D 19 -3.45 -34.32 -7.64
N PHE D 20 -2.36 -34.50 -6.91
CA PHE D 20 -1.81 -33.34 -6.21
C PHE D 20 -0.76 -32.61 -7.04
N SER D 21 -0.35 -33.15 -8.19
CA SER D 21 0.59 -32.45 -9.06
C SER D 21 -0.09 -31.36 -9.88
N SER D 22 -1.42 -31.28 -9.85
CA SER D 22 -2.13 -30.17 -10.48
C SER D 22 -1.95 -28.86 -9.72
N LYS D 23 -1.49 -28.94 -8.47
CA LYS D 23 -1.32 -27.80 -7.58
C LYS D 23 -2.58 -26.93 -7.44
N PRO D 24 -3.72 -27.50 -6.97
CA PRO D 24 -4.92 -26.67 -6.85
C PRO D 24 -4.89 -25.73 -5.65
N SER D 25 -4.45 -26.26 -4.50
CA SER D 25 -4.43 -25.58 -3.22
C SER D 25 -3.57 -26.43 -2.28
N PRO D 26 -2.84 -25.82 -1.33
CA PRO D 26 -1.94 -26.62 -0.48
C PRO D 26 -2.62 -27.66 0.38
N ILE D 27 -3.85 -27.41 0.84
CA ILE D 27 -4.55 -28.41 1.65
C ILE D 27 -4.93 -29.62 0.80
N TYR D 28 -5.48 -29.37 -0.40
CA TYR D 28 -5.91 -30.47 -1.24
C TYR D 28 -4.71 -31.20 -1.84
N GLY D 29 -3.64 -30.47 -2.16
CA GLY D 29 -2.40 -31.11 -2.56
C GLY D 29 -1.81 -31.97 -1.44
N GLY D 30 -1.90 -31.48 -0.20
CA GLY D 30 -1.47 -32.30 0.93
C GLY D 30 -2.31 -33.55 1.09
N LEU D 31 -3.62 -33.43 0.86
CA LEU D 31 -4.49 -34.60 0.92
C LEU D 31 -4.14 -35.62 -0.15
N GLY D 32 -3.91 -35.16 -1.38
CA GLY D 32 -3.54 -36.07 -2.46
C GLY D 32 -2.20 -36.75 -2.22
N LEU D 33 -1.21 -35.98 -1.76
CA LEU D 33 0.09 -36.57 -1.46
C LEU D 33 -0.01 -37.51 -0.27
N ILE D 34 -0.91 -37.24 0.68
CA ILE D 34 -1.04 -38.11 1.84
C ILE D 34 -1.67 -39.44 1.46
N VAL D 35 -2.64 -39.41 0.54
CA VAL D 35 -3.15 -40.66 -0.03
C VAL D 35 -2.04 -41.42 -0.76
N SER D 36 -1.23 -40.69 -1.53
CA SER D 36 -0.10 -41.30 -2.23
C SER D 36 0.92 -41.89 -1.26
N GLY D 37 1.22 -41.18 -0.18
CA GLY D 37 2.16 -41.68 0.81
C GLY D 37 1.61 -42.84 1.59
N GLY D 38 0.29 -42.88 1.78
CA GLY D 38 -0.33 -44.04 2.40
C GLY D 38 -0.19 -45.29 1.56
N VAL D 39 -0.43 -45.18 0.26
CA VAL D 39 -0.28 -46.39 -0.56
C VAL D 39 1.20 -46.72 -0.80
N GLY D 40 2.08 -45.72 -0.78
CA GLY D 40 3.51 -46.02 -0.83
C GLY D 40 4.01 -46.72 0.42
N CYS D 41 3.52 -46.29 1.59
CA CYS D 41 3.81 -47.00 2.83
C CYS D 41 3.23 -48.41 2.78
N GLY D 42 2.05 -48.57 2.17
CA GLY D 42 1.51 -49.91 1.97
C GLY D 42 2.39 -50.77 1.09
N ILE D 43 3.00 -50.16 0.06
CA ILE D 43 3.98 -50.86 -0.77
C ILE D 43 5.16 -51.33 0.06
N VAL D 44 5.70 -50.45 0.90
CA VAL D 44 6.89 -50.78 1.66
C VAL D 44 6.58 -51.83 2.72
N LEU D 45 5.39 -51.76 3.35
CA LEU D 45 4.98 -52.82 4.26
C LEU D 45 4.78 -54.15 3.53
N ASN D 46 4.21 -54.11 2.32
CA ASN D 46 4.03 -55.33 1.55
C ASN D 46 5.36 -55.91 1.04
N PHE D 47 6.43 -55.13 1.08
CA PHE D 47 7.76 -55.64 0.77
C PHE D 47 8.59 -55.94 2.02
N GLY D 48 7.95 -55.97 3.18
CA GLY D 48 8.64 -56.31 4.42
C GLY D 48 9.25 -55.15 5.16
N GLY D 49 9.22 -53.94 4.60
CA GLY D 49 9.75 -52.78 5.27
C GLY D 49 8.76 -52.18 6.24
N SER D 50 8.60 -52.79 7.42
CA SER D 50 7.70 -52.25 8.42
C SER D 50 8.19 -50.90 8.95
N PHE D 51 9.47 -50.86 9.35
CA PHE D 51 10.01 -49.66 9.98
C PHE D 51 10.09 -48.49 9.01
N LEU D 52 10.56 -48.74 7.78
CA LEU D 52 10.71 -47.65 6.82
C LEU D 52 9.36 -47.08 6.39
N GLY D 53 8.37 -47.96 6.19
CA GLY D 53 7.04 -47.48 5.83
C GLY D 53 6.40 -46.68 6.95
N LEU D 54 6.48 -47.19 8.19
CA LEU D 54 5.91 -46.44 9.31
C LEU D 54 6.66 -45.14 9.56
N MET D 55 7.98 -45.12 9.30
CA MET D 55 8.74 -43.90 9.48
C MET D 55 8.37 -42.84 8.45
N VAL D 56 8.22 -43.24 7.18
CA VAL D 56 7.81 -42.26 6.18
C VAL D 56 6.39 -41.79 6.44
N PHE D 57 5.54 -42.67 6.99
CA PHE D 57 4.19 -42.28 7.38
C PHE D 57 4.22 -41.20 8.45
N LEU D 58 4.94 -41.44 9.55
CA LEU D 58 4.95 -40.51 10.67
C LEU D 58 5.61 -39.19 10.28
N ILE D 59 6.70 -39.26 9.51
CA ILE D 59 7.40 -38.05 9.08
C ILE D 59 6.51 -37.20 8.19
N TYR D 60 5.80 -37.82 7.24
CA TYR D 60 4.96 -37.06 6.33
C TYR D 60 3.76 -36.46 7.06
N LEU D 61 3.19 -37.20 8.02
CA LEU D 61 2.09 -36.68 8.82
C LEU D 61 2.51 -35.44 9.60
N GLY D 62 3.67 -35.50 10.25
CA GLY D 62 4.14 -34.32 10.96
C GLY D 62 4.46 -33.15 10.03
N GLY D 63 5.16 -33.43 8.93
CA GLY D 63 5.59 -32.38 8.03
C GLY D 63 4.44 -31.64 7.37
N MET D 64 3.45 -32.38 6.88
CA MET D 64 2.35 -31.65 6.27
C MET D 64 1.20 -31.35 7.22
N MET D 65 1.24 -31.77 8.48
CA MET D 65 0.46 -31.06 9.47
C MET D 65 1.03 -29.66 9.66
N VAL D 66 2.36 -29.53 9.66
CA VAL D 66 2.98 -28.20 9.67
C VAL D 66 2.62 -27.42 8.42
N VAL D 67 2.61 -28.09 7.25
CA VAL D 67 2.23 -27.43 6.00
C VAL D 67 0.78 -26.97 6.04
N PHE D 68 -0.11 -27.77 6.64
CA PHE D 68 -1.51 -27.37 6.84
C PHE D 68 -1.58 -26.12 7.71
N GLY D 69 -0.81 -26.09 8.81
CA GLY D 69 -0.78 -24.90 9.65
C GLY D 69 -0.26 -23.68 8.92
N TYR D 70 0.70 -23.85 8.02
CA TYR D 70 1.23 -22.72 7.29
C TYR D 70 0.26 -22.21 6.22
N THR D 71 -0.42 -23.10 5.51
CA THR D 71 -1.36 -22.63 4.49
C THR D 71 -2.62 -22.05 5.11
N THR D 72 -2.99 -22.51 6.31
CA THR D 72 -4.07 -21.82 7.02
C THR D 72 -3.58 -20.56 7.72
N ALA D 73 -2.26 -20.39 7.86
CA ALA D 73 -1.72 -19.18 8.47
C ALA D 73 -1.58 -18.05 7.46
N MET D 74 -0.75 -18.24 6.44
CA MET D 74 -0.37 -17.17 5.52
C MET D 74 -0.86 -17.38 4.10
N ALA D 75 -0.50 -18.50 3.47
CA ALA D 75 -0.73 -18.70 2.04
C ALA D 75 -2.16 -19.20 1.83
N THR D 76 -3.10 -18.26 1.87
CA THR D 76 -4.51 -18.56 1.66
C THR D 76 -5.13 -17.52 0.74
N GLU D 77 -5.97 -17.99 -0.18
CA GLU D 77 -6.78 -17.12 -1.02
C GLU D 77 -8.21 -17.11 -0.50
N GLN D 78 -8.99 -16.14 -1.01
CA GLN D 78 -10.37 -15.97 -0.54
C GLN D 78 -11.24 -17.16 -0.91
N TYR D 79 -11.11 -17.68 -2.13
CA TYR D 79 -11.88 -18.82 -2.60
C TYR D 79 -10.94 -19.88 -3.15
N PRO D 80 -10.45 -20.78 -2.30
CA PRO D 80 -9.62 -21.89 -2.80
C PRO D 80 -10.40 -22.81 -3.73
N GLU D 81 -9.69 -23.33 -4.72
CA GLU D 81 -10.26 -24.25 -5.70
C GLU D 81 -10.05 -25.69 -5.24
N VAL D 82 -11.09 -26.52 -5.39
CA VAL D 82 -10.99 -27.90 -4.96
C VAL D 82 -10.25 -28.70 -6.02
N TRP D 83 -10.93 -28.97 -7.14
CA TRP D 83 -10.29 -29.41 -8.37
C TRP D 83 -10.91 -28.85 -9.63
N VAL D 84 -12.18 -28.43 -9.59
CA VAL D 84 -12.93 -28.06 -10.78
C VAL D 84 -13.31 -26.58 -10.79
N SER D 85 -12.92 -25.81 -9.77
CA SER D 85 -13.23 -24.39 -9.75
C SER D 85 -12.35 -23.59 -10.71
N ASN D 86 -11.33 -24.20 -11.28
CA ASN D 86 -10.46 -23.56 -12.25
C ASN D 86 -10.27 -24.53 -13.41
N LYS D 87 -9.91 -24.00 -14.58
CA LYS D 87 -9.91 -24.81 -15.79
C LYS D 87 -8.61 -25.61 -15.97
N VAL D 88 -7.45 -25.00 -15.73
CA VAL D 88 -6.20 -25.68 -16.04
C VAL D 88 -5.90 -26.76 -15.01
N VAL D 89 -6.38 -26.60 -13.78
CA VAL D 89 -6.19 -27.62 -12.75
C VAL D 89 -6.87 -28.93 -13.16
N LEU D 90 -8.15 -28.82 -13.53
CA LEU D 90 -8.89 -30.00 -13.99
C LEU D 90 -8.32 -30.53 -15.31
N GLY D 91 -7.87 -29.62 -16.18
CA GLY D 91 -7.28 -30.05 -17.45
C GLY D 91 -6.03 -30.89 -17.26
N THR D 92 -5.11 -30.42 -16.41
CA THR D 92 -3.89 -31.18 -16.20
C THR D 92 -4.12 -32.42 -15.33
N PHE D 93 -5.14 -32.40 -14.46
CA PHE D 93 -5.46 -33.61 -13.70
C PHE D 93 -6.00 -34.70 -14.61
N ILE D 94 -6.95 -34.34 -15.50
CA ILE D 94 -7.48 -35.29 -16.46
C ILE D 94 -6.39 -35.74 -17.43
N THR D 95 -5.49 -34.83 -17.81
CA THR D 95 -4.38 -35.19 -18.70
C THR D 95 -3.47 -36.21 -18.05
N GLY D 96 -3.07 -35.97 -16.79
CA GLY D 96 -2.21 -36.91 -16.10
C GLY D 96 -2.86 -38.27 -15.87
N LEU D 97 -4.15 -38.27 -15.55
CA LEU D 97 -4.87 -39.53 -15.40
C LEU D 97 -4.95 -40.28 -16.73
N LEU D 98 -5.10 -39.54 -17.84
CA LEU D 98 -5.14 -40.18 -19.15
C LEU D 98 -3.79 -40.80 -19.53
N MET D 99 -2.68 -40.11 -19.25
CA MET D 99 -1.39 -40.76 -19.51
C MET D 99 -1.15 -41.93 -18.57
N GLU D 100 -1.63 -41.83 -17.33
CA GLU D 100 -1.50 -42.94 -16.38
C GLU D 100 -2.20 -44.18 -16.89
N PHE D 101 -3.46 -44.03 -17.33
CA PHE D 101 -4.17 -45.15 -17.93
C PHE D 101 -3.57 -45.55 -19.27
N LEU D 102 -2.88 -44.62 -19.95
CA LEU D 102 -2.21 -44.97 -21.19
C LEU D 102 -1.10 -45.98 -20.96
N MET D 103 -0.19 -45.73 -20.01
CA MET D 103 0.79 -46.80 -19.84
C MET D 103 0.24 -47.96 -19.01
N VAL D 104 -0.88 -47.80 -18.30
CA VAL D 104 -1.55 -48.97 -17.71
C VAL D 104 -1.98 -49.93 -18.82
N TYR D 105 -2.66 -49.39 -19.84
CA TYR D 105 -3.07 -50.21 -20.98
C TYR D 105 -1.88 -50.70 -21.78
N TYR D 106 -0.77 -49.95 -21.78
CA TYR D 106 0.43 -50.39 -22.47
C TYR D 106 1.13 -51.53 -21.74
N VAL D 107 1.06 -51.55 -20.40
CA VAL D 107 1.79 -52.57 -19.65
C VAL D 107 0.96 -53.82 -19.40
N LEU D 108 -0.37 -53.72 -19.42
CA LEU D 108 -1.18 -54.92 -19.26
C LEU D 108 -1.42 -55.66 -20.56
N LYS D 109 -0.94 -55.13 -21.69
CA LYS D 109 -1.21 -55.72 -23.00
C LYS D 109 0.00 -56.45 -23.58
N ASP D 110 1.11 -55.74 -23.74
CA ASP D 110 2.32 -56.34 -24.29
C ASP D 110 3.32 -56.78 -23.23
N LYS D 111 3.09 -56.42 -21.97
CA LYS D 111 3.89 -56.78 -20.80
C LYS D 111 5.33 -56.28 -20.87
N GLU D 112 5.64 -55.37 -21.78
CA GLU D 112 6.99 -54.83 -21.90
C GLU D 112 6.88 -53.46 -22.55
N VAL D 113 6.97 -52.41 -21.75
CA VAL D 113 6.98 -51.05 -22.26
C VAL D 113 8.41 -50.56 -22.30
N GLU D 114 8.64 -49.50 -23.09
CA GLU D 114 9.99 -48.93 -23.25
C GLU D 114 9.89 -47.42 -23.07
N ILE D 115 10.04 -46.97 -21.83
CA ILE D 115 10.05 -45.54 -21.50
C ILE D 115 11.38 -45.28 -20.84
N VAL D 116 12.27 -44.57 -21.55
CA VAL D 116 13.71 -44.59 -21.30
C VAL D 116 14.12 -46.06 -21.27
N PHE D 117 14.26 -46.61 -20.07
CA PHE D 117 14.56 -48.03 -19.91
C PHE D 117 13.35 -48.90 -20.25
N LYS D 118 13.59 -50.21 -20.34
CA LYS D 118 12.53 -51.17 -20.57
C LYS D 118 11.93 -51.64 -19.25
N PHE D 119 10.64 -51.94 -19.27
CA PHE D 119 9.90 -52.30 -18.07
C PHE D 119 8.99 -53.48 -18.36
N ASN D 120 8.90 -54.40 -17.40
CA ASN D 120 8.09 -55.61 -17.53
C ASN D 120 6.75 -55.43 -16.83
N GLY D 121 5.81 -56.33 -17.15
CA GLY D 121 4.47 -56.28 -16.63
C GLY D 121 4.16 -57.24 -15.49
N MET D 122 5.11 -58.08 -15.08
CA MET D 122 4.90 -58.97 -13.95
C MET D 122 5.11 -58.21 -12.64
N GLY D 123 4.52 -58.76 -11.58
CA GLY D 123 4.71 -58.20 -10.26
C GLY D 123 6.13 -58.38 -9.75
N ASP D 124 6.52 -57.54 -8.79
CA ASP D 124 7.87 -57.58 -8.27
C ASP D 124 8.12 -58.75 -7.34
N TRP D 125 7.08 -59.49 -6.95
CA TRP D 125 7.21 -60.63 -6.05
C TRP D 125 8.10 -61.73 -6.63
N VAL D 126 8.28 -61.77 -7.95
CA VAL D 126 9.15 -62.78 -8.55
C VAL D 126 10.60 -62.55 -8.14
N ILE D 127 11.01 -61.31 -7.87
CA ILE D 127 12.39 -61.09 -7.49
C ILE D 127 12.62 -61.30 -6.00
N TYR D 128 11.56 -61.37 -5.21
CA TYR D 128 11.74 -61.51 -3.77
C TYR D 128 12.28 -62.90 -3.43
N ASP D 129 12.95 -62.97 -2.29
CA ASP D 129 13.85 -64.07 -1.98
C ASP D 129 13.08 -65.35 -1.65
N THR D 130 13.82 -66.47 -1.69
CA THR D 130 13.32 -67.76 -1.23
C THR D 130 14.01 -68.22 0.04
N GLY D 131 14.93 -67.43 0.59
CA GLY D 131 15.65 -67.79 1.78
C GLY D 131 15.11 -67.10 3.02
N ASP D 132 15.44 -67.67 4.18
CA ASP D 132 14.93 -67.20 5.46
C ASP D 132 16.08 -66.63 6.28
N SER D 133 15.84 -65.47 6.90
CA SER D 133 16.86 -64.74 7.64
C SER D 133 16.86 -65.05 9.12
N GLY D 134 16.39 -66.23 9.52
CA GLY D 134 16.55 -66.66 10.91
C GLY D 134 15.64 -65.93 11.87
N PHE D 135 16.18 -65.63 13.06
CA PHE D 135 15.44 -65.01 14.15
C PHE D 135 15.49 -63.50 14.12
N PHE D 136 15.65 -62.88 12.95
CA PHE D 136 15.88 -61.44 12.93
C PHE D 136 15.47 -60.87 11.57
N SER D 137 15.33 -59.55 11.55
CA SER D 137 15.10 -58.79 10.33
C SER D 137 16.35 -57.97 10.01
N GLU D 138 16.71 -57.94 8.72
CA GLU D 138 17.99 -57.39 8.31
C GLU D 138 18.01 -55.86 8.38
N GLU D 139 16.88 -55.23 8.05
CA GLU D 139 16.81 -53.78 8.12
C GLU D 139 16.95 -53.27 9.55
N ALA D 140 16.53 -54.08 10.52
CA ALA D 140 16.69 -53.72 11.93
C ALA D 140 18.16 -53.58 12.30
N MET D 141 18.99 -54.54 11.87
CA MET D 141 20.42 -54.36 12.09
C MET D 141 21.03 -53.30 11.19
N GLY D 142 20.40 -52.97 10.06
CA GLY D 142 20.85 -51.79 9.34
C GLY D 142 20.73 -50.53 10.19
N ILE D 143 19.53 -50.28 10.72
CA ILE D 143 19.33 -49.09 11.54
C ILE D 143 19.90 -49.23 12.94
N ALA D 144 20.36 -50.43 13.31
CA ALA D 144 21.10 -50.60 14.56
C ALA D 144 22.59 -50.32 14.38
N ALA D 145 23.19 -50.78 13.27
CA ALA D 145 24.55 -50.42 12.92
C ALA D 145 24.67 -48.98 12.45
N LEU D 146 23.54 -48.30 12.25
CA LEU D 146 23.49 -46.85 12.10
C LEU D 146 24.29 -46.13 13.19
N TYR D 147 24.24 -46.62 14.42
CA TYR D 147 24.96 -45.99 15.53
C TYR D 147 26.38 -46.50 15.68
N SER D 148 26.66 -47.76 15.34
CA SER D 148 27.98 -48.32 15.52
C SER D 148 28.85 -48.14 14.27
N TYR D 149 28.39 -48.66 13.14
CA TYR D 149 29.14 -48.50 11.89
C TYR D 149 29.02 -47.07 11.37
N GLY D 150 27.84 -46.47 11.51
CA GLY D 150 27.58 -45.13 10.98
C GLY D 150 28.05 -44.01 11.86
N THR D 151 29.36 -43.74 11.87
CA THR D 151 29.89 -42.65 12.69
C THR D 151 29.81 -41.31 11.97
N TRP D 152 30.46 -41.22 10.80
CA TRP D 152 30.52 -39.96 10.07
C TRP D 152 29.14 -39.53 9.60
N LEU D 153 28.30 -40.49 9.20
CA LEU D 153 26.96 -40.17 8.72
C LEU D 153 26.10 -39.57 9.81
N VAL D 154 26.11 -40.17 11.01
CA VAL D 154 25.31 -39.66 12.12
C VAL D 154 25.85 -38.31 12.58
N ILE D 155 27.19 -38.15 12.57
CA ILE D 155 27.78 -36.87 12.97
C ILE D 155 27.35 -35.75 12.03
N VAL D 156 27.43 -35.99 10.71
CA VAL D 156 27.08 -34.92 9.78
C VAL D 156 25.57 -34.71 9.75
N THR D 157 24.76 -35.75 9.99
CA THR D 157 23.31 -35.56 10.04
C THR D 157 22.90 -34.72 11.24
N GLY D 158 23.47 -35.01 12.42
CA GLY D 158 23.17 -34.21 13.59
C GLY D 158 23.66 -32.79 13.47
N TRP D 159 24.85 -32.59 12.89
CA TRP D 159 25.35 -31.25 12.68
C TRP D 159 24.50 -30.48 11.67
N SER D 160 24.01 -31.16 10.64
CA SER D 160 23.18 -30.50 9.65
C SER D 160 21.82 -30.12 10.24
N LEU D 161 21.27 -30.96 11.11
CA LEU D 161 20.00 -30.61 11.75
C LEU D 161 20.16 -29.47 12.75
N LEU D 162 21.28 -29.45 13.49
CA LEU D 162 21.59 -28.31 14.36
C LEU D 162 21.78 -27.03 13.56
N ILE D 163 22.46 -27.13 12.42
CA ILE D 163 22.66 -25.97 11.55
C ILE D 163 21.33 -25.53 10.95
N GLY D 164 20.43 -26.48 10.66
CA GLY D 164 19.10 -26.12 10.21
C GLY D 164 18.32 -25.34 11.26
N VAL D 165 18.45 -25.74 12.53
CA VAL D 165 17.81 -25.02 13.62
C VAL D 165 18.35 -23.59 13.71
N VAL D 166 19.68 -23.44 13.68
CA VAL D 166 20.27 -22.11 13.84
C VAL D 166 19.99 -21.23 12.62
N VAL D 167 19.91 -21.84 11.43
CA VAL D 167 19.63 -21.09 10.21
C VAL D 167 18.19 -20.60 10.20
N ILE D 168 17.26 -21.48 10.58
CA ILE D 168 15.85 -21.11 10.62
C ILE D 168 15.60 -20.06 11.68
N MET D 169 16.32 -20.12 12.81
CA MET D 169 16.29 -19.02 13.77
C MET D 169 16.83 -17.72 13.18
N GLU D 170 17.93 -17.79 12.42
CA GLU D 170 18.55 -16.57 11.93
C GLU D 170 17.75 -15.91 10.81
N ILE D 171 17.04 -16.70 10.00
CA ILE D 171 16.38 -16.16 8.81
C ILE D 171 15.22 -15.23 9.19
N THR D 172 14.34 -15.69 10.07
CA THR D 172 13.14 -14.92 10.40
C THR D 172 13.36 -14.02 11.62
N ARG D 173 14.43 -13.23 11.57
CA ARG D 173 14.70 -12.25 12.62
C ARG D 173 14.17 -10.87 12.24
N GLY D 174 14.46 -10.42 11.02
CA GLY D 174 13.97 -9.14 10.55
C GLY D 174 14.98 -8.03 10.69
N ASN D 175 15.70 -8.01 11.81
CA ASN D 175 16.71 -6.99 12.05
C ASN D 175 18.02 -7.61 12.49
N FME E 1 13.47 -53.77 -16.22
CN FME E 1 13.32 -54.77 -17.15
O1 FME E 1 13.26 -55.98 -16.89
CA FME E 1 13.60 -54.02 -14.81
CB FME E 1 13.88 -52.75 -13.99
CG FME E 1 13.71 -51.53 -14.84
SD FME E 1 14.10 -50.15 -13.81
CE FME E 1 15.33 -49.35 -14.78
C FME E 1 12.36 -54.67 -14.22
O FME E 1 12.26 -55.87 -14.03
N SER E 2 11.36 -53.84 -13.93
CA SER E 2 10.12 -54.34 -13.37
C SER E 2 8.92 -53.50 -13.76
N LEU E 3 7.95 -53.40 -12.86
CA LEU E 3 6.71 -52.67 -13.08
C LEU E 3 6.52 -51.54 -12.06
N VAL E 4 6.70 -51.85 -10.78
CA VAL E 4 6.57 -50.85 -9.74
C VAL E 4 7.69 -49.82 -9.85
N TYR E 5 8.86 -50.22 -10.36
CA TYR E 5 9.93 -49.27 -10.65
C TYR E 5 9.48 -48.25 -11.69
N MET E 6 8.80 -48.73 -12.74
CA MET E 6 8.26 -47.85 -13.78
C MET E 6 7.22 -46.89 -13.20
N ASN E 7 6.33 -47.41 -12.36
CA ASN E 7 5.31 -46.56 -11.75
C ASN E 7 5.92 -45.47 -10.88
N ILE E 8 6.95 -45.83 -10.09
CA ILE E 8 7.53 -44.87 -9.17
C ILE E 8 8.32 -43.80 -9.94
N MET E 9 9.09 -44.20 -10.96
CA MET E 9 9.83 -43.20 -11.72
C MET E 9 8.91 -42.33 -12.56
N MET E 10 7.79 -42.88 -13.05
CA MET E 10 6.81 -42.06 -13.74
C MET E 10 6.14 -41.08 -12.79
N ALA E 11 5.90 -41.49 -11.54
CA ALA E 11 5.41 -40.56 -10.54
C ALA E 11 6.41 -39.45 -10.28
N PHE E 12 7.71 -39.79 -10.26
CA PHE E 12 8.74 -38.77 -10.07
C PHE E 12 8.73 -37.74 -11.19
N THR E 13 8.68 -38.20 -12.45
CA THR E 13 8.72 -37.22 -13.54
C THR E 13 7.39 -36.48 -13.68
N VAL E 14 6.28 -37.09 -13.25
CA VAL E 14 5.00 -36.38 -13.22
C VAL E 14 5.07 -35.24 -12.20
N SER E 15 5.62 -35.52 -11.02
CA SER E 15 5.79 -34.46 -10.03
C SER E 15 6.82 -33.44 -10.46
N LEU E 16 7.81 -33.85 -11.25
CA LEU E 16 8.78 -32.91 -11.81
C LEU E 16 8.12 -31.95 -12.79
N THR E 17 7.28 -32.46 -13.69
CA THR E 17 6.53 -31.59 -14.58
C THR E 17 5.54 -30.72 -13.81
N GLY E 18 5.06 -31.20 -12.67
CA GLY E 18 4.26 -30.37 -11.80
C GLY E 18 5.04 -29.21 -11.20
N LEU E 19 6.28 -29.49 -10.77
CA LEU E 19 7.10 -28.42 -10.21
C LEU E 19 7.60 -27.46 -11.29
N LEU E 20 8.04 -28.00 -12.42
CA LEU E 20 8.67 -27.19 -13.45
C LEU E 20 7.68 -26.31 -14.21
N MET E 21 6.38 -26.53 -14.04
CA MET E 21 5.34 -25.66 -14.58
C MET E 21 4.55 -25.11 -13.38
N TYR E 22 4.81 -23.85 -13.04
CA TYR E 22 4.21 -23.27 -11.85
C TYR E 22 2.75 -22.93 -12.07
N ARG E 23 2.03 -22.72 -10.97
CA ARG E 23 0.64 -22.29 -11.00
C ARG E 23 0.41 -21.22 -9.95
N SER E 24 1.32 -20.25 -9.90
CA SER E 24 1.18 -19.00 -9.15
C SER E 24 1.09 -19.20 -7.64
N HIS E 25 1.80 -20.20 -7.11
CA HIS E 25 1.85 -20.40 -5.67
C HIS E 25 3.13 -21.13 -5.30
N LEU E 26 3.86 -20.60 -4.31
CA LEU E 26 5.15 -21.15 -3.95
C LEU E 26 5.02 -22.46 -3.18
N MET E 27 4.08 -22.52 -2.23
CA MET E 27 3.99 -23.67 -1.33
C MET E 27 3.46 -24.90 -2.06
N SER E 28 2.65 -24.71 -3.10
CA SER E 28 2.27 -25.83 -3.96
C SER E 28 3.48 -26.42 -4.66
N SER E 29 4.41 -25.57 -5.12
CA SER E 29 5.66 -26.05 -5.68
C SER E 29 6.51 -26.76 -4.63
N LEU E 30 6.46 -26.29 -3.38
CA LEU E 30 7.16 -27.01 -2.29
C LEU E 30 6.56 -28.39 -2.08
N LEU E 31 5.22 -28.49 -2.16
CA LEU E 31 4.56 -29.80 -2.06
C LEU E 31 4.97 -30.71 -3.21
N CYS E 32 5.09 -30.17 -4.42
CA CYS E 32 5.56 -30.99 -5.54
C CYS E 32 7.00 -31.42 -5.35
N LEU E 33 7.83 -30.56 -4.76
CA LEU E 33 9.22 -30.93 -4.45
C LEU E 33 9.26 -32.08 -3.45
N GLU E 34 8.43 -32.01 -2.41
CA GLU E 34 8.37 -33.10 -1.44
C GLU E 34 7.78 -34.36 -2.05
N GLY E 35 6.91 -34.23 -3.07
CA GLY E 35 6.45 -35.39 -3.80
C GLY E 35 7.56 -36.06 -4.61
N MET E 36 8.39 -35.25 -5.28
CA MET E 36 9.56 -35.79 -5.99
C MET E 36 10.47 -36.53 -5.03
N MET E 37 10.67 -35.98 -3.83
CA MET E 37 11.46 -36.67 -2.83
C MET E 37 10.76 -37.94 -2.33
N LEU E 38 9.42 -37.94 -2.26
CA LEU E 38 8.71 -39.16 -1.89
C LEU E 38 8.94 -40.26 -2.89
N SER E 39 8.90 -39.93 -4.18
CA SER E 39 9.21 -40.92 -5.21
C SER E 39 10.64 -41.41 -5.10
N LEU E 40 11.58 -40.49 -4.82
CA LEU E 40 12.98 -40.87 -4.63
C LEU E 40 13.16 -41.83 -3.46
N PHE E 41 12.53 -41.52 -2.33
CA PHE E 41 12.61 -42.36 -1.14
C PHE E 41 12.01 -43.73 -1.39
N ILE E 42 10.84 -43.77 -2.05
CA ILE E 42 10.16 -45.03 -2.29
C ILE E 42 10.99 -45.90 -3.22
N LEU E 43 11.56 -45.29 -4.26
CA LEU E 43 12.41 -46.02 -5.20
C LEU E 43 13.66 -46.58 -4.52
N ALA E 44 14.32 -45.76 -3.69
CA ALA E 44 15.53 -46.21 -3.01
C ALA E 44 15.24 -47.34 -2.03
N THR E 45 14.17 -47.21 -1.24
CA THR E 45 13.81 -48.25 -0.28
C THR E 45 13.45 -49.56 -0.97
N LEU E 46 12.69 -49.47 -2.07
CA LEU E 46 12.31 -50.67 -2.81
C LEU E 46 13.53 -51.33 -3.46
N MET E 47 14.46 -50.52 -3.98
CA MET E 47 15.67 -51.04 -4.59
C MET E 47 16.52 -51.79 -3.57
N ILE E 48 16.67 -51.22 -2.37
CA ILE E 48 17.42 -51.87 -1.30
C ILE E 48 16.72 -53.16 -0.86
N LEU E 49 15.41 -53.09 -0.66
CA LEU E 49 14.68 -54.24 -0.15
C LEU E 49 14.63 -55.38 -1.15
N ASN E 50 14.71 -55.07 -2.44
CA ASN E 50 14.86 -56.12 -3.43
C ASN E 50 16.27 -56.70 -3.42
N SER E 51 17.29 -55.86 -3.24
CA SER E 51 18.66 -56.33 -3.38
C SER E 51 19.28 -56.82 -2.08
N HIS E 52 18.54 -56.85 -0.97
CA HIS E 52 18.99 -57.35 0.33
C HIS E 52 20.21 -56.60 0.88
N PHE E 53 20.41 -55.35 0.46
CA PHE E 53 21.53 -54.54 0.94
C PHE E 53 21.14 -54.01 2.31
N THR E 54 21.58 -54.71 3.36
CA THR E 54 21.18 -54.36 4.72
C THR E 54 21.85 -53.07 5.19
N LEU E 55 23.18 -52.99 5.03
CA LEU E 55 23.96 -51.90 5.61
C LEU E 55 23.68 -50.55 4.95
N ALA E 56 23.09 -50.54 3.76
CA ALA E 56 22.72 -49.28 3.13
C ALA E 56 21.34 -48.81 3.56
N SER E 57 20.67 -49.55 4.46
CA SER E 57 19.32 -49.19 4.89
C SER E 57 19.27 -47.86 5.64
N MET E 58 20.41 -47.34 6.10
CA MET E 58 20.43 -46.01 6.69
C MET E 58 20.16 -44.94 5.64
N MET E 59 20.55 -45.17 4.38
CA MET E 59 20.52 -44.10 3.39
C MET E 59 19.14 -43.56 3.08
N PRO E 60 18.04 -44.39 2.92
CA PRO E 60 16.72 -43.79 2.61
C PRO E 60 16.24 -42.80 3.66
N ILE E 61 16.13 -43.27 4.91
CA ILE E 61 15.58 -42.44 5.99
C ILE E 61 16.40 -41.18 6.18
N ILE E 62 17.74 -41.31 6.15
CA ILE E 62 18.62 -40.15 6.25
C ILE E 62 18.37 -39.19 5.10
N LEU E 63 18.21 -39.73 3.88
CA LEU E 63 17.79 -38.93 2.74
C LEU E 63 16.51 -38.19 3.06
N LEU E 64 15.51 -38.94 3.54
CA LEU E 64 14.25 -38.36 4.01
C LEU E 64 14.50 -37.27 5.03
N VAL E 65 15.39 -37.55 5.99
CA VAL E 65 15.70 -36.60 7.06
C VAL E 65 16.20 -35.29 6.47
N PHE E 66 17.16 -35.40 5.54
CA PHE E 66 17.79 -34.20 5.02
C PHE E 66 16.81 -33.39 4.20
N ALA E 67 15.83 -34.06 3.59
CA ALA E 67 14.82 -33.35 2.82
C ALA E 67 14.00 -32.45 3.72
N ALA E 68 13.61 -32.95 4.89
CA ALA E 68 12.90 -32.11 5.82
C ALA E 68 13.78 -30.97 6.29
N CYS E 69 15.09 -31.23 6.40
CA CYS E 69 16.03 -30.20 6.81
C CYS E 69 16.15 -29.08 5.78
N GLU E 70 15.71 -29.32 4.54
CA GLU E 70 15.56 -28.20 3.62
C GLU E 70 14.12 -27.76 3.43
N ALA E 71 13.16 -28.67 3.64
CA ALA E 71 11.77 -28.35 3.33
C ALA E 71 11.23 -27.27 4.25
N ALA E 72 11.52 -27.39 5.55
CA ALA E 72 11.19 -26.33 6.50
C ALA E 72 11.85 -25.02 6.11
N LEU E 73 13.07 -25.09 5.56
CA LEU E 73 13.74 -23.90 5.05
C LEU E 73 12.90 -23.23 3.98
N GLY E 74 12.31 -24.02 3.09
CA GLY E 74 11.38 -23.47 2.11
C GLY E 74 10.20 -22.80 2.77
N LEU E 75 9.67 -23.42 3.84
CA LEU E 75 8.63 -22.77 4.63
C LEU E 75 9.18 -21.52 5.29
N SER E 76 10.43 -21.58 5.78
CA SER E 76 11.06 -20.39 6.32
C SER E 76 11.34 -19.36 5.24
N LEU E 77 11.34 -19.77 3.97
CA LEU E 77 11.46 -18.84 2.86
C LEU E 77 10.11 -18.40 2.32
N LEU E 78 9.02 -18.75 3.00
CA LEU E 78 7.68 -18.35 2.58
C LEU E 78 7.20 -17.12 3.36
N VAL E 79 7.20 -17.22 4.69
CA VAL E 79 6.61 -16.16 5.53
C VAL E 79 7.37 -14.85 5.38
N MET E 80 8.67 -14.91 5.07
CA MET E 80 9.42 -13.69 4.79
C MET E 80 8.84 -12.96 3.59
N VAL E 81 8.48 -13.70 2.54
CA VAL E 81 7.70 -13.12 1.44
C VAL E 81 6.38 -12.59 1.97
N SER E 82 5.72 -13.36 2.83
CA SER E 82 4.49 -12.90 3.48
C SER E 82 4.76 -11.76 4.46
N ASN E 83 6.01 -11.55 4.86
CA ASN E 83 6.35 -10.39 5.67
C ASN E 83 6.64 -9.16 4.83
N THR E 84 6.71 -9.30 3.50
CA THR E 84 6.87 -8.17 2.61
C THR E 84 5.67 -8.01 1.68
N TYR E 85 5.27 -9.06 0.98
CA TYR E 85 4.07 -9.04 0.19
C TYR E 85 2.89 -9.53 1.02
N GLY E 86 1.68 -9.15 0.59
CA GLY E 86 0.48 -9.65 1.24
C GLY E 86 0.28 -11.13 1.03
N THR E 87 0.53 -11.62 -0.19
CA THR E 87 0.37 -13.01 -0.54
C THR E 87 1.72 -13.58 -0.99
N ASP E 88 1.68 -14.80 -1.51
CA ASP E 88 2.89 -15.51 -1.94
C ASP E 88 2.74 -15.99 -3.38
N TYR E 89 2.29 -15.09 -4.25
CA TYR E 89 2.19 -15.39 -5.68
C TYR E 89 3.53 -15.15 -6.37
N VAL E 90 3.90 -16.06 -7.27
CA VAL E 90 5.20 -15.94 -7.92
C VAL E 90 5.22 -14.88 -9.01
N GLN E 91 4.06 -14.51 -9.57
CA GLN E 91 4.03 -13.43 -10.55
C GLN E 91 4.25 -12.08 -9.89
N ASN E 92 4.01 -11.97 -8.59
CA ASN E 92 4.42 -10.79 -7.85
C ASN E 92 5.91 -10.79 -7.55
N LEU E 93 6.57 -11.94 -7.65
CA LEU E 93 8.00 -12.06 -7.40
C LEU E 93 8.76 -11.81 -8.70
N ASN E 94 8.77 -10.54 -9.12
CA ASN E 94 9.56 -10.12 -10.27
C ASN E 94 10.29 -8.81 -10.03
N LEU E 95 10.64 -8.51 -8.78
CA LEU E 95 11.36 -7.28 -8.48
C LEU E 95 12.78 -7.31 -9.03
N LEU E 96 13.40 -8.48 -9.09
CA LEU E 96 14.79 -8.61 -9.54
C LEU E 96 14.79 -8.76 -11.05
N GLN E 97 14.67 -7.62 -11.74
CA GLN E 97 14.79 -7.60 -13.20
C GLN E 97 15.61 -6.43 -13.73
N CYS E 98 15.94 -5.44 -12.91
CA CYS E 98 16.69 -4.27 -13.36
C CYS E 98 18.19 -4.48 -13.20
N FME F 1 96.21 11.81 -70.69
CN FME F 1 95.30 12.25 -71.62
O1 FME F 1 94.35 11.57 -72.04
CA FME F 1 96.13 10.49 -70.11
CB FME F 1 97.42 9.67 -70.31
CG FME F 1 97.84 9.65 -71.75
SD FME F 1 96.49 9.02 -72.69
CE FME F 1 97.22 8.73 -74.26
C FME F 1 95.86 10.53 -68.61
O FME F 1 95.23 9.66 -68.01
N ASN F 2 96.35 11.59 -67.99
CA ASN F 2 96.17 11.79 -66.55
C ASN F 2 95.73 13.21 -66.24
N LEU F 3 96.02 14.13 -67.17
CA LEU F 3 95.49 15.49 -67.05
C LEU F 3 93.98 15.51 -67.30
N PHE F 4 93.50 14.61 -68.15
CA PHE F 4 92.10 14.48 -68.56
C PHE F 4 91.16 14.30 -67.38
N SER F 5 91.30 13.16 -66.70
CA SER F 5 90.38 12.81 -65.60
C SER F 5 90.51 13.78 -64.45
N SER F 6 91.74 14.18 -64.13
CA SER F 6 91.99 15.09 -63.02
C SER F 6 91.32 16.44 -63.27
N LEU F 7 91.51 17.01 -64.46
CA LEU F 7 90.93 18.31 -64.75
C LEU F 7 89.41 18.25 -64.85
N THR F 8 88.85 17.15 -65.38
CA THR F 8 87.39 17.06 -65.47
C THR F 8 86.75 16.94 -64.09
N LEU F 9 87.32 16.09 -63.22
CA LEU F 9 86.80 15.99 -61.87
C LEU F 9 87.05 17.27 -61.08
N VAL F 10 88.10 18.03 -61.43
CA VAL F 10 88.30 19.34 -60.84
C VAL F 10 87.21 20.30 -61.27
N THR F 11 86.78 20.23 -62.53
CA THR F 11 85.66 21.04 -63.01
C THR F 11 84.41 20.74 -62.19
N LEU F 12 84.12 19.45 -61.99
CA LEU F 12 82.93 19.07 -61.23
C LEU F 12 83.01 19.50 -59.77
N ILE F 13 84.15 19.24 -59.10
CA ILE F 13 84.25 19.57 -57.69
C ILE F 13 84.34 21.09 -57.49
N LEU F 14 84.92 21.83 -58.44
CA LEU F 14 84.94 23.28 -58.36
C LEU F 14 83.55 23.85 -58.53
N LEU F 15 82.72 23.23 -59.37
CA LEU F 15 81.32 23.62 -59.44
C LEU F 15 80.60 23.35 -58.14
N THR F 16 80.93 22.24 -57.46
CA THR F 16 80.19 21.91 -56.24
C THR F 16 80.72 22.60 -54.98
N MET F 17 81.89 23.25 -55.03
CA MET F 17 82.39 23.97 -53.85
C MET F 17 81.50 25.12 -53.35
N PRO F 18 80.98 26.05 -54.17
CA PRO F 18 80.23 27.18 -53.59
C PRO F 18 78.95 26.80 -52.87
N ILE F 19 78.34 25.66 -53.18
CA ILE F 19 77.19 25.20 -52.42
C ILE F 19 77.59 24.88 -50.98
N ALA F 20 78.72 24.20 -50.80
CA ALA F 20 79.24 23.96 -49.46
C ALA F 20 79.74 25.25 -48.82
N ALA F 21 80.16 26.22 -49.63
CA ALA F 21 80.57 27.51 -49.08
C ALA F 21 79.39 28.28 -48.51
N ILE F 22 78.26 28.28 -49.20
CA ILE F 22 77.08 29.00 -48.71
C ILE F 22 76.34 28.20 -47.64
N ASN F 23 76.52 26.88 -47.58
CA ASN F 23 75.84 26.09 -46.56
C ASN F 23 76.48 26.22 -45.18
N PHE F 24 77.73 26.68 -45.12
CA PHE F 24 78.46 26.79 -43.85
C PHE F 24 78.83 28.23 -43.56
N ASN F 25 77.89 29.16 -43.77
CA ASN F 25 78.13 30.57 -43.53
C ASN F 25 77.61 30.97 -42.15
N THR F 26 78.35 31.84 -41.48
CA THR F 26 77.93 32.43 -40.22
C THR F 26 77.56 33.90 -40.36
N HIS F 27 77.78 34.50 -41.53
CA HIS F 27 77.55 35.91 -41.76
C HIS F 27 76.86 36.10 -43.10
N LYS F 28 76.44 37.33 -43.38
CA LYS F 28 75.94 37.67 -44.69
C LYS F 28 77.11 37.69 -45.68
N PHE F 29 76.96 37.00 -46.80
CA PHE F 29 78.06 36.85 -47.74
C PHE F 29 78.22 38.10 -48.58
N THR F 30 79.46 38.55 -48.73
CA THR F 30 79.78 39.74 -49.52
C THR F 30 79.96 39.32 -50.97
N ASN F 31 78.98 39.67 -51.81
CA ASN F 31 78.98 39.42 -53.25
C ASN F 31 79.12 37.91 -53.55
N TYR F 32 78.15 37.16 -53.04
CA TYR F 32 78.03 35.75 -53.43
C TYR F 32 77.81 35.52 -54.93
N PRO F 33 77.01 36.32 -55.66
CA PRO F 33 76.97 36.12 -57.13
C PRO F 33 78.31 36.31 -57.82
N LEU F 34 79.17 37.21 -57.33
CA LEU F 34 80.51 37.34 -57.89
C LEU F 34 81.33 36.08 -57.64
N TYR F 35 81.18 35.49 -56.46
CA TYR F 35 81.81 34.22 -56.13
C TYR F 35 81.38 33.13 -57.12
N VAL F 36 80.06 33.01 -57.34
CA VAL F 36 79.56 31.97 -58.24
C VAL F 36 80.00 32.22 -59.67
N LYS F 37 80.00 33.48 -60.11
CA LYS F 37 80.38 33.81 -61.48
C LYS F 37 81.86 33.54 -61.73
N THR F 38 82.73 33.94 -60.80
CA THR F 38 84.16 33.68 -60.95
C THR F 38 84.46 32.18 -60.91
N THR F 39 83.78 31.45 -60.02
CA THR F 39 83.94 30.00 -59.95
C THR F 39 83.52 29.34 -61.26
N ILE F 40 82.40 29.78 -61.84
CA ILE F 40 81.95 29.14 -63.07
C ILE F 40 82.81 29.55 -64.26
N SER F 41 83.44 30.73 -64.22
CA SER F 41 84.37 31.10 -65.29
C SER F 41 85.61 30.21 -65.25
N CYS F 42 86.16 30.00 -64.06
CA CYS F 42 87.31 29.11 -63.93
C CYS F 42 86.94 27.67 -64.27
N ALA F 43 85.72 27.26 -63.92
CA ALA F 43 85.24 25.93 -64.29
C ALA F 43 85.07 25.78 -65.80
N PHE F 44 84.63 26.86 -66.47
CA PHE F 44 84.52 26.83 -67.92
C PHE F 44 85.88 26.67 -68.58
N ILE F 45 86.89 27.37 -68.07
CA ILE F 45 88.25 27.21 -68.63
C ILE F 45 88.77 25.80 -68.36
N THR F 46 88.58 25.31 -67.14
CA THR F 46 89.08 23.99 -66.76
C THR F 46 88.39 22.87 -67.53
N SER F 47 87.14 23.07 -67.92
CA SER F 47 86.46 22.11 -68.78
C SER F 47 86.73 22.33 -70.26
N MET F 48 87.18 23.53 -70.64
CA MET F 48 87.54 23.78 -72.02
C MET F 48 88.88 23.15 -72.39
N ILE F 49 89.76 22.95 -71.40
CA ILE F 49 91.04 22.28 -71.67
C ILE F 49 90.90 20.86 -72.22
N PRO F 50 90.12 19.95 -71.62
CA PRO F 50 89.98 18.61 -72.24
C PRO F 50 89.23 18.62 -73.54
N THR F 51 88.45 19.66 -73.84
CA THR F 51 87.85 19.78 -75.17
C THR F 51 88.92 19.94 -76.23
N MET F 52 89.91 20.80 -75.96
CA MET F 52 91.04 20.95 -76.87
C MET F 52 91.83 19.66 -76.98
N MET F 53 92.04 18.97 -75.84
CA MET F 53 92.76 17.71 -75.86
C MET F 53 92.06 16.66 -76.73
N PHE F 54 90.73 16.54 -76.57
CA PHE F 54 90.00 15.51 -77.31
C PHE F 54 89.91 15.85 -78.79
N ILE F 55 89.67 17.12 -79.13
CA ILE F 55 89.61 17.45 -80.55
C ILE F 55 91.00 17.39 -81.19
N HIS F 56 92.07 17.46 -80.40
CA HIS F 56 93.38 17.14 -80.95
C HIS F 56 93.57 15.64 -81.16
N THR F 57 93.15 14.82 -80.19
CA THR F 57 93.45 13.39 -80.21
C THR F 57 92.25 12.53 -80.57
N GLY F 58 91.15 12.64 -79.82
CA GLY F 58 90.03 11.74 -80.02
C GLY F 58 89.88 10.69 -78.94
N GLN F 59 90.05 11.10 -77.68
CA GLN F 59 90.01 10.19 -76.55
C GLN F 59 88.64 10.19 -75.89
N GLU F 60 88.17 9.00 -75.52
CA GLU F 60 86.92 8.82 -74.77
C GLU F 60 87.23 8.03 -73.51
N MET F 61 86.57 8.39 -72.40
CA MET F 61 86.90 7.80 -71.11
C MET F 61 85.66 7.38 -70.32
N ILE F 62 85.87 6.37 -69.48
CA ILE F 62 84.92 5.94 -68.46
C ILE F 62 85.66 5.97 -67.13
N ILE F 63 85.11 6.70 -66.16
CA ILE F 63 85.72 6.85 -64.85
C ILE F 63 84.74 6.28 -63.84
N SER F 64 84.89 5.00 -63.50
CA SER F 64 84.10 4.38 -62.44
C SER F 64 84.90 4.51 -61.16
N ASN F 65 84.74 5.65 -60.48
CA ASN F 65 85.68 6.06 -59.45
C ASN F 65 85.26 5.70 -58.03
N TRP F 66 83.97 5.52 -57.77
CA TRP F 66 83.49 5.17 -56.44
C TRP F 66 82.48 4.05 -56.54
N HIS F 67 82.78 2.93 -55.90
CA HIS F 67 81.83 1.84 -55.79
C HIS F 67 80.68 2.24 -54.87
N TRP F 68 79.47 1.80 -55.22
CA TRP F 68 78.31 2.07 -54.38
C TRP F 68 77.74 0.80 -53.77
N LEU F 69 77.32 -0.18 -54.58
CA LEU F 69 76.81 -1.42 -54.00
C LEU F 69 76.83 -2.53 -55.05
N THR F 70 76.74 -3.77 -54.55
CA THR F 70 76.59 -4.97 -55.38
C THR F 70 75.43 -5.77 -54.81
N ILE F 71 74.31 -5.77 -55.51
CA ILE F 71 73.14 -6.54 -55.13
C ILE F 71 72.93 -7.66 -56.16
N GLN F 72 73.03 -8.90 -55.68
CA GLN F 72 72.94 -10.13 -56.47
C GLN F 72 73.99 -10.06 -57.57
N THR F 73 73.61 -10.15 -58.85
CA THR F 73 74.57 -9.98 -59.94
C THR F 73 74.94 -8.51 -60.14
N LEU F 74 73.96 -7.62 -60.00
CA LEU F 74 74.11 -6.24 -60.42
C LEU F 74 75.09 -5.48 -59.53
N LYS F 75 75.89 -4.63 -60.16
CA LYS F 75 76.83 -3.76 -59.47
C LYS F 75 76.60 -2.33 -59.93
N LEU F 76 76.41 -1.42 -58.97
CA LEU F 76 76.26 -0.01 -59.27
C LEU F 76 77.39 0.76 -58.60
N SER F 77 78.02 1.65 -59.37
CA SER F 77 79.15 2.44 -58.92
C SER F 77 79.08 3.83 -59.55
N LEU F 78 79.74 4.78 -58.90
CA LEU F 78 79.76 6.16 -59.38
C LEU F 78 80.66 6.24 -60.60
N SER F 79 80.06 6.20 -61.78
CA SER F 79 80.80 6.15 -63.05
C SER F 79 80.39 7.33 -63.92
N PHE F 80 81.39 8.02 -64.46
CA PHE F 80 81.21 9.12 -65.39
C PHE F 80 81.63 8.68 -66.78
N LYS F 81 80.72 8.85 -67.75
CA LYS F 81 80.97 8.49 -69.14
C LYS F 81 81.22 9.78 -69.92
N MET F 82 82.47 10.01 -70.32
CA MET F 82 82.81 11.23 -71.03
C MET F 82 83.31 10.88 -72.42
N ASP F 83 82.47 11.14 -73.40
CA ASP F 83 82.68 10.89 -74.82
C ASP F 83 82.67 12.23 -75.54
N PHE F 84 82.56 12.18 -76.87
CA PHE F 84 82.33 13.38 -77.66
C PHE F 84 81.10 14.15 -77.18
N PHE F 85 80.00 13.42 -76.92
CA PHE F 85 78.71 13.99 -76.58
C PHE F 85 78.73 14.85 -75.32
N SER F 86 78.96 14.20 -74.17
CA SER F 86 78.82 14.88 -72.88
C SER F 86 79.92 15.93 -72.69
N MET F 87 81.16 15.54 -72.96
CA MET F 87 82.29 16.42 -72.74
C MET F 87 82.39 17.51 -73.79
N MET F 88 81.71 17.38 -74.93
CA MET F 88 81.57 18.50 -75.84
C MET F 88 80.42 19.42 -75.42
N PHE F 89 79.34 18.85 -74.88
CA PHE F 89 78.20 19.66 -74.47
C PHE F 89 78.50 20.49 -73.22
N VAL F 90 79.38 20.00 -72.35
CA VAL F 90 79.62 20.68 -71.06
C VAL F 90 80.16 22.11 -71.21
N PRO F 91 81.19 22.40 -72.03
CA PRO F 91 81.65 23.79 -72.13
C PRO F 91 80.62 24.76 -72.71
N VAL F 92 79.77 24.30 -73.62
CA VAL F 92 78.71 25.16 -74.17
C VAL F 92 77.74 25.56 -73.07
N ALA F 93 77.33 24.59 -72.26
CA ALA F 93 76.45 24.88 -71.13
C ALA F 93 77.13 25.77 -70.11
N LEU F 94 78.44 25.58 -69.90
CA LEU F 94 79.16 26.42 -68.96
C LEU F 94 79.25 27.87 -69.44
N PHE F 95 79.47 28.08 -70.74
CA PHE F 95 79.49 29.43 -71.30
C PHE F 95 78.12 30.10 -71.19
N VAL F 96 77.07 29.38 -71.58
CA VAL F 96 75.71 29.91 -71.53
C VAL F 96 75.32 30.25 -70.08
N THR F 97 75.64 29.36 -69.15
CA THR F 97 75.32 29.60 -67.75
C THR F 97 76.13 30.76 -67.17
N TRP F 98 77.40 30.91 -67.57
CA TRP F 98 78.21 32.02 -67.08
C TRP F 98 77.62 33.35 -67.51
N SER F 99 77.21 33.44 -68.79
CA SER F 99 76.50 34.63 -69.25
C SER F 99 75.18 34.83 -68.51
N ILE F 100 74.50 33.73 -68.17
CA ILE F 100 73.18 33.85 -67.54
C ILE F 100 73.29 34.31 -66.09
N MET F 101 74.26 33.79 -65.32
CA MET F 101 74.54 34.38 -64.01
C MET F 101 75.01 35.83 -64.08
N GLU F 102 75.76 36.23 -65.11
CA GLU F 102 76.10 37.65 -65.19
C GLU F 102 74.86 38.51 -65.46
N PHE F 103 73.99 38.05 -66.35
CA PHE F 103 72.73 38.75 -66.61
C PHE F 103 71.82 38.74 -65.38
N SER F 104 71.90 37.68 -64.57
CA SER F 104 71.11 37.62 -63.34
C SER F 104 71.67 38.55 -62.27
N MET F 105 72.99 38.74 -62.24
CA MET F 105 73.58 39.81 -61.46
C MET F 105 73.01 41.16 -61.86
N TRP F 106 72.85 41.38 -63.17
CA TRP F 106 72.22 42.63 -63.60
C TRP F 106 70.76 42.71 -63.18
N TYR F 107 70.01 41.62 -63.33
CA TYR F 107 68.56 41.65 -63.30
C TYR F 107 67.97 41.51 -61.90
N MET F 108 68.42 40.52 -61.13
CA MET F 108 67.81 40.19 -59.85
C MET F 108 68.46 40.92 -58.69
N HIS F 109 69.00 42.12 -58.92
CA HIS F 109 69.69 42.87 -57.89
C HIS F 109 68.76 43.46 -56.84
N SER F 110 67.46 43.48 -57.09
CA SER F 110 66.49 44.08 -56.17
C SER F 110 65.74 43.04 -55.34
N ASP F 111 66.34 41.87 -55.13
CA ASP F 111 65.71 40.81 -54.35
C ASP F 111 66.59 40.46 -53.16
N PRO F 112 66.08 40.51 -51.93
CA PRO F 112 66.91 40.12 -50.77
C PRO F 112 67.27 38.64 -50.73
N ASN F 113 66.54 37.79 -51.45
CA ASN F 113 66.83 36.35 -51.49
C ASN F 113 67.64 35.97 -52.72
N ILE F 114 68.54 36.87 -53.16
CA ILE F 114 69.32 36.63 -54.37
C ILE F 114 70.30 35.47 -54.16
N ASN F 115 70.85 35.32 -52.95
CA ASN F 115 71.78 34.24 -52.67
C ASN F 115 71.11 32.87 -52.79
N GLN F 116 69.87 32.76 -52.29
CA GLN F 116 69.13 31.51 -52.42
C GLN F 116 68.82 31.21 -53.88
N PHE F 117 68.53 32.25 -54.67
CA PHE F 117 68.28 32.09 -56.10
C PHE F 117 69.51 31.55 -56.81
N PHE F 118 70.68 32.13 -56.52
CA PHE F 118 71.92 31.67 -57.13
C PHE F 118 72.27 30.27 -56.68
N LYS F 119 72.03 29.95 -55.40
CA LYS F 119 72.26 28.60 -54.91
C LYS F 119 71.36 27.59 -55.62
N TYR F 120 70.10 27.95 -55.85
CA TYR F 120 69.17 27.05 -56.54
C TYR F 120 69.61 26.78 -57.97
N LEU F 121 69.99 27.83 -58.70
CA LEU F 121 70.39 27.57 -60.09
C LEU F 121 71.77 26.90 -60.17
N LEU F 122 72.64 27.11 -59.18
CA LEU F 122 73.88 26.36 -59.14
C LEU F 122 73.63 24.88 -58.87
N LEU F 123 72.66 24.57 -58.00
CA LEU F 123 72.27 23.19 -57.77
C LEU F 123 71.70 22.57 -59.03
N PHE F 124 70.91 23.35 -59.79
CA PHE F 124 70.38 22.87 -61.06
C PHE F 124 71.50 22.56 -62.05
N LEU F 125 72.51 23.44 -62.11
CA LEU F 125 73.64 23.20 -62.99
C LEU F 125 74.41 21.96 -62.57
N ILE F 126 74.54 21.74 -61.24
CA ILE F 126 75.24 20.56 -60.73
C ILE F 126 74.52 19.29 -61.15
N THR F 127 73.20 19.24 -60.97
CA THR F 127 72.49 18.00 -61.32
C THR F 127 72.39 17.84 -62.84
N MET F 128 72.39 18.94 -63.59
CA MET F 128 72.41 18.81 -65.05
C MET F 128 73.74 18.26 -65.55
N LEU F 129 74.86 18.73 -64.97
CA LEU F 129 76.16 18.19 -65.36
C LEU F 129 76.34 16.77 -64.87
N ILE F 130 75.65 16.39 -63.79
CA ILE F 130 75.56 14.97 -63.43
C ILE F 130 74.80 14.19 -64.49
N LEU F 131 73.71 14.78 -65.01
CA LEU F 131 72.89 14.11 -66.00
C LEU F 131 73.64 13.86 -67.30
N VAL F 132 74.42 14.86 -67.78
CA VAL F 132 75.01 14.74 -69.10
C VAL F 132 76.12 13.69 -69.12
N THR F 133 76.89 13.56 -68.04
CA THR F 133 78.04 12.68 -67.98
C THR F 133 77.74 11.36 -67.28
N ALA F 134 76.47 11.04 -67.06
CA ALA F 134 76.11 9.83 -66.34
C ALA F 134 76.38 8.60 -67.20
N ASN F 135 76.98 7.58 -66.60
CA ASN F 135 77.30 6.34 -67.31
C ASN F 135 76.19 5.31 -67.16
N ASN F 136 75.90 4.89 -65.95
CA ASN F 136 74.78 3.99 -65.74
C ASN F 136 73.47 4.77 -65.79
N LEU F 137 72.38 4.03 -65.94
CA LEU F 137 71.07 4.67 -66.06
C LEU F 137 70.62 5.27 -64.74
N PHE F 138 71.09 4.76 -63.61
CA PHE F 138 70.65 5.25 -62.31
C PHE F 138 71.15 6.66 -62.05
N GLN F 139 72.40 6.96 -62.43
CA GLN F 139 72.91 8.33 -62.29
C GLN F 139 72.16 9.28 -63.20
N LEU F 140 71.76 8.82 -64.38
CA LEU F 140 70.95 9.64 -65.27
C LEU F 140 69.57 9.90 -64.69
N PHE F 141 69.00 8.91 -64.00
CA PHE F 141 67.73 9.12 -63.29
C PHE F 141 67.89 10.12 -62.15
N ILE F 142 69.02 10.06 -61.45
CA ILE F 142 69.31 11.02 -60.38
C ILE F 142 69.35 12.43 -60.94
N GLY F 143 70.09 12.62 -62.04
CA GLY F 143 70.12 13.92 -62.68
C GLY F 143 68.79 14.36 -63.23
N TRP F 144 67.99 13.42 -63.73
CA TRP F 144 66.66 13.70 -64.26
C TRP F 144 65.74 14.27 -63.19
N GLU F 145 65.64 13.57 -62.06
CA GLU F 145 64.79 14.07 -60.99
C GLU F 145 65.37 15.32 -60.34
N GLY F 146 66.70 15.47 -60.34
CA GLY F 146 67.29 16.69 -59.82
C GLY F 146 66.93 17.91 -60.65
N VAL F 147 67.04 17.82 -61.97
CA VAL F 147 66.68 18.96 -62.80
C VAL F 147 65.18 19.20 -62.78
N GLY F 148 64.37 18.14 -62.61
CA GLY F 148 62.94 18.34 -62.47
C GLY F 148 62.56 19.08 -61.21
N ILE F 149 63.16 18.71 -60.09
CA ILE F 149 62.86 19.37 -58.81
C ILE F 149 63.38 20.80 -58.82
N MET F 150 64.56 21.02 -59.41
CA MET F 150 65.07 22.39 -59.48
C MET F 150 64.23 23.26 -60.42
N SER F 151 63.69 22.69 -61.50
CA SER F 151 62.76 23.44 -62.33
C SER F 151 61.49 23.77 -61.58
N PHE F 152 60.97 22.83 -60.78
CA PHE F 152 59.79 23.10 -59.96
C PHE F 152 60.04 24.25 -58.99
N LEU F 153 61.19 24.22 -58.31
CA LEU F 153 61.52 25.26 -57.34
C LEU F 153 61.71 26.61 -58.02
N LEU F 154 62.45 26.64 -59.13
CA LEU F 154 62.73 27.91 -59.79
C LEU F 154 61.53 28.44 -60.58
N ILE F 155 60.51 27.63 -60.84
CA ILE F 155 59.26 28.16 -61.37
C ILE F 155 58.38 28.67 -60.23
N GLY F 156 58.30 27.92 -59.13
CA GLY F 156 57.59 28.41 -57.96
C GLY F 156 58.45 29.26 -57.06
N TRP F 157 59.41 29.97 -57.65
CA TRP F 157 60.22 30.94 -56.95
C TRP F 157 59.36 31.99 -56.25
N TRP F 158 58.58 32.74 -57.02
CA TRP F 158 57.65 33.71 -56.44
C TRP F 158 56.44 32.93 -55.91
N TYR F 159 56.56 32.46 -54.68
CA TYR F 159 55.57 31.54 -54.12
C TYR F 159 54.27 32.23 -53.77
N GLY F 160 54.26 33.56 -53.63
CA GLY F 160 53.02 34.26 -53.36
C GLY F 160 52.05 34.20 -54.53
N ARG F 161 52.57 34.33 -55.75
CA ARG F 161 51.73 34.29 -56.94
C ARG F 161 51.31 32.85 -57.21
N THR F 162 49.99 32.61 -57.23
CA THR F 162 49.46 31.26 -57.34
C THR F 162 49.58 30.68 -58.74
N ASP F 163 49.67 31.53 -59.77
CA ASP F 163 49.83 31.02 -61.13
C ASP F 163 51.17 30.31 -61.30
N ALA F 164 52.21 30.81 -60.62
CA ALA F 164 53.50 30.13 -60.62
C ALA F 164 53.40 28.76 -59.98
N ASN F 165 52.64 28.65 -58.87
CA ASN F 165 52.46 27.36 -58.21
C ASN F 165 51.71 26.38 -59.12
N THR F 166 50.66 26.85 -59.80
CA THR F 166 49.92 25.98 -60.71
C THR F 166 50.78 25.52 -61.89
N ALA F 167 51.58 26.43 -62.44
CA ALA F 167 52.48 26.07 -63.54
C ALA F 167 53.54 25.08 -63.08
N ALA F 168 54.08 25.26 -61.87
CA ALA F 168 55.07 24.34 -61.35
C ALA F 168 54.48 22.95 -61.12
N LEU F 169 53.24 22.89 -60.60
CA LEU F 169 52.61 21.59 -60.40
C LEU F 169 52.30 20.90 -61.72
N GLN F 170 51.89 21.68 -62.73
CA GLN F 170 51.64 21.12 -64.06
C GLN F 170 52.93 20.56 -64.68
N ALA F 171 54.03 21.29 -64.54
CA ALA F 171 55.32 20.82 -65.04
C ALA F 171 55.75 19.56 -64.30
N ILE F 172 55.50 19.50 -62.99
CA ILE F 172 55.82 18.32 -62.20
C ILE F 172 55.02 17.12 -62.69
N LEU F 173 53.73 17.31 -62.98
CA LEU F 173 52.89 16.23 -63.48
C LEU F 173 53.40 15.68 -64.81
N TYR F 174 53.69 16.57 -65.76
CA TYR F 174 54.15 16.10 -67.07
C TYR F 174 55.53 15.45 -66.99
N ASN F 175 56.43 16.01 -66.17
CA ASN F 175 57.73 15.40 -65.98
C ASN F 175 57.63 14.05 -65.29
N ARG F 176 56.65 13.87 -64.40
CA ARG F 176 56.47 12.58 -63.76
C ARG F 176 55.92 11.54 -64.74
N ILE F 177 55.08 11.97 -65.69
CA ILE F 177 54.67 11.05 -66.76
C ILE F 177 55.86 10.62 -67.60
N GLY F 178 56.75 11.58 -67.92
CA GLY F 178 58.00 11.24 -68.59
C GLY F 178 58.85 10.28 -67.77
N ASP F 179 58.88 10.46 -66.45
CA ASP F 179 59.59 9.53 -65.59
C ASP F 179 58.93 8.16 -65.55
N ILE F 180 57.62 8.09 -65.75
CA ILE F 180 56.95 6.79 -65.88
C ILE F 180 57.48 6.05 -67.10
N GLY F 181 57.59 6.77 -68.22
CA GLY F 181 58.18 6.16 -69.42
C GLY F 181 59.62 5.74 -69.21
N PHE F 182 60.41 6.60 -68.57
CA PHE F 182 61.82 6.29 -68.32
C PHE F 182 61.98 5.10 -67.38
N ILE F 183 61.13 4.99 -66.36
CA ILE F 183 61.21 3.89 -65.43
C ILE F 183 60.78 2.58 -66.08
N LEU F 184 59.80 2.64 -66.99
CA LEU F 184 59.44 1.44 -67.76
C LEU F 184 60.61 0.97 -68.63
N ALA F 185 61.31 1.93 -69.28
CA ALA F 185 62.50 1.57 -70.05
C ALA F 185 63.59 0.97 -69.15
N MET F 186 63.78 1.56 -67.97
CA MET F 186 64.74 1.05 -66.99
C MET F 186 64.43 -0.39 -66.61
N ALA F 187 63.15 -0.67 -66.32
CA ALA F 187 62.74 -2.00 -65.88
C ALA F 187 62.92 -3.02 -66.99
N TRP F 188 62.58 -2.65 -68.23
CA TRP F 188 62.80 -3.57 -69.34
C TRP F 188 64.28 -3.85 -69.56
N PHE F 189 65.12 -2.82 -69.47
CA PHE F 189 66.56 -2.99 -69.67
C PHE F 189 67.15 -3.92 -68.61
N LEU F 190 66.74 -3.73 -67.35
CA LEU F 190 67.23 -4.61 -66.29
C LEU F 190 66.71 -6.03 -66.47
N ILE F 191 65.43 -6.19 -66.79
CA ILE F 191 64.85 -7.52 -66.84
C ILE F 191 65.29 -8.32 -68.05
N ASN F 192 65.75 -7.68 -69.13
CA ASN F 192 66.09 -8.41 -70.33
C ASN F 192 67.56 -8.36 -70.70
N LEU F 193 68.33 -7.44 -70.11
CA LEU F 193 69.74 -7.32 -70.43
C LEU F 193 70.66 -7.45 -69.23
N ASN F 194 70.10 -7.58 -68.01
CA ASN F 194 70.84 -7.84 -66.78
C ASN F 194 71.90 -6.77 -66.49
N THR F 195 71.56 -5.52 -66.81
CA THR F 195 72.53 -4.44 -66.70
C THR F 195 71.81 -3.11 -66.64
N TRP F 196 72.56 -2.08 -66.25
CA TRP F 196 72.13 -0.70 -66.39
C TRP F 196 73.16 0.18 -67.07
N ASP F 197 74.40 -0.29 -67.22
CA ASP F 197 75.43 0.49 -67.88
C ASP F 197 75.18 0.56 -69.39
N LEU F 198 75.68 1.63 -70.01
CA LEU F 198 75.44 1.84 -71.43
C LEU F 198 76.26 0.88 -72.29
N GLN F 199 77.46 0.50 -71.81
CA GLN F 199 78.34 -0.36 -72.60
C GLN F 199 77.73 -1.73 -72.80
N GLN F 200 77.19 -2.33 -71.73
CA GLN F 200 76.56 -3.64 -71.82
C GLN F 200 75.29 -3.60 -72.66
N ILE F 201 74.52 -2.51 -72.54
CA ILE F 201 73.30 -2.35 -73.33
C ILE F 201 73.64 -2.27 -74.81
N PHE F 202 74.67 -1.50 -75.16
CA PHE F 202 75.06 -1.37 -76.55
C PHE F 202 75.68 -2.66 -77.08
N MET F 203 76.38 -3.41 -76.23
CA MET F 203 77.03 -4.63 -76.70
C MET F 203 76.03 -5.75 -76.92
N LEU F 204 75.05 -5.89 -76.01
CA LEU F 204 74.12 -7.01 -76.13
C LEU F 204 73.20 -6.85 -77.34
N ASN F 205 72.80 -5.61 -77.65
CA ASN F 205 72.03 -5.23 -78.83
C ASN F 205 70.73 -6.03 -78.96
N PRO F 206 69.71 -5.73 -78.16
CA PRO F 206 68.46 -6.50 -78.25
C PRO F 206 67.73 -6.26 -79.56
N ASN F 207 66.96 -7.26 -79.97
CA ASN F 207 66.24 -7.20 -81.24
C ASN F 207 64.82 -6.65 -81.06
N ASP F 208 64.02 -7.29 -80.23
CA ASP F 208 62.65 -6.85 -79.98
C ASP F 208 62.62 -5.78 -78.89
N SER F 209 63.25 -4.64 -79.19
CA SER F 209 63.39 -3.54 -78.25
C SER F 209 62.44 -2.40 -78.55
N ASN F 210 61.23 -2.69 -79.04
CA ASN F 210 60.27 -1.64 -79.30
C ASN F 210 59.72 -1.04 -78.01
N LEU F 211 59.53 -1.87 -76.98
CA LEU F 211 59.01 -1.36 -75.71
C LEU F 211 59.96 -0.39 -75.00
N PRO F 212 61.27 -0.68 -74.83
CA PRO F 212 62.14 0.35 -74.22
C PRO F 212 62.26 1.60 -75.06
N LEU F 213 62.23 1.49 -76.39
CA LEU F 213 62.28 2.69 -77.22
C LEU F 213 61.01 3.52 -77.07
N MET F 214 59.86 2.86 -76.96
CA MET F 214 58.61 3.58 -76.70
C MET F 214 58.64 4.26 -75.34
N GLY F 215 59.20 3.58 -74.33
CA GLY F 215 59.34 4.22 -73.02
C GLY F 215 60.26 5.41 -73.04
N LEU F 216 61.37 5.32 -73.79
CA LEU F 216 62.28 6.45 -73.92
C LEU F 216 61.65 7.59 -74.70
N ILE F 217 60.83 7.27 -75.71
CA ILE F 217 60.10 8.30 -76.45
C ILE F 217 59.13 9.02 -75.52
N LEU F 218 58.45 8.27 -74.66
CA LEU F 218 57.55 8.89 -73.68
C LEU F 218 58.32 9.77 -72.69
N ALA F 219 59.50 9.31 -72.27
CA ALA F 219 60.34 10.13 -71.39
C ALA F 219 60.77 11.42 -72.06
N ALA F 220 61.15 11.34 -73.33
CA ALA F 220 61.55 12.54 -74.06
C ALA F 220 60.36 13.48 -74.28
N THR F 221 59.17 12.92 -74.50
CA THR F 221 57.96 13.73 -74.60
C THR F 221 57.68 14.45 -73.27
N GLY F 222 57.90 13.75 -72.15
CA GLY F 222 57.72 14.39 -70.86
C GLY F 222 58.73 15.48 -70.59
N LYS F 223 59.97 15.31 -71.05
CA LYS F 223 61.01 16.27 -70.73
C LYS F 223 61.13 17.38 -71.77
N SER F 224 60.98 17.07 -73.06
CA SER F 224 61.14 18.07 -74.11
C SER F 224 59.83 18.75 -74.48
N ALA F 225 58.74 18.42 -73.79
CA ALA F 225 57.44 19.10 -73.91
C ALA F 225 56.88 18.98 -75.34
N GLN F 226 56.72 17.75 -75.77
CA GLN F 226 56.19 17.46 -77.10
C GLN F 226 54.68 17.27 -77.03
N PHE F 227 54.09 16.73 -78.10
CA PHE F 227 52.64 16.62 -78.17
C PHE F 227 52.09 15.66 -77.13
N GLY F 228 50.98 16.05 -76.52
CA GLY F 228 50.39 15.31 -75.43
C GLY F 228 50.76 15.92 -74.09
N LEU F 229 52.02 16.34 -73.96
CA LEU F 229 52.56 16.91 -72.74
C LEU F 229 53.31 18.21 -73.02
N HIS F 230 52.79 19.00 -73.97
CA HIS F 230 53.41 20.29 -74.33
C HIS F 230 53.15 21.50 -73.43
N PRO F 231 51.95 21.75 -72.87
CA PRO F 231 51.64 23.11 -72.40
C PRO F 231 52.41 23.55 -71.15
N TRP F 232 53.15 22.66 -70.49
CA TRP F 232 53.96 23.09 -69.35
C TRP F 232 55.11 23.97 -69.79
N LEU F 233 55.63 23.79 -71.02
CA LEU F 233 56.69 24.68 -71.49
C LEU F 233 56.23 26.12 -71.67
N PRO F 234 55.07 26.42 -72.30
CA PRO F 234 54.60 27.82 -72.24
C PRO F 234 54.09 28.22 -70.87
N SER F 235 53.62 27.27 -70.05
CA SER F 235 53.15 27.63 -68.72
C SER F 235 54.29 28.02 -67.79
N ALA F 236 55.49 27.49 -68.03
CA ALA F 236 56.65 27.71 -67.17
C ALA F 236 57.37 29.02 -67.47
N MET F 237 56.73 29.96 -68.14
CA MET F 237 57.27 31.30 -68.29
C MET F 237 56.83 32.22 -67.16
N GLU F 238 56.12 31.68 -66.17
CA GLU F 238 55.68 32.45 -65.01
C GLU F 238 56.80 32.73 -64.02
N GLY F 239 57.94 32.07 -64.16
CA GLY F 239 59.04 32.27 -63.26
C GLY F 239 59.88 33.47 -63.65
N PRO F 240 61.04 33.64 -63.01
CA PRO F 240 61.93 34.74 -63.37
C PRO F 240 62.51 34.55 -64.76
N THR F 241 62.91 35.68 -65.35
CA THR F 241 63.45 35.65 -66.71
C THR F 241 64.74 34.84 -66.87
N PRO F 242 65.78 34.95 -66.00
CA PRO F 242 66.94 34.07 -66.18
C PRO F 242 66.62 32.60 -65.94
N VAL F 243 65.64 32.30 -65.08
CA VAL F 243 65.22 30.92 -64.87
C VAL F 243 64.67 30.33 -66.15
N SER F 244 63.79 31.08 -66.83
CA SER F 244 63.29 30.65 -68.12
C SER F 244 64.42 30.52 -69.13
N ALA F 245 65.25 31.57 -69.23
CA ALA F 245 66.32 31.65 -70.23
C ALA F 245 67.32 30.52 -70.10
N LEU F 246 67.56 30.03 -68.88
CA LEU F 246 68.41 28.85 -68.74
C LEU F 246 67.61 27.58 -68.95
N LEU F 247 66.67 27.31 -68.03
CA LEU F 247 66.09 25.97 -67.94
C LEU F 247 65.16 25.68 -69.11
N HIS F 248 64.20 26.57 -69.36
CA HIS F 248 63.16 26.27 -70.31
C HIS F 248 63.41 26.94 -71.65
N SER F 249 64.65 27.31 -71.91
CA SER F 249 65.07 27.84 -73.20
C SER F 249 66.31 27.15 -73.74
N SER F 250 67.28 26.79 -72.89
CA SER F 250 68.53 26.34 -73.47
C SER F 250 69.03 25.01 -72.95
N THR F 251 68.84 24.71 -71.67
CA THR F 251 69.59 23.63 -71.01
C THR F 251 68.71 22.48 -70.56
N MET F 252 67.66 22.74 -69.77
CA MET F 252 66.92 21.64 -69.17
C MET F 252 65.97 20.96 -70.16
N VAL F 253 65.46 21.69 -71.14
CA VAL F 253 64.46 21.13 -72.05
C VAL F 253 65.04 20.13 -73.03
N VAL F 254 66.36 20.16 -73.26
CA VAL F 254 66.98 19.25 -74.21
C VAL F 254 67.36 17.90 -73.60
N ALA F 255 67.03 17.67 -72.33
CA ALA F 255 67.44 16.45 -71.65
C ALA F 255 66.78 15.22 -72.25
N GLY F 256 65.50 15.33 -72.65
CA GLY F 256 64.86 14.22 -73.32
C GLY F 256 65.47 13.93 -74.68
N ILE F 257 65.76 14.98 -75.45
CA ILE F 257 66.44 14.81 -76.73
C ILE F 257 67.86 14.27 -76.51
N PHE F 258 68.53 14.70 -75.44
CA PHE F 258 69.85 14.17 -75.13
C PHE F 258 69.78 12.69 -74.79
N LEU F 259 68.71 12.27 -74.10
CA LEU F 259 68.52 10.84 -73.84
C LEU F 259 68.24 10.08 -75.12
N LEU F 260 67.51 10.70 -76.06
CA LEU F 260 67.20 10.02 -77.32
C LEU F 260 68.45 9.82 -78.17
N ILE F 261 69.26 10.88 -78.32
CA ILE F 261 70.52 10.72 -79.08
C ILE F 261 71.55 9.94 -78.29
N ARG F 262 71.38 9.80 -76.98
CA ARG F 262 72.26 8.93 -76.20
C ARG F 262 72.10 7.47 -76.58
N PHE F 263 70.87 7.06 -76.88
CA PHE F 263 70.54 5.67 -77.18
C PHE F 263 70.43 5.42 -78.68
N TYR F 264 71.28 6.05 -79.48
CA TYR F 264 71.27 5.86 -80.93
C TYR F 264 71.62 4.46 -81.44
N PRO F 265 72.48 3.63 -80.81
CA PRO F 265 72.66 2.27 -81.34
C PRO F 265 71.42 1.39 -81.26
N LEU F 266 70.48 1.70 -80.38
CA LEU F 266 69.23 0.93 -80.32
C LEU F 266 68.19 1.46 -81.30
N THR F 267 68.10 2.78 -81.46
CA THR F 267 67.18 3.38 -82.41
C THR F 267 67.67 3.29 -83.85
N GLU F 268 68.94 2.93 -84.06
CA GLU F 268 69.47 2.82 -85.42
C GLU F 268 68.85 1.65 -86.18
N ASN F 269 68.74 0.49 -85.52
CA ASN F 269 68.26 -0.72 -86.17
C ASN F 269 66.75 -0.91 -86.04
N ASN F 270 66.04 0.03 -85.43
CA ASN F 270 64.61 -0.07 -85.23
C ASN F 270 63.88 0.97 -86.06
N LYS F 271 62.77 0.57 -86.67
CA LYS F 271 62.00 1.44 -87.54
C LYS F 271 60.69 1.94 -86.93
N PHE F 272 60.06 1.13 -86.06
CA PHE F 272 58.79 1.51 -85.45
C PHE F 272 58.95 2.74 -84.55
N GLY F 273 59.92 2.71 -83.65
CA GLY F 273 60.15 3.84 -82.77
C GLY F 273 60.60 5.08 -83.52
N GLN F 274 61.44 4.88 -84.55
CA GLN F 274 61.87 6.00 -85.37
C GLN F 274 60.70 6.67 -86.07
N SER F 275 59.79 5.86 -86.63
CA SER F 275 58.63 6.42 -87.33
C SER F 275 57.70 7.15 -86.37
N ILE F 276 57.39 6.54 -85.22
CA ILE F 276 56.43 7.17 -84.32
C ILE F 276 57.02 8.43 -83.68
N MET F 277 58.32 8.42 -83.39
CA MET F 277 58.94 9.61 -82.82
C MET F 277 59.14 10.71 -83.85
N LEU F 278 59.36 10.35 -85.11
CA LEU F 278 59.37 11.35 -86.18
C LEU F 278 58.01 12.00 -86.36
N CYS F 279 56.94 11.20 -86.34
CA CYS F 279 55.60 11.76 -86.49
C CYS F 279 55.24 12.62 -85.29
N LEU F 280 55.63 12.19 -84.08
CA LEU F 280 55.39 13.01 -82.89
C LEU F 280 56.14 14.33 -82.95
N GLY F 281 57.39 14.30 -83.43
CA GLY F 281 58.14 15.54 -83.55
C GLY F 281 57.54 16.50 -84.56
N ALA F 282 57.08 15.97 -85.70
CA ALA F 282 56.46 16.83 -86.72
C ALA F 282 55.15 17.41 -86.21
N MET F 283 54.34 16.59 -85.54
CA MET F 283 53.11 17.05 -84.89
C MET F 283 53.40 18.18 -83.91
N THR F 284 54.42 17.99 -83.07
CA THR F 284 54.75 18.98 -82.05
C THR F 284 55.21 20.29 -82.67
N THR F 285 56.12 20.22 -83.66
CA THR F 285 56.65 21.46 -84.22
C THR F 285 55.58 22.20 -85.02
N LEU F 286 54.69 21.48 -85.71
CA LEU F 286 53.63 22.16 -86.44
C LEU F 286 52.63 22.83 -85.50
N PHE F 287 52.19 22.12 -84.45
CA PHE F 287 51.22 22.70 -83.54
C PHE F 287 51.80 23.86 -82.76
N THR F 288 53.05 23.75 -82.31
CA THR F 288 53.66 24.81 -81.53
C THR F 288 53.98 26.03 -82.40
N ALA F 289 54.37 25.82 -83.66
CA ALA F 289 54.57 26.95 -84.56
C ALA F 289 53.24 27.65 -84.87
N MET F 290 52.17 26.87 -85.07
CA MET F 290 50.86 27.44 -85.32
C MET F 290 50.38 28.26 -84.13
N CYS F 291 50.62 27.77 -82.91
CA CYS F 291 50.27 28.54 -81.73
C CYS F 291 51.17 29.77 -81.56
N ALA F 292 52.43 29.68 -82.00
CA ALA F 292 53.35 30.80 -81.88
C ALA F 292 53.08 31.89 -82.90
N LEU F 293 52.33 31.58 -83.96
CA LEU F 293 52.08 32.56 -85.01
C LEU F 293 51.37 33.81 -84.49
N THR F 294 50.31 33.64 -83.71
CA THR F 294 49.42 34.74 -83.37
C THR F 294 49.39 35.06 -81.87
N GLN F 295 50.37 34.61 -81.10
CA GLN F 295 50.36 34.89 -79.67
C GLN F 295 50.74 36.35 -79.40
N ASN F 296 50.30 36.85 -78.25
CA ASN F 296 50.48 38.25 -77.89
C ASN F 296 51.50 38.47 -76.79
N ASP F 297 51.96 37.42 -76.11
CA ASP F 297 53.00 37.53 -75.10
C ASP F 297 54.33 37.15 -75.74
N ILE F 298 55.36 37.97 -75.48
CA ILE F 298 56.65 37.75 -76.12
C ILE F 298 57.32 36.51 -75.57
N LYS F 299 57.31 36.34 -74.25
CA LYS F 299 57.96 35.18 -73.64
C LYS F 299 57.23 33.89 -74.01
N LYS F 300 55.90 33.94 -74.11
CA LYS F 300 55.14 32.79 -74.61
C LYS F 300 55.49 32.48 -76.07
N ILE F 301 55.74 33.53 -76.86
CA ILE F 301 56.12 33.34 -78.26
C ILE F 301 57.46 32.60 -78.35
N ILE F 302 58.45 33.03 -77.57
CA ILE F 302 59.75 32.36 -77.66
C ILE F 302 59.70 30.98 -76.98
N ALA F 303 58.79 30.79 -76.02
CA ALA F 303 58.59 29.46 -75.44
C ALA F 303 58.03 28.49 -76.47
N PHE F 304 57.03 28.93 -77.23
CA PHE F 304 56.53 28.10 -78.32
C PHE F 304 57.58 27.91 -79.41
N SER F 305 58.45 28.92 -79.60
CA SER F 305 59.56 28.80 -80.55
C SER F 305 60.52 27.69 -80.13
N THR F 306 60.88 27.65 -78.85
CA THR F 306 61.83 26.62 -78.41
C THR F 306 61.18 25.26 -78.36
N SER F 307 59.86 25.19 -78.14
CA SER F 307 59.19 23.89 -78.23
C SER F 307 59.13 23.40 -79.68
N SER F 308 58.94 24.32 -80.64
CA SER F 308 59.01 23.94 -82.04
C SER F 308 60.41 23.50 -82.43
N GLN F 309 61.44 24.15 -81.86
CA GLN F 309 62.80 23.71 -82.11
C GLN F 309 63.07 22.33 -81.52
N LEU F 310 62.49 22.03 -80.35
CA LEU F 310 62.59 20.69 -79.78
C LEU F 310 61.90 19.65 -80.65
N GLY F 311 60.74 20.00 -81.22
CA GLY F 311 60.09 19.12 -82.16
C GLY F 311 60.92 18.89 -83.41
N LEU F 312 61.60 19.94 -83.89
CA LEU F 312 62.48 19.79 -85.05
C LEU F 312 63.69 18.92 -84.73
N MET F 313 64.22 19.02 -83.51
CA MET F 313 65.35 18.17 -83.15
C MET F 313 64.94 16.71 -83.01
N MET F 314 63.73 16.45 -82.51
CA MET F 314 63.30 15.05 -82.52
C MET F 314 62.95 14.59 -83.94
N VAL F 315 62.55 15.50 -84.82
CA VAL F 315 62.37 15.15 -86.23
C VAL F 315 63.70 14.71 -86.84
N THR F 316 64.76 15.47 -86.59
CA THR F 316 66.04 15.13 -87.23
C THR F 316 66.77 13.99 -86.55
N ILE F 317 66.50 13.69 -85.28
CA ILE F 317 67.05 12.45 -84.74
C ILE F 317 66.19 11.26 -85.17
N GLY F 318 64.91 11.52 -85.51
CA GLY F 318 64.05 10.48 -86.02
C GLY F 318 64.34 10.05 -87.45
N ILE F 319 65.29 10.70 -88.11
CA ILE F 319 65.67 10.35 -89.48
C ILE F 319 67.10 9.82 -89.52
N ASN F 320 67.60 9.37 -88.37
CA ASN F 320 68.92 8.73 -88.21
C ASN F 320 70.05 9.70 -88.60
N GLN F 321 70.11 10.80 -87.87
CA GLN F 321 71.19 11.78 -88.01
C GLN F 321 71.50 12.34 -86.62
N PRO F 322 72.33 11.63 -85.85
CA PRO F 322 72.56 12.02 -84.44
C PRO F 322 73.34 13.32 -84.25
N HIS F 323 74.48 13.42 -84.92
CA HIS F 323 75.40 14.52 -84.63
C HIS F 323 74.88 15.85 -85.19
N LEU F 324 74.05 15.80 -86.23
CA LEU F 324 73.37 17.03 -86.67
C LEU F 324 72.42 17.55 -85.59
N ALA F 325 71.68 16.64 -84.94
CA ALA F 325 70.79 17.05 -83.86
C ALA F 325 71.59 17.56 -82.66
N PHE F 326 72.72 16.93 -82.36
CA PHE F 326 73.57 17.42 -81.27
C PHE F 326 74.14 18.80 -81.57
N LEU F 327 74.57 19.02 -82.82
CA LEU F 327 75.04 20.34 -83.22
C LEU F 327 73.92 21.37 -83.15
N HIS F 328 72.70 20.97 -83.48
CA HIS F 328 71.56 21.88 -83.35
C HIS F 328 71.28 22.21 -81.89
N ILE F 329 71.48 21.24 -80.99
CA ILE F 329 71.35 21.51 -79.56
C ILE F 329 72.38 22.55 -79.12
N CYS F 330 73.64 22.37 -79.54
CA CYS F 330 74.71 23.28 -79.14
C CYS F 330 74.49 24.69 -79.69
N THR F 331 73.99 24.82 -80.92
CA THR F 331 73.72 26.14 -81.48
C THR F 331 72.47 26.77 -80.88
N HIS F 332 71.45 25.94 -80.63
CA HIS F 332 70.17 26.43 -80.17
C HIS F 332 70.25 26.96 -78.76
N ALA F 333 71.07 26.32 -77.90
CA ALA F 333 71.28 26.82 -76.55
C ALA F 333 71.80 28.25 -76.60
N PHE F 334 72.85 28.49 -77.41
CA PHE F 334 73.44 29.81 -77.59
C PHE F 334 72.39 30.84 -78.03
N PHE F 335 71.80 30.61 -79.21
CA PHE F 335 71.01 31.71 -79.78
C PHE F 335 69.68 31.88 -79.04
N LYS F 336 69.03 30.78 -78.63
CA LYS F 336 67.78 30.90 -77.91
C LYS F 336 67.98 31.56 -76.54
N ALA F 337 69.08 31.24 -75.85
CA ALA F 337 69.37 31.91 -74.60
C ALA F 337 69.60 33.41 -74.82
N MET F 338 70.29 33.77 -75.91
CA MET F 338 70.57 35.19 -76.14
C MET F 338 69.30 35.96 -76.49
N LEU F 339 68.39 35.36 -77.28
CA LEU F 339 67.09 35.99 -77.51
C LEU F 339 66.32 36.16 -76.20
N PHE F 340 66.38 35.15 -75.31
CA PHE F 340 65.65 35.27 -74.05
C PHE F 340 66.19 36.39 -73.17
N MET F 341 67.52 36.56 -73.09
CA MET F 341 68.01 37.65 -72.24
C MET F 341 67.78 39.02 -72.88
N CYS F 342 67.82 39.10 -74.22
CA CYS F 342 67.48 40.37 -74.87
C CYS F 342 66.03 40.75 -74.61
N SER F 343 65.12 39.76 -74.71
CA SER F 343 63.72 40.01 -74.39
C SER F 343 63.54 40.39 -72.92
N GLY F 344 64.32 39.78 -72.03
CA GLY F 344 64.24 40.15 -70.61
C GLY F 344 64.73 41.56 -70.34
N SER F 345 65.78 41.98 -71.04
CA SER F 345 66.24 43.36 -70.92
C SER F 345 65.18 44.34 -71.40
N ILE F 346 64.51 44.01 -72.51
CA ILE F 346 63.42 44.84 -73.01
C ILE F 346 62.26 44.87 -72.01
N ILE F 347 61.98 43.73 -71.36
CA ILE F 347 60.90 43.66 -70.39
C ILE F 347 61.20 44.53 -69.18
N HIS F 348 62.44 44.45 -68.67
CA HIS F 348 62.81 45.25 -67.51
C HIS F 348 62.85 46.74 -67.83
N SER F 349 63.24 47.10 -69.06
CA SER F 349 63.27 48.52 -69.41
C SER F 349 61.89 49.13 -69.61
N LEU F 350 60.83 48.32 -69.71
CA LEU F 350 59.48 48.80 -69.86
C LEU F 350 58.63 48.57 -68.61
N ASN F 351 59.28 48.38 -67.45
CA ASN F 351 58.65 48.24 -66.14
C ASN F 351 57.68 47.05 -66.10
N ASP F 352 58.26 45.86 -66.33
CA ASP F 352 57.61 44.57 -66.07
C ASP F 352 56.30 44.39 -66.86
N GLU F 353 56.32 44.81 -68.13
CA GLU F 353 55.18 44.67 -69.01
C GLU F 353 55.58 43.80 -70.19
N GLN F 354 54.91 42.65 -70.35
CA GLN F 354 55.36 41.59 -71.24
C GLN F 354 54.41 41.33 -72.40
N ASP F 355 53.62 42.31 -72.81
CA ASP F 355 52.69 42.14 -73.92
C ASP F 355 53.28 42.78 -75.17
N ILE F 356 53.23 42.04 -76.29
CA ILE F 356 53.75 42.55 -77.55
C ILE F 356 52.88 43.67 -78.12
N ARG F 357 51.68 43.87 -77.59
CA ARG F 357 50.78 44.92 -78.05
C ARG F 357 50.99 46.22 -77.30
N LYS F 358 52.11 46.37 -76.58
CA LYS F 358 52.44 47.63 -75.94
C LYS F 358 53.89 48.04 -76.12
N MET F 359 54.72 47.21 -76.74
CA MET F 359 56.10 47.55 -77.05
C MET F 359 56.19 48.08 -78.48
N GLY F 360 57.41 48.25 -78.97
CA GLY F 360 57.62 48.78 -80.30
C GLY F 360 58.22 50.17 -80.27
N GLY F 361 58.84 50.54 -81.40
CA GLY F 361 59.55 51.80 -81.46
C GLY F 361 60.84 51.80 -80.67
N LEU F 362 61.45 50.63 -80.49
CA LEU F 362 62.65 50.49 -79.69
C LEU F 362 63.91 50.27 -80.55
N PHE F 363 63.87 50.66 -81.82
CA PHE F 363 65.05 50.53 -82.67
C PHE F 363 66.16 51.45 -82.20
N LYS F 364 65.86 52.73 -82.01
CA LYS F 364 66.84 53.68 -81.52
C LYS F 364 66.81 53.82 -80.00
N ALA F 365 65.81 53.25 -79.34
CA ALA F 365 65.79 53.29 -77.88
C ALA F 365 66.82 52.34 -77.28
N MET F 366 66.90 51.12 -77.81
CA MET F 366 67.85 50.11 -77.33
C MET F 366 68.62 49.55 -78.52
N PRO F 367 69.58 50.32 -79.06
CA PRO F 367 70.28 49.86 -80.27
C PRO F 367 71.09 48.59 -80.09
N PHE F 368 71.66 48.36 -78.90
CA PHE F 368 72.45 47.15 -78.66
C PHE F 368 71.56 45.91 -78.69
N THR F 369 70.46 45.94 -77.93
CA THR F 369 69.52 44.83 -77.97
C THR F 369 68.78 44.76 -79.30
N THR F 370 68.65 45.89 -80.01
CA THR F 370 68.09 45.86 -81.36
C THR F 370 68.96 45.03 -82.30
N THR F 371 70.27 45.32 -82.32
CA THR F 371 71.20 44.56 -83.14
C THR F 371 71.23 43.10 -82.73
N ALA F 372 71.27 42.83 -81.42
CA ALA F 372 71.33 41.46 -80.94
C ALA F 372 70.06 40.69 -81.28
N LEU F 373 68.89 41.32 -81.15
CA LEU F 373 67.63 40.65 -81.46
C LEU F 373 67.49 40.40 -82.95
N ILE F 374 67.96 41.33 -83.79
CA ILE F 374 67.91 41.13 -85.23
C ILE F 374 68.82 39.97 -85.63
N ILE F 375 70.03 39.92 -85.07
CA ILE F 375 70.96 38.82 -85.36
C ILE F 375 70.38 37.49 -84.88
N GLY F 376 69.76 37.50 -83.71
CA GLY F 376 69.18 36.28 -83.18
C GLY F 376 67.99 35.77 -83.97
N SER F 377 67.13 36.67 -84.43
CA SER F 377 66.00 36.26 -85.26
C SER F 377 66.49 35.75 -86.62
N LEU F 378 67.53 36.39 -87.17
CA LEU F 378 68.11 35.90 -88.42
C LEU F 378 68.71 34.52 -88.25
N ALA F 379 69.38 34.26 -87.12
CA ALA F 379 69.94 32.94 -86.86
C ALA F 379 68.85 31.91 -86.61
N LEU F 380 67.75 32.33 -85.97
CA LEU F 380 66.61 31.42 -85.74
C LEU F 380 65.96 31.02 -87.05
N THR F 381 65.83 31.96 -87.99
CA THR F 381 65.21 31.66 -89.28
C THR F 381 66.05 30.71 -90.13
N GLY F 382 67.35 30.65 -89.89
CA GLY F 382 68.22 29.87 -90.74
C GLY F 382 68.85 30.65 -91.87
N MET F 383 69.15 31.93 -91.65
CA MET F 383 69.74 32.76 -92.68
C MET F 383 71.17 32.29 -92.97
N PRO F 384 71.66 32.48 -94.21
CA PRO F 384 72.93 31.86 -94.60
C PRO F 384 74.13 32.36 -93.82
N PHE F 385 75.04 31.43 -93.53
CA PHE F 385 76.32 31.69 -92.87
C PHE F 385 76.15 32.33 -91.50
N LEU F 386 75.17 31.85 -90.74
CA LEU F 386 75.04 32.17 -89.33
C LEU F 386 75.09 30.87 -88.53
N THR F 387 74.86 31.00 -87.22
CA THR F 387 74.96 29.83 -86.34
C THR F 387 73.82 28.86 -86.54
N GLY F 388 72.61 29.36 -86.84
CA GLY F 388 71.52 28.48 -87.19
C GLY F 388 71.67 27.87 -88.57
N PHE F 389 72.52 28.44 -89.42
CA PHE F 389 72.73 27.91 -90.76
C PHE F 389 73.51 26.61 -90.74
N TYR F 390 74.46 26.47 -89.82
CA TYR F 390 75.34 25.30 -89.82
C TYR F 390 74.65 24.05 -89.31
N SER F 391 73.46 24.16 -88.71
CA SER F 391 72.76 23.00 -88.19
C SER F 391 71.39 22.80 -88.83
N LYS F 392 70.58 23.86 -88.93
CA LYS F 392 69.22 23.69 -89.43
C LYS F 392 69.20 23.40 -90.93
N ASP F 393 70.13 24.00 -91.69
CA ASP F 393 70.19 23.71 -93.12
C ASP F 393 70.61 22.28 -93.39
N LEU F 394 71.58 21.77 -92.63
CA LEU F 394 71.96 20.37 -92.74
C LEU F 394 70.81 19.45 -92.33
N ILE F 395 70.06 19.85 -91.30
CA ILE F 395 68.91 19.07 -90.85
C ILE F 395 67.86 18.99 -91.95
N ILE F 396 67.57 20.12 -92.61
CA ILE F 396 66.52 20.12 -93.61
C ILE F 396 66.99 19.47 -94.91
N GLU F 397 68.29 19.52 -95.21
CA GLU F 397 68.77 18.83 -96.41
C GLU F 397 68.88 17.32 -96.19
N SER F 398 69.06 16.88 -94.94
CA SER F 398 68.95 15.46 -94.65
C SER F 398 67.49 15.01 -94.63
N ALA F 399 66.59 15.89 -94.20
CA ALA F 399 65.17 15.56 -94.19
C ALA F 399 64.59 15.50 -95.59
N ASN F 400 65.06 16.33 -96.51
CA ASN F 400 64.55 16.30 -97.88
C ASN F 400 64.95 15.01 -98.59
N THR F 401 66.25 14.68 -98.56
CA THR F 401 66.77 13.56 -99.36
C THR F 401 67.01 12.35 -98.47
N SER F 402 65.91 11.68 -98.12
CA SER F 402 65.96 10.43 -97.37
C SER F 402 64.63 9.70 -97.55
N TYR F 403 64.54 8.52 -96.95
CA TYR F 403 63.30 7.73 -96.95
C TYR F 403 62.47 8.17 -95.76
N THR F 404 61.77 9.29 -95.93
CA THR F 404 60.99 9.91 -94.87
C THR F 404 59.50 9.80 -95.17
N ASN F 405 58.70 10.30 -94.23
CA ASN F 405 57.29 10.51 -94.48
C ASN F 405 57.10 11.88 -95.12
N ALA F 406 56.36 11.94 -96.22
CA ALA F 406 56.18 13.19 -96.94
C ALA F 406 55.40 14.21 -96.13
N TRP F 407 54.46 13.75 -95.31
CA TRP F 407 53.72 14.65 -94.44
C TRP F 407 54.63 15.30 -93.40
N ALA F 408 55.56 14.52 -92.84
CA ALA F 408 56.51 15.07 -91.88
C ALA F 408 57.41 16.12 -92.52
N LEU F 409 57.86 15.87 -93.76
CA LEU F 409 58.66 16.85 -94.47
C LEU F 409 57.87 18.12 -94.77
N LEU F 410 56.61 17.95 -95.17
CA LEU F 410 55.76 19.11 -95.45
C LEU F 410 55.54 19.97 -94.22
N MET F 411 55.26 19.34 -93.07
CA MET F 411 55.10 20.11 -91.84
C MET F 411 56.43 20.68 -91.35
N THR F 412 57.56 20.05 -91.68
CA THR F 412 58.86 20.65 -91.37
C THR F 412 59.05 21.96 -92.16
N LEU F 413 58.71 21.95 -93.45
CA LEU F 413 58.82 23.17 -94.25
C LEU F 413 57.84 24.25 -93.76
N VAL F 414 56.61 23.85 -93.44
CA VAL F 414 55.62 24.81 -92.93
C VAL F 414 56.07 25.37 -91.58
N ALA F 415 56.71 24.54 -90.76
CA ALA F 415 57.26 25.00 -89.49
C ALA F 415 58.38 26.01 -89.71
N THR F 416 59.23 25.78 -90.72
CA THR F 416 60.28 26.75 -91.04
C THR F 416 59.69 28.10 -91.47
N SER F 417 58.65 28.05 -92.32
CA SER F 417 57.96 29.28 -92.71
C SER F 417 57.34 29.98 -91.51
N PHE F 418 56.76 29.21 -90.59
CA PHE F 418 56.14 29.80 -89.42
C PHE F 418 57.17 30.39 -88.46
N THR F 419 58.35 29.78 -88.36
CA THR F 419 59.43 30.37 -87.58
C THR F 419 59.83 31.73 -88.15
N ALA F 420 59.94 31.80 -89.48
CA ALA F 420 60.22 33.09 -90.12
C ALA F 420 59.14 34.11 -89.82
N ILE F 421 57.87 33.67 -89.89
CA ILE F 421 56.73 34.57 -89.67
C ILE F 421 56.74 35.13 -88.25
N TYR F 422 56.90 34.26 -87.24
CA TYR F 422 56.82 34.79 -85.88
C TYR F 422 58.07 35.56 -85.48
N SER F 423 59.24 35.22 -86.05
CA SER F 423 60.43 36.01 -85.75
C SER F 423 60.32 37.41 -86.31
N THR F 424 59.86 37.56 -87.56
CA THR F 424 59.67 38.90 -88.08
C THR F 424 58.46 39.60 -87.45
N ARG F 425 57.51 38.84 -86.90
CA ARG F 425 56.43 39.45 -86.11
C ARG F 425 56.98 40.07 -84.83
N ILE F 426 57.89 39.35 -84.16
CA ILE F 426 58.56 39.88 -82.98
C ILE F 426 59.35 41.14 -83.34
N ILE F 427 60.07 41.10 -84.47
CA ILE F 427 60.87 42.24 -84.90
C ILE F 427 59.98 43.45 -85.19
N PHE F 428 58.87 43.23 -85.91
CA PHE F 428 58.02 44.35 -86.30
C PHE F 428 57.25 44.93 -85.11
N PHE F 429 56.65 44.07 -84.29
CA PHE F 429 55.82 44.55 -83.20
C PHE F 429 56.62 44.98 -81.97
N ALA F 430 57.90 44.62 -81.88
CA ALA F 430 58.69 44.92 -80.70
C ALA F 430 59.79 45.93 -80.93
N LEU F 431 60.29 46.07 -82.16
CA LEU F 431 61.46 46.90 -82.43
C LEU F 431 61.20 48.05 -83.39
N LEU F 432 60.10 48.05 -84.13
CA LEU F 432 59.83 49.08 -85.12
C LEU F 432 58.50 49.77 -84.79
N GLY F 433 58.05 50.60 -85.72
CA GLY F 433 56.77 51.27 -85.58
C GLY F 433 56.81 52.41 -84.58
N GLN F 434 55.61 52.84 -84.21
CA GLN F 434 55.31 53.93 -83.28
C GLN F 434 55.15 53.37 -81.86
N PRO F 435 55.58 54.11 -80.84
CA PRO F 435 55.56 53.57 -79.47
C PRO F 435 54.14 53.41 -78.94
N ARG F 436 53.98 52.44 -78.03
CA ARG F 436 52.71 52.17 -77.39
C ARG F 436 52.77 52.18 -75.87
N PHE F 437 53.96 52.21 -75.27
CA PHE F 437 54.11 52.17 -73.83
C PHE F 437 53.72 53.52 -73.22
N PRO F 438 53.44 53.55 -71.91
CA PRO F 438 53.16 54.83 -71.24
C PRO F 438 54.32 55.81 -71.29
N THR F 439 54.00 57.06 -70.93
CA THR F 439 54.89 58.18 -71.20
C THR F 439 56.07 58.28 -70.25
N LEU F 440 56.04 57.58 -69.11
CA LEU F 440 57.17 57.63 -68.18
C LEU F 440 58.30 56.81 -68.76
N ILE F 441 59.23 57.48 -69.43
CA ILE F 441 60.31 56.81 -70.15
C ILE F 441 61.48 56.59 -69.21
N ASN F 442 61.74 55.34 -68.85
CA ASN F 442 62.84 54.95 -68.00
C ASN F 442 63.81 54.05 -68.76
N ILE F 443 64.10 54.41 -70.00
CA ILE F 443 64.93 53.59 -70.87
C ILE F 443 66.38 53.73 -70.46
N ASN F 444 67.04 52.61 -70.18
CA ASN F 444 68.42 52.59 -69.72
C ASN F 444 68.99 51.20 -69.92
N GLU F 445 70.17 51.12 -70.55
CA GLU F 445 70.84 49.84 -70.74
C GLU F 445 72.35 49.94 -70.55
N ASN F 446 72.83 50.97 -69.87
CA ASN F 446 74.27 51.25 -69.78
C ASN F 446 74.97 50.47 -68.67
N ASN F 447 74.30 49.55 -68.00
CA ASN F 447 74.95 48.75 -66.97
C ASN F 447 75.91 47.77 -67.62
N PRO F 448 77.15 47.66 -67.13
CA PRO F 448 78.16 46.84 -67.83
C PRO F 448 77.87 45.35 -67.85
N PHE F 449 77.12 44.84 -66.86
CA PHE F 449 76.84 43.41 -66.82
C PHE F 449 76.00 42.95 -68.01
N LEU F 450 74.90 43.67 -68.28
CA LEU F 450 74.02 43.32 -69.38
C LEU F 450 74.73 43.49 -70.73
N ILE F 451 75.48 44.58 -70.89
CA ILE F 451 76.20 44.82 -72.13
C ILE F 451 77.23 43.74 -72.38
N ASN F 452 78.01 43.39 -71.34
CA ASN F 452 79.03 42.35 -71.48
C ASN F 452 78.42 40.99 -71.77
N SER F 453 77.29 40.67 -71.13
CA SER F 453 76.66 39.37 -71.35
C SER F 453 76.10 39.25 -72.76
N ILE F 454 75.40 40.29 -73.22
CA ILE F 454 74.85 40.25 -74.57
C ILE F 454 75.97 40.26 -75.60
N LYS F 455 77.06 40.97 -75.33
CA LYS F 455 78.21 40.94 -76.24
C LYS F 455 78.85 39.55 -76.29
N ARG F 456 78.96 38.88 -75.14
CA ARG F 456 79.53 37.53 -75.11
C ARG F 456 78.68 36.55 -75.89
N LEU F 457 77.36 36.56 -75.66
CA LEU F 457 76.51 35.64 -76.41
C LEU F 457 76.35 36.04 -77.86
N LEU F 458 76.56 37.32 -78.21
CA LEU F 458 76.54 37.72 -79.61
C LEU F 458 77.78 37.22 -80.34
N ILE F 459 78.95 37.30 -79.69
CA ILE F 459 80.16 36.72 -80.26
C ILE F 459 80.00 35.21 -80.40
N GLY F 460 79.39 34.57 -79.40
CA GLY F 460 79.11 33.14 -79.49
C GLY F 460 78.20 32.79 -80.65
N SER F 461 77.05 33.46 -80.74
CA SER F 461 76.10 33.21 -81.82
C SER F 461 76.58 33.71 -83.17
N LEU F 462 77.71 34.44 -83.23
CA LEU F 462 78.29 34.77 -84.52
C LEU F 462 79.35 33.76 -84.97
N PHE F 463 80.18 33.24 -84.06
CA PHE F 463 81.33 32.45 -84.49
C PHE F 463 81.46 31.05 -83.87
N ALA F 464 80.85 30.78 -82.71
CA ALA F 464 81.01 29.49 -82.07
C ALA F 464 80.34 28.38 -82.87
N GLY F 465 79.28 28.69 -83.61
CA GLY F 465 78.69 27.70 -84.49
C GLY F 465 79.63 27.26 -85.59
N PHE F 466 80.34 28.22 -86.20
CA PHE F 466 81.35 27.90 -87.20
C PHE F 466 82.49 27.09 -86.59
N ILE F 467 82.92 27.47 -85.39
CA ILE F 467 84.01 26.74 -84.72
C ILE F 467 83.60 25.29 -84.43
N ILE F 468 82.39 25.10 -83.92
CA ILE F 468 81.89 23.76 -83.59
C ILE F 468 81.72 22.93 -84.85
N SER F 469 81.15 23.51 -85.91
CA SER F 469 80.97 22.76 -87.15
C SER F 469 82.30 22.43 -87.81
N ASN F 470 83.34 23.22 -87.57
CA ASN F 470 84.66 22.86 -88.05
C ASN F 470 85.25 21.71 -87.24
N ASN F 471 85.16 21.79 -85.92
CA ASN F 471 85.98 20.94 -85.05
C ASN F 471 85.34 19.61 -84.68
N ILE F 472 84.09 19.35 -85.06
CA ILE F 472 83.50 18.05 -84.79
C ILE F 472 84.11 17.02 -85.74
N PRO F 473 84.46 15.82 -85.25
CA PRO F 473 84.98 14.80 -86.14
C PRO F 473 83.88 14.28 -87.05
N PRO F 474 84.22 13.88 -88.28
CA PRO F 474 83.20 13.35 -89.19
C PRO F 474 82.73 11.97 -88.77
N MET F 475 81.48 11.89 -88.31
CA MET F 475 80.92 10.62 -87.85
C MET F 475 79.69 10.19 -88.64
N THR F 476 79.28 10.96 -89.66
CA THR F 476 78.15 10.59 -90.49
C THR F 476 78.49 10.90 -91.94
N ILE F 477 77.84 10.19 -92.86
CA ILE F 477 78.04 10.40 -94.29
C ILE F 477 77.34 11.70 -94.68
N PRO F 478 78.05 12.68 -95.22
CA PRO F 478 77.39 13.91 -95.68
C PRO F 478 76.68 13.68 -97.01
N GLN F 479 75.54 14.32 -97.16
CA GLN F 479 74.73 14.22 -98.37
C GLN F 479 74.70 15.57 -99.06
N MET F 480 75.28 15.64 -100.26
CA MET F 480 75.38 16.90 -100.99
C MET F 480 75.07 16.77 -102.47
N THR F 481 74.62 15.60 -102.93
CA THR F 481 74.23 15.40 -104.32
C THR F 481 72.71 15.40 -104.38
N MET F 482 72.15 16.54 -104.77
CA MET F 482 70.70 16.73 -104.81
C MET F 482 70.39 17.82 -105.82
N PRO F 483 69.17 17.86 -106.35
CA PRO F 483 68.81 18.94 -107.29
C PRO F 483 68.71 20.28 -106.57
N HIS F 484 68.61 21.34 -107.40
CA HIS F 484 68.64 22.70 -106.88
C HIS F 484 67.38 23.03 -106.09
N TYR F 485 66.22 22.52 -106.52
CA TYR F 485 64.98 22.84 -105.83
C TYR F 485 64.85 22.11 -104.51
N LEU F 486 65.63 21.05 -104.29
CA LEU F 486 65.71 20.40 -102.99
C LEU F 486 66.86 20.92 -102.14
N LYS F 487 67.63 21.88 -102.65
CA LYS F 487 68.74 22.47 -101.93
C LYS F 487 68.50 23.93 -101.54
N MET F 488 67.79 24.69 -102.37
CA MET F 488 67.37 26.05 -102.04
C MET F 488 66.13 26.10 -101.17
N THR F 489 65.67 24.95 -100.63
CA THR F 489 64.35 24.87 -100.02
C THR F 489 64.25 25.73 -98.76
N ALA F 490 65.26 25.66 -97.88
CA ALA F 490 65.18 26.35 -96.60
C ALA F 490 65.14 27.86 -96.76
N LEU F 491 66.03 28.39 -97.60
CA LEU F 491 66.09 29.84 -97.81
C LEU F 491 64.84 30.35 -98.52
N THR F 492 64.34 29.59 -99.51
CA THR F 492 63.14 30.02 -100.23
C THR F 492 61.91 30.01 -99.34
N VAL F 493 61.76 28.98 -98.50
CA VAL F 493 60.63 28.94 -97.58
C VAL F 493 60.75 30.05 -96.53
N THR F 494 61.96 30.33 -96.05
CA THR F 494 62.15 31.44 -95.10
C THR F 494 61.79 32.78 -95.73
N ILE F 495 62.21 33.01 -96.97
CA ILE F 495 61.90 34.27 -97.65
C ILE F 495 60.40 34.37 -97.94
N LEU F 496 59.76 33.25 -98.28
CA LEU F 496 58.32 33.24 -98.53
C LEU F 496 57.54 33.56 -97.24
N GLY F 497 57.96 32.99 -96.12
CA GLY F 497 57.34 33.33 -94.85
C GLY F 497 57.55 34.78 -94.47
N PHE F 498 58.75 35.30 -94.74
CA PHE F 498 59.02 36.73 -94.50
C PHE F 498 58.10 37.61 -95.34
N ILE F 499 57.91 37.25 -96.61
CA ILE F 499 57.05 38.03 -97.50
C ILE F 499 55.60 37.98 -97.05
N LEU F 500 55.12 36.79 -96.67
CA LEU F 500 53.73 36.66 -96.22
C LEU F 500 53.48 37.44 -94.93
N ALA F 501 54.40 37.35 -93.97
CA ALA F 501 54.21 38.11 -92.75
C ALA F 501 54.44 39.60 -92.96
N LEU F 502 55.25 39.99 -93.94
CA LEU F 502 55.35 41.39 -94.32
C LEU F 502 54.03 41.90 -94.89
N GLU F 503 53.36 41.07 -95.68
CA GLU F 503 52.03 41.42 -96.17
C GLU F 503 51.05 41.59 -95.03
N ILE F 504 51.09 40.68 -94.04
CA ILE F 504 50.22 40.78 -92.88
C ILE F 504 50.50 42.06 -92.09
N SER F 505 51.79 42.36 -91.88
CA SER F 505 52.17 43.55 -91.10
C SER F 505 51.81 44.83 -91.83
N ASN F 506 51.92 44.86 -93.16
CA ASN F 506 51.52 46.04 -93.92
C ASN F 506 50.01 46.20 -93.93
N THR F 507 49.26 45.10 -93.98
CA THR F 507 47.81 45.19 -93.99
C THR F 507 47.24 45.48 -92.61
N THR F 508 48.00 45.28 -91.54
CA THR F 508 47.50 45.64 -90.21
C THR F 508 47.45 47.15 -89.99
N HIS F 509 48.15 47.94 -90.80
CA HIS F 509 48.19 49.38 -90.62
C HIS F 509 46.97 50.10 -91.17
N TYR F 510 46.13 49.44 -91.96
CA TYR F 510 44.95 50.08 -92.52
C TYR F 510 43.91 50.32 -91.43
N LEU F 511 43.16 51.42 -91.59
CA LEU F 511 42.13 51.81 -90.63
C LEU F 511 40.82 51.06 -90.93
N LYS F 512 40.90 49.74 -90.80
CA LYS F 512 39.76 48.87 -91.08
C LYS F 512 39.46 47.95 -89.90
N PHE F 513 38.58 46.99 -90.10
CA PHE F 513 38.25 46.01 -89.06
C PHE F 513 37.88 44.70 -89.73
N ASN F 514 38.63 43.65 -89.41
CA ASN F 514 38.38 42.31 -89.92
C ASN F 514 37.90 41.44 -88.78
N TYR F 515 36.72 40.85 -88.95
CA TYR F 515 36.18 39.97 -87.91
C TYR F 515 36.95 38.66 -87.89
N PRO F 516 37.45 38.23 -86.73
CA PRO F 516 38.27 37.01 -86.69
C PRO F 516 37.43 35.75 -86.93
N SER F 517 38.00 34.82 -87.68
CA SER F 517 37.37 33.55 -87.98
C SER F 517 37.79 32.51 -86.94
N ASN F 518 37.50 31.24 -87.23
CA ASN F 518 37.90 30.15 -86.34
C ASN F 518 39.41 29.97 -86.28
N THR F 519 40.14 30.45 -87.28
CA THR F 519 41.60 30.28 -87.30
C THR F 519 42.25 31.05 -86.16
N PHE F 520 41.84 32.31 -85.95
CA PHE F 520 42.44 33.11 -84.89
C PHE F 520 42.07 32.58 -83.51
N LYS F 521 40.83 32.11 -83.35
CA LYS F 521 40.43 31.51 -82.08
C LYS F 521 41.19 30.22 -81.81
N PHE F 522 41.41 29.41 -82.84
CA PHE F 522 42.14 28.17 -82.67
C PHE F 522 43.62 28.41 -82.45
N SER F 523 44.15 29.54 -82.93
CA SER F 523 45.57 29.84 -82.80
C SER F 523 45.91 30.52 -81.48
N ASN F 524 45.21 31.62 -81.16
CA ASN F 524 45.58 32.40 -79.99
C ASN F 524 45.21 31.73 -78.67
N LEU F 525 44.27 30.78 -78.68
CA LEU F 525 43.83 30.11 -77.47
C LEU F 525 44.58 28.79 -77.24
N LEU F 526 45.82 28.70 -77.72
CA LEU F 526 46.73 27.58 -77.45
C LEU F 526 46.16 26.26 -77.92
N GLY F 527 45.52 26.28 -79.10
CA GLY F 527 44.91 25.10 -79.67
C GLY F 527 43.78 24.51 -78.85
N TYR F 528 43.25 25.29 -77.90
CA TYR F 528 42.31 24.85 -76.86
C TYR F 528 42.85 23.69 -76.03
N TYR F 529 44.16 23.47 -75.99
CA TYR F 529 44.65 22.32 -75.23
C TYR F 529 44.74 22.62 -73.73
N PRO F 530 45.21 23.78 -73.26
CA PRO F 530 45.04 24.09 -71.83
C PRO F 530 43.63 24.54 -71.46
N THR F 531 42.68 24.52 -72.39
CA THR F 531 41.30 24.84 -72.08
C THR F 531 40.41 23.61 -72.03
N ILE F 532 40.78 22.53 -72.72
CA ILE F 532 40.00 21.30 -72.74
C ILE F 532 40.64 20.22 -71.87
N MET F 533 41.93 19.93 -72.11
CA MET F 533 42.61 18.87 -71.37
C MET F 533 43.06 19.32 -69.98
N HIS F 534 43.03 20.61 -69.68
CA HIS F 534 43.35 21.10 -68.34
C HIS F 534 42.09 21.48 -67.57
N ARG F 535 40.92 21.09 -68.06
CA ARG F 535 39.64 21.30 -67.38
C ARG F 535 38.88 20.00 -67.16
N LEU F 536 38.94 19.07 -68.09
CA LEU F 536 38.17 17.84 -68.02
C LEU F 536 38.89 16.74 -67.23
N THR F 537 40.17 16.51 -67.52
CA THR F 537 40.92 15.49 -66.78
C THR F 537 41.06 15.79 -65.28
N PRO F 538 41.36 17.02 -64.80
CA PRO F 538 41.38 17.20 -63.34
C PRO F 538 40.00 17.07 -62.72
N TYR F 539 38.95 17.51 -63.42
CA TYR F 539 37.58 17.34 -62.93
C TYR F 539 37.25 15.86 -62.77
N MET F 540 37.57 15.05 -63.79
CA MET F 540 37.29 13.63 -63.73
C MET F 540 38.09 12.94 -62.63
N ASN F 541 39.38 13.29 -62.51
CA ASN F 541 40.22 12.67 -61.49
C ASN F 541 39.74 13.02 -60.08
N LEU F 542 39.39 14.29 -59.85
CA LEU F 542 38.97 14.69 -58.51
C LEU F 542 37.58 14.17 -58.16
N THR F 543 36.68 14.07 -59.14
CA THR F 543 35.37 13.49 -58.87
C THR F 543 35.45 11.98 -58.66
N MET F 544 36.38 11.31 -59.34
CA MET F 544 36.62 9.90 -59.05
C MET F 544 37.22 9.74 -57.65
N SER F 545 38.09 10.66 -57.25
CA SER F 545 38.76 10.56 -55.96
C SER F 545 37.79 10.83 -54.81
N GLN F 546 36.92 11.83 -54.94
CA GLN F 546 36.06 12.20 -53.82
C GLN F 546 34.71 11.46 -53.85
N LYS F 547 33.95 11.64 -54.94
CA LYS F 547 32.58 11.13 -54.97
C LYS F 547 32.53 9.61 -55.02
N SER F 548 33.54 8.97 -55.61
CA SER F 548 33.55 7.53 -55.77
C SER F 548 34.43 6.80 -54.76
N ALA F 549 35.45 7.46 -54.24
CA ALA F 549 36.43 6.80 -53.38
C ALA F 549 36.45 7.34 -51.97
N SER F 550 36.63 8.66 -51.80
CA SER F 550 36.75 9.23 -50.47
C SER F 550 35.42 9.23 -49.71
N SER F 551 34.31 9.40 -50.43
CA SER F 551 32.99 9.42 -49.82
C SER F 551 32.29 8.07 -49.91
N LEU F 552 32.13 7.56 -51.14
CA LEU F 552 31.26 6.40 -51.35
C LEU F 552 31.83 5.13 -50.76
N LEU F 553 33.10 4.84 -51.04
CA LEU F 553 33.68 3.54 -50.68
C LEU F 553 34.30 3.53 -49.29
N ASP F 554 35.23 4.46 -49.04
CA ASP F 554 36.00 4.42 -47.81
C ASP F 554 35.15 4.76 -46.58
N LEU F 555 34.24 5.72 -46.73
CA LEU F 555 33.50 6.21 -45.57
C LEU F 555 32.20 5.48 -45.31
N ILE F 556 31.61 4.85 -46.33
CA ILE F 556 30.33 4.17 -46.10
C ILE F 556 30.47 2.66 -46.19
N TRP F 557 30.79 2.14 -47.38
CA TRP F 557 30.56 0.73 -47.66
C TRP F 557 31.56 -0.16 -46.95
N LEU F 558 32.85 0.20 -46.98
CA LEU F 558 33.83 -0.54 -46.20
C LEU F 558 33.60 -0.37 -44.71
N GLU F 559 33.11 0.81 -44.31
CA GLU F 559 32.70 1.04 -42.93
C GLU F 559 31.43 0.28 -42.58
N THR F 560 30.68 -0.20 -43.58
CA THR F 560 29.43 -0.89 -43.32
C THR F 560 29.59 -2.41 -43.26
N ILE F 561 30.33 -2.99 -44.21
CA ILE F 561 30.27 -4.45 -44.40
C ILE F 561 30.91 -5.18 -43.22
N LEU F 562 32.14 -4.80 -42.83
CA LEU F 562 32.76 -5.52 -41.72
C LEU F 562 32.28 -5.05 -40.34
N PRO F 563 32.49 -3.76 -39.92
CA PRO F 563 32.26 -3.46 -38.50
C PRO F 563 30.81 -3.16 -38.10
N LYS F 564 30.08 -2.44 -38.95
CA LYS F 564 28.76 -1.93 -38.54
C LYS F 564 27.71 -3.03 -38.55
N THR F 565 27.76 -3.93 -39.52
CA THR F 565 26.83 -5.06 -39.55
C THR F 565 27.05 -5.97 -38.34
N ILE F 566 28.31 -6.21 -37.98
CA ILE F 566 28.63 -7.01 -36.79
C ILE F 566 28.14 -6.31 -35.53
N SER F 567 28.38 -5.00 -35.43
CA SER F 567 27.97 -4.25 -34.25
C SER F 567 26.46 -4.23 -34.09
N LEU F 568 25.71 -4.04 -35.19
CA LEU F 568 24.25 -4.04 -35.10
C LEU F 568 23.70 -5.45 -34.85
N ALA F 569 24.37 -6.48 -35.38
CA ALA F 569 23.95 -7.85 -35.09
C ALA F 569 24.09 -8.17 -33.61
N GLN F 570 25.23 -7.79 -33.02
CA GLN F 570 25.41 -8.00 -31.58
C GLN F 570 24.47 -7.11 -30.78
N MET F 571 24.16 -5.91 -31.29
CA MET F 571 23.17 -5.04 -30.66
C MET F 571 21.83 -5.73 -30.55
N LYS F 572 21.33 -6.26 -31.67
CA LYS F 572 20.03 -6.93 -31.70
C LYS F 572 20.03 -8.20 -30.86
N MET F 573 21.10 -9.00 -30.94
CA MET F 573 21.16 -10.24 -30.19
C MET F 573 21.20 -9.98 -28.69
N SER F 574 22.00 -9.00 -28.25
CA SER F 574 22.09 -8.70 -26.83
C SER F 574 20.82 -8.04 -26.31
N THR F 575 20.11 -7.29 -27.17
CA THR F 575 18.81 -6.76 -26.77
C THR F 575 17.80 -7.90 -26.58
N THR F 576 17.78 -8.85 -27.50
CA THR F 576 16.80 -9.94 -27.41
C THR F 576 17.12 -10.91 -26.27
N ILE F 577 18.40 -11.07 -25.92
CA ILE F 577 18.76 -12.06 -24.90
C ILE F 577 18.34 -11.58 -23.52
N THR F 578 18.67 -10.33 -23.16
CA THR F 578 18.50 -9.83 -21.80
C THR F 578 17.28 -8.92 -21.65
N SER F 579 16.18 -9.25 -22.32
CA SER F 579 14.90 -8.58 -22.08
C SER F 579 13.96 -9.47 -21.28
N GLN F 580 14.52 -10.22 -20.33
CA GLN F 580 13.73 -11.13 -19.50
C GLN F 580 12.93 -10.35 -18.46
N LYS F 581 11.76 -10.89 -18.13
CA LYS F 581 10.84 -10.22 -17.22
C LYS F 581 11.10 -10.55 -15.75
N GLY F 582 11.94 -11.54 -15.46
CA GLY F 582 12.24 -11.90 -14.09
C GLY F 582 11.27 -12.88 -13.44
N LEU F 583 10.26 -13.34 -14.16
CA LEU F 583 9.34 -14.33 -13.62
C LEU F 583 10.04 -15.68 -13.49
N ILE F 584 9.72 -16.40 -12.42
CA ILE F 584 10.34 -17.71 -12.21
C ILE F 584 9.53 -18.82 -12.86
N LYS F 585 8.24 -18.62 -13.12
CA LYS F 585 7.45 -19.61 -13.84
C LYS F 585 7.95 -19.78 -15.26
N LEU F 586 8.27 -18.65 -15.92
CA LEU F 586 8.85 -18.72 -17.26
C LEU F 586 10.22 -19.35 -17.25
N TYR F 587 11.01 -19.08 -16.21
CA TYR F 587 12.36 -19.68 -16.12
C TYR F 587 12.28 -21.18 -15.97
N PHE F 588 11.37 -21.67 -15.12
CA PHE F 588 11.26 -23.12 -14.96
C PHE F 588 10.58 -23.78 -16.14
N LEU F 589 9.70 -23.05 -16.85
CA LEU F 589 9.19 -23.56 -18.11
C LEU F 589 10.30 -23.70 -19.14
N SER F 590 11.23 -22.73 -19.17
CA SER F 590 12.39 -22.82 -20.04
C SER F 590 13.28 -24.01 -19.67
N PHE F 591 13.45 -24.25 -18.37
CA PHE F 591 14.20 -25.43 -17.93
C PHE F 591 13.54 -26.71 -18.39
N LEU F 592 12.20 -26.76 -18.31
CA LEU F 592 11.47 -27.94 -18.74
C LEU F 592 11.59 -28.19 -20.23
N ILE F 593 11.48 -27.13 -21.06
CA ILE F 593 11.53 -27.38 -22.50
C ILE F 593 12.98 -27.69 -22.90
N THR F 594 13.95 -27.15 -22.16
CA THR F 594 15.36 -27.52 -22.37
C THR F 594 15.58 -29.00 -22.09
N ILE F 595 15.03 -29.49 -20.98
CA ILE F 595 15.16 -30.91 -20.62
C ILE F 595 14.46 -31.78 -21.66
N LEU F 596 13.28 -31.35 -22.12
CA LEU F 596 12.53 -32.13 -23.11
C LEU F 596 13.23 -32.15 -24.47
N ILE F 597 13.90 -31.06 -24.84
CA ILE F 597 14.66 -31.04 -26.09
C ILE F 597 15.89 -31.94 -25.98
N SER F 598 16.61 -31.87 -24.86
CA SER F 598 17.82 -32.66 -24.69
C SER F 598 17.51 -34.15 -24.63
N THR F 599 16.41 -34.52 -23.96
CA THR F 599 16.08 -35.94 -23.81
C THR F 599 15.51 -36.53 -25.09
N THR F 600 14.59 -35.82 -25.76
CA THR F 600 13.85 -36.42 -26.86
C THR F 600 14.47 -36.13 -28.22
N LEU F 601 14.60 -34.85 -28.58
CA LEU F 601 15.02 -34.49 -29.93
C LEU F 601 16.49 -34.83 -30.16
N LEU F 602 17.37 -34.43 -29.23
CA LEU F 602 18.79 -34.65 -29.43
C LEU F 602 19.21 -36.10 -29.22
N ASN F 603 18.49 -36.81 -28.35
CA ASN F 603 18.78 -38.21 -27.98
C ASN F 603 20.21 -38.35 -27.48
N PHE F 604 20.49 -37.68 -26.37
CA PHE F 604 21.83 -37.67 -25.81
C PHE F 604 22.13 -38.88 -24.93
N HIS F 605 21.18 -39.78 -24.73
CA HIS F 605 21.42 -41.03 -24.00
C HIS F 605 21.63 -42.20 -24.94
N GLU F 606 22.23 -41.96 -26.10
CA GLU F 606 22.58 -43.04 -27.02
C GLU F 606 24.05 -43.43 -26.83
N FME G 1 70.48 -10.81 -26.16
CN FME G 1 71.83 -11.01 -26.27
O1 FME G 1 72.64 -10.10 -26.44
CA FME G 1 69.87 -9.51 -26.25
CB FME G 1 68.51 -9.54 -26.95
CG FME G 1 68.65 -9.94 -28.39
SD FME G 1 69.46 -8.60 -29.21
CE FME G 1 68.27 -7.32 -29.02
C FME G 1 69.66 -8.88 -24.88
O FME G 1 68.91 -7.93 -24.67
N LEU G 2 70.36 -9.45 -23.90
CA LEU G 2 70.25 -9.00 -22.52
C LEU G 2 71.01 -7.71 -22.29
N LYS G 3 71.87 -7.35 -23.23
CA LYS G 3 72.65 -6.11 -23.09
C LYS G 3 71.87 -4.88 -23.55
N TYR G 4 70.65 -5.05 -24.07
CA TYR G 4 69.75 -3.94 -24.36
C TYR G 4 68.44 -4.00 -23.59
N ILE G 5 67.97 -5.19 -23.23
CA ILE G 5 66.75 -5.32 -22.44
C ILE G 5 66.99 -4.86 -21.01
N ILE G 6 68.11 -5.26 -20.42
CA ILE G 6 68.45 -4.81 -19.06
C ILE G 6 68.65 -3.31 -18.98
N PRO G 7 69.30 -2.62 -19.93
CA PRO G 7 69.27 -1.14 -19.90
C PRO G 7 67.87 -0.53 -19.93
N THR G 8 66.93 -1.12 -20.67
CA THR G 8 65.57 -0.57 -20.69
C THR G 8 64.87 -0.80 -19.35
N MET G 9 64.93 -2.02 -18.83
CA MET G 9 64.31 -2.34 -17.55
C MET G 9 65.01 -1.68 -16.37
N MET G 10 66.23 -1.16 -16.57
CA MET G 10 66.96 -0.45 -15.54
C MET G 10 66.80 1.06 -15.68
N LEU G 11 66.46 1.53 -16.88
CA LEU G 11 66.04 2.90 -17.10
C LEU G 11 64.62 3.12 -16.59
N MET G 12 63.84 2.04 -16.49
CA MET G 12 62.50 2.13 -15.90
C MET G 12 62.50 2.71 -14.48
N PRO G 13 63.32 2.25 -13.53
CA PRO G 13 63.39 2.99 -12.25
C PRO G 13 64.01 4.36 -12.38
N LEU G 14 64.85 4.59 -13.40
CA LEU G 14 65.47 5.90 -13.57
C LEU G 14 64.42 6.94 -13.91
N THR G 15 63.46 6.60 -14.78
CA THR G 15 62.35 7.52 -14.98
C THR G 15 61.33 7.44 -13.84
N TRP G 16 61.41 6.43 -12.98
CA TRP G 16 60.57 6.49 -11.78
C TRP G 16 61.25 7.19 -10.60
N LEU G 17 62.58 7.21 -10.54
CA LEU G 17 63.28 7.83 -9.42
C LEU G 17 63.86 9.20 -9.75
N SER G 18 63.52 9.78 -10.90
CA SER G 18 64.09 11.07 -11.28
C SER G 18 63.40 12.20 -10.52
N LYS G 19 64.02 13.38 -10.59
CA LYS G 19 63.52 14.55 -9.90
C LYS G 19 62.33 15.15 -10.66
N ASN G 20 61.76 16.21 -10.09
CA ASN G 20 60.54 16.81 -10.63
C ASN G 20 60.80 17.69 -11.85
N SER G 21 62.05 17.96 -12.20
CA SER G 21 62.37 18.79 -13.35
C SER G 21 63.46 18.22 -14.24
N MET G 22 63.96 17.02 -13.95
CA MET G 22 65.03 16.42 -14.75
C MET G 22 64.63 15.05 -15.31
N ILE G 23 63.33 14.80 -15.48
CA ILE G 23 62.89 13.55 -16.07
C ILE G 23 63.27 13.50 -17.55
N TRP G 24 62.98 14.59 -18.28
CA TRP G 24 63.21 14.61 -19.73
C TRP G 24 64.68 14.52 -20.07
N ILE G 25 65.52 15.27 -19.35
CA ILE G 25 66.95 15.32 -19.65
C ILE G 25 67.59 13.95 -19.40
N ASN G 26 67.30 13.35 -18.24
CA ASN G 26 67.88 12.07 -17.90
C ASN G 26 67.40 10.97 -18.83
N THR G 27 66.10 10.94 -19.14
CA THR G 27 65.56 9.93 -20.04
C THR G 27 66.12 10.07 -21.44
N THR G 28 66.21 11.30 -21.95
CA THR G 28 66.76 11.52 -23.29
C THR G 28 68.23 11.13 -23.36
N LEU G 29 69.02 11.52 -22.35
CA LEU G 29 70.45 11.18 -22.33
C LEU G 29 70.66 9.68 -22.30
N HIS G 30 69.94 8.98 -21.42
CA HIS G 30 70.17 7.56 -21.28
C HIS G 30 69.62 6.77 -22.45
N SER G 31 68.51 7.23 -23.05
CA SER G 31 68.02 6.60 -24.27
C SER G 31 68.97 6.81 -25.44
N LEU G 32 69.64 7.97 -25.50
CA LEU G 32 70.64 8.16 -26.54
C LEU G 32 71.89 7.29 -26.31
N LEU G 33 72.24 7.06 -25.05
CA LEU G 33 73.30 6.09 -24.76
C LEU G 33 72.92 4.69 -25.22
N ILE G 34 71.67 4.28 -25.00
CA ILE G 34 71.20 2.99 -25.49
C ILE G 34 71.20 2.97 -27.02
N SER G 35 70.88 4.11 -27.64
CA SER G 35 70.86 4.19 -29.10
C SER G 35 72.27 4.02 -29.69
N LEU G 36 73.28 4.61 -29.04
CA LEU G 36 74.66 4.35 -29.47
C LEU G 36 75.05 2.90 -29.23
N THR G 37 74.65 2.34 -28.08
CA THR G 37 75.02 0.97 -27.74
C THR G 37 74.42 -0.03 -28.72
N SER G 38 73.25 0.29 -29.29
CA SER G 38 72.54 -0.60 -30.20
C SER G 38 73.26 -0.83 -31.53
N LEU G 39 74.29 -0.06 -31.84
CA LEU G 39 75.01 -0.25 -33.10
C LEU G 39 75.84 -1.53 -33.13
N LEU G 40 76.03 -2.19 -31.98
CA LEU G 40 76.81 -3.43 -31.95
C LEU G 40 76.10 -4.61 -32.58
N LEU G 41 74.80 -4.47 -32.89
CA LEU G 41 74.04 -5.55 -33.51
C LEU G 41 74.43 -5.79 -34.96
N LEU G 42 75.22 -4.91 -35.57
CA LEU G 42 75.58 -5.01 -36.97
C LEU G 42 76.73 -5.99 -37.23
N ASN G 43 77.10 -6.83 -36.26
CA ASN G 43 78.09 -7.88 -36.47
C ASN G 43 77.40 -9.00 -37.25
N GLN G 44 77.28 -8.78 -38.55
CA GLN G 44 76.54 -9.67 -39.43
C GLN G 44 77.48 -10.37 -40.39
N PHE G 45 77.15 -11.62 -40.71
CA PHE G 45 77.91 -12.43 -41.65
C PHE G 45 77.03 -12.77 -42.85
N GLY G 46 77.67 -13.07 -43.96
CA GLY G 46 76.97 -13.34 -45.19
C GLY G 46 76.26 -14.68 -45.25
N ASP G 47 76.48 -15.52 -44.25
CA ASP G 47 75.89 -16.85 -44.20
C ASP G 47 75.07 -17.11 -42.95
N ASN G 48 75.57 -16.71 -41.77
CA ASN G 48 74.94 -17.06 -40.51
C ASN G 48 74.46 -15.79 -39.80
N SER G 49 73.26 -15.87 -39.23
CA SER G 49 72.74 -14.79 -38.43
C SER G 49 73.40 -14.77 -37.05
N LEU G 50 73.41 -13.59 -36.44
CA LEU G 50 73.99 -13.44 -35.11
C LEU G 50 73.03 -14.03 -34.07
N ASN G 51 73.14 -15.33 -33.83
CA ASN G 51 72.26 -16.03 -32.88
C ASN G 51 72.84 -15.87 -31.49
N PHE G 52 72.21 -14.99 -30.70
CA PHE G 52 72.75 -14.66 -29.38
C PHE G 52 72.58 -15.81 -28.40
N SER G 53 71.38 -16.39 -28.35
CA SER G 53 71.07 -17.43 -27.37
C SER G 53 69.93 -18.27 -27.91
N LEU G 54 69.31 -19.08 -27.04
CA LEU G 54 68.27 -20.01 -27.47
C LEU G 54 67.03 -19.29 -27.95
N THR G 55 66.62 -18.21 -27.26
CA THR G 55 65.38 -17.52 -27.56
C THR G 55 65.60 -16.12 -28.12
N PHE G 56 66.81 -15.82 -28.60
CA PHE G 56 67.09 -14.50 -29.15
C PHE G 56 68.04 -14.64 -30.33
N PHE G 57 67.66 -14.04 -31.45
CA PHE G 57 68.51 -14.00 -32.64
C PHE G 57 68.13 -12.77 -33.45
N SER G 58 69.07 -12.31 -34.28
CA SER G 58 68.84 -11.12 -35.07
C SER G 58 69.68 -11.21 -36.34
N ASP G 59 69.03 -11.46 -37.47
CA ASP G 59 69.70 -11.51 -38.76
C ASP G 59 69.88 -10.10 -39.33
N SER G 60 70.20 -10.01 -40.62
CA SER G 60 70.33 -8.72 -41.28
C SER G 60 68.99 -8.01 -41.44
N LEU G 61 67.87 -8.70 -41.20
CA LEU G 61 66.56 -8.10 -41.41
C LEU G 61 66.13 -7.23 -40.22
N SER G 62 66.15 -7.81 -39.01
CA SER G 62 65.54 -7.14 -37.87
C SER G 62 66.45 -6.08 -37.24
N THR G 63 67.75 -6.11 -37.52
CA THR G 63 68.68 -5.15 -36.92
C THR G 63 68.39 -3.69 -37.30
N PRO G 64 68.14 -3.32 -38.57
CA PRO G 64 67.73 -1.92 -38.83
C PRO G 64 66.44 -1.54 -38.15
N LEU G 65 65.50 -2.47 -38.00
CA LEU G 65 64.25 -2.16 -37.29
C LEU G 65 64.50 -1.90 -35.82
N LEU G 66 65.40 -2.68 -35.20
CA LEU G 66 65.75 -2.44 -33.80
C LEU G 66 66.43 -1.08 -33.63
N ILE G 67 67.37 -0.76 -34.52
CA ILE G 67 68.08 0.52 -34.46
C ILE G 67 67.10 1.66 -34.64
N LEU G 68 66.14 1.50 -35.56
CA LEU G 68 65.10 2.50 -35.74
C LEU G 68 64.23 2.66 -34.50
N THR G 69 63.93 1.56 -33.82
CA THR G 69 63.08 1.63 -32.62
C THR G 69 63.75 2.39 -31.49
N MET G 70 64.97 2.01 -31.13
CA MET G 70 65.60 2.70 -30.01
C MET G 70 66.39 3.94 -30.44
N TRP G 71 66.30 4.33 -31.72
CA TRP G 71 66.55 5.71 -32.09
C TRP G 71 65.26 6.53 -32.09
N LEU G 72 64.12 5.86 -32.26
CA LEU G 72 62.82 6.51 -32.31
C LEU G 72 62.32 6.93 -30.95
N LEU G 73 62.69 6.21 -29.89
CA LEU G 73 62.24 6.58 -28.55
C LEU G 73 62.65 7.99 -28.13
N PRO G 74 63.92 8.45 -28.24
CA PRO G 74 64.23 9.83 -27.84
C PRO G 74 63.52 10.88 -28.69
N LEU G 75 63.30 10.60 -29.97
CA LEU G 75 62.56 11.54 -30.81
C LEU G 75 61.12 11.66 -30.33
N MET G 76 60.50 10.56 -29.91
CA MET G 76 59.17 10.61 -29.33
C MET G 76 59.18 11.38 -28.02
N LEU G 77 60.22 11.19 -27.20
CA LEU G 77 60.31 11.90 -25.92
C LEU G 77 60.43 13.40 -26.11
N MET G 78 61.20 13.84 -27.11
CA MET G 78 61.25 15.27 -27.41
C MET G 78 59.95 15.77 -28.03
N ALA G 79 59.32 14.96 -28.88
CA ALA G 79 58.12 15.41 -29.57
C ALA G 79 56.90 15.45 -28.66
N SER G 80 56.95 14.78 -27.51
CA SER G 80 55.82 14.75 -26.58
C SER G 80 56.12 15.45 -25.26
N GLN G 81 57.11 16.35 -25.22
CA GLN G 81 57.47 17.00 -23.97
C GLN G 81 56.99 18.44 -23.88
N HIS G 82 56.15 18.89 -24.82
CA HIS G 82 55.61 20.24 -24.73
C HIS G 82 54.24 20.26 -24.03
N HIS G 83 53.26 19.56 -24.60
CA HIS G 83 51.89 19.65 -24.09
C HIS G 83 51.71 18.94 -22.75
N LEU G 84 52.68 18.15 -22.31
CA LEU G 84 52.62 17.48 -21.01
C LEU G 84 53.31 18.28 -19.91
N SER G 85 53.49 19.58 -20.11
CA SER G 85 54.08 20.42 -19.07
C SER G 85 53.07 20.74 -17.97
N LYS G 86 51.79 20.87 -18.33
CA LYS G 86 50.73 21.10 -17.35
C LYS G 86 50.17 19.81 -16.77
N GLU G 87 50.53 18.67 -17.33
CA GLU G 87 50.06 17.39 -16.84
C GLU G 87 50.79 17.05 -15.54
N ASN G 88 50.12 16.31 -14.66
CA ASN G 88 50.68 16.00 -13.34
C ASN G 88 51.94 15.14 -13.48
N LEU G 89 52.84 15.28 -12.50
CA LEU G 89 54.15 14.64 -12.56
C LEU G 89 54.04 13.12 -12.55
N ALA G 90 53.13 12.57 -11.74
CA ALA G 90 52.93 11.13 -11.71
C ALA G 90 52.44 10.62 -13.06
N ARG G 91 51.54 11.37 -13.70
CA ARG G 91 51.05 10.96 -15.02
C ARG G 91 52.09 11.19 -16.10
N LYS G 92 52.98 12.18 -15.91
CA LYS G 92 54.11 12.35 -16.82
C LYS G 92 55.03 11.14 -16.77
N LYS G 93 55.34 10.68 -15.56
CA LYS G 93 56.14 9.47 -15.40
C LYS G 93 55.40 8.24 -15.93
N LEU G 94 54.08 8.22 -15.80
CA LEU G 94 53.28 7.14 -16.39
C LEU G 94 53.40 7.12 -17.90
N PHE G 95 53.34 8.29 -18.54
CA PHE G 95 53.48 8.37 -19.99
C PHE G 95 54.86 7.92 -20.45
N ILE G 96 55.91 8.37 -19.76
CA ILE G 96 57.27 7.98 -20.13
C ILE G 96 57.47 6.48 -19.89
N SER G 97 56.88 5.95 -18.81
CA SER G 97 56.95 4.52 -18.54
C SER G 97 56.22 3.71 -19.60
N MET G 98 55.10 4.24 -20.11
CA MET G 98 54.38 3.57 -21.20
C MET G 98 55.23 3.52 -22.46
N LEU G 99 55.91 4.63 -22.77
CA LEU G 99 56.78 4.64 -23.95
C LEU G 99 57.95 3.66 -23.78
N ILE G 100 58.53 3.60 -22.59
CA ILE G 100 59.63 2.70 -22.31
C ILE G 100 59.19 1.24 -22.42
N LEU G 101 58.01 0.92 -21.88
CA LEU G 101 57.47 -0.43 -22.00
C LEU G 101 57.16 -0.78 -23.45
N LEU G 102 56.69 0.19 -24.23
CA LEU G 102 56.45 -0.05 -25.64
C LEU G 102 57.74 -0.36 -26.39
N GLN G 103 58.81 0.38 -26.09
CA GLN G 103 60.11 0.07 -26.71
C GLN G 103 60.59 -1.32 -26.31
N LEU G 104 60.44 -1.68 -25.03
CA LEU G 104 60.90 -2.97 -24.56
C LEU G 104 60.15 -4.11 -25.23
N PHE G 105 58.83 -3.99 -25.36
CA PHE G 105 58.06 -5.01 -26.04
C PHE G 105 58.39 -5.05 -27.54
N LEU G 106 58.73 -3.91 -28.14
CA LEU G 106 59.09 -3.90 -29.55
C LEU G 106 60.43 -4.58 -29.80
N ILE G 107 61.44 -4.31 -28.96
CA ILE G 107 62.74 -4.95 -29.16
C ILE G 107 62.66 -6.44 -28.86
N MET G 108 61.86 -6.82 -27.86
CA MET G 108 61.60 -8.25 -27.65
C MET G 108 60.78 -8.87 -28.77
N THR G 109 60.04 -8.07 -29.54
CA THR G 109 59.25 -8.63 -30.64
C THR G 109 60.13 -9.01 -31.83
N PHE G 110 61.08 -8.15 -32.21
CA PHE G 110 61.85 -8.36 -33.42
C PHE G 110 62.94 -9.42 -33.27
N THR G 111 63.31 -9.78 -32.05
CA THR G 111 64.39 -10.73 -31.82
C THR G 111 63.90 -12.05 -31.25
N ALA G 112 62.59 -12.28 -31.22
CA ALA G 112 62.07 -13.53 -30.68
C ALA G 112 62.29 -14.66 -31.68
N THR G 113 63.06 -15.66 -31.27
CA THR G 113 63.37 -16.77 -32.16
C THR G 113 62.15 -17.67 -32.34
N GLU G 114 61.41 -17.92 -31.27
CA GLU G 114 60.20 -18.72 -31.34
C GLU G 114 59.02 -17.85 -31.76
N LEU G 115 58.20 -18.36 -32.68
CA LEU G 115 57.08 -17.58 -33.21
C LEU G 115 55.99 -17.35 -32.16
N ILE G 116 55.86 -18.27 -31.19
CA ILE G 116 54.90 -18.07 -30.12
C ILE G 116 55.32 -16.88 -29.25
N PHE G 117 56.60 -16.79 -28.92
CA PHE G 117 57.13 -15.64 -28.19
C PHE G 117 56.93 -14.35 -28.97
N PHE G 118 57.16 -14.41 -30.29
CA PHE G 118 56.97 -13.25 -31.15
C PHE G 118 55.52 -12.79 -31.14
N TYR G 119 54.58 -13.73 -31.22
CA TYR G 119 53.16 -13.37 -31.16
C TYR G 119 52.78 -12.80 -29.80
N ILE G 120 53.28 -13.41 -28.73
CA ILE G 120 52.90 -13.03 -27.37
C ILE G 120 53.33 -11.60 -27.08
N MET G 121 54.56 -11.24 -27.43
CA MET G 121 54.94 -9.85 -27.21
C MET G 121 54.53 -8.91 -28.35
N PHE G 122 54.24 -9.45 -29.53
CA PHE G 122 53.75 -8.64 -30.64
C PHE G 122 52.36 -8.11 -30.36
N GLU G 123 51.55 -8.81 -29.57
CA GLU G 123 50.35 -8.20 -29.01
C GLU G 123 50.38 -8.03 -27.50
N ALA G 124 51.54 -8.12 -26.87
CA ALA G 124 51.74 -7.36 -25.65
C ALA G 124 52.03 -5.91 -25.96
N THR G 125 52.46 -5.62 -27.19
CA THR G 125 52.58 -4.23 -27.64
C THR G 125 51.24 -3.52 -27.73
N LEU G 126 50.12 -4.26 -27.73
CA LEU G 126 48.80 -3.65 -27.96
C LEU G 126 48.34 -2.80 -26.77
N VAL G 127 48.68 -3.19 -25.55
CA VAL G 127 48.24 -2.48 -24.35
C VAL G 127 48.81 -1.06 -24.24
N PRO G 128 50.12 -0.79 -24.42
CA PRO G 128 50.58 0.59 -24.23
C PRO G 128 50.09 1.56 -25.28
N THR G 129 50.02 1.15 -26.56
CA THR G 129 49.48 2.04 -27.58
C THR G 129 48.01 2.34 -27.34
N LEU G 130 47.23 1.33 -26.91
CA LEU G 130 45.83 1.56 -26.60
C LEU G 130 45.68 2.54 -25.44
N ILE G 131 46.50 2.38 -24.40
CA ILE G 131 46.43 3.26 -23.24
C ILE G 131 46.77 4.69 -23.65
N ILE G 132 47.84 4.87 -24.43
CA ILE G 132 48.27 6.20 -24.85
C ILE G 132 47.22 6.86 -25.75
N ILE G 133 46.70 6.09 -26.72
CA ILE G 133 45.71 6.60 -27.66
C ILE G 133 44.45 7.04 -26.92
N THR G 134 43.95 6.21 -26.00
CA THR G 134 42.70 6.52 -25.35
C THR G 134 42.85 7.59 -24.27
N ARG G 135 43.99 7.66 -23.58
CA ARG G 135 44.11 8.57 -22.47
C ARG G 135 44.65 9.94 -22.87
N TRP G 136 45.73 9.98 -23.65
CA TRP G 136 46.44 11.23 -23.88
C TRP G 136 46.08 11.89 -25.21
N GLY G 137 44.93 11.58 -25.78
CA GLY G 137 44.47 12.22 -26.99
C GLY G 137 43.90 13.60 -26.72
N ASN G 138 43.22 14.14 -27.74
CA ASN G 138 42.71 15.49 -27.63
C ASN G 138 41.30 15.66 -28.19
N GLN G 139 40.60 14.59 -28.53
CA GLN G 139 39.25 14.69 -29.08
C GLN G 139 38.38 13.61 -28.46
N THR G 140 37.08 13.65 -28.79
CA THR G 140 36.16 12.62 -28.32
C THR G 140 36.39 11.30 -29.04
N GLU G 141 36.68 11.37 -30.35
CA GLU G 141 36.79 10.20 -31.21
C GLU G 141 37.93 9.27 -30.82
N ARG G 142 38.85 9.74 -29.96
CA ARG G 142 39.87 8.86 -29.40
C ARG G 142 39.26 7.64 -28.72
N LEU G 143 38.08 7.79 -28.11
CA LEU G 143 37.39 6.64 -27.54
C LEU G 143 37.05 5.63 -28.64
N ASN G 144 36.48 6.11 -29.74
CA ASN G 144 36.27 5.25 -30.89
C ASN G 144 37.59 4.78 -31.47
N ALA G 145 38.65 5.61 -31.37
CA ALA G 145 39.96 5.18 -31.83
C ALA G 145 40.55 4.09 -30.96
N GLY G 146 40.03 3.88 -29.76
CA GLY G 146 40.45 2.71 -29.03
C GLY G 146 39.74 1.44 -29.39
N LEU G 147 38.62 1.54 -30.11
CA LEU G 147 37.88 0.33 -30.48
C LEU G 147 38.35 -0.22 -31.82
N TYR G 148 38.28 0.62 -32.88
CA TYR G 148 38.61 0.17 -34.21
C TYR G 148 40.07 -0.26 -34.34
N PHE G 149 40.96 0.36 -33.57
CA PHE G 149 42.35 -0.08 -33.54
C PHE G 149 42.48 -1.45 -32.89
N LEU G 150 41.71 -1.71 -31.83
CA LEU G 150 41.89 -2.95 -31.08
C LEU G 150 41.15 -4.10 -31.75
N PHE G 151 39.83 -3.99 -31.90
CA PHE G 151 38.99 -5.10 -32.32
C PHE G 151 39.19 -5.47 -33.77
N TYR G 152 39.94 -4.69 -34.55
CA TYR G 152 40.45 -5.19 -35.81
C TYR G 152 41.59 -6.18 -35.58
N THR G 153 42.66 -5.71 -34.92
CA THR G 153 43.93 -6.43 -34.88
C THR G 153 43.78 -7.79 -34.20
N LEU G 154 43.15 -7.80 -33.02
CA LEU G 154 42.92 -9.05 -32.31
C LEU G 154 42.06 -10.00 -33.13
N ALA G 155 41.06 -9.47 -33.85
CA ALA G 155 40.22 -10.31 -34.69
C ALA G 155 40.98 -10.91 -35.85
N GLY G 156 42.13 -10.34 -36.21
CA GLY G 156 42.97 -10.98 -37.21
C GLY G 156 43.86 -12.06 -36.66
N SER G 157 44.13 -12.05 -35.36
CA SER G 157 45.20 -12.88 -34.82
C SER G 157 44.74 -13.97 -33.86
N LEU G 158 43.56 -13.84 -33.26
CA LEU G 158 43.03 -14.95 -32.48
C LEU G 158 42.79 -16.22 -33.30
N PRO G 159 42.45 -16.16 -34.60
CA PRO G 159 42.69 -17.36 -35.44
C PRO G 159 44.16 -17.72 -35.55
N LEU G 160 45.02 -16.72 -35.82
CA LEU G 160 46.43 -16.96 -36.16
C LEU G 160 47.16 -17.74 -35.07
N LEU G 161 46.93 -17.36 -33.80
CA LEU G 161 47.55 -18.04 -32.68
C LEU G 161 47.22 -19.53 -32.69
N VAL G 162 45.94 -19.85 -32.95
CA VAL G 162 45.52 -21.25 -33.03
C VAL G 162 46.31 -21.97 -34.11
N ALA G 163 46.45 -21.32 -35.28
CA ALA G 163 47.23 -21.88 -36.38
C ALA G 163 48.68 -22.09 -35.95
N LEU G 164 49.25 -21.12 -35.23
CA LEU G 164 50.60 -21.28 -34.72
C LEU G 164 50.70 -22.48 -33.80
N ILE G 165 49.70 -22.64 -32.92
CA ILE G 165 49.70 -23.79 -32.01
C ILE G 165 49.56 -25.08 -32.80
N TYR G 166 48.82 -25.04 -33.92
CA TYR G 166 48.70 -26.21 -34.76
C TYR G 166 50.06 -26.61 -35.34
N ILE G 167 50.87 -25.61 -35.70
CA ILE G 167 52.21 -25.92 -36.19
C ILE G 167 53.05 -26.55 -35.09
N GLN G 168 52.83 -26.12 -33.83
CA GLN G 168 53.51 -26.75 -32.71
C GLN G 168 53.10 -28.21 -32.56
N ASN G 169 51.89 -28.56 -33.00
CA ASN G 169 51.47 -29.94 -33.01
C ASN G 169 51.85 -30.67 -34.29
N THR G 170 52.25 -29.95 -35.34
CA THR G 170 52.60 -30.58 -36.61
C THR G 170 54.11 -30.74 -36.78
N MET G 171 54.85 -29.64 -36.74
CA MET G 171 56.30 -29.70 -36.90
C MET G 171 56.99 -30.18 -35.63
N GLY G 172 56.44 -29.82 -34.47
CA GLY G 172 57.06 -30.12 -33.20
C GLY G 172 57.86 -28.98 -32.60
N SER G 173 58.16 -27.95 -33.37
CA SER G 173 58.86 -26.77 -32.86
C SER G 173 58.56 -25.59 -33.77
N LEU G 174 58.30 -24.44 -33.16
CA LEU G 174 58.05 -23.20 -33.89
C LEU G 174 59.29 -22.31 -33.93
N ASN G 175 60.45 -22.83 -33.57
CA ASN G 175 61.68 -22.06 -33.63
C ASN G 175 62.04 -21.77 -35.08
N PHE G 176 62.56 -20.57 -35.33
CA PHE G 176 62.87 -20.15 -36.69
C PHE G 176 64.23 -20.65 -37.16
N LEU G 177 65.14 -20.96 -36.25
CA LEU G 177 66.41 -21.59 -36.66
C LEU G 177 66.22 -23.05 -37.00
N ILE G 178 65.13 -23.68 -36.56
CA ILE G 178 64.82 -25.05 -36.92
C ILE G 178 63.96 -25.12 -38.18
N LEU G 179 62.95 -24.24 -38.27
CA LEU G 179 61.97 -24.32 -39.34
C LEU G 179 62.53 -23.95 -40.71
N GLN G 180 63.75 -23.40 -40.77
CA GLN G 180 64.39 -23.18 -42.06
C GLN G 180 64.85 -24.48 -42.69
N TYR G 181 64.95 -25.56 -41.91
CA TYR G 181 65.38 -26.86 -42.42
C TYR G 181 64.31 -27.94 -42.33
N TRP G 182 63.30 -27.77 -41.47
CA TRP G 182 62.24 -28.76 -41.31
C TRP G 182 60.97 -28.41 -42.09
N VAL G 183 61.03 -27.40 -42.95
CA VAL G 183 59.82 -26.92 -43.63
C VAL G 183 59.43 -27.89 -44.73
N GLN G 184 58.14 -28.22 -44.79
CA GLN G 184 57.56 -29.07 -45.81
C GLN G 184 56.68 -28.25 -46.76
N PRO G 185 56.55 -28.65 -48.02
CA PRO G 185 55.66 -27.94 -48.93
C PRO G 185 54.19 -28.08 -48.53
N MET G 186 53.42 -27.05 -48.86
CA MET G 186 52.01 -27.00 -48.49
C MET G 186 51.15 -27.47 -49.65
N PRO G 187 50.37 -28.54 -49.49
CA PRO G 187 49.54 -29.02 -50.61
C PRO G 187 48.35 -28.11 -50.85
N ASN G 188 47.69 -28.34 -51.98
CA ASN G 188 46.52 -27.56 -52.39
C ASN G 188 45.27 -28.22 -51.82
N SER G 189 44.70 -27.61 -50.78
CA SER G 189 43.47 -28.11 -50.17
C SER G 189 42.80 -26.95 -49.44
N TRP G 190 41.54 -27.17 -49.05
CA TRP G 190 40.80 -26.14 -48.33
C TRP G 190 41.35 -25.91 -46.92
N SER G 191 41.84 -26.97 -46.28
CA SER G 191 42.44 -26.83 -44.95
C SER G 191 43.70 -25.97 -45.00
N ASN G 192 44.56 -26.21 -45.98
CA ASN G 192 45.74 -25.36 -46.15
C ASN G 192 45.37 -23.96 -46.58
N THR G 193 44.26 -23.81 -47.32
CA THR G 193 43.76 -22.48 -47.67
C THR G 193 43.37 -21.70 -46.42
N PHE G 194 42.65 -22.33 -45.49
CA PHE G 194 42.26 -21.63 -44.28
C PHE G 194 43.44 -21.43 -43.34
N MET G 195 44.42 -22.34 -43.34
CA MET G 195 45.63 -22.10 -42.57
C MET G 195 46.40 -20.90 -43.11
N TRP G 196 46.47 -20.77 -44.44
CA TRP G 196 47.10 -19.61 -45.05
C TRP G 196 46.36 -18.32 -44.71
N LEU G 197 45.02 -18.36 -44.75
CA LEU G 197 44.21 -17.20 -44.39
C LEU G 197 44.44 -16.80 -42.93
N ALA G 198 44.47 -17.78 -42.03
CA ALA G 198 44.67 -17.49 -40.61
C ALA G 198 46.08 -16.96 -40.36
N CYS G 199 47.08 -17.51 -41.03
CA CYS G 199 48.45 -17.03 -40.85
C CYS G 199 48.70 -15.70 -41.54
N MET G 200 47.83 -15.30 -42.47
CA MET G 200 48.05 -14.08 -43.23
C MET G 200 47.28 -12.88 -42.69
N MET G 201 46.04 -13.11 -42.21
CA MET G 201 45.10 -12.02 -42.01
C MET G 201 45.48 -11.11 -40.85
N ALA G 202 46.19 -11.61 -39.85
CA ALA G 202 46.58 -10.78 -38.71
C ALA G 202 47.51 -9.65 -39.15
N PHE G 203 48.58 -9.99 -39.86
CA PHE G 203 49.47 -8.96 -40.35
C PHE G 203 48.91 -8.24 -41.56
N MET G 204 47.95 -8.85 -42.27
CA MET G 204 47.21 -8.10 -43.29
C MET G 204 46.43 -6.95 -42.66
N VAL G 205 45.83 -7.19 -41.49
CA VAL G 205 45.17 -6.13 -40.74
C VAL G 205 46.21 -5.14 -40.21
N LYS G 206 47.36 -5.65 -39.76
CA LYS G 206 48.34 -4.79 -39.11
C LYS G 206 49.16 -3.94 -40.09
N MET G 207 49.11 -4.23 -41.41
CA MET G 207 49.84 -3.40 -42.36
C MET G 207 49.32 -1.96 -42.43
N PRO G 208 48.02 -1.71 -42.73
CA PRO G 208 46.82 -2.49 -43.04
C PRO G 208 46.60 -2.75 -44.53
N LEU G 209 45.86 -3.82 -44.83
CA LEU G 209 45.38 -4.06 -46.17
C LEU G 209 44.22 -3.11 -46.47
N TYR G 210 44.02 -2.82 -47.75
CA TYR G 210 42.89 -2.00 -48.15
C TYR G 210 41.59 -2.75 -47.90
N GLY G 211 40.59 -2.04 -47.39
CA GLY G 211 39.37 -2.67 -46.93
C GLY G 211 39.41 -2.85 -45.43
N LEU G 212 40.58 -3.18 -44.92
CA LEU G 212 40.83 -3.29 -43.48
C LEU G 212 41.68 -2.14 -42.96
N HIS G 213 41.72 -1.03 -43.69
CA HIS G 213 42.57 0.10 -43.33
C HIS G 213 41.83 1.16 -42.52
N LEU G 214 40.55 0.93 -42.19
CA LEU G 214 39.72 1.93 -41.54
C LEU G 214 40.24 2.31 -40.14
N TRP G 215 41.01 1.44 -39.51
CA TRP G 215 41.57 1.76 -38.20
C TRP G 215 42.73 2.73 -38.27
N LEU G 216 43.33 2.93 -39.45
CA LEU G 216 44.51 3.78 -39.48
C LEU G 216 44.21 5.29 -39.46
N PRO G 217 43.28 5.85 -40.27
CA PRO G 217 43.04 7.28 -40.15
C PRO G 217 42.29 7.68 -38.89
N LYS G 218 41.42 6.80 -38.38
CA LYS G 218 40.67 7.12 -37.18
C LYS G 218 41.52 7.11 -35.92
N ALA G 219 42.71 6.51 -35.98
CA ALA G 219 43.60 6.44 -34.82
C ALA G 219 44.82 7.35 -34.98
N HIS G 220 44.81 8.28 -35.94
CA HIS G 220 45.94 9.15 -36.16
C HIS G 220 45.61 10.63 -36.09
N VAL G 221 44.35 11.03 -36.35
CA VAL G 221 43.98 12.44 -36.34
C VAL G 221 43.74 12.98 -34.94
N GLU G 222 43.95 12.17 -33.91
CA GLU G 222 43.65 12.56 -32.53
C GLU G 222 44.73 12.18 -31.54
N ALA G 223 45.72 11.41 -31.93
CA ALA G 223 46.70 10.87 -31.00
C ALA G 223 47.64 11.96 -30.48
N PRO G 224 48.20 11.79 -29.29
CA PRO G 224 49.43 12.51 -28.96
C PRO G 224 50.52 12.05 -29.91
N ILE G 225 51.40 12.99 -30.28
CA ILE G 225 52.29 12.73 -31.40
C ILE G 225 53.35 11.68 -31.11
N ALA G 226 53.64 11.38 -29.85
CA ALA G 226 54.46 10.21 -29.56
C ALA G 226 53.77 8.95 -30.04
N GLY G 227 52.47 8.83 -29.74
CA GLY G 227 51.69 7.71 -30.25
C GLY G 227 51.58 7.71 -31.77
N SER G 228 51.45 8.89 -32.37
CA SER G 228 51.36 8.97 -33.83
C SER G 228 52.65 8.50 -34.49
N MET G 229 53.81 8.92 -33.95
CA MET G 229 55.07 8.48 -34.54
C MET G 229 55.31 6.99 -34.32
N VAL G 230 54.99 6.44 -33.14
CA VAL G 230 55.26 5.02 -32.95
C VAL G 230 54.30 4.19 -33.80
N LEU G 231 53.06 4.65 -33.98
CA LEU G 231 52.11 3.93 -34.82
C LEU G 231 52.53 3.98 -36.30
N ALA G 232 52.91 5.15 -36.80
CA ALA G 232 53.20 5.26 -38.22
C ALA G 232 54.54 4.65 -38.58
N ALA G 233 55.54 4.77 -37.70
CA ALA G 233 56.90 4.48 -38.12
C ALA G 233 57.35 3.06 -37.82
N ILE G 234 56.98 2.49 -36.66
CA ILE G 234 57.56 1.21 -36.27
C ILE G 234 56.47 0.19 -35.97
N LEU G 235 55.28 0.64 -35.58
CA LEU G 235 54.24 -0.31 -35.21
C LEU G 235 53.62 -0.97 -36.45
N LEU G 236 53.67 -0.31 -37.59
CA LEU G 236 53.18 -0.92 -38.83
C LEU G 236 54.15 -1.96 -39.38
N LYS G 237 55.38 -2.00 -38.88
CA LYS G 237 56.41 -2.88 -39.41
C LYS G 237 56.30 -4.29 -38.85
N LEU G 238 55.46 -4.49 -37.84
CA LEU G 238 55.21 -5.82 -37.31
C LEU G 238 54.56 -6.70 -38.36
N GLY G 239 53.75 -6.12 -39.24
CA GLY G 239 53.23 -6.88 -40.37
C GLY G 239 54.32 -7.34 -41.32
N GLY G 240 55.32 -6.47 -41.57
CA GLY G 240 56.42 -6.86 -42.43
C GLY G 240 57.27 -7.95 -41.83
N TYR G 241 57.53 -7.86 -40.52
CA TYR G 241 58.25 -8.92 -39.85
C TYR G 241 57.44 -10.22 -39.86
N GLY G 242 56.12 -10.12 -39.74
CA GLY G 242 55.28 -11.30 -39.85
C GLY G 242 55.35 -11.94 -41.23
N MET G 243 55.36 -11.13 -42.29
CA MET G 243 55.56 -11.64 -43.64
C MET G 243 56.89 -12.35 -43.79
N MET G 244 57.99 -11.67 -43.46
CA MET G 244 59.31 -12.25 -43.70
C MET G 244 59.70 -13.33 -42.70
N ARG G 245 58.90 -13.56 -41.66
CA ARG G 245 59.11 -14.74 -40.83
C ARG G 245 58.11 -15.86 -41.07
N ILE G 246 56.95 -15.57 -41.65
CA ILE G 246 55.91 -16.58 -41.80
C ILE G 246 55.90 -17.18 -43.21
N THR G 247 56.24 -16.39 -44.24
CA THR G 247 56.09 -16.83 -45.63
C THR G 247 57.01 -17.98 -46.00
N LEU G 248 58.00 -18.32 -45.17
CA LEU G 248 58.78 -19.52 -45.39
C LEU G 248 57.92 -20.78 -45.29
N LEU G 249 57.02 -20.83 -44.31
CA LEU G 249 56.19 -22.02 -44.09
C LEU G 249 55.04 -22.15 -45.07
N LEU G 250 54.66 -21.07 -45.74
CA LEU G 250 53.45 -21.06 -46.58
C LEU G 250 53.78 -21.16 -48.06
N ASN G 251 54.78 -21.92 -48.41
CA ASN G 251 55.07 -22.22 -49.80
C ASN G 251 54.65 -23.64 -50.11
N PRO G 252 54.19 -23.93 -51.35
CA PRO G 252 54.02 -23.04 -52.50
C PRO G 252 52.59 -22.57 -52.71
N ILE G 253 51.75 -22.66 -51.67
CA ILE G 253 50.35 -22.29 -51.83
C ILE G 253 50.17 -20.78 -51.93
N THR G 254 51.18 -20.00 -51.54
CA THR G 254 51.06 -18.55 -51.60
C THR G 254 51.04 -18.04 -53.04
N ASP G 255 51.70 -18.76 -53.95
CA ASP G 255 51.87 -18.28 -55.32
C ASP G 255 50.55 -18.23 -56.08
N PHE G 256 49.68 -19.23 -55.91
CA PHE G 256 48.42 -19.29 -56.64
C PHE G 256 47.22 -18.94 -55.76
N MET G 257 47.45 -18.21 -54.68
CA MET G 257 46.37 -17.78 -53.78
C MET G 257 46.37 -16.29 -53.51
N ALA G 258 47.53 -15.63 -53.52
CA ALA G 258 47.64 -14.22 -53.18
C ALA G 258 47.23 -13.29 -54.32
N TYR G 259 46.52 -13.79 -55.34
CA TYR G 259 46.04 -12.90 -56.41
C TYR G 259 45.04 -11.84 -55.92
N PRO G 260 43.96 -12.17 -55.20
CA PRO G 260 43.06 -11.09 -54.77
C PRO G 260 43.67 -10.14 -53.77
N PHE G 261 44.61 -10.61 -52.95
CA PHE G 261 45.32 -9.71 -52.04
C PHE G 261 46.15 -8.68 -52.82
N ILE G 262 46.82 -9.11 -53.88
CA ILE G 262 47.61 -8.19 -54.69
C ILE G 262 46.70 -7.23 -55.45
N MET G 263 45.58 -7.73 -55.99
CA MET G 263 44.62 -6.84 -56.65
C MET G 263 44.07 -5.79 -55.69
N LEU G 264 43.69 -6.23 -54.48
CA LEU G 264 43.17 -5.32 -53.47
C LEU G 264 44.21 -4.29 -53.07
N SER G 265 45.47 -4.71 -52.89
CA SER G 265 46.52 -3.79 -52.48
C SER G 265 46.83 -2.77 -53.56
N LEU G 266 46.92 -3.20 -54.82
CA LEU G 266 47.21 -2.26 -55.90
C LEU G 266 46.09 -1.26 -56.12
N TRP G 267 44.85 -1.75 -56.24
CA TRP G 267 43.76 -0.82 -56.51
C TRP G 267 43.43 0.02 -55.28
N GLY G 268 43.70 -0.49 -54.07
CA GLY G 268 43.49 0.30 -52.88
C GLY G 268 44.57 1.32 -52.64
N MET G 269 45.81 1.04 -53.06
CA MET G 269 46.84 2.07 -53.04
C MET G 269 46.56 3.16 -54.06
N ILE G 270 45.98 2.81 -55.21
CA ILE G 270 45.48 3.82 -56.14
C ILE G 270 44.37 4.66 -55.49
N MET G 271 43.41 3.98 -54.84
CA MET G 271 42.31 4.68 -54.18
C MET G 271 42.79 5.59 -53.06
N THR G 272 43.74 5.13 -52.26
CA THR G 272 44.19 5.94 -51.13
C THR G 272 45.07 7.10 -51.58
N SER G 273 45.82 6.93 -52.67
CA SER G 273 46.50 8.08 -53.26
C SER G 273 45.49 9.12 -53.75
N SER G 274 44.41 8.64 -54.39
CA SER G 274 43.35 9.56 -54.81
C SER G 274 42.68 10.24 -53.62
N ILE G 275 42.52 9.52 -52.51
CA ILE G 275 41.94 10.11 -51.30
C ILE G 275 42.87 11.15 -50.71
N CYS G 276 44.19 10.91 -50.76
CA CYS G 276 45.17 11.94 -50.40
C CYS G 276 45.03 13.16 -51.29
N LEU G 277 44.65 12.98 -52.55
CA LEU G 277 44.48 14.13 -53.44
C LEU G 277 43.32 15.04 -53.04
N ARG G 278 42.41 14.60 -52.17
CA ARG G 278 41.22 15.38 -51.82
C ARG G 278 40.98 15.35 -50.31
N GLN G 279 42.02 15.64 -49.52
CA GLN G 279 41.91 15.65 -48.07
C GLN G 279 41.92 17.07 -47.54
N THR G 280 41.43 17.22 -46.31
CA THR G 280 41.40 18.51 -45.63
C THR G 280 42.21 18.54 -44.34
N ASP G 281 42.62 17.39 -43.82
CA ASP G 281 43.42 17.31 -42.61
C ASP G 281 44.81 16.80 -42.94
N LEU G 282 45.82 17.35 -42.26
CA LEU G 282 47.19 16.91 -42.47
C LEU G 282 47.38 15.47 -41.98
N LYS G 283 46.84 15.16 -40.80
CA LYS G 283 47.05 13.85 -40.18
C LYS G 283 46.42 12.75 -41.02
N SER G 284 45.19 12.97 -41.50
CA SER G 284 44.52 11.99 -42.34
C SER G 284 45.26 11.80 -43.66
N LEU G 285 45.79 12.88 -44.24
CA LEU G 285 46.54 12.78 -45.49
C LEU G 285 47.80 11.94 -45.31
N ILE G 286 48.54 12.18 -44.22
CA ILE G 286 49.74 11.39 -43.95
C ILE G 286 49.37 9.94 -43.67
N ALA G 287 48.26 9.70 -42.96
CA ALA G 287 47.84 8.34 -42.68
C ALA G 287 47.46 7.58 -43.95
N TYR G 288 46.76 8.24 -44.88
CA TYR G 288 46.39 7.58 -46.13
C TYR G 288 47.62 7.35 -47.02
N SER G 289 48.59 8.27 -46.98
CA SER G 289 49.87 8.01 -47.66
C SER G 289 50.57 6.79 -47.08
N SER G 290 50.50 6.64 -45.75
CA SER G 290 51.06 5.45 -45.11
C SER G 290 50.33 4.19 -45.54
N VAL G 291 49.00 4.28 -45.72
CA VAL G 291 48.22 3.14 -46.22
C VAL G 291 48.71 2.74 -47.62
N SER G 292 48.95 3.73 -48.48
CA SER G 292 49.47 3.45 -49.81
C SER G 292 50.86 2.79 -49.77
N HIS G 293 51.74 3.30 -48.91
CA HIS G 293 53.08 2.73 -48.80
C HIS G 293 53.04 1.29 -48.28
N MET G 294 52.18 1.01 -47.29
CA MET G 294 52.09 -0.34 -46.78
C MET G 294 51.39 -1.29 -47.75
N ALA G 295 50.49 -0.79 -48.60
CA ALA G 295 49.96 -1.64 -49.66
C ALA G 295 51.04 -2.00 -50.66
N LEU G 296 51.92 -1.05 -50.97
CA LEU G 296 53.06 -1.35 -51.83
C LEU G 296 53.99 -2.40 -51.19
N VAL G 297 54.22 -2.28 -49.89
CA VAL G 297 55.03 -3.26 -49.16
C VAL G 297 54.35 -4.63 -49.18
N ILE G 298 53.01 -4.64 -49.09
CA ILE G 298 52.25 -5.90 -49.16
C ILE G 298 52.48 -6.60 -50.48
N VAL G 299 52.39 -5.85 -51.58
CA VAL G 299 52.64 -6.44 -52.90
C VAL G 299 54.08 -6.93 -53.00
N ALA G 300 55.02 -6.15 -52.45
CA ALA G 300 56.44 -6.48 -52.52
C ALA G 300 56.74 -7.79 -51.82
N ILE G 301 56.20 -8.00 -50.62
CA ILE G 301 56.48 -9.28 -49.97
C ILE G 301 55.62 -10.41 -50.51
N LEU G 302 54.46 -10.09 -51.10
CA LEU G 302 53.61 -11.17 -51.62
C LEU G 302 54.17 -11.76 -52.91
N ILE G 303 54.86 -10.97 -53.73
CA ILE G 303 55.43 -11.55 -54.94
C ILE G 303 56.69 -12.38 -54.65
N GLN G 304 57.31 -12.17 -53.49
CA GLN G 304 58.46 -12.91 -52.93
C GLN G 304 59.57 -13.20 -53.95
N THR G 305 60.19 -12.13 -54.42
CA THR G 305 61.47 -12.22 -55.10
C THR G 305 62.53 -11.48 -54.28
N PRO G 306 63.82 -11.86 -54.41
CA PRO G 306 64.86 -11.21 -53.58
C PRO G 306 64.96 -9.71 -53.77
N TRP G 307 64.80 -9.23 -55.00
CA TRP G 307 64.80 -7.79 -55.27
C TRP G 307 63.62 -7.14 -54.57
N SER G 308 62.47 -7.82 -54.55
CA SER G 308 61.29 -7.32 -53.84
C SER G 308 61.53 -7.27 -52.34
N TYR G 309 62.27 -8.23 -51.79
CA TYR G 309 62.55 -8.20 -50.36
C TYR G 309 63.47 -7.04 -50.00
N MET G 310 64.50 -6.81 -50.82
CA MET G 310 65.36 -5.64 -50.64
C MET G 310 64.55 -4.35 -50.68
N GLY G 311 63.69 -4.21 -51.70
CA GLY G 311 62.89 -3.01 -51.82
C GLY G 311 61.88 -2.86 -50.71
N ALA G 312 61.31 -3.97 -50.23
CA ALA G 312 60.33 -3.92 -49.15
C ALA G 312 60.97 -3.45 -47.86
N THR G 313 62.14 -3.98 -47.52
CA THR G 313 62.80 -3.55 -46.28
C THR G 313 63.24 -2.08 -46.37
N ALA G 314 63.84 -1.69 -47.51
CA ALA G 314 64.27 -0.30 -47.67
C ALA G 314 63.09 0.67 -47.64
N LEU G 315 62.00 0.31 -48.31
CA LEU G 315 60.81 1.15 -48.32
C LEU G 315 60.18 1.23 -46.94
N MET G 316 60.21 0.12 -46.19
CA MET G 316 59.66 0.12 -44.84
C MET G 316 60.41 1.11 -43.94
N ILE G 317 61.74 1.02 -43.92
CA ILE G 317 62.53 1.90 -43.06
C ILE G 317 62.41 3.35 -43.50
N ALA G 318 62.51 3.61 -44.82
CA ALA G 318 62.43 4.98 -45.31
C ALA G 318 61.06 5.59 -45.07
N HIS G 319 59.99 4.82 -45.29
CA HIS G 319 58.65 5.32 -45.04
C HIS G 319 58.42 5.58 -43.56
N GLY G 320 58.96 4.72 -42.69
CA GLY G 320 58.84 4.98 -41.26
C GLY G 320 59.45 6.30 -40.85
N LEU G 321 60.69 6.55 -41.31
CA LEU G 321 61.34 7.82 -40.97
C LEU G 321 60.59 9.01 -41.57
N THR G 322 60.17 8.89 -42.84
CA THR G 322 59.50 10.01 -43.50
C THR G 322 58.14 10.30 -42.88
N SER G 323 57.37 9.27 -42.53
CA SER G 323 56.07 9.48 -41.93
C SER G 323 56.19 10.04 -40.53
N SER G 324 57.21 9.61 -39.77
CA SER G 324 57.43 10.18 -38.45
C SER G 324 57.77 11.67 -38.54
N MET G 325 58.61 12.06 -39.50
CA MET G 325 58.97 13.48 -39.57
C MET G 325 57.82 14.30 -40.16
N LEU G 326 57.01 13.72 -41.05
CA LEU G 326 55.80 14.39 -41.52
C LEU G 326 54.81 14.63 -40.39
N PHE G 327 54.65 13.64 -39.50
CA PHE G 327 53.80 13.85 -38.34
C PHE G 327 54.38 14.89 -37.39
N CYS G 328 55.71 15.00 -37.33
CA CYS G 328 56.33 16.09 -36.57
C CYS G 328 55.99 17.45 -37.16
N LEU G 329 56.01 17.56 -38.50
CA LEU G 329 55.60 18.79 -39.19
C LEU G 329 54.16 19.14 -38.86
N ALA G 330 53.26 18.16 -38.96
CA ALA G 330 51.84 18.40 -38.69
C ALA G 330 51.61 18.76 -37.23
N ASN G 331 52.40 18.18 -36.32
CA ASN G 331 52.27 18.51 -34.91
C ASN G 331 52.75 19.93 -34.63
N SER G 332 53.81 20.38 -35.31
CA SER G 332 54.24 21.77 -35.15
C SER G 332 53.17 22.73 -35.64
N ASN G 333 52.55 22.42 -36.79
CA ASN G 333 51.48 23.28 -37.31
C ASN G 333 50.27 23.29 -36.37
N TYR G 334 49.88 22.13 -35.85
CA TYR G 334 48.73 22.07 -34.94
C TYR G 334 49.04 22.72 -33.61
N GLU G 335 50.30 22.68 -33.17
CA GLU G 335 50.71 23.43 -32.00
C GLU G 335 50.55 24.92 -32.21
N ARG G 336 50.96 25.41 -33.38
CA ARG G 336 50.94 26.86 -33.60
C ARG G 336 49.54 27.40 -33.86
N VAL G 337 48.69 26.65 -34.57
CA VAL G 337 47.40 27.17 -35.00
C VAL G 337 46.21 26.58 -34.26
N HIS G 338 46.41 25.53 -33.45
CA HIS G 338 45.36 24.87 -32.65
C HIS G 338 44.22 24.35 -33.52
N SER G 339 44.55 23.85 -34.70
CA SER G 339 43.57 23.21 -35.58
C SER G 339 44.32 22.31 -36.56
N ARG G 340 43.56 21.42 -37.20
CA ARG G 340 44.12 20.46 -38.14
C ARG G 340 43.74 20.75 -39.58
N THR G 341 43.10 21.89 -39.85
CA THR G 341 42.68 22.20 -41.20
C THR G 341 43.87 22.60 -42.07
N MET G 342 43.90 22.08 -43.30
CA MET G 342 44.98 22.42 -44.22
C MET G 342 44.83 23.83 -44.76
N ILE G 343 43.61 24.24 -45.12
CA ILE G 343 43.38 25.53 -45.75
C ILE G 343 43.40 26.69 -44.76
N LEU G 344 43.44 26.41 -43.46
CA LEU G 344 43.38 27.48 -42.47
C LEU G 344 44.67 28.29 -42.44
N ALA G 345 45.79 27.64 -42.17
CA ALA G 345 47.09 28.29 -42.09
C ALA G 345 47.83 28.08 -43.40
N ARG G 346 47.97 29.14 -44.18
CA ARG G 346 48.66 29.10 -45.46
C ARG G 346 49.79 30.13 -45.48
N GLY G 347 50.70 29.95 -46.42
CA GLY G 347 51.77 30.91 -46.65
C GLY G 347 52.75 31.06 -45.51
N LEU G 348 53.09 29.96 -44.84
CA LEU G 348 53.99 30.03 -43.69
C LEU G 348 55.44 30.22 -44.07
N GLN G 349 55.79 30.11 -45.36
CA GLN G 349 57.15 30.41 -45.79
C GLN G 349 57.50 31.88 -45.60
N THR G 350 56.49 32.75 -45.68
CA THR G 350 56.68 34.17 -45.43
C THR G 350 57.01 34.44 -43.96
N LEU G 351 56.62 33.56 -43.04
CA LEU G 351 56.84 33.74 -41.62
C LEU G 351 57.85 32.76 -41.03
N LEU G 352 57.83 31.50 -41.46
CA LEU G 352 58.72 30.48 -40.92
C LEU G 352 59.56 29.88 -42.04
N PRO G 353 60.81 30.31 -42.22
CA PRO G 353 61.60 29.81 -43.36
C PRO G 353 62.21 28.43 -43.13
N LEU G 354 62.65 28.14 -41.90
CA LEU G 354 63.31 26.86 -41.66
C LEU G 354 62.30 25.71 -41.63
N MET G 355 61.10 25.95 -41.08
CA MET G 355 60.05 24.96 -41.21
C MET G 355 59.61 24.78 -42.66
N ALA G 356 59.71 25.83 -43.47
CA ALA G 356 59.47 25.68 -44.91
C ALA G 356 60.53 24.81 -45.56
N ALA G 357 61.80 24.95 -45.13
CA ALA G 357 62.86 24.09 -45.65
C ALA G 357 62.64 22.63 -45.25
N TRP G 358 62.22 22.40 -43.99
CA TRP G 358 61.94 21.04 -43.56
C TRP G 358 60.71 20.47 -44.28
N TRP G 359 59.72 21.33 -44.57
CA TRP G 359 58.57 20.91 -45.37
C TRP G 359 59.01 20.49 -46.77
N LEU G 360 59.92 21.26 -47.38
CA LEU G 360 60.42 20.94 -48.71
C LEU G 360 61.18 19.63 -48.71
N LEU G 361 62.04 19.41 -47.70
CA LEU G 361 62.79 18.17 -47.62
C LEU G 361 61.89 16.98 -47.36
N ALA G 362 60.86 17.15 -46.52
CA ALA G 362 59.89 16.09 -46.27
C ALA G 362 59.14 15.73 -47.54
N SER G 363 58.68 16.73 -48.28
CA SER G 363 57.94 16.47 -49.51
C SER G 363 58.83 15.84 -50.57
N LEU G 364 60.11 16.25 -50.64
CA LEU G 364 61.02 15.66 -51.60
C LEU G 364 61.32 14.20 -51.27
N THR G 365 61.53 13.89 -49.99
CA THR G 365 61.77 12.52 -49.59
C THR G 365 60.51 11.66 -49.63
N ASN G 366 59.33 12.28 -49.64
CA ASN G 366 58.09 11.51 -49.68
C ASN G 366 57.84 10.93 -51.06
N LEU G 367 58.08 11.71 -52.12
CA LEU G 367 57.82 11.27 -53.49
C LEU G 367 59.00 10.51 -54.10
N ALA G 368 59.90 9.97 -53.27
CA ALA G 368 61.02 9.13 -53.67
C ALA G 368 61.96 9.87 -54.63
N LEU G 369 62.57 10.92 -54.10
CA LEU G 369 63.60 11.63 -54.84
C LEU G 369 64.92 10.86 -54.74
N PRO G 370 65.55 10.51 -55.87
CA PRO G 370 66.85 9.84 -55.80
C PRO G 370 67.92 10.80 -55.30
N PRO G 371 68.99 10.28 -54.68
CA PRO G 371 69.29 8.86 -54.43
C PRO G 371 68.90 8.41 -53.03
N SER G 372 67.78 8.91 -52.50
CA SER G 372 67.36 8.55 -51.16
C SER G 372 66.92 7.08 -51.13
N ILE G 373 66.93 6.51 -49.92
CA ILE G 373 66.58 5.11 -49.74
C ILE G 373 65.12 4.83 -50.06
N ASN G 374 64.26 5.84 -49.97
CA ASN G 374 62.87 5.70 -50.40
C ASN G 374 62.81 5.37 -51.89
N LEU G 375 63.59 6.09 -52.69
CA LEU G 375 63.64 5.80 -54.13
C LEU G 375 64.26 4.43 -54.39
N ILE G 376 65.25 4.05 -53.58
CA ILE G 376 65.89 2.75 -53.78
C ILE G 376 64.89 1.62 -53.55
N GLY G 377 64.18 1.66 -52.44
CA GLY G 377 63.19 0.63 -52.15
C GLY G 377 62.02 0.65 -53.14
N GLU G 378 61.53 1.85 -53.46
CA GLU G 378 60.41 1.96 -54.39
C GLU G 378 60.79 1.48 -55.78
N LEU G 379 62.01 1.79 -56.23
CA LEU G 379 62.47 1.34 -57.54
C LEU G 379 62.64 -0.18 -57.57
N PHE G 380 63.19 -0.76 -56.50
CA PHE G 380 63.36 -2.21 -56.47
C PHE G 380 62.01 -2.92 -56.49
N VAL G 381 61.03 -2.39 -55.75
CA VAL G 381 59.69 -2.97 -55.77
C VAL G 381 59.05 -2.79 -57.14
N VAL G 382 59.32 -1.66 -57.80
CA VAL G 382 58.78 -1.41 -59.14
C VAL G 382 59.31 -2.44 -60.13
N MET G 383 60.62 -2.72 -60.08
CA MET G 383 61.20 -3.70 -60.99
C MET G 383 60.72 -5.11 -60.67
N SER G 384 60.57 -5.44 -59.39
CA SER G 384 60.07 -6.76 -59.02
C SER G 384 58.62 -6.96 -59.47
N THR G 385 57.79 -5.93 -59.32
CA THR G 385 56.41 -6.03 -59.77
C THR G 385 56.30 -6.04 -61.29
N PHE G 386 57.26 -5.43 -61.98
CA PHE G 386 57.32 -5.58 -63.43
C PHE G 386 57.76 -6.99 -63.81
N SER G 387 58.57 -7.63 -62.96
CA SER G 387 58.96 -9.01 -63.21
C SER G 387 57.82 -9.99 -62.94
N TRP G 388 56.94 -9.65 -62.00
CA TRP G 388 55.77 -10.49 -61.74
C TRP G 388 54.84 -10.52 -62.95
N SER G 389 54.58 -9.36 -63.53
CA SER G 389 53.82 -9.23 -64.77
C SER G 389 54.09 -7.85 -65.36
N ASN G 390 53.80 -7.71 -66.64
CA ASN G 390 54.07 -6.44 -67.32
C ASN G 390 53.07 -5.36 -66.95
N ILE G 391 51.77 -5.66 -67.09
CA ILE G 391 50.69 -4.67 -66.98
C ILE G 391 50.68 -3.97 -65.62
N THR G 392 51.30 -4.58 -64.60
CA THR G 392 51.39 -3.98 -63.27
C THR G 392 52.01 -2.59 -63.31
N ILE G 393 52.93 -2.34 -64.25
CA ILE G 393 53.62 -1.04 -64.27
C ILE G 393 52.62 0.08 -64.55
N ILE G 394 51.58 -0.20 -65.35
CA ILE G 394 50.51 0.76 -65.56
C ILE G 394 49.83 1.09 -64.23
N LEU G 395 49.51 0.04 -63.47
CA LEU G 395 48.93 0.21 -62.15
C LEU G 395 49.90 0.82 -61.16
N MET G 396 51.20 0.81 -61.48
CA MET G 396 52.15 1.61 -60.70
C MET G 396 52.21 3.04 -61.21
N GLY G 397 52.18 3.21 -62.53
CA GLY G 397 52.57 4.48 -63.13
C GLY G 397 51.68 5.63 -62.71
N LEU G 398 50.36 5.42 -62.77
CA LEU G 398 49.40 6.41 -62.30
C LEU G 398 49.67 6.80 -60.86
N ASN G 399 49.95 5.80 -60.00
CA ASN G 399 50.24 6.08 -58.60
C ASN G 399 51.45 6.97 -58.47
N MET G 400 52.48 6.72 -59.28
CA MET G 400 53.70 7.52 -59.16
C MET G 400 53.47 8.94 -59.64
N VAL G 401 52.44 9.16 -60.46
CA VAL G 401 51.98 10.52 -60.69
C VAL G 401 51.27 11.05 -59.44
N ILE G 402 50.28 10.29 -58.94
CA ILE G 402 49.43 10.78 -57.86
C ILE G 402 50.23 10.95 -56.58
N THR G 403 51.17 10.04 -56.30
CA THR G 403 51.99 10.17 -55.11
C THR G 403 52.94 11.36 -55.18
N ALA G 404 53.11 11.97 -56.35
CA ALA G 404 53.76 13.27 -56.39
C ALA G 404 52.75 14.40 -56.21
N LEU G 405 51.57 14.24 -56.81
CA LEU G 405 50.63 15.35 -56.97
C LEU G 405 50.14 15.88 -55.62
N TYR G 406 49.80 15.00 -54.68
CA TYR G 406 49.44 15.49 -53.37
C TYR G 406 50.68 15.87 -52.56
N SER G 407 51.82 15.19 -52.79
CA SER G 407 52.98 15.36 -51.93
C SER G 407 53.55 16.76 -52.00
N LEU G 408 53.38 17.44 -53.14
CA LEU G 408 53.69 18.85 -53.24
C LEU G 408 52.51 19.72 -52.82
N TYR G 409 51.29 19.29 -53.17
CA TYR G 409 50.10 20.08 -52.88
C TYR G 409 49.89 20.24 -51.38
N MET G 410 50.09 19.14 -50.63
CA MET G 410 50.08 19.19 -49.18
C MET G 410 51.12 20.16 -48.65
N LEU G 411 52.25 20.30 -49.35
CA LEU G 411 53.20 21.35 -49.02
C LEU G 411 52.65 22.72 -49.37
N ILE G 412 52.12 22.87 -50.60
CA ILE G 412 51.97 24.20 -51.20
C ILE G 412 50.93 25.02 -50.46
N THR G 413 49.75 24.45 -50.25
CA THR G 413 48.70 25.16 -49.52
C THR G 413 49.05 25.37 -48.06
N THR G 414 50.03 24.64 -47.53
CA THR G 414 50.49 24.90 -46.18
C THR G 414 51.68 25.85 -46.13
N GLN G 415 52.30 26.16 -47.27
CA GLN G 415 53.53 26.93 -47.21
C GLN G 415 53.57 28.11 -48.19
N ARG G 416 52.84 28.00 -49.30
CA ARG G 416 52.93 28.99 -50.36
C ARG G 416 51.58 29.64 -50.61
N GLY G 417 51.61 30.95 -50.82
CA GLY G 417 50.42 31.75 -51.00
C GLY G 417 50.37 32.90 -50.01
N LYS G 418 49.29 33.68 -50.11
CA LYS G 418 49.07 34.77 -49.18
C LYS G 418 48.73 34.23 -47.80
N HIS G 419 49.46 34.69 -46.78
CA HIS G 419 49.26 34.20 -45.43
C HIS G 419 47.92 34.67 -44.87
N THR G 420 47.37 33.89 -43.94
CA THR G 420 46.10 34.23 -43.33
C THR G 420 46.26 35.45 -42.42
N HIS G 421 45.39 36.44 -42.63
CA HIS G 421 45.55 37.72 -41.94
C HIS G 421 45.15 37.63 -40.47
N HIS G 422 44.10 36.88 -40.15
CA HIS G 422 43.56 36.83 -38.80
C HIS G 422 44.28 35.81 -37.91
N ILE G 423 45.45 35.35 -38.30
CA ILE G 423 46.28 34.48 -37.49
C ILE G 423 47.58 35.22 -37.19
N ASN G 424 47.87 35.39 -35.89
CA ASN G 424 49.03 36.19 -35.50
C ASN G 424 49.84 35.57 -34.37
N ASN G 425 49.57 34.32 -33.98
CA ASN G 425 50.30 33.67 -32.90
C ASN G 425 51.40 32.75 -33.44
N ILE G 426 51.87 32.98 -34.66
CA ILE G 426 52.90 32.15 -35.28
C ILE G 426 54.23 32.52 -34.64
N LEU G 427 54.67 31.72 -33.67
CA LEU G 427 55.94 31.94 -33.02
C LEU G 427 57.09 31.52 -33.93
N PRO G 428 58.30 32.04 -33.70
CA PRO G 428 59.47 31.55 -34.44
C PRO G 428 59.87 30.13 -34.04
N SER G 429 60.93 29.64 -34.67
CA SER G 429 61.33 28.25 -34.49
C SER G 429 61.95 28.02 -33.12
N PHE G 430 61.30 27.19 -32.31
CA PHE G 430 61.93 26.70 -31.10
C PHE G 430 63.09 25.78 -31.47
N THR G 431 64.18 25.85 -30.69
CA THR G 431 65.35 25.04 -30.98
C THR G 431 65.07 23.55 -30.77
N ARG G 432 64.18 23.22 -29.84
CA ARG G 432 63.80 21.82 -29.61
C ARG G 432 63.13 21.23 -30.84
N GLU G 433 62.21 21.99 -31.45
CA GLU G 433 61.49 21.50 -32.62
C GLU G 433 62.45 21.23 -33.77
N ASN G 434 63.27 22.21 -34.12
CA ASN G 434 64.18 22.06 -35.25
C ASN G 434 65.26 21.01 -34.97
N ALA G 435 65.67 20.87 -33.71
CA ALA G 435 66.60 19.78 -33.36
C ALA G 435 65.96 18.42 -33.60
N LEU G 436 64.68 18.27 -33.24
CA LEU G 436 63.95 17.04 -33.52
C LEU G 436 63.83 16.79 -35.02
N MET G 437 63.56 17.86 -35.78
CA MET G 437 63.36 17.72 -37.23
C MET G 437 64.67 17.32 -37.90
N SER G 438 65.79 17.93 -37.49
CA SER G 438 67.09 17.55 -38.04
C SER G 438 67.50 16.15 -37.62
N LEU G 439 67.18 15.74 -36.39
CA LEU G 439 67.45 14.38 -35.96
C LEU G 439 66.62 13.36 -36.73
N HIS G 440 65.45 13.77 -37.22
CA HIS G 440 64.69 12.91 -38.12
C HIS G 440 65.31 12.89 -39.51
N MET G 441 65.78 14.04 -39.99
CA MET G 441 66.11 14.17 -41.41
C MET G 441 67.52 13.68 -41.74
N LEU G 442 68.50 13.98 -40.90
CA LEU G 442 69.89 13.66 -41.22
C LEU G 442 70.19 12.16 -41.39
N PRO G 443 69.71 11.23 -40.55
CA PRO G 443 69.90 9.80 -40.88
C PRO G 443 69.26 9.38 -42.19
N LEU G 444 68.13 9.97 -42.57
CA LEU G 444 67.47 9.60 -43.81
C LEU G 444 68.32 9.96 -45.02
N LEU G 445 69.05 11.08 -44.95
CA LEU G 445 70.00 11.41 -46.01
C LEU G 445 71.27 10.58 -45.90
N LEU G 446 71.71 10.29 -44.67
CA LEU G 446 72.98 9.60 -44.48
C LEU G 446 72.90 8.15 -44.97
N LEU G 447 71.75 7.50 -44.80
CA LEU G 447 71.61 6.11 -45.22
C LEU G 447 71.65 5.93 -46.73
N SER G 448 71.54 7.01 -47.50
CA SER G 448 71.68 6.92 -48.96
C SER G 448 73.11 6.61 -49.37
N LEU G 449 74.10 7.06 -48.57
CA LEU G 449 75.49 6.80 -48.91
C LEU G 449 75.84 5.32 -48.72
N ASN G 450 75.31 4.69 -47.67
CA ASN G 450 75.64 3.31 -47.33
C ASN G 450 74.33 2.54 -47.14
N PRO G 451 73.67 2.16 -48.24
CA PRO G 451 72.38 1.48 -48.11
C PRO G 451 72.48 0.01 -47.73
N LYS G 452 73.67 -0.60 -47.83
CA LYS G 452 73.82 -2.03 -47.67
C LYS G 452 73.51 -2.53 -46.26
N ILE G 453 73.42 -1.63 -45.28
CA ILE G 453 73.03 -2.05 -43.93
C ILE G 453 71.52 -2.20 -43.77
N ILE G 454 70.72 -1.69 -44.70
CA ILE G 454 69.27 -1.74 -44.54
C ILE G 454 68.63 -2.45 -45.73
N LEU G 455 69.36 -3.35 -46.37
CA LEU G 455 68.88 -4.03 -47.58
C LEU G 455 68.43 -5.46 -47.31
N GLY G 456 67.82 -5.71 -46.15
CA GLY G 456 67.17 -6.98 -45.89
C GLY G 456 68.13 -8.08 -45.50
N PRO G 457 67.60 -9.31 -45.40
CA PRO G 457 68.39 -10.45 -44.93
C PRO G 457 69.14 -11.20 -46.02
N LEU G 458 69.05 -10.74 -47.27
CA LEU G 458 69.56 -11.49 -48.41
C LEU G 458 70.35 -10.60 -49.36
N TYR G 459 70.91 -9.52 -48.85
CA TYR G 459 71.77 -8.63 -49.62
C TYR G 459 73.06 -9.32 -50.05
N MET H 1 24.26 -9.39 12.08
CA MET H 1 24.53 -10.81 12.25
C MET H 1 25.52 -11.03 13.38
N ASN H 2 25.26 -12.05 14.20
CA ASN H 2 26.16 -12.36 15.31
C ASN H 2 27.48 -12.90 14.79
N PRO H 3 28.62 -12.39 15.28
CA PRO H 3 29.92 -12.86 14.76
C PRO H 3 30.18 -14.34 15.01
N ILE H 4 29.75 -14.87 16.16
CA ILE H 4 29.94 -16.29 16.44
C ILE H 4 29.06 -17.13 15.54
N ILE H 5 27.81 -16.70 15.35
CA ILE H 5 26.89 -17.41 14.46
C ILE H 5 27.37 -17.33 13.02
N LEU H 6 27.89 -16.18 12.61
CA LEU H 6 28.44 -16.04 11.26
C LEU H 6 29.66 -16.93 11.06
N ILE H 7 30.52 -17.02 12.09
CA ILE H 7 31.69 -17.90 12.01
C ILE H 7 31.25 -19.36 11.92
N ILE H 8 30.22 -19.73 12.67
CA ILE H 8 29.68 -21.09 12.60
C ILE H 8 29.11 -21.38 11.22
N ILE H 9 28.43 -20.40 10.62
CA ILE H 9 27.87 -20.55 9.27
C ILE H 9 28.98 -20.74 8.24
N LEU H 10 30.05 -19.94 8.35
CA LEU H 10 31.17 -20.08 7.43
C LEU H 10 31.87 -21.42 7.61
N MET H 11 32.04 -21.86 8.86
CA MET H 11 32.61 -23.19 9.09
C MET H 11 31.71 -24.28 8.53
N THR H 12 30.39 -24.06 8.54
CA THR H 12 29.46 -25.03 7.97
C THR H 12 29.59 -25.12 6.45
N VAL H 13 29.68 -23.98 5.76
CA VAL H 13 29.77 -24.06 4.30
C VAL H 13 31.12 -24.61 3.85
N MET H 14 32.21 -24.20 4.52
CA MET H 14 33.51 -24.82 4.23
C MET H 14 33.54 -26.30 4.59
N LEU H 15 32.84 -26.71 5.65
CA LEU H 15 32.76 -28.12 5.99
C LEU H 15 31.98 -28.91 4.94
N GLY H 16 30.91 -28.33 4.41
CA GLY H 16 30.18 -28.98 3.34
C GLY H 16 30.99 -29.14 2.08
N THR H 17 31.74 -28.09 1.72
CA THR H 17 32.62 -28.18 0.56
C THR H 17 33.72 -29.22 0.77
N ILE H 18 34.29 -29.27 1.98
CA ILE H 18 35.32 -30.27 2.29
C ILE H 18 34.74 -31.68 2.24
N ILE H 19 33.50 -31.84 2.72
CA ILE H 19 32.82 -33.14 2.68
C ILE H 19 32.62 -33.60 1.25
N VAL H 20 32.23 -32.68 0.36
CA VAL H 20 32.12 -33.02 -1.06
C VAL H 20 33.49 -33.35 -1.64
N MET H 21 34.54 -32.66 -1.18
CA MET H 21 35.89 -32.91 -1.67
C MET H 21 36.38 -34.31 -1.31
N ILE H 22 36.16 -34.73 -0.07
CA ILE H 22 36.89 -35.88 0.48
C ILE H 22 36.11 -37.17 0.50
N SER H 23 34.82 -37.15 0.19
CA SER H 23 34.00 -38.34 0.35
C SER H 23 34.10 -39.26 -0.86
N THR H 24 34.07 -40.56 -0.59
CA THR H 24 33.99 -41.59 -1.64
C THR H 24 32.63 -42.27 -1.65
N HIS H 25 31.57 -41.51 -1.35
CA HIS H 25 30.22 -42.03 -1.30
C HIS H 25 29.27 -40.98 -1.85
N TRP H 26 28.28 -41.44 -2.62
CA TRP H 26 27.34 -40.51 -3.26
C TRP H 26 26.43 -39.84 -2.24
N LEU H 27 26.01 -40.58 -1.21
CA LEU H 27 25.16 -40.01 -0.18
C LEU H 27 25.88 -38.92 0.59
N LEU H 28 27.17 -39.12 0.87
CA LEU H 28 27.94 -38.08 1.55
C LEU H 28 28.16 -36.87 0.64
N ILE H 29 28.27 -37.10 -0.67
CA ILE H 29 28.35 -36.00 -1.63
C ILE H 29 27.08 -35.16 -1.56
N TRP H 30 25.92 -35.82 -1.56
CA TRP H 30 24.66 -35.10 -1.48
C TRP H 30 24.47 -34.41 -0.14
N ILE H 31 24.96 -35.04 0.94
CA ILE H 31 24.88 -34.43 2.26
C ILE H 31 25.73 -33.16 2.31
N GLY H 32 26.93 -33.20 1.74
CA GLY H 32 27.76 -32.01 1.67
C GLY H 32 27.14 -30.92 0.82
N PHE H 33 26.48 -31.31 -0.28
CA PHE H 33 25.77 -30.33 -1.10
C PHE H 33 24.61 -29.68 -0.33
N GLU H 34 23.86 -30.48 0.43
CA GLU H 34 22.77 -29.94 1.23
C GLU H 34 23.28 -29.01 2.32
N MET H 35 24.39 -29.37 2.96
CA MET H 35 24.99 -28.48 3.96
C MET H 35 25.48 -27.19 3.30
N ASN H 36 26.03 -27.28 2.09
CA ASN H 36 26.45 -26.10 1.35
C ASN H 36 25.28 -25.17 1.09
N MET H 37 24.17 -25.72 0.58
CA MET H 37 22.93 -24.98 0.39
C MET H 37 22.47 -24.29 1.66
N LEU H 38 22.36 -25.06 2.74
CA LEU H 38 21.72 -24.58 3.95
C LEU H 38 22.61 -23.59 4.68
N ALA H 39 23.92 -23.61 4.44
CA ALA H 39 24.80 -22.63 5.01
C ALA H 39 24.96 -21.39 4.14
N ILE H 40 24.78 -21.49 2.82
CA ILE H 40 24.96 -20.28 2.02
C ILE H 40 23.66 -19.47 2.03
N ILE H 41 22.52 -20.11 2.32
CA ILE H 41 21.22 -19.40 2.32
C ILE H 41 21.18 -18.19 3.26
N PRO H 42 21.61 -18.27 4.54
CA PRO H 42 21.53 -17.06 5.38
C PRO H 42 22.60 -16.03 5.09
N ILE H 43 23.65 -16.39 4.34
CA ILE H 43 24.67 -15.42 3.96
C ILE H 43 24.05 -14.33 3.10
N MET H 44 23.16 -14.71 2.18
CA MET H 44 22.47 -13.75 1.33
C MET H 44 21.47 -12.88 2.09
N MET H 45 20.96 -13.34 3.23
CA MET H 45 19.96 -12.60 4.00
C MET H 45 20.57 -11.90 5.20
N LYS H 46 21.80 -11.39 5.05
CA LYS H 46 22.45 -10.66 6.13
C LYS H 46 21.86 -9.27 6.32
N LYS H 47 21.19 -8.71 5.30
CA LYS H 47 20.70 -7.35 5.36
C LYS H 47 19.18 -7.25 5.54
N HIS H 48 18.45 -8.34 5.33
CA HIS H 48 16.99 -8.41 5.52
C HIS H 48 16.27 -7.41 4.62
N ASN H 49 16.40 -7.63 3.32
CA ASN H 49 15.78 -6.81 2.30
C ASN H 49 14.91 -7.67 1.39
N PRO H 50 13.86 -7.10 0.79
CA PRO H 50 13.02 -7.90 -0.13
C PRO H 50 13.78 -8.45 -1.34
N ARG H 51 14.77 -7.70 -1.84
CA ARG H 51 15.59 -8.19 -2.94
C ARG H 51 16.36 -9.43 -2.53
N ALA H 52 16.87 -9.44 -1.29
CA ALA H 52 17.58 -10.62 -0.78
C ALA H 52 16.64 -11.81 -0.65
N THR H 53 15.39 -11.57 -0.24
CA THR H 53 14.42 -12.67 -0.14
C THR H 53 14.07 -13.24 -1.50
N GLU H 54 13.91 -12.37 -2.51
CA GLU H 54 13.64 -12.85 -3.86
C GLU H 54 14.82 -13.67 -4.41
N ALA H 55 16.05 -13.17 -4.20
CA ALA H 55 17.23 -13.90 -4.64
C ALA H 55 17.37 -15.24 -3.92
N SER H 56 17.10 -15.25 -2.62
CA SER H 56 17.19 -16.49 -1.84
C SER H 56 16.15 -17.50 -2.28
N THR H 57 14.93 -17.03 -2.59
CA THR H 57 13.89 -17.95 -3.06
C THR H 57 14.26 -18.55 -4.41
N LYS H 58 14.76 -17.73 -5.34
CA LYS H 58 15.17 -18.25 -6.65
C LYS H 58 16.33 -19.24 -6.53
N TYR H 59 17.33 -18.90 -5.71
CA TYR H 59 18.47 -19.78 -5.52
C TYR H 59 18.05 -21.10 -4.88
N PHE H 60 17.21 -21.03 -3.84
CA PHE H 60 16.79 -22.23 -3.14
C PHE H 60 15.99 -23.15 -4.04
N LEU H 61 15.08 -22.58 -4.85
CA LEU H 61 14.29 -23.41 -5.74
C LEU H 61 15.14 -24.07 -6.81
N THR H 62 16.06 -23.31 -7.43
CA THR H 62 16.89 -23.89 -8.48
C THR H 62 17.84 -24.96 -7.93
N GLN H 63 18.47 -24.70 -6.78
CA GLN H 63 19.37 -25.69 -6.21
C GLN H 63 18.61 -26.89 -5.66
N SER H 64 17.36 -26.71 -5.22
CA SER H 64 16.56 -27.86 -4.80
C SER H 64 16.23 -28.75 -5.99
N THR H 65 15.86 -28.16 -7.13
CA THR H 65 15.62 -28.94 -8.33
C THR H 65 16.88 -29.69 -8.76
N ALA H 66 18.03 -29.01 -8.68
CA ALA H 66 19.31 -29.66 -9.00
C ALA H 66 19.60 -30.81 -8.04
N SER H 67 19.33 -30.62 -6.75
CA SER H 67 19.58 -31.67 -5.77
C SER H 67 18.69 -32.88 -5.99
N MET H 68 17.43 -32.67 -6.36
CA MET H 68 16.55 -33.81 -6.61
C MET H 68 16.95 -34.56 -7.88
N LEU H 69 17.37 -33.81 -8.91
CA LEU H 69 17.90 -34.48 -10.11
C LEU H 69 19.17 -35.27 -9.80
N LEU H 70 20.03 -34.72 -8.93
CA LEU H 70 21.23 -35.43 -8.51
C LEU H 70 20.89 -36.71 -7.77
N MET H 71 19.90 -36.66 -6.88
CA MET H 71 19.46 -37.86 -6.17
C MET H 71 18.88 -38.91 -7.11
N MET H 72 18.09 -38.49 -8.11
CA MET H 72 17.57 -39.46 -9.06
C MET H 72 18.69 -40.09 -9.88
N ALA H 73 19.69 -39.30 -10.27
CA ALA H 73 20.85 -39.85 -10.97
C ALA H 73 21.60 -40.85 -10.11
N ILE H 74 21.76 -40.53 -8.82
CA ILE H 74 22.45 -41.42 -7.89
C ILE H 74 21.69 -42.74 -7.73
N ILE H 75 20.36 -42.66 -7.63
CA ILE H 75 19.56 -43.87 -7.44
C ILE H 75 19.56 -44.73 -8.70
N ILE H 76 19.54 -44.10 -9.88
CA ILE H 76 19.63 -44.85 -11.13
C ILE H 76 20.98 -45.54 -11.25
N ASN H 77 22.07 -44.84 -10.89
CA ASN H 77 23.40 -45.44 -10.90
C ASN H 77 23.50 -46.58 -9.90
N LEU H 78 22.88 -46.44 -8.73
CA LEU H 78 22.85 -47.51 -7.74
C LEU H 78 22.12 -48.73 -8.29
N MET H 79 20.96 -48.52 -8.89
CA MET H 79 20.13 -49.63 -9.33
C MET H 79 20.76 -50.36 -10.50
N PHE H 80 21.47 -49.64 -11.38
CA PHE H 80 22.15 -50.30 -12.48
C PHE H 80 23.57 -50.76 -12.12
N SER H 81 24.09 -50.39 -10.96
CA SER H 81 25.47 -50.70 -10.62
C SER H 81 25.67 -51.36 -9.26
N GLY H 82 24.78 -51.17 -8.30
CA GLY H 82 24.84 -51.91 -7.05
C GLY H 82 25.84 -51.42 -6.03
N GLN H 83 26.46 -50.25 -6.22
CA GLN H 83 27.43 -49.75 -5.25
C GLN H 83 27.29 -48.24 -5.14
N TRP H 84 28.27 -47.61 -4.49
CA TRP H 84 28.22 -46.17 -4.22
C TRP H 84 29.54 -45.45 -4.44
N THR H 85 30.52 -46.09 -5.09
CA THR H 85 31.82 -45.46 -5.24
C THR H 85 31.75 -44.27 -6.19
N VAL H 86 32.45 -43.20 -5.85
CA VAL H 86 32.49 -42.02 -6.70
C VAL H 86 33.49 -42.26 -7.82
N MET H 87 33.00 -42.79 -8.93
CA MET H 87 33.81 -43.11 -10.09
C MET H 87 32.92 -42.97 -11.32
N LYS H 88 33.31 -43.60 -12.43
CA LYS H 88 32.53 -43.54 -13.65
C LYS H 88 31.15 -44.14 -13.45
N LEU H 89 30.17 -43.55 -14.12
CA LEU H 89 28.78 -43.98 -13.99
C LEU H 89 28.48 -45.09 -14.99
N PHE H 90 27.48 -45.89 -14.66
CA PHE H 90 27.16 -47.09 -15.43
C PHE H 90 25.83 -46.96 -16.17
N ASN H 91 25.42 -45.73 -16.50
CA ASN H 91 24.21 -45.50 -17.27
C ASN H 91 24.26 -44.14 -17.94
N PRO H 92 23.89 -44.04 -19.23
CA PRO H 92 23.83 -42.73 -19.88
C PRO H 92 22.77 -41.81 -19.33
N MET H 93 21.63 -42.34 -18.88
CA MET H 93 20.57 -41.47 -18.35
C MET H 93 20.93 -40.91 -16.98
N ALA H 94 21.63 -41.70 -16.16
CA ALA H 94 22.17 -41.19 -14.91
C ALA H 94 23.19 -40.09 -15.17
N SER H 95 24.01 -40.27 -16.22
CA SER H 95 24.95 -39.24 -16.61
C SER H 95 24.23 -37.97 -17.06
N MET H 96 23.13 -38.12 -17.81
CA MET H 96 22.31 -36.97 -18.18
C MET H 96 21.79 -36.23 -16.97
N LEU H 97 21.18 -36.96 -16.02
CA LEU H 97 20.56 -36.32 -14.88
C LEU H 97 21.60 -35.64 -13.98
N MET H 98 22.76 -36.28 -13.81
CA MET H 98 23.81 -35.66 -13.02
C MET H 98 24.42 -34.45 -13.74
N THR H 99 24.53 -34.51 -15.07
CA THR H 99 25.06 -33.36 -15.80
C THR H 99 24.10 -32.18 -15.74
N MET H 100 22.79 -32.44 -15.85
CA MET H 100 21.81 -31.36 -15.67
C MET H 100 21.82 -30.83 -14.24
N ALA H 101 21.99 -31.70 -13.24
CA ALA H 101 22.08 -31.25 -11.86
C ALA H 101 23.29 -30.35 -11.64
N LEU H 102 24.45 -30.75 -12.17
CA LEU H 102 25.65 -29.95 -11.98
C LEU H 102 25.61 -28.67 -12.80
N ALA H 103 24.97 -28.69 -13.98
CA ALA H 103 24.80 -27.48 -14.75
C ALA H 103 23.86 -26.50 -14.05
N MET H 104 22.78 -27.02 -13.44
CA MET H 104 21.89 -26.16 -12.66
C MET H 104 22.59 -25.59 -11.44
N LYS H 105 23.43 -26.39 -10.79
CA LYS H 105 24.16 -25.91 -9.61
C LYS H 105 25.20 -24.87 -10.00
N LEU H 106 25.86 -25.05 -11.14
CA LEU H 106 26.91 -24.12 -11.56
C LEU H 106 26.33 -22.83 -12.13
N GLY H 107 25.16 -22.90 -12.77
CA GLY H 107 24.63 -21.76 -13.48
C GLY H 107 24.96 -21.73 -14.95
N MET H 108 25.45 -22.83 -15.51
CA MET H 108 25.79 -22.88 -16.92
C MET H 108 24.54 -22.79 -17.79
N ALA H 109 24.66 -22.09 -18.92
CA ALA H 109 23.52 -21.88 -19.80
C ALA H 109 23.08 -23.20 -20.44
N PRO H 110 21.78 -23.36 -20.73
CA PRO H 110 20.65 -22.43 -20.61
C PRO H 110 20.02 -22.36 -19.22
N PHE H 111 20.70 -22.93 -18.22
CA PHE H 111 20.28 -22.80 -16.83
C PHE H 111 20.90 -21.58 -16.15
N HIS H 112 21.23 -20.55 -16.93
CA HIS H 112 21.81 -19.31 -16.45
C HIS H 112 20.77 -18.30 -15.99
N PHE H 113 19.49 -18.68 -15.95
CA PHE H 113 18.42 -17.73 -15.67
C PHE H 113 18.29 -17.39 -14.19
N TRP H 114 19.17 -17.90 -13.33
CA TRP H 114 19.13 -17.57 -11.92
C TRP H 114 20.36 -16.83 -11.41
N VAL H 115 21.52 -16.98 -12.07
CA VAL H 115 22.74 -16.31 -11.58
C VAL H 115 22.68 -14.78 -11.56
N PRO H 116 22.17 -14.06 -12.57
CA PRO H 116 22.29 -12.59 -12.47
C PRO H 116 21.41 -11.97 -11.41
N GLU H 117 20.16 -12.46 -11.26
CA GLU H 117 19.29 -11.94 -10.21
C GLU H 117 19.80 -12.28 -8.82
N VAL H 118 20.34 -13.49 -8.65
CA VAL H 118 20.89 -13.89 -7.36
C VAL H 118 22.11 -13.04 -7.01
N THR H 119 22.98 -12.79 -7.99
CA THR H 119 24.14 -11.93 -7.72
C THR H 119 23.73 -10.49 -7.45
N GLN H 120 22.70 -10.00 -8.16
CA GLN H 120 22.29 -8.61 -8.00
C GLN H 120 21.59 -8.37 -6.66
N GLY H 121 20.78 -9.32 -6.22
CA GLY H 121 20.01 -9.11 -5.00
C GLY H 121 20.76 -9.24 -3.70
N ILE H 122 22.04 -9.58 -3.74
CA ILE H 122 22.81 -9.85 -2.53
C ILE H 122 23.98 -8.87 -2.49
N PRO H 123 24.54 -8.61 -1.29
CA PRO H 123 25.71 -7.73 -1.21
C PRO H 123 26.97 -8.28 -1.87
N LEU H 124 28.05 -7.49 -1.80
CA LEU H 124 29.27 -7.83 -2.55
C LEU H 124 30.01 -9.02 -1.94
N SER H 125 30.07 -9.09 -0.60
CA SER H 125 30.76 -10.20 0.04
C SER H 125 30.02 -11.52 -0.18
N SER H 126 28.68 -11.48 -0.12
CA SER H 126 27.89 -12.67 -0.41
C SER H 126 28.03 -13.07 -1.87
N GLY H 127 28.12 -12.10 -2.77
CA GLY H 127 28.38 -12.41 -4.17
C GLY H 127 29.74 -13.03 -4.39
N LEU H 128 30.75 -12.55 -3.66
CA LEU H 128 32.07 -13.15 -3.69
C LEU H 128 32.01 -14.61 -3.23
N ILE H 129 31.34 -14.85 -2.10
CA ILE H 129 31.25 -16.19 -1.54
C ILE H 129 30.52 -17.13 -2.49
N LEU H 130 29.42 -16.66 -3.09
CA LEU H 130 28.68 -17.42 -4.08
C LEU H 130 29.57 -17.76 -5.28
N LEU H 131 29.98 -16.72 -6.03
CA LEU H 131 30.65 -16.90 -7.31
C LEU H 131 32.05 -17.50 -7.19
N THR H 132 32.61 -17.60 -5.97
CA THR H 132 33.87 -18.30 -5.79
C THR H 132 33.67 -19.70 -5.20
N TRP H 133 33.01 -19.79 -4.05
CA TRP H 133 32.96 -21.04 -3.30
C TRP H 133 31.93 -22.02 -3.82
N GLN H 134 30.95 -21.58 -4.63
CA GLN H 134 30.00 -22.54 -5.17
C GLN H 134 30.49 -23.18 -6.46
N LYS H 135 31.65 -22.77 -6.95
CA LYS H 135 32.20 -23.30 -8.19
C LYS H 135 33.34 -24.29 -7.93
N LEU H 136 33.43 -24.82 -6.72
CA LEU H 136 34.45 -25.80 -6.35
C LEU H 136 33.91 -27.21 -6.24
N ALA H 137 32.82 -27.39 -5.50
CA ALA H 137 32.24 -28.73 -5.34
C ALA H 137 31.69 -29.33 -6.64
N PRO H 138 30.87 -28.63 -7.45
CA PRO H 138 30.45 -29.24 -8.73
C PRO H 138 31.61 -29.50 -9.68
N MET H 139 32.66 -28.68 -9.64
CA MET H 139 33.83 -28.97 -10.44
C MET H 139 34.54 -30.23 -9.98
N SER H 140 34.55 -30.48 -8.66
CA SER H 140 35.12 -31.73 -8.16
C SER H 140 34.28 -32.93 -8.59
N VAL H 141 32.95 -32.81 -8.55
CA VAL H 141 32.10 -33.90 -8.98
C VAL H 141 32.27 -34.18 -10.46
N LEU H 142 32.37 -33.13 -11.28
CA LEU H 142 32.62 -33.32 -12.71
C LEU H 142 34.01 -33.87 -12.97
N TYR H 143 34.98 -33.54 -12.11
CA TYR H 143 36.31 -34.14 -12.18
C TYR H 143 36.25 -35.63 -11.87
N GLN H 144 35.33 -36.05 -10.99
CA GLN H 144 35.27 -37.46 -10.62
C GLN H 144 34.62 -38.32 -11.68
N ILE H 145 33.64 -37.80 -12.42
CA ILE H 145 32.83 -38.62 -13.31
C ILE H 145 33.06 -38.30 -14.78
N LEU H 146 34.19 -37.67 -15.11
CA LEU H 146 34.52 -37.36 -16.50
C LEU H 146 34.66 -38.55 -17.45
N PRO H 147 34.93 -39.80 -17.02
CA PRO H 147 34.78 -40.92 -17.97
C PRO H 147 33.37 -41.08 -18.54
N SER H 148 32.33 -40.80 -17.74
CA SER H 148 30.96 -41.06 -18.17
C SER H 148 30.27 -39.85 -18.78
N ILE H 149 30.97 -38.74 -18.94
CA ILE H 149 30.36 -37.51 -19.44
C ILE H 149 30.21 -37.61 -20.96
N ASN H 150 29.01 -37.36 -21.46
CA ASN H 150 28.78 -37.30 -22.89
C ASN H 150 29.46 -36.08 -23.49
N LEU H 151 30.15 -36.28 -24.62
CA LEU H 151 30.97 -35.22 -25.19
C LEU H 151 30.11 -34.12 -25.80
N ASP H 152 29.10 -34.51 -26.59
CA ASP H 152 28.27 -33.53 -27.29
C ASP H 152 27.51 -32.65 -26.32
N LEU H 153 27.01 -33.24 -25.23
CA LEU H 153 26.23 -32.49 -24.25
C LEU H 153 27.08 -31.42 -23.57
N ILE H 154 28.26 -31.81 -23.06
CA ILE H 154 29.09 -30.86 -22.34
C ILE H 154 29.65 -29.79 -23.29
N LEU H 155 29.96 -30.16 -24.55
CA LEU H 155 30.47 -29.17 -25.48
C LEU H 155 29.39 -28.17 -25.89
N THR H 156 28.15 -28.67 -26.10
CA THR H 156 27.05 -27.78 -26.42
C THR H 156 26.73 -26.85 -25.27
N LEU H 157 26.74 -27.36 -24.04
CA LEU H 157 26.52 -26.51 -22.87
C LEU H 157 27.61 -25.47 -22.72
N SER H 158 28.87 -25.84 -23.02
CA SER H 158 29.97 -24.90 -22.92
C SER H 158 29.85 -23.77 -23.94
N ILE H 159 29.58 -24.10 -25.21
CA ILE H 159 29.52 -23.06 -26.23
C ILE H 159 28.29 -22.17 -26.01
N LEU H 160 27.16 -22.77 -25.58
CA LEU H 160 25.99 -21.98 -25.23
C LEU H 160 26.28 -21.05 -24.06
N SER H 161 27.05 -21.54 -23.07
CA SER H 161 27.40 -20.72 -21.92
C SER H 161 28.23 -19.51 -22.32
N ILE H 162 29.25 -19.72 -23.17
CA ILE H 162 30.12 -18.62 -23.54
C ILE H 162 29.37 -17.59 -24.39
N THR H 163 28.59 -18.06 -25.38
CA THR H 163 27.84 -17.14 -26.24
C THR H 163 26.81 -16.36 -25.44
N ILE H 164 26.06 -17.04 -24.56
CA ILE H 164 25.02 -16.41 -23.79
C ILE H 164 25.61 -15.45 -22.77
N GLY H 165 26.75 -15.80 -22.17
CA GLY H 165 27.40 -14.90 -21.23
C GLY H 165 27.90 -13.63 -21.89
N GLY H 166 28.51 -13.75 -23.08
CA GLY H 166 28.94 -12.56 -23.79
C GLY H 166 27.78 -11.67 -24.21
N TRP H 167 26.73 -12.27 -24.76
CA TRP H 167 25.59 -11.49 -25.20
C TRP H 167 24.83 -10.87 -24.02
N GLY H 168 24.82 -11.54 -22.87
CA GLY H 168 24.25 -10.94 -21.68
C GLY H 168 25.09 -9.79 -21.16
N GLY H 169 26.41 -9.95 -21.15
CA GLY H 169 27.27 -8.90 -20.64
C GLY H 169 27.36 -7.68 -21.53
N LEU H 170 26.94 -7.81 -22.79
CA LEU H 170 26.94 -6.64 -23.67
C LEU H 170 25.92 -5.57 -23.27
N ASN H 171 24.88 -5.91 -22.51
CA ASN H 171 23.75 -5.01 -22.27
C ASN H 171 23.37 -4.96 -20.79
N GLN H 172 24.35 -4.78 -19.91
CA GLN H 172 24.05 -4.59 -18.49
C GLN H 172 24.87 -3.45 -17.94
N THR H 173 24.21 -2.55 -17.21
CA THR H 173 24.87 -1.43 -16.56
C THR H 173 25.29 -1.73 -15.13
N GLN H 174 24.56 -2.61 -14.45
CA GLN H 174 24.91 -2.98 -13.09
C GLN H 174 26.17 -3.82 -13.08
N LEU H 175 26.97 -3.65 -12.02
CA LEU H 175 28.24 -4.36 -11.91
C LEU H 175 28.03 -5.85 -11.65
N ARG H 176 27.01 -6.20 -10.86
CA ARG H 176 26.83 -7.58 -10.45
C ARG H 176 26.32 -8.46 -11.58
N LYS H 177 25.46 -7.93 -12.45
CA LYS H 177 25.03 -8.70 -13.62
C LYS H 177 26.19 -8.88 -14.61
N ILE H 178 27.06 -7.88 -14.70
CA ILE H 178 28.29 -8.00 -15.49
C ILE H 178 29.14 -9.13 -14.93
N MET H 179 29.28 -9.19 -13.59
CA MET H 179 30.04 -10.26 -12.95
C MET H 179 29.41 -11.63 -13.22
N ALA H 180 28.08 -11.71 -13.15
CA ALA H 180 27.42 -12.99 -13.37
C ALA H 180 27.60 -13.49 -14.79
N TYR H 181 27.44 -12.61 -15.79
CA TYR H 181 27.61 -13.05 -17.17
C TYR H 181 29.07 -13.36 -17.51
N SER H 182 30.00 -12.61 -16.92
CA SER H 182 31.42 -12.95 -17.06
C SER H 182 31.72 -14.29 -16.42
N SER H 183 31.07 -14.60 -15.30
CA SER H 183 31.24 -15.90 -14.67
C SER H 183 30.69 -17.02 -15.54
N ILE H 184 29.57 -16.78 -16.23
CA ILE H 184 29.04 -17.77 -17.16
C ILE H 184 30.02 -18.00 -18.32
N ALA H 185 30.60 -16.92 -18.84
CA ALA H 185 31.57 -17.06 -19.94
C ALA H 185 32.82 -17.82 -19.49
N HIS H 186 33.32 -17.51 -18.29
CA HIS H 186 34.47 -18.24 -17.75
C HIS H 186 34.10 -19.69 -17.45
N MET H 187 32.85 -19.95 -17.05
CA MET H 187 32.40 -21.31 -16.81
C MET H 187 32.42 -22.12 -18.11
N GLY H 188 31.94 -21.52 -19.19
CA GLY H 188 31.97 -22.23 -20.47
C GLY H 188 33.39 -22.47 -20.96
N TRP H 189 34.26 -21.47 -20.83
CA TRP H 189 35.67 -21.64 -21.19
C TRP H 189 36.33 -22.73 -20.35
N MET H 190 35.94 -22.85 -19.09
CA MET H 190 36.54 -23.80 -18.17
C MET H 190 36.02 -25.22 -18.40
N THR H 191 34.74 -25.37 -18.70
CA THR H 191 34.13 -26.68 -18.88
C THR H 191 34.20 -27.19 -20.31
N ALA H 192 34.64 -26.37 -21.26
CA ALA H 192 34.84 -26.89 -22.61
C ALA H 192 36.03 -27.84 -22.68
N VAL H 193 37.02 -27.65 -21.81
CA VAL H 193 38.28 -28.39 -21.85
C VAL H 193 38.28 -29.55 -20.84
N LEU H 194 37.15 -29.81 -20.20
CA LEU H 194 37.10 -30.79 -19.11
C LEU H 194 37.41 -32.20 -19.60
N LEU H 195 36.88 -32.58 -20.77
CA LEU H 195 37.06 -33.94 -21.25
C LEU H 195 38.42 -34.20 -21.88
N TYR H 196 39.17 -33.15 -22.23
CA TYR H 196 40.46 -33.33 -22.88
C TYR H 196 41.60 -33.35 -21.87
N ASN H 197 41.61 -32.39 -20.94
CA ASN H 197 42.64 -32.32 -19.91
C ASN H 197 42.03 -31.58 -18.72
N PRO H 198 41.62 -32.31 -17.68
CA PRO H 198 41.00 -31.64 -16.52
C PRO H 198 41.96 -30.76 -15.73
N THR H 199 43.27 -30.91 -15.91
CA THR H 199 44.20 -29.99 -15.28
C THR H 199 44.06 -28.58 -15.83
N MET H 200 43.73 -28.46 -17.13
CA MET H 200 43.41 -27.15 -17.69
C MET H 200 42.15 -26.57 -17.06
N THR H 201 41.16 -27.41 -16.79
CA THR H 201 39.96 -26.96 -16.09
C THR H 201 40.29 -26.45 -14.69
N LEU H 202 41.13 -27.17 -13.96
CA LEU H 202 41.53 -26.74 -12.62
C LEU H 202 42.34 -25.45 -12.66
N LEU H 203 43.24 -25.32 -13.65
CA LEU H 203 44.06 -24.12 -13.77
C LEU H 203 43.20 -22.91 -14.10
N ASN H 204 42.27 -23.05 -15.04
CA ASN H 204 41.38 -21.95 -15.38
C ASN H 204 40.45 -21.61 -14.23
N LEU H 205 40.02 -22.61 -13.46
CA LEU H 205 39.21 -22.35 -12.27
C LEU H 205 39.98 -21.55 -11.24
N ILE H 206 41.25 -21.90 -11.02
CA ILE H 206 42.08 -21.19 -10.04
C ILE H 206 42.29 -19.75 -10.48
N ILE H 207 42.62 -19.54 -11.75
CA ILE H 207 42.86 -18.18 -12.24
C ILE H 207 41.58 -17.34 -12.21
N TYR H 208 40.45 -17.95 -12.59
CA TYR H 208 39.18 -17.25 -12.56
C TYR H 208 38.79 -16.87 -11.13
N ILE H 209 39.03 -17.78 -10.18
CA ILE H 209 38.74 -17.50 -8.77
C ILE H 209 39.59 -16.34 -8.27
N ILE H 210 40.89 -16.35 -8.61
CA ILE H 210 41.79 -15.30 -8.17
C ILE H 210 41.37 -13.95 -8.74
N MET H 211 41.05 -13.92 -10.03
CA MET H 211 40.69 -12.65 -10.67
C MET H 211 39.34 -12.13 -10.17
N THR H 212 38.35 -13.01 -10.02
CA THR H 212 37.04 -12.60 -9.55
C THR H 212 37.10 -12.13 -8.11
N SER H 213 37.88 -12.81 -7.27
CA SER H 213 38.05 -12.36 -5.89
C SER H 213 38.78 -11.02 -5.84
N THR H 214 39.75 -10.81 -6.73
CA THR H 214 40.44 -9.52 -6.81
C THR H 214 39.47 -8.40 -7.17
N MET H 215 38.63 -8.64 -8.18
CA MET H 215 37.68 -7.62 -8.60
C MET H 215 36.62 -7.35 -7.54
N PHE H 216 36.12 -8.39 -6.88
CA PHE H 216 35.13 -8.16 -5.83
C PHE H 216 35.75 -7.47 -4.62
N THR H 217 37.03 -7.74 -4.34
CA THR H 217 37.71 -7.00 -3.28
C THR H 217 37.88 -5.54 -3.63
N LEU H 218 38.18 -5.23 -4.89
CA LEU H 218 38.28 -3.83 -5.31
C LEU H 218 36.92 -3.13 -5.23
N PHE H 219 35.85 -3.84 -5.60
CA PHE H 219 34.51 -3.25 -5.51
C PHE H 219 34.11 -3.03 -4.05
N MET H 220 34.50 -3.95 -3.16
CA MET H 220 34.24 -3.77 -1.74
C MET H 220 35.05 -2.60 -1.18
N ALA H 221 36.29 -2.45 -1.65
CA ALA H 221 37.14 -1.35 -1.20
C ALA H 221 36.59 0.00 -1.63
N ASN H 222 36.14 0.09 -2.89
CA ASN H 222 35.57 1.35 -3.36
C ASN H 222 34.12 1.54 -2.93
N SER H 223 33.48 0.50 -2.41
CA SER H 223 32.07 0.52 -1.97
C SER H 223 31.14 0.96 -3.10
N THR H 224 31.43 0.49 -4.31
CA THR H 224 30.70 0.90 -5.50
C THR H 224 29.97 -0.30 -6.10
N THR H 225 28.70 -0.10 -6.43
CA THR H 225 27.90 -1.13 -7.09
C THR H 225 27.30 -0.66 -8.40
N THR H 226 27.70 0.51 -8.89
CA THR H 226 27.18 1.06 -10.14
C THR H 226 28.34 1.56 -10.99
N THR H 227 28.08 1.66 -12.29
CA THR H 227 29.11 2.12 -13.22
C THR H 227 29.48 3.58 -12.99
N LEU H 228 28.49 4.41 -12.65
CA LEU H 228 28.74 5.84 -12.47
C LEU H 228 29.56 6.11 -11.22
N SER H 229 29.27 5.41 -10.13
CA SER H 229 30.10 5.53 -8.93
C SER H 229 31.51 5.00 -9.19
N LEU H 230 31.62 3.95 -9.99
CA LEU H 230 32.93 3.43 -10.37
C LEU H 230 33.73 4.44 -11.16
N SER H 231 33.05 5.20 -12.03
CA SER H 231 33.70 6.32 -12.71
C SER H 231 34.08 7.42 -11.72
N HIS H 232 33.22 7.65 -10.72
CA HIS H 232 33.47 8.68 -9.72
C HIS H 232 34.63 8.33 -8.79
N THR H 233 35.07 7.06 -8.78
CA THR H 233 36.22 6.67 -7.96
C THR H 233 37.52 7.34 -8.37
N TRP H 234 37.60 7.98 -9.55
CA TRP H 234 38.85 8.59 -9.98
C TRP H 234 39.26 9.74 -9.09
N ASN H 235 38.28 10.49 -8.56
CA ASN H 235 38.61 11.63 -7.71
C ASN H 235 39.05 11.20 -6.33
N LYS H 236 38.49 10.10 -5.82
CA LYS H 236 38.85 9.62 -4.49
C LYS H 236 40.28 9.09 -4.45
N ALA H 237 40.68 8.31 -5.45
CA ALA H 237 42.02 7.74 -5.50
C ALA H 237 42.40 7.38 -6.94
N PRO H 238 43.60 7.72 -7.39
CA PRO H 238 44.03 7.32 -8.74
C PRO H 238 44.54 5.89 -8.78
N ILE H 239 45.07 5.41 -7.65
CA ILE H 239 45.62 4.06 -7.59
C ILE H 239 44.51 3.03 -7.78
N MET H 240 43.32 3.30 -7.26
CA MET H 240 42.19 2.41 -7.48
C MET H 240 41.83 2.32 -8.96
N THR H 241 41.92 3.44 -9.68
CA THR H 241 41.69 3.41 -11.12
C THR H 241 42.77 2.61 -11.84
N ILE H 242 44.02 2.72 -11.39
CA ILE H 242 45.11 1.96 -12.01
C ILE H 242 44.89 0.46 -11.84
N LEU H 243 44.55 0.04 -10.60
CA LEU H 243 44.31 -1.39 -10.38
C LEU H 243 43.05 -1.90 -11.07
N VAL H 244 41.97 -1.10 -11.12
CA VAL H 244 40.79 -1.60 -11.84
C VAL H 244 41.08 -1.70 -13.34
N LEU H 245 41.88 -0.77 -13.89
CA LEU H 245 42.25 -0.84 -15.30
C LEU H 245 43.09 -2.09 -15.58
N ILE H 246 44.13 -2.32 -14.78
CA ILE H 246 45.00 -3.48 -15.06
C ILE H 246 44.29 -4.79 -14.81
N THR H 247 43.40 -4.87 -13.81
CA THR H 247 42.69 -6.12 -13.56
C THR H 247 41.65 -6.39 -14.64
N LEU H 248 40.88 -5.39 -15.04
CA LEU H 248 39.89 -5.62 -16.08
C LEU H 248 40.52 -5.79 -17.45
N LEU H 249 41.76 -5.31 -17.63
CA LEU H 249 42.54 -5.72 -18.80
C LEU H 249 42.99 -7.17 -18.67
N SER H 250 43.27 -7.63 -17.44
CA SER H 250 43.70 -9.01 -17.26
C SER H 250 42.59 -10.00 -17.56
N MET H 251 41.36 -9.72 -17.11
CA MET H 251 40.27 -10.64 -17.41
C MET H 251 39.80 -10.57 -18.86
N GLY H 252 40.24 -9.56 -19.62
CA GLY H 252 39.87 -9.52 -21.03
C GLY H 252 40.51 -10.63 -21.83
N GLY H 253 41.77 -10.95 -21.53
CA GLY H 253 42.51 -11.94 -22.30
C GLY H 253 43.65 -11.34 -23.09
N LEU H 254 44.26 -10.28 -22.55
CA LEU H 254 45.35 -9.64 -23.26
C LEU H 254 46.70 -10.11 -22.72
N PRO H 255 47.68 -10.32 -23.58
CA PRO H 255 49.05 -10.53 -23.12
C PRO H 255 49.69 -9.20 -22.76
N PRO H 256 50.68 -9.17 -21.86
CA PRO H 256 51.28 -10.29 -21.14
C PRO H 256 50.65 -10.53 -19.78
N LEU H 257 49.35 -10.26 -19.67
CA LEU H 257 48.66 -10.39 -18.40
C LEU H 257 48.30 -11.85 -18.12
N SER H 258 47.92 -12.11 -16.86
CA SER H 258 47.72 -13.49 -16.42
C SER H 258 46.48 -14.11 -17.03
N GLY H 259 45.49 -13.30 -17.42
CA GLY H 259 44.27 -13.84 -18.00
C GLY H 259 44.46 -14.48 -19.36
N PHE H 260 45.54 -14.14 -20.06
CA PHE H 260 45.90 -14.84 -21.28
C PHE H 260 46.52 -16.20 -20.99
N MET H 261 46.97 -16.44 -19.76
CA MET H 261 47.60 -17.70 -19.41
C MET H 261 46.69 -18.92 -19.54
N PRO H 262 45.46 -18.98 -18.95
CA PRO H 262 44.68 -20.22 -19.07
C PRO H 262 44.14 -20.45 -20.48
N LYS H 263 43.45 -19.43 -21.01
CA LYS H 263 42.61 -19.59 -22.20
C LYS H 263 43.43 -20.02 -23.41
N TRP H 264 44.61 -19.40 -23.59
CA TRP H 264 45.52 -19.78 -24.66
C TRP H 264 45.91 -21.25 -24.56
N MET H 265 46.28 -21.70 -23.36
CA MET H 265 46.63 -23.10 -23.22
C MET H 265 45.42 -24.03 -23.33
N ILE H 266 44.20 -23.51 -23.18
CA ILE H 266 43.02 -24.30 -23.50
C ILE H 266 43.08 -24.72 -24.96
N ILE H 267 43.44 -23.78 -25.84
CA ILE H 267 43.65 -24.11 -27.25
C ILE H 267 44.79 -25.11 -27.40
N GLN H 268 45.83 -24.98 -26.56
CA GLN H 268 46.94 -25.91 -26.60
C GLN H 268 46.53 -27.32 -26.21
N GLU H 269 45.40 -27.49 -25.52
CA GLU H 269 44.90 -28.82 -25.22
C GLU H 269 43.67 -29.16 -26.05
N MET H 270 43.36 -28.36 -27.07
CA MET H 270 42.26 -28.69 -27.97
C MET H 270 42.68 -28.80 -29.43
N THR H 271 43.81 -28.23 -29.82
CA THR H 271 44.37 -28.50 -31.14
C THR H 271 45.10 -29.84 -31.19
N LYS H 272 45.48 -30.38 -30.03
CA LYS H 272 46.08 -31.71 -29.99
C LYS H 272 45.05 -32.78 -30.29
N ASN H 273 43.78 -32.53 -30.00
CA ASN H 273 42.69 -33.42 -30.34
C ASN H 273 42.05 -33.07 -31.68
N ASP H 274 42.69 -32.19 -32.45
CA ASP H 274 42.24 -31.77 -33.78
C ASP H 274 40.85 -31.14 -33.76
N SER H 275 40.59 -30.33 -32.73
CA SER H 275 39.40 -29.49 -32.67
C SER H 275 39.85 -28.06 -32.93
N ILE H 276 39.52 -27.53 -34.10
CA ILE H 276 40.07 -26.28 -34.59
C ILE H 276 39.03 -25.16 -34.56
N ILE H 277 37.81 -25.43 -35.04
CA ILE H 277 36.84 -24.35 -35.17
C ILE H 277 36.23 -23.98 -33.81
N LEU H 278 36.18 -24.92 -32.87
CA LEU H 278 35.61 -24.63 -31.56
C LEU H 278 36.44 -23.64 -30.75
N PRO H 279 37.78 -23.77 -30.61
CA PRO H 279 38.52 -22.69 -29.94
C PRO H 279 38.48 -21.37 -30.67
N THR H 280 38.33 -21.37 -32.00
CA THR H 280 38.18 -20.11 -32.71
C THR H 280 36.86 -19.42 -32.37
N LEU H 281 35.76 -20.17 -32.33
CA LEU H 281 34.47 -19.60 -31.94
C LEU H 281 34.49 -19.10 -30.51
N MET H 282 35.11 -19.87 -29.60
CA MET H 282 35.20 -19.42 -28.22
C MET H 282 36.13 -18.24 -28.05
N ALA H 283 37.15 -18.10 -28.91
CA ALA H 283 37.99 -16.91 -28.90
C ALA H 283 37.22 -15.69 -29.40
N ILE H 284 36.33 -15.88 -30.38
CA ILE H 284 35.50 -14.77 -30.87
C ILE H 284 34.56 -14.30 -29.76
N THR H 285 33.93 -15.22 -29.05
CA THR H 285 33.08 -14.80 -27.93
C THR H 285 33.90 -14.25 -26.77
N ALA H 286 35.15 -14.68 -26.63
CA ALA H 286 36.04 -14.02 -25.68
C ALA H 286 36.34 -12.58 -26.11
N LEU H 287 36.40 -12.32 -27.41
CA LEU H 287 36.53 -10.95 -27.90
C LEU H 287 35.28 -10.13 -27.56
N LEU H 288 34.11 -10.76 -27.61
CA LEU H 288 32.88 -10.08 -27.18
C LEU H 288 32.93 -9.72 -25.68
N ASN H 289 33.41 -10.66 -24.87
CA ASN H 289 33.61 -10.39 -23.45
C ASN H 289 34.61 -9.27 -23.23
N LEU H 290 35.69 -9.27 -24.02
CA LEU H 290 36.66 -8.19 -24.00
C LEU H 290 36.03 -6.87 -24.43
N TYR H 291 35.02 -6.90 -25.29
CA TYR H 291 34.36 -5.66 -25.72
C TYR H 291 33.59 -5.03 -24.56
N PHE H 292 32.81 -5.83 -23.83
CA PHE H 292 32.09 -5.18 -22.73
C PHE H 292 33.05 -4.83 -21.58
N TYR H 293 34.14 -5.59 -21.43
CA TYR H 293 35.20 -5.21 -20.50
C TYR H 293 35.83 -3.89 -20.89
N MET H 294 36.04 -3.67 -22.19
CA MET H 294 36.65 -2.44 -22.67
C MET H 294 35.74 -1.25 -22.46
N ARG H 295 34.43 -1.44 -22.66
CA ARG H 295 33.46 -0.38 -22.34
C ARG H 295 33.51 -0.03 -20.86
N LEU H 296 33.60 -1.04 -19.99
CA LEU H 296 33.68 -0.77 -18.56
C LEU H 296 34.97 -0.03 -18.20
N THR H 297 36.11 -0.42 -18.81
CA THR H 297 37.36 0.29 -18.55
C THR H 297 37.32 1.73 -19.05
N TYR H 298 36.63 1.96 -20.17
CA TYR H 298 36.44 3.34 -20.64
C TYR H 298 35.62 4.13 -19.64
N SER H 299 34.64 3.48 -19.02
CA SER H 299 33.85 4.16 -17.99
C SER H 299 34.69 4.52 -16.77
N THR H 300 35.53 3.61 -16.28
CA THR H 300 36.10 3.86 -14.96
C THR H 300 37.42 4.62 -14.97
N ALA H 301 38.37 4.25 -15.83
CA ALA H 301 39.76 4.68 -15.62
C ALA H 301 40.30 5.57 -16.73
N LEU H 302 40.09 5.22 -17.99
CA LEU H 302 40.73 5.93 -19.09
C LEU H 302 40.11 7.29 -19.35
N THR H 303 38.89 7.55 -18.88
CA THR H 303 38.28 8.87 -18.94
C THR H 303 37.76 9.23 -17.56
N MET H 304 38.16 10.40 -17.07
CA MET H 304 37.77 10.85 -15.74
C MET H 304 36.43 11.57 -15.84
N PHE H 305 35.40 10.98 -15.25
CA PHE H 305 34.06 11.54 -15.30
C PHE H 305 33.95 12.71 -14.32
N PRO H 306 33.01 13.63 -14.56
CA PRO H 306 32.79 14.72 -13.59
C PRO H 306 32.30 14.19 -12.25
N SER H 307 32.69 14.88 -11.19
CA SER H 307 32.39 14.50 -9.83
C SER H 307 31.50 15.55 -9.17
N THR H 308 31.22 15.34 -7.88
CA THR H 308 30.43 16.26 -7.09
C THR H 308 31.30 16.90 -6.01
N ASN H 309 30.73 17.90 -5.34
CA ASN H 309 31.46 18.67 -4.35
C ASN H 309 31.58 17.97 -3.00
N ASN H 310 30.80 16.91 -2.76
CA ASN H 310 30.80 16.25 -1.46
C ASN H 310 32.08 15.47 -1.23
N MET H 311 32.69 14.96 -2.30
CA MET H 311 33.82 14.04 -2.19
C MET H 311 35.04 14.66 -1.54
N LYS H 312 35.09 16.01 -1.48
CA LYS H 312 36.17 16.69 -0.77
C LYS H 312 36.22 16.28 0.69
N MET H 313 35.07 16.03 1.30
CA MET H 313 35.04 15.51 2.66
C MET H 313 35.74 14.15 2.73
N LYS H 314 35.49 13.30 1.75
CA LYS H 314 36.16 12.01 1.67
C LYS H 314 37.67 12.13 1.44
N TRP H 315 38.15 13.32 1.06
CA TRP H 315 39.59 13.50 0.96
C TRP H 315 40.27 13.67 2.31
N GLN H 316 39.50 13.91 3.38
CA GLN H 316 40.10 14.13 4.69
C GLN H 316 40.18 12.86 5.54
N PHE H 317 39.73 11.73 5.02
CA PHE H 317 39.75 10.48 5.76
C PHE H 317 40.33 9.37 4.89
N PRO H 318 41.36 8.67 5.36
CA PRO H 318 41.89 7.55 4.59
C PRO H 318 40.96 6.34 4.63
N THR H 319 41.19 5.42 3.70
CA THR H 319 40.37 4.22 3.60
C THR H 319 40.71 3.29 4.76
N THR H 320 39.79 3.19 5.73
CA THR H 320 39.99 2.36 6.90
C THR H 320 39.43 0.95 6.75
N LYS H 321 38.93 0.60 5.55
CA LYS H 321 38.40 -0.73 5.33
C LYS H 321 39.54 -1.74 5.27
N ARG H 322 39.18 -3.01 5.48
CA ARG H 322 40.14 -4.10 5.48
C ARG H 322 40.14 -4.77 4.11
N MET H 323 41.20 -4.55 3.35
CA MET H 323 41.37 -5.17 2.04
C MET H 323 42.11 -6.49 2.25
N THR H 324 41.39 -7.61 2.13
CA THR H 324 41.95 -8.91 2.48
C THR H 324 42.88 -9.38 1.37
N LEU H 325 44.19 -9.27 1.61
CA LEU H 325 45.25 -9.76 0.72
C LEU H 325 45.15 -9.15 -0.68
N LEU H 326 44.74 -7.89 -0.76
CA LEU H 326 44.52 -7.23 -2.06
C LEU H 326 45.75 -7.15 -2.96
N PRO H 327 46.95 -6.75 -2.50
CA PRO H 327 48.07 -6.66 -3.45
C PRO H 327 48.52 -8.01 -3.97
N THR H 328 48.51 -9.04 -3.12
CA THR H 328 48.92 -10.37 -3.55
C THR H 328 47.99 -10.93 -4.61
N MET H 329 46.67 -10.78 -4.41
CA MET H 329 45.73 -11.29 -5.40
C MET H 329 45.75 -10.44 -6.66
N THR H 330 46.01 -9.13 -6.56
CA THR H 330 46.15 -8.31 -7.76
C THR H 330 47.39 -8.70 -8.56
N VAL H 331 48.51 -8.93 -7.88
CA VAL H 331 49.75 -9.32 -8.55
C VAL H 331 49.59 -10.69 -9.20
N LEU H 332 48.95 -11.63 -8.51
CA LEU H 332 48.70 -12.95 -9.09
C LEU H 332 47.72 -12.87 -10.25
N SER H 333 46.79 -11.91 -10.23
CA SER H 333 45.86 -11.75 -11.34
C SER H 333 46.45 -10.98 -12.51
N THR H 334 47.58 -10.30 -12.32
CA THR H 334 48.16 -9.50 -13.40
C THR H 334 49.40 -10.13 -14.01
N MET H 335 50.39 -10.50 -13.22
CA MET H 335 51.70 -10.84 -13.79
C MET H 335 52.11 -12.28 -13.53
N LEU H 336 51.21 -13.23 -13.79
CA LEU H 336 51.50 -14.65 -13.62
C LEU H 336 51.92 -15.32 -14.92
N LEU H 337 52.07 -14.57 -16.02
CA LEU H 337 52.47 -15.20 -17.28
C LEU H 337 53.89 -15.78 -17.27
N PRO H 338 54.95 -15.08 -16.80
CA PRO H 338 56.29 -15.70 -16.87
C PRO H 338 56.46 -16.94 -15.99
N LEU H 339 55.52 -17.21 -15.08
CA LEU H 339 55.48 -18.47 -14.34
C LEU H 339 54.39 -19.39 -14.88
N THR H 340 54.24 -19.44 -16.21
CA THR H 340 53.24 -20.33 -16.82
C THR H 340 53.38 -21.81 -16.50
N PRO H 341 54.57 -22.46 -16.55
CA PRO H 341 54.60 -23.92 -16.33
C PRO H 341 54.25 -24.36 -14.91
N ILE H 342 53.99 -23.44 -13.98
CA ILE H 342 53.61 -23.77 -12.62
C ILE H 342 52.32 -24.56 -12.54
N LEU H 343 51.53 -24.61 -13.62
CA LEU H 343 50.35 -25.46 -13.69
C LEU H 343 50.68 -26.94 -13.50
N SER H 344 51.94 -27.32 -13.73
CA SER H 344 52.35 -28.70 -13.47
C SER H 344 52.27 -29.09 -12.00
N ILE H 345 52.13 -28.13 -11.08
CA ILE H 345 51.87 -28.50 -9.69
C ILE H 345 50.46 -29.02 -9.48
N LEU H 346 49.57 -28.85 -10.45
CA LEU H 346 48.18 -29.28 -10.32
C LEU H 346 47.96 -30.71 -10.81
N GLU H 347 49.01 -31.38 -11.28
CA GLU H 347 48.90 -32.79 -11.68
C GLU H 347 48.88 -33.71 -10.46
N AYA I 1 17.01 -36.07 -33.63
CA AYA I 1 17.51 -35.09 -34.56
CB AYA I 1 17.67 -33.70 -33.92
C AYA I 1 18.87 -35.51 -35.11
O AYA I 1 19.51 -34.86 -35.95
CT AYA I 1 15.82 -36.78 -33.80
OT AYA I 1 15.47 -37.62 -32.95
CM AYA I 1 15.00 -36.51 -35.03
N LYS I 2 19.33 -36.65 -34.62
CA LYS I 2 20.59 -37.23 -35.07
C LYS I 2 20.40 -37.98 -36.37
N THR I 3 19.14 -38.29 -36.69
CA THR I 3 18.80 -38.99 -37.91
C THR I 3 18.39 -38.06 -39.05
N LEU I 4 17.91 -36.85 -38.74
CA LEU I 4 17.56 -35.90 -39.80
C LEU I 4 18.79 -35.43 -40.56
N LEU I 5 19.86 -35.06 -39.83
CA LEU I 5 21.09 -34.63 -40.47
C LEU I 5 21.74 -35.75 -41.25
N HIS I 6 21.74 -36.97 -40.69
CA HIS I 6 22.34 -38.10 -41.39
C HIS I 6 21.55 -38.48 -42.63
N GLN I 7 20.21 -38.43 -42.55
CA GLN I 7 19.38 -38.68 -43.72
C GLN I 7 19.55 -37.59 -44.77
N TYR I 8 19.81 -36.35 -44.34
CA TYR I 8 20.20 -35.29 -45.26
C TYR I 8 21.50 -35.65 -45.96
N TRP I 9 22.48 -36.18 -45.22
CA TRP I 9 23.75 -36.54 -45.81
C TRP I 9 23.83 -37.99 -46.27
N ASP I 10 22.75 -38.76 -46.18
CA ASP I 10 22.76 -40.13 -46.68
C ASP I 10 22.50 -40.19 -48.18
N ILE I 11 22.00 -39.12 -48.78
CA ILE I 11 21.69 -39.09 -50.21
C ILE I 11 22.79 -38.32 -50.91
N PRO I 12 23.26 -38.79 -52.07
CA PRO I 12 24.23 -37.99 -52.85
C PRO I 12 23.65 -36.65 -53.27
N GLU I 13 24.50 -35.63 -53.26
CA GLU I 13 24.04 -34.26 -53.45
C GLU I 13 23.79 -33.97 -54.93
N GLY I 14 22.69 -33.26 -55.20
CA GLY I 14 22.38 -32.87 -56.56
C GLY I 14 21.85 -33.99 -57.44
N THR I 15 21.45 -35.11 -56.85
CA THR I 15 20.93 -36.24 -57.62
C THR I 15 19.41 -36.27 -57.64
N GLU I 16 18.77 -36.24 -56.47
CA GLU I 16 17.32 -36.20 -56.37
C GLU I 16 16.92 -34.96 -55.57
N CYS I 17 15.79 -34.37 -55.93
CA CYS I 17 15.45 -33.02 -55.50
C CYS I 17 14.51 -32.99 -54.30
N HIS I 18 13.35 -33.65 -54.42
CA HIS I 18 12.28 -33.47 -53.44
C HIS I 18 12.61 -34.09 -52.09
N ARG I 19 13.32 -35.21 -52.08
CA ARG I 19 13.69 -35.83 -50.80
C ARG I 19 14.68 -34.97 -50.04
N LYS I 20 15.68 -34.42 -50.73
CA LYS I 20 16.63 -33.51 -50.08
C LYS I 20 15.94 -32.24 -49.61
N THR I 21 15.03 -31.71 -50.43
CA THR I 21 14.28 -30.52 -50.05
C THR I 21 13.41 -30.76 -48.82
N TYR I 22 12.76 -31.92 -48.75
CA TYR I 22 11.91 -32.23 -47.61
C TYR I 22 12.74 -32.54 -46.37
N ALA I 23 13.94 -33.12 -46.53
CA ALA I 23 14.81 -33.34 -45.39
C ALA I 23 15.28 -32.01 -44.80
N ALA I 24 15.69 -31.07 -45.66
CA ALA I 24 16.06 -29.75 -45.18
C ALA I 24 14.86 -29.02 -44.58
N THR I 25 13.67 -29.21 -45.14
CA THR I 25 12.47 -28.62 -44.58
C THR I 25 12.15 -29.18 -43.20
N SER I 26 12.37 -30.48 -43.00
CA SER I 26 12.13 -31.09 -41.70
C SER I 26 13.14 -30.60 -40.66
N ILE I 27 14.41 -30.44 -41.07
CA ILE I 27 15.41 -29.89 -40.16
C ILE I 27 15.04 -28.45 -39.78
N GLY I 28 14.62 -27.66 -40.77
CA GLY I 28 14.16 -26.30 -40.49
C GLY I 28 12.93 -26.28 -39.59
N GLY I 29 12.03 -27.23 -39.77
CA GLY I 29 10.84 -27.30 -38.94
C GLY I 29 11.16 -27.64 -37.49
N ALA I 30 12.09 -28.58 -37.29
CA ALA I 30 12.54 -28.89 -35.93
C ALA I 30 13.20 -27.69 -35.27
N SER I 31 14.07 -26.99 -36.01
CA SER I 31 14.71 -25.80 -35.47
C SER I 31 13.68 -24.71 -35.16
N GLY I 32 12.67 -24.56 -36.03
CA GLY I 32 11.64 -23.57 -35.79
C GLY I 32 10.78 -23.88 -34.59
N LEU I 33 10.44 -25.16 -34.38
CA LEU I 33 9.71 -25.55 -33.18
C LEU I 33 10.54 -25.30 -31.93
N VAL I 34 11.84 -25.57 -31.99
CA VAL I 34 12.71 -25.33 -30.83
C VAL I 34 12.76 -23.85 -30.49
N VAL I 35 12.99 -23.00 -31.50
CA VAL I 35 13.15 -21.57 -31.23
C VAL I 35 11.80 -20.95 -30.85
N SER I 36 10.69 -21.43 -31.41
CA SER I 36 9.39 -20.90 -31.04
C SER I 36 8.98 -21.33 -29.63
N ALA I 37 9.33 -22.56 -29.24
CA ALA I 37 9.07 -23.00 -27.88
C ALA I 37 9.88 -22.18 -26.87
N TYR I 38 11.14 -21.89 -27.20
CA TYR I 38 11.93 -21.01 -26.33
C TYR I 38 11.34 -19.59 -26.28
N SER I 39 10.88 -19.09 -27.43
CA SER I 39 10.34 -17.74 -27.49
C SER I 39 9.06 -17.61 -26.68
N VAL I 40 8.19 -18.62 -26.73
CA VAL I 40 6.99 -18.58 -25.89
C VAL I 40 7.31 -18.96 -24.45
N ALA I 41 8.48 -19.54 -24.18
CA ALA I 41 8.85 -19.84 -22.80
C ALA I 41 9.35 -18.59 -22.08
N LEU I 42 10.40 -17.95 -22.59
CA LEU I 42 10.93 -16.77 -21.92
C LEU I 42 10.01 -15.55 -22.08
N LYS I 43 9.42 -15.38 -23.25
CA LYS I 43 8.50 -14.27 -23.48
C LYS I 43 7.07 -14.79 -23.43
N THR I 44 6.26 -14.21 -22.54
CA THR I 44 4.89 -14.66 -22.39
C THR I 44 4.04 -14.15 -23.54
N PRO I 45 3.39 -15.03 -24.30
CA PRO I 45 2.40 -14.55 -25.28
C PRO I 45 1.19 -13.98 -24.56
N THR I 46 0.57 -12.98 -25.19
CA THR I 46 -0.58 -12.32 -24.57
C THR I 46 -1.80 -13.22 -24.56
N SER I 47 -1.88 -14.17 -25.50
CA SER I 47 -3.00 -15.10 -25.57
C SER I 47 -2.53 -16.40 -26.18
N PHE I 48 -3.39 -17.42 -26.08
CA PHE I 48 -3.09 -18.71 -26.69
C PHE I 48 -3.04 -18.62 -28.21
N LEU I 49 -3.98 -17.86 -28.80
CA LEU I 49 -4.03 -17.71 -30.26
C LEU I 49 -2.82 -16.96 -30.78
N GLU I 50 -2.40 -15.90 -30.09
CA GLU I 50 -1.20 -15.18 -30.51
C GLU I 50 0.06 -16.02 -30.32
N GLY I 51 0.10 -16.85 -29.29
CA GLY I 51 1.23 -17.74 -29.09
C GLY I 51 1.35 -18.79 -30.18
N VAL I 52 0.24 -19.42 -30.55
CA VAL I 52 0.31 -20.41 -31.62
C VAL I 52 0.51 -19.72 -32.97
N ALA I 53 0.09 -18.46 -33.11
CA ALA I 53 0.40 -17.70 -34.31
C ALA I 53 1.90 -17.44 -34.42
N ARG I 54 2.55 -17.10 -33.30
CA ARG I 54 4.01 -16.92 -33.30
C ARG I 54 4.73 -18.24 -33.60
N THR I 55 4.24 -19.33 -33.02
CA THR I 55 4.83 -20.65 -33.27
C THR I 55 4.72 -21.02 -34.74
N GLY I 56 3.54 -20.82 -35.33
CA GLY I 56 3.37 -21.07 -36.75
C GLY I 56 4.18 -20.15 -37.63
N ARG I 57 4.36 -18.90 -37.21
CA ARG I 57 5.18 -17.95 -37.97
C ARG I 57 6.63 -18.41 -38.02
N TYR I 58 7.20 -18.76 -36.86
CA TYR I 58 8.58 -19.22 -36.82
C TYR I 58 8.75 -20.55 -37.56
N THR I 59 7.78 -21.45 -37.42
CA THR I 59 7.83 -22.72 -38.14
C THR I 59 7.80 -22.51 -39.64
N PHE I 60 6.90 -21.65 -40.12
CA PHE I 60 6.80 -21.38 -41.55
C PHE I 60 8.05 -20.72 -42.08
N THR I 61 8.60 -19.75 -41.33
CA THR I 61 9.82 -19.05 -41.78
C THR I 61 11.00 -20.01 -41.87
N ALA I 62 11.21 -20.83 -40.83
CA ALA I 62 12.34 -21.75 -40.86
C ALA I 62 12.15 -22.88 -41.87
N ALA I 63 10.92 -23.35 -42.06
CA ALA I 63 10.64 -24.36 -43.07
C ALA I 63 10.89 -23.82 -44.47
N ALA I 64 10.49 -22.57 -44.73
CA ALA I 64 10.77 -21.95 -46.02
C ALA I 64 12.27 -21.77 -46.21
N ILE I 65 12.99 -21.41 -45.15
CA ILE I 65 14.45 -21.26 -45.21
C ILE I 65 15.09 -22.58 -45.62
N GLY I 66 14.72 -23.67 -44.94
CA GLY I 66 15.30 -24.97 -45.26
C GLY I 66 14.92 -25.48 -46.63
N ALA I 67 13.65 -25.31 -47.00
CA ALA I 67 13.18 -25.80 -48.29
C ALA I 67 13.85 -25.07 -49.45
N ILE I 68 13.96 -23.74 -49.36
CA ILE I 68 14.58 -22.99 -50.45
C ILE I 68 16.08 -23.26 -50.49
N PHE I 69 16.73 -23.43 -49.32
CA PHE I 69 18.15 -23.74 -49.30
C PHE I 69 18.42 -25.09 -49.98
N GLY I 70 17.68 -26.13 -49.58
CA GLY I 70 17.86 -27.44 -50.19
C GLY I 70 17.53 -27.44 -51.67
N LEU I 71 16.46 -26.73 -52.06
CA LEU I 71 16.07 -26.65 -53.46
C LEU I 71 17.18 -25.99 -54.29
N THR I 72 17.65 -24.81 -53.85
CA THR I 72 18.64 -24.07 -54.61
C THR I 72 19.94 -24.84 -54.71
N SER I 73 20.33 -25.54 -53.64
CA SER I 73 21.48 -26.43 -53.72
C SER I 73 21.26 -27.53 -54.76
N CYS I 74 20.05 -28.08 -54.82
CA CYS I 74 19.77 -29.19 -55.74
C CYS I 74 19.86 -28.76 -57.20
N ILE I 75 19.14 -27.68 -57.58
CA ILE I 75 19.24 -27.24 -58.98
C ILE I 75 20.63 -26.65 -59.29
N SER I 76 21.31 -26.01 -58.34
CA SER I 76 22.66 -25.54 -58.62
C SER I 76 23.62 -26.69 -58.91
N ALA I 77 23.59 -27.74 -58.08
CA ALA I 77 24.46 -28.88 -58.31
C ALA I 77 24.05 -29.67 -59.54
N GLN I 78 22.76 -29.64 -59.91
CA GLN I 78 22.34 -30.34 -61.13
C GLN I 78 22.76 -29.57 -62.38
N VAL I 79 22.63 -28.24 -62.36
CA VAL I 79 22.96 -27.44 -63.54
C VAL I 79 24.47 -27.42 -63.77
N ARG I 80 25.24 -27.14 -62.72
CA ARG I 80 26.69 -27.13 -62.90
C ARG I 80 27.30 -28.52 -62.95
N GLU I 81 26.53 -29.56 -62.59
CA GLU I 81 26.98 -30.95 -62.60
C GLU I 81 28.22 -31.17 -61.74
N LYS I 82 28.35 -30.41 -60.66
CA LYS I 82 29.49 -30.48 -59.76
C LYS I 82 29.00 -30.78 -58.35
N PRO I 83 29.05 -32.04 -57.91
CA PRO I 83 28.56 -32.36 -56.57
C PRO I 83 29.53 -31.97 -55.47
N ASP I 84 30.82 -31.93 -55.78
CA ASP I 84 31.87 -31.64 -54.81
C ASP I 84 32.31 -30.19 -54.85
N ASP I 85 31.39 -29.27 -55.13
CA ASP I 85 31.72 -27.85 -55.20
C ASP I 85 30.86 -27.07 -54.20
N PRO I 86 31.47 -26.32 -53.28
CA PRO I 86 30.68 -25.57 -52.29
C PRO I 86 30.03 -24.30 -52.81
N LEU I 87 30.30 -23.93 -54.07
CA LEU I 87 29.67 -22.74 -54.64
C LEU I 87 28.16 -22.91 -54.76
N ASN I 88 27.70 -24.15 -54.98
CA ASN I 88 26.26 -24.42 -54.98
C ASN I 88 25.66 -24.13 -53.61
N TYR I 89 26.38 -24.50 -52.54
CA TYR I 89 25.89 -24.24 -51.19
C TYR I 89 25.96 -22.74 -50.87
N LEU I 90 26.93 -22.02 -51.42
CA LEU I 90 26.95 -20.56 -51.26
C LEU I 90 25.75 -19.91 -51.96
N ILE I 91 25.40 -20.39 -53.15
CA ILE I 91 24.22 -19.89 -53.87
C ILE I 91 22.95 -20.21 -53.08
N GLY I 92 22.87 -21.43 -52.53
CA GLY I 92 21.75 -21.77 -51.67
C GLY I 92 21.68 -20.94 -50.40
N GLY I 93 22.84 -20.57 -49.86
CA GLY I 93 22.86 -19.69 -48.70
C GLY I 93 22.35 -18.30 -49.00
N CYS I 94 22.70 -17.76 -50.17
CA CYS I 94 22.12 -16.48 -50.57
C CYS I 94 20.62 -16.62 -50.88
N ALA I 95 20.19 -17.77 -51.40
CA ALA I 95 18.76 -17.97 -51.59
C ALA I 95 18.01 -17.99 -50.26
N GLY I 96 18.60 -18.64 -49.26
CA GLY I 96 18.03 -18.59 -47.92
C GLY I 96 18.06 -17.21 -47.32
N GLY I 97 19.12 -16.44 -47.61
CA GLY I 97 19.18 -15.07 -47.13
C GLY I 97 18.11 -14.18 -47.73
N LEU I 98 17.86 -14.34 -49.03
CA LEU I 98 16.76 -13.62 -49.68
C LEU I 98 15.41 -14.06 -49.13
N THR I 99 15.28 -15.35 -48.80
CA THR I 99 14.05 -15.83 -48.17
C THR I 99 13.85 -15.20 -46.79
N LEU I 100 14.92 -15.10 -46.00
CA LEU I 100 14.82 -14.48 -44.68
C LEU I 100 14.48 -13.01 -44.79
N GLY I 101 15.08 -12.32 -45.76
CA GLY I 101 14.73 -10.92 -46.01
C GLY I 101 13.30 -10.73 -46.49
N ALA I 102 12.78 -11.70 -47.25
CA ALA I 102 11.40 -11.60 -47.72
C ALA I 102 10.40 -11.84 -46.58
N ARG I 103 10.64 -12.87 -45.77
CA ARG I 103 9.70 -13.17 -44.69
C ARG I 103 9.81 -12.18 -43.54
N THR I 104 10.98 -11.58 -43.34
CA THR I 104 11.13 -10.55 -42.32
C THR I 104 10.90 -9.14 -42.86
N ARG I 105 10.69 -9.00 -44.17
CA ARG I 105 10.43 -7.73 -44.85
C ARG I 105 11.58 -6.73 -44.64
N SER I 106 12.76 -7.12 -45.10
CA SER I 106 13.94 -6.27 -45.06
C SER I 106 14.84 -6.61 -46.24
N TYR I 107 15.79 -5.72 -46.52
CA TYR I 107 16.72 -5.89 -47.64
C TYR I 107 18.17 -5.97 -47.20
N GLY I 108 18.60 -5.08 -46.30
CA GLY I 108 19.95 -5.17 -45.76
C GLY I 108 20.13 -6.42 -44.92
N ILE I 109 19.08 -6.82 -44.19
CA ILE I 109 19.08 -8.10 -43.50
C ILE I 109 19.19 -9.24 -44.52
N GLY I 110 18.53 -9.09 -45.67
CA GLY I 110 18.64 -10.10 -46.72
C GLY I 110 20.06 -10.24 -47.26
N ALA I 111 20.74 -9.12 -47.50
CA ALA I 111 22.11 -9.19 -48.02
C ALA I 111 23.08 -9.72 -46.98
N ALA I 112 22.95 -9.26 -45.73
CA ALA I 112 23.81 -9.77 -44.66
C ALA I 112 23.57 -11.26 -44.44
N ALA I 113 22.32 -11.71 -44.57
CA ALA I 113 22.01 -13.12 -44.44
C ALA I 113 22.55 -13.94 -45.60
N CYS I 114 22.48 -13.37 -46.83
CA CYS I 114 23.16 -13.96 -47.98
C CYS I 114 24.61 -14.27 -47.65
N ALA I 115 25.36 -13.23 -47.26
CA ALA I 115 26.78 -13.41 -46.96
C ALA I 115 27.00 -14.42 -45.82
N TYR I 116 26.21 -14.29 -44.74
CA TYR I 116 26.51 -15.02 -43.51
C TYR I 116 26.18 -16.50 -43.65
N MET I 117 24.94 -16.84 -44.00
CA MET I 117 24.73 -18.29 -44.15
C MET I 117 25.17 -18.85 -45.50
N GLY I 118 25.56 -18.03 -46.49
CA GLY I 118 26.33 -18.58 -47.58
C GLY I 118 27.70 -19.05 -47.16
N LEU I 119 28.38 -18.24 -46.33
CA LEU I 119 29.65 -18.66 -45.76
C LEU I 119 29.47 -19.85 -44.83
N THR I 120 28.37 -19.89 -44.08
CA THR I 120 28.09 -21.03 -43.22
C THR I 120 27.88 -22.31 -44.02
N ALA I 121 27.13 -22.23 -45.12
CA ALA I 121 26.92 -23.40 -45.97
C ALA I 121 28.21 -23.86 -46.63
N ALA I 122 29.05 -22.91 -47.06
CA ALA I 122 30.36 -23.28 -47.60
C ALA I 122 31.22 -23.96 -46.54
N LEU I 123 31.22 -23.44 -45.30
CA LEU I 123 31.99 -24.06 -44.23
C LEU I 123 31.48 -25.47 -43.93
N VAL I 124 30.17 -25.66 -44.02
CA VAL I 124 29.59 -27.00 -43.88
C VAL I 124 30.08 -27.92 -45.00
N LYS I 125 30.15 -27.41 -46.24
CA LYS I 125 30.53 -28.26 -47.35
C LYS I 125 32.00 -28.67 -47.30
N MET I 126 32.92 -27.73 -47.06
CA MET I 126 34.29 -28.18 -46.87
C MET I 126 34.53 -28.89 -45.53
N GLY I 127 33.64 -28.73 -44.55
CA GLY I 127 33.71 -29.58 -43.39
C GLY I 127 33.38 -31.02 -43.72
N GLN I 128 32.41 -31.22 -44.61
CA GLN I 128 32.09 -32.57 -45.08
C GLN I 128 33.19 -33.13 -45.97
N LEU I 129 33.74 -32.29 -46.84
CA LEU I 129 34.75 -32.75 -47.80
C LEU I 129 36.07 -33.08 -47.10
N GLU I 130 36.55 -32.19 -46.23
CA GLU I 130 37.83 -32.36 -45.58
C GLU I 130 37.74 -33.12 -44.26
N GLY I 131 36.54 -33.50 -43.84
CA GLY I 131 36.37 -34.25 -42.62
C GLY I 131 36.70 -33.51 -41.34
N TRP I 132 36.28 -32.25 -41.23
CA TRP I 132 36.44 -31.53 -39.98
C TRP I 132 35.41 -32.03 -38.96
N LYS I 133 35.73 -31.85 -37.68
CA LYS I 133 34.87 -32.28 -36.59
C LYS I 133 34.51 -31.08 -35.72
N VAL I 134 33.21 -30.86 -35.54
CA VAL I 134 32.76 -29.82 -34.62
C VAL I 134 33.03 -30.22 -33.17
N PHE I 135 32.78 -31.48 -32.83
CA PHE I 135 33.00 -32.02 -31.49
C PHE I 135 34.01 -33.16 -31.64
N ALA I 136 35.29 -32.82 -31.52
CA ALA I 136 36.35 -33.82 -31.68
C ALA I 136 36.40 -34.74 -30.47
N GLU I 137 36.48 -36.05 -30.72
CA GLU I 137 36.63 -37.01 -29.64
C GLU I 137 38.02 -36.90 -29.01
N PRO I 138 38.16 -37.19 -27.72
CA PRO I 138 39.47 -37.08 -27.08
C PRO I 138 40.42 -38.18 -27.56
N LYS I 139 41.61 -37.77 -27.97
CA LYS I 139 42.64 -38.68 -28.43
C LYS I 139 43.87 -38.71 -27.52
N VAL I 140 44.36 -37.53 -27.12
CA VAL I 140 45.54 -37.46 -26.27
C VAL I 140 45.19 -36.88 -24.91
N GLY J 1 69.16 58.99 -47.81
CA GLY J 1 68.97 58.46 -49.15
C GLY J 1 67.69 57.65 -49.29
N LYS J 2 66.67 58.06 -48.54
CA LYS J 2 65.37 57.39 -48.47
C LYS J 2 65.52 55.92 -48.10
N ARG J 3 66.35 55.67 -47.08
CA ARG J 3 66.57 54.31 -46.58
C ARG J 3 65.31 53.85 -45.87
N LEU J 4 64.53 53.01 -46.55
CA LEU J 4 63.26 52.53 -46.02
C LEU J 4 63.48 51.25 -45.22
N PHE J 5 62.40 50.75 -44.63
CA PHE J 5 62.45 49.54 -43.82
C PHE J 5 61.68 48.42 -44.51
N ILE J 6 62.20 47.21 -44.39
CA ILE J 6 61.52 46.00 -44.85
C ILE J 6 61.24 45.14 -43.63
N ILE J 7 59.97 44.87 -43.36
CA ILE J 7 59.58 44.04 -42.23
C ILE J 7 59.81 42.58 -42.59
N LYS J 8 60.56 41.88 -41.76
CA LYS J 8 60.90 40.48 -41.98
C LYS J 8 60.77 39.72 -40.67
N PRO J 9 60.45 38.42 -40.72
CA PRO J 9 60.39 37.64 -39.49
C PRO J 9 61.77 37.47 -38.87
N SER J 10 61.77 37.29 -37.55
CA SER J 10 63.00 37.23 -36.77
C SER J 10 63.79 35.98 -37.14
N GLY J 11 64.94 36.17 -37.78
CA GLY J 11 65.83 35.09 -38.16
C GLY J 11 66.89 34.76 -37.15
N PHE J 12 66.81 35.33 -35.94
CA PHE J 12 67.81 35.05 -34.91
C PHE J 12 67.74 33.61 -34.43
N TYR J 13 66.52 33.07 -34.30
CA TYR J 13 66.36 31.72 -33.77
C TYR J 13 66.82 30.67 -34.78
N ASP J 14 66.49 30.86 -36.05
CA ASP J 14 66.95 29.93 -37.09
C ASP J 14 68.46 29.97 -37.24
N LYS J 15 69.05 31.16 -37.23
CA LYS J 15 70.50 31.29 -37.32
C LYS J 15 71.19 30.69 -36.10
N ARG J 16 70.60 30.88 -34.91
CA ARG J 16 71.16 30.29 -33.71
C ARG J 16 71.11 28.77 -33.75
N PHE J 17 69.99 28.21 -34.24
CA PHE J 17 69.88 26.76 -34.37
C PHE J 17 70.89 26.22 -35.36
N LEU J 18 71.07 26.90 -36.50
CA LEU J 18 72.04 26.45 -37.50
C LEU J 18 73.46 26.53 -36.96
N LYS J 19 73.79 27.61 -36.24
CA LYS J 19 75.10 27.75 -35.64
C LYS J 19 75.35 26.67 -34.60
N LEU J 20 74.35 26.36 -33.78
CA LEU J 20 74.49 25.33 -32.77
C LEU J 20 74.67 23.95 -33.41
N LEU J 21 73.91 23.66 -34.47
CA LEU J 21 74.06 22.39 -35.17
C LEU J 21 75.45 22.25 -35.78
N ARG J 22 75.93 23.30 -36.45
CA ARG J 22 77.24 23.23 -37.09
C ARG J 22 78.36 23.14 -36.06
N PHE J 23 78.26 23.89 -34.96
CA PHE J 23 79.28 23.82 -33.92
C PHE J 23 79.29 22.45 -33.24
N TYR J 24 78.11 21.91 -32.94
CA TYR J 24 78.07 20.63 -32.24
C TYR J 24 78.42 19.46 -33.15
N ILE J 25 78.26 19.58 -34.46
CA ILE J 25 78.75 18.50 -35.31
C ILE J 25 80.26 18.66 -35.56
N LEU J 26 80.76 19.91 -35.65
CA LEU J 26 82.18 20.10 -35.92
C LEU J 26 83.04 19.77 -34.72
N LEU J 27 82.50 19.96 -33.50
CA LEU J 27 83.24 19.75 -32.26
C LEU J 27 83.75 18.31 -32.14
N THR J 28 83.05 17.35 -32.73
CA THR J 28 83.53 15.98 -32.78
C THR J 28 83.98 15.58 -34.17
N GLY J 29 83.49 16.24 -35.23
CA GLY J 29 83.91 15.89 -36.58
C GLY J 29 85.37 16.24 -36.85
N ILE J 30 85.84 17.37 -36.33
CA ILE J 30 87.25 17.75 -36.52
C ILE J 30 88.20 16.77 -35.82
N PRO J 31 88.02 16.40 -34.54
CA PRO J 31 88.90 15.36 -33.96
C PRO J 31 88.75 14.01 -34.63
N VAL J 32 87.57 13.65 -35.10
CA VAL J 32 87.38 12.34 -35.74
C VAL J 32 88.13 12.29 -37.07
N VAL J 33 88.00 13.33 -37.89
CA VAL J 33 88.70 13.32 -39.17
C VAL J 33 90.20 13.49 -38.97
N ILE J 34 90.62 14.22 -37.92
CA ILE J 34 92.05 14.35 -37.62
C ILE J 34 92.62 13.01 -37.21
N GLY J 35 91.91 12.28 -36.34
CA GLY J 35 92.35 10.95 -35.95
C GLY J 35 92.36 9.97 -37.11
N ILE J 36 91.37 10.08 -38.01
CA ILE J 36 91.29 9.19 -39.16
C ILE J 36 92.47 9.40 -40.10
N THR J 37 92.77 10.67 -40.41
CA THR J 37 93.91 10.91 -41.29
C THR J 37 95.24 10.62 -40.58
N LEU J 38 95.28 10.71 -39.25
CA LEU J 38 96.51 10.36 -38.54
C LEU J 38 96.76 8.86 -38.54
N ILE J 39 95.71 8.04 -38.37
CA ILE J 39 95.95 6.60 -38.41
C ILE J 39 96.19 6.17 -39.86
N ASN J 40 95.60 6.87 -40.83
CA ASN J 40 95.83 6.55 -42.21
C ASN J 40 97.19 7.04 -42.72
N VAL J 41 97.84 7.95 -42.01
CA VAL J 41 99.14 8.45 -42.42
C VAL J 41 100.30 7.87 -41.61
N PHE J 42 100.05 7.38 -40.38
CA PHE J 42 101.14 6.94 -39.52
C PHE J 42 101.02 5.48 -39.11
N ILE J 43 99.86 5.04 -38.64
CA ILE J 43 99.69 3.65 -38.23
C ILE J 43 99.77 2.72 -39.42
N GLY J 44 99.06 3.04 -40.50
CA GLY J 44 99.25 2.34 -41.75
C GLY J 44 98.23 1.25 -42.04
N GLU J 45 97.70 1.25 -43.26
CA GLU J 45 96.80 0.21 -43.71
C GLU J 45 97.59 -1.08 -43.95
N ALA J 46 96.93 -2.21 -43.68
CA ALA J 46 97.59 -3.51 -43.71
C ALA J 46 97.88 -3.95 -45.14
N GLU J 47 98.49 -5.14 -45.26
CA GLU J 47 98.91 -5.69 -46.54
C GLU J 47 98.43 -7.13 -46.66
N LEU J 48 98.10 -7.53 -47.90
CA LEU J 48 97.65 -8.88 -48.16
C LEU J 48 98.82 -9.85 -48.14
N ALA J 49 98.64 -10.97 -47.43
CA ALA J 49 99.62 -12.05 -47.42
C ALA J 49 98.90 -13.37 -47.25
N GLU J 50 99.52 -14.43 -47.75
CA GLU J 50 98.93 -15.76 -47.64
C GLU J 50 99.08 -16.31 -46.24
N ILE J 51 98.26 -17.30 -45.92
CA ILE J 51 98.25 -17.89 -44.59
C ILE J 51 99.50 -18.75 -44.40
N PRO J 52 100.28 -18.55 -43.35
CA PRO J 52 101.43 -19.41 -43.10
C PRO J 52 100.98 -20.80 -42.63
N GLU J 53 101.91 -21.74 -42.70
CA GLU J 53 101.63 -23.11 -42.30
C GLU J 53 101.82 -23.27 -40.79
N GLY J 54 100.81 -23.83 -40.13
CA GLY J 54 100.90 -24.10 -38.70
C GLY J 54 100.61 -22.94 -37.80
N TYR J 55 100.18 -21.80 -38.33
CA TYR J 55 99.88 -20.62 -37.53
C TYR J 55 98.50 -20.10 -37.92
N VAL J 56 97.54 -20.24 -37.01
CA VAL J 56 96.18 -19.75 -37.24
C VAL J 56 96.15 -18.26 -36.92
N PRO J 57 95.31 -17.47 -37.58
CA PRO J 57 95.16 -16.06 -37.23
C PRO J 57 94.04 -15.83 -36.23
N GLU J 58 94.06 -14.64 -35.63
CA GLU J 58 92.96 -14.23 -34.77
C GLU J 58 91.73 -13.91 -35.62
N HIS J 59 90.59 -13.76 -34.94
CA HIS J 59 89.36 -13.41 -35.63
C HIS J 59 89.40 -11.99 -36.20
N TRP J 60 90.21 -11.12 -35.62
CA TRP J 60 90.37 -9.74 -36.10
C TRP J 60 91.54 -9.58 -37.05
N GLU J 61 92.23 -10.66 -37.40
CA GLU J 61 93.37 -10.60 -38.32
C GLU J 61 92.99 -11.02 -39.74
N TYR J 62 91.77 -10.70 -40.16
CA TYR J 62 91.30 -11.02 -41.51
C TYR J 62 90.85 -9.78 -42.28
N PHE J 63 91.02 -8.59 -41.72
CA PHE J 63 90.51 -7.37 -42.31
C PHE J 63 91.65 -6.41 -42.63
N LYS J 64 91.32 -5.40 -43.42
CA LYS J 64 92.33 -4.52 -44.03
C LYS J 64 92.61 -3.29 -43.17
N HIS J 65 91.58 -2.49 -42.89
CA HIS J 65 91.78 -1.24 -42.17
C HIS J 65 92.07 -1.52 -40.70
N PRO J 66 92.97 -0.76 -40.07
CA PRO J 66 93.21 -0.94 -38.63
C PRO J 66 92.02 -0.62 -37.76
N ILE J 67 91.16 0.32 -38.17
CA ILE J 67 89.97 0.62 -37.38
C ILE J 67 88.99 -0.55 -37.41
N SER J 68 88.86 -1.20 -38.56
CA SER J 68 88.03 -2.40 -38.66
C SER J 68 88.60 -3.51 -37.79
N ARG J 69 89.92 -3.66 -37.77
CA ARG J 69 90.55 -4.68 -36.92
C ARG J 69 90.32 -4.39 -35.45
N TRP J 70 90.43 -3.12 -35.04
CA TRP J 70 90.18 -2.75 -33.65
C TRP J 70 88.71 -2.97 -33.27
N ILE J 71 87.79 -2.65 -34.18
CA ILE J 71 86.37 -2.86 -33.92
C ILE J 71 86.06 -4.34 -33.78
N ALA J 72 86.62 -5.17 -34.65
CA ALA J 72 86.38 -6.61 -34.58
C ALA J 72 87.03 -7.22 -33.35
N ARG J 73 88.19 -6.71 -32.94
CA ARG J 73 88.87 -7.24 -31.76
C ARG J 73 88.14 -6.86 -30.48
N THR J 74 87.65 -5.62 -30.40
CA THR J 74 87.11 -5.13 -29.14
C THR J 74 85.66 -5.58 -28.93
N PHE J 75 84.82 -5.44 -29.95
CA PHE J 75 83.38 -5.61 -29.77
C PHE J 75 82.84 -6.92 -30.36
N PHE J 76 83.16 -7.21 -31.62
CA PHE J 76 82.43 -8.20 -32.38
C PHE J 76 82.75 -9.62 -31.94
N ASP J 77 81.74 -10.47 -31.94
CA ASP J 77 81.92 -11.89 -31.67
C ASP J 77 82.65 -12.56 -32.84
N ALA J 78 83.48 -13.54 -32.51
CA ALA J 78 84.19 -14.29 -33.53
C ALA J 78 83.21 -15.16 -34.33
N PRO J 79 83.47 -15.37 -35.62
CA PRO J 79 82.61 -16.28 -36.40
C PRO J 79 82.62 -17.71 -35.90
N GLU J 80 83.74 -18.17 -35.32
CA GLU J 80 83.80 -19.52 -34.75
C GLU J 80 82.84 -19.65 -33.57
N LYS J 81 82.84 -18.65 -32.68
CA LYS J 81 81.98 -18.67 -31.51
C LYS J 81 80.51 -18.67 -31.90
N ASN J 82 80.13 -17.79 -32.84
CA ASN J 82 78.75 -17.73 -33.30
C ASN J 82 78.35 -19.00 -34.02
N TYR J 83 79.27 -19.57 -34.81
CA TYR J 83 78.99 -20.81 -35.54
C TYR J 83 78.69 -21.96 -34.58
N GLU J 84 79.57 -22.17 -33.59
CA GLU J 84 79.36 -23.28 -32.68
C GLU J 84 78.18 -23.02 -31.72
N ARG J 85 77.91 -21.75 -31.41
CA ARG J 85 76.71 -21.41 -30.65
C ARG J 85 75.45 -21.76 -31.43
N THR J 86 75.45 -21.48 -32.74
CA THR J 86 74.33 -21.86 -33.59
C THR J 86 74.16 -23.37 -33.64
N MET J 87 75.28 -24.11 -33.71
CA MET J 87 75.21 -25.58 -33.72
C MET J 87 74.61 -26.12 -32.42
N ALA J 88 75.01 -25.57 -31.28
CA ALA J 88 74.48 -26.01 -30.00
C ALA J 88 72.99 -25.69 -29.88
N ILE J 89 72.58 -24.50 -30.34
CA ILE J 89 71.17 -24.11 -30.30
C ILE J 89 70.34 -25.04 -31.18
N LEU J 90 70.85 -25.36 -32.37
CA LEU J 90 70.16 -26.28 -33.28
C LEU J 90 70.01 -27.66 -32.65
N GLN J 91 71.06 -28.16 -32.00
CA GLN J 91 71.00 -29.47 -31.36
C GLN J 91 69.95 -29.51 -30.24
N ILE J 92 69.96 -28.48 -29.38
CA ILE J 92 69.03 -28.45 -28.25
C ILE J 92 67.58 -28.36 -28.72
N GLU J 93 67.32 -27.48 -29.68
CA GLU J 93 65.94 -27.33 -30.13
C GLU J 93 65.46 -28.53 -30.92
N SER J 94 66.36 -29.20 -31.66
CA SER J 94 65.97 -30.43 -32.35
C SER J 94 65.61 -31.53 -31.35
N GLU J 95 66.39 -31.65 -30.27
CA GLU J 95 66.05 -32.62 -29.23
C GLU J 95 64.70 -32.32 -28.60
N LYS J 96 64.43 -31.04 -28.31
CA LYS J 96 63.14 -30.67 -27.73
C LYS J 96 61.97 -30.96 -28.67
N ALA J 97 62.17 -30.71 -29.97
CA ALA J 97 61.12 -31.00 -30.94
C ALA J 97 60.83 -32.49 -31.04
N GLU J 98 61.88 -33.32 -31.07
CA GLU J 98 61.68 -34.76 -31.11
C GLU J 98 60.98 -35.26 -29.86
N LEU J 99 61.34 -34.72 -28.69
CA LEU J 99 60.68 -35.12 -27.45
C LEU J 99 59.21 -34.68 -27.43
N ARG J 100 58.89 -33.53 -28.01
CA ARG J 100 57.50 -33.10 -28.09
C ARG J 100 56.68 -34.04 -28.99
N LEU J 101 57.26 -34.43 -30.13
CA LEU J 101 56.56 -35.36 -31.02
C LEU J 101 56.34 -36.72 -30.33
N LYS J 102 57.36 -37.21 -29.61
CA LYS J 102 57.19 -38.43 -28.84
C LYS J 102 56.15 -38.26 -27.74
N GLU J 103 56.04 -37.06 -27.16
CA GLU J 103 55.01 -36.78 -26.16
C GLU J 103 53.62 -36.94 -26.74
N LEU J 104 53.40 -36.38 -27.94
CA LEU J 104 52.08 -36.49 -28.56
C LEU J 104 51.75 -37.94 -28.91
N GLU J 105 52.71 -38.67 -29.48
CA GLU J 105 52.45 -40.05 -29.85
C GLU J 105 52.22 -40.94 -28.63
N VAL J 106 53.02 -40.73 -27.57
CA VAL J 106 52.88 -41.53 -26.36
C VAL J 106 51.54 -41.27 -25.69
N ARG J 107 51.11 -39.99 -25.64
CA ARG J 107 49.81 -39.67 -25.06
C ARG J 107 48.68 -40.31 -25.86
N ARG J 108 48.77 -40.27 -27.19
CA ARG J 108 47.74 -40.87 -28.03
C ARG J 108 47.65 -42.38 -27.80
N LEU J 109 48.79 -43.06 -27.80
CA LEU J 109 48.81 -44.51 -27.59
C LEU J 109 48.33 -44.89 -26.19
N MET J 110 48.72 -44.11 -25.18
CA MET J 110 48.34 -44.42 -23.82
C MET J 110 46.84 -44.24 -23.59
N ARG J 111 46.25 -43.18 -24.17
CA ARG J 111 44.82 -43.02 -24.04
C ARG J 111 44.05 -44.04 -24.88
N ALA J 112 44.61 -44.46 -26.01
CA ALA J 112 43.91 -45.44 -26.84
C ALA J 112 43.99 -46.84 -26.24
N LYS J 113 45.06 -47.16 -25.50
CA LYS J 113 45.24 -48.50 -24.97
C LYS J 113 44.93 -48.61 -23.48
N GLY J 114 45.40 -47.67 -22.67
CA GLY J 114 45.12 -47.70 -21.25
C GLY J 114 46.02 -48.59 -20.43
N ASP J 115 47.14 -49.05 -20.99
CA ASP J 115 48.05 -49.94 -20.28
C ASP J 115 49.18 -49.21 -19.56
N GLY J 116 49.18 -47.88 -19.58
CA GLY J 116 50.24 -47.10 -18.99
C GLY J 116 49.86 -46.47 -17.67
N PRO J 117 50.84 -45.93 -16.95
CA PRO J 117 50.55 -45.22 -15.70
C PRO J 117 49.69 -43.98 -15.88
N TRP J 118 49.76 -43.32 -17.03
CA TRP J 118 48.87 -42.19 -17.27
C TRP J 118 47.47 -42.68 -17.58
N PHE J 119 46.49 -41.80 -17.31
CA PHE J 119 45.07 -42.07 -17.51
C PHE J 119 44.62 -43.32 -16.75
N GLN J 120 45.15 -43.50 -15.55
CA GLN J 120 44.75 -44.62 -14.68
C GLN J 120 43.55 -44.17 -13.86
N TYR J 121 42.38 -44.40 -14.41
CA TYR J 121 41.12 -44.00 -13.80
C TYR J 121 40.80 -44.92 -12.62
N PRO J 122 40.29 -44.36 -11.52
CA PRO J 122 40.14 -45.15 -10.29
C PRO J 122 39.07 -46.22 -10.40
N THR J 123 39.24 -47.27 -9.59
CA THR J 123 38.30 -48.38 -9.53
C THR J 123 38.08 -48.75 -8.06
N ILE J 124 37.24 -49.75 -7.83
CA ILE J 124 36.90 -50.18 -6.48
C ILE J 124 38.05 -51.01 -5.91
N ASP J 125 38.53 -50.62 -4.74
CA ASP J 125 39.58 -51.37 -4.06
C ASP J 125 39.05 -52.72 -3.59
N LYS J 126 39.91 -53.74 -3.66
CA LYS J 126 39.52 -55.09 -3.26
C LYS J 126 39.81 -55.38 -1.79
N ALA J 127 40.27 -54.40 -1.03
CA ALA J 127 40.45 -54.58 0.41
C ALA J 127 39.13 -54.49 1.18
N LEU J 128 38.07 -54.02 0.54
CA LEU J 128 36.76 -53.91 1.17
C LEU J 128 35.95 -55.20 1.12
N ILE J 129 36.44 -56.21 0.41
CA ILE J 129 35.73 -57.49 0.29
C ILE J 129 35.92 -58.27 1.58
N ASP J 130 34.82 -58.68 2.20
CA ASP J 130 34.85 -59.48 3.42
C ASP J 130 34.87 -60.96 3.02
N HIS J 131 35.90 -61.67 3.45
CA HIS J 131 36.05 -63.10 3.15
C HIS J 131 35.61 -63.98 4.30
N SER J 132 35.00 -63.40 5.34
CA SER J 132 34.55 -64.18 6.49
C SER J 132 33.36 -65.06 6.10
N PRO J 133 33.16 -66.18 6.78
CA PRO J 133 31.96 -66.99 6.54
C PRO J 133 30.70 -66.25 6.96
N LYS J 134 29.67 -66.33 6.14
CA LYS J 134 28.44 -65.58 6.34
C LYS J 134 27.38 -66.47 6.98
N ALA J 135 26.19 -65.90 7.19
CA ALA J 135 25.09 -66.65 7.77
C ALA J 135 24.38 -67.54 6.76
N THR J 136 24.61 -67.32 5.47
CA THR J 136 24.01 -68.11 4.41
C THR J 136 25.11 -68.79 3.60
N PRO J 137 25.01 -70.09 3.34
CA PRO J 137 26.09 -70.78 2.61
C PRO J 137 26.25 -70.36 1.17
N ASP J 138 25.21 -69.80 0.55
CA ASP J 138 25.25 -69.44 -0.87
C ASP J 138 25.69 -67.98 -0.98
N ASN J 139 26.99 -67.77 -1.19
CA ASN J 139 27.53 -66.43 -1.39
C ASN J 139 28.82 -66.48 -2.19
N ASP K 71 65.16 51.23 -60.91
CA ASP K 71 63.93 51.05 -61.67
C ASP K 71 62.71 51.54 -60.89
N ALA K 72 61.77 52.16 -61.61
CA ALA K 72 60.52 52.72 -61.09
C ALA K 72 60.77 53.68 -59.92
N PRO K 73 61.26 54.89 -60.18
CA PRO K 73 61.50 55.85 -59.09
C PRO K 73 60.22 56.28 -58.40
N PRO K 74 60.24 56.44 -57.08
CA PRO K 74 59.05 56.94 -56.38
C PRO K 74 58.67 58.34 -56.83
N LEU K 75 57.36 58.60 -56.84
CA LEU K 75 56.80 59.85 -57.28
C LEU K 75 56.16 60.59 -56.11
N THR K 76 56.42 61.89 -56.03
CA THR K 76 55.80 62.72 -55.00
C THR K 76 54.39 63.12 -55.42
N LEU K 77 53.66 63.75 -54.48
CA LEU K 77 52.31 64.18 -54.78
C LEU K 77 52.26 65.29 -55.82
N GLU K 78 53.26 66.17 -55.82
CA GLU K 78 53.28 67.23 -56.82
C GLU K 78 53.62 66.69 -58.21
N GLY K 79 54.33 65.56 -58.28
CA GLY K 79 54.60 64.95 -59.58
C GLY K 79 53.35 64.38 -60.21
N ILE K 80 52.57 63.63 -59.44
CA ILE K 80 51.32 63.10 -59.97
C ILE K 80 50.31 64.23 -60.18
N LYS K 81 50.39 65.29 -59.38
CA LYS K 81 49.55 66.46 -59.60
C LYS K 81 49.87 67.13 -60.93
N ASP K 82 51.15 67.30 -61.24
CA ASP K 82 51.56 67.82 -62.54
C ASP K 82 51.09 66.90 -63.66
N ARG K 83 51.18 65.58 -63.45
CA ARG K 83 50.74 64.63 -64.47
C ARG K 83 49.23 64.72 -64.71
N VAL K 84 48.43 64.79 -63.64
CA VAL K 84 46.98 64.78 -63.82
C VAL K 84 46.51 66.10 -64.44
N LEU K 85 47.13 67.22 -64.06
CA LEU K 85 46.78 68.48 -64.71
C LEU K 85 47.26 68.52 -66.15
N TYR K 86 48.36 67.84 -66.46
CA TYR K 86 48.82 67.73 -67.85
C TYR K 86 47.83 66.94 -68.70
N VAL K 87 47.35 65.82 -68.19
CA VAL K 87 46.38 65.02 -68.93
C VAL K 87 45.06 65.78 -69.08
N LEU K 88 44.66 66.52 -68.04
CA LEU K 88 43.46 67.35 -68.15
C LEU K 88 43.63 68.46 -69.18
N LYS K 89 44.80 69.11 -69.20
CA LYS K 89 45.06 70.17 -70.15
C LYS K 89 45.19 69.67 -71.58
N LEU K 90 45.56 68.40 -71.77
CA LEU K 90 45.63 67.83 -73.10
C LEU K 90 44.28 67.32 -73.61
N TYR K 91 43.23 67.43 -72.80
CA TYR K 91 41.89 67.04 -73.22
C TYR K 91 41.20 68.23 -73.87
N ASP K 92 40.53 67.99 -75.00
CA ASP K 92 39.88 69.06 -75.74
C ASP K 92 38.67 69.61 -74.99
N LYS K 93 37.94 68.77 -74.27
CA LYS K 93 36.75 69.22 -73.56
C LYS K 93 37.10 70.13 -72.37
N ILE K 94 38.23 69.91 -71.72
CA ILE K 94 38.70 70.80 -70.65
C ILE K 94 39.38 71.99 -71.30
N ASP K 95 38.93 73.19 -70.94
CA ASP K 95 39.68 74.38 -71.25
C ASP K 95 40.87 74.47 -70.29
N PRO K 96 42.04 74.90 -70.77
CA PRO K 96 43.24 74.83 -69.93
C PRO K 96 43.37 75.94 -68.89
N GLU K 97 42.29 76.67 -68.62
CA GLU K 97 42.34 77.77 -67.67
C GLU K 97 41.47 77.58 -66.43
N LYS K 98 40.35 76.87 -66.53
CA LYS K 98 39.37 76.80 -65.46
C LYS K 98 39.53 75.55 -64.59
N LEU K 99 40.56 74.76 -64.80
CA LEU K 99 40.73 73.50 -64.08
C LEU K 99 41.43 73.72 -62.74
N SER K 100 41.05 72.90 -61.77
CA SER K 100 41.66 72.93 -60.45
C SER K 100 41.65 71.51 -59.88
N VAL K 101 42.20 71.36 -58.68
CA VAL K 101 42.21 70.06 -58.02
C VAL K 101 40.81 69.65 -57.59
N ASN K 102 40.01 70.62 -57.13
CA ASN K 102 38.67 70.35 -56.62
C ASN K 102 37.57 70.69 -57.62
N SER K 103 37.93 70.91 -58.89
CA SER K 103 36.95 71.27 -59.91
C SER K 103 36.12 70.04 -60.26
N HIS K 104 34.84 70.07 -59.92
CA HIS K 104 33.95 68.94 -60.21
C HIS K 104 33.69 68.85 -61.70
N PHE K 105 33.59 67.62 -62.20
CA PHE K 105 33.43 67.43 -63.64
C PHE K 105 32.00 67.78 -64.09
N MET K 106 31.00 67.45 -63.29
CA MET K 106 29.62 67.78 -63.66
C MET K 106 29.19 69.16 -63.19
N LYS K 107 29.83 69.69 -62.16
CA LYS K 107 29.40 70.95 -61.55
C LYS K 107 30.26 72.14 -61.96
N ASP K 108 31.58 72.04 -61.78
CA ASP K 108 32.45 73.15 -62.15
C ASP K 108 32.61 73.24 -63.66
N LEU K 109 32.74 72.10 -64.34
CA LEU K 109 32.97 72.08 -65.77
C LEU K 109 31.79 71.57 -66.59
N GLY K 110 30.90 70.78 -65.99
CA GLY K 110 29.71 70.33 -66.69
C GLY K 110 29.91 69.38 -67.84
N LEU K 111 30.77 68.37 -67.68
CA LEU K 111 30.89 67.32 -68.67
C LEU K 111 29.86 66.23 -68.40
N ASP K 112 30.01 65.09 -69.06
CA ASP K 112 29.10 63.96 -68.94
C ASP K 112 29.82 62.81 -68.22
N SER K 113 29.07 61.75 -67.96
CA SER K 113 29.65 60.55 -67.36
C SER K 113 30.63 59.88 -68.30
N LEU K 114 30.32 59.90 -69.61
CA LEU K 114 31.20 59.29 -70.60
C LEU K 114 32.55 59.99 -70.65
N ASP K 115 32.56 61.31 -70.49
CA ASP K 115 33.82 62.04 -70.39
C ASP K 115 34.58 61.69 -69.12
N GLN K 116 33.87 61.41 -68.03
CA GLN K 116 34.53 60.96 -66.81
C GLN K 116 35.20 59.61 -67.00
N VAL K 117 34.54 58.67 -67.68
CA VAL K 117 35.18 57.39 -67.97
C VAL K 117 36.32 57.55 -68.97
N GLU K 118 36.22 58.53 -69.88
CA GLU K 118 37.33 58.84 -70.76
C GLU K 118 38.55 59.33 -69.98
N ILE K 119 38.32 60.19 -68.98
CA ILE K 119 39.40 60.65 -68.12
C ILE K 119 40.00 59.49 -67.34
N ILE K 120 39.14 58.59 -66.83
CA ILE K 120 39.61 57.44 -66.07
C ILE K 120 40.47 56.53 -66.93
N MET K 121 40.06 56.28 -68.18
CA MET K 121 40.87 55.50 -69.10
C MET K 121 42.19 56.19 -69.44
N ALA K 122 42.17 57.52 -69.59
CA ALA K 122 43.40 58.25 -69.85
C ALA K 122 44.37 58.11 -68.69
N MET K 123 43.87 58.16 -67.46
CA MET K 123 44.74 58.03 -66.29
C MET K 123 45.25 56.59 -66.15
N GLU K 124 44.40 55.61 -66.48
CA GLU K 124 44.80 54.21 -66.43
C GLU K 124 45.90 53.92 -67.45
N ASP K 125 45.78 54.46 -68.66
CA ASP K 125 46.81 54.26 -69.67
C ASP K 125 48.07 55.06 -69.34
N GLU K 126 47.92 56.22 -68.68
CA GLU K 126 49.08 57.04 -68.38
C GLU K 126 49.92 56.44 -67.25
N PHE K 127 49.26 55.95 -66.19
CA PHE K 127 49.99 55.37 -65.07
C PHE K 127 50.26 53.87 -65.23
N GLY K 128 49.70 53.24 -66.26
CA GLY K 128 49.98 51.84 -66.53
C GLY K 128 49.46 50.86 -65.50
N PHE K 129 48.27 51.10 -64.96
CA PHE K 129 47.63 50.16 -64.04
C PHE K 129 46.13 50.36 -64.11
N GLU K 130 45.40 49.36 -63.62
CA GLU K 130 43.95 49.31 -63.75
C GLU K 130 43.28 49.83 -62.48
N ILE K 131 42.32 50.73 -62.65
CA ILE K 131 41.48 51.21 -61.56
C ILE K 131 40.15 50.48 -61.63
N PRO K 132 39.66 49.91 -60.52
CA PRO K 132 38.36 49.20 -60.56
C PRO K 132 37.22 50.16 -60.86
N ASP K 133 36.15 49.59 -61.46
CA ASP K 133 35.07 50.41 -62.01
C ASP K 133 34.33 51.19 -60.93
N ILE K 134 34.14 50.59 -59.75
CA ILE K 134 33.49 51.30 -58.65
C ILE K 134 34.35 52.46 -58.19
N ASP K 135 35.65 52.23 -58.01
CA ASP K 135 36.54 53.33 -57.67
C ASP K 135 36.78 54.25 -58.85
N ALA K 136 36.57 53.77 -60.08
CA ALA K 136 36.60 54.67 -61.24
C ALA K 136 35.46 55.68 -61.18
N GLU K 137 34.27 55.23 -60.80
CA GLU K 137 33.12 56.13 -60.74
C GLU K 137 33.02 56.88 -59.41
N LYS K 138 33.77 56.48 -58.38
CA LYS K 138 33.65 57.13 -57.08
C LYS K 138 34.50 58.40 -56.99
N LEU K 139 35.75 58.35 -57.44
CA LEU K 139 36.59 59.54 -57.45
C LEU K 139 36.05 60.53 -58.48
N MET K 140 35.64 61.71 -58.00
CA MET K 140 34.89 62.63 -58.82
C MET K 140 35.54 64.00 -58.96
N CYS K 141 36.75 64.18 -58.46
CA CYS K 141 37.51 65.40 -58.61
C CYS K 141 38.94 65.02 -58.93
N PRO K 142 39.70 65.93 -59.56
CA PRO K 142 41.14 65.68 -59.74
C PRO K 142 41.89 65.48 -58.43
N GLN K 143 41.47 66.13 -57.35
CA GLN K 143 42.09 65.90 -56.05
C GLN K 143 41.82 64.49 -55.55
N GLU K 144 40.63 63.95 -55.82
CA GLU K 144 40.34 62.56 -55.47
C GLU K 144 41.23 61.61 -56.27
N ILE K 145 41.47 61.93 -57.54
CA ILE K 145 42.39 61.13 -58.37
C ILE K 145 43.79 61.17 -57.80
N VAL K 146 44.26 62.35 -57.39
CA VAL K 146 45.58 62.49 -56.78
C VAL K 146 45.66 61.69 -55.49
N ASP K 147 44.62 61.78 -54.66
CA ASP K 147 44.60 61.05 -53.39
C ASP K 147 44.63 59.54 -53.61
N TYR K 148 43.86 59.05 -54.58
CA TYR K 148 43.81 57.60 -54.84
C TYR K 148 45.13 57.10 -55.41
N ILE K 149 45.73 57.85 -56.35
CA ILE K 149 47.01 57.44 -56.92
C ILE K 149 48.10 57.46 -55.85
N ALA K 150 48.12 58.51 -55.02
CA ALA K 150 49.12 58.62 -53.96
C ALA K 150 48.93 57.55 -52.89
N ASP K 151 47.69 57.12 -52.65
CA ASP K 151 47.46 56.02 -51.71
C ASP K 151 47.89 54.69 -52.29
N LYS K 152 47.58 54.44 -53.56
CA LYS K 152 47.92 53.16 -54.17
C LYS K 152 49.42 53.01 -54.39
N LYS K 153 50.12 54.09 -54.71
CA LYS K 153 51.57 54.02 -54.84
C LYS K 153 52.30 54.28 -53.52
N ASP K 154 51.58 54.70 -52.48
CA ASP K 154 52.10 54.89 -51.12
C ASP K 154 53.27 55.88 -51.11
N VAL K 155 52.92 57.13 -51.42
CA VAL K 155 53.91 58.21 -51.54
C VAL K 155 54.43 58.63 -50.17
N TYR K 156 55.51 59.41 -50.17
CA TYR K 156 56.18 59.91 -48.97
C TYR K 156 56.60 58.77 -48.04
N GLU K 157 57.50 57.94 -48.56
CA GLU K 157 58.03 56.82 -47.80
C GLU K 157 59.20 57.26 -46.92
N PRO L 1 23.85 -68.67 -22.60
CA PRO L 1 25.27 -68.96 -22.41
C PRO L 1 25.52 -70.37 -21.90
N GLY L 2 25.75 -70.50 -20.60
CA GLY L 2 26.00 -71.81 -20.01
C GLY L 2 24.73 -72.63 -19.85
N ILE L 3 24.93 -73.89 -19.45
CA ILE L 3 23.83 -74.82 -19.22
C ILE L 3 23.88 -75.26 -17.76
N VAL L 4 22.71 -75.58 -17.22
CA VAL L 4 22.60 -76.04 -15.84
C VAL L 4 22.59 -77.55 -15.82
N GLU L 5 23.17 -78.13 -14.77
CA GLU L 5 23.26 -79.58 -14.60
C GLU L 5 22.54 -79.94 -13.30
N LEU L 6 21.27 -80.29 -13.40
CA LEU L 6 20.44 -80.57 -12.23
C LEU L 6 20.44 -82.05 -11.91
N PRO L 7 20.40 -82.42 -10.63
CA PRO L 7 20.36 -83.84 -10.28
C PRO L 7 19.01 -84.46 -10.60
N SER L 8 19.05 -85.78 -10.80
CA SER L 8 17.82 -86.52 -11.09
C SER L 8 16.91 -86.57 -9.87
N LEU L 9 15.61 -86.71 -10.12
CA LEU L 9 14.64 -86.76 -9.05
C LEU L 9 14.73 -88.05 -8.24
N GLU L 10 15.35 -89.09 -8.79
CA GLU L 10 15.52 -90.35 -8.05
C GLU L 10 16.51 -90.18 -6.92
N ASP L 11 17.58 -89.41 -7.14
CA ASP L 11 18.59 -89.20 -6.11
C ASP L 11 18.00 -88.38 -4.96
N LEU L 12 17.12 -87.43 -5.26
CA LEU L 12 16.48 -86.63 -4.23
C LEU L 12 15.38 -87.38 -3.49
N LYS L 13 14.96 -88.54 -3.97
CA LYS L 13 13.87 -89.28 -3.35
C LYS L 13 14.40 -90.01 -2.12
N VAL L 14 14.19 -89.42 -0.95
CA VAL L 14 14.69 -89.96 0.31
C VAL L 14 13.59 -89.72 1.34
N GLN L 15 13.39 -90.69 2.23
CA GLN L 15 12.39 -90.53 3.29
C GLN L 15 12.78 -89.41 4.23
N GLU L 16 11.80 -88.84 4.93
CA GLU L 16 11.99 -87.61 5.67
C GLU L 16 11.64 -87.80 7.14
N VAL L 17 12.10 -86.87 7.97
CA VAL L 17 11.70 -86.80 9.38
C VAL L 17 10.38 -86.04 9.40
N LYS L 18 9.28 -86.78 9.28
CA LYS L 18 7.95 -86.19 9.20
C LYS L 18 7.42 -85.93 10.61
N VAL L 19 7.94 -84.84 11.20
CA VAL L 19 7.53 -84.38 12.53
C VAL L 19 7.19 -82.90 12.44
N SER L 20 6.83 -82.32 13.58
CA SER L 20 6.39 -80.94 13.65
C SER L 20 7.50 -80.04 14.19
N SER L 21 7.17 -78.76 14.39
CA SER L 21 8.14 -77.82 14.93
C SER L 21 8.37 -78.04 16.42
N SER L 22 7.30 -78.30 17.19
CA SER L 22 7.44 -78.45 18.63
C SER L 22 8.16 -79.74 18.99
N VAL L 23 7.95 -80.80 18.23
CA VAL L 23 8.66 -82.06 18.45
C VAL L 23 10.16 -81.87 18.20
N LEU L 24 10.50 -81.14 17.13
CA LEU L 24 11.90 -80.86 16.84
C LEU L 24 12.51 -79.96 17.91
N LYS L 25 11.74 -79.02 18.44
CA LYS L 25 12.27 -78.12 19.45
C LYS L 25 12.43 -78.80 20.80
N ALA L 26 11.54 -79.75 21.12
CA ALA L 26 11.60 -80.43 22.41
C ALA L 26 12.88 -81.28 22.54
N ALA L 27 13.25 -82.00 21.48
CA ALA L 27 14.45 -82.81 21.48
C ALA L 27 15.62 -82.12 20.77
N ALA L 28 15.62 -80.79 20.76
CA ALA L 28 16.64 -80.07 20.01
C ALA L 28 18.01 -80.14 20.66
N HIS L 29 18.06 -79.97 21.99
CA HIS L 29 19.35 -79.99 22.69
C HIS L 29 20.01 -81.36 22.63
N HIS L 30 19.22 -82.43 22.81
CA HIS L 30 19.79 -83.77 22.78
C HIS L 30 20.17 -84.18 21.36
N TYR L 31 19.42 -83.73 20.36
CA TYR L 31 19.81 -83.97 18.98
C TYR L 31 21.11 -83.25 18.63
N GLY L 32 21.27 -82.00 19.10
CA GLY L 32 22.51 -81.29 18.87
C GLY L 32 23.68 -81.83 19.66
N ALA L 33 23.41 -82.52 20.77
CA ALA L 33 24.47 -83.13 21.55
C ALA L 33 24.92 -84.45 20.95
N GLN L 34 23.97 -85.36 20.68
CA GLN L 34 24.33 -86.70 20.24
C GLN L 34 24.80 -86.72 18.79
N CYS L 35 24.13 -85.95 17.93
CA CYS L 35 24.31 -86.05 16.48
C CYS L 35 25.16 -84.91 15.92
N ASP L 36 26.21 -84.50 16.63
CA ASP L 36 26.99 -83.34 16.19
C ASP L 36 27.85 -83.65 14.97
N LYS L 37 28.37 -84.88 14.84
CA LYS L 37 29.35 -85.16 13.80
C LYS L 37 28.77 -85.09 12.38
N PRO L 38 27.66 -85.78 12.04
CA PRO L 38 27.17 -85.65 10.65
C PRO L 38 26.64 -84.26 10.34
N ASN L 39 26.00 -83.61 11.32
CA ASN L 39 25.52 -82.24 11.11
C ASN L 39 26.66 -81.28 10.84
N LYS L 40 27.74 -81.39 11.61
CA LYS L 40 28.88 -80.51 11.40
C LYS L 40 29.59 -80.82 10.09
N GLU L 41 29.65 -82.09 9.70
CA GLU L 41 30.20 -82.46 8.40
C GLU L 41 29.40 -81.83 7.26
N PHE L 42 28.07 -81.92 7.35
CA PHE L 42 27.21 -81.35 6.32
C PHE L 42 27.34 -79.83 6.27
N MET L 43 27.39 -79.18 7.44
CA MET L 43 27.50 -77.73 7.47
C MET L 43 28.83 -77.27 6.89
N LEU L 44 29.92 -77.98 7.21
CA LEU L 44 31.23 -77.60 6.68
C LEU L 44 31.30 -77.81 5.17
N CYS L 45 30.81 -78.93 4.66
CA CYS L 45 30.90 -79.16 3.22
C CYS L 45 29.95 -78.24 2.46
N ARG L 46 28.81 -77.87 3.05
CA ARG L 46 27.93 -76.88 2.41
C ARG L 46 28.57 -75.49 2.42
N TRP L 47 29.27 -75.14 3.50
CA TRP L 47 29.90 -73.82 3.56
C TRP L 47 31.07 -73.72 2.60
N GLU L 48 31.82 -74.81 2.43
CA GLU L 48 33.01 -74.74 1.59
C GLU L 48 32.77 -75.13 0.13
N GLU L 49 31.64 -75.75 -0.18
CA GLU L 49 31.32 -76.10 -1.57
C GLU L 49 30.39 -75.09 -2.24
N LYS L 50 29.41 -74.57 -1.49
CA LYS L 50 28.45 -73.57 -1.97
C LYS L 50 27.70 -74.06 -3.21
N ASP L 51 27.33 -75.34 -3.21
CA ASP L 51 26.63 -75.94 -4.32
C ASP L 51 25.76 -77.09 -3.82
N PRO L 52 24.44 -76.96 -3.85
CA PRO L 52 23.58 -78.04 -3.33
C PRO L 52 23.53 -79.26 -4.22
N ARG L 53 23.95 -79.17 -5.48
CA ARG L 53 23.97 -80.34 -6.35
C ARG L 53 25.10 -81.29 -6.00
N ARG L 54 26.11 -80.84 -5.27
CA ARG L 54 27.21 -81.67 -4.81
C ARG L 54 27.16 -81.91 -3.30
N CYS L 55 26.08 -81.51 -2.65
CA CYS L 55 25.99 -81.58 -1.19
C CYS L 55 24.80 -82.43 -0.74
N LEU L 56 24.64 -83.60 -1.35
CA LEU L 56 23.47 -84.44 -1.11
C LEU L 56 23.75 -85.62 -0.18
N GLU L 57 24.94 -86.20 -0.24
CA GLU L 57 25.24 -87.37 0.59
C GLU L 57 25.29 -87.00 2.08
N GLU L 58 25.89 -85.85 2.40
CA GLU L 58 25.95 -85.44 3.79
C GLU L 58 24.58 -85.07 4.33
N GLY L 59 23.73 -84.47 3.50
CA GLY L 59 22.36 -84.22 3.91
C GLY L 59 21.57 -85.49 4.12
N LYS L 60 21.81 -86.50 3.26
CA LYS L 60 21.19 -87.81 3.44
C LYS L 60 21.62 -88.45 4.76
N LEU L 61 22.91 -88.36 5.08
CA LEU L 61 23.41 -88.93 6.33
C LEU L 61 22.88 -88.18 7.54
N VAL L 62 22.74 -86.86 7.42
CA VAL L 62 22.16 -86.05 8.50
C VAL L 62 20.72 -86.47 8.75
N ASN L 63 19.94 -86.62 7.67
CA ASN L 63 18.55 -87.02 7.79
C ASN L 63 18.42 -88.42 8.40
N GLN L 64 19.26 -89.36 7.94
CA GLN L 64 19.20 -90.73 8.45
C GLN L 64 19.59 -90.79 9.93
N CYS L 65 20.63 -90.04 10.32
CA CYS L 65 21.05 -90.04 11.72
C CYS L 65 20.02 -89.34 12.61
N ALA L 66 19.35 -88.30 12.11
CA ALA L 66 18.28 -87.66 12.87
C ALA L 66 17.11 -88.62 13.09
N LEU L 67 16.73 -89.36 12.03
CA LEU L 67 15.64 -90.32 12.18
C LEU L 67 16.04 -91.47 13.10
N GLU L 68 17.32 -91.87 13.08
CA GLU L 68 17.80 -92.89 14.00
C GLU L 68 17.74 -92.40 15.45
N PHE L 69 18.12 -91.14 15.68
CA PHE L 69 18.03 -90.58 17.03
C PHE L 69 16.58 -90.52 17.51
N PHE L 70 15.66 -90.14 16.63
CA PHE L 70 14.25 -90.10 17.02
C PHE L 70 13.68 -91.50 17.22
N ARG L 71 14.19 -92.50 16.50
CA ARG L 71 13.81 -93.88 16.76
C ARG L 71 14.31 -94.35 18.12
N GLN L 72 15.53 -93.97 18.48
CA GLN L 72 16.05 -94.30 19.81
C GLN L 72 15.27 -93.60 20.91
N ILE L 73 14.79 -92.38 20.64
CA ILE L 73 13.89 -91.70 21.58
C ILE L 73 12.57 -92.46 21.71
N LYS L 74 12.04 -92.92 20.57
CA LYS L 74 10.74 -93.60 20.56
C LYS L 74 10.77 -94.94 21.29
N ARG L 75 11.92 -95.63 21.25
CA ARG L 75 11.99 -96.98 21.80
C ARG L 75 12.00 -97.00 23.32
N HIS L 76 12.46 -95.93 23.96
CA HIS L 76 12.73 -95.94 25.40
C HIS L 76 11.86 -94.97 26.18
N CYS L 77 11.75 -93.72 25.73
CA CYS L 77 11.14 -92.67 26.54
C CYS L 77 10.00 -91.98 25.80
N ALA L 78 9.05 -92.77 25.29
CA ALA L 78 8.00 -92.25 24.43
C ALA L 78 7.07 -91.30 25.19
N GLU L 79 6.41 -91.79 26.23
CA GLU L 79 5.36 -91.01 26.89
C GLU L 79 5.84 -89.72 27.58
N PRO L 80 6.96 -89.68 28.33
CA PRO L 80 7.43 -88.37 28.81
C PRO L 80 7.76 -87.40 27.69
N PHE L 81 8.27 -87.91 26.56
CA PHE L 81 8.52 -87.04 25.41
C PHE L 81 7.22 -86.52 24.82
N THR L 82 6.17 -87.34 24.79
CA THR L 82 4.86 -86.88 24.31
C THR L 82 4.32 -85.77 25.20
N GLU L 83 4.42 -85.95 26.52
CA GLU L 83 3.98 -84.91 27.44
C GLU L 83 4.78 -83.63 27.27
N TYR L 84 6.10 -83.78 27.09
CA TYR L 84 6.99 -82.62 26.93
C TYR L 84 6.65 -81.83 25.67
N TRP L 85 6.54 -82.50 24.53
CA TRP L 85 6.27 -81.75 23.30
C TRP L 85 4.83 -81.26 23.25
N THR L 86 3.90 -81.94 23.93
CA THR L 86 2.53 -81.45 24.00
C THR L 86 2.46 -80.13 24.77
N CYS L 87 3.06 -80.08 25.95
CA CYS L 87 2.99 -78.85 26.72
C CYS L 87 3.89 -77.76 26.12
N ILE L 88 4.92 -78.13 25.36
CA ILE L 88 5.65 -77.14 24.58
C ILE L 88 4.76 -76.58 23.47
N ASP L 89 4.04 -77.45 22.76
CA ASP L 89 3.22 -77.04 21.62
C ASP L 89 2.01 -76.22 22.04
N TYR L 90 1.57 -76.34 23.29
CA TYR L 90 0.44 -75.53 23.74
C TYR L 90 0.78 -74.04 23.74
N SER L 91 2.01 -73.69 24.09
CA SER L 91 2.41 -72.29 24.13
C SER L 91 2.54 -71.72 22.72
N GLY L 92 2.17 -70.45 22.57
CA GLY L 92 2.20 -69.83 21.26
C GLY L 92 3.61 -69.55 20.77
N LEU L 93 4.47 -69.04 21.63
CA LEU L 93 5.83 -68.65 21.25
C LEU L 93 6.82 -69.80 21.36
N GLN L 94 6.36 -71.01 21.70
CA GLN L 94 7.21 -72.18 21.95
C GLN L 94 8.27 -71.87 23.00
N LEU L 95 7.82 -71.30 24.12
CA LEU L 95 8.73 -70.87 25.16
C LEU L 95 9.26 -72.07 25.94
N PHE L 96 10.58 -72.08 26.17
CA PHE L 96 11.19 -73.10 27.02
C PHE L 96 10.98 -72.83 28.51
N ARG L 97 10.52 -71.64 28.87
CA ARG L 97 10.34 -71.29 30.27
C ARG L 97 9.09 -71.94 30.87
N ARG L 98 8.02 -72.08 30.08
CA ARG L 98 6.75 -72.58 30.58
C ARG L 98 6.67 -74.11 30.57
N CYS L 99 7.81 -74.80 30.53
CA CYS L 99 7.83 -76.24 30.43
C CYS L 99 8.91 -76.83 31.32
N ARG L 100 9.04 -76.33 32.55
CA ARG L 100 10.17 -76.73 33.38
C ARG L 100 10.01 -78.14 33.95
N LYS L 101 8.80 -78.49 34.41
CA LYS L 101 8.57 -79.81 34.99
C LYS L 101 8.70 -80.91 33.94
N GLU L 102 8.10 -80.69 32.77
CA GLU L 102 8.18 -81.68 31.69
C GLU L 102 9.62 -81.84 31.19
N GLN L 103 10.36 -80.74 31.07
CA GLN L 103 11.75 -80.82 30.66
C GLN L 103 12.59 -81.57 31.69
N ALA L 104 12.35 -81.30 32.98
CA ALA L 104 13.09 -82.01 34.03
C ALA L 104 12.80 -83.49 34.00
N GLN L 105 11.52 -83.87 33.84
CA GLN L 105 11.18 -85.29 33.74
C GLN L 105 11.81 -85.93 32.51
N PHE L 106 11.80 -85.23 31.38
CA PHE L 106 12.36 -85.78 30.16
C PHE L 106 13.87 -85.98 30.26
N ASP L 107 14.60 -84.99 30.79
CA ASP L 107 16.05 -85.14 30.88
C ASP L 107 16.42 -86.18 31.93
N LYS L 108 15.67 -86.27 33.03
CA LYS L 108 15.92 -87.32 34.01
C LYS L 108 15.70 -88.70 33.42
N CYS L 109 14.60 -88.89 32.68
CA CYS L 109 14.33 -90.19 32.08
C CYS L 109 15.37 -90.57 31.04
N VAL L 110 15.75 -89.63 30.16
CA VAL L 110 16.70 -89.95 29.11
C VAL L 110 18.12 -90.05 29.66
N LEU L 111 18.40 -89.48 30.83
CA LEU L 111 19.70 -89.69 31.45
C LEU L 111 19.75 -91.03 32.18
N ASP L 112 18.66 -91.43 32.81
CA ASP L 112 18.65 -92.67 33.56
C ASP L 112 18.56 -93.89 32.64
N LYS L 113 17.93 -93.75 31.47
CA LYS L 113 17.73 -94.91 30.60
C LYS L 113 18.56 -94.88 29.32
N LEU L 114 19.18 -93.75 28.98
CA LEU L 114 20.06 -93.71 27.81
C LEU L 114 21.37 -92.97 28.05
N GLY L 115 21.54 -92.25 29.15
CA GLY L 115 22.80 -91.60 29.47
C GLY L 115 23.21 -90.47 28.55
N TRP L 116 22.29 -89.60 28.18
CA TRP L 116 22.60 -88.40 27.41
C TRP L 116 22.54 -87.19 28.32
N VAL L 117 23.56 -86.35 28.25
CA VAL L 117 23.67 -85.15 29.08
C VAL L 117 23.20 -83.95 28.26
N ARG L 118 22.29 -83.17 28.82
CA ARG L 118 21.84 -81.95 28.17
C ARG L 118 22.93 -80.90 28.24
N PRO L 119 23.34 -80.31 27.11
CA PRO L 119 24.39 -79.29 27.14
C PRO L 119 23.92 -78.03 27.87
N ASP L 120 24.89 -77.33 28.45
CA ASP L 120 24.61 -76.11 29.19
C ASP L 120 24.50 -74.93 28.22
N LEU L 121 24.47 -73.72 28.76
CA LEU L 121 24.28 -72.53 27.94
C LEU L 121 25.55 -72.22 27.17
N GLY L 122 25.42 -72.12 25.84
CA GLY L 122 26.54 -71.75 24.99
C GLY L 122 27.42 -72.89 24.54
N GLU L 123 27.16 -74.12 24.99
CA GLU L 123 28.00 -75.24 24.59
C GLU L 123 27.78 -75.61 23.13
N LEU L 124 26.54 -75.54 22.66
CA LEU L 124 26.25 -75.82 21.26
C LEU L 124 26.69 -74.70 20.33
N SER L 125 27.00 -73.52 20.87
CA SER L 125 27.41 -72.38 20.06
C SER L 125 28.93 -72.29 19.90
N LYS L 126 29.69 -73.23 20.45
CA LYS L 126 31.12 -73.23 20.26
C LYS L 126 31.46 -73.60 18.82
N VAL L 127 32.58 -73.07 18.35
CA VAL L 127 33.11 -73.48 17.04
C VAL L 127 33.86 -74.80 17.22
N THR L 128 33.75 -75.67 16.22
CA THR L 128 34.31 -77.02 16.31
C THR L 128 35.22 -77.28 15.12
N LYS L 129 35.81 -78.47 15.09
CA LYS L 129 36.59 -78.93 13.96
C LYS L 129 36.06 -80.31 13.54
N VAL L 130 36.25 -80.62 12.26
CA VAL L 130 35.66 -81.81 11.65
C VAL L 130 36.76 -82.63 11.00
N LYS L 131 36.83 -83.91 11.35
CA LYS L 131 37.82 -84.83 10.78
C LYS L 131 37.25 -85.37 9.46
N THR L 132 37.29 -84.51 8.44
CA THR L 132 36.79 -84.86 7.12
C THR L 132 37.92 -85.34 6.21
N ASP L 133 37.53 -85.88 5.06
CA ASP L 133 38.49 -86.41 4.10
C ASP L 133 38.36 -85.81 2.70
N ARG L 134 37.31 -85.04 2.43
CA ARG L 134 37.13 -84.46 1.11
C ARG L 134 38.19 -83.39 0.86
N PRO L 135 38.67 -83.25 -0.38
CA PRO L 135 39.67 -82.23 -0.67
C PRO L 135 39.12 -80.83 -0.60
N LEU L 136 39.99 -79.88 -0.30
CA LEU L 136 39.62 -78.47 -0.28
C LEU L 136 39.42 -77.98 -1.71
N PRO L 137 38.24 -77.44 -2.07
CA PRO L 137 38.06 -76.91 -3.43
C PRO L 137 38.92 -75.69 -3.69
N GLU L 138 39.88 -75.82 -4.62
CA GLU L 138 40.79 -74.72 -4.91
C GLU L 138 40.11 -73.59 -5.65
N ASN L 139 39.05 -73.89 -6.41
CA ASN L 139 38.28 -72.89 -7.14
C ASN L 139 36.81 -73.07 -6.81
N PRO L 140 36.37 -72.59 -5.63
CA PRO L 140 34.96 -72.77 -5.26
C PRO L 140 34.00 -71.83 -5.96
N TYR L 141 34.47 -70.69 -6.46
CA TYR L 141 33.61 -69.69 -7.06
C TYR L 141 33.50 -69.83 -8.58
N HIS L 142 34.13 -70.85 -9.17
CA HIS L 142 34.07 -71.15 -10.60
C HIS L 142 34.53 -69.95 -11.44
N SER L 143 35.57 -69.27 -10.97
CA SER L 143 36.06 -68.06 -11.63
C SER L 143 36.95 -68.44 -12.81
N ARG L 144 37.58 -67.44 -13.42
CA ARG L 144 38.50 -67.65 -14.52
C ARG L 144 39.84 -67.00 -14.22
N ALA L 145 40.72 -66.92 -15.22
CA ALA L 145 42.03 -66.32 -15.03
C ALA L 145 41.91 -64.82 -14.80
N ARG L 146 42.67 -64.32 -13.83
CA ARG L 146 42.66 -62.89 -13.55
C ARG L 146 43.42 -62.15 -14.65
N PRO L 147 42.97 -60.94 -15.02
CA PRO L 147 43.72 -60.14 -15.99
C PRO L 147 45.06 -59.70 -15.43
N GLU L 148 46.01 -59.52 -16.34
CA GLU L 148 47.36 -59.13 -15.95
C GLU L 148 47.37 -57.67 -15.48
N PRO L 149 47.92 -57.38 -14.32
CA PRO L 149 47.98 -55.99 -13.85
C PRO L 149 49.00 -55.18 -14.64
N ASN L 150 48.86 -53.86 -14.53
CA ASN L 150 49.78 -52.96 -15.21
C ASN L 150 51.16 -53.03 -14.57
N PRO L 151 52.23 -52.85 -15.35
CA PRO L 151 53.57 -52.79 -14.77
C PRO L 151 53.74 -51.58 -13.87
N GLU L 152 54.59 -51.75 -12.87
CA GLU L 152 54.84 -50.69 -11.88
C GLU L 152 55.89 -49.72 -12.43
N VAL L 153 56.38 -48.85 -11.56
CA VAL L 153 57.40 -47.86 -11.92
C VAL L 153 58.73 -48.29 -11.29
N GLU L 154 59.77 -48.33 -12.10
CA GLU L 154 61.09 -48.76 -11.66
C GLU L 154 62.15 -47.82 -12.19
N GLY L 155 63.23 -47.68 -11.43
CA GLY L 155 64.34 -46.84 -11.81
C GLY L 155 64.40 -45.54 -11.00
N ASP L 156 65.55 -44.89 -11.06
CA ASP L 156 65.76 -43.64 -10.37
C ASP L 156 65.00 -42.51 -11.08
N LEU L 157 64.80 -41.41 -10.35
CA LEU L 157 64.11 -40.25 -10.88
C LEU L 157 65.14 -39.31 -11.51
N LYS L 158 65.41 -39.53 -12.79
CA LYS L 158 66.29 -38.63 -13.53
C LYS L 158 65.57 -37.30 -13.79
N PRO L 159 66.31 -36.19 -13.82
CA PRO L 159 65.67 -34.89 -14.05
C PRO L 159 65.13 -34.76 -15.47
N ALA L 160 64.26 -33.77 -15.65
CA ALA L 160 63.64 -33.53 -16.95
C ALA L 160 64.67 -33.04 -17.96
N ARG L 161 64.56 -33.54 -19.18
CA ARG L 161 65.51 -33.19 -20.23
C ARG L 161 65.20 -31.80 -20.77
N HIS L 162 66.19 -30.90 -20.65
CA HIS L 162 66.12 -29.53 -21.18
C HIS L 162 64.92 -28.77 -20.62
N GLY L 163 64.67 -28.94 -19.33
CA GLY L 163 63.61 -28.21 -18.68
C GLY L 163 62.22 -28.76 -19.00
N SER L 164 61.24 -27.87 -18.85
CA SER L 164 59.83 -28.26 -19.01
C SER L 164 59.46 -28.56 -20.46
N ARG L 165 60.25 -28.07 -21.42
CA ARG L 165 60.00 -28.24 -22.86
C ARG L 165 58.62 -27.72 -23.26
N LEU L 166 58.22 -26.60 -22.66
CA LEU L 166 56.93 -25.98 -22.91
C LEU L 166 57.16 -24.65 -23.61
N PHE L 167 56.95 -24.64 -24.93
CA PHE L 167 57.03 -23.46 -25.80
C PHE L 167 58.43 -22.87 -25.69
N PHE L 168 58.59 -21.59 -25.36
CA PHE L 168 59.89 -20.95 -25.33
C PHE L 168 60.55 -20.99 -23.95
N TRP L 169 59.95 -21.67 -22.98
CA TRP L 169 60.51 -21.72 -21.64
C TRP L 169 61.65 -22.73 -21.61
N THR L 170 62.89 -22.22 -21.51
CA THR L 170 64.05 -23.12 -21.42
C THR L 170 64.04 -23.89 -20.10
N MET L 171 63.65 -23.25 -19.01
CA MET L 171 63.59 -23.90 -17.71
C MET L 171 62.14 -24.20 -17.34
N SER M 1 98.19 -3.29 -56.63
CA SER M 1 98.11 -3.83 -57.98
C SER M 1 97.00 -4.89 -58.06
N TRP M 2 96.97 -5.62 -59.18
CA TRP M 2 95.98 -6.66 -59.39
C TRP M 2 96.54 -7.69 -60.35
N ASP M 3 95.96 -8.89 -60.29
CA ASP M 3 96.38 -9.97 -61.19
C ASP M 3 95.90 -9.69 -62.61
N LYS M 4 96.78 -9.97 -63.57
CA LYS M 4 96.54 -9.62 -64.96
C LYS M 4 95.73 -10.67 -65.73
N ASP M 5 95.50 -11.84 -65.15
CA ASP M 5 94.71 -12.86 -65.85
C ASP M 5 93.23 -12.61 -65.60
N VAL M 6 92.86 -12.33 -64.35
CA VAL M 6 91.45 -12.10 -64.01
C VAL M 6 90.93 -10.80 -64.61
N TYR M 7 91.80 -9.81 -64.82
CA TYR M 7 91.46 -8.58 -65.55
C TYR M 7 92.45 -8.41 -66.69
N PRO M 8 92.24 -9.10 -67.82
CA PRO M 8 93.17 -8.98 -68.94
C PRO M 8 92.94 -7.71 -69.74
N GLU M 9 94.04 -7.04 -70.10
CA GLU M 9 93.99 -5.88 -70.95
C GLU M 9 95.06 -5.98 -72.03
N PRO M 10 94.72 -5.65 -73.28
CA PRO M 10 95.72 -5.72 -74.35
C PRO M 10 96.77 -4.63 -74.17
N PRO M 11 97.97 -4.84 -74.72
CA PRO M 11 99.01 -3.81 -74.64
C PRO M 11 98.64 -2.57 -75.44
N ARG M 12 99.16 -1.43 -74.99
CA ARG M 12 98.82 -0.14 -75.57
C ARG M 12 99.68 0.17 -76.79
N ARG M 13 99.04 0.70 -77.83
CA ARG M 13 99.71 1.11 -79.05
C ARG M 13 99.35 2.57 -79.32
N THR M 14 100.27 3.48 -78.97
CA THR M 14 100.05 4.91 -79.14
C THR M 14 100.88 5.43 -80.29
N PRO M 15 100.27 6.05 -81.30
CA PRO M 15 101.05 6.50 -82.47
C PRO M 15 101.92 7.70 -82.14
N ALA M 16 102.89 7.92 -83.02
CA ALA M 16 103.87 8.98 -82.80
C ALA M 16 103.26 10.35 -83.05
N PRO M 17 103.38 11.29 -82.12
CA PRO M 17 102.92 12.66 -82.38
C PRO M 17 103.90 13.41 -83.25
N SER M 18 103.56 13.59 -84.52
CA SER M 18 104.42 14.30 -85.47
C SER M 18 103.62 15.46 -86.05
N PRO M 19 104.06 16.71 -85.84
CA PRO M 19 103.29 17.85 -86.35
C PRO M 19 103.36 17.95 -87.87
N GLN M 20 102.22 18.27 -88.48
CA GLN M 20 102.13 18.51 -89.91
C GLN M 20 102.26 19.99 -90.24
N THR M 21 101.53 20.85 -89.55
CA THR M 21 101.65 22.29 -89.70
C THR M 21 102.70 22.83 -88.73
N SER M 22 102.99 24.13 -88.87
CA SER M 22 104.00 24.78 -88.04
C SER M 22 103.42 25.38 -86.77
N LEU M 23 102.11 25.38 -86.59
CA LEU M 23 101.51 25.98 -85.40
C LEU M 23 101.67 25.05 -84.20
N PRO M 24 102.26 25.53 -83.10
CA PRO M 24 102.42 24.67 -81.92
C PRO M 24 101.10 24.43 -81.22
N ASN M 25 101.05 23.32 -80.48
CA ASN M 25 99.85 22.97 -79.74
C ASN M 25 100.06 23.17 -78.24
N PRO M 26 99.05 23.67 -77.52
CA PRO M 26 99.22 23.93 -76.09
C PRO M 26 99.20 22.68 -75.20
N ILE M 27 98.89 21.51 -75.78
CA ILE M 27 98.76 20.30 -74.98
C ILE M 27 100.10 19.89 -74.38
N THR M 28 101.18 20.01 -75.15
CA THR M 28 102.49 19.67 -74.63
C THR M 28 102.94 20.61 -73.52
N TYR M 29 102.68 21.91 -73.68
CA TYR M 29 103.02 22.88 -72.65
C TYR M 29 102.22 22.66 -71.38
N LEU M 30 100.92 22.36 -71.52
CA LEU M 30 100.10 22.10 -70.34
C LEU M 30 100.47 20.77 -69.70
N THR M 31 100.91 19.78 -70.49
CA THR M 31 101.40 18.53 -69.92
C THR M 31 102.68 18.76 -69.12
N LYS M 32 103.57 19.60 -69.63
CA LYS M 32 104.78 19.95 -68.87
C LYS M 32 104.44 20.69 -67.59
N ALA M 33 103.47 21.61 -67.65
CA ALA M 33 103.03 22.33 -66.45
C ALA M 33 102.39 21.39 -65.44
N PHE M 34 101.63 20.40 -65.93
CA PHE M 34 101.04 19.39 -65.04
C PHE M 34 102.11 18.53 -64.39
N ASP M 35 103.14 18.14 -65.16
CA ASP M 35 104.22 17.34 -64.62
C ASP M 35 105.04 18.12 -63.59
N LEU M 36 105.17 19.43 -63.78
CA LEU M 36 105.95 20.24 -62.85
C LEU M 36 105.15 20.55 -61.59
N LEU M 37 104.02 21.24 -61.74
CA LEU M 37 103.31 21.80 -60.59
C LEU M 37 102.50 20.75 -59.81
N VAL M 38 101.97 19.74 -60.48
CA VAL M 38 100.98 18.84 -59.90
C VAL M 38 101.58 17.49 -59.56
N ASP M 39 102.27 16.86 -60.51
CA ASP M 39 102.72 15.49 -60.32
C ASP M 39 103.82 15.39 -59.26
N ARG M 40 104.73 16.38 -59.23
CA ARG M 40 105.85 16.30 -58.29
C ARG M 40 105.43 16.38 -56.82
N PRO M 41 104.58 17.32 -56.38
CA PRO M 41 104.17 17.27 -54.96
C PRO M 41 103.30 16.07 -54.62
N VAL M 42 102.51 15.57 -55.58
CA VAL M 42 101.73 14.36 -55.35
C VAL M 42 102.66 13.16 -55.14
N THR M 43 103.71 13.06 -55.96
CA THR M 43 104.69 11.99 -55.75
C THR M 43 105.46 12.18 -54.45
N LEU M 44 105.69 13.44 -54.04
CA LEU M 44 106.39 13.69 -52.78
C LEU M 44 105.55 13.25 -51.58
N VAL M 45 104.26 13.61 -51.56
CA VAL M 45 103.43 13.18 -50.44
C VAL M 45 103.18 11.67 -50.51
N ARG M 46 103.21 11.09 -51.71
CA ARG M 46 103.07 9.64 -51.82
C ARG M 46 104.31 8.92 -51.27
N GLU M 47 105.50 9.44 -51.55
CA GLU M 47 106.69 8.83 -50.96
C GLU M 47 106.73 9.04 -49.45
N PHE M 48 106.15 10.15 -48.97
CA PHE M 48 106.01 10.36 -47.53
C PHE M 48 105.12 9.29 -46.90
N ILE M 49 103.93 9.06 -47.48
CA ILE M 49 103.01 8.10 -46.85
C ILE M 49 103.54 6.67 -46.98
N GLU M 50 104.20 6.33 -48.10
CA GLU M 50 104.73 4.99 -48.21
C GLU M 50 105.97 4.78 -47.33
N ARG M 51 106.74 5.84 -47.06
CA ARG M 51 107.84 5.72 -46.12
C ARG M 51 107.33 5.54 -44.69
N GLN M 52 106.23 6.21 -44.35
CA GLN M 52 105.61 5.96 -43.06
C GLN M 52 104.95 4.59 -43.00
N HIS M 53 104.52 4.08 -44.16
CA HIS M 53 103.97 2.72 -44.22
C HIS M 53 105.05 1.67 -43.98
N ALA M 54 106.27 1.93 -44.46
CA ALA M 54 107.34 0.94 -44.39
C ALA M 54 107.79 0.63 -42.97
N LYS M 55 107.57 1.54 -42.02
CA LYS M 55 107.98 1.29 -40.65
C LYS M 55 107.12 0.22 -39.98
N ASN M 56 105.81 0.32 -40.13
CA ASN M 56 104.86 -0.61 -39.52
C ASN M 56 104.15 -1.35 -40.64
N LYS M 57 104.64 -2.54 -40.97
CA LYS M 57 104.10 -3.35 -42.06
C LYS M 57 103.65 -4.70 -41.50
N TYR M 58 102.37 -4.79 -41.13
CA TYR M 58 101.78 -6.04 -40.71
C TYR M 58 100.84 -6.57 -41.79
N TYR M 59 100.54 -7.86 -41.72
CA TYR M 59 99.84 -8.56 -42.78
C TYR M 59 98.45 -8.98 -42.34
N TYR M 60 97.55 -9.12 -43.32
CA TYR M 60 96.25 -9.72 -43.12
C TYR M 60 96.07 -10.82 -44.14
N TYR M 61 95.32 -11.85 -43.76
CA TYR M 61 95.22 -13.08 -44.53
C TYR M 61 93.82 -13.28 -45.07
N HIS M 62 93.73 -13.93 -46.22
CA HIS M 62 92.45 -14.27 -46.83
C HIS M 62 91.91 -15.53 -46.20
N ARG M 63 90.68 -15.46 -45.67
CA ARG M 63 90.09 -16.60 -44.99
C ARG M 63 89.67 -17.67 -45.99
N GLU M 64 89.94 -18.93 -45.65
CA GLU M 64 89.61 -20.06 -46.49
C GLU M 64 88.81 -21.09 -45.70
N PHE M 65 87.77 -21.63 -46.33
CA PHE M 65 86.91 -22.63 -45.73
C PHE M 65 87.15 -23.97 -46.40
N ARG M 66 87.37 -25.00 -45.58
CA ARG M 66 87.58 -26.35 -46.11
C ARG M 66 86.27 -26.90 -46.66
N ARG M 67 86.39 -27.88 -47.55
CA ARG M 67 85.22 -28.49 -48.18
C ARG M 67 84.49 -29.37 -47.18
N VAL M 68 83.17 -29.22 -47.13
CA VAL M 68 82.32 -29.91 -46.17
C VAL M 68 81.42 -30.83 -46.99
N PRO M 69 80.96 -31.96 -46.44
CA PRO M 69 79.92 -32.75 -47.13
C PRO M 69 78.68 -31.91 -47.44
N ASP M 70 78.17 -32.09 -48.65
CA ASP M 70 77.14 -31.22 -49.19
C ASP M 70 75.75 -31.71 -48.76
N ILE M 71 74.71 -31.14 -49.38
CA ILE M 71 73.34 -31.44 -48.98
C ILE M 71 72.92 -32.84 -49.39
N THR M 72 73.65 -33.49 -50.30
CA THR M 72 73.23 -34.81 -50.78
C THR M 72 73.44 -35.89 -49.73
N GLU M 73 74.47 -35.75 -48.89
CA GLU M 73 74.77 -36.73 -47.86
C GLU M 73 74.26 -36.30 -46.48
N CYS M 74 73.12 -35.63 -46.44
CA CYS M 74 72.50 -35.19 -45.20
C CYS M 74 71.29 -36.06 -44.91
N HIS M 75 71.23 -36.63 -43.71
CA HIS M 75 70.03 -37.32 -43.27
C HIS M 75 68.91 -36.31 -43.05
N GLU M 76 67.70 -36.67 -43.49
CA GLU M 76 66.59 -35.74 -43.47
C GLU M 76 66.17 -35.42 -42.04
N LYS M 77 65.82 -34.15 -41.81
CA LYS M 77 65.43 -33.62 -40.51
C LYS M 77 66.49 -33.85 -39.45
N ASP M 78 67.75 -33.71 -39.84
CA ASP M 78 68.90 -33.76 -38.94
C ASP M 78 69.71 -32.50 -39.20
N VAL M 79 69.41 -31.44 -38.45
CA VAL M 79 69.89 -30.11 -38.78
C VAL M 79 71.39 -29.95 -38.61
N LEU M 80 72.05 -30.83 -37.85
CA LEU M 80 73.41 -30.63 -37.41
C LEU M 80 74.44 -30.76 -38.52
N CYS M 81 74.05 -31.24 -39.70
CA CYS M 81 74.95 -31.32 -40.84
C CYS M 81 74.41 -30.63 -42.09
N MET M 82 73.09 -30.60 -42.28
CA MET M 82 72.55 -29.75 -43.33
C MET M 82 72.74 -28.27 -43.01
N PHE M 83 72.94 -27.91 -41.74
CA PHE M 83 73.34 -26.55 -41.42
C PHE M 83 74.67 -26.19 -42.07
N GLU M 84 75.66 -27.09 -41.94
CA GLU M 84 76.96 -26.87 -42.58
C GLU M 84 76.85 -26.92 -44.10
N ALA M 85 76.02 -27.83 -44.63
CA ALA M 85 75.83 -27.91 -46.07
C ALA M 85 75.21 -26.63 -46.62
N GLU M 86 74.20 -26.09 -45.93
CA GLU M 86 73.59 -24.82 -46.32
C GLU M 86 74.57 -23.67 -46.18
N MET M 87 75.44 -23.72 -45.18
CA MET M 87 76.44 -22.68 -44.98
C MET M 87 77.38 -22.62 -46.17
N GLN M 88 77.88 -23.78 -46.58
CA GLN M 88 78.75 -23.90 -47.74
C GLN M 88 78.03 -23.49 -49.02
N TRP M 89 76.74 -23.86 -49.14
CA TRP M 89 75.97 -23.51 -50.33
C TRP M 89 75.78 -21.99 -50.44
N LYS M 90 75.52 -21.31 -49.32
CA LYS M 90 75.39 -19.87 -49.35
C LYS M 90 76.70 -19.18 -49.71
N ARG M 91 77.82 -19.69 -49.17
CA ARG M 91 79.12 -19.13 -49.53
C ARG M 91 79.42 -19.31 -51.02
N ASP M 92 79.10 -20.47 -51.57
CA ASP M 92 79.28 -20.70 -53.00
C ASP M 92 78.33 -19.84 -53.83
N TYR M 93 77.14 -19.55 -53.30
CA TYR M 93 76.20 -18.65 -53.97
C TYR M 93 76.79 -17.25 -54.10
N LYS M 94 77.37 -16.74 -53.01
CA LYS M 94 78.01 -15.43 -53.07
C LYS M 94 79.20 -15.43 -54.03
N VAL M 95 79.99 -16.51 -54.01
CA VAL M 95 81.15 -16.61 -54.90
C VAL M 95 80.71 -16.61 -56.37
N ASP M 96 79.66 -17.36 -56.70
CA ASP M 96 79.16 -17.41 -58.08
C ASP M 96 78.59 -16.07 -58.52
N GLN M 97 77.89 -15.38 -57.61
CA GLN M 97 77.40 -14.03 -57.93
C GLN M 97 78.56 -13.10 -58.26
N GLU M 98 79.63 -13.16 -57.47
CA GLU M 98 80.77 -12.29 -57.77
C GLU M 98 81.49 -12.72 -59.05
N ILE M 99 81.43 -14.00 -59.40
CA ILE M 99 82.02 -14.47 -60.65
C ILE M 99 81.27 -13.88 -61.85
N VAL M 100 79.93 -13.89 -61.80
CA VAL M 100 79.17 -13.27 -62.88
C VAL M 100 79.41 -11.76 -62.90
N ASN M 101 79.60 -11.15 -61.73
CA ASN M 101 79.95 -9.73 -61.67
C ASN M 101 81.29 -9.43 -62.36
N ILE M 102 82.30 -10.27 -62.13
CA ILE M 102 83.61 -10.00 -62.74
C ILE M 102 83.57 -10.26 -64.24
N ILE M 103 82.74 -11.20 -64.70
CA ILE M 103 82.58 -11.40 -66.14
C ILE M 103 81.88 -10.20 -66.77
N GLN M 104 80.89 -9.63 -66.08
CA GLN M 104 80.25 -8.40 -66.57
C GLN M 104 81.25 -7.25 -66.63
N GLU M 105 82.13 -7.15 -65.63
CA GLU M 105 83.19 -6.13 -65.65
C GLU M 105 84.10 -6.31 -66.87
N ARG M 106 84.47 -7.56 -67.16
CA ARG M 106 85.31 -7.84 -68.34
C ARG M 106 84.60 -7.42 -69.63
N LEU M 107 83.32 -7.73 -69.75
CA LEU M 107 82.57 -7.39 -70.97
C LEU M 107 82.46 -5.88 -71.14
N LYS M 108 82.18 -5.16 -70.05
CA LYS M 108 82.07 -3.70 -70.13
C LYS M 108 83.41 -3.07 -70.49
N ALA M 109 84.51 -3.57 -69.90
CA ALA M 109 85.82 -3.03 -70.20
C ALA M 109 86.21 -3.28 -71.66
N CYS M 110 85.91 -4.47 -72.18
CA CYS M 110 86.18 -4.76 -73.58
C CYS M 110 85.39 -3.83 -74.50
N GLN M 111 84.09 -3.67 -74.21
CA GLN M 111 83.25 -2.86 -75.09
C GLN M 111 83.66 -1.40 -75.07
N GLN M 112 84.11 -0.88 -73.92
CA GLN M 112 84.57 0.50 -73.89
C GLN M 112 85.90 0.65 -74.59
N ARG M 113 86.85 -0.25 -74.32
CA ARG M 113 88.20 -0.06 -74.84
C ARG M 113 88.35 -0.42 -76.31
N GLU M 114 87.39 -1.12 -76.91
CA GLU M 114 87.51 -1.47 -78.32
C GLU M 114 86.97 -0.39 -79.25
N GLY M 115 86.50 0.74 -78.72
CA GLY M 115 86.12 1.86 -79.55
C GLY M 115 84.81 1.69 -80.30
N GLU M 116 84.78 2.09 -81.57
CA GLU M 116 83.56 2.02 -82.37
C GLU M 116 83.39 0.69 -83.09
N SER M 117 84.39 -0.19 -83.06
CA SER M 117 84.32 -1.50 -83.70
C SER M 117 84.32 -2.61 -82.67
N HIS M 118 83.63 -2.40 -81.54
CA HIS M 118 83.59 -3.36 -80.46
C HIS M 118 82.72 -4.57 -80.77
N ARG M 119 81.88 -4.51 -81.81
CA ARG M 119 80.98 -5.61 -82.12
C ARG M 119 81.70 -6.83 -82.66
N GLN M 120 82.94 -6.68 -83.13
CA GLN M 120 83.71 -7.77 -83.71
C GLN M 120 84.83 -8.26 -82.81
N ASN M 121 85.49 -7.37 -82.08
CA ASN M 121 86.66 -7.74 -81.29
C ASN M 121 86.32 -8.21 -79.89
N CYS M 122 85.06 -8.11 -79.46
CA CYS M 122 84.64 -8.61 -78.15
C CYS M 122 83.71 -9.81 -78.31
N ALA M 123 83.97 -10.65 -79.30
CA ALA M 123 83.18 -11.86 -79.47
C ALA M 123 83.47 -12.88 -78.37
N LYS M 124 84.75 -12.99 -77.96
CA LYS M 124 85.13 -13.94 -76.93
C LYS M 124 84.50 -13.58 -75.59
N GLU M 125 84.50 -12.29 -75.24
CA GLU M 125 83.88 -11.85 -73.99
C GLU M 125 82.37 -12.08 -74.02
N LEU M 126 81.73 -11.86 -75.17
CA LEU M 126 80.30 -12.12 -75.29
C LEU M 126 79.99 -13.61 -75.14
N GLN M 127 80.81 -14.48 -75.73
CA GLN M 127 80.60 -15.93 -75.57
C GLN M 127 80.79 -16.37 -74.12
N GLN M 128 81.83 -15.85 -73.46
CA GLN M 128 82.05 -16.18 -72.05
C GLN M 128 80.91 -15.68 -71.16
N PHE M 129 80.43 -14.46 -71.43
CA PHE M 129 79.32 -13.91 -70.67
C PHE M 129 78.03 -14.69 -70.88
N THR M 130 77.76 -15.09 -72.13
CA THR M 130 76.57 -15.90 -72.40
C THR M 130 76.64 -17.25 -71.73
N GLN M 131 77.82 -17.90 -71.75
CA GLN M 131 77.99 -19.18 -71.09
C GLN M 131 77.81 -19.05 -69.57
N VAL M 132 78.39 -18.01 -68.97
CA VAL M 132 78.27 -17.87 -67.52
C VAL M 132 76.86 -17.45 -67.12
N VAL M 133 76.15 -16.73 -68.00
CA VAL M 133 74.77 -16.35 -67.70
C VAL M 133 73.86 -17.57 -67.78
N LYS M 134 74.07 -18.43 -68.78
CA LYS M 134 73.30 -19.67 -68.86
C LYS M 134 73.61 -20.59 -67.68
N ALA M 135 74.87 -20.62 -67.25
CA ALA M 135 75.24 -21.41 -66.07
C ALA M 135 74.55 -20.90 -64.82
N TYR M 136 74.54 -19.58 -64.61
CA TYR M 136 73.88 -19.01 -63.44
C TYR M 136 72.37 -19.21 -63.50
N GLN M 137 71.78 -19.12 -64.70
CA GLN M 137 70.35 -19.31 -64.83
C GLN M 137 69.95 -20.75 -64.57
N ASP M 138 70.79 -21.71 -64.97
CA ASP M 138 70.51 -23.10 -64.65
C ASP M 138 70.75 -23.40 -63.18
N ARG M 139 71.71 -22.71 -62.56
CA ARG M 139 72.13 -23.08 -61.22
C ARG M 139 71.25 -22.44 -60.14
N TYR M 140 70.82 -21.19 -60.32
CA TYR M 140 70.25 -20.43 -59.23
C TYR M 140 68.94 -19.70 -59.52
N HIS M 141 68.49 -19.65 -60.77
CA HIS M 141 67.33 -18.82 -61.10
C HIS M 141 66.04 -19.49 -60.63
N ASP M 142 65.02 -18.65 -60.41
CA ASP M 142 63.66 -19.03 -60.01
C ASP M 142 63.61 -19.77 -58.67
N LEU M 143 64.60 -19.56 -57.81
CA LEU M 143 64.58 -20.21 -56.50
C LEU M 143 63.63 -19.53 -55.53
N GLY M 144 63.39 -18.23 -55.70
CA GLY M 144 62.56 -17.47 -54.79
C GLY M 144 63.37 -16.77 -53.72
N ALA M 145 62.70 -15.83 -53.04
CA ALA M 145 63.37 -15.04 -52.00
C ALA M 145 63.68 -15.86 -50.75
N HIS M 146 63.05 -17.02 -50.60
CA HIS M 146 63.31 -17.94 -49.48
C HIS M 146 64.13 -19.13 -49.94
N TYR M 147 65.16 -18.88 -50.75
CA TYR M 147 65.95 -19.95 -51.34
C TYR M 147 66.68 -20.77 -50.27
N SER M 148 66.85 -22.06 -50.56
CA SER M 148 67.60 -22.95 -49.71
C SER M 148 68.20 -24.05 -50.57
N ALA M 149 69.15 -24.78 -50.00
CA ALA M 149 69.85 -25.83 -50.74
C ALA M 149 68.90 -26.96 -51.13
N ARG M 150 67.86 -27.19 -50.33
CA ARG M 150 66.87 -28.20 -50.69
C ARG M 150 66.09 -27.80 -51.94
N LYS M 151 65.72 -26.53 -52.07
CA LYS M 151 65.03 -26.07 -53.26
C LYS M 151 65.93 -26.12 -54.48
N CYS M 152 67.20 -25.75 -54.33
CA CYS M 152 68.15 -25.83 -55.44
C CYS M 152 68.36 -27.27 -55.88
N LEU M 153 68.45 -28.19 -54.91
CA LEU M 153 68.61 -29.60 -55.25
C LEU M 153 67.36 -30.16 -55.93
N ALA M 154 66.17 -29.71 -55.49
CA ALA M 154 64.94 -30.15 -56.14
C ALA M 154 64.83 -29.61 -57.56
N LYS M 155 65.24 -28.36 -57.78
CA LYS M 155 65.26 -27.79 -59.12
C LYS M 155 66.25 -28.52 -60.02
N GLN M 156 67.43 -28.85 -59.47
CA GLN M 156 68.42 -29.63 -60.23
C GLN M 156 67.88 -31.02 -60.56
N LYS M 157 67.17 -31.64 -59.61
CA LYS M 157 66.55 -32.93 -59.86
C LYS M 157 65.51 -32.86 -60.98
N GLN M 158 64.67 -31.82 -60.95
CA GLN M 158 63.64 -31.66 -61.98
C GLN M 158 64.27 -31.42 -63.35
N ARG M 159 65.34 -30.63 -63.38
CA ARG M 159 66.06 -30.41 -64.65
C ARG M 159 66.69 -31.70 -65.15
N MET M 160 67.21 -32.53 -64.24
CA MET M 160 67.80 -33.81 -64.65
C MET M 160 66.75 -34.76 -65.19
N LEU M 161 65.57 -34.83 -64.56
CA LEU M 161 64.50 -35.66 -65.10
C LEU M 161 64.00 -35.13 -66.44
N ALA M 162 63.95 -33.81 -66.61
CA ALA M 162 63.58 -33.24 -67.91
C ALA M 162 64.58 -33.61 -68.99
N GLU M 163 65.88 -33.52 -68.67
CA GLU M 163 66.91 -33.88 -69.64
C GLU M 163 66.89 -35.36 -69.96
N ARG M 164 66.67 -36.21 -68.95
CA ARG M 164 66.59 -37.65 -69.20
C ARG M 164 65.36 -38.01 -70.01
N LYS M 165 64.23 -37.34 -69.76
CA LYS M 165 63.04 -37.55 -70.57
C LYS M 165 63.26 -37.11 -72.02
N ALA M 166 63.96 -35.99 -72.21
CA ALA M 166 64.26 -35.52 -73.56
C ALA M 166 65.22 -36.49 -74.27
N THR M 167 66.15 -37.08 -73.53
CA THR M 167 67.05 -38.08 -74.11
C THR M 167 66.29 -39.34 -74.50
N LYS M 168 65.41 -39.82 -73.61
CA LYS M 168 64.68 -41.06 -73.85
C LYS M 168 63.66 -40.91 -74.97
N GLU M 169 63.00 -39.75 -75.04
CA GLU M 169 62.01 -39.52 -76.09
C GLU M 169 62.64 -39.19 -77.44
N ALA M 170 63.94 -38.96 -77.49
CA ALA M 170 64.67 -38.69 -78.72
C ALA M 170 65.90 -39.58 -78.83
N ALA M 171 65.77 -40.83 -78.40
CA ALA M 171 66.88 -41.78 -78.47
C ALA M 171 66.86 -42.55 -79.77
N LEU N 1 42.88 -1.31 13.67
CA LEU N 1 42.48 -0.06 14.31
C LEU N 1 42.35 -0.23 15.81
N GLN N 2 41.11 -0.13 16.30
CA GLN N 2 40.84 -0.28 17.72
C GLN N 2 39.65 -1.17 18.04
N TYR N 3 38.71 -1.38 17.12
CA TYR N 3 37.50 -2.12 17.42
C TYR N 3 37.11 -2.95 16.20
N GLY N 4 36.51 -4.10 16.45
CA GLY N 4 36.10 -5.00 15.40
C GLY N 4 35.27 -6.15 15.92
N PRO N 5 34.95 -7.12 15.06
CA PRO N 5 34.21 -8.30 15.51
C PRO N 5 34.94 -9.13 16.55
N LEU N 6 36.27 -9.13 16.52
CA LEU N 6 37.04 -9.87 17.53
C LEU N 6 36.85 -9.29 18.92
N ALA N 7 36.74 -7.96 19.01
CA ALA N 7 36.48 -7.32 20.30
C ALA N 7 35.11 -7.70 20.84
N TYR N 8 34.10 -7.79 19.98
CA TYR N 8 32.78 -8.24 20.40
C TYR N 8 32.79 -9.70 20.82
N ILE N 9 33.57 -10.52 20.12
CA ILE N 9 33.77 -11.91 20.53
C ILE N 9 34.51 -11.97 21.86
N LEU N 10 35.48 -11.06 22.05
CA LEU N 10 36.24 -11.01 23.29
C LEU N 10 35.40 -10.60 24.49
N GLY N 11 34.28 -9.91 24.27
CA GLY N 11 33.38 -9.60 25.36
C GLY N 11 33.03 -8.14 25.50
N GLU N 12 33.44 -7.31 24.54
CA GLU N 12 33.18 -5.89 24.62
C GLU N 12 31.72 -5.56 24.32
N LYS N 13 30.91 -5.48 25.37
CA LYS N 13 29.50 -5.14 25.23
C LYS N 13 29.31 -3.66 25.53
N THR N 14 28.63 -2.96 24.62
CA THR N 14 28.43 -1.52 24.80
C THR N 14 27.38 -1.22 25.86
N THR N 15 26.42 -2.13 26.06
CA THR N 15 25.39 -1.93 27.09
C THR N 15 25.95 -2.01 28.50
N LYS N 16 27.15 -2.54 28.68
CA LYS N 16 27.82 -2.47 29.97
C LYS N 16 28.15 -1.02 30.33
N LYS N 17 28.55 -0.22 29.32
CA LYS N 17 29.08 1.11 29.59
C LYS N 17 28.02 2.20 29.67
N MET N 18 26.83 2.02 29.09
CA MET N 18 25.81 3.06 29.14
C MET N 18 24.99 2.91 30.42
N THR N 19 25.26 3.77 31.39
CA THR N 19 24.47 3.87 32.61
C THR N 19 23.37 4.92 32.41
N GLU N 20 22.76 5.36 33.52
CA GLU N 20 21.68 6.34 33.46
C GLU N 20 22.16 7.72 32.99
N ASN N 21 23.47 7.97 33.00
CA ASN N 21 23.98 9.24 32.50
C ASN N 21 23.98 9.31 30.98
N SER N 22 24.08 8.17 30.30
CA SER N 22 24.32 8.12 28.86
C SER N 22 23.04 8.47 28.12
N LYS N 23 22.75 9.77 28.03
CA LYS N 23 21.60 10.28 27.31
C LYS N 23 22.08 11.22 26.20
N LEU N 24 21.68 10.94 24.97
CA LEU N 24 22.08 11.76 23.83
C LEU N 24 21.16 12.95 23.71
N ILE N 25 21.72 14.15 23.78
CA ILE N 25 20.96 15.39 23.82
C ILE N 25 21.37 16.26 22.64
N THR N 26 20.38 16.85 21.96
CA THR N 26 20.63 17.89 21.00
C THR N 26 19.67 19.03 21.25
N VAL N 27 20.15 20.26 21.07
CA VAL N 27 19.37 21.47 21.30
C VAL N 27 19.26 22.23 19.98
N ASP N 28 18.04 22.51 19.55
CA ASP N 28 17.80 23.10 18.26
C ASP N 28 16.63 24.07 18.36
N GLY N 29 16.61 25.05 17.44
CA GLY N 29 15.58 26.05 17.44
C GLY N 29 15.69 27.05 16.31
N ASN N 30 15.54 28.34 16.61
CA ASN N 30 15.61 29.38 15.61
C ASN N 30 17.07 29.78 15.40
N ILE N 31 17.28 30.90 14.69
CA ILE N 31 18.63 31.32 14.30
C ILE N 31 19.42 31.78 15.52
N CYS N 32 18.82 32.64 16.34
CA CYS N 32 19.49 33.24 17.49
C CYS N 32 18.66 33.01 18.76
N SER N 33 18.28 31.75 18.99
CA SER N 33 17.42 31.38 20.10
C SER N 33 18.08 31.54 21.47
N GLY N 34 19.39 31.76 21.53
CA GLY N 34 20.08 31.79 22.80
C GLY N 34 20.42 30.43 23.34
N LYS N 35 20.47 29.42 22.49
CA LYS N 35 20.77 28.06 22.90
C LYS N 35 22.26 27.78 22.80
N SEP N 36 22.98 28.75 22.23
CA SEP N 36 24.41 28.62 21.94
CB SEP N 36 24.90 29.88 21.21
OG SEP N 36 24.28 30.01 19.95
C SEP N 36 25.27 28.38 23.18
O SEP N 36 26.35 27.82 23.09
P SEP N 36 23.18 31.19 19.98
O1P SEP N 36 23.13 31.84 21.45
O2P SEP N 36 23.58 32.33 18.91
O3P SEP N 36 21.73 30.59 19.61
N LYS N 37 24.77 28.82 24.33
CA LYS N 37 25.41 28.51 25.60
C LYS N 37 24.63 27.42 26.33
N LEU N 38 23.33 27.37 26.04
CA LEU N 38 22.40 26.55 26.82
C LEU N 38 22.75 25.06 26.70
N ALA N 39 23.01 24.60 25.47
CA ALA N 39 23.51 23.24 25.28
C ALA N 39 24.84 23.04 25.99
N LYS N 40 25.73 24.03 25.88
CA LYS N 40 26.98 24.01 26.63
C LYS N 40 26.72 24.02 28.13
N GLU N 41 25.62 24.65 28.56
CA GLU N 41 25.21 24.59 29.96
C GLU N 41 24.95 23.14 30.38
N VAL N 42 24.25 22.39 29.53
CA VAL N 42 24.03 20.97 29.80
C VAL N 42 25.34 20.20 29.80
N ALA N 43 26.37 20.74 29.14
CA ALA N 43 27.69 20.12 29.21
C ALA N 43 28.33 20.33 30.58
N GLU N 44 28.20 21.52 31.16
CA GLU N 44 29.12 21.89 32.23
C GLU N 44 28.64 21.51 33.63
N LYS N 45 27.49 20.88 33.77
CA LYS N 45 27.05 20.44 35.09
C LYS N 45 26.36 19.07 35.11
N LEU N 46 26.28 18.38 33.97
CA LEU N 46 25.70 17.04 33.92
C LEU N 46 26.75 15.96 33.69
N GLY N 47 28.03 16.30 33.79
CA GLY N 47 29.09 15.35 33.48
C GLY N 47 29.14 14.95 32.02
N LEU N 48 28.79 15.86 31.12
CA LEU N 48 28.80 15.61 29.69
C LEU N 48 29.73 16.63 29.01
N LYS N 49 29.74 16.62 27.68
CA LYS N 49 30.46 17.63 26.92
C LYS N 49 29.73 17.89 25.62
N HIS N 50 29.92 19.08 25.08
CA HIS N 50 29.14 19.58 23.95
C HIS N 50 30.07 20.12 22.88
N PHE N 51 30.16 19.42 21.75
CA PHE N 51 30.84 19.97 20.60
C PHE N 51 30.03 21.13 20.03
N PRO N 52 30.68 22.13 19.45
CA PRO N 52 29.95 23.21 18.79
C PRO N 52 29.21 22.70 17.56
N GLU N 53 28.29 23.54 17.07
CA GLU N 53 27.45 23.17 15.94
C GLU N 53 28.29 22.94 14.70
N ALA N 54 27.85 22.00 13.87
CA ALA N 54 28.59 21.57 12.68
C ALA N 54 28.59 22.72 11.67
N GLY N 55 29.72 23.40 11.58
CA GLY N 55 29.89 24.49 10.64
C GLY N 55 30.43 24.01 9.31
N ILE N 56 30.86 24.99 8.50
CA ILE N 56 31.44 24.68 7.20
C ILE N 56 32.78 23.96 7.35
N HIS N 57 33.55 24.34 8.38
CA HIS N 57 34.92 23.88 8.54
C HIS N 57 35.09 23.04 9.80
N TYR N 58 34.09 22.22 10.14
CA TYR N 58 34.22 21.37 11.32
C TYR N 58 35.14 20.18 11.00
N ALA N 59 35.00 19.61 9.81
CA ALA N 59 35.85 18.49 9.41
C ALA N 59 37.31 18.92 9.26
N ASP N 60 37.53 20.17 8.86
CA ASP N 60 38.89 20.69 8.80
C ASP N 60 39.49 20.86 10.18
N SER N 61 38.66 21.03 11.20
CA SER N 61 39.12 21.17 12.58
C SER N 61 39.31 19.82 13.27
N THR N 62 38.49 18.83 12.93
CA THR N 62 38.61 17.52 13.58
C THR N 62 39.69 16.64 12.96
N THR N 63 40.23 17.01 11.79
CA THR N 63 41.27 16.24 11.13
C THR N 63 42.39 17.17 10.70
N GLY N 64 43.63 16.71 10.85
CA GLY N 64 44.78 17.53 10.51
C GLY N 64 45.24 18.38 11.66
N ASP N 65 45.77 19.57 11.36
CA ASP N 65 46.26 20.48 12.40
C ASP N 65 45.14 21.06 13.25
N GLY N 66 43.89 20.98 12.79
CA GLY N 66 42.79 21.63 13.45
C GLY N 66 42.51 23.04 12.96
N LYS N 67 43.43 23.62 12.21
CA LYS N 67 43.23 24.90 11.54
C LYS N 67 42.21 24.73 10.44
N PRO N 68 41.11 25.49 10.43
CA PRO N 68 40.13 25.39 9.34
C PRO N 68 40.75 25.69 7.99
N LEU N 69 40.35 24.90 6.99
CA LEU N 69 40.89 24.96 5.66
C LEU N 69 40.28 26.10 4.86
N PRO N 70 40.95 26.56 3.81
CA PRO N 70 40.35 27.57 2.91
C PRO N 70 39.12 27.04 2.20
N VAL N 71 38.45 27.97 1.50
CA VAL N 71 37.18 27.66 0.84
C VAL N 71 37.39 26.71 -0.33
N ARG N 72 38.50 26.86 -1.05
CA ARG N 72 38.73 26.06 -2.25
C ARG N 72 38.92 24.58 -1.93
N PHE N 73 39.64 24.28 -0.84
CA PHE N 73 39.88 22.88 -0.49
C PHE N 73 38.62 22.22 0.07
N SER N 74 37.92 22.90 0.97
CA SER N 74 36.76 22.33 1.64
C SER N 74 35.55 23.24 1.45
N GLY N 75 34.46 22.65 0.95
CA GLY N 75 33.22 23.38 0.79
C GLY N 75 32.99 24.00 -0.57
N ASN N 76 33.91 24.88 -0.98
CA ASN N 76 33.76 25.73 -2.17
C ASN N 76 32.43 26.48 -2.13
N CYS N 77 32.15 27.06 -0.96
CA CYS N 77 30.87 27.68 -0.68
C CYS N 77 31.08 28.79 0.35
N SER N 78 30.10 29.67 0.44
CA SER N 78 30.20 30.82 1.33
C SER N 78 28.84 31.14 1.92
N LEU N 79 28.77 31.14 3.26
CA LEU N 79 27.53 31.53 3.93
C LEU N 79 27.25 33.03 3.78
N GLU N 80 28.30 33.84 3.72
CA GLU N 80 28.12 35.29 3.65
C GLU N 80 27.60 35.73 2.28
N LYS N 81 28.15 35.18 1.20
CA LYS N 81 27.65 35.47 -0.13
C LYS N 81 26.23 34.91 -0.32
N PHE N 82 25.93 33.79 0.35
CA PHE N 82 24.56 33.31 0.42
C PHE N 82 23.66 34.32 1.12
N TYR N 83 24.16 34.94 2.19
CA TYR N 83 23.35 35.91 2.92
C TYR N 83 23.15 37.19 2.12
N ASP N 84 24.11 37.55 1.26
CA ASP N 84 23.98 38.76 0.46
C ASP N 84 22.99 38.55 -0.68
N ASP N 85 23.27 37.61 -1.58
CA ASP N 85 22.40 37.30 -2.70
C ASP N 85 22.09 35.80 -2.67
N PRO N 86 20.99 35.40 -2.02
CA PRO N 86 20.66 33.98 -1.95
C PRO N 86 20.08 33.40 -3.23
N LYS N 87 19.78 34.23 -4.23
CA LYS N 87 19.23 33.77 -5.51
C LYS N 87 20.29 33.73 -6.60
N SER N 88 21.52 33.35 -6.25
CA SER N 88 22.60 33.30 -7.22
C SER N 88 22.41 32.14 -8.19
N ASN N 89 22.96 32.30 -9.40
CA ASN N 89 22.77 31.31 -10.45
C ASN N 89 23.58 30.04 -10.21
N ASP N 90 24.75 30.16 -9.58
CA ASP N 90 25.62 29.01 -9.39
C ASP N 90 25.14 28.06 -8.29
N GLY N 91 24.08 28.42 -7.56
CA GLY N 91 23.57 27.58 -6.51
C GLY N 91 24.50 27.45 -5.32
N ASN N 92 25.06 28.58 -4.88
CA ASN N 92 25.94 28.57 -3.71
C ASN N 92 25.19 28.20 -2.44
N SER N 93 23.90 28.55 -2.37
CA SER N 93 23.09 28.23 -1.19
C SER N 93 22.96 26.73 -1.00
N TYR N 94 22.68 25.99 -2.08
CA TYR N 94 22.55 24.54 -1.97
C TYR N 94 23.88 23.88 -1.66
N ARG N 95 24.98 24.42 -2.20
CA ARG N 95 26.30 23.88 -1.89
C ARG N 95 26.64 24.07 -0.41
N LEU N 96 26.34 25.26 0.13
CA LEU N 96 26.55 25.52 1.56
C LEU N 96 25.69 24.61 2.42
N GLN N 97 24.42 24.43 2.03
CA GLN N 97 23.52 23.57 2.79
C GLN N 97 23.99 22.12 2.77
N ALA N 98 24.44 21.64 1.61
CA ALA N 98 24.90 20.25 1.50
C ALA N 98 26.18 20.03 2.30
N TRP N 99 27.10 21.00 2.28
CA TRP N 99 28.29 20.89 3.11
C TRP N 99 27.95 20.90 4.59
N LEU N 100 26.98 21.74 4.99
CA LEU N 100 26.54 21.74 6.39
C LEU N 100 25.88 20.42 6.76
N TYR N 101 25.13 19.82 5.83
CA TYR N 101 24.46 18.56 6.09
C TYR N 101 25.47 17.42 6.25
N ALA N 102 26.49 17.39 5.40
CA ALA N 102 27.55 16.38 5.54
C ALA N 102 28.34 16.59 6.83
N SER N 103 28.55 17.86 7.20
CA SER N 103 29.19 18.18 8.46
C SER N 103 28.37 17.69 9.65
N ARG N 104 27.04 17.83 9.56
CA ARG N 104 26.15 17.33 10.62
C ARG N 104 26.19 15.81 10.70
N LEU N 105 26.24 15.13 9.54
CA LEU N 105 26.39 13.67 9.55
C LEU N 105 27.67 13.23 10.22
N LEU N 106 28.79 13.89 9.89
CA LEU N 106 30.06 13.56 10.52
C LEU N 106 30.04 13.85 12.02
N GLN N 107 29.41 14.96 12.41
CA GLN N 107 29.30 15.32 13.82
C GLN N 107 28.47 14.31 14.60
N TYR N 108 27.33 13.89 14.03
CA TYR N 108 26.49 12.90 14.69
C TYR N 108 27.18 11.55 14.76
N ALA N 109 27.94 11.18 13.73
CA ALA N 109 28.70 9.95 13.77
C ALA N 109 29.76 9.97 14.87
N ASP N 110 30.46 11.10 15.00
CA ASP N 110 31.47 11.22 16.06
C ASP N 110 30.84 11.18 17.45
N ALA N 111 29.69 11.84 17.62
CA ALA N 111 29.00 11.81 18.90
C ALA N 111 28.51 10.41 19.25
N LEU N 112 27.95 9.70 18.27
CA LEU N 112 27.49 8.33 18.51
C LEU N 112 28.64 7.40 18.81
N GLU N 113 29.79 7.59 18.14
CA GLU N 113 30.98 6.81 18.45
C GLU N 113 31.45 7.05 19.87
N HIS N 114 31.44 8.32 20.31
CA HIS N 114 31.82 8.64 21.68
C HIS N 114 30.87 8.01 22.69
N LEU N 115 29.57 8.06 22.39
CA LEU N 115 28.57 7.47 23.29
C LEU N 115 28.72 5.95 23.38
N LEU N 116 28.91 5.29 22.25
CA LEU N 116 29.04 3.84 22.24
C LEU N 116 30.41 3.35 22.70
N SER N 117 31.41 4.23 22.77
CA SER N 117 32.74 3.85 23.23
C SER N 117 32.98 4.13 24.70
N THR N 118 32.51 5.26 25.22
CA THR N 118 32.77 5.64 26.59
C THR N 118 31.55 5.58 27.49
N GLY N 119 30.35 5.42 26.94
CA GLY N 119 29.17 5.41 27.77
C GLY N 119 28.79 6.75 28.36
N GLN N 120 29.21 7.84 27.73
CA GLN N 120 28.94 9.19 28.21
C GLN N 120 27.94 9.85 27.28
N GLY N 121 26.91 10.47 27.84
CA GLY N 121 25.98 11.25 27.06
C GLY N 121 26.67 12.47 26.46
N VAL N 122 26.29 12.80 25.23
CA VAL N 122 26.89 13.91 24.49
C VAL N 122 25.80 14.91 24.17
N VAL N 123 26.10 16.19 24.39
CA VAL N 123 25.18 17.28 24.04
C VAL N 123 25.53 17.76 22.65
N LEU N 124 24.52 17.88 21.80
CA LEU N 124 24.70 18.32 20.41
C LEU N 124 23.86 19.57 20.14
N GLU N 125 23.96 20.07 18.92
CA GLU N 125 23.24 21.26 18.49
C GLU N 125 22.79 21.07 17.05
N ARG N 126 21.48 21.06 16.84
CA ARG N 126 20.85 20.95 15.51
C ARG N 126 21.29 19.66 14.79
N SER N 127 20.84 18.54 15.35
CA SER N 127 21.20 17.22 14.84
C SER N 127 20.63 17.00 13.43
N ILE N 128 20.99 15.85 12.85
CA ILE N 128 20.72 15.57 11.45
C ILE N 128 19.22 15.41 11.17
N TYR N 129 18.41 15.14 12.19
CA TYR N 129 16.97 15.05 12.00
C TYR N 129 16.30 16.41 11.89
N SER N 130 17.02 17.49 12.18
CA SER N 130 16.44 18.84 12.24
C SER N 130 17.15 19.83 11.34
N ASP N 131 17.71 19.36 10.22
CA ASP N 131 18.33 20.27 9.25
C ASP N 131 17.45 20.54 8.04
N PHE N 132 16.63 19.57 7.65
CA PHE N 132 15.82 19.68 6.43
C PHE N 132 14.85 20.85 6.50
N VAL N 133 14.44 21.23 7.72
CA VAL N 133 13.53 22.36 7.90
C VAL N 133 14.15 23.64 7.33
N PHE N 134 15.47 23.81 7.48
CA PHE N 134 16.15 24.95 6.87
C PHE N 134 16.00 24.93 5.36
N LEU N 135 16.17 23.75 4.75
CA LEU N 135 15.98 23.62 3.32
C LEU N 135 14.53 23.89 2.93
N GLU N 136 13.58 23.58 3.82
CA GLU N 136 12.20 23.89 3.53
C GLU N 136 12.00 25.40 3.44
N ALA N 137 12.68 26.16 4.32
CA ALA N 137 12.72 27.60 4.17
C ALA N 137 13.37 27.99 2.85
N MET N 138 14.44 27.27 2.48
CA MET N 138 15.07 27.48 1.17
C MET N 138 14.10 27.21 0.03
N TYR N 139 13.13 26.33 0.23
CA TYR N 139 12.14 26.12 -0.82
C TYR N 139 11.05 27.17 -0.83
N ARG N 140 10.82 27.84 0.31
CA ARG N 140 9.69 28.76 0.40
C ARG N 140 10.08 30.22 0.19
N GLN N 141 11.31 30.48 -0.25
CA GLN N 141 11.71 31.79 -0.72
C GLN N 141 11.97 31.82 -2.22
N GLY N 142 11.82 30.68 -2.91
CA GLY N 142 12.21 30.58 -4.30
C GLY N 142 13.69 30.45 -4.52
N PHE N 143 14.45 30.12 -3.47
CA PHE N 143 15.90 30.15 -3.55
C PHE N 143 16.48 28.99 -4.34
N ILE N 144 15.90 27.79 -4.23
CA ILE N 144 16.38 26.60 -4.92
C ILE N 144 15.17 25.98 -5.64
N ARG N 145 15.43 24.97 -6.47
CA ARG N 145 14.44 24.38 -7.36
C ARG N 145 14.01 23.01 -6.83
N LYS N 146 13.16 22.34 -7.61
CA LYS N 146 12.55 21.07 -7.19
C LYS N 146 13.55 19.93 -7.20
N GLN N 147 14.42 19.88 -8.23
CA GLN N 147 15.31 18.75 -8.40
C GLN N 147 16.34 18.66 -7.28
N CYS N 148 16.79 19.80 -6.78
CA CYS N 148 17.76 19.81 -5.69
C CYS N 148 17.14 19.32 -4.39
N VAL N 149 15.88 19.68 -4.14
CA VAL N 149 15.17 19.14 -2.98
C VAL N 149 14.95 17.64 -3.13
N ASP N 150 14.69 17.18 -4.35
CA ASP N 150 14.57 15.74 -4.60
C ASP N 150 15.88 15.02 -4.31
N HIS N 151 17.00 15.62 -4.71
CA HIS N 151 18.31 15.06 -4.42
C HIS N 151 18.57 15.01 -2.91
N TYR N 152 18.18 16.07 -2.19
CA TYR N 152 18.35 16.08 -0.74
C TYR N 152 17.50 15.02 -0.05
N ASN N 153 16.25 14.85 -0.51
CA ASN N 153 15.41 13.79 0.07
C ASN N 153 15.99 12.41 -0.22
N GLN N 154 16.54 12.20 -1.41
CA GLN N 154 17.19 10.92 -1.73
C GLN N 154 18.39 10.68 -0.81
N VAL N 155 19.22 11.71 -0.62
CA VAL N 155 20.42 11.57 0.21
C VAL N 155 20.03 11.28 1.66
N LYS N 156 19.09 12.04 2.20
CA LYS N 156 18.66 11.83 3.59
C LYS N 156 17.99 10.47 3.76
N LYS N 157 17.19 10.05 2.79
CA LYS N 157 16.52 8.75 2.88
C LYS N 157 17.52 7.61 2.86
N VAL N 158 18.60 7.75 2.09
CA VAL N 158 19.59 6.66 2.06
C VAL N 158 20.64 6.76 3.16
N THR N 159 20.71 7.88 3.90
CA THR N 159 21.72 7.95 4.96
C THR N 159 21.15 7.96 6.38
N VAL N 160 19.84 8.16 6.57
CA VAL N 160 19.32 8.29 7.92
C VAL N 160 18.72 6.99 8.45
N CYS N 161 18.45 6.00 7.60
CA CYS N 161 17.75 4.79 8.02
C CYS N 161 18.61 3.88 8.89
N GLU N 162 19.91 4.13 9.00
CA GLU N 162 20.80 3.30 9.79
C GLU N 162 21.06 3.87 11.18
N TYR N 163 20.46 5.00 11.53
CA TYR N 163 20.76 5.69 12.77
C TYR N 163 19.58 5.65 13.74
N LEU N 164 19.80 6.21 14.93
CA LEU N 164 18.83 6.26 15.99
C LEU N 164 18.59 7.71 16.43
N PRO N 165 17.36 8.06 16.80
CA PRO N 165 17.09 9.41 17.31
C PRO N 165 17.72 9.60 18.68
N PRO N 166 17.99 10.85 19.08
CA PRO N 166 18.61 11.09 20.39
C PRO N 166 17.64 10.82 21.53
N HIS N 167 18.17 10.90 22.75
CA HIS N 167 17.35 10.62 23.93
C HIS N 167 16.35 11.73 24.17
N VAL N 168 16.82 12.95 24.37
CA VAL N 168 15.96 14.11 24.52
C VAL N 168 16.37 15.18 23.51
N VAL N 169 15.41 16.01 23.13
CA VAL N 169 15.63 17.12 22.21
C VAL N 169 15.05 18.38 22.84
N ILE N 170 15.87 19.42 22.95
CA ILE N 170 15.50 20.66 23.62
C ILE N 170 15.23 21.72 22.56
N TYR N 171 14.04 22.32 22.61
CA TYR N 171 13.65 23.39 21.70
C TYR N 171 13.45 24.68 22.47
N VAL N 172 13.94 25.78 21.90
CA VAL N 172 13.78 27.11 22.48
C VAL N 172 12.85 27.91 21.57
N ASP N 173 11.73 28.37 22.12
CA ASP N 173 10.68 29.03 21.35
C ASP N 173 10.92 30.53 21.51
N VAL N 174 11.32 31.19 20.43
CA VAL N 174 11.53 32.64 20.39
C VAL N 174 10.62 33.22 19.31
N PRO N 175 9.91 34.31 19.58
CA PRO N 175 9.12 34.96 18.53
C PRO N 175 9.99 35.56 17.44
N VAL N 176 9.37 35.76 16.28
CA VAL N 176 10.10 36.23 15.11
C VAL N 176 10.57 37.67 15.30
N SER N 177 9.76 38.51 15.96
CA SER N 177 10.15 39.89 16.19
C SER N 177 11.32 39.99 17.15
N GLU N 178 11.32 39.18 18.22
CA GLU N 178 12.41 39.21 19.19
C GLU N 178 13.72 38.74 18.57
N VAL N 179 13.69 37.65 17.81
CA VAL N 179 14.91 37.16 17.18
C VAL N 179 15.35 38.10 16.06
N GLN N 180 14.40 38.81 15.43
CA GLN N 180 14.77 39.80 14.42
C GLN N 180 15.48 41.00 15.05
N SER N 181 14.99 41.47 16.20
CA SER N 181 15.67 42.53 16.92
C SER N 181 17.04 42.08 17.41
N ARG N 182 17.14 40.82 17.85
CA ARG N 182 18.43 40.27 18.26
C ARG N 182 19.41 40.24 17.09
N ILE N 183 18.93 39.85 15.90
CA ILE N 183 19.77 39.84 14.71
C ILE N 183 20.23 41.25 14.36
N GLN N 184 19.31 42.23 14.44
CA GLN N 184 19.67 43.61 14.17
C GLN N 184 20.65 44.19 15.20
N LYS N 185 20.66 43.68 16.42
CA LYS N 185 21.66 44.11 17.40
C LYS N 185 22.85 43.16 17.51
N LYS N 186 22.95 42.16 16.63
CA LYS N 186 24.16 41.33 16.60
C LYS N 186 25.38 42.15 16.20
N GLY N 187 25.23 43.03 15.22
CA GLY N 187 26.29 43.92 14.80
C GLY N 187 27.16 43.40 13.67
N ASN N 188 27.00 42.15 13.28
CA ASN N 188 27.76 41.61 12.14
C ASN N 188 27.14 42.11 10.85
N PRO N 189 27.90 42.79 9.97
CA PRO N 189 27.29 43.40 8.79
C PRO N 189 26.85 42.40 7.72
N HIS N 190 27.36 41.17 7.75
CA HIS N 190 27.01 40.19 6.73
C HIS N 190 25.71 39.44 7.04
N GLU N 191 25.12 39.67 8.21
CA GLU N 191 23.82 39.09 8.51
C GLU N 191 22.81 40.19 8.81
N MET N 192 22.73 41.18 7.94
CA MET N 192 21.68 42.19 7.99
C MET N 192 20.62 41.99 6.92
N LYS N 193 20.61 40.83 6.26
CA LYS N 193 19.75 40.61 5.09
C LYS N 193 18.76 39.47 5.28
N ILE N 194 18.50 39.03 6.50
CA ILE N 194 17.52 37.97 6.72
C ILE N 194 16.12 38.53 6.59
N THR N 195 15.31 37.91 5.74
CA THR N 195 13.92 38.28 5.57
C THR N 195 13.06 37.69 6.68
N SER N 196 11.90 38.32 6.91
CA SER N 196 10.98 37.82 7.92
C SER N 196 10.30 36.52 7.48
N ALA N 197 10.08 36.35 6.18
CA ALA N 197 9.48 35.13 5.67
C ALA N 197 10.39 33.92 5.89
N TYR N 198 11.71 34.14 5.93
CA TYR N 198 12.66 33.08 6.24
C TYR N 198 12.37 32.47 7.61
N LEU N 199 12.33 33.31 8.64
CA LEU N 199 12.10 32.82 9.99
C LEU N 199 10.66 32.34 10.18
N GLN N 200 9.71 32.99 9.50
CA GLN N 200 8.31 32.56 9.58
C GLN N 200 8.13 31.16 9.01
N ASP N 201 8.74 30.89 7.85
CA ASP N 201 8.64 29.56 7.27
C ASP N 201 9.44 28.54 8.06
N ILE N 202 10.57 28.95 8.65
CA ILE N 202 11.33 28.07 9.54
C ILE N 202 10.46 27.61 10.70
N GLU N 203 9.77 28.55 11.35
CA GLU N 203 8.91 28.19 12.48
C GLU N 203 7.67 27.41 12.02
N ASN N 204 7.15 27.72 10.83
CA ASN N 204 5.97 27.02 10.32
C ASN N 204 6.26 25.55 10.06
N VAL N 205 7.34 25.27 9.32
CA VAL N 205 7.69 23.87 9.06
C VAL N 205 8.28 23.23 10.34
N TYR N 206 8.76 24.05 11.27
CA TYR N 206 9.28 23.54 12.54
C TYR N 206 8.16 22.98 13.41
N LYS N 207 7.06 23.71 13.51
CA LYS N 207 5.94 23.28 14.35
C LYS N 207 4.97 22.38 13.62
N GLY N 208 4.92 22.45 12.29
CA GLY N 208 3.94 21.70 11.53
C GLY N 208 4.27 20.24 11.29
N THR N 209 5.46 19.97 10.75
CA THR N 209 5.82 18.63 10.33
C THR N 209 6.95 18.00 11.14
N PHE N 210 7.72 18.78 11.90
CA PHE N 210 8.84 18.23 12.63
C PHE N 210 8.42 17.68 14.00
N LEU N 211 7.57 18.42 14.71
CA LEU N 211 7.04 17.93 15.98
C LEU N 211 6.24 16.65 15.88
N PRO N 212 5.29 16.46 14.93
CA PRO N 212 4.50 15.21 14.92
C PRO N 212 5.25 13.98 14.41
N GLU N 213 6.55 14.09 14.16
CA GLU N 213 7.37 12.91 13.96
C GLU N 213 8.49 12.77 14.98
N MET N 214 8.99 13.88 15.54
CA MET N 214 10.04 13.78 16.54
C MET N 214 9.51 13.44 17.93
N SER N 215 8.22 13.71 18.20
CA SER N 215 7.67 13.49 19.53
C SER N 215 7.43 12.02 19.82
N GLU N 216 7.39 11.16 18.79
CA GLU N 216 7.16 9.74 19.00
C GLU N 216 8.46 8.96 19.16
N LYS N 217 9.46 9.25 18.33
CA LYS N 217 10.72 8.52 18.37
C LYS N 217 11.69 9.03 19.42
N CYS N 218 11.39 10.15 20.06
CA CYS N 218 12.25 10.68 21.11
C CYS N 218 11.39 11.49 22.08
N GLU N 219 12.05 12.21 22.98
CA GLU N 219 11.39 13.07 23.95
C GLU N 219 11.72 14.51 23.62
N VAL N 220 10.69 15.36 23.49
CA VAL N 220 10.84 16.77 23.16
C VAL N 220 10.19 17.58 24.26
N LEU N 221 10.90 18.61 24.73
CA LEU N 221 10.40 19.52 25.75
C LEU N 221 10.35 20.92 25.14
N GLN N 222 9.15 21.44 24.92
CA GLN N 222 8.96 22.75 24.31
C GLN N 222 9.16 23.81 25.38
N TYR N 223 10.31 24.48 25.34
CA TYR N 223 10.63 25.52 26.30
C TYR N 223 10.18 26.88 25.77
N SER N 224 10.59 27.95 26.45
CA SER N 224 10.30 29.31 26.01
C SER N 224 11.56 30.16 26.17
N ALA N 225 11.56 31.31 25.47
CA ALA N 225 12.77 32.13 25.36
C ALA N 225 13.20 32.69 26.71
N TRP N 226 12.26 33.19 27.51
CA TRP N 226 12.63 33.78 28.80
C TRP N 226 13.02 32.70 29.80
N GLU N 227 12.45 31.51 29.70
CA GLU N 227 12.83 30.40 30.57
C GLU N 227 13.96 29.57 30.00
N ALA N 228 14.41 29.86 28.77
CA ALA N 228 15.61 29.22 28.24
C ALA N 228 16.86 29.69 28.96
N GLU N 229 16.83 30.89 29.54
CA GLU N 229 17.93 31.36 30.38
C GLU N 229 17.92 30.74 31.76
N ASP N 230 16.83 30.06 32.13
CA ASP N 230 16.73 29.37 33.42
C ASP N 230 17.28 27.97 33.25
N ALA N 231 18.53 27.76 33.69
CA ALA N 231 19.18 26.46 33.53
C ALA N 231 18.65 25.43 34.51
N GLU N 232 18.25 25.86 35.71
CA GLU N 232 17.85 24.91 36.75
C GLU N 232 16.54 24.22 36.39
N LYS N 233 15.58 24.95 35.82
CA LYS N 233 14.32 24.33 35.41
C LYS N 233 14.54 23.33 34.29
N VAL N 234 15.42 23.66 33.34
CA VAL N 234 15.74 22.75 32.24
C VAL N 234 16.41 21.48 32.77
N VAL N 235 17.39 21.63 33.68
CA VAL N 235 18.10 20.45 34.16
C VAL N 235 17.21 19.60 35.07
N GLU N 236 16.27 20.22 35.80
CA GLU N 236 15.31 19.45 36.58
C GLU N 236 14.31 18.73 35.68
N ASP N 237 13.96 19.33 34.54
CA ASP N 237 13.18 18.61 33.55
C ASP N 237 13.97 17.45 32.96
N ILE N 238 15.28 17.60 32.84
CA ILE N 238 16.13 16.56 32.26
C ILE N 238 16.20 15.34 33.19
N GLN N 239 16.48 15.57 34.48
CA GLN N 239 16.70 14.44 35.37
C GLN N 239 15.44 13.64 35.69
N TYR N 240 14.26 14.22 35.56
CA TYR N 240 13.02 13.57 36.00
C TYR N 240 12.12 13.20 34.83
N LEU N 241 12.72 12.65 33.77
CA LEU N 241 11.98 12.16 32.62
C LEU N 241 11.96 10.63 32.62
N LYS N 242 10.95 10.07 31.98
CA LYS N 242 10.83 8.62 31.82
C LYS N 242 11.34 8.24 30.44
N TYR N 243 12.33 7.35 30.40
CA TYR N 243 12.94 6.92 29.14
C TYR N 243 12.21 5.68 28.65
N ASP N 244 11.06 5.90 28.00
CA ASP N 244 10.26 4.81 27.44
C ASP N 244 9.90 5.01 25.98
N LYS N 245 10.10 6.19 25.42
CA LYS N 245 9.72 6.48 24.05
C LYS N 245 10.92 6.31 23.12
N GLY N 246 10.66 5.73 21.95
CA GLY N 246 11.69 5.58 20.94
C GLY N 246 12.26 4.18 20.87
N PRO N 247 13.20 3.98 19.93
CA PRO N 247 13.78 2.65 19.76
C PRO N 247 15.00 2.41 20.64
N TRP N 248 15.20 3.26 21.64
CA TRP N 248 16.38 3.18 22.49
C TRP N 248 16.33 2.04 23.50
N LEU N 249 15.20 1.35 23.63
CA LEU N 249 15.08 0.25 24.57
C LEU N 249 15.22 -1.13 23.93
N ASP N 250 14.79 -1.28 22.68
CA ASP N 250 14.94 -2.54 21.95
C ASP N 250 16.19 -2.49 21.06
N GLN N 251 17.34 -2.37 21.72
CA GLN N 251 18.64 -2.34 21.04
C GLN N 251 19.61 -3.15 21.91
N ASP N 252 19.88 -4.38 21.49
CA ASP N 252 20.76 -5.26 22.26
C ASP N 252 22.22 -4.96 21.93
N ASP N 253 23.11 -5.85 22.37
CA ASP N 253 24.54 -5.63 22.17
C ASP N 253 24.96 -5.80 20.71
N ARG N 254 24.33 -6.72 19.98
CA ARG N 254 24.72 -6.97 18.60
C ARG N 254 24.30 -5.82 17.69
N LYS N 255 23.12 -5.23 17.94
CA LYS N 255 22.68 -4.09 17.14
C LYS N 255 23.59 -2.89 17.34
N LEU N 256 24.00 -2.62 18.58
CA LEU N 256 24.91 -1.52 18.83
C LEU N 256 26.32 -1.85 18.35
N HIS N 257 26.69 -3.14 18.31
CA HIS N 257 27.96 -3.52 17.70
C HIS N 257 27.96 -3.25 16.20
N ASN N 258 26.86 -3.56 15.52
CA ASN N 258 26.74 -3.23 14.11
C ASN N 258 26.75 -1.73 13.89
N LEU N 259 26.10 -0.99 14.79
CA LEU N 259 26.10 0.47 14.71
C LEU N 259 27.51 1.04 14.88
N ARG N 260 28.28 0.49 15.82
CA ARG N 260 29.65 0.96 16.02
C ARG N 260 30.56 0.56 14.86
N MET N 261 30.32 -0.61 14.25
CA MET N 261 31.08 -1.00 13.08
C MET N 261 30.79 -0.08 11.90
N LEU N 262 29.53 0.33 11.73
CA LEU N 262 29.19 1.25 10.66
C LEU N 262 29.74 2.65 10.93
N VAL N 263 29.69 3.09 12.19
CA VAL N 263 29.98 4.49 12.52
C VAL N 263 31.48 4.76 12.47
N GLN N 264 32.30 3.88 13.05
CA GLN N 264 33.73 4.17 13.21
C GLN N 264 34.50 4.16 11.89
N ASP N 265 33.90 3.68 10.80
CA ASP N 265 34.45 3.83 9.47
C ASP N 265 33.75 5.03 8.83
N LYS N 266 34.47 6.15 8.73
CA LYS N 266 33.85 7.41 8.32
C LYS N 266 33.45 7.39 6.85
N LEU N 267 34.21 6.70 6.01
CA LEU N 267 33.87 6.64 4.58
C LEU N 267 32.60 5.81 4.36
N GLU N 268 32.30 4.87 5.24
CA GLU N 268 31.02 4.18 5.19
C GLU N 268 29.87 5.14 5.47
N VAL N 269 30.08 6.07 6.41
CA VAL N 269 29.07 7.08 6.70
C VAL N 269 28.89 8.03 5.53
N LEU N 270 30.00 8.49 4.96
CA LEU N 270 29.97 9.49 3.89
C LEU N 270 29.87 8.89 2.49
N ASN N 271 29.66 7.58 2.38
CA ASN N 271 29.60 6.92 1.08
C ASN N 271 28.42 7.40 0.26
N TYR N 272 27.25 7.55 0.89
CA TYR N 272 26.03 7.89 0.17
C TYR N 272 25.79 9.38 0.07
N THR N 273 26.70 10.21 0.59
CA THR N 273 26.55 11.65 0.43
C THR N 273 26.72 12.07 -1.02
N SER N 274 27.74 11.54 -1.70
CA SER N 274 28.00 11.88 -3.09
C SER N 274 27.45 10.78 -4.01
N ILE N 275 26.13 10.66 -4.02
CA ILE N 275 25.46 9.73 -4.92
C ILE N 275 25.58 10.27 -6.34
N PRO N 276 25.63 9.41 -7.38
CA PRO N 276 25.78 9.89 -8.76
C PRO N 276 24.48 10.39 -9.38
N VAL N 277 23.79 11.28 -8.68
CA VAL N 277 22.65 12.01 -9.22
C VAL N 277 23.17 13.36 -9.69
N PHE N 278 23.02 13.63 -10.98
CA PHE N 278 23.73 14.73 -11.62
C PHE N 278 22.90 16.01 -11.52
N LEU N 279 23.46 16.99 -10.82
CA LEU N 279 22.83 18.27 -10.54
C LEU N 279 23.77 19.40 -10.96
N PRO N 280 23.24 20.43 -11.63
CA PRO N 280 24.10 21.56 -12.03
C PRO N 280 24.67 22.34 -10.85
N GLU N 281 24.03 22.30 -9.69
CA GLU N 281 24.52 23.06 -8.54
C GLU N 281 25.71 22.39 -7.87
N VAL N 282 25.79 21.07 -7.91
CA VAL N 282 26.77 20.32 -7.12
C VAL N 282 27.92 19.78 -7.98
N THR N 283 27.70 19.52 -9.26
CA THR N 283 28.70 18.89 -10.11
C THR N 283 29.90 19.82 -10.31
N ILE N 284 31.10 19.28 -10.10
CA ILE N 284 32.35 20.02 -10.22
C ILE N 284 33.09 19.52 -11.45
N GLY N 285 33.68 20.45 -12.19
CA GLY N 285 34.34 20.10 -13.43
C GLY N 285 35.59 19.24 -13.21
N ALA N 286 35.86 18.39 -14.20
CA ALA N 286 36.94 17.41 -14.08
C ALA N 286 38.31 18.07 -13.99
N HIS N 287 38.56 19.10 -14.81
CA HIS N 287 39.82 19.82 -14.74
C HIS N 287 39.95 20.54 -13.39
N GLN N 288 38.87 21.18 -12.95
CA GLN N 288 38.88 21.84 -11.65
C GLN N 288 39.02 20.83 -10.52
N SER N 289 38.39 19.67 -10.65
CA SER N 289 38.51 18.63 -9.63
C SER N 289 39.95 18.12 -9.53
N ASP N 290 40.60 17.91 -10.67
CA ASP N 290 41.99 17.46 -10.66
C ASP N 290 42.92 18.53 -10.09
N ARG N 291 42.69 19.80 -10.44
CA ARG N 291 43.52 20.88 -9.92
C ARG N 291 43.35 21.04 -8.42
N VAL N 292 42.10 20.96 -7.93
CA VAL N 292 41.84 21.10 -6.50
C VAL N 292 42.39 19.90 -5.73
N PHE N 293 42.29 18.70 -6.31
CA PHE N 293 42.85 17.52 -5.65
C PHE N 293 44.37 17.59 -5.57
N GLN N 294 45.03 18.05 -6.63
CA GLN N 294 46.47 18.23 -6.58
C GLN N 294 46.87 19.34 -5.62
N GLU N 295 46.06 20.39 -5.51
CA GLU N 295 46.34 21.44 -4.54
C GLU N 295 46.19 20.94 -3.10
N PHE N 296 45.19 20.09 -2.86
CA PHE N 296 45.02 19.52 -1.53
C PHE N 296 46.11 18.51 -1.21
N THR N 297 46.68 17.88 -2.25
CA THR N 297 47.77 16.92 -2.03
C THR N 297 49.00 17.59 -1.45
N GLU N 298 49.35 18.79 -1.94
CA GLU N 298 50.56 19.46 -1.51
C GLU N 298 50.39 20.23 -0.21
N LEU N 299 49.19 20.25 0.37
CA LEU N 299 49.02 20.84 1.70
C LEU N 299 49.74 19.98 2.73
N PRO N 300 50.34 20.60 3.76
CA PRO N 300 51.11 19.82 4.74
C PRO N 300 50.21 18.92 5.59
N GLY N 301 50.61 17.66 5.70
CA GLY N 301 49.85 16.69 6.46
C GLY N 301 48.75 15.99 5.69
N ARG N 302 48.64 16.23 4.38
CA ARG N 302 47.58 15.64 3.57
C ARG N 302 48.08 14.78 2.42
N LYS N 303 49.39 14.76 2.17
CA LYS N 303 49.92 13.95 1.06
C LYS N 303 49.79 12.47 1.36
N TYR N 304 49.95 12.09 2.63
CA TYR N 304 49.85 10.70 3.05
C TYR N 304 48.88 10.57 4.21
N ARG N 305 48.88 9.42 4.89
CA ARG N 305 48.00 9.18 6.01
C ARG N 305 48.38 10.06 7.20
N ALA N 306 47.61 9.93 8.29
CA ALA N 306 47.70 10.85 9.42
C ALA N 306 49.01 10.75 10.18
N GLY N 307 49.76 9.66 10.03
CA GLY N 307 51.00 9.53 10.76
C GLY N 307 52.19 9.16 9.88
N TYR N 308 52.14 9.55 8.60
CA TYR N 308 53.16 9.17 7.63
C TYR N 308 53.59 10.38 6.81
N ASN N 309 53.84 11.51 7.49
CA ASN N 309 54.23 12.75 6.83
C ASN N 309 55.54 13.24 7.45
N GLU N 310 56.62 13.21 6.67
CA GLU N 310 57.90 13.70 7.16
C GLU N 310 57.96 15.23 7.20
N ASP N 311 57.06 15.91 6.50
CA ASP N 311 57.07 17.36 6.47
C ASP N 311 56.36 17.99 7.67
N VAL N 312 55.74 17.18 8.53
CA VAL N 312 55.09 17.68 9.73
C VAL N 312 55.81 17.26 11.00
N GLY N 313 56.84 16.42 10.90
CA GLY N 313 57.60 16.02 12.07
C GLY N 313 57.27 14.64 12.59
N ASP N 314 57.14 13.67 11.70
CA ASP N 314 56.88 12.29 12.09
C ASP N 314 58.16 11.48 12.01
N LYS N 315 58.43 10.70 13.05
CA LYS N 315 59.62 9.87 13.15
C LYS N 315 59.22 8.40 13.08
N TRP N 316 60.19 7.55 12.76
CA TRP N 316 60.04 6.10 12.66
C TRP N 316 58.99 5.70 11.61
N ILE N 317 58.89 6.47 10.52
CA ILE N 317 58.00 6.11 9.43
C ILE N 317 58.50 4.84 8.74
N TRP N 318 59.82 4.69 8.62
CA TRP N 318 60.39 3.50 8.02
C TRP N 318 60.14 2.24 8.85
N LEU N 319 59.83 2.39 10.14
CA LEU N 319 59.40 1.28 10.99
C LEU N 319 57.89 1.28 11.20
N LYS N 320 57.15 2.06 10.42
CA LYS N 320 55.70 2.10 10.55
C LYS N 320 55.04 1.82 9.20
N PRO O 1 39.48 -31.89 -7.90
CA PRO O 1 40.36 -31.98 -6.73
C PRO O 1 39.84 -32.96 -5.69
N PHE O 2 39.87 -34.25 -6.02
CA PHE O 2 39.42 -35.31 -5.11
C PHE O 2 40.49 -35.51 -4.05
N PHE O 3 40.44 -34.68 -3.02
CA PHE O 3 41.39 -34.76 -1.92
C PHE O 3 41.05 -35.95 -1.03
N ASP O 4 41.63 -37.11 -1.32
CA ASP O 4 41.32 -38.34 -0.58
C ASP O 4 42.04 -38.30 0.76
N VAL O 5 41.43 -37.65 1.74
CA VAL O 5 42.00 -37.60 3.09
C VAL O 5 41.71 -38.85 3.88
N GLN O 6 40.84 -39.73 3.39
CA GLN O 6 40.54 -40.98 4.09
C GLN O 6 41.74 -41.91 4.11
N LYS O 7 42.63 -41.81 3.12
CA LYS O 7 43.87 -42.57 3.12
C LYS O 7 45.04 -41.81 3.72
N LYS O 8 44.97 -40.47 3.74
CA LYS O 8 46.07 -39.69 4.31
C LYS O 8 46.10 -39.82 5.83
N LEU O 9 44.96 -39.66 6.50
CA LEU O 9 44.89 -39.83 7.93
C LEU O 9 44.62 -41.26 8.36
N GLY O 10 44.34 -42.16 7.40
CA GLY O 10 44.08 -43.54 7.75
C GLY O 10 42.78 -43.78 8.48
N VAL O 11 41.81 -42.90 8.33
CA VAL O 11 40.54 -43.00 9.02
C VAL O 11 39.47 -43.47 8.04
N ASP O 12 38.69 -44.47 8.45
CA ASP O 12 37.62 -45.01 7.62
C ASP O 12 36.35 -44.23 7.91
N LEU O 13 35.87 -43.47 6.91
CA LEU O 13 34.65 -42.70 7.05
C LEU O 13 33.48 -43.38 6.35
N ASP O 14 33.61 -43.67 5.05
CA ASP O 14 32.49 -44.23 4.30
C ASP O 14 32.93 -45.30 3.31
N HIS O 15 34.01 -46.03 3.62
CA HIS O 15 34.39 -47.19 2.83
C HIS O 15 33.70 -48.47 3.29
N TRP O 16 33.06 -48.44 4.46
CA TRP O 16 32.40 -49.61 5.03
C TRP O 16 31.01 -49.84 4.47
N MET O 17 30.45 -48.87 3.74
CA MET O 17 29.11 -48.96 3.19
C MET O 17 29.06 -48.89 1.67
N THR O 18 30.08 -48.29 1.05
CA THR O 18 30.07 -47.92 -0.36
C THR O 18 29.96 -49.09 -1.32
N ILE O 19 30.20 -50.32 -0.87
CA ILE O 19 30.21 -51.47 -1.75
C ILE O 19 29.29 -52.53 -1.15
N GLN O 20 28.48 -53.16 -2.00
CA GLN O 20 27.54 -54.21 -1.58
C GLN O 20 28.22 -55.41 -0.94
N SER O 21 29.48 -55.68 -1.29
CA SER O 21 30.21 -56.85 -0.81
C SER O 21 31.15 -56.49 0.35
N ALA O 22 30.75 -55.56 1.18
CA ALA O 22 31.58 -55.12 2.30
C ALA O 22 31.26 -55.96 3.54
N GLU O 23 31.82 -55.57 4.68
CA GLU O 23 31.50 -56.22 5.94
C GLU O 23 30.11 -55.81 6.40
N GLN O 24 29.26 -56.79 6.69
CA GLN O 24 27.88 -56.51 7.07
C GLN O 24 27.65 -56.92 8.52
N PRO O 25 26.73 -56.25 9.22
CA PRO O 25 26.42 -56.65 10.60
C PRO O 25 25.80 -58.03 10.65
N HIS O 26 26.29 -58.84 11.60
CA HIS O 26 25.89 -60.24 11.82
C HIS O 26 26.11 -61.13 10.61
N ARG O 27 26.99 -60.70 9.69
CA ARG O 27 27.47 -61.49 8.56
C ARG O 27 26.32 -61.99 7.68
N ILE O 28 25.60 -61.03 7.11
CA ILE O 28 24.47 -61.30 6.22
C ILE O 28 24.90 -60.99 4.80
N PRO O 29 24.89 -61.95 3.89
CA PRO O 29 25.24 -61.65 2.50
C PRO O 29 24.07 -61.05 1.74
N ALA O 30 24.41 -60.29 0.71
CA ALA O 30 23.40 -59.69 -0.16
C ALA O 30 22.99 -60.70 -1.22
N ARG O 31 22.16 -60.29 -2.17
CA ARG O 31 21.68 -61.20 -3.19
C ARG O 31 22.70 -61.47 -4.29
N CYS O 32 23.73 -60.64 -4.41
CA CYS O 32 24.76 -60.78 -5.45
C CYS O 32 26.14 -60.60 -4.84
N HIS O 33 26.41 -61.31 -3.74
CA HIS O 33 27.69 -61.18 -3.06
C HIS O 33 28.84 -61.74 -3.89
N ALA O 34 28.66 -62.94 -4.44
CA ALA O 34 29.72 -63.59 -5.21
C ALA O 34 30.02 -62.82 -6.49
N PHE O 35 28.99 -62.32 -7.17
CA PHE O 35 29.20 -61.54 -8.39
C PHE O 35 29.92 -60.23 -8.10
N GLU O 36 29.57 -59.57 -7.00
CA GLU O 36 30.32 -58.39 -6.57
C GLU O 36 31.78 -58.72 -6.28
N LYS O 37 32.03 -59.84 -5.59
CA LYS O 37 33.41 -60.23 -5.29
C LYS O 37 34.21 -60.48 -6.56
N GLU O 38 33.61 -61.18 -7.52
CA GLU O 38 34.28 -61.45 -8.79
C GLU O 38 34.55 -60.15 -9.56
N TRP O 39 33.56 -59.25 -9.60
CA TRP O 39 33.73 -58.03 -10.38
C TRP O 39 34.77 -57.10 -9.76
N ILE O 40 34.85 -57.05 -8.44
CA ILE O 40 35.88 -56.25 -7.80
C ILE O 40 37.25 -56.86 -8.02
N GLU O 41 37.39 -58.16 -7.76
CA GLU O 41 38.72 -58.77 -7.77
C GLU O 41 39.27 -58.92 -9.17
N CYS O 42 38.41 -59.01 -10.19
CA CYS O 42 38.89 -59.05 -11.56
C CYS O 42 39.31 -57.67 -12.05
N ALA O 43 38.64 -56.61 -11.61
CA ALA O 43 38.83 -55.27 -12.11
C ALA O 43 39.52 -54.36 -11.09
N HIS O 44 40.50 -54.90 -10.37
CA HIS O 44 41.18 -54.17 -9.31
C HIS O 44 42.53 -53.67 -9.81
N GLY O 45 42.71 -52.35 -9.79
CA GLY O 45 44.01 -51.74 -10.03
C GLY O 45 44.47 -51.69 -11.47
N ILE O 46 43.69 -52.21 -12.42
CA ILE O 46 44.11 -52.23 -13.81
C ILE O 46 43.53 -51.07 -14.61
N GLY O 47 42.80 -50.16 -13.96
CA GLY O 47 42.24 -49.03 -14.68
C GLY O 47 40.82 -49.30 -15.14
N SER O 48 40.04 -48.22 -15.20
CA SER O 48 38.63 -48.34 -15.57
C SER O 48 38.45 -48.72 -17.03
N ILE O 49 39.30 -48.19 -17.92
CA ILE O 49 39.16 -48.48 -19.34
C ILE O 49 39.51 -49.93 -19.63
N ARG O 50 40.58 -50.45 -19.04
CA ARG O 50 40.92 -51.86 -19.21
C ARG O 50 39.92 -52.76 -18.50
N ALA O 51 39.37 -52.30 -17.38
CA ALA O 51 38.34 -53.06 -16.68
C ALA O 51 37.08 -53.21 -17.52
N GLU O 52 36.68 -52.14 -18.21
CA GLU O 52 35.52 -52.22 -19.08
C GLU O 52 35.82 -53.04 -20.32
N LYS O 53 37.04 -52.94 -20.85
CA LYS O 53 37.38 -53.65 -22.08
C LYS O 53 37.66 -55.13 -21.86
N GLU O 54 37.98 -55.55 -20.65
CA GLU O 54 38.42 -56.92 -20.40
C GLU O 54 37.52 -57.68 -19.43
N CYS O 55 36.99 -57.03 -18.40
CA CYS O 55 36.19 -57.69 -17.38
C CYS O 55 34.70 -57.50 -17.62
N LYS O 56 34.29 -57.52 -18.89
CA LYS O 56 32.90 -57.25 -19.23
C LYS O 56 31.98 -58.42 -18.87
N ILE O 57 32.51 -59.65 -18.88
CA ILE O 57 31.67 -60.83 -18.70
C ILE O 57 31.17 -60.92 -17.25
N GLU O 58 32.05 -60.69 -16.29
CA GLU O 58 31.63 -60.78 -14.89
C GLU O 58 30.74 -59.60 -14.50
N PHE O 59 30.97 -58.42 -15.07
CA PHE O 59 30.06 -57.31 -14.84
C PHE O 59 28.69 -57.56 -15.45
N GLU O 60 28.65 -58.18 -16.64
CA GLU O 60 27.38 -58.56 -17.24
C GLU O 60 26.66 -59.59 -16.38
N ASP O 61 27.39 -60.56 -15.84
CA ASP O 61 26.78 -61.55 -14.96
C ASP O 61 26.26 -60.92 -13.68
N PHE O 62 26.99 -59.94 -13.14
CA PHE O 62 26.52 -59.22 -11.96
C PHE O 62 25.26 -58.42 -12.25
N ARG O 63 25.22 -57.74 -13.39
CA ARG O 63 24.04 -56.97 -13.76
C ARG O 63 22.84 -57.89 -13.99
N GLU O 64 23.08 -59.08 -14.54
CA GLU O 64 22.02 -60.05 -14.68
C GLU O 64 21.58 -60.62 -13.33
N CYS O 65 22.51 -60.73 -12.37
CA CYS O 65 22.12 -61.12 -11.02
C CYS O 65 21.24 -60.07 -10.37
N LEU O 66 21.55 -58.79 -10.57
CA LEU O 66 20.83 -57.71 -9.91
C LEU O 66 19.46 -57.50 -10.54
N LEU O 67 19.43 -57.21 -11.85
CA LEU O 67 18.17 -56.86 -12.50
C LEU O 67 17.30 -58.07 -12.80
N ARG O 68 17.92 -59.22 -13.09
CA ARG O 68 17.25 -60.50 -13.38
C ARG O 68 16.35 -60.42 -14.62
N GLN O 69 16.62 -59.46 -15.51
CA GLN O 69 15.69 -59.15 -16.61
C GLN O 69 15.64 -60.24 -17.68
N LYS O 70 16.76 -60.92 -17.93
CA LYS O 70 16.75 -62.02 -18.90
C LYS O 70 15.89 -63.18 -18.39
N THR O 71 15.92 -63.43 -17.08
CA THR O 71 15.02 -64.41 -16.48
C THR O 71 13.57 -63.96 -16.59
N MET O 72 13.32 -62.65 -16.50
CA MET O 72 11.96 -62.14 -16.71
C MET O 72 11.49 -62.39 -18.13
N LYS O 73 12.37 -62.19 -19.11
CA LYS O 73 12.01 -62.47 -20.50
C LYS O 73 11.76 -63.95 -20.71
N ARG O 74 12.57 -64.81 -20.08
CA ARG O 74 12.37 -66.25 -20.15
C ARG O 74 11.01 -66.66 -19.58
N LEU O 75 10.70 -66.14 -18.38
CA LEU O 75 9.42 -66.44 -17.74
C LEU O 75 8.25 -65.89 -18.53
N ASN O 76 8.41 -64.70 -19.11
CA ASN O 76 7.36 -64.13 -19.95
C ASN O 76 7.11 -64.99 -21.18
N ALA O 77 8.17 -65.47 -21.83
CA ALA O 77 8.01 -66.29 -23.01
C ALA O 77 7.33 -67.61 -22.70
N ILE O 78 7.77 -68.29 -21.63
CA ILE O 78 7.16 -69.57 -21.29
C ILE O 78 5.72 -69.38 -20.80
N LYS O 79 5.43 -68.26 -20.12
CA LYS O 79 4.08 -68.04 -19.63
C LYS O 79 3.13 -67.66 -20.77
N ARG O 80 3.60 -66.88 -21.75
CA ARG O 80 2.78 -66.59 -22.91
C ARG O 80 2.51 -67.86 -23.72
N GLN O 81 3.52 -68.74 -23.85
CA GLN O 81 3.31 -70.01 -24.52
C GLN O 81 2.32 -70.88 -23.75
N ARG O 82 2.41 -70.87 -22.42
CA ARG O 82 1.48 -71.66 -21.60
C ARG O 82 0.06 -71.14 -21.72
N ASP O 83 -0.12 -69.81 -21.68
CA ASP O 83 -1.45 -69.23 -21.82
C ASP O 83 -2.03 -69.52 -23.20
N LYS O 84 -1.20 -69.44 -24.25
CA LYS O 84 -1.65 -69.77 -25.60
C LYS O 84 -2.07 -71.24 -25.70
N LEU O 85 -1.27 -72.16 -25.15
CA LEU O 85 -1.57 -73.58 -25.27
C LEU O 85 -2.79 -73.97 -24.44
N ILE O 86 -3.03 -73.28 -23.32
CA ILE O 86 -4.31 -73.46 -22.61
C ILE O 86 -5.46 -72.90 -23.45
N LYS O 87 -5.25 -71.76 -24.10
CA LYS O 87 -6.34 -71.09 -24.80
C LYS O 87 -6.80 -71.88 -26.03
N GLU O 88 -5.87 -72.44 -26.80
CA GLU O 88 -6.31 -73.32 -27.88
C GLU O 88 -6.82 -74.66 -27.32
N GLY O 89 -6.12 -75.24 -26.37
CA GLY O 89 -6.63 -76.42 -25.69
C GLY O 89 -5.85 -77.69 -25.90
N LYS O 90 -4.53 -77.62 -26.03
CA LYS O 90 -3.72 -78.84 -26.05
C LYS O 90 -2.71 -78.86 -24.92
N TYR O 91 -3.13 -78.51 -23.71
CA TYR O 91 -2.26 -78.60 -22.55
C TYR O 91 -3.10 -78.81 -21.30
N THR O 92 -2.64 -79.71 -20.43
CA THR O 92 -3.30 -79.97 -19.15
C THR O 92 -2.24 -79.91 -18.06
N PRO O 93 -2.47 -79.13 -16.99
CA PRO O 93 -1.47 -79.04 -15.92
C PRO O 93 -1.40 -80.33 -15.14
N PRO O 94 -0.23 -80.66 -14.58
CA PRO O 94 -0.11 -81.86 -13.75
C PRO O 94 -0.67 -81.61 -12.36
N PRO O 95 -0.97 -82.66 -11.60
CA PRO O 95 -1.42 -82.46 -10.21
C PRO O 95 -0.40 -81.81 -9.31
N HIS O 96 0.90 -81.94 -9.62
CA HIS O 96 1.93 -81.30 -8.82
C HIS O 96 1.85 -79.78 -8.90
N HIS O 97 1.64 -79.26 -10.12
CA HIS O 97 1.54 -77.81 -10.30
C HIS O 97 0.21 -77.27 -9.83
N SER O 98 -0.84 -78.08 -9.87
CA SER O 98 -2.19 -77.61 -9.54
C SER O 98 -2.39 -77.39 -8.04
N GLY O 99 -1.56 -77.99 -7.19
CA GLY O 99 -1.65 -77.74 -5.77
C GLY O 99 -1.67 -78.98 -4.88
N GLN O 100 -2.33 -80.04 -5.33
CA GLN O 100 -2.43 -81.28 -4.56
C GLN O 100 -1.20 -82.12 -4.88
N GLU O 101 -0.13 -81.89 -4.14
CA GLU O 101 1.18 -82.45 -4.45
C GLU O 101 1.93 -83.08 -3.28
N ASP O 102 1.63 -82.70 -2.03
CA ASP O 102 2.24 -83.27 -0.82
C ASP O 102 3.76 -83.08 -0.82
N LEU O 103 4.15 -81.81 -0.62
CA LEU O 103 5.54 -81.34 -0.66
C LEU O 103 6.50 -82.12 0.24
N ARG O 104 7.80 -81.90 0.01
CA ARG O 104 8.85 -82.80 0.50
C ARG O 104 8.88 -83.00 2.01
N PRO O 105 8.83 -81.96 2.87
CA PRO O 105 8.85 -82.36 4.27
C PRO O 105 7.45 -82.63 4.82
N VAL P 1 29.95 -21.41 44.92
CA VAL P 1 29.09 -22.07 43.95
C VAL P 1 27.80 -22.52 44.61
N ALA P 2 27.78 -22.46 45.96
CA ALA P 2 26.59 -22.86 46.70
C ALA P 2 25.45 -21.86 46.52
N ALA P 3 25.78 -20.57 46.51
CA ALA P 3 24.75 -19.54 46.36
C ALA P 3 24.10 -19.59 44.97
N PHE P 4 24.91 -19.79 43.93
CA PHE P 4 24.37 -19.92 42.58
C PHE P 4 23.49 -21.17 42.46
N LEU P 5 23.92 -22.28 43.05
CA LEU P 5 23.14 -23.51 43.02
C LEU P 5 21.82 -23.35 43.76
N LYS P 6 21.86 -22.67 44.91
CA LYS P 6 20.62 -22.39 45.64
C LYS P 6 19.70 -21.49 44.84
N ASN P 7 20.27 -20.51 44.14
CA ASN P 7 19.47 -19.61 43.31
C ASN P 7 18.76 -20.35 42.18
N VAL P 8 19.49 -21.23 41.48
CA VAL P 8 18.83 -21.91 40.36
C VAL P 8 17.88 -22.99 40.88
N TRP P 9 18.14 -23.53 42.07
CA TRP P 9 17.21 -24.48 42.67
C TRP P 9 15.94 -23.80 43.13
N ALA P 10 16.04 -22.52 43.53
CA ALA P 10 14.85 -21.77 43.91
C ALA P 10 14.06 -21.29 42.70
N LYS P 11 14.75 -20.88 41.63
CA LYS P 11 14.05 -20.34 40.47
C LYS P 11 13.39 -21.45 39.66
N GLU P 12 14.18 -22.37 39.11
CA GLU P 12 13.66 -23.47 38.31
C GLU P 12 14.35 -24.76 38.72
N PRO P 13 13.70 -25.60 39.53
CA PRO P 13 14.31 -26.87 39.92
C PRO P 13 14.40 -27.88 38.79
N VAL P 14 13.60 -27.71 37.73
CA VAL P 14 13.57 -28.68 36.64
C VAL P 14 14.90 -28.69 35.89
N LEU P 15 15.47 -27.50 35.64
CA LEU P 15 16.76 -27.44 34.97
C LEU P 15 17.87 -28.05 35.80
N VAL P 16 17.85 -27.81 37.11
CA VAL P 16 18.86 -28.39 38.00
C VAL P 16 18.75 -29.90 38.02
N ALA P 17 17.52 -30.43 38.12
CA ALA P 17 17.32 -31.87 38.10
C ALA P 17 17.74 -32.48 36.77
N SER P 18 17.41 -31.82 35.66
CA SER P 18 17.77 -32.32 34.34
C SER P 18 19.28 -32.35 34.14
N PHE P 19 19.97 -31.30 34.59
CA PHE P 19 21.42 -31.27 34.44
C PHE P 19 22.10 -32.26 35.38
N ALA P 20 21.53 -32.48 36.56
CA ALA P 20 22.07 -33.50 37.46
C ALA P 20 21.93 -34.90 36.86
N ILE P 21 20.78 -35.20 36.28
CA ILE P 21 20.57 -36.50 35.64
C ILE P 21 21.47 -36.65 34.43
N ALA P 22 21.66 -35.58 33.65
CA ALA P 22 22.54 -35.63 32.49
C ALA P 22 23.99 -35.86 32.91
N GLY P 23 24.45 -35.18 33.95
CA GLY P 23 25.81 -35.38 34.44
C GLY P 23 26.01 -36.78 34.99
N LEU P 24 25.01 -37.30 35.70
CA LEU P 24 25.09 -38.68 36.19
C LEU P 24 25.17 -39.68 35.04
N ALA P 25 24.32 -39.50 34.02
CA ALA P 25 24.34 -40.39 32.87
C ALA P 25 25.60 -40.24 32.03
N VAL P 26 26.31 -39.12 32.15
CA VAL P 26 27.56 -38.96 31.42
C VAL P 26 28.71 -39.61 32.20
N ILE P 27 28.80 -39.36 33.50
CA ILE P 27 30.00 -39.74 34.24
C ILE P 27 29.89 -41.12 34.89
N LEU P 28 28.69 -41.69 35.01
CA LEU P 28 28.58 -42.98 35.68
C LEU P 28 28.94 -44.19 34.82
N PRO P 29 28.54 -44.30 33.53
CA PRO P 29 29.02 -45.45 32.74
C PRO P 29 30.53 -45.49 32.56
N THR P 30 31.21 -44.35 32.63
CA THR P 30 32.67 -44.35 32.63
C THR P 30 33.26 -44.84 33.95
N LEU P 31 32.45 -44.95 34.99
CA LEU P 31 32.90 -45.49 36.27
C LEU P 31 32.19 -46.80 36.61
N SER P 32 31.40 -47.35 35.69
CA SER P 32 30.65 -48.57 35.93
C SER P 32 31.57 -49.78 35.91
N PRO P 33 31.32 -50.78 36.76
CA PRO P 33 32.10 -52.02 36.73
C PRO P 33 31.49 -53.13 35.88
N TYR P 34 30.25 -52.98 35.42
CA TYR P 34 29.55 -54.04 34.69
C TYR P 34 29.45 -53.77 33.20
N THR P 35 30.13 -52.74 32.69
CA THR P 35 30.07 -52.44 31.26
C THR P 35 30.71 -53.53 30.43
N LYS P 36 31.85 -54.05 30.88
CA LYS P 36 32.49 -55.17 30.19
C LYS P 36 31.66 -56.45 30.28
N TYR P 37 30.89 -56.60 31.36
CA TYR P 37 29.93 -57.70 31.44
C TYR P 37 28.86 -57.57 30.36
N SER P 38 28.37 -56.35 30.13
CA SER P 38 27.45 -56.11 29.02
C SER P 38 28.11 -56.40 27.68
N LEU P 39 29.40 -56.08 27.56
CA LEU P 39 30.13 -56.35 26.33
C LEU P 39 30.17 -57.84 26.02
N MET P 40 30.53 -58.66 27.01
CA MET P 40 30.57 -60.10 26.74
C MET P 40 29.17 -60.71 26.65
N ILE P 41 28.17 -60.12 27.31
CA ILE P 41 26.80 -60.60 27.17
C ILE P 41 26.31 -60.39 25.74
N ASN P 42 26.58 -59.21 25.18
CA ASN P 42 26.21 -58.95 23.79
C ASN P 42 27.03 -59.80 22.83
N ARG P 43 28.32 -60.00 23.13
CA ARG P 43 29.17 -60.78 22.23
C ARG P 43 28.88 -62.27 22.29
N ALA P 44 28.28 -62.76 23.37
CA ALA P 44 28.06 -64.18 23.56
C ALA P 44 26.71 -64.66 23.02
N THR P 45 25.90 -63.78 22.45
CA THR P 45 24.60 -64.20 21.94
C THR P 45 24.78 -64.89 20.59
N PRO P 46 24.37 -66.15 20.45
CA PRO P 46 24.59 -66.90 19.20
C PRO P 46 23.54 -66.64 18.12
N TYR P 47 23.75 -65.58 17.36
CA TYR P 47 22.79 -65.19 16.33
C TYR P 47 22.88 -66.10 15.10
N ASN P 48 24.04 -66.12 14.45
CA ASN P 48 24.22 -66.89 13.23
C ASN P 48 24.79 -68.27 13.57
N TYR P 49 25.06 -69.07 12.55
CA TYR P 49 25.54 -70.43 12.81
C TYR P 49 27.04 -70.45 13.05
N PRO P 50 27.49 -71.19 14.05
CA PRO P 50 28.94 -71.38 14.27
C PRO P 50 29.51 -72.49 13.38
N VAL P 51 29.85 -72.13 12.15
CA VAL P 51 30.36 -73.12 11.18
C VAL P 51 31.72 -73.65 11.65
N PRO P 52 32.01 -74.94 11.47
CA PRO P 52 33.35 -75.45 11.83
C PRO P 52 34.42 -75.04 10.83
N LEU P 53 35.64 -75.53 11.04
CA LEU P 53 36.75 -75.24 10.16
C LEU P 53 37.36 -76.54 9.66
N ARG P 54 38.13 -76.42 8.58
CA ARG P 54 38.91 -77.55 8.10
C ARG P 54 40.06 -77.83 9.05
N ASP P 55 40.58 -79.05 8.99
CA ASP P 55 41.61 -79.50 9.93
C ASP P 55 42.91 -79.75 9.17
N ASP P 56 43.98 -79.07 9.58
CA ASP P 56 45.32 -79.46 9.19
C ASP P 56 46.01 -80.32 10.24
N GLY P 57 45.36 -80.54 11.38
CA GLY P 57 45.90 -81.37 12.43
C GLY P 57 46.53 -80.62 13.59
N ASN P 58 46.80 -79.32 13.43
CA ASN P 58 47.49 -78.53 14.45
C ASN P 58 46.56 -77.44 14.98
N MET P 59 45.74 -77.79 15.96
CA MET P 59 44.93 -76.83 16.70
C MET P 59 44.70 -77.32 18.12
N PRO P 60 45.18 -76.60 19.13
CA PRO P 60 45.02 -77.05 20.51
C PRO P 60 43.76 -76.52 21.19
N ASP P 61 43.12 -75.53 20.59
CA ASP P 61 42.03 -74.83 21.26
C ASP P 61 40.65 -75.36 20.90
N VAL P 62 40.36 -75.49 19.60
CA VAL P 62 39.02 -75.84 19.16
C VAL P 62 38.75 -77.31 19.48
N PRO P 63 37.52 -77.67 19.88
CA PRO P 63 37.20 -79.05 20.18
C PRO P 63 36.58 -79.77 18.98
N SER P 64 36.38 -81.07 19.16
CA SER P 64 35.64 -81.88 18.19
C SER P 64 34.22 -82.19 18.63
N HIS P 65 33.88 -81.88 19.89
CA HIS P 65 32.55 -82.05 20.44
C HIS P 65 32.16 -80.80 21.20
N PRO P 66 30.87 -80.44 21.20
CA PRO P 66 30.43 -79.29 22.01
C PRO P 66 30.62 -79.48 23.50
N GLN P 67 30.65 -80.71 23.99
CA GLN P 67 30.78 -80.98 25.41
C GLN P 67 32.23 -81.17 25.85
N ASP P 68 33.19 -81.03 24.95
CA ASP P 68 34.59 -81.11 25.33
C ASP P 68 34.98 -79.88 26.15
N PRO P 69 35.89 -80.05 27.13
CA PRO P 69 36.31 -78.89 27.93
C PRO P 69 37.07 -77.84 27.14
N GLN P 70 37.71 -78.22 26.03
CA GLN P 70 38.42 -77.25 25.20
C GLN P 70 37.41 -76.34 24.50
N GLY P 71 37.76 -75.05 24.43
CA GLY P 71 36.87 -74.06 23.88
C GLY P 71 36.33 -73.14 24.96
N PRO P 72 35.68 -72.05 24.55
CA PRO P 72 35.17 -71.09 25.53
C PRO P 72 33.89 -71.57 26.19
N SER P 73 33.80 -71.34 27.49
CA SER P 73 32.61 -71.67 28.27
C SER P 73 31.82 -70.40 28.55
N LEU P 74 30.71 -70.53 29.27
CA LEU P 74 29.83 -69.41 29.56
C LEU P 74 29.40 -69.51 31.03
N GLU P 75 30.37 -69.80 31.91
CA GLU P 75 30.07 -69.99 33.33
C GLU P 75 29.82 -68.67 34.05
N TRP P 76 30.42 -67.58 33.56
CA TRP P 76 30.35 -66.29 34.26
C TRP P 76 28.94 -65.73 34.25
N LEU P 77 28.19 -65.93 33.17
CA LEU P 77 26.82 -65.45 33.13
C LEU P 77 25.88 -66.41 33.86
N LYS P 78 26.23 -67.70 33.88
CA LYS P 78 25.44 -68.67 34.63
C LYS P 78 25.49 -68.40 36.13
N ARG P 79 26.68 -68.03 36.65
CA ARG P 79 26.76 -67.64 38.05
C ARG P 79 26.34 -66.18 38.24
N LEU P 80 27.07 -65.25 37.63
CA LEU P 80 26.85 -63.80 37.74
C LEU P 80 26.83 -63.31 39.19
N SER Q 1 62.95 63.41 -57.14
CA SER Q 1 61.64 63.69 -56.56
C SER Q 1 60.79 64.52 -57.51
N LYS Q 2 61.27 65.72 -57.84
CA LYS Q 2 60.55 66.62 -58.73
C LYS Q 2 61.17 66.58 -60.12
N MET Q 3 60.34 66.35 -61.13
CA MET Q 3 60.76 66.36 -62.52
C MET Q 3 60.05 67.50 -63.24
N GLU Q 4 60.71 68.03 -64.26
CA GLU Q 4 60.14 69.11 -65.07
C GLU Q 4 59.30 68.53 -66.19
N LEU Q 5 58.16 69.12 -66.41
CA LEU Q 5 57.33 68.62 -67.48
C LEU Q 5 57.39 69.57 -68.67
N PRO Q 6 57.33 69.05 -69.90
CA PRO Q 6 57.48 69.92 -71.08
C PRO Q 6 56.27 70.81 -71.28
N ASP Q 7 56.42 71.77 -72.19
CA ASP Q 7 55.32 72.67 -72.52
C ASP Q 7 54.22 71.90 -73.24
N TYR Q 8 52.98 72.13 -72.82
CA TYR Q 8 51.83 71.42 -73.36
C TYR Q 8 51.24 72.08 -74.60
N LYS Q 9 51.85 73.17 -75.09
CA LYS Q 9 51.52 73.71 -76.40
C LYS Q 9 52.42 73.18 -77.51
N GLN Q 10 53.58 72.61 -77.17
CA GLN Q 10 54.46 72.07 -78.20
C GLN Q 10 53.98 70.71 -78.72
N TRP Q 11 52.98 70.11 -78.08
CA TRP Q 11 52.40 68.85 -78.55
C TRP Q 11 51.25 69.18 -79.48
N LYS Q 12 51.54 69.20 -80.78
CA LYS Q 12 50.55 69.46 -81.81
C LYS Q 12 50.32 68.20 -82.63
N ILE Q 13 49.08 68.02 -83.09
CA ILE Q 13 48.69 66.80 -83.77
C ILE Q 13 48.92 66.91 -85.28
N GLU Q 14 49.54 67.99 -85.71
CA GLU Q 14 49.80 68.21 -87.13
C GLU Q 14 51.11 67.55 -87.55
N GLY Q 15 51.15 67.10 -88.81
CA GLY Q 15 52.27 66.35 -89.32
C GLY Q 15 52.27 64.88 -88.97
N THR Q 16 51.24 64.40 -88.30
CA THR Q 16 51.13 63.04 -87.78
C THR Q 16 49.95 62.34 -88.45
N PRO Q 17 49.90 61.00 -88.41
CA PRO Q 17 48.69 60.30 -88.86
C PRO Q 17 47.45 60.61 -88.05
N LEU Q 18 47.59 61.12 -86.82
CA LEU Q 18 46.42 61.58 -86.06
C LEU Q 18 45.74 62.77 -86.73
N GLU Q 19 46.51 63.57 -87.48
CA GLU Q 19 45.90 64.62 -88.30
C GLU Q 19 45.00 64.02 -89.37
N THR Q 20 45.45 62.94 -90.01
CA THR Q 20 44.61 62.23 -90.97
C THR Q 20 43.40 61.58 -90.30
N VAL Q 21 43.57 61.12 -89.06
CA VAL Q 21 42.43 60.57 -88.30
C VAL Q 21 41.39 61.66 -88.05
N GLN Q 22 41.84 62.84 -87.62
CA GLN Q 22 40.95 63.98 -87.44
C GLN Q 22 40.31 64.41 -88.75
N GLU Q 23 41.05 64.28 -89.86
CA GLU Q 23 40.45 64.50 -91.18
C GLU Q 23 39.31 63.52 -91.44
N LYS Q 24 39.50 62.26 -91.04
CA LYS Q 24 38.44 61.27 -91.25
C LYS Q 24 37.20 61.58 -90.40
N LEU Q 25 37.40 61.97 -89.13
CA LEU Q 25 36.24 62.35 -88.33
C LEU Q 25 35.61 63.66 -88.81
N ALA Q 26 36.39 64.57 -89.36
CA ALA Q 26 35.81 65.76 -89.97
C ALA Q 26 35.01 65.42 -91.22
N ALA Q 27 35.46 64.41 -91.97
CA ALA Q 27 34.69 63.90 -93.11
C ALA Q 27 33.38 63.27 -92.67
N ARG Q 28 33.38 62.57 -91.53
CA ARG Q 28 32.14 62.00 -91.01
C ARG Q 28 31.54 62.81 -89.88
N GLY Q 29 32.00 64.05 -89.69
CA GLY Q 29 31.35 64.96 -88.76
C GLY Q 29 31.55 64.66 -87.29
N LEU Q 30 32.67 64.05 -86.93
CA LEU Q 30 32.97 63.74 -85.53
C LEU Q 30 34.20 64.53 -85.09
N ARG Q 31 34.50 64.41 -83.79
CA ARG Q 31 35.65 65.07 -83.18
C ARG Q 31 36.57 64.02 -82.56
N ASP Q 32 37.86 64.34 -82.48
CA ASP Q 32 38.87 63.46 -81.92
C ASP Q 32 39.36 64.26 -80.71
N PRO Q 33 38.79 64.03 -79.52
CA PRO Q 33 39.20 64.80 -78.35
C PRO Q 33 40.43 64.26 -77.65
N TRP Q 34 40.98 63.13 -78.08
CA TRP Q 34 42.15 62.53 -77.46
C TRP Q 34 43.31 62.39 -78.44
N GLY Q 35 43.41 63.31 -79.40
CA GLY Q 35 44.55 63.31 -80.31
C GLY Q 35 45.75 63.96 -79.69
N ARG Q 36 45.51 64.97 -78.86
CA ARG Q 36 46.60 65.67 -78.18
C ARG Q 36 47.25 64.78 -77.12
N ASN Q 37 46.50 63.81 -76.58
CA ASN Q 37 47.06 62.88 -75.62
C ASN Q 37 48.11 61.97 -76.27
N GLU Q 38 47.84 61.49 -77.48
CA GLU Q 38 48.74 60.62 -78.21
C GLU Q 38 49.60 61.37 -79.21
N ALA Q 39 49.57 62.70 -79.19
CA ALA Q 39 50.34 63.50 -80.14
C ALA Q 39 51.84 63.38 -79.93
N TRP Q 40 52.28 63.19 -78.68
CA TRP Q 40 53.70 63.21 -78.37
C TRP Q 40 54.45 62.02 -78.96
N ARG Q 41 53.77 60.91 -79.23
CA ARG Q 41 54.42 59.71 -79.74
C ARG Q 41 54.80 59.82 -81.22
N TYR Q 42 54.39 60.89 -81.91
CA TYR Q 42 54.53 60.97 -83.36
C TYR Q 42 55.41 62.15 -83.78
N MET Q 43 56.32 62.59 -82.92
CA MET Q 43 57.24 63.65 -83.28
C MET Q 43 58.54 63.47 -82.53
N GLY Q 44 59.54 64.26 -82.93
CA GLY Q 44 60.84 64.18 -82.29
C GLY Q 44 61.58 62.91 -82.71
N GLY Q 45 62.51 62.51 -81.86
CA GLY Q 45 63.28 61.29 -82.11
C GLY Q 45 62.46 60.03 -82.01
N PHE Q 46 61.30 60.08 -81.34
CA PHE Q 46 60.44 58.91 -81.25
C PHE Q 46 59.79 58.59 -82.60
N ALA Q 47 59.64 59.60 -83.46
CA ALA Q 47 59.16 59.38 -84.81
C ALA Q 47 60.33 59.03 -85.73
N ASN Q 48 60.04 58.89 -87.02
CA ASN Q 48 61.01 58.55 -88.06
C ASN Q 48 61.70 57.22 -87.75
N ASN Q 49 60.87 56.18 -87.78
CA ASN Q 49 61.32 54.81 -87.51
C ASN Q 49 61.53 54.07 -88.83
N VAL Q 50 62.63 53.33 -88.92
CA VAL Q 50 62.97 52.64 -90.15
C VAL Q 50 62.05 51.43 -90.34
N SER Q 51 61.98 50.97 -91.59
CA SER Q 51 61.12 49.86 -91.95
C SER Q 51 61.83 48.53 -91.67
N PHE Q 52 61.22 47.43 -92.11
CA PHE Q 52 61.77 46.10 -91.83
C PHE Q 52 63.07 45.86 -92.58
N VAL Q 53 63.09 46.17 -93.89
CA VAL Q 53 64.32 46.02 -94.67
C VAL Q 53 65.38 46.99 -94.17
N GLY Q 54 64.98 48.21 -93.81
CA GLY Q 54 65.90 49.15 -93.18
C GLY Q 54 66.36 48.70 -91.81
N ALA Q 55 65.57 47.87 -91.12
CA ALA Q 55 66.02 47.30 -89.86
C ALA Q 55 67.04 46.19 -90.06
N LEU Q 56 66.85 45.38 -91.11
CA LEU Q 56 67.76 44.26 -91.35
C LEU Q 56 69.14 44.73 -91.80
N LEU Q 57 69.20 45.75 -92.66
CA LEU Q 57 70.46 46.22 -93.23
C LEU Q 57 71.08 47.36 -92.43
N LYS Q 58 70.86 47.40 -91.11
CA LYS Q 58 71.47 48.42 -90.28
C LYS Q 58 72.98 48.16 -90.17
N GLY Q 59 73.77 49.19 -90.43
CA GLY Q 59 75.21 49.04 -90.42
C GLY Q 59 75.77 48.29 -91.61
N PHE Q 60 75.05 48.26 -92.73
CA PHE Q 60 75.55 47.56 -93.91
C PHE Q 60 76.69 48.32 -94.58
N LYS Q 61 76.73 49.65 -94.41
CA LYS Q 61 77.76 50.45 -95.07
C LYS Q 61 79.15 50.15 -94.51
N TRP Q 62 79.28 50.18 -93.18
CA TRP Q 62 80.56 49.87 -92.55
C TRP Q 62 80.97 48.43 -92.80
N GLY Q 63 80.01 47.51 -92.74
CA GLY Q 63 80.32 46.11 -92.98
C GLY Q 63 80.78 45.84 -94.40
N PHE Q 64 80.12 46.46 -95.38
CA PHE Q 64 80.53 46.26 -96.77
C PHE Q 64 81.86 46.95 -97.06
N ALA Q 65 82.12 48.10 -96.45
CA ALA Q 65 83.42 48.75 -96.61
C ALA Q 65 84.54 47.90 -96.03
N ALA Q 66 84.32 47.33 -94.84
CA ALA Q 66 85.32 46.44 -94.25
C ALA Q 66 85.47 45.16 -95.06
N PHE Q 67 84.37 44.67 -95.65
CA PHE Q 67 84.46 43.47 -96.50
C PHE Q 67 85.28 43.74 -97.74
N VAL Q 68 85.07 44.87 -98.41
CA VAL Q 68 85.84 45.15 -99.61
C VAL Q 68 87.29 45.46 -99.29
N VAL Q 69 87.55 46.06 -98.11
CA VAL Q 69 88.93 46.29 -97.68
C VAL Q 69 89.63 44.97 -97.40
N ALA Q 70 88.95 44.04 -96.72
CA ALA Q 70 89.56 42.75 -96.41
C ALA Q 70 89.74 41.90 -97.67
N VAL Q 71 88.80 41.99 -98.62
CA VAL Q 71 88.97 41.20 -99.84
C VAL Q 71 90.08 41.79 -100.71
N GLY Q 72 90.28 43.11 -100.68
CA GLY Q 72 91.45 43.68 -101.33
C GLY Q 72 92.75 43.29 -100.65
N ALA Q 73 92.72 43.22 -99.32
CA ALA Q 73 93.90 42.80 -98.57
C ALA Q 73 94.27 41.35 -98.88
N GLU Q 74 93.26 40.47 -98.98
CA GLU Q 74 93.54 39.08 -99.35
C GLU Q 74 93.93 38.95 -100.82
N TYR Q 75 93.38 39.81 -101.69
CA TYR Q 75 93.77 39.82 -103.10
C TYR Q 75 95.22 40.20 -103.27
N TYR Q 76 95.70 41.15 -102.46
CA TYR Q 76 97.14 41.46 -102.47
C TYR Q 76 97.95 40.42 -101.70
N LEU Q 77 97.34 39.73 -100.74
CA LEU Q 77 98.06 38.74 -99.94
C LEU Q 77 98.39 37.51 -100.76
N GLU Q 78 97.46 37.05 -101.61
CA GLU Q 78 97.72 35.87 -102.42
C GLU Q 78 98.78 36.11 -103.47
N SER Q 79 99.03 37.36 -103.84
CA SER Q 79 100.08 37.70 -104.79
C SER Q 79 101.43 37.79 -104.08
N MET R 1 46.08 -35.96 -15.23
CA MET R 1 46.38 -37.15 -16.00
C MET R 1 47.51 -37.96 -15.37
N MET R 2 48.21 -37.34 -14.41
CA MET R 2 49.15 -38.04 -13.54
C MET R 2 48.49 -38.59 -12.29
N THR R 3 47.16 -38.58 -12.23
CA THR R 3 46.43 -38.96 -11.02
C THR R 3 46.71 -40.39 -10.59
N GLY R 4 46.91 -41.28 -11.57
CA GLY R 4 47.31 -42.65 -11.25
C GLY R 4 48.60 -42.70 -10.46
N ARG R 5 49.60 -41.90 -10.85
CA ARG R 5 50.81 -41.78 -10.05
C ARG R 5 50.50 -41.20 -8.69
N GLN R 6 49.56 -40.26 -8.62
CA GLN R 6 49.03 -39.81 -7.33
C GLN R 6 47.76 -40.58 -6.97
N ALA R 7 47.82 -41.91 -7.06
CA ALA R 7 46.69 -42.76 -6.69
C ALA R 7 46.93 -43.54 -5.41
N ARG R 8 48.09 -44.18 -5.29
CA ARG R 8 48.35 -45.01 -4.11
C ARG R 8 48.61 -44.15 -2.88
N ALA R 9 49.43 -43.11 -3.02
CA ALA R 9 49.82 -42.26 -1.90
C ALA R 9 49.36 -40.83 -2.14
N PRO R 10 48.27 -40.39 -1.52
CA PRO R 10 47.79 -39.03 -1.71
C PRO R 10 48.18 -37.91 -0.73
N LEU R 11 47.87 -36.68 -1.17
CA LEU R 11 48.09 -35.44 -0.42
C LEU R 11 49.55 -35.29 0.02
N GLN R 12 50.47 -35.66 -0.86
CA GLN R 12 51.89 -35.50 -0.61
C GLN R 12 52.42 -34.38 -1.51
N PHE R 13 52.94 -33.33 -0.89
CA PHE R 13 53.48 -32.22 -1.67
C PHE R 13 54.80 -32.61 -2.33
N LEU R 14 55.67 -33.25 -1.57
CA LEU R 14 56.97 -33.72 -2.07
C LEU R 14 57.18 -35.16 -1.61
N PRO R 15 56.94 -36.14 -2.48
CA PRO R 15 57.14 -37.55 -2.09
C PRO R 15 58.61 -37.92 -1.92
N ASP R 16 58.86 -39.20 -1.63
CA ASP R 16 60.24 -39.64 -1.36
C ASP R 16 61.12 -39.57 -2.61
N GLU R 17 60.55 -39.73 -3.80
CA GLU R 17 61.33 -39.61 -5.02
C GLU R 17 61.73 -38.17 -5.31
N ALA R 18 61.01 -37.19 -4.75
CA ALA R 18 61.33 -35.79 -4.99
C ALA R 18 62.63 -35.35 -4.31
N ARG R 19 63.08 -36.10 -3.29
CA ARG R 19 64.33 -35.75 -2.62
C ARG R 19 65.55 -36.17 -3.41
N SER R 20 65.39 -37.05 -4.40
CA SER R 20 66.50 -37.52 -5.21
C SER R 20 66.78 -36.63 -6.40
N LEU R 21 66.02 -35.57 -6.58
CA LEU R 21 66.20 -34.60 -7.65
C LEU R 21 67.04 -33.43 -7.17
N PRO R 22 67.79 -32.78 -8.06
CA PRO R 22 68.52 -31.57 -7.69
C PRO R 22 67.57 -30.43 -7.39
N PRO R 23 67.62 -29.87 -6.18
CA PRO R 23 66.75 -28.74 -5.83
C PRO R 23 67.12 -27.50 -6.61
N PRO R 24 66.19 -26.58 -6.82
CA PRO R 24 66.53 -25.33 -7.51
C PRO R 24 67.46 -24.47 -6.66
N LYS R 25 68.44 -23.86 -7.33
CA LYS R 25 69.36 -22.98 -6.66
C LYS R 25 68.67 -21.67 -6.27
N LEU R 26 69.24 -20.99 -5.28
CA LEU R 26 68.68 -19.72 -4.84
C LEU R 26 68.89 -18.61 -5.86
N THR R 27 69.82 -18.77 -6.79
CA THR R 27 70.04 -17.82 -7.86
C THR R 27 69.25 -18.16 -9.12
N ASP R 28 68.20 -18.96 -8.99
CA ASP R 28 67.35 -19.27 -10.13
C ASP R 28 66.60 -18.01 -10.56
N PRO R 29 66.51 -17.73 -11.86
CA PRO R 29 65.79 -16.52 -12.31
C PRO R 29 64.32 -16.52 -11.95
N ARG R 30 63.67 -17.68 -11.88
CA ARG R 30 62.27 -17.74 -11.49
C ARG R 30 62.08 -17.30 -10.04
N LEU R 31 63.00 -17.70 -9.16
CA LEU R 31 62.94 -17.26 -7.76
C LEU R 31 63.13 -15.76 -7.64
N ALA R 32 64.03 -15.19 -8.45
CA ALA R 32 64.23 -13.75 -8.47
C ALA R 32 62.97 -13.03 -8.97
N TYR R 33 62.31 -13.60 -9.98
CA TYR R 33 61.08 -13.01 -10.48
C TYR R 33 59.97 -13.05 -9.43
N ILE R 34 59.87 -14.14 -8.68
CA ILE R 34 58.85 -14.22 -7.63
C ILE R 34 59.17 -13.26 -6.49
N GLY R 35 60.46 -13.10 -6.18
CA GLY R 35 60.85 -12.07 -5.21
C GLY R 35 60.49 -10.67 -5.68
N PHE R 36 60.66 -10.41 -6.98
CA PHE R 36 60.23 -9.13 -7.54
C PHE R 36 58.71 -8.97 -7.44
N LEU R 37 57.98 -10.06 -7.62
CA LEU R 37 56.52 -10.04 -7.44
C LEU R 37 56.15 -9.65 -6.01
N GLY R 38 56.87 -10.21 -5.02
CA GLY R 38 56.62 -9.85 -3.64
C GLY R 38 56.98 -8.40 -3.34
N TYR R 39 58.06 -7.91 -3.93
CA TYR R 39 58.44 -6.51 -3.76
C TYR R 39 57.38 -5.59 -4.37
N CYS R 40 56.85 -5.95 -5.53
CA CYS R 40 55.78 -5.18 -6.14
C CYS R 40 54.52 -5.20 -5.29
N SER R 41 54.22 -6.34 -4.66
CA SER R 41 53.07 -6.42 -3.76
C SER R 41 53.24 -5.51 -2.55
N GLY R 42 54.46 -5.47 -1.99
CA GLY R 42 54.74 -4.54 -0.91
C GLY R 42 54.60 -3.09 -1.34
N LEU R 43 55.04 -2.77 -2.56
CA LEU R 43 54.84 -1.43 -3.10
C LEU R 43 53.38 -1.10 -3.27
N ILE R 44 52.56 -2.08 -3.66
CA ILE R 44 51.12 -1.84 -3.82
C ILE R 44 50.47 -1.57 -2.46
N ASP R 45 50.88 -2.29 -1.41
CA ASP R 45 50.42 -1.94 -0.07
C ASP R 45 50.87 -0.56 0.37
N ASN R 46 52.08 -0.17 0.02
CA ASN R 46 52.50 1.19 0.36
C ASN R 46 51.71 2.23 -0.42
N ALA R 47 51.21 1.87 -1.60
CA ALA R 47 50.48 2.82 -2.44
C ALA R 47 49.02 2.95 -2.02
N ILE R 48 48.32 1.82 -1.84
CA ILE R 48 46.85 1.88 -1.72
C ILE R 48 46.38 2.37 -0.37
N ARG R 49 47.22 2.34 0.67
CA ARG R 49 46.85 2.81 1.98
C ARG R 49 47.36 4.21 2.27
N ARG R 50 47.73 4.95 1.21
CA ARG R 50 48.17 6.35 1.28
C ARG R 50 49.38 6.52 2.19
N ARG R 51 50.41 5.72 1.94
CA ARG R 51 51.69 5.78 2.62
C ARG R 51 52.78 6.14 1.61
N PRO R 52 53.94 6.58 2.08
CA PRO R 52 55.10 6.68 1.18
C PRO R 52 55.44 5.32 0.59
N VAL R 53 55.80 5.32 -0.69
CA VAL R 53 55.87 4.07 -1.44
C VAL R 53 57.18 3.33 -1.27
N LEU R 54 58.28 4.04 -1.01
CA LEU R 54 59.61 3.42 -1.05
C LEU R 54 60.31 3.39 0.31
N SER R 55 59.68 3.88 1.37
CA SER R 55 60.37 3.90 2.66
C SER R 55 59.49 3.35 3.79
N ALA R 56 58.18 3.46 3.65
CA ALA R 56 57.28 3.10 4.74
C ALA R 56 57.15 1.58 4.84
N GLY R 57 57.37 1.07 6.05
CA GLY R 57 57.15 -0.34 6.33
C GLY R 57 58.12 -1.27 5.64
N LEU R 58 59.40 -1.19 6.01
CA LEU R 58 60.38 -2.11 5.46
C LEU R 58 60.16 -3.53 5.98
N HIS R 59 59.60 -3.67 7.18
CA HIS R 59 59.27 -4.99 7.71
C HIS R 59 58.19 -5.67 6.86
N ARG R 60 57.21 -4.91 6.39
CA ARG R 60 56.16 -5.46 5.55
C ARG R 60 56.72 -5.93 4.21
N GLN R 61 57.60 -5.13 3.61
CA GLN R 61 58.22 -5.51 2.34
C GLN R 61 59.11 -6.74 2.50
N PHE R 62 59.87 -6.82 3.60
CA PHE R 62 60.72 -7.99 3.82
C PHE R 62 59.87 -9.24 4.07
N LEU R 63 58.76 -9.10 4.80
CA LEU R 63 57.85 -10.22 5.01
C LEU R 63 57.25 -10.69 3.70
N TYR R 64 56.83 -9.75 2.84
CA TYR R 64 56.26 -10.11 1.54
C TYR R 64 57.28 -10.83 0.67
N ILE R 65 58.52 -10.33 0.64
CA ILE R 65 59.57 -10.94 -0.16
C ILE R 65 59.86 -12.35 0.33
N THR R 66 59.98 -12.51 1.66
CA THR R 66 60.29 -13.81 2.23
C THR R 66 59.18 -14.83 1.99
N SER R 67 57.91 -14.42 2.17
CA SER R 67 56.80 -15.33 1.95
C SER R 67 56.69 -15.73 0.48
N PHE R 68 56.85 -14.76 -0.43
CA PHE R 68 56.78 -15.06 -1.85
C PHE R 68 57.91 -15.99 -2.27
N VAL R 69 59.13 -15.76 -1.76
CA VAL R 69 60.26 -16.61 -2.10
C VAL R 69 60.05 -18.02 -1.56
N PHE R 70 59.51 -18.15 -0.34
CA PHE R 70 59.25 -19.46 0.26
C PHE R 70 58.26 -20.27 -0.56
N VAL R 71 57.08 -19.68 -0.86
CA VAL R 71 56.08 -20.43 -1.60
C VAL R 71 56.52 -20.66 -3.05
N GLY R 72 57.30 -19.73 -3.62
CA GLY R 72 57.82 -19.95 -4.97
C GLY R 72 58.82 -21.08 -5.04
N TYR R 73 59.69 -21.17 -4.03
CA TYR R 73 60.66 -22.27 -3.99
C TYR R 73 59.97 -23.62 -3.87
N TYR R 74 58.95 -23.70 -3.00
CA TYR R 74 58.26 -24.98 -2.86
C TYR R 74 57.43 -25.33 -4.10
N LEU R 75 56.81 -24.33 -4.73
CA LEU R 75 56.05 -24.60 -5.95
C LEU R 75 56.96 -24.99 -7.11
N LEU R 76 58.16 -24.39 -7.19
CA LEU R 76 59.11 -24.78 -8.22
C LEU R 76 59.65 -26.19 -7.98
N LYS R 77 59.84 -26.57 -6.72
CA LYS R 77 60.23 -27.94 -6.40
C LYS R 77 59.16 -28.93 -6.85
N ARG R 78 57.90 -28.63 -6.57
CA ARG R 78 56.81 -29.49 -7.03
C ARG R 78 56.74 -29.53 -8.56
N GLN R 79 56.98 -28.40 -9.21
CA GLN R 79 56.93 -28.33 -10.67
C GLN R 79 58.00 -29.20 -11.31
N ASP R 80 59.25 -29.07 -10.87
CA ASP R 80 60.30 -29.86 -11.50
C ASP R 80 60.19 -31.33 -11.12
N TYR R 81 59.65 -31.63 -9.93
CA TYR R 81 59.36 -33.03 -9.60
C TYR R 81 58.33 -33.63 -10.54
N MET R 82 57.25 -32.89 -10.82
CA MET R 82 56.22 -33.40 -11.72
C MET R 82 56.73 -33.54 -13.14
N TYR R 83 57.58 -32.61 -13.60
CA TYR R 83 58.11 -32.73 -14.95
C TYR R 83 59.09 -33.89 -15.07
N ALA R 84 59.88 -34.14 -14.01
CA ALA R 84 60.75 -35.32 -14.01
C ALA R 84 59.94 -36.60 -14.00
N VAL R 85 58.83 -36.63 -13.27
CA VAL R 85 57.92 -37.78 -13.28
C VAL R 85 57.35 -38.01 -14.67
N ARG R 86 56.98 -36.91 -15.35
CA ARG R 86 56.46 -36.99 -16.72
C ARG R 86 57.48 -37.62 -17.66
N ASP R 87 58.72 -37.13 -17.61
CA ASP R 87 59.76 -37.66 -18.50
C ASP R 87 60.14 -39.10 -18.12
N HIS R 88 60.10 -39.45 -16.84
CA HIS R 88 60.46 -40.81 -16.46
C HIS R 88 59.38 -41.81 -16.88
N ASP R 89 58.11 -41.45 -16.73
CA ASP R 89 57.03 -42.30 -17.24
C ASP R 89 57.09 -42.40 -18.76
N MET R 90 57.47 -41.30 -19.41
CA MET R 90 57.69 -41.28 -20.86
C MET R 90 58.69 -42.34 -21.28
N PHE R 91 59.88 -42.30 -20.66
CA PHE R 91 60.94 -43.21 -21.05
C PHE R 91 60.63 -44.64 -20.64
N SER R 92 59.93 -44.84 -19.51
CA SER R 92 59.53 -46.17 -19.10
C SER R 92 58.57 -46.79 -20.10
N TYR R 93 57.57 -46.03 -20.55
CA TYR R 93 56.64 -46.57 -21.54
C TYR R 93 57.31 -46.76 -22.90
N ILE R 94 58.30 -45.95 -23.23
CA ILE R 94 58.96 -46.13 -24.52
C ILE R 94 60.00 -47.25 -24.50
N LYS R 95 60.52 -47.64 -23.33
CA LYS R 95 61.19 -48.93 -23.21
C LYS R 95 60.19 -50.08 -23.24
N SER R 96 59.00 -49.89 -22.66
CA SER R 96 58.10 -51.01 -22.43
C SER R 96 57.41 -51.49 -23.70
N HIS R 97 57.15 -50.60 -24.67
CA HIS R 97 56.36 -50.96 -25.85
C HIS R 97 57.14 -50.60 -27.12
N PRO R 98 58.04 -51.46 -27.58
CA PRO R 98 58.71 -51.20 -28.86
C PRO R 98 57.95 -51.69 -30.09
N GLU R 99 56.92 -52.54 -29.92
CA GLU R 99 56.21 -53.03 -31.10
C GLU R 99 55.32 -51.95 -31.71
N ASP R 100 54.77 -51.07 -30.88
CA ASP R 100 53.87 -50.03 -31.34
C ASP R 100 54.59 -48.73 -31.69
N PHE R 101 55.91 -48.70 -31.59
CA PHE R 101 56.69 -47.52 -31.97
C PHE R 101 58.00 -48.01 -32.56
N PRO R 102 58.05 -48.17 -33.88
CA PRO R 102 59.24 -48.73 -34.52
C PRO R 102 60.29 -47.65 -34.79
N GLU R 103 61.37 -48.07 -35.44
CA GLU R 103 62.46 -47.18 -35.79
C GLU R 103 62.27 -46.64 -37.21
N LYS R 104 62.94 -45.51 -37.47
CA LYS R 104 62.88 -44.86 -38.77
C LYS R 104 64.29 -44.76 -39.35
N ASP R 105 64.43 -45.13 -40.62
CA ASP R 105 65.69 -45.01 -41.34
C ASP R 105 65.71 -43.67 -42.06
N LYS R 106 66.49 -42.72 -41.53
CA LYS R 106 66.53 -41.37 -42.08
C LYS R 106 67.29 -41.40 -43.41
N LYS R 107 66.55 -41.22 -44.50
CA LYS R 107 67.13 -41.26 -45.83
C LYS R 107 67.94 -39.99 -46.11
N THR R 108 68.90 -40.12 -47.01
CA THR R 108 69.68 -38.98 -47.46
C THR R 108 68.93 -38.21 -48.55
N TYR R 109 69.44 -37.02 -48.86
CA TYR R 109 68.79 -36.16 -49.86
C TYR R 109 69.17 -36.52 -51.29
N ARG R 110 70.06 -37.48 -51.49
CA ARG R 110 70.46 -37.86 -52.84
C ARG R 110 69.43 -38.74 -53.54
N GLU R 111 68.41 -39.22 -52.83
CA GLU R 111 67.41 -40.09 -53.43
C GLU R 111 65.96 -39.78 -53.07
N VAL R 112 65.70 -38.98 -52.05
CA VAL R 112 64.33 -38.63 -51.71
C VAL R 112 63.81 -37.60 -52.71
N PHE R 113 62.62 -37.85 -53.25
CA PHE R 113 62.07 -36.98 -54.28
C PHE R 113 61.40 -35.77 -53.65
N GLU R 114 61.68 -34.60 -54.20
CA GLU R 114 61.02 -33.36 -53.81
C GLU R 114 60.55 -32.64 -55.06
N GLU R 115 59.44 -31.92 -54.92
CA GLU R 115 58.86 -31.17 -56.03
C GLU R 115 59.23 -29.70 -55.87
N PHE R 116 59.86 -29.13 -56.89
CA PHE R 116 60.31 -27.75 -56.87
C PHE R 116 59.29 -26.88 -57.59
N HIS R 117 58.78 -25.87 -56.89
CA HIS R 117 57.82 -24.93 -57.46
C HIS R 117 58.52 -23.61 -57.73
N PRO R 118 58.62 -23.18 -58.99
CA PRO R 118 59.33 -21.94 -59.29
C PRO R 118 58.53 -20.70 -58.89
N VAL R 119 59.26 -19.70 -58.41
CA VAL R 119 58.68 -18.42 -58.02
C VAL R 119 59.08 -17.39 -59.07
N ARG R 120 58.10 -16.87 -59.78
CA ARG R 120 58.35 -15.95 -60.88
C ARG R 120 57.13 -15.09 -61.17
N SER S 1 22.86 34.79 -86.87
CA SER S 1 23.27 36.13 -86.49
C SER S 1 24.46 36.09 -85.53
N PHE S 2 24.21 35.72 -84.28
CA PHE S 2 25.24 35.68 -83.26
C PHE S 2 25.28 34.29 -82.64
N PRO S 3 26.47 33.81 -82.27
CA PRO S 3 26.57 32.47 -81.67
C PRO S 3 26.00 32.47 -80.26
N LYS S 4 25.11 31.52 -79.99
CA LYS S 4 24.53 31.35 -78.67
C LYS S 4 25.47 30.51 -77.82
N TYR S 5 26.12 31.13 -76.84
CA TYR S 5 27.09 30.44 -76.01
C TYR S 5 26.33 29.57 -75.01
N GLU S 6 26.40 28.26 -75.21
CA GLU S 6 25.61 27.33 -74.42
C GLU S 6 26.17 27.21 -73.00
N PRO S 7 25.31 26.95 -72.02
CA PRO S 7 25.82 26.63 -70.68
C PRO S 7 26.48 25.26 -70.66
N SER S 8 27.51 25.13 -69.84
CA SER S 8 28.24 23.88 -69.71
C SER S 8 28.66 23.69 -68.26
N ARG S 9 29.00 22.43 -67.93
CA ARG S 9 29.52 22.13 -66.60
C ARG S 9 30.85 22.81 -66.36
N LEU S 10 31.70 22.87 -67.38
CA LEU S 10 33.01 23.51 -67.28
C LEU S 10 33.02 24.93 -67.82
N ALA S 11 31.88 25.43 -68.31
CA ALA S 11 31.78 26.79 -68.83
C ALA S 11 30.43 27.37 -68.40
N SER S 12 30.43 28.06 -67.27
CA SER S 12 29.20 28.66 -66.77
C SER S 12 28.85 29.90 -67.57
N LEU S 13 27.59 30.34 -67.43
CA LEU S 13 27.18 31.59 -68.03
C LEU S 13 27.86 32.76 -67.32
N PRO S 14 28.15 33.85 -68.03
CA PRO S 14 28.75 35.01 -67.36
C PRO S 14 27.75 35.73 -66.48
N THR S 15 28.29 36.58 -65.60
CA THR S 15 27.44 37.38 -64.72
C THR S 15 26.70 38.48 -65.48
N THR S 16 27.13 38.79 -66.71
CA THR S 16 26.56 39.87 -67.49
C THR S 16 25.54 39.40 -68.53
N LEU S 17 25.74 38.23 -69.12
CA LEU S 17 24.80 37.69 -70.11
C LEU S 17 23.60 37.00 -69.48
N ASP S 18 23.58 36.85 -68.17
CA ASP S 18 22.48 36.18 -67.49
C ASP S 18 21.27 37.11 -67.41
N PRO S 19 20.11 36.70 -67.90
CA PRO S 19 18.91 37.56 -67.79
C PRO S 19 18.46 37.81 -66.35
N ALA S 20 18.90 36.99 -65.38
CA ALA S 20 18.47 37.13 -64.00
C ALA S 20 18.90 38.45 -63.36
N GLU S 21 19.95 39.08 -63.89
CA GLU S 21 20.35 40.39 -63.40
C GLU S 21 19.32 41.46 -63.75
N TYR S 22 18.65 41.31 -64.88
CA TYR S 22 17.90 42.40 -65.50
C TYR S 22 16.39 42.26 -65.33
N ASP S 23 15.95 41.59 -64.27
CA ASP S 23 14.54 41.54 -63.93
C ASP S 23 14.29 42.53 -62.79
N ILE S 24 13.13 43.17 -62.82
CA ILE S 24 12.90 44.33 -61.96
C ILE S 24 11.79 44.04 -60.96
N SER S 25 11.66 42.79 -60.55
CA SER S 25 10.73 42.44 -59.50
C SER S 25 11.27 42.90 -58.14
N SER S 26 10.34 43.11 -57.19
CA SER S 26 10.70 43.71 -55.91
C SER S 26 11.42 42.74 -54.99
N GLU S 27 11.07 41.45 -55.04
CA GLU S 27 11.71 40.49 -54.15
C GLU S 27 13.18 40.28 -54.52
N THR S 28 13.60 40.65 -55.73
CA THR S 28 15.01 40.61 -56.07
C THR S 28 15.82 41.59 -55.23
N ARG S 29 15.38 42.86 -55.17
CA ARG S 29 16.10 43.81 -54.34
C ARG S 29 15.89 43.53 -52.85
N LYS S 30 14.75 42.95 -52.47
CA LYS S 30 14.57 42.60 -51.06
C LYS S 30 15.54 41.48 -50.64
N ALA S 31 15.70 40.47 -51.50
CA ALA S 31 16.66 39.40 -51.22
C ALA S 31 18.09 39.93 -51.24
N GLN S 32 18.41 40.82 -52.18
CA GLN S 32 19.74 41.41 -52.22
C GLN S 32 20.03 42.24 -50.98
N ALA S 33 19.02 42.98 -50.50
CA ALA S 33 19.18 43.77 -49.28
C ALA S 33 19.38 42.88 -48.06
N GLU S 34 18.64 41.76 -47.97
CA GLU S 34 18.83 40.90 -46.80
C GLU S 34 20.16 40.14 -46.88
N ARG S 35 20.62 39.79 -48.08
CA ARG S 35 21.97 39.23 -48.22
C ARG S 35 23.03 40.24 -47.81
N LEU S 36 22.86 41.51 -48.21
CA LEU S 36 23.80 42.55 -47.82
C LEU S 36 23.78 42.77 -46.31
N ALA S 37 22.61 42.66 -45.68
CA ALA S 37 22.52 42.79 -44.23
C ALA S 37 23.26 41.65 -43.53
N ILE S 38 23.09 40.41 -44.02
CA ILE S 38 23.80 39.27 -43.43
C ILE S 38 25.30 39.44 -43.59
N ARG S 39 25.73 39.84 -44.79
CA ARG S 39 27.15 40.04 -45.06
C ARG S 39 27.72 41.18 -44.22
N SER S 40 26.93 42.24 -44.01
CA SER S 40 27.38 43.35 -43.17
C SER S 40 27.52 42.94 -41.72
N ARG S 41 26.60 42.11 -41.22
CA ARG S 41 26.71 41.60 -39.85
C ARG S 41 27.96 40.75 -39.69
N LEU S 42 28.21 39.85 -40.65
CA LEU S 42 29.38 38.98 -40.57
C LEU S 42 30.69 39.78 -40.68
N LYS S 43 30.72 40.76 -41.58
CA LYS S 43 31.91 41.59 -41.76
C LYS S 43 32.16 42.46 -40.53
N ARG S 44 31.10 43.00 -39.93
CA ARG S 44 31.23 43.79 -38.71
C ARG S 44 31.77 42.95 -37.56
N GLU S 45 31.26 41.72 -37.42
CA GLU S 45 31.75 40.82 -36.37
C GLU S 45 33.21 40.47 -36.60
N TYR S 46 33.60 40.20 -37.86
CA TYR S 46 34.99 39.86 -38.17
C TYR S 46 35.91 41.05 -37.88
N GLN S 47 35.48 42.26 -38.23
CA GLN S 47 36.34 43.41 -38.00
C GLN S 47 36.46 43.75 -36.52
N LEU S 48 35.40 43.56 -35.74
CA LEU S 48 35.50 43.79 -34.31
C LEU S 48 36.35 42.72 -33.62
N GLN S 49 36.25 41.47 -34.06
CA GLN S 49 37.07 40.43 -33.46
C GLN S 49 38.47 40.35 -34.04
N TYR S 50 38.75 41.09 -35.11
CA TYR S 50 40.01 40.97 -35.85
C TYR S 50 40.95 42.15 -35.64
N ASN S 51 40.42 43.33 -35.30
CA ASN S 51 41.23 44.50 -35.04
C ASN S 51 41.56 44.69 -33.57
N ASP S 52 41.24 43.71 -32.73
CA ASP S 52 41.44 43.82 -31.28
C ASP S 52 42.92 43.75 -30.94
N PRO S 53 43.48 44.75 -30.24
CA PRO S 53 44.87 44.62 -29.78
C PRO S 53 45.06 43.55 -28.73
N SER S 54 44.05 43.26 -27.92
CA SER S 54 44.21 42.29 -26.84
C SER S 54 44.24 40.85 -27.35
N ARG S 55 43.50 40.55 -28.41
CA ARG S 55 43.39 39.19 -28.89
C ARG S 55 44.67 38.76 -29.61
N ARG S 56 45.20 37.61 -29.20
CA ARG S 56 46.35 36.98 -29.85
C ARG S 56 45.99 35.51 -30.08
N GLY S 57 45.39 35.23 -31.23
CA GLY S 57 44.97 33.88 -31.53
C GLY S 57 44.19 33.83 -32.82
N VAL S 58 43.81 32.60 -33.19
CA VAL S 58 43.07 32.37 -34.42
C VAL S 58 41.62 32.77 -34.23
N VAL S 59 41.10 33.57 -35.16
CA VAL S 59 39.68 33.89 -35.17
C VAL S 59 38.93 32.63 -35.60
N GLU S 60 38.28 31.97 -34.63
CA GLU S 60 37.65 30.68 -34.89
C GLU S 60 36.39 30.84 -35.72
N ASP S 61 36.52 30.63 -37.03
CA ASP S 61 35.37 30.66 -37.93
C ASP S 61 34.54 29.40 -37.69
N PRO S 62 33.26 29.53 -37.33
CA PRO S 62 32.40 28.33 -37.24
C PRO S 62 32.16 27.66 -38.58
N ALA S 63 32.27 28.39 -39.69
CA ALA S 63 32.02 27.80 -41.00
C ALA S 63 33.10 26.79 -41.38
N LEU S 64 34.36 27.05 -41.04
CA LEU S 64 35.44 26.13 -41.38
C LEU S 64 35.29 24.80 -40.66
N ILE S 65 35.10 24.85 -39.34
CA ILE S 65 34.92 23.62 -38.56
C ILE S 65 33.61 22.93 -38.94
N ARG S 66 32.58 23.72 -39.27
CA ARG S 66 31.32 23.13 -39.73
C ARG S 66 31.50 22.35 -41.03
N TRP S 67 32.24 22.92 -41.99
CA TRP S 67 32.49 22.23 -43.25
C TRP S 67 33.36 21.00 -43.05
N THR S 68 34.40 21.09 -42.22
CA THR S 68 35.26 19.95 -42.00
C THR S 68 34.55 18.83 -41.23
N CYS S 69 33.59 19.19 -40.38
CA CYS S 69 32.78 18.16 -39.72
C CYS S 69 31.77 17.55 -40.68
N ALA S 70 31.21 18.36 -41.58
CA ALA S 70 30.25 17.84 -42.55
C ALA S 70 30.91 17.03 -43.66
N ARG S 71 32.22 17.19 -43.86
CA ARG S 71 32.89 16.47 -44.93
C ARG S 71 33.09 14.99 -44.60
N SER S 72 33.45 14.69 -43.34
CA SER S 72 33.79 13.32 -42.96
C SER S 72 32.83 12.74 -41.93
N ALA S 73 32.65 13.41 -40.78
CA ALA S 73 31.93 12.81 -39.66
C ALA S 73 30.43 12.74 -39.87
N ASN S 74 29.88 13.45 -40.85
CA ASN S 74 28.45 13.50 -41.08
C ASN S 74 28.08 12.87 -42.43
N VAL S 75 28.67 11.71 -42.72
CA VAL S 75 28.34 10.93 -43.90
C VAL S 75 27.56 9.67 -43.53
N TYR S 76 28.10 8.86 -42.61
CA TYR S 76 27.40 7.67 -42.15
C TYR S 76 26.11 7.95 -41.37
N PRO S 77 26.05 8.88 -40.39
CA PRO S 77 24.79 9.02 -39.62
C PRO S 77 23.58 9.46 -40.41
N ASN S 78 23.75 10.07 -41.58
CA ASN S 78 22.65 10.43 -42.47
C ASN S 78 22.71 9.63 -43.76
N PHE S 79 23.15 8.38 -43.68
CA PHE S 79 23.20 7.47 -44.81
C PHE S 79 22.14 6.39 -44.62
N ARG S 80 21.40 6.12 -45.68
CA ARG S 80 20.40 5.04 -45.70
C ARG S 80 20.65 4.19 -46.93
N PRO S 81 20.91 2.89 -46.78
CA PRO S 81 21.21 2.05 -47.96
C PRO S 81 19.99 1.79 -48.82
N ASN S 82 19.93 2.42 -49.98
CA ASN S 82 18.86 2.24 -50.95
C ASN S 82 19.47 1.68 -52.24
N THR S 83 18.63 1.62 -53.28
CA THR S 83 19.05 1.02 -54.55
C THR S 83 20.19 1.81 -55.20
N LYS S 84 20.12 3.14 -55.15
CA LYS S 84 21.13 3.98 -55.80
C LYS S 84 22.48 3.86 -55.11
N THR S 85 22.51 3.99 -53.78
CA THR S 85 23.78 3.96 -53.06
C THR S 85 24.41 2.57 -53.11
N SER S 86 23.61 1.52 -52.93
CA SER S 86 24.15 0.16 -53.01
C SER S 86 24.62 -0.19 -54.41
N LEU S 87 23.87 0.27 -55.43
CA LEU S 87 24.27 0.02 -56.81
C LEU S 87 25.57 0.74 -57.14
N LEU S 88 25.71 1.99 -56.71
CA LEU S 88 26.95 2.73 -56.96
C LEU S 88 28.13 2.13 -56.21
N GLY S 89 27.90 1.69 -54.96
CA GLY S 89 28.97 1.06 -54.21
C GLY S 89 29.42 -0.25 -54.80
N ALA S 90 28.46 -1.07 -55.27
CA ALA S 90 28.82 -2.33 -55.92
C ALA S 90 29.48 -2.09 -57.27
N LEU S 91 29.09 -1.01 -57.97
CA LEU S 91 29.69 -0.73 -59.27
C LEU S 91 31.12 -0.24 -59.12
N PHE S 92 31.39 0.61 -58.14
CA PHE S 92 32.72 1.20 -57.97
C PHE S 92 33.57 0.48 -56.94
N GLY S 93 33.08 -0.60 -56.35
CA GLY S 93 33.85 -1.30 -55.34
C GLY S 93 34.41 -2.65 -55.76
N ILE S 94 33.62 -3.42 -56.51
CA ILE S 94 34.04 -4.75 -56.93
C ILE S 94 34.25 -4.87 -58.43
N GLY S 95 33.88 -3.85 -59.21
CA GLY S 95 34.06 -3.85 -60.64
C GLY S 95 35.50 -3.82 -61.09
N PRO S 96 36.23 -2.74 -60.78
CA PRO S 96 37.65 -2.67 -61.16
C PRO S 96 38.51 -3.78 -60.56
N LEU S 97 38.17 -4.26 -59.36
CA LEU S 97 38.89 -5.38 -58.78
C LEU S 97 38.75 -6.63 -59.64
N ILE S 98 37.53 -6.92 -60.09
CA ILE S 98 37.28 -8.08 -60.94
C ILE S 98 37.96 -7.91 -62.29
N PHE S 99 37.92 -6.69 -62.85
CA PHE S 99 38.54 -6.42 -64.14
C PHE S 99 40.06 -6.63 -64.09
N TRP S 100 40.71 -6.06 -63.06
CA TRP S 100 42.15 -6.23 -62.92
C TRP S 100 42.52 -7.68 -62.58
N TYR S 101 41.69 -8.36 -61.79
CA TYR S 101 41.92 -9.75 -61.46
C TYR S 101 41.91 -10.60 -62.73
N TYR S 102 40.93 -10.39 -63.60
CA TYR S 102 40.84 -11.20 -64.81
C TYR S 102 41.95 -10.88 -65.79
N VAL S 103 42.31 -9.60 -65.92
CA VAL S 103 43.39 -9.21 -66.84
C VAL S 103 44.72 -9.80 -66.38
N PHE S 104 45.04 -9.63 -65.10
CA PHE S 104 46.29 -10.16 -64.57
C PHE S 104 46.29 -11.68 -64.56
N LYS S 105 45.13 -12.29 -64.35
CA LYS S 105 45.02 -13.75 -64.40
C LYS S 105 45.37 -14.27 -65.78
N THR S 106 44.69 -13.80 -66.82
CA THR S 106 44.93 -14.33 -68.17
C THR S 106 46.34 -13.97 -68.65
N ASP S 107 46.89 -12.84 -68.19
CA ASP S 107 48.30 -12.56 -68.46
C ASP S 107 49.20 -13.59 -67.80
N ARG S 108 48.86 -14.02 -66.58
CA ARG S 108 49.66 -15.02 -65.89
C ARG S 108 49.61 -16.38 -66.59
N ASP S 109 48.41 -16.81 -67.03
CA ASP S 109 48.37 -18.09 -67.75
C ASP S 109 49.09 -18.01 -69.09
N ARG S 110 48.98 -16.88 -69.80
CA ARG S 110 49.70 -16.76 -71.06
C ARG S 110 51.21 -16.79 -70.85
N LYS S 111 51.71 -16.06 -69.84
CA LYS S 111 53.13 -16.04 -69.57
C LYS S 111 53.63 -17.41 -69.11
N GLU S 112 52.85 -18.10 -68.27
CA GLU S 112 53.27 -19.41 -67.79
C GLU S 112 53.29 -20.44 -68.91
N LYS S 113 52.25 -20.46 -69.76
CA LYS S 113 52.23 -21.41 -70.86
C LYS S 113 53.26 -21.06 -71.93
N LEU S 114 53.70 -19.80 -71.99
CA LEU S 114 54.82 -19.47 -72.86
C LEU S 114 56.15 -19.93 -72.26
N ILE S 115 56.29 -19.88 -70.94
CA ILE S 115 57.61 -20.13 -70.36
C ILE S 115 57.84 -21.62 -70.10
N GLN S 116 56.78 -22.42 -69.89
CA GLN S 116 57.01 -23.86 -69.71
C GLN S 116 57.38 -24.54 -71.02
N GLU S 117 56.93 -24.01 -72.16
CA GLU S 117 57.24 -24.59 -73.45
C GLU S 117 58.51 -24.02 -74.07
N GLY S 118 59.21 -23.13 -73.38
CA GLY S 118 60.46 -22.59 -73.85
C GLY S 118 60.35 -21.49 -74.89
N LYS S 119 59.13 -21.06 -75.23
CA LYS S 119 58.97 -20.03 -76.24
C LYS S 119 59.35 -18.64 -75.74
N LEU S 120 59.26 -18.40 -74.44
CA LEU S 120 59.63 -17.10 -73.89
C LEU S 120 61.15 -16.97 -73.86
N ASP S 121 61.66 -15.88 -74.43
CA ASP S 121 63.09 -15.63 -74.49
C ASP S 121 63.59 -15.20 -73.12
N ARG S 122 64.31 -16.08 -72.44
CA ARG S 122 64.91 -15.81 -71.14
C ARG S 122 66.40 -16.09 -71.18
N THR S 123 67.06 -15.57 -72.22
CA THR S 123 68.48 -15.84 -72.43
C THR S 123 69.34 -15.16 -71.36
N PHE S 124 69.07 -13.89 -71.08
CA PHE S 124 69.90 -13.10 -70.17
C PHE S 124 69.20 -12.76 -68.86
N ASN S 125 68.00 -13.28 -68.62
CA ASN S 125 67.20 -12.93 -67.45
C ASN S 125 67.70 -13.82 -66.33
N ILE S 126 68.66 -13.30 -65.55
CA ILE S 126 69.13 -13.99 -64.36
C ILE S 126 68.89 -13.20 -63.08
N SER S 127 68.47 -11.94 -63.17
CA SER S 127 68.05 -11.16 -62.01
C SER S 127 66.53 -11.10 -61.99
N TYR S 128 65.93 -11.48 -60.86
CA TYR S 128 64.49 -11.62 -60.77
C TYR S 128 63.96 -11.04 -59.45
N VAL T 1 -45.19 -9.31 75.21
CA VAL T 1 -45.13 -9.33 73.75
C VAL T 1 -44.22 -10.46 73.28
N LYS T 2 -44.39 -10.86 72.03
CA LYS T 2 -43.56 -11.88 71.41
C LYS T 2 -43.01 -11.35 70.10
N GLN T 3 -41.71 -11.51 69.89
CA GLN T 3 -41.05 -11.01 68.70
C GLN T 3 -39.77 -11.80 68.48
N ASP T 4 -39.23 -11.70 67.28
CA ASP T 4 -37.98 -12.38 66.94
C ASP T 4 -36.82 -11.69 67.66
N MET T 5 -36.24 -12.38 68.63
CA MET T 5 -35.24 -11.83 69.53
C MET T 5 -34.17 -12.90 69.72
N PRO T 6 -32.90 -12.52 69.83
CA PRO T 6 -31.87 -13.47 70.24
C PRO T 6 -32.08 -13.90 71.68
N PRO T 7 -31.59 -15.08 72.07
CA PRO T 7 -31.86 -15.59 73.42
C PRO T 7 -31.17 -14.76 74.50
N VAL T 8 -31.43 -15.16 75.75
CA VAL T 8 -30.95 -14.40 76.90
C VAL T 8 -29.44 -14.40 76.96
N GLY T 9 -28.81 -15.55 76.73
CA GLY T 9 -27.37 -15.63 76.71
C GLY T 9 -26.72 -15.23 75.40
N GLY T 10 -27.52 -14.91 74.37
CA GLY T 10 -26.98 -14.58 73.07
C GLY T 10 -26.61 -15.81 72.26
N TYR T 11 -26.12 -15.55 71.07
CA TYR T 11 -25.67 -16.63 70.19
C TYR T 11 -24.20 -16.94 70.43
N GLY T 12 -23.80 -18.15 70.04
CA GLY T 12 -22.46 -18.62 70.29
C GLY T 12 -21.45 -18.02 69.33
N PRO T 13 -20.18 -18.17 69.68
CA PRO T 13 -19.10 -17.77 68.77
C PRO T 13 -19.21 -18.46 67.41
N ILE T 14 -18.87 -17.70 66.37
CA ILE T 14 -18.88 -18.18 65.00
C ILE T 14 -17.48 -18.00 64.43
N ASP T 15 -16.92 -19.06 63.86
CA ASP T 15 -15.60 -18.98 63.25
C ASP T 15 -15.66 -18.17 61.96
N TYR T 16 -14.70 -17.26 61.78
CA TYR T 16 -14.67 -16.43 60.59
C TYR T 16 -13.27 -16.22 60.04
N LYS T 17 -12.26 -16.90 60.56
CA LYS T 17 -10.90 -16.80 60.07
C LYS T 17 -10.54 -18.05 59.28
N ARG T 18 -9.51 -17.92 58.44
CA ARG T 18 -9.10 -19.01 57.58
C ARG T 18 -8.41 -20.10 58.39
N ASN T 19 -8.68 -21.35 58.02
CA ASN T 19 -8.12 -22.52 58.72
C ASN T 19 -7.62 -23.52 57.67
N LEU T 20 -6.36 -23.36 57.27
CA LEU T 20 -5.80 -24.41 56.43
C LEU T 20 -5.07 -25.43 57.31
N PRO T 21 -5.22 -26.73 57.00
CA PRO T 21 -4.67 -27.76 57.90
C PRO T 21 -3.16 -27.76 57.99
N ARG T 22 -2.53 -27.88 56.83
CA ARG T 22 -1.08 -28.00 56.55
C ARG T 22 -0.56 -29.42 56.79
N ARG T 23 -0.56 -30.23 55.73
CA ARG T 23 -0.52 -31.68 55.85
C ARG T 23 0.36 -32.34 54.78
N GLY T 24 0.74 -33.59 55.02
CA GLY T 24 1.56 -34.36 54.10
C GLY T 24 2.94 -34.59 54.68
N LEU T 25 3.81 -35.33 53.97
CA LEU T 25 5.14 -35.52 54.51
C LEU T 25 6.04 -34.32 54.16
N SER T 26 7.24 -34.32 54.73
CA SER T 26 8.26 -33.38 54.28
C SER T 26 8.83 -33.85 52.95
N GLY T 27 9.35 -32.90 52.17
CA GLY T 27 9.78 -33.20 50.81
C GLY T 27 10.92 -34.21 50.75
N TYR T 28 11.77 -34.23 51.79
CA TYR T 28 12.80 -35.26 51.90
C TYR T 28 12.19 -36.65 51.94
N SER T 29 11.02 -36.80 52.57
CA SER T 29 10.40 -38.11 52.69
C SER T 29 9.91 -38.63 51.35
N MET T 30 9.21 -37.79 50.56
CA MET T 30 8.78 -38.27 49.25
C MET T 30 9.95 -38.44 48.30
N PHE T 31 10.99 -37.62 48.42
CA PHE T 31 12.18 -37.82 47.60
C PHE T 31 12.86 -39.16 47.91
N ALA T 32 12.96 -39.50 49.20
CA ALA T 32 13.53 -40.77 49.60
C ALA T 32 12.67 -41.95 49.15
N VAL T 33 11.34 -41.79 49.23
CA VAL T 33 10.43 -42.85 48.80
C VAL T 33 10.57 -43.09 47.29
N GLY T 34 10.61 -42.00 46.52
CA GLY T 34 10.78 -42.14 45.07
C GLY T 34 12.12 -42.73 44.69
N ILE T 35 13.19 -42.33 45.38
CA ILE T 35 14.52 -42.88 45.09
C ILE T 35 14.58 -44.37 45.45
N GLY T 36 13.98 -44.76 46.58
CA GLY T 36 13.96 -46.16 46.94
C GLY T 36 13.13 -47.01 45.99
N ALA T 37 12.01 -46.48 45.52
CA ALA T 37 11.21 -47.18 44.52
C ALA T 37 11.98 -47.32 43.21
N LEU T 38 12.72 -46.28 42.83
CA LEU T 38 13.56 -46.33 41.64
C LEU T 38 14.62 -47.41 41.76
N LEU T 39 15.28 -47.50 42.93
CA LEU T 39 16.32 -48.49 43.12
C LEU T 39 15.75 -49.92 43.13
N PHE T 40 14.59 -50.10 43.77
CA PHE T 40 13.96 -51.42 43.78
C PHE T 40 13.55 -51.86 42.38
N GLY T 41 12.96 -50.94 41.60
CA GLY T 41 12.60 -51.27 40.23
C GLY T 41 13.81 -51.57 39.37
N TYR T 42 14.90 -50.81 39.57
CA TYR T 42 16.13 -51.05 38.84
C TYR T 42 16.70 -52.43 39.13
N TRP T 43 16.71 -52.83 40.41
CA TRP T 43 17.23 -54.13 40.79
C TRP T 43 16.38 -55.27 40.22
N SER T 44 15.05 -55.15 40.32
CA SER T 44 14.18 -56.21 39.80
C SER T 44 14.29 -56.32 38.28
N MET T 45 14.34 -55.18 37.58
CA MET T 45 14.48 -55.20 36.14
C MET T 45 15.82 -55.78 35.72
N MET T 46 16.87 -55.49 36.48
CA MET T 46 18.21 -56.05 36.24
C MET T 46 18.18 -57.58 36.31
N ARG T 47 17.59 -58.12 37.40
CA ARG T 47 17.54 -59.56 37.57
C ARG T 47 16.71 -60.23 36.46
N TRP T 48 15.54 -59.66 36.15
CA TRP T 48 14.69 -60.30 35.16
C TRP T 48 15.25 -60.17 33.75
N ASN T 49 15.96 -59.07 33.45
CA ASN T 49 16.57 -58.94 32.13
C ASN T 49 17.74 -59.91 31.96
N ARG T 50 18.52 -60.13 33.02
CA ARG T 50 19.56 -61.15 32.94
C ARG T 50 18.99 -62.54 32.72
N GLU T 51 17.89 -62.87 33.44
CA GLU T 51 17.25 -64.16 33.22
C GLU T 51 16.68 -64.29 31.81
N ARG T 52 16.12 -63.19 31.28
CA ARG T 52 15.61 -63.21 29.92
C ARG T 52 16.71 -63.40 28.89
N ARG T 53 17.88 -62.80 29.13
CA ARG T 53 19.02 -63.01 28.24
C ARG T 53 19.47 -64.46 28.26
N ARG T 54 19.48 -65.08 29.46
CA ARG T 54 19.83 -66.50 29.54
C ARG T 54 18.85 -67.37 28.77
N LEU T 55 17.55 -67.09 28.90
CA LEU T 55 16.54 -67.87 28.18
C LEU T 55 16.65 -67.66 26.67
N GLN T 56 16.95 -66.45 26.23
CA GLN T 56 17.13 -66.18 24.81
C GLN T 56 18.34 -66.92 24.26
N ILE T 57 19.43 -66.97 25.04
CA ILE T 57 20.62 -67.72 24.63
C ILE T 57 20.29 -69.21 24.50
N GLU T 58 19.52 -69.74 25.44
CA GLU T 58 19.10 -71.14 25.38
C GLU T 58 18.28 -71.44 24.13
N ASP T 59 17.33 -70.55 23.82
CA ASP T 59 16.49 -70.73 22.63
C ASP T 59 17.32 -70.64 21.35
N PHE T 60 18.26 -69.70 21.31
CA PHE T 60 19.12 -69.54 20.13
C PHE T 60 20.01 -70.77 19.93
N GLU T 61 20.54 -71.34 21.01
CA GLU T 61 21.37 -72.53 20.84
C GLU T 61 20.53 -73.74 20.45
N ALA T 62 19.27 -73.80 20.87
CA ALA T 62 18.37 -74.84 20.38
C ALA T 62 18.13 -74.68 18.87
N ARG T 63 17.95 -73.44 18.42
CA ARG T 63 17.79 -73.15 17.00
C ARG T 63 19.04 -73.56 16.20
N ILE T 64 20.21 -73.27 16.75
CA ILE T 64 21.47 -73.61 16.09
C ILE T 64 21.64 -75.13 16.00
N ALA T 65 21.24 -75.85 17.05
CA ALA T 65 21.26 -77.31 16.98
C ALA T 65 20.27 -77.84 15.95
N LEU T 66 19.12 -77.18 15.80
CA LEU T 66 18.09 -77.67 14.88
C LEU T 66 18.37 -77.33 13.42
N MET T 67 19.24 -76.35 13.15
CA MET T 67 19.46 -75.86 11.78
C MET T 67 19.81 -76.90 10.71
N PRO T 68 20.76 -77.84 10.89
CA PRO T 68 21.23 -78.63 9.72
C PRO T 68 20.18 -79.50 9.04
N LEU T 69 19.24 -80.07 9.80
CA LEU T 69 18.18 -80.88 9.20
C LEU T 69 17.27 -80.01 8.32
N LEU T 70 16.92 -78.81 8.82
CA LEU T 70 16.11 -77.89 8.04
C LEU T 70 16.86 -77.41 6.80
N GLN T 71 18.19 -77.23 6.92
CA GLN T 71 18.99 -76.84 5.76
C GLN T 71 18.98 -77.93 4.70
N ALA T 72 19.15 -79.20 5.11
CA ALA T 72 19.12 -80.31 4.16
C ALA T 72 17.77 -80.41 3.48
N GLU T 73 16.69 -80.21 4.25
CA GLU T 73 15.34 -80.21 3.68
C GLU T 73 15.17 -79.09 2.67
N LYS T 74 15.69 -77.89 2.98
CA LYS T 74 15.54 -76.75 2.08
C LYS T 74 16.28 -76.98 0.76
N ASP T 75 17.52 -77.46 0.81
CA ASP T 75 18.25 -77.73 -0.42
C ASP T 75 17.60 -78.84 -1.24
N ARG T 76 17.14 -79.92 -0.59
CA ARG T 76 16.49 -80.99 -1.34
C ARG T 76 15.18 -80.51 -1.97
N ARG T 77 14.41 -79.69 -1.27
CA ARG T 77 13.17 -79.15 -1.84
C ARG T 77 13.43 -78.19 -2.99
N VAL T 78 14.47 -77.36 -2.87
CA VAL T 78 14.79 -76.41 -3.94
C VAL T 78 15.22 -77.15 -5.19
N LEU T 79 16.07 -78.17 -5.03
CA LEU T 79 16.48 -78.98 -6.18
C LEU T 79 15.31 -79.75 -6.79
N GLN T 80 14.40 -80.26 -5.95
CA GLN T 80 13.23 -80.95 -6.45
C GLN T 80 12.31 -80.03 -7.25
N MET T 81 12.09 -78.81 -6.74
CA MET T 81 11.22 -77.86 -7.44
C MET T 81 11.85 -77.40 -8.76
N LEU T 82 13.17 -77.18 -8.77
CA LEU T 82 13.83 -76.79 -10.01
C LEU T 82 13.81 -77.92 -11.03
N ARG T 83 13.98 -79.17 -10.58
CA ARG T 83 13.88 -80.31 -11.47
C ARG T 83 12.46 -80.47 -12.02
N GLU T 84 11.45 -80.22 -11.19
CA GLU T 84 10.06 -80.29 -11.64
C GLU T 84 9.77 -79.21 -12.67
N ASN T 85 10.32 -78.01 -12.48
CA ASN T 85 10.11 -76.94 -13.43
C ASN T 85 10.85 -77.19 -14.74
N LEU T 86 12.04 -77.82 -14.66
CA LEU T 86 12.80 -78.09 -15.87
C LEU T 86 12.19 -79.23 -16.67
N GLU T 87 11.69 -80.27 -15.99
CA GLU T 87 11.18 -81.44 -16.69
C GLU T 87 9.84 -81.21 -17.37
N GLU T 88 9.12 -80.14 -17.00
CA GLU T 88 7.89 -79.78 -17.70
C GLU T 88 8.10 -78.68 -18.73
N GLU T 89 9.26 -78.03 -18.73
CA GLU T 89 9.60 -77.07 -19.77
C GLU T 89 9.81 -77.75 -21.12
N ALA T 90 10.18 -79.04 -21.12
CA ALA T 90 10.43 -79.74 -22.38
C ALA T 90 9.14 -80.07 -23.11
N THR T 91 8.09 -80.46 -22.38
CA THR T 91 6.87 -80.92 -23.01
C THR T 91 5.96 -79.80 -23.50
N ILE T 92 6.29 -78.55 -23.19
CA ILE T 92 5.47 -77.41 -23.60
C ILE T 92 6.10 -76.68 -24.78
N MET T 93 7.42 -76.58 -24.82
CA MET T 93 8.13 -75.81 -25.84
C MET T 93 8.92 -76.78 -26.72
N LYS T 94 8.25 -77.30 -27.74
CA LYS T 94 8.87 -78.17 -28.74
C LYS T 94 8.76 -77.60 -30.14
N ASP T 95 7.58 -77.14 -30.53
CA ASP T 95 7.34 -76.64 -31.88
C ASP T 95 7.92 -75.26 -32.12
N VAL T 96 8.35 -74.56 -31.08
CA VAL T 96 8.96 -73.23 -31.24
C VAL T 96 10.33 -73.41 -31.89
N PRO T 97 10.78 -72.45 -32.70
CA PRO T 97 12.08 -72.59 -33.34
C PRO T 97 13.20 -71.90 -32.59
N GLY T 98 14.38 -72.54 -32.63
CA GLY T 98 15.59 -71.95 -32.10
C GLY T 98 15.63 -71.76 -30.61
N TRP T 99 15.06 -72.68 -29.84
CA TRP T 99 15.09 -72.60 -28.38
C TRP T 99 15.76 -73.84 -27.81
N LYS T 100 16.68 -73.62 -26.88
CA LYS T 100 17.32 -74.71 -26.13
C LYS T 100 16.69 -74.77 -24.75
N VAL T 101 16.17 -75.94 -24.39
CA VAL T 101 15.45 -76.07 -23.12
C VAL T 101 16.43 -76.04 -21.96
N GLY T 102 15.97 -75.52 -20.82
CA GLY T 102 16.79 -75.46 -19.62
C GLY T 102 17.96 -74.52 -19.67
N GLU T 103 18.00 -73.61 -20.64
CA GLU T 103 19.16 -72.75 -20.82
C GLU T 103 19.25 -71.71 -19.71
N SER T 104 20.44 -71.57 -19.14
CA SER T 104 20.69 -70.56 -18.12
C SER T 104 21.03 -69.22 -18.76
N VAL T 105 20.83 -68.16 -17.98
CA VAL T 105 21.10 -66.80 -18.45
C VAL T 105 22.39 -66.25 -17.86
N PHE T 106 23.22 -67.09 -17.28
CA PHE T 106 24.47 -66.67 -16.66
C PHE T 106 25.65 -67.22 -17.46
N HIS T 107 26.72 -66.42 -17.54
CA HIS T 107 27.91 -66.84 -18.26
C HIS T 107 28.73 -67.88 -17.50
N THR T 108 28.53 -67.98 -16.19
CA THR T 108 29.26 -68.94 -15.37
C THR T 108 28.36 -70.10 -14.96
N THR T 109 29.00 -71.24 -14.67
CA THR T 109 28.30 -72.45 -14.27
C THR T 109 28.09 -72.54 -12.76
N ARG T 110 28.54 -71.54 -12.00
CA ARG T 110 28.40 -71.54 -10.55
C ARG T 110 26.93 -71.47 -10.14
N TRP T 111 26.60 -72.15 -9.05
CA TRP T 111 25.24 -72.14 -8.53
C TRP T 111 24.85 -70.76 -8.03
N VAL T 112 23.61 -70.38 -8.31
CA VAL T 112 23.04 -69.13 -7.81
C VAL T 112 21.80 -69.48 -7.02
N THR T 113 21.45 -68.58 -6.09
CA THR T 113 20.21 -68.75 -5.34
C THR T 113 19.05 -68.34 -6.23
N PRO T 114 18.13 -69.24 -6.56
CA PRO T 114 17.11 -68.92 -7.56
C PRO T 114 16.06 -67.95 -7.01
N MET T 115 15.65 -67.02 -7.87
CA MET T 115 14.56 -66.12 -7.53
C MET T 115 13.23 -66.87 -7.54
N MET T 116 12.23 -66.25 -6.94
CA MET T 116 10.97 -66.94 -6.64
C MET T 116 10.19 -67.26 -7.90
N GLY T 117 10.40 -66.49 -8.97
CA GLY T 117 9.72 -66.76 -10.22
C GLY T 117 10.15 -68.04 -10.91
N GLU T 118 11.40 -68.46 -10.69
CA GLU T 118 11.87 -69.71 -11.29
C GLU T 118 11.25 -70.94 -10.63
N LEU T 119 10.82 -70.84 -9.39
CA LEU T 119 10.28 -71.99 -8.66
C LEU T 119 8.78 -72.13 -8.85
N TYR T 120 8.02 -71.09 -8.47
CA TYR T 120 6.57 -71.12 -8.48
C TYR T 120 5.97 -70.38 -9.66
N GLY T 121 6.73 -70.20 -10.73
CA GLY T 121 6.22 -69.52 -11.91
C GLY T 121 5.31 -70.34 -12.78
N LEU T 122 5.10 -71.61 -12.44
CA LEU T 122 4.19 -72.48 -13.19
C LEU T 122 3.09 -73.08 -12.32
N ARG T 123 3.05 -72.75 -11.04
CA ARG T 123 2.05 -73.28 -10.12
C ARG T 123 0.89 -72.29 -9.99
N THR T 124 -0.10 -72.67 -9.18
CA THR T 124 -1.30 -71.88 -9.00
C THR T 124 -1.02 -70.65 -8.14
N GLY T 125 -1.93 -69.68 -8.25
CA GLY T 125 -1.76 -68.40 -7.56
C GLY T 125 -1.99 -68.45 -6.07
N GLU T 126 -2.75 -69.45 -5.58
CA GLU T 126 -2.99 -69.58 -4.16
C GLU T 126 -1.68 -69.85 -3.42
N GLU T 127 -0.83 -70.70 -3.99
CA GLU T 127 0.51 -70.90 -3.46
C GLU T 127 1.32 -69.62 -3.52
N ILE T 128 1.08 -68.77 -4.53
CA ILE T 128 1.82 -67.52 -4.65
C ILE T 128 1.48 -66.58 -3.50
N LEU T 129 0.19 -66.38 -3.22
CA LEU T 129 -0.09 -65.47 -2.10
C LEU T 129 0.07 -66.15 -0.74
N SER T 130 0.19 -67.48 -0.69
CA SER T 130 0.50 -68.13 0.57
C SER T 130 1.98 -68.27 0.84
N SER T 131 2.83 -68.08 -0.17
CA SER T 131 4.28 -68.24 -0.02
C SER T 131 5.05 -66.93 -0.13
N THR T 132 4.74 -66.09 -1.13
CA THR T 132 5.45 -64.83 -1.27
C THR T 132 5.06 -63.84 -0.20
N TYR T 133 3.78 -63.47 -0.16
CA TYR T 133 3.27 -62.52 0.83
C TYR T 133 2.78 -63.19 2.10
N GLY T 134 2.95 -64.51 2.22
CA GLY T 134 2.34 -65.23 3.33
C GLY T 134 2.88 -64.82 4.69
N PHE T 135 4.19 -64.60 4.79
CA PHE T 135 4.78 -64.19 6.06
C PHE T 135 4.35 -62.78 6.45
N ILE T 136 4.31 -61.86 5.48
CA ILE T 136 3.95 -60.48 5.78
C ILE T 136 2.46 -60.37 6.12
N TRP T 137 1.62 -61.12 5.41
CA TRP T 137 0.18 -61.03 5.59
C TRP T 137 -0.33 -61.87 6.75
N TYR T 138 0.54 -62.61 7.44
CA TYR T 138 0.14 -63.37 8.62
C TYR T 138 0.18 -62.44 9.84
N THR T 139 -0.84 -61.58 9.90
CA THR T 139 -1.03 -60.57 10.95
C THR T 139 0.20 -59.69 11.17
N SER U 1 28.40 57.42 -57.88
CA SER U 1 28.32 58.89 -57.92
C SER U 1 29.50 59.52 -57.19
N GLY U 2 29.24 60.64 -56.52
CA GLY U 2 30.27 61.37 -55.81
C GLY U 2 30.59 60.78 -54.46
N TYR U 3 31.01 61.64 -53.54
CA TYR U 3 31.39 61.24 -52.20
C TYR U 3 30.43 61.86 -51.19
N THR U 4 29.81 61.02 -50.37
CA THR U 4 29.13 61.50 -49.18
C THR U 4 30.18 62.11 -48.24
N PRO U 5 29.85 63.19 -47.53
CA PRO U 5 30.83 63.78 -46.60
C PRO U 5 31.34 62.82 -45.53
N ASP U 6 30.52 61.86 -45.09
CA ASP U 6 30.98 60.88 -44.11
C ASP U 6 32.12 60.02 -44.65
N GLU U 7 31.91 59.41 -45.82
CA GLU U 7 32.94 58.52 -46.37
C GLU U 7 34.15 59.32 -46.85
N LYS U 8 33.92 60.51 -47.40
CA LYS U 8 35.04 61.36 -47.82
C LYS U 8 35.90 61.77 -46.63
N LEU U 9 35.26 62.14 -45.51
CA LEU U 9 36.00 62.50 -44.31
C LEU U 9 36.73 61.29 -43.75
N ARG U 10 36.12 60.10 -43.83
CA ARG U 10 36.76 58.88 -43.35
C ARG U 10 38.02 58.56 -44.16
N LEU U 11 37.91 58.60 -45.50
CA LEU U 11 39.10 58.33 -46.32
C LEU U 11 40.13 59.43 -46.19
N GLN U 12 39.72 60.66 -45.91
CA GLN U 12 40.68 61.73 -45.65
C GLN U 12 41.49 61.44 -44.39
N GLN U 13 40.81 61.02 -43.32
CA GLN U 13 41.52 60.69 -42.07
C GLN U 13 42.40 59.46 -42.25
N LEU U 14 41.91 58.46 -42.99
CA LEU U 14 42.70 57.26 -43.24
C LEU U 14 43.94 57.57 -44.06
N ARG U 15 43.81 58.45 -45.06
CA ARG U 15 44.97 58.87 -45.84
C ARG U 15 45.94 59.68 -45.00
N GLU U 16 45.43 60.50 -44.07
CA GLU U 16 46.32 61.22 -43.15
C GLU U 16 47.12 60.26 -42.29
N LEU U 17 46.46 59.23 -41.75
CA LEU U 17 47.15 58.23 -40.96
C LEU U 17 48.16 57.44 -41.77
N ARG U 18 47.80 57.12 -43.03
CA ARG U 18 48.71 56.38 -43.91
C ARG U 18 49.95 57.21 -44.25
N ARG U 19 49.75 58.50 -44.56
CA ARG U 19 50.88 59.37 -44.84
C ARG U 19 51.76 59.55 -43.61
N ARG U 20 51.14 59.60 -42.42
CA ARG U 20 51.89 59.67 -41.18
C ARG U 20 52.77 58.43 -41.00
N TRP U 21 52.19 57.23 -41.16
CA TRP U 21 52.96 56.02 -40.95
C TRP U 21 54.08 55.87 -41.98
N LEU U 22 53.79 56.16 -43.25
CA LEU U 22 54.85 56.11 -44.26
C LEU U 22 55.91 57.19 -44.06
N LYS U 23 55.57 58.29 -43.38
CA LYS U 23 56.61 59.23 -42.97
C LYS U 23 57.47 58.65 -41.85
N ASP U 24 56.86 57.94 -40.89
CA ASP U 24 57.63 57.37 -39.79
C ASP U 24 58.34 56.06 -40.15
N GLN U 25 58.14 55.53 -41.36
CA GLN U 25 58.86 54.33 -41.76
C GLN U 25 60.33 54.58 -42.06
N GLU U 26 60.73 55.84 -42.24
CA GLU U 26 62.12 56.18 -42.50
C GLU U 26 62.97 55.94 -41.26
N LEU U 27 64.21 55.52 -41.49
CA LEU U 27 65.15 55.23 -40.41
C LEU U 27 66.11 56.39 -40.20
N SER U 28 66.51 56.57 -38.94
CA SER U 28 67.49 57.60 -38.60
C SER U 28 68.87 57.19 -39.11
N PRO U 29 69.78 58.16 -39.29
CA PRO U 29 71.13 57.82 -39.79
C PRO U 29 71.94 56.86 -38.94
N ARG U 30 71.71 56.81 -37.62
CA ARG U 30 72.54 55.95 -36.78
C ARG U 30 72.20 54.47 -36.93
N GLU U 31 70.92 54.11 -37.13
CA GLU U 31 70.62 52.72 -37.43
C GLU U 31 71.09 52.36 -38.83
N PRO U 32 71.53 51.10 -39.06
CA PRO U 32 71.69 50.00 -38.11
C PRO U 32 72.96 50.10 -37.26
N VAL U 33 72.87 49.63 -36.02
CA VAL U 33 74.00 49.64 -35.09
C VAL U 33 74.65 48.26 -35.19
N LEU U 34 75.60 48.13 -36.12
CA LEU U 34 76.29 46.86 -36.31
C LEU U 34 77.26 46.60 -35.16
N PRO U 35 77.36 45.36 -34.69
CA PRO U 35 78.38 45.01 -33.71
C PRO U 35 79.74 44.88 -34.38
N PRO U 36 80.80 45.28 -33.69
CA PRO U 36 82.14 45.18 -34.30
C PRO U 36 82.64 43.75 -34.34
N ARG U 37 83.62 43.52 -35.21
CA ARG U 37 84.26 42.21 -35.32
C ARG U 37 85.74 42.29 -34.95
N ARG U 65 96.20 38.30 -51.84
CA ARG U 65 94.75 38.09 -51.82
C ARG U 65 94.17 38.17 -53.24
N HIS U 66 94.97 38.71 -54.17
CA HIS U 66 94.52 38.80 -55.55
C HIS U 66 94.46 37.42 -56.20
N SER U 67 95.40 36.53 -55.85
CA SER U 67 95.47 35.19 -56.43
C SER U 67 95.12 34.11 -55.41
N ILE U 68 94.23 34.41 -54.47
CA ILE U 68 93.83 33.39 -53.50
C ILE U 68 92.77 32.47 -54.09
N PHE U 69 92.00 32.94 -55.07
CA PHE U 69 90.97 32.10 -55.68
C PHE U 69 91.59 31.04 -56.58
N ALA U 70 92.54 31.45 -57.42
CA ALA U 70 93.13 30.54 -58.39
C ALA U 70 94.04 29.49 -57.75
N PHE U 71 94.42 29.67 -56.49
CA PHE U 71 95.23 28.70 -55.77
C PHE U 71 94.40 27.77 -54.90
N THR U 72 93.49 28.32 -54.09
CA THR U 72 92.70 27.49 -53.19
C THR U 72 91.64 26.69 -53.94
N HIS U 73 90.92 27.34 -54.85
CA HIS U 73 89.78 26.70 -55.50
C HIS U 73 90.17 25.83 -56.69
N VAL U 74 91.40 25.94 -57.18
CA VAL U 74 91.85 25.18 -58.34
C VAL U 74 92.95 24.19 -57.96
N LEU U 75 94.07 24.67 -57.43
CA LEU U 75 95.27 23.84 -57.30
C LEU U 75 95.10 22.75 -56.25
N ILE U 76 94.48 23.07 -55.11
CA ILE U 76 94.21 22.05 -54.10
C ILE U 76 93.25 20.97 -54.59
N PRO U 77 92.14 21.29 -55.30
CA PRO U 77 91.39 20.21 -55.95
C PRO U 77 92.20 19.40 -56.95
N VAL U 78 93.10 20.00 -57.73
CA VAL U 78 93.91 19.22 -58.66
C VAL U 78 94.81 18.24 -57.91
N TRP U 79 95.48 18.72 -56.85
CA TRP U 79 96.37 17.84 -56.09
C TRP U 79 95.59 16.72 -55.41
N ILE U 80 94.44 17.04 -54.82
CA ILE U 80 93.66 16.04 -54.10
C ILE U 80 93.11 15.00 -55.07
N ILE U 81 92.51 15.43 -56.18
CA ILE U 81 91.91 14.48 -57.10
C ILE U 81 92.99 13.70 -57.86
N HIS U 82 94.19 14.28 -58.03
CA HIS U 82 95.23 13.52 -58.70
C HIS U 82 95.85 12.48 -57.77
N TYR U 83 95.99 12.81 -56.49
CA TYR U 83 96.41 11.81 -55.51
C TYR U 83 95.41 10.67 -55.43
N TYR U 84 94.12 11.01 -55.38
CA TYR U 84 93.06 10.01 -55.29
C TYR U 84 93.00 9.14 -56.55
N LEU U 85 93.13 9.75 -57.73
CA LEU U 85 93.04 9.00 -58.97
C LEU U 85 94.30 8.21 -59.26
N LYS U 86 95.45 8.67 -58.78
CA LYS U 86 96.70 7.98 -59.10
C LYS U 86 96.96 6.83 -58.15
N TYR U 87 96.69 6.99 -56.86
CA TYR U 87 97.06 5.96 -55.90
C TYR U 87 95.88 5.29 -55.22
N HIS U 88 94.65 5.54 -55.68
CA HIS U 88 93.50 4.80 -55.16
C HIS U 88 92.51 4.33 -56.20
N VAL U 89 92.47 4.91 -57.40
CA VAL U 89 91.54 4.45 -58.44
C VAL U 89 92.26 3.66 -59.52
N THR U 90 93.47 4.06 -59.90
CA THR U 90 94.24 3.28 -60.86
C THR U 90 94.70 1.94 -60.27
N THR U 91 94.80 1.83 -58.95
CA THR U 91 95.13 0.55 -58.33
C THR U 91 93.97 -0.43 -58.45
N LYS U 92 92.74 0.07 -58.53
CA LYS U 92 91.63 -0.85 -58.74
C LYS U 92 91.44 -1.10 -60.23
N PRO U 93 91.28 -2.36 -60.62
CA PRO U 93 91.21 -2.69 -62.06
C PRO U 93 89.90 -2.27 -62.68
N TYR U 94 89.98 -1.97 -63.98
CA TYR U 94 88.82 -1.67 -64.84
C TYR U 94 88.01 -0.48 -64.34
N THR U 95 88.66 0.46 -63.66
CA THR U 95 87.98 1.65 -63.17
C THR U 95 88.06 2.79 -64.18
N ILE U 96 89.26 3.23 -64.52
CA ILE U 96 89.47 4.24 -65.55
C ILE U 96 89.79 3.47 -66.83
N VAL U 97 88.74 3.11 -67.56
CA VAL U 97 88.89 2.39 -68.82
C VAL U 97 88.87 3.42 -69.93
N GLU U 98 89.95 3.47 -70.71
CA GLU U 98 90.13 4.48 -71.73
C GLU U 98 90.09 3.82 -73.11
N LYS U 99 89.43 4.49 -74.05
CA LYS U 99 89.43 4.03 -75.44
C LYS U 99 90.83 4.13 -76.02
N LYS U 100 91.26 3.09 -76.72
CA LYS U 100 92.59 3.11 -77.33
C LYS U 100 92.62 4.13 -78.47
N PRO U 101 93.74 4.82 -78.66
CA PRO U 101 93.83 5.80 -79.75
C PRO U 101 93.79 5.12 -81.11
N ARG U 102 93.22 5.84 -82.09
CA ARG U 102 93.10 5.31 -83.44
C ARG U 102 94.48 5.21 -84.09
N ILE U 103 94.66 4.19 -84.92
CA ILE U 103 95.93 3.91 -85.58
C ILE U 103 95.74 4.11 -87.07
N PHE U 104 96.53 4.99 -87.66
CA PHE U 104 96.50 5.32 -89.06
C PHE U 104 97.76 4.82 -89.76
N PRO U 105 97.71 4.58 -91.07
CA PRO U 105 98.93 4.18 -91.79
C PRO U 105 99.99 5.27 -91.75
N GLY U 106 101.25 4.84 -91.70
CA GLY U 106 102.36 5.76 -91.60
C GLY U 106 102.69 6.23 -90.21
N ASP U 107 102.05 5.69 -89.18
CA ASP U 107 102.33 6.06 -87.81
C ASP U 107 103.42 5.16 -87.23
N THR U 108 103.76 5.39 -85.97
CA THR U 108 104.82 4.63 -85.30
C THR U 108 104.52 4.56 -83.82
N ILE U 109 104.41 3.35 -83.29
CA ILE U 109 104.10 3.16 -81.87
C ILE U 109 105.37 3.40 -81.06
N LEU U 110 105.27 4.27 -80.04
CA LEU U 110 106.43 4.59 -79.22
C LEU U 110 106.83 3.43 -78.31
N GLU U 111 105.86 2.67 -77.81
CA GLU U 111 106.17 1.62 -76.84
C GLU U 111 106.71 0.36 -77.48
N THR U 112 106.57 0.19 -78.80
CA THR U 112 107.15 -0.95 -79.50
C THR U 112 108.20 -0.54 -80.51
N GLY U 113 107.89 0.43 -81.38
CA GLY U 113 108.78 0.83 -82.45
C GLY U 113 108.42 0.30 -83.81
N GLU U 114 107.53 -0.70 -83.87
CA GLU U 114 107.10 -1.26 -85.15
C GLU U 114 106.24 -0.24 -85.89
N VAL U 115 106.49 -0.11 -87.19
CA VAL U 115 105.77 0.84 -88.03
C VAL U 115 104.69 0.09 -88.80
N ILE U 116 103.47 0.61 -88.76
CA ILE U 116 102.38 0.11 -89.60
C ILE U 116 102.76 0.32 -91.07
N PRO U 117 102.70 -0.71 -91.93
CA PRO U 117 103.23 -0.53 -93.28
C PRO U 117 102.37 0.35 -94.17
N PRO U 118 102.98 1.00 -95.17
CA PRO U 118 102.25 2.03 -95.92
C PRO U 118 101.10 1.46 -96.74
N MET U 119 100.04 2.25 -96.82
CA MET U 119 98.83 1.84 -97.51
C MET U 119 99.02 1.94 -99.01
N LYS U 120 98.40 1.02 -99.74
CA LYS U 120 98.55 0.92 -101.19
C LYS U 120 98.13 2.22 -101.87
N GLU U 121 98.75 2.48 -103.03
CA GLU U 121 98.56 3.74 -103.75
C GLU U 121 97.11 3.88 -104.21
N PHE U 122 96.64 5.12 -104.19
CA PHE U 122 95.24 5.41 -104.50
C PHE U 122 95.00 5.28 -106.00
N PRO U 123 94.00 4.53 -106.43
CA PRO U 123 93.59 4.57 -107.84
C PRO U 123 92.92 5.90 -108.15
N ASP U 124 93.75 6.93 -108.39
CA ASP U 124 93.28 8.31 -108.36
C ASP U 124 92.38 8.63 -109.55
N GLN U 125 91.46 9.56 -109.32
CA GLN U 125 90.50 10.00 -110.33
C GLN U 125 90.45 11.50 -110.50
N HIS U 126 91.03 12.28 -109.60
CA HIS U 126 90.98 13.74 -109.68
C HIS U 126 92.38 14.33 -109.71
N GLY V 1 61.13 14.90 -109.37
CA GLY V 1 60.27 14.50 -108.28
C GLY V 1 58.85 14.18 -108.71
N ALA V 2 58.69 13.89 -110.01
CA ALA V 2 57.40 13.47 -110.54
C ALA V 2 57.16 11.98 -110.35
N HIS V 3 58.15 11.25 -109.84
CA HIS V 3 57.99 9.81 -109.65
C HIS V 3 56.96 9.48 -108.59
N LEU V 4 56.78 10.35 -107.58
CA LEU V 4 55.75 10.11 -106.58
C LEU V 4 54.36 10.18 -107.17
N ALA V 5 54.11 11.17 -108.05
CA ALA V 5 52.82 11.27 -108.72
C ALA V 5 52.65 10.17 -109.76
N ARG V 6 53.74 9.76 -110.41
CA ARG V 6 53.67 8.66 -111.37
C ARG V 6 53.45 7.32 -110.69
N ARG V 7 53.84 7.18 -109.43
CA ARG V 7 53.70 5.94 -108.69
C ARG V 7 52.36 5.85 -107.96
N TYR V 8 52.01 6.88 -107.20
CA TYR V 8 50.80 6.83 -106.38
C TYR V 8 49.58 7.28 -107.18
N LEU V 9 49.62 8.50 -107.71
CA LEU V 9 48.52 8.97 -108.55
C LEU V 9 48.53 8.33 -109.93
N GLY V 10 49.71 7.96 -110.43
CA GLY V 10 49.82 7.27 -111.70
C GLY V 10 49.79 5.76 -111.55
N ASP V 11 50.84 5.07 -112.00
CA ASP V 11 50.93 3.62 -111.89
C ASP V 11 52.22 3.25 -111.17
N ALA V 12 52.09 2.47 -110.10
CA ALA V 12 53.24 2.12 -109.26
C ALA V 12 54.17 1.11 -109.91
N SER V 13 53.78 0.52 -111.03
CA SER V 13 54.62 -0.49 -111.68
C SER V 13 55.88 0.11 -112.28
N VAL V 14 55.82 1.37 -112.72
CA VAL V 14 56.96 1.99 -113.40
C VAL V 14 58.09 2.26 -112.41
N GLU V 15 57.77 2.79 -111.24
CA GLU V 15 58.79 3.09 -110.25
C GLU V 15 59.06 1.87 -109.39
N PRO V 16 60.27 1.31 -109.40
CA PRO V 16 60.55 0.14 -108.57
C PRO V 16 60.64 0.50 -107.10
N GLU V 17 60.40 -0.49 -106.26
CA GLU V 17 60.47 -0.28 -104.82
C GLU V 17 61.92 -0.17 -104.37
N PRO V 18 62.30 0.93 -103.71
CA PRO V 18 63.69 1.07 -103.24
C PRO V 18 64.07 0.11 -102.12
N LEU V 19 63.09 -0.54 -101.48
CA LEU V 19 63.40 -1.48 -100.40
C LEU V 19 64.10 -2.73 -100.93
N ARG V 20 63.58 -3.30 -102.01
CA ARG V 20 64.13 -4.53 -102.60
C ARG V 20 64.41 -4.26 -104.08
N MET V 21 65.61 -3.73 -104.35
CA MET V 21 66.04 -3.50 -105.73
C MET V 21 67.57 -3.41 -105.74
N PRO V 22 68.24 -3.83 -106.81
CA PRO V 22 67.68 -4.49 -108.00
C PRO V 22 67.46 -5.99 -107.80
N THR V 23 66.32 -6.49 -108.29
CA THR V 23 66.05 -7.92 -108.32
C THR V 23 66.39 -8.55 -109.65
N PHE V 24 66.77 -7.75 -110.64
CA PHE V 24 67.14 -8.27 -111.95
C PHE V 24 68.53 -8.89 -111.88
N PRO V 25 68.84 -9.83 -112.77
CA PRO V 25 70.20 -10.39 -112.82
C PRO V 25 71.24 -9.32 -113.14
N PRO V 26 72.42 -9.40 -112.54
CA PRO V 26 73.42 -8.35 -112.74
C PRO V 26 74.20 -8.46 -114.04
N ASP V 27 74.23 -9.64 -114.66
CA ASP V 27 74.91 -9.84 -115.93
C ASP V 27 74.02 -9.59 -117.12
N TYR V 28 72.81 -9.09 -116.90
CA TYR V 28 71.85 -8.82 -117.97
C TYR V 28 72.34 -7.65 -118.80
N GLY V 29 72.88 -7.96 -119.98
CA GLY V 29 73.37 -6.93 -120.88
C GLY V 29 74.69 -6.32 -120.51
N PHE V 30 75.43 -6.91 -119.57
CA PHE V 30 76.74 -6.41 -119.15
C PHE V 30 77.75 -7.55 -119.19
N PRO V 31 78.26 -7.90 -120.38
CA PRO V 31 79.32 -8.91 -120.45
C PRO V 31 80.64 -8.35 -119.94
N GLU V 32 81.38 -9.21 -119.22
CA GLU V 32 82.68 -8.88 -118.63
C GLU V 32 82.60 -7.66 -117.71
N ARG V 33 81.54 -7.61 -116.90
CA ARG V 33 81.33 -6.50 -115.99
C ARG V 33 82.30 -6.59 -114.81
N LYS V 34 82.99 -5.49 -114.52
CA LYS V 34 84.02 -5.45 -113.50
C LYS V 34 83.48 -4.79 -112.24
N GLU V 35 83.68 -5.42 -111.10
CA GLU V 35 83.15 -4.93 -109.84
C GLU V 35 83.99 -3.78 -109.30
N ARG V 36 83.48 -3.13 -108.26
CA ARG V 36 84.17 -2.01 -107.62
C ARG V 36 85.37 -2.51 -106.81
N GLU V 37 86.22 -1.57 -106.43
CA GLU V 37 87.48 -1.89 -105.77
C GLU V 37 87.56 -1.24 -104.40
N MET V 38 88.13 -1.97 -103.45
CA MET V 38 88.40 -1.49 -102.09
C MET V 38 89.89 -1.27 -101.96
N VAL V 39 90.28 -0.08 -101.51
CA VAL V 39 91.70 0.29 -101.45
C VAL V 39 92.32 -0.13 -100.12
N ALA V 40 91.62 0.10 -99.01
CA ALA V 40 92.16 -0.22 -97.70
C ALA V 40 91.91 -1.69 -97.37
N THR V 41 92.97 -2.40 -96.99
CA THR V 41 92.82 -3.75 -96.49
C THR V 41 92.08 -3.72 -95.16
N GLN V 42 91.40 -4.82 -94.83
CA GLN V 42 90.40 -4.81 -93.76
C GLN V 42 90.99 -4.51 -92.39
N GLN V 43 92.20 -4.99 -92.12
CA GLN V 43 92.85 -4.69 -90.84
C GLN V 43 93.23 -3.20 -90.76
N GLU V 44 93.83 -2.66 -91.83
CA GLU V 44 94.18 -1.25 -91.87
C GLU V 44 92.95 -0.36 -91.99
N MET V 45 91.81 -0.91 -92.39
CA MET V 45 90.57 -0.17 -92.45
C MET V 45 89.87 -0.20 -91.10
N ASN V 46 90.11 -1.25 -90.30
CA ASN V 46 89.48 -1.44 -89.01
C ASN V 46 90.24 -0.82 -87.86
N ASP V 47 91.57 -0.72 -87.94
CA ASP V 47 92.32 -0.20 -86.79
C ASP V 47 92.20 1.32 -86.65
N ALA V 48 91.58 2.00 -87.62
CA ALA V 48 91.37 3.44 -87.54
C ALA V 48 90.15 3.81 -86.73
N GLN V 49 89.41 2.82 -86.21
CA GLN V 49 88.19 3.01 -85.42
C GLN V 49 87.15 3.83 -86.19
N LEU V 50 86.77 3.30 -87.36
CA LEU V 50 85.81 3.95 -88.23
C LEU V 50 84.44 3.32 -88.03
N VAL V 51 83.42 4.17 -87.89
CA VAL V 51 82.07 3.69 -87.62
C VAL V 51 81.50 2.96 -88.84
N LEU V 52 80.55 2.07 -88.58
CA LEU V 52 80.04 1.18 -89.61
C LEU V 52 79.22 1.92 -90.66
N GLN V 53 78.61 3.05 -90.29
CA GLN V 53 77.81 3.81 -91.24
C GLN V 53 78.67 4.43 -92.34
N GLN V 54 79.91 4.77 -92.02
CA GLN V 54 80.82 5.42 -92.96
C GLN V 54 81.75 4.45 -93.66
N ARG V 55 81.50 3.13 -93.57
CA ARG V 55 82.38 2.13 -94.17
C ARG V 55 82.02 1.94 -95.64
N ASP V 56 82.26 3.00 -96.42
CA ASP V 56 81.89 3.01 -97.83
C ASP V 56 82.95 2.29 -98.66
N TYR V 57 82.81 2.35 -99.98
CA TYR V 57 83.70 1.62 -100.88
C TYR V 57 84.97 2.38 -101.21
N CYS V 58 85.07 3.66 -100.88
CA CYS V 58 86.27 4.45 -101.21
C CYS V 58 86.68 5.30 -100.01
N ALA V 59 86.78 4.66 -98.85
CA ALA V 59 87.07 5.36 -97.59
C ALA V 59 88.54 5.76 -97.44
N HIS V 60 89.36 5.66 -98.48
CA HIS V 60 90.75 6.11 -98.38
C HIS V 60 90.83 7.62 -98.19
N TYR V 61 90.00 8.37 -98.93
CA TYR V 61 89.93 9.81 -98.71
C TYR V 61 89.44 10.13 -97.32
N LEU V 62 88.50 9.33 -96.79
CA LEU V 62 87.97 9.56 -95.45
C LEU V 62 89.04 9.34 -94.39
N ILE V 63 89.81 8.24 -94.49
CA ILE V 63 90.83 7.98 -93.48
C ILE V 63 91.99 8.96 -93.61
N ARG V 64 92.29 9.42 -94.83
CA ARG V 64 93.30 10.46 -94.99
C ARG V 64 92.81 11.79 -94.41
N PHE V 65 91.51 12.08 -94.53
CA PHE V 65 90.94 13.26 -93.91
C PHE V 65 91.02 13.17 -92.39
N LEU V 66 90.74 11.99 -91.84
CA LEU V 66 90.86 11.80 -90.38
C LEU V 66 92.30 11.99 -89.92
N LYS V 67 93.26 11.46 -90.69
CA LYS V 67 94.67 11.66 -90.35
C LYS V 67 95.06 13.14 -90.43
N CYS V 68 94.60 13.83 -91.47
CA CYS V 68 94.89 15.25 -91.62
C CYS V 68 94.31 16.07 -90.48
N LYS V 69 93.09 15.72 -90.05
CA LYS V 69 92.50 16.38 -88.90
C LYS V 69 93.26 16.07 -87.61
N ARG V 70 93.80 14.85 -87.50
CA ARG V 70 94.48 14.47 -86.26
C ARG V 70 95.90 15.00 -86.15
N ASP V 71 96.55 15.38 -87.25
CA ASP V 71 97.92 15.87 -87.15
C ASP V 71 98.09 17.35 -87.48
N SER V 72 97.01 18.08 -87.73
CA SER V 72 97.10 19.50 -88.06
C SER V 72 96.63 20.41 -86.93
N PHE V 73 96.63 19.91 -85.70
CA PHE V 73 96.24 20.72 -84.56
C PHE V 73 97.29 21.81 -84.32
N PRO V 74 96.86 23.03 -83.97
CA PRO V 74 95.48 23.50 -83.79
C PRO V 74 94.85 24.13 -85.03
N ASN V 75 95.57 24.15 -86.15
CA ASN V 75 95.06 24.77 -87.37
C ASN V 75 94.03 23.84 -88.00
N PHE V 76 92.78 23.99 -87.59
CA PHE V 76 91.72 23.08 -88.00
C PHE V 76 91.28 23.27 -89.44
N LEU V 77 91.55 24.43 -90.04
CA LEU V 77 91.07 24.76 -91.37
C LEU V 77 92.09 24.44 -92.46
N ALA V 78 93.06 23.56 -92.19
CA ALA V 78 94.12 23.26 -93.13
C ALA V 78 93.89 21.97 -93.91
N CYS V 79 92.70 21.37 -93.81
CA CYS V 79 92.43 20.09 -94.47
C CYS V 79 91.09 20.15 -95.20
N LYS V 80 90.86 21.23 -95.95
CA LYS V 80 89.66 21.31 -96.77
C LYS V 80 89.82 20.60 -98.11
N HIS V 81 91.06 20.43 -98.59
CA HIS V 81 91.28 19.72 -99.84
C HIS V 81 90.93 18.25 -99.72
N GLU V 82 91.31 17.63 -98.60
CA GLU V 82 90.97 16.22 -98.37
C GLU V 82 89.47 16.05 -98.19
N GLN V 83 88.83 17.03 -97.54
CA GLN V 83 87.37 17.01 -97.42
C GLN V 83 86.71 17.12 -98.79
N HIS V 84 87.28 17.95 -99.67
CA HIS V 84 86.74 18.07 -101.03
C HIS V 84 86.92 16.76 -101.81
N ASP V 85 88.04 16.08 -101.62
CA ASP V 85 88.25 14.79 -102.27
C ASP V 85 87.25 13.74 -101.77
N TRP V 86 87.03 13.70 -100.45
CA TRP V 86 86.04 12.76 -99.90
C TRP V 86 84.63 13.09 -100.39
N ASP V 87 84.31 14.39 -100.50
CA ASP V 87 83.03 14.80 -101.05
C ASP V 87 82.89 14.40 -102.50
N TYR V 88 83.98 14.50 -103.27
CA TYR V 88 83.97 14.04 -104.66
C TYR V 88 83.70 12.54 -104.75
N CYS V 89 84.34 11.76 -103.87
CA CYS V 89 84.12 10.31 -103.90
C CYS V 89 82.69 9.94 -103.52
N GLU V 90 82.15 10.61 -102.49
CA GLU V 90 80.77 10.35 -102.10
C GLU V 90 79.80 10.79 -103.18
N HIS V 91 80.10 11.89 -103.87
CA HIS V 91 79.29 12.33 -105.00
C HIS V 91 79.31 11.29 -106.12
N LEU V 92 80.49 10.75 -106.44
CA LEU V 92 80.61 9.74 -107.49
C LEU V 92 79.84 8.47 -107.12
N ASP V 93 79.86 8.10 -105.84
CA ASP V 93 79.04 6.98 -105.38
C ASP V 93 77.55 7.29 -105.57
N TYR V 94 77.15 8.54 -105.34
CA TYR V 94 75.75 8.90 -105.55
C TYR V 94 75.37 8.89 -107.03
N VAL V 95 76.30 9.27 -107.92
CA VAL V 95 76.05 9.12 -109.36
C VAL V 95 75.88 7.65 -109.72
N LYS V 96 76.70 6.78 -109.13
CA LYS V 96 76.52 5.34 -109.35
C LYS V 96 75.15 4.86 -108.84
N ARG V 97 74.68 5.44 -107.74
CA ARG V 97 73.38 5.04 -107.19
C ARG V 97 72.23 5.46 -108.10
N MET V 98 72.22 6.71 -108.59
CA MET V 98 71.12 7.02 -109.50
C MET V 98 71.30 6.39 -110.89
N LYS V 99 72.54 6.04 -111.28
CA LYS V 99 72.71 5.23 -112.48
C LYS V 99 72.08 3.85 -112.31
N GLU V 100 72.23 3.26 -111.12
CA GLU V 100 71.58 1.99 -110.83
C GLU V 100 70.05 2.14 -110.85
N PHE V 101 69.54 3.24 -110.29
CA PHE V 101 68.10 3.49 -110.32
C PHE V 101 67.58 3.63 -111.74
N GLU V 102 68.29 4.39 -112.58
CA GLU V 102 67.87 4.57 -113.97
C GLU V 102 67.98 3.28 -114.76
N ARG V 103 69.01 2.48 -114.49
CA ARG V 103 69.16 1.18 -115.13
C ARG V 103 67.99 0.26 -114.78
N GLU V 104 67.62 0.21 -113.50
CA GLU V 104 66.50 -0.62 -113.09
C GLU V 104 65.19 -0.16 -113.71
N ARG V 105 64.97 1.17 -113.73
CA ARG V 105 63.73 1.70 -114.28
C ARG V 105 63.63 1.44 -115.79
N ARG V 106 64.73 1.64 -116.51
CA ARG V 106 64.70 1.43 -117.96
C ARG V 106 64.61 -0.05 -118.30
N LEU V 107 65.25 -0.91 -117.52
CA LEU V 107 65.14 -2.35 -117.76
C LEU V 107 63.72 -2.85 -117.50
N LEU V 108 63.10 -2.39 -116.42
CA LEU V 108 61.72 -2.81 -116.16
C LEU V 108 60.76 -2.22 -117.19
N GLN V 109 61.03 -0.99 -117.68
CA GLN V 109 60.20 -0.44 -118.75
C GLN V 109 60.38 -1.22 -120.04
N ARG V 110 61.59 -1.72 -120.30
CA ARG V 110 61.80 -2.63 -121.43
C ARG V 110 61.00 -3.92 -121.26
N LYS V 111 60.89 -4.40 -120.01
CA LYS V 111 60.01 -5.53 -119.74
C LYS V 111 58.55 -5.20 -120.03
N LYS V 112 58.13 -3.97 -119.71
CA LYS V 112 56.78 -3.54 -120.06
C LYS V 112 56.55 -3.51 -121.56
N ARG V 113 57.53 -2.99 -122.33
CA ARG V 113 57.41 -3.05 -123.79
C ARG V 113 57.39 -4.49 -124.30
N ARG V 114 58.13 -5.38 -123.64
CA ARG V 114 58.12 -6.79 -124.02
C ARG V 114 56.74 -7.42 -123.81
N GLU V 115 56.14 -7.20 -122.63
CA GLU V 115 54.82 -7.78 -122.41
C GLU V 115 53.74 -7.08 -123.23
N GLN V 116 53.96 -5.81 -123.60
CA GLN V 116 53.08 -5.17 -124.57
C GLN V 116 53.18 -5.83 -125.93
N ARG V 117 54.39 -6.26 -126.32
CA ARG V 117 54.54 -6.97 -127.59
C ARG V 117 53.92 -8.36 -127.52
N GLU V 118 54.02 -9.03 -126.36
CA GLU V 118 53.24 -10.26 -126.14
C GLU V 118 51.74 -10.01 -126.26
N ALA V 119 51.26 -8.87 -125.75
CA ALA V 119 49.84 -8.54 -125.94
C ALA V 119 49.54 -8.25 -127.41
N ASP V 120 50.51 -7.70 -128.15
CA ASP V 120 50.29 -7.35 -129.55
C ASP V 120 50.17 -8.59 -130.42
N MET V 121 51.09 -9.55 -130.29
CA MET V 121 51.08 -10.70 -131.18
C MET V 121 50.88 -12.05 -130.50
N ALA V 122 51.43 -12.26 -129.31
CA ALA V 122 51.27 -13.54 -128.63
C ALA V 122 49.94 -13.64 -127.91
N ALA W 1 26.05 43.45 -58.90
CA ALA W 1 25.22 42.69 -57.99
C ALA W 1 25.94 42.46 -56.67
N PHE W 2 27.24 42.17 -56.75
CA PHE W 2 28.07 41.92 -55.58
C PHE W 2 28.95 43.14 -55.34
N LEU W 3 28.63 43.92 -54.32
CA LEU W 3 29.35 45.14 -54.00
C LEU W 3 29.56 45.22 -52.49
N PRO W 4 30.64 45.86 -52.05
CA PRO W 4 30.82 46.09 -50.60
C PRO W 4 29.75 46.97 -49.98
N SER W 5 29.22 47.94 -50.72
CA SER W 5 28.26 48.91 -50.19
C SER W 5 26.86 48.75 -50.74
N ALA W 6 26.72 48.50 -52.04
CA ALA W 6 25.42 48.41 -52.69
C ALA W 6 24.98 46.96 -52.87
N ALA W 7 23.70 46.80 -53.18
CA ALA W 7 23.13 45.48 -53.45
C ALA W 7 22.55 45.36 -54.84
N TYR W 8 22.48 46.45 -55.60
CA TYR W 8 21.91 46.44 -56.93
C TYR W 8 22.69 47.42 -57.80
N LEU W 9 23.05 47.00 -59.00
CA LEU W 9 23.79 47.85 -59.94
C LEU W 9 22.79 48.58 -60.82
N THR W 10 22.81 49.92 -60.74
CA THR W 10 21.94 50.76 -61.55
C THR W 10 22.33 50.62 -63.02
N HIS W 11 21.31 50.72 -63.90
CA HIS W 11 21.51 50.58 -65.34
C HIS W 11 22.53 51.55 -65.89
N GLN W 12 22.66 52.75 -65.30
CA GLN W 12 23.70 53.69 -65.69
C GLN W 12 25.09 53.11 -65.41
N GLN W 13 25.27 52.47 -64.25
CA GLN W 13 26.55 51.85 -63.92
C GLN W 13 26.85 50.69 -64.87
N LYS W 14 25.83 49.90 -65.22
CA LYS W 14 26.02 48.80 -66.16
C LYS W 14 26.39 49.32 -67.54
N VAL W 15 25.79 50.42 -67.98
CA VAL W 15 26.12 51.02 -69.27
C VAL W 15 27.56 51.52 -69.26
N LEU W 16 27.98 52.17 -68.16
CA LEU W 16 29.36 52.66 -68.06
C LEU W 16 30.36 51.51 -68.04
N GLN W 17 30.04 50.42 -67.34
CA GLN W 17 30.94 49.28 -67.29
C GLN W 17 31.03 48.57 -68.63
N LEU W 18 29.90 48.48 -69.36
CA LEU W 18 29.94 47.98 -70.74
C LEU W 18 30.80 48.86 -71.63
N TYR W 19 30.67 50.17 -71.50
CA TYR W 19 31.50 51.08 -72.30
C TYR W 19 32.98 50.89 -72.00
N LYS W 20 33.32 50.75 -70.72
CA LYS W 20 34.71 50.57 -70.32
C LYS W 20 35.27 49.25 -70.84
N ARG W 21 34.54 48.15 -70.63
CA ARG W 21 35.05 46.84 -71.06
C ARG W 21 35.11 46.73 -72.58
N ALA W 22 34.10 47.23 -73.28
CA ALA W 22 34.09 47.15 -74.74
C ALA W 22 35.20 48.01 -75.35
N LEU W 23 35.44 49.19 -74.79
CA LEU W 23 36.51 50.03 -75.33
C LEU W 23 37.89 49.47 -74.99
N ARG W 24 38.04 48.83 -73.82
CA ARG W 24 39.30 48.17 -73.51
C ARG W 24 39.56 46.99 -74.45
N HIS W 25 38.51 46.22 -74.76
CA HIS W 25 38.66 45.14 -75.74
C HIS W 25 38.94 45.67 -77.14
N LEU W 26 38.36 46.82 -77.49
CA LEU W 26 38.67 47.45 -78.78
C LEU W 26 40.12 47.89 -78.84
N GLU W 27 40.63 48.48 -77.75
CA GLU W 27 42.04 48.86 -77.69
C GLU W 27 42.95 47.64 -77.78
N SER W 28 42.56 46.55 -77.13
CA SER W 28 43.33 45.30 -77.23
C SER W 28 43.22 44.67 -78.62
N ARG W 29 42.17 44.98 -79.38
CA ARG W 29 42.02 44.43 -80.72
C ARG W 29 42.96 45.11 -81.70
N CYS W 30 42.79 46.41 -81.91
CA CYS W 30 43.65 47.18 -82.80
C CYS W 30 44.76 47.83 -81.97
N VAL W 31 46.00 47.44 -82.26
CA VAL W 31 47.12 47.79 -81.38
C VAL W 31 47.50 49.25 -81.52
N HIS W 32 47.56 49.76 -82.75
CA HIS W 32 48.14 51.07 -83.02
C HIS W 32 47.26 52.19 -82.48
N ARG W 33 47.90 53.34 -82.23
CA ARG W 33 47.22 54.43 -81.54
C ARG W 33 46.19 55.12 -82.44
N ASP W 34 46.49 55.26 -83.74
CA ASP W 34 45.59 55.98 -84.63
C ASP W 34 44.30 55.20 -84.88
N LYS W 35 44.43 53.90 -85.14
CA LYS W 35 43.25 53.06 -85.36
C LYS W 35 42.42 52.96 -84.08
N TYR W 36 43.09 52.84 -82.92
CA TYR W 36 42.39 52.80 -81.65
C TYR W 36 41.63 54.11 -81.40
N ARG W 37 42.26 55.24 -81.70
CA ARG W 37 41.59 56.53 -81.51
C ARG W 37 40.39 56.67 -82.44
N TYR W 38 40.53 56.26 -83.70
CA TYR W 38 39.44 56.37 -84.66
C TYR W 38 38.25 55.50 -84.26
N PHE W 39 38.52 54.23 -83.91
CA PHE W 39 37.43 53.34 -83.54
C PHE W 39 36.86 53.69 -82.16
N ALA W 40 37.67 54.28 -81.27
CA ALA W 40 37.15 54.75 -80.00
C ALA W 40 36.22 55.94 -80.19
N CYS W 41 36.56 56.84 -81.12
CA CYS W 41 35.66 57.93 -81.45
C CYS W 41 34.38 57.41 -82.10
N LEU W 42 34.49 56.37 -82.92
CA LEU W 42 33.29 55.75 -83.50
C LEU W 42 32.38 55.16 -82.43
N LEU W 43 32.96 54.44 -81.46
CA LEU W 43 32.17 53.85 -80.39
C LEU W 43 31.55 54.91 -79.49
N ARG W 44 32.30 55.98 -79.20
CA ARG W 44 31.76 57.08 -78.41
C ARG W 44 30.61 57.77 -79.15
N ALA W 45 30.75 57.93 -80.48
CA ALA W 45 29.67 58.50 -81.27
C ALA W 45 28.45 57.60 -81.29
N ARG W 46 28.65 56.28 -81.32
CA ARG W 46 27.52 55.35 -81.27
C ARG W 46 26.78 55.45 -79.93
N PHE W 47 27.54 55.46 -78.83
CA PHE W 47 26.92 55.61 -77.51
C PHE W 47 26.27 56.97 -77.33
N ASP W 48 26.78 57.99 -78.03
CA ASP W 48 26.14 59.30 -78.01
C ASP W 48 24.86 59.33 -78.82
N GLU W 49 24.85 58.63 -79.97
CA GLU W 49 23.64 58.52 -80.76
C GLU W 49 22.55 57.74 -80.04
N HIS W 50 22.94 56.79 -79.19
CA HIS W 50 21.98 56.10 -78.34
C HIS W 50 21.92 56.65 -76.93
N LYS W 51 22.55 57.81 -76.67
CA LYS W 51 22.51 58.40 -75.34
C LYS W 51 21.14 59.00 -75.04
N ASN W 52 20.54 59.69 -76.00
CA ASN W 52 19.23 60.33 -75.81
C ASN W 52 18.13 59.29 -76.01
N GLU W 53 17.96 58.46 -74.98
CA GLU W 53 16.91 57.46 -74.95
C GLU W 53 16.52 57.27 -73.49
N LYS W 54 15.41 57.87 -73.09
CA LYS W 54 14.99 57.88 -71.69
C LYS W 54 14.09 56.72 -71.33
N ASP W 55 13.75 55.85 -72.29
CA ASP W 55 12.93 54.69 -72.02
C ASP W 55 13.77 53.62 -71.35
N MET W 56 13.34 53.15 -70.17
CA MET W 56 14.10 52.17 -69.42
C MET W 56 14.13 50.82 -70.14
N VAL W 57 12.98 50.40 -70.68
CA VAL W 57 12.88 49.08 -71.31
C VAL W 57 13.62 49.06 -72.65
N LYS W 58 13.59 50.17 -73.38
CA LYS W 58 14.32 50.23 -74.65
C LYS W 58 15.83 50.19 -74.43
N ALA W 59 16.33 50.93 -73.43
CA ALA W 59 17.74 50.84 -73.07
C ALA W 59 18.08 49.46 -72.50
N THR W 60 17.11 48.80 -71.87
CA THR W 60 17.30 47.44 -71.38
C THR W 60 17.56 46.48 -72.55
N GLN W 61 16.70 46.53 -73.57
CA GLN W 61 16.88 45.65 -74.73
C GLN W 61 18.12 46.03 -75.55
N LEU W 62 18.40 47.33 -75.67
CA LEU W 62 19.61 47.75 -76.38
C LEU W 62 20.88 47.30 -75.65
N LEU W 63 20.85 47.34 -74.31
CA LEU W 63 21.97 46.80 -73.54
C LEU W 63 22.12 45.30 -73.78
N ARG W 64 21.01 44.58 -73.88
CA ARG W 64 21.10 43.13 -74.11
C ARG W 64 21.70 42.80 -75.47
N GLU W 65 21.26 43.50 -76.52
CA GLU W 65 21.90 43.31 -77.82
C GLU W 65 23.37 43.72 -77.78
N ALA W 66 23.69 44.81 -77.09
CA ALA W 66 25.07 45.30 -77.02
C ALA W 66 25.99 44.32 -76.31
N GLU W 67 25.55 43.76 -75.18
CA GLU W 67 26.33 42.73 -74.50
C GLU W 67 26.50 41.50 -75.37
N LYS W 68 25.46 41.14 -76.12
CA LYS W 68 25.56 39.96 -76.98
C LYS W 68 26.58 40.17 -78.09
N GLU W 69 26.61 41.34 -78.74
CA GLU W 69 27.63 41.55 -79.77
C GLU W 69 29.01 41.72 -79.15
N PHE W 70 29.08 42.29 -77.94
CA PHE W 70 30.38 42.46 -77.29
C PHE W 70 31.00 41.12 -76.94
N TRP W 71 30.20 40.18 -76.44
CA TRP W 71 30.72 38.83 -76.20
C TRP W 71 30.96 38.10 -77.52
N HIS W 72 30.17 38.39 -78.55
CA HIS W 72 30.38 37.78 -79.85
C HIS W 72 31.65 38.30 -80.53
N GLY W 73 32.00 39.55 -80.30
CA GLY W 73 33.14 40.15 -80.97
C GLY W 73 34.27 40.59 -80.05
N GLN W 74 34.61 39.78 -79.06
CA GLN W 74 35.68 40.12 -78.13
C GLN W 74 36.94 39.34 -78.47
N HIS W 75 38.09 39.92 -78.11
CA HIS W 75 39.36 39.25 -78.31
C HIS W 75 39.51 38.11 -77.30
N PRO W 76 40.08 36.97 -77.70
CA PRO W 76 40.29 35.87 -76.76
C PRO W 76 41.24 36.21 -75.62
N GLN W 77 42.23 37.06 -75.87
CA GLN W 77 43.24 37.44 -74.88
C GLN W 77 43.27 38.96 -74.78
N PRO W 78 42.37 39.55 -74.00
CA PRO W 78 42.40 41.00 -73.83
C PRO W 78 43.61 41.44 -73.03
N TYR W 79 44.03 42.68 -73.26
CA TYR W 79 45.19 43.22 -72.55
C TYR W 79 44.83 43.48 -71.10
N ILE W 80 45.65 42.97 -70.20
CA ILE W 80 45.46 43.12 -68.76
C ILE W 80 46.68 43.82 -68.20
N PHE W 81 46.45 44.83 -67.36
CA PHE W 81 47.55 45.60 -66.79
C PHE W 81 48.40 44.72 -65.88
N PRO W 82 49.70 45.01 -65.78
CA PRO W 82 50.61 44.12 -65.03
C PRO W 82 50.30 44.00 -63.54
N GLU W 83 49.60 44.97 -62.95
CA GLU W 83 49.17 44.86 -61.56
C GLU W 83 47.71 44.46 -61.41
N SER W 84 46.95 44.44 -62.51
CA SER W 84 45.57 44.01 -62.47
C SER W 84 45.49 42.49 -62.28
N PRO W 85 44.39 41.99 -61.70
CA PRO W 85 44.19 40.54 -61.64
C PRO W 85 44.15 39.91 -63.03
N GLY W 86 44.77 38.74 -63.16
CA GLY W 86 44.97 38.11 -64.44
C GLY W 86 46.21 38.57 -65.19
N GLY W 87 46.93 39.55 -64.65
CA GLY W 87 48.13 40.05 -65.29
C GLY W 87 49.33 39.17 -65.06
N THR W 88 50.44 39.54 -65.70
CA THR W 88 51.66 38.76 -65.59
C THR W 88 52.31 38.90 -64.22
N SER W 89 52.12 40.04 -63.56
CA SER W 89 52.72 40.29 -62.27
C SER W 89 51.67 40.49 -61.18
N TYR W 90 50.52 39.82 -61.31
CA TYR W 90 49.52 39.85 -60.26
C TYR W 90 50.01 39.07 -59.06
N GLU W 91 49.89 39.67 -57.87
CA GLU W 91 50.36 39.22 -56.56
C GLU W 91 51.75 38.55 -56.61
N ARG W 92 52.66 39.12 -57.40
CA ARG W 92 54.02 38.59 -57.46
C ARG W 92 54.86 39.08 -56.28
N TYR W 93 54.74 40.36 -55.93
CA TYR W 93 55.49 40.93 -54.83
C TYR W 93 54.83 40.68 -53.48
N GLU W 94 53.78 39.85 -53.42
CA GLU W 94 53.10 39.58 -52.17
C GLU W 94 53.88 38.64 -51.26
N CYS W 95 54.98 38.06 -51.73
CA CYS W 95 55.81 37.21 -50.89
C CYS W 95 56.62 38.01 -49.87
N TYR W 96 56.65 39.34 -49.97
CA TYR W 96 57.39 40.18 -49.04
C TYR W 96 56.47 41.08 -48.21
N LYS W 97 55.16 40.79 -48.20
CA LYS W 97 54.21 41.55 -47.38
C LYS W 97 54.09 40.91 -46.01
N VAL W 98 55.19 40.95 -45.28
CA VAL W 98 55.20 40.44 -43.91
C VAL W 98 54.45 41.41 -43.01
N PRO W 99 53.50 40.95 -42.20
CA PRO W 99 52.75 41.87 -41.33
C PRO W 99 53.60 42.42 -40.21
N GLU W 100 53.07 43.44 -39.54
CA GLU W 100 53.86 44.18 -38.56
C GLU W 100 54.05 43.42 -37.26
N TRP W 101 53.13 42.51 -36.91
CA TRP W 101 53.21 41.84 -35.62
C TRP W 101 54.34 40.84 -35.54
N CYS W 102 54.98 40.51 -36.66
CA CYS W 102 56.21 39.72 -36.63
C CYS W 102 57.31 40.46 -35.90
N LEU W 103 57.28 41.80 -35.89
CA LEU W 103 58.22 42.58 -35.10
C LEU W 103 58.02 42.37 -33.60
N ASP W 104 56.86 41.83 -33.20
CA ASP W 104 56.67 41.42 -31.81
C ASP W 104 57.60 40.26 -31.46
N ASP W 105 57.88 39.38 -32.43
CA ASP W 105 58.63 38.16 -32.17
C ASP W 105 60.14 38.36 -32.21
N TRP W 106 60.61 39.58 -32.43
CA TRP W 106 62.05 39.83 -32.55
C TRP W 106 62.77 39.64 -31.22
N HIS W 107 64.02 39.20 -31.32
CA HIS W 107 64.86 39.05 -30.14
C HIS W 107 65.21 40.42 -29.57
N PRO W 108 65.33 40.55 -28.25
CA PRO W 108 65.74 41.84 -27.66
C PRO W 108 67.13 42.29 -28.05
N SER W 109 68.02 41.39 -28.46
CA SER W 109 69.33 41.81 -28.93
C SER W 109 69.28 42.47 -30.31
N GLU W 110 68.23 42.22 -31.08
CA GLU W 110 68.02 42.92 -32.34
C GLU W 110 67.04 44.08 -32.22
N LYS W 111 66.25 44.12 -31.14
CA LYS W 111 65.36 45.26 -30.93
C LYS W 111 66.11 46.51 -30.52
N ALA W 112 67.36 46.37 -30.06
CA ALA W 112 68.21 47.51 -29.79
C ALA W 112 69.01 47.95 -31.01
N MET W 113 68.91 47.22 -32.12
CA MET W 113 69.59 47.64 -33.34
C MET W 113 68.90 48.85 -33.97
N TYR W 114 67.57 48.94 -33.85
CA TYR W 114 66.80 50.08 -34.34
C TYR W 114 65.99 50.61 -33.16
N PRO W 115 66.59 51.41 -32.29
CA PRO W 115 65.88 51.83 -31.07
C PRO W 115 64.75 52.82 -31.34
N ASP W 116 64.98 53.79 -32.21
CA ASP W 116 63.97 54.82 -32.46
C ASP W 116 62.73 54.24 -33.13
N TYR W 117 62.93 53.32 -34.09
CA TYR W 117 61.80 52.69 -34.77
C TYR W 117 60.97 51.88 -33.77
N PHE W 118 61.63 51.14 -32.89
CA PHE W 118 60.88 50.30 -31.96
C PHE W 118 60.17 51.14 -30.90
N ALA W 119 60.79 52.26 -30.47
CA ALA W 119 60.09 53.18 -29.57
C ALA W 119 58.86 53.78 -30.23
N LYS W 120 58.99 54.17 -31.51
CA LYS W 120 57.85 54.68 -32.26
C LYS W 120 56.77 53.61 -32.42
N ARG W 121 57.19 52.36 -32.60
CA ARG W 121 56.22 51.27 -32.74
C ARG W 121 55.46 51.04 -31.44
N GLU W 122 56.15 51.06 -30.30
CA GLU W 122 55.45 50.87 -29.03
C GLU W 122 54.53 52.05 -28.70
N GLN W 123 54.92 53.28 -29.04
CA GLN W 123 54.00 54.38 -28.77
C GLN W 123 52.82 54.37 -29.75
N TRP W 124 53.02 53.91 -30.99
CA TRP W 124 51.90 53.71 -31.90
C TRP W 124 50.95 52.64 -31.39
N LYS W 125 51.50 51.55 -30.84
CA LYS W 125 50.69 50.48 -30.28
C LYS W 125 49.92 50.97 -29.05
N LYS W 126 50.56 51.83 -28.24
CA LYS W 126 49.87 52.43 -27.10
C LYS W 126 48.71 53.30 -27.56
N LEU W 127 48.93 54.10 -28.61
CA LEU W 127 47.87 54.93 -29.18
C LEU W 127 46.71 54.07 -29.66
N ARG W 128 47.02 52.98 -30.36
CA ARG W 128 45.97 52.09 -30.86
C ARG W 128 45.21 51.42 -29.72
N ARG W 129 45.91 50.96 -28.69
CA ARG W 129 45.22 50.24 -27.63
C ARG W 129 44.42 51.17 -26.72
N GLU W 130 44.77 52.46 -26.66
CA GLU W 130 43.86 53.34 -25.92
C GLU W 130 42.71 53.82 -26.79
N SER W 131 42.90 53.85 -28.12
CA SER W 131 41.80 54.24 -29.00
C SER W 131 40.83 53.10 -29.27
N TRP W 132 41.19 51.86 -28.94
CA TRP W 132 40.32 50.71 -29.21
C TRP W 132 38.99 50.81 -28.48
N GLU W 133 39.02 51.16 -27.18
CA GLU W 133 37.78 51.25 -26.43
C GLU W 133 36.92 52.43 -26.90
N ARG W 134 37.56 53.52 -27.33
CA ARG W 134 36.82 54.66 -27.86
C ARG W 134 36.13 54.30 -29.18
N GLU W 135 36.83 53.58 -30.06
CA GLU W 135 36.21 53.26 -31.34
C GLU W 135 35.13 52.18 -31.20
N VAL W 136 35.29 51.23 -30.27
CA VAL W 136 34.20 50.27 -30.08
C VAL W 136 33.02 50.94 -29.37
N LYS W 137 33.27 51.99 -28.57
CA LYS W 137 32.18 52.82 -28.08
C LYS W 137 31.49 53.56 -29.22
N GLN W 138 32.25 53.97 -30.23
CA GLN W 138 31.67 54.66 -31.38
C GLN W 138 30.77 53.73 -32.19
N LEU W 139 31.23 52.51 -32.46
CA LEU W 139 30.37 51.57 -33.19
C LEU W 139 29.21 51.06 -32.34
N GLN W 140 29.38 50.95 -31.02
CA GLN W 140 28.34 50.32 -30.21
C GLN W 140 27.09 51.18 -30.06
N GLU W 141 27.15 52.47 -30.44
CA GLU W 141 25.99 53.35 -30.38
C GLU W 141 25.52 53.85 -31.74
N GLU W 142 26.37 53.83 -32.76
CA GLU W 142 25.99 54.30 -34.08
C GLU W 142 25.39 53.20 -34.95
N THR W 143 25.74 51.95 -34.67
CA THR W 143 25.23 50.83 -35.46
C THR W 143 23.73 50.66 -35.24
N PRO W 144 22.94 50.46 -36.30
CA PRO W 144 21.51 50.20 -36.12
C PRO W 144 21.27 48.84 -35.48
N VAL W 145 20.00 48.62 -35.11
CA VAL W 145 19.62 47.38 -34.44
C VAL W 145 19.71 46.21 -35.41
N GLY W 146 20.07 45.04 -34.89
CA GLY W 146 20.23 43.86 -35.70
C GLY W 146 21.47 43.86 -36.58
N GLY W 147 22.48 44.63 -36.20
CA GLY W 147 23.69 44.74 -36.99
C GLY W 147 23.55 45.80 -38.06
N PRO W 148 24.66 46.13 -38.73
CA PRO W 148 24.61 47.15 -39.77
C PRO W 148 23.87 46.65 -41.01
N ARG W 149 23.27 47.59 -41.73
CA ARG W 149 22.58 47.27 -42.98
C ARG W 149 23.51 47.34 -44.18
N THR W 150 24.58 48.13 -44.08
CA THR W 150 25.60 48.23 -45.12
C THR W 150 26.98 48.15 -44.47
N GLU W 151 27.97 47.79 -45.27
CA GLU W 151 29.32 47.58 -44.79
C GLU W 151 30.16 48.85 -44.79
N ALA W 152 29.56 50.00 -45.10
CA ALA W 152 30.29 51.26 -45.12
C ALA W 152 30.64 51.68 -43.70
N LEU W 153 31.93 51.82 -43.43
CA LEU W 153 32.40 52.17 -42.09
C LEU W 153 32.14 53.65 -41.82
N PRO W 154 31.70 53.99 -40.60
CA PRO W 154 31.48 55.40 -40.27
C PRO W 154 32.82 56.12 -40.09
N PRO W 155 32.85 57.43 -40.29
CA PRO W 155 34.07 58.19 -40.01
C PRO W 155 34.25 58.48 -38.53
N ALA W 156 35.28 59.26 -38.19
CA ALA W 156 35.47 59.74 -36.83
C ALA W 156 34.77 61.08 -36.69
N ARG W 157 33.82 61.16 -35.76
CA ARG W 157 32.98 62.34 -35.61
C ARG W 157 33.55 63.37 -34.64
N LYS W 158 34.66 63.07 -33.98
CA LYS W 158 35.20 63.95 -32.94
C LYS W 158 36.66 64.28 -33.24
N GLN W 159 37.05 65.50 -32.92
CA GLN W 159 38.45 65.90 -33.06
C GLN W 159 39.30 65.23 -31.99
N GLY W 160 40.46 64.71 -32.41
CA GLY W 160 41.34 63.97 -31.53
C GLY W 160 41.07 62.49 -31.48
N ASP W 161 39.82 62.09 -31.66
CA ASP W 161 39.48 60.66 -31.70
C ASP W 161 39.94 60.07 -33.02
N LEU W 162 40.56 58.90 -32.95
CA LEU W 162 41.03 58.20 -34.13
C LEU W 162 39.85 57.65 -34.93
N PRO W 163 40.04 57.42 -36.23
CA PRO W 163 38.99 56.76 -37.02
C PRO W 163 38.68 55.38 -36.48
N PRO W 164 37.42 54.95 -36.54
CA PRO W 164 37.06 53.65 -35.99
C PRO W 164 37.47 52.51 -36.92
N LEU W 165 37.96 51.42 -36.30
CA LEU W 165 38.48 50.24 -37.00
C LEU W 165 39.56 50.62 -38.02
N TRP W 166 40.46 51.51 -37.59
CA TRP W 166 41.41 52.12 -38.50
C TRP W 166 42.65 51.27 -38.76
N TRP W 167 42.92 50.28 -37.91
CA TRP W 167 44.27 49.71 -37.84
C TRP W 167 44.60 48.85 -39.04
N HIS W 168 43.85 47.76 -39.24
CA HIS W 168 44.27 46.76 -40.21
C HIS W 168 44.04 47.16 -41.66
N ILE W 169 43.34 48.28 -41.90
CA ILE W 169 43.28 48.82 -43.26
C ILE W 169 44.46 49.76 -43.53
N VAL W 170 44.94 50.49 -42.52
CA VAL W 170 46.06 51.40 -42.71
C VAL W 170 47.40 50.70 -42.53
N THR W 171 47.40 49.46 -42.04
CA THR W 171 48.64 48.78 -41.68
C THR W 171 49.29 48.01 -42.83
N ARG W 172 48.62 47.89 -43.98
CA ARG W 172 49.14 47.06 -45.05
C ARG W 172 50.41 47.68 -45.64
N PRO W 173 51.45 46.88 -45.88
CA PRO W 173 52.75 47.43 -46.27
C PRO W 173 52.75 47.95 -47.71
N ARG W 174 53.86 48.58 -48.07
CA ARG W 174 54.02 49.14 -49.40
C ARG W 174 54.07 48.04 -50.46
N GLU W 175 53.63 48.37 -51.67
CA GLU W 175 53.57 47.40 -52.75
C GLU W 175 54.94 47.04 -53.32
N ARG W 176 55.98 47.79 -52.98
CA ARG W 176 57.35 47.49 -53.39
C ARG W 176 58.25 47.49 -52.15
N PRO W 177 58.19 46.42 -51.35
CA PRO W 177 59.02 46.36 -50.14
C PRO W 177 60.39 45.75 -50.40
N ALA X 1 77.25 59.08 -66.01
CA ALA X 1 76.45 58.82 -64.83
C ALA X 1 75.12 58.18 -65.21
N HIS X 2 74.22 58.07 -64.24
CA HIS X 2 72.91 57.50 -64.49
C HIS X 2 72.05 58.48 -65.29
N ILE X 3 71.27 57.94 -66.23
CA ILE X 3 70.44 58.77 -67.09
C ILE X 3 69.16 59.13 -66.35
N GLU X 4 68.92 60.42 -66.20
CA GLU X 4 67.67 60.87 -65.62
C GLU X 4 66.52 60.60 -66.58
N PRO X 5 65.39 60.12 -66.10
CA PRO X 5 64.26 59.84 -66.99
C PRO X 5 63.66 61.11 -67.59
N ARG X 6 63.20 60.99 -68.82
CA ARG X 6 62.61 62.11 -69.55
C ARG X 6 61.12 61.85 -69.76
N TYR X 7 60.32 62.90 -69.55
CA TYR X 7 58.87 62.79 -69.65
C TYR X 7 58.44 63.00 -71.10
N ARG X 8 57.80 61.98 -71.66
CA ARG X 8 57.27 61.88 -73.03
C ARG X 8 58.17 62.48 -74.11
N GLN X 9 59.48 62.22 -74.01
CA GLN X 9 60.45 62.67 -74.98
C GLN X 9 61.39 61.50 -75.33
N PHE X 10 62.30 61.76 -76.25
CA PHE X 10 63.28 60.75 -76.63
C PHE X 10 64.29 60.56 -75.50
N PRO X 11 64.56 59.33 -75.08
CA PRO X 11 65.54 59.11 -74.01
C PRO X 11 66.96 59.40 -74.46
N GLN X 12 67.80 59.71 -73.49
CA GLN X 12 69.21 59.97 -73.75
C GLN X 12 69.92 58.70 -74.21
N LEU X 13 70.80 58.84 -75.19
CA LEU X 13 71.57 57.73 -75.73
C LEU X 13 73.05 58.01 -75.52
N THR X 14 73.70 57.13 -74.76
CA THR X 14 75.15 57.20 -74.64
C THR X 14 75.81 56.76 -75.94
N ARG X 15 76.96 57.36 -76.25
CA ARG X 15 77.67 57.00 -77.47
C ARG X 15 78.23 55.58 -77.42
N SER X 16 78.46 55.05 -76.23
CA SER X 16 79.08 53.72 -76.11
C SER X 16 78.19 52.62 -76.65
N GLN X 17 76.90 52.64 -76.30
CA GLN X 17 76.01 51.58 -76.74
C GLN X 17 75.76 51.65 -78.25
N VAL X 18 75.67 52.86 -78.80
CA VAL X 18 75.49 53.02 -80.24
C VAL X 18 76.73 52.54 -80.98
N ILE X 19 77.91 52.89 -80.47
CA ILE X 19 79.17 52.46 -81.10
C ILE X 19 79.28 50.94 -81.07
N GLN X 20 78.98 50.32 -79.93
CA GLN X 20 79.07 48.87 -79.83
C GLN X 20 78.04 48.16 -80.70
N ALA X 21 76.82 48.70 -80.79
CA ALA X 21 75.79 48.10 -81.64
C ALA X 21 76.16 48.19 -83.11
N GLU X 22 76.63 49.35 -83.56
CA GLU X 22 77.08 49.48 -84.94
C GLU X 22 78.29 48.61 -85.23
N PHE X 23 79.19 48.46 -84.24
CA PHE X 23 80.33 47.58 -84.38
C PHE X 23 79.89 46.12 -84.58
N PHE X 24 78.94 45.66 -83.77
CA PHE X 24 78.49 44.28 -83.88
C PHE X 24 77.74 44.03 -85.18
N SER X 25 76.94 45.00 -85.62
CA SER X 25 76.27 44.87 -86.92
C SER X 25 77.29 44.85 -88.06
N ALA X 26 78.34 45.68 -87.96
CA ALA X 26 79.37 45.71 -88.99
C ALA X 26 80.13 44.39 -89.06
N THR X 27 80.49 43.82 -87.90
CA THR X 27 81.17 42.52 -87.92
C THR X 27 80.25 41.41 -88.41
N MET X 28 78.95 41.51 -88.09
CA MET X 28 77.97 40.54 -88.59
C MET X 28 77.92 40.54 -90.12
N TRP X 29 77.74 41.72 -90.71
CA TRP X 29 77.62 41.80 -92.17
C TRP X 29 78.95 41.51 -92.85
N PHE X 30 80.06 41.91 -92.24
CA PHE X 30 81.38 41.60 -92.79
C PHE X 30 81.65 40.11 -92.78
N TRP X 31 81.29 39.41 -91.69
CA TRP X 31 81.47 37.97 -91.64
C TRP X 31 80.58 37.26 -92.65
N ILE X 32 79.34 37.74 -92.81
CA ILE X 32 78.43 37.14 -93.80
C ILE X 32 79.01 37.29 -95.21
N LEU X 33 79.46 38.50 -95.55
CA LEU X 33 79.98 38.74 -96.89
C LEU X 33 81.29 37.98 -97.14
N TRP X 34 82.17 37.92 -96.13
CA TRP X 34 83.42 37.20 -96.28
C TRP X 34 83.19 35.71 -96.45
N ARG X 35 82.29 35.13 -95.65
CA ARG X 35 82.01 33.70 -95.79
C ARG X 35 81.26 33.40 -97.09
N PHE X 36 80.43 34.33 -97.57
CA PHE X 36 79.75 34.10 -98.83
C PHE X 36 80.68 34.22 -100.01
N TRP X 37 81.70 35.07 -99.92
CA TRP X 37 82.67 35.15 -101.01
C TRP X 37 83.63 33.96 -100.99
N HIS X 38 84.09 33.55 -99.80
CA HIS X 38 85.08 32.47 -99.74
C HIS X 38 84.47 31.11 -100.04
N ASP X 39 83.50 30.69 -99.24
CA ASP X 39 82.95 29.35 -99.39
C ASP X 39 82.05 29.26 -100.61
N SER X 40 80.94 30.00 -100.59
CA SER X 40 79.98 30.12 -101.70
C SER X 40 79.41 28.77 -102.13
N ASP X 41 79.36 27.78 -101.24
CA ASP X 41 79.00 26.42 -101.60
C ASP X 41 77.70 25.97 -100.96
N ALA X 42 77.60 26.03 -99.64
CA ALA X 42 76.44 25.48 -98.94
C ALA X 42 75.17 26.29 -99.19
N VAL X 43 75.29 27.52 -99.65
CA VAL X 43 74.11 28.33 -99.95
C VAL X 43 73.66 28.14 -101.39
N LEU X 44 74.57 27.85 -102.30
CA LEU X 44 74.26 27.76 -103.73
C LEU X 44 74.35 26.35 -104.30
N GLY X 45 75.25 25.54 -103.82
CA GLY X 45 75.41 24.18 -104.29
C GLY X 45 76.86 23.75 -104.21
N HIS X 46 77.06 22.43 -104.07
CA HIS X 46 78.38 21.83 -103.97
C HIS X 46 78.80 21.12 -105.26
N PHE X 47 77.96 20.22 -105.76
CA PHE X 47 78.24 19.44 -106.95
C PHE X 47 77.07 19.53 -107.91
N PRO X 48 77.32 19.42 -109.22
CA PRO X 48 76.20 19.40 -110.17
C PRO X 48 75.35 18.16 -110.02
N TYR X 49 74.06 18.32 -110.31
CA TYR X 49 73.12 17.21 -110.22
C TYR X 49 72.81 16.71 -111.61
N PRO X 50 73.29 15.53 -112.01
CA PRO X 50 72.98 15.03 -113.35
C PRO X 50 71.54 14.57 -113.46
N ASP X 51 70.91 14.91 -114.58
CA ASP X 51 69.52 14.54 -114.80
C ASP X 51 69.40 13.03 -115.05
N PRO X 52 68.29 12.42 -114.63
CA PRO X 52 68.07 11.00 -114.93
C PRO X 52 67.74 10.73 -116.39
N SER X 53 67.37 11.75 -117.17
CA SER X 53 66.90 11.56 -118.53
C SER X 53 67.97 11.69 -119.60
N GLN X 54 69.17 12.11 -119.25
CA GLN X 54 70.23 12.29 -120.24
C GLN X 54 71.13 11.08 -120.40
N TRP X 55 70.91 10.02 -119.61
CA TRP X 55 71.73 8.83 -119.74
C TRP X 55 71.34 8.02 -120.98
N THR X 56 72.33 7.38 -121.57
CA THR X 56 72.12 6.55 -122.74
C THR X 56 71.89 5.10 -122.30
N ASP X 57 71.92 4.18 -123.26
CA ASP X 57 71.68 2.76 -122.97
C ASP X 57 72.95 1.94 -122.87
N GLU X 58 74.03 2.35 -123.55
CA GLU X 58 75.29 1.61 -123.43
C GLU X 58 75.99 1.88 -122.10
N GLU X 59 75.72 3.02 -121.46
CA GLU X 59 76.16 3.21 -120.08
C GLU X 59 75.39 2.29 -119.13
N LEU X 60 74.11 2.05 -119.43
CA LEU X 60 73.28 1.17 -118.62
C LEU X 60 73.30 -0.27 -119.10
N GLY X 61 73.90 -0.55 -120.25
CA GLY X 61 74.03 -1.91 -120.74
C GLY X 61 72.72 -2.61 -121.07
N ILE X 62 71.83 -1.92 -121.79
CA ILE X 62 70.51 -2.44 -122.12
C ILE X 62 70.54 -2.92 -123.57
N PRO X 63 70.41 -4.23 -123.83
CA PRO X 63 70.25 -4.68 -125.21
C PRO X 63 68.91 -4.22 -125.77
N PRO X 64 68.83 -3.96 -127.08
CA PRO X 64 67.58 -3.44 -127.64
C PRO X 64 66.55 -4.55 -127.88
N ASP X 65 65.30 -4.25 -127.52
CA ASP X 65 64.19 -5.18 -127.72
C ASP X 65 62.87 -4.41 -127.76
N ILE Y 1 30.99 25.87 -30.23
CA ILE Y 1 30.61 24.63 -30.90
C ILE Y 1 29.85 23.72 -29.92
N THR Y 2 28.68 23.25 -30.35
CA THR Y 2 27.84 22.39 -29.53
C THR Y 2 27.04 21.48 -30.45
N LYS Y 3 25.99 20.87 -29.89
CA LYS Y 3 25.26 19.83 -30.62
C LYS Y 3 24.37 20.38 -31.73
N ASP Y 4 24.12 21.69 -31.76
CA ASP Y 4 23.36 22.30 -32.84
C ASP Y 4 24.20 23.25 -33.68
N MET Y 5 25.52 23.30 -33.46
CA MET Y 5 26.44 24.01 -34.35
C MET Y 5 26.96 23.12 -35.48
N LEU Y 6 27.25 21.85 -35.19
CA LEU Y 6 27.65 20.94 -36.25
C LEU Y 6 26.43 20.59 -37.11
N PRO Y 7 26.64 20.31 -38.40
CA PRO Y 7 25.50 20.01 -39.28
C PRO Y 7 24.78 18.74 -38.89
N GLY Y 8 23.46 18.75 -39.07
CA GLY Y 8 22.63 17.64 -38.65
C GLY Y 8 22.00 16.91 -39.82
N PRO Y 9 20.91 16.20 -39.55
CA PRO Y 9 20.26 15.41 -40.61
C PRO Y 9 19.46 16.25 -41.58
N TYR Y 10 18.74 15.59 -42.48
CA TYR Y 10 17.99 16.30 -43.50
C TYR Y 10 16.78 17.01 -42.89
N PRO Y 11 16.60 18.32 -43.15
CA PRO Y 11 15.42 19.01 -42.66
C PRO Y 11 14.23 18.81 -43.60
N LYS Y 12 13.09 18.44 -43.04
CA LYS Y 12 11.90 18.13 -43.83
C LYS Y 12 10.90 19.28 -43.83
N THR Y 13 10.43 19.69 -42.66
CA THR Y 13 9.42 20.74 -42.58
C THR Y 13 10.04 22.12 -42.77
N PRO Y 14 9.21 23.10 -43.19
CA PRO Y 14 9.67 24.48 -43.27
C PRO Y 14 10.34 25.03 -42.00
N GLU Y 15 9.89 24.62 -40.81
CA GLU Y 15 10.43 25.18 -39.57
C GLU Y 15 11.88 24.72 -39.35
N GLU Y 16 12.13 23.41 -39.47
CA GLU Y 16 13.50 22.92 -39.33
C GLU Y 16 14.36 23.35 -40.50
N ARG Y 17 13.76 23.57 -41.67
CA ARG Y 17 14.49 24.13 -42.80
C ARG Y 17 14.96 25.55 -42.50
N ALA Y 18 14.10 26.36 -41.86
CA ALA Y 18 14.48 27.71 -41.48
C ALA Y 18 15.53 27.69 -40.37
N ALA Y 19 15.42 26.71 -39.45
CA ALA Y 19 16.44 26.56 -38.42
C ALA Y 19 17.79 26.20 -39.00
N ALA Y 20 17.81 25.33 -40.02
CA ALA Y 20 19.05 25.01 -40.70
C ALA Y 20 19.56 26.19 -41.51
N ALA Y 21 18.67 26.97 -42.11
CA ALA Y 21 19.08 28.13 -42.89
C ALA Y 21 19.71 29.20 -42.01
N LYS Y 22 19.16 29.43 -40.81
CA LYS Y 22 19.77 30.34 -39.87
C LYS Y 22 20.95 29.72 -39.13
N LYS Y 23 21.13 28.40 -39.23
CA LYS Y 23 22.35 27.78 -38.72
C LYS Y 23 23.55 28.15 -39.59
N TYR Y 24 23.38 28.13 -40.91
CA TYR Y 24 24.44 28.53 -41.84
C TYR Y 24 24.46 30.02 -42.11
N ASN Y 25 23.49 30.77 -41.58
CA ASN Y 25 23.39 32.23 -41.71
C ASN Y 25 23.29 32.64 -43.19
N MET Y 26 22.20 32.21 -43.83
CA MET Y 26 21.92 32.58 -45.21
C MET Y 26 20.42 32.82 -45.35
N ARG Y 27 19.97 33.02 -46.58
CA ARG Y 27 18.56 33.21 -46.86
C ARG Y 27 17.80 31.89 -46.68
N VAL Y 28 16.55 32.01 -46.24
CA VAL Y 28 15.73 30.82 -46.01
C VAL Y 28 15.34 30.15 -47.34
N GLU Y 29 14.93 30.95 -48.33
CA GLU Y 29 14.58 30.37 -49.62
C GLU Y 29 15.81 29.96 -50.42
N ASP Y 30 16.91 30.70 -50.31
CA ASP Y 30 18.11 30.35 -51.05
C ASP Y 30 18.84 29.14 -50.48
N TYR Y 31 18.56 28.78 -49.22
CA TYR Y 31 19.10 27.55 -48.65
C TYR Y 31 18.24 26.39 -49.14
N GLU Y 32 18.78 25.60 -50.05
CA GLU Y 32 18.12 24.40 -50.54
C GLU Y 32 19.13 23.25 -50.53
N PRO Y 33 18.76 22.09 -50.03
CA PRO Y 33 19.72 21.01 -49.85
C PRO Y 33 19.76 20.04 -51.03
N TYR Y 34 20.76 19.16 -51.00
CA TYR Y 34 20.85 18.10 -51.98
C TYR Y 34 19.72 17.10 -51.79
N PRO Y 35 19.25 16.47 -52.86
CA PRO Y 35 18.18 15.47 -52.73
C PRO Y 35 18.66 14.24 -51.96
N ASP Y 36 17.81 13.76 -51.04
CA ASP Y 36 18.16 12.67 -50.13
C ASP Y 36 18.11 11.33 -50.87
N ASP Y 37 19.12 11.12 -51.72
CA ASP Y 37 19.24 9.89 -52.50
C ASP Y 37 20.06 8.83 -51.77
N GLY Y 38 20.44 9.07 -50.53
CA GLY Y 38 21.18 8.10 -49.76
C GLY Y 38 22.68 8.19 -49.84
N MET Y 39 23.22 9.30 -50.32
CA MET Y 39 24.67 9.48 -50.39
C MET Y 39 25.25 10.13 -49.15
N GLY Y 40 24.42 10.40 -48.14
CA GLY Y 40 24.88 10.98 -46.89
C GLY Y 40 25.40 12.40 -47.00
N TYR Y 41 24.70 13.25 -47.75
CA TYR Y 41 25.09 14.65 -47.85
C TYR Y 41 24.71 15.41 -46.58
N GLY Y 42 23.42 15.42 -46.25
CA GLY Y 42 22.94 16.10 -45.06
C GLY Y 42 22.30 17.43 -45.38
N ASP Y 43 22.22 18.27 -44.35
CA ASP Y 43 21.61 19.58 -44.45
C ASP Y 43 22.54 20.65 -45.00
N TYR Y 44 23.65 20.26 -45.62
CA TYR Y 44 24.59 21.24 -46.13
C TYR Y 44 23.98 21.99 -47.32
N PRO Y 45 24.18 23.31 -47.39
CA PRO Y 45 23.60 24.08 -48.50
C PRO Y 45 24.23 23.70 -49.84
N LYS Y 46 23.41 23.78 -50.88
CA LYS Y 46 23.84 23.47 -52.24
C LYS Y 46 24.16 24.78 -52.97
N LEU Y 47 25.45 25.03 -53.17
CA LEU Y 47 25.89 26.17 -53.95
C LEU Y 47 25.54 25.95 -55.42
N PRO Y 48 25.45 27.03 -56.22
CA PRO Y 48 25.12 26.85 -57.64
C PRO Y 48 26.23 26.27 -58.52
N ASP Y 49 27.29 25.73 -57.90
CA ASP Y 49 28.31 24.90 -58.55
C ASP Y 49 29.11 25.71 -59.58
N ARG Y 50 29.69 26.82 -59.14
CA ARG Y 50 30.58 27.63 -59.95
C ARG Y 50 31.94 27.69 -59.29
N SER Y 51 32.95 28.04 -60.08
CA SER Y 51 34.32 28.08 -59.58
C SER Y 51 34.55 29.34 -58.76
N GLN Y 52 35.81 29.57 -58.38
CA GLN Y 52 36.15 30.70 -57.52
C GLN Y 52 36.92 31.79 -58.25
N GLN Y 53 37.35 31.54 -59.49
CA GLN Y 53 37.83 32.61 -60.35
C GLN Y 53 36.72 33.59 -60.72
N GLU Y 54 35.47 33.14 -60.70
CA GLU Y 54 34.34 33.99 -61.05
C GLU Y 54 34.03 35.04 -59.98
N ARG Y 55 34.63 34.92 -58.79
CA ARG Y 55 34.39 35.88 -57.73
C ARG Y 55 35.01 37.23 -58.08
N ASP Y 56 34.55 38.25 -57.36
CA ASP Y 56 35.05 39.61 -57.58
C ASP Y 56 36.49 39.72 -57.09
N PRO Y 57 37.46 40.02 -57.95
CA PRO Y 57 38.84 40.13 -57.48
C PRO Y 57 39.17 41.48 -56.86
N TRP Y 58 38.41 42.53 -57.16
CA TRP Y 58 38.66 43.85 -56.62
C TRP Y 58 38.00 44.08 -55.27
N TYR Y 59 37.10 43.20 -54.85
CA TYR Y 59 36.42 43.36 -53.58
C TYR Y 59 37.34 43.01 -52.43
N ASP Y 60 37.22 43.74 -51.33
CA ASP Y 60 38.05 43.55 -50.15
C ASP Y 60 37.58 42.29 -49.42
N TRP Y 61 38.10 41.15 -49.87
CA TRP Y 61 37.76 39.87 -49.27
C TRP Y 61 38.40 39.74 -47.90
N ASP Y 62 37.79 38.89 -47.06
CA ASP Y 62 38.43 38.55 -45.79
C ASP Y 62 39.64 37.64 -46.01
N HIS Y 63 39.53 36.70 -46.95
CA HIS Y 63 40.66 35.89 -47.39
C HIS Y 63 40.98 36.24 -48.83
N PRO Y 64 42.04 37.00 -49.09
CA PRO Y 64 42.26 37.49 -50.48
C PRO Y 64 42.77 36.42 -51.42
N ASP Y 65 43.57 35.47 -50.94
CA ASP Y 65 44.09 34.42 -51.81
C ASP Y 65 43.02 33.43 -52.22
N LEU Y 66 41.91 33.36 -51.48
CA LEU Y 66 40.83 32.45 -51.79
C LEU Y 66 39.58 33.17 -52.29
N ARG Y 67 39.53 34.50 -52.20
CA ARG Y 67 38.34 35.30 -52.51
C ARG Y 67 37.13 34.81 -51.71
N LEU Y 68 37.36 34.48 -50.44
CA LEU Y 68 36.32 33.94 -49.56
C LEU Y 68 36.20 34.82 -48.33
N ASN Y 69 34.97 35.06 -47.92
CA ASN Y 69 34.68 35.90 -46.76
C ASN Y 69 34.59 35.04 -45.51
N TRP Y 70 34.13 35.63 -44.42
CA TRP Y 70 34.01 34.96 -43.13
C TRP Y 70 32.54 34.64 -42.87
N GLY Y 71 32.28 33.41 -42.45
CA GLY Y 71 30.94 32.99 -42.11
C GLY Y 71 30.08 32.58 -43.29
N GLU Y 72 30.60 32.67 -44.50
CA GLU Y 72 29.84 32.25 -45.67
C GLU Y 72 29.70 30.72 -45.65
N PRO Y 73 28.51 30.19 -45.97
CA PRO Y 73 28.40 28.74 -46.15
C PRO Y 73 29.09 28.31 -47.43
N MET Y 74 30.27 27.71 -47.29
CA MET Y 74 31.13 27.49 -48.46
C MET Y 74 30.67 26.28 -49.25
N HIS Y 75 31.35 26.05 -50.36
CA HIS Y 75 30.99 24.97 -51.28
C HIS Y 75 31.25 23.60 -50.64
N TRP Y 76 30.52 22.60 -51.13
CA TRP Y 76 30.80 21.22 -50.75
C TRP Y 76 32.17 20.76 -51.25
N ASP Y 77 32.68 21.40 -52.30
CA ASP Y 77 33.95 21.06 -52.94
C ASP Y 77 34.85 22.29 -53.05
N LEU Y 78 35.05 22.98 -51.92
CA LEU Y 78 35.95 24.13 -51.88
C LEU Y 78 37.37 23.73 -52.26
N ASP Y 79 37.82 22.56 -51.81
CA ASP Y 79 39.15 22.07 -52.16
C ASP Y 79 39.26 21.81 -53.66
N MET Y 80 38.18 21.34 -54.29
CA MET Y 80 38.20 21.14 -55.73
C MET Y 80 38.10 22.46 -56.47
N TYR Y 81 37.47 23.47 -55.89
CA TYR Y 81 37.16 24.73 -56.58
C TYR Y 81 38.06 25.87 -56.13
N ILE Y 82 39.34 25.60 -55.86
CA ILE Y 82 40.30 26.68 -55.62
C ILE Y 82 40.80 27.18 -56.96
N ARG Y 83 41.54 28.29 -56.95
CA ARG Y 83 42.13 28.82 -58.18
C ARG Y 83 43.18 27.87 -58.75
N ASN Y 84 43.84 27.08 -57.90
CA ASN Y 84 44.90 26.17 -58.30
C ASN Y 84 44.36 24.84 -58.86
N ARG Y 85 43.08 24.77 -59.18
CA ARG Y 85 42.45 23.51 -59.57
C ARG Y 85 41.46 23.83 -60.70
N VAL Y 86 40.50 22.92 -60.89
CA VAL Y 86 39.51 22.99 -61.96
C VAL Y 86 38.81 24.35 -61.96
N ASP Y 87 38.77 24.98 -63.14
CA ASP Y 87 38.25 26.33 -63.30
C ASP Y 87 37.04 26.29 -64.24
N THR Y 88 36.03 27.10 -63.91
CA THR Y 88 34.78 27.18 -64.66
C THR Y 88 34.61 28.57 -65.25
N SER Y 89 35.67 29.13 -65.81
CA SER Y 89 35.62 30.44 -66.41
C SER Y 89 34.81 30.41 -67.71
N PRO Y 90 34.05 31.48 -67.99
CA PRO Y 90 33.31 31.53 -69.27
C PRO Y 90 34.23 31.75 -70.46
N THR Y 91 34.44 30.69 -71.25
CA THR Y 91 35.34 30.78 -72.38
C THR Y 91 34.68 31.57 -73.52
N PRO Y 92 35.48 32.32 -74.28
CA PRO Y 92 34.91 33.03 -75.44
C PRO Y 92 34.41 32.13 -76.55
N VAL Y 93 34.83 30.87 -76.59
CA VAL Y 93 34.43 29.92 -77.62
C VAL Y 93 33.54 28.88 -76.96
N ASN Y 94 32.63 28.30 -77.75
CA ASN Y 94 31.77 27.24 -77.26
C ASN Y 94 32.58 26.00 -76.91
N TRP Y 95 32.19 25.35 -75.81
CA TRP Y 95 32.91 24.16 -75.34
C TRP Y 95 32.75 22.99 -76.29
N ASN Y 96 31.52 22.75 -76.76
CA ASN Y 96 31.29 21.66 -77.71
C ASN Y 96 32.01 21.91 -79.02
N LEU Y 97 32.01 23.16 -79.48
CA LEU Y 97 32.76 23.51 -80.69
C LEU Y 97 34.25 23.33 -80.48
N MET Y 98 34.76 23.64 -79.29
CA MET Y 98 36.17 23.43 -78.99
C MET Y 98 36.53 21.95 -79.05
N CYS Y 99 35.69 21.10 -78.44
CA CYS Y 99 35.94 19.67 -78.45
C CYS Y 99 35.88 19.11 -79.87
N LYS Y 100 34.89 19.57 -80.66
CA LYS Y 100 34.77 19.12 -82.04
C LYS Y 100 35.97 19.54 -82.88
N HIS Y 101 36.43 20.78 -82.71
CA HIS Y 101 37.60 21.27 -83.46
C HIS Y 101 38.85 20.50 -83.09
N LEU Y 102 39.08 20.27 -81.79
CA LEU Y 102 40.28 19.55 -81.35
C LEU Y 102 40.26 18.11 -81.84
N PHE Y 103 39.11 17.43 -81.70
CA PHE Y 103 39.01 16.05 -82.14
C PHE Y 103 39.17 15.93 -83.66
N GLY Y 104 38.54 16.84 -84.41
CA GLY Y 104 38.68 16.80 -85.86
C GLY Y 104 40.10 17.07 -86.32
N PHE Y 105 40.77 18.04 -85.70
CA PHE Y 105 42.16 18.36 -86.04
C PHE Y 105 43.08 17.18 -85.75
N VAL Y 106 42.96 16.60 -84.55
CA VAL Y 106 43.84 15.51 -84.16
C VAL Y 106 43.59 14.27 -85.02
N ALA Y 107 42.33 13.93 -85.24
CA ALA Y 107 42.00 12.75 -86.04
C ALA Y 107 42.40 12.95 -87.50
N PHE Y 108 42.20 14.16 -88.03
CA PHE Y 108 42.54 14.44 -89.42
C PHE Y 108 44.04 14.31 -89.67
N MET Y 109 44.85 14.91 -88.81
CA MET Y 109 46.28 14.81 -89.10
C MET Y 109 46.89 13.50 -88.63
N LEU Y 110 46.26 12.77 -87.70
CA LEU Y 110 46.68 11.39 -87.46
C LEU Y 110 46.40 10.51 -88.67
N PHE Y 111 45.22 10.70 -89.28
CA PHE Y 111 44.89 9.96 -90.50
C PHE Y 111 45.83 10.33 -91.63
N MET Y 112 46.20 11.61 -91.74
CA MET Y 112 47.14 12.03 -92.77
C MET Y 112 48.54 11.48 -92.51
N PHE Y 113 48.96 11.39 -91.25
CA PHE Y 113 50.24 10.77 -90.92
C PHE Y 113 50.25 9.29 -91.30
N TRP Y 114 49.16 8.58 -91.02
CA TRP Y 114 49.10 7.18 -91.40
C TRP Y 114 49.03 7.01 -92.92
N VAL Y 115 48.35 7.92 -93.62
CA VAL Y 115 48.30 7.90 -95.08
C VAL Y 115 49.70 8.10 -95.66
N GLY Y 116 50.45 9.06 -95.12
CA GLY Y 116 51.83 9.24 -95.54
C GLY Y 116 52.72 8.07 -95.19
N GLU Y 117 52.39 7.35 -94.12
CA GLU Y 117 53.08 6.10 -93.83
C GLU Y 117 52.81 5.05 -94.90
N THR Y 118 51.57 4.97 -95.40
CA THR Y 118 51.27 4.05 -96.49
C THR Y 118 52.02 4.41 -97.78
N TYR Y 119 52.04 5.70 -98.12
CA TYR Y 119 52.69 6.17 -99.36
C TYR Y 119 53.81 7.12 -98.97
N PRO Y 120 55.03 6.62 -98.82
CA PRO Y 120 56.15 7.47 -98.39
C PRO Y 120 56.87 8.12 -99.55
N THR Y 121 57.70 9.10 -99.22
CA THR Y 121 58.60 9.73 -100.18
C THR Y 121 60.00 9.13 -100.05
N TYR Y 122 60.78 9.31 -101.10
CA TYR Y 122 62.14 8.76 -101.16
C TYR Y 122 62.93 9.55 -102.19
N GLN Y 123 64.11 9.04 -102.53
CA GLN Y 123 64.95 9.61 -103.56
C GLN Y 123 65.12 8.63 -104.71
N PRO Y 124 65.23 9.11 -105.94
CA PRO Y 124 65.48 8.19 -107.06
C PRO Y 124 66.90 7.66 -107.04
N VAL Y 125 67.17 6.67 -106.19
CA VAL Y 125 68.50 6.11 -106.01
C VAL Y 125 68.39 4.60 -105.87
N GLY Y 126 69.55 3.95 -105.89
CA GLY Y 126 69.63 2.53 -105.61
C GLY Y 126 70.08 2.29 -104.18
N PRO Y 127 70.31 1.02 -103.83
CA PRO Y 127 70.76 0.71 -102.48
C PRO Y 127 72.22 1.06 -102.27
N LYS Y 128 72.58 1.26 -101.00
CA LYS Y 128 73.96 1.50 -100.65
C LYS Y 128 74.78 0.22 -100.83
N GLN Y 129 76.03 0.39 -101.23
CA GLN Y 129 76.93 -0.72 -101.52
C GLN Y 129 78.02 -0.80 -100.46
N TYR Y 130 78.20 -1.98 -99.87
CA TYR Y 130 79.19 -2.19 -98.83
C TYR Y 130 80.07 -3.38 -99.21
N PRO Y 131 81.37 -3.31 -98.94
CA PRO Y 131 82.29 -4.38 -99.36
C PRO Y 131 82.29 -5.53 -98.36
N TYR Y 132 83.03 -6.58 -98.74
CA TYR Y 132 83.28 -7.76 -97.90
C TYR Y 132 81.98 -8.44 -97.46
N ASN Y 133 81.15 -8.77 -98.46
CA ASN Y 133 79.85 -9.42 -98.27
C ASN Y 133 78.95 -8.60 -97.34
N ASN Y 134 78.85 -7.30 -97.64
CA ASN Y 134 78.07 -6.33 -96.86
C ASN Y 134 78.51 -6.30 -95.40
N LEU Y 135 79.84 -6.34 -95.19
CA LEU Y 135 80.47 -6.27 -93.87
C LEU Y 135 79.97 -7.37 -92.93
N TYR Y 136 80.24 -8.61 -93.34
CA TYR Y 136 79.78 -9.76 -92.55
C TYR Y 136 80.52 -9.86 -91.23
N LEU Y 137 81.85 -9.68 -91.26
CA LEU Y 137 82.62 -9.80 -90.03
C LEU Y 137 82.40 -8.59 -89.12
N GLU Y 138 82.30 -7.39 -89.70
CA GLU Y 138 82.12 -6.18 -88.92
C GLU Y 138 80.73 -6.05 -88.33
N ARG Y 139 79.76 -6.85 -88.78
CA ARG Y 139 78.44 -6.87 -88.19
C ARG Y 139 78.39 -7.66 -86.88
N GLY Y 140 79.47 -8.35 -86.53
CA GLY Y 140 79.50 -9.20 -85.36
C GLY Y 140 79.35 -10.68 -85.64
N GLY Y 141 79.33 -11.08 -86.92
CA GLY Y 141 79.20 -12.48 -87.26
C GLY Y 141 80.42 -13.29 -86.90
N ASP Y 142 80.22 -14.59 -86.74
CA ASP Y 142 81.30 -15.47 -86.33
C ASP Y 142 82.27 -15.68 -87.50
N PRO Y 143 83.58 -15.77 -87.22
CA PRO Y 143 84.54 -15.99 -88.30
C PRO Y 143 84.71 -17.44 -88.69
N ASN Y 144 84.31 -18.39 -87.85
CA ASN Y 144 84.44 -19.81 -88.16
C ASN Y 144 83.46 -20.26 -89.24
N LYS Y 145 82.43 -19.48 -89.53
CA LYS Y 145 81.47 -19.77 -90.58
C LYS Y 145 81.72 -18.83 -91.74
N GLU Y 146 81.99 -19.39 -92.91
CA GLU Y 146 82.28 -18.59 -94.09
C GLU Y 146 80.97 -18.12 -94.73
N PRO Y 147 80.76 -16.81 -94.89
CA PRO Y 147 79.51 -16.34 -95.49
C PRO Y 147 79.47 -16.59 -96.98
N GLU Y 148 78.29 -16.41 -97.54
CA GLU Y 148 78.10 -16.51 -98.98
C GLU Y 148 78.72 -15.28 -99.64
N PRO Y 149 79.68 -15.44 -100.55
CA PRO Y 149 80.34 -14.25 -101.14
C PRO Y 149 79.44 -13.50 -102.10
N VAL Y 150 78.93 -12.36 -101.66
CA VAL Y 150 78.11 -11.49 -102.51
C VAL Y 150 78.95 -10.26 -102.85
N VAL Y 151 79.02 -9.94 -104.14
CA VAL Y 151 79.83 -8.83 -104.63
C VAL Y 151 78.91 -7.74 -105.14
N HIS Y 152 79.42 -6.51 -105.16
CA HIS Y 152 78.69 -5.36 -105.66
C HIS Y 152 79.31 -4.93 -106.97
N TYR Y 153 78.47 -4.78 -107.99
CA TYR Y 153 78.94 -4.62 -109.36
C TYR Y 153 78.83 -3.17 -109.81
N GLU Y 154 79.85 -2.72 -110.54
CA GLU Y 154 79.89 -1.36 -111.06
C GLU Y 154 78.94 -1.22 -112.24
N ILE Y 155 78.65 0.02 -112.60
CA ILE Y 155 77.77 0.32 -113.72
C ILE Y 155 78.29 1.51 -114.51
N THR Z 1 22.14 27.54 -12.21
CA THR Z 1 21.59 26.87 -13.38
C THR Z 1 22.69 26.54 -14.39
N LEU Z 2 23.93 26.87 -14.04
CA LEU Z 2 25.07 26.52 -14.89
C LEU Z 2 25.50 25.09 -14.58
N ARG Z 3 25.75 24.31 -15.63
CA ARG Z 3 25.93 22.87 -15.52
C ARG Z 3 27.41 22.54 -15.45
N TRP Z 4 27.79 21.71 -14.46
CA TRP Z 4 29.12 21.11 -14.35
C TRP Z 4 30.21 22.21 -14.29
N GLN Z 5 30.18 22.90 -13.16
CA GLN Z 5 31.02 24.07 -12.89
C GLN Z 5 32.49 23.76 -13.10
N GLU Z 6 33.07 24.43 -14.10
CA GLU Z 6 34.42 24.14 -14.57
C GLU Z 6 35.16 25.45 -14.71
N ASP Z 7 36.48 25.41 -14.45
CA ASP Z 7 37.33 26.57 -14.69
C ASP Z 7 37.32 26.92 -16.17
N PRO Z 8 37.48 28.21 -16.51
CA PRO Z 8 37.55 28.59 -17.92
C PRO Z 8 38.76 27.97 -18.61
N GLU Z 9 38.60 27.70 -19.90
CA GLU Z 9 39.64 27.01 -20.66
C GLU Z 9 40.88 27.87 -20.76
N PRO Z 10 42.06 27.36 -20.39
CA PRO Z 10 43.27 28.19 -20.39
C PRO Z 10 43.71 28.54 -21.81
N GLU Z 11 44.32 29.73 -21.92
CA GLU Z 11 44.81 30.21 -23.20
C GLU Z 11 46.11 29.51 -23.57
N ASP Z 12 46.58 29.76 -24.78
CA ASP Z 12 47.84 29.20 -25.23
C ASP Z 12 48.99 29.91 -24.52
N GLU Z 13 49.73 29.17 -23.70
CA GLU Z 13 50.84 29.75 -22.98
C GLU Z 13 51.97 30.05 -23.95
N ASN Z 14 52.52 31.26 -23.85
CA ASN Z 14 53.61 31.70 -24.72
C ASN Z 14 54.91 31.69 -23.94
N LEU Z 15 56.00 31.33 -24.63
CA LEU Z 15 57.26 31.05 -23.95
C LEU Z 15 58.31 32.15 -24.18
N TYR Z 16 58.12 33.02 -25.17
CA TYR Z 16 59.12 34.01 -25.51
C TYR Z 16 58.97 35.32 -24.75
N GLU Z 17 57.93 35.47 -23.92
CA GLU Z 17 57.76 36.68 -23.13
C GLU Z 17 58.49 36.61 -21.80
N LYS Z 18 58.23 35.56 -21.01
CA LYS Z 18 58.94 35.42 -19.74
C LYS Z 18 60.39 35.03 -19.93
N ASN Z 19 60.74 34.48 -21.09
CA ASN Z 19 62.12 34.11 -21.39
C ASN Z 19 62.33 34.20 -22.90
N PRO Z 20 62.92 35.29 -23.38
CA PRO Z 20 63.19 35.41 -24.83
C PRO Z 20 64.32 34.52 -25.31
N ASP Z 21 65.09 33.92 -24.42
CA ASP Z 21 66.20 33.04 -24.79
C ASP Z 21 65.83 31.57 -24.65
N SER Z 22 64.54 31.27 -24.47
CA SER Z 22 64.11 29.90 -24.25
C SER Z 22 64.20 29.07 -25.52
N HIS Z 23 64.57 27.80 -25.36
CA HIS Z 23 64.70 26.87 -26.47
C HIS Z 23 63.56 25.86 -26.52
N GLY Z 24 62.44 26.15 -25.84
CA GLY Z 24 61.26 25.31 -25.94
C GLY Z 24 61.28 24.05 -25.10
N TYR Z 25 62.12 23.99 -24.07
CA TYR Z 25 62.19 22.82 -23.21
C TYR Z 25 61.37 22.98 -21.93
N ASP Z 26 61.64 24.00 -21.15
CA ASP Z 26 60.92 24.26 -19.90
C ASP Z 26 60.97 25.76 -19.62
N LYS Z 27 60.63 26.13 -18.38
CA LYS Z 27 60.61 27.53 -17.99
C LYS Z 27 61.91 27.98 -17.33
N ASP Z 28 62.59 27.10 -16.62
CA ASP Z 28 63.85 27.47 -15.99
C ASP Z 28 64.94 27.57 -17.04
N PRO Z 29 65.67 28.70 -17.11
CA PRO Z 29 66.71 28.83 -18.14
C PRO Z 29 67.85 27.84 -18.02
N ALA Z 30 68.24 27.48 -16.80
CA ALA Z 30 69.30 26.49 -16.61
C ALA Z 30 68.86 25.11 -17.09
N VAL Z 31 67.60 24.76 -16.85
CA VAL Z 31 67.05 23.49 -17.33
C VAL Z 31 67.05 23.47 -18.86
N ASP Z 32 66.65 24.60 -19.48
CA ASP Z 32 66.63 24.69 -20.94
C ASP Z 32 68.02 24.55 -21.52
N VAL Z 33 69.01 25.25 -20.93
CA VAL Z 33 70.37 25.19 -21.43
C VAL Z 33 70.96 23.79 -21.26
N TRP Z 34 70.71 23.15 -20.11
CA TRP Z 34 71.23 21.80 -19.90
C TRP Z 34 70.58 20.79 -20.83
N ASN Z 35 69.27 20.91 -21.06
CA ASN Z 35 68.60 20.00 -21.98
C ASN Z 35 69.09 20.18 -23.40
N MET Z 36 69.28 21.44 -23.83
CA MET Z 36 69.80 21.72 -25.16
C MET Z 36 71.20 21.16 -25.34
N ARG Z 37 72.06 21.37 -24.34
CA ARG Z 37 73.43 20.86 -24.41
C ARG Z 37 73.44 19.34 -24.43
N VAL Z 38 72.57 18.70 -23.64
CA VAL Z 38 72.53 17.25 -23.57
C VAL Z 38 72.09 16.66 -24.91
N VAL Z 39 71.03 17.21 -25.50
CA VAL Z 39 70.55 16.63 -26.75
C VAL Z 39 71.51 16.95 -27.90
N PHE Z 40 72.08 18.16 -27.94
CA PHE Z 40 72.98 18.51 -29.03
C PHE Z 40 74.34 17.85 -28.89
N PHE Z 41 74.69 17.37 -27.70
CA PHE Z 41 75.93 16.63 -27.54
C PHE Z 41 75.73 15.14 -27.78
N PHE Z 42 74.70 14.55 -27.18
CA PHE Z 42 74.49 13.11 -27.23
C PHE Z 42 73.62 12.67 -28.41
N GLY Z 43 73.16 13.60 -29.24
CA GLY Z 43 72.39 13.22 -30.41
C GLY Z 43 73.14 13.45 -31.72
N PHE Z 44 73.89 14.55 -31.79
CA PHE Z 44 74.64 14.91 -32.98
C PHE Z 44 76.12 14.59 -32.88
N SER Z 45 76.76 15.05 -31.81
CA SER Z 45 78.19 14.90 -31.63
C SER Z 45 78.60 13.50 -31.21
N ILE Z 46 77.65 12.64 -30.84
CA ILE Z 46 77.94 11.38 -30.18
C ILE Z 46 77.39 10.19 -30.97
N VAL Z 47 76.19 10.30 -31.51
CA VAL Z 47 75.57 9.19 -32.24
C VAL Z 47 75.73 9.34 -33.75
N LEU Z 48 75.61 10.56 -34.28
CA LEU Z 48 75.66 10.74 -35.73
C LEU Z 48 77.07 10.57 -36.28
N VAL Z 49 78.02 11.36 -35.79
CA VAL Z 49 79.36 11.33 -36.37
C VAL Z 49 80.11 10.06 -35.96
N LEU Z 50 79.92 9.59 -34.72
CA LEU Z 50 80.60 8.37 -34.30
C LEU Z 50 79.93 7.14 -34.89
N GLY Z 51 78.61 7.16 -35.04
CA GLY Z 51 77.95 6.08 -35.74
C GLY Z 51 78.33 6.02 -37.21
N SER Z 52 78.49 7.19 -37.84
CA SER Z 52 78.95 7.22 -39.23
C SER Z 52 80.37 6.68 -39.36
N THR Z 53 81.25 7.04 -38.42
CA THR Z 53 82.60 6.48 -38.42
C THR Z 53 82.59 4.98 -38.15
N PHE Z 54 81.66 4.51 -37.33
CA PHE Z 54 81.57 3.07 -37.04
C PHE Z 54 81.09 2.30 -38.25
N VAL Z 55 80.04 2.78 -38.93
CA VAL Z 55 79.51 2.05 -40.07
C VAL Z 55 80.33 2.27 -41.33
N ALA Z 56 81.17 3.30 -41.38
CA ALA Z 56 82.07 3.47 -42.52
C ALA Z 56 83.19 2.45 -42.47
N TYR Z 57 83.77 2.22 -41.29
CA TYR Z 57 84.84 1.26 -41.10
C TYR Z 57 84.34 -0.03 -40.44
N LEU Z 58 83.11 -0.43 -40.75
CA LEU Z 58 82.59 -1.69 -40.24
C LEU Z 58 83.35 -2.85 -40.89
N PRO Z 59 83.74 -3.87 -40.12
CA PRO Z 59 84.64 -4.89 -40.67
C PRO Z 59 83.99 -5.84 -41.66
N ASP Z 60 83.94 -5.43 -42.93
CA ASP Z 60 83.63 -6.29 -44.08
C ASP Z 60 82.25 -6.94 -43.93
N TYR Z 61 81.24 -6.08 -44.07
CA TYR Z 61 79.84 -6.48 -43.95
C TYR Z 61 79.50 -7.66 -44.85
N ARG Z 62 79.00 -8.73 -44.21
CA ARG Z 62 78.57 -9.97 -44.84
C ARG Z 62 79.66 -10.60 -45.71
N MET Z 63 80.92 -10.30 -45.37
CA MET Z 63 82.10 -10.77 -46.11
C MET Z 63 82.04 -10.41 -47.59
N GLN Z 64 81.38 -9.29 -47.91
CA GLN Z 64 81.12 -8.95 -49.30
C GLN Z 64 82.41 -8.75 -50.08
N GLU Z 65 83.35 -8.00 -49.52
CA GLU Z 65 84.67 -7.85 -50.14
C GLU Z 65 85.38 -9.19 -50.22
N TRP Z 66 85.21 -10.03 -49.20
CA TRP Z 66 85.75 -11.40 -49.26
C TRP Z 66 85.15 -12.15 -50.43
N ALA Z 67 83.87 -11.91 -50.72
CA ALA Z 67 83.21 -12.55 -51.85
C ALA Z 67 83.87 -12.19 -53.17
N ARG Z 68 84.55 -11.04 -53.24
CA ARG Z 68 85.36 -10.76 -54.41
C ARG Z 68 86.61 -11.63 -54.42
N ARG Z 69 87.33 -11.66 -53.29
CA ARG Z 69 88.72 -12.12 -53.28
C ARG Z 69 88.83 -13.59 -53.63
N GLU Z 70 88.02 -14.43 -52.98
CA GLU Z 70 87.99 -15.85 -53.30
C GLU Z 70 87.55 -16.06 -54.75
N ALA Z 71 86.56 -15.27 -55.21
CA ALA Z 71 86.17 -15.33 -56.61
C ALA Z 71 87.33 -14.91 -57.51
N GLU Z 72 88.09 -13.89 -57.06
CA GLU Z 72 89.29 -13.48 -57.78
C GLU Z 72 90.30 -14.61 -57.85
N ARG Z 73 90.30 -15.50 -56.85
CA ARG Z 73 91.12 -16.70 -56.97
C ARG Z 73 90.50 -17.70 -57.95
N LEU Z 74 89.18 -17.90 -57.87
CA LEU Z 74 88.57 -19.10 -58.42
C LEU Z 74 88.64 -19.13 -59.94
N VAL Z 75 88.26 -18.02 -60.59
CA VAL Z 75 88.39 -17.92 -62.04
C VAL Z 75 89.86 -18.01 -62.44
N LYS Z 76 90.76 -17.44 -61.61
CA LYS Z 76 92.20 -17.55 -61.84
C LYS Z 76 92.65 -19.00 -61.86
N TYR Z 77 91.95 -19.88 -61.15
CA TYR Z 77 92.16 -21.30 -61.30
C TYR Z 77 91.65 -21.77 -62.66
N ARG Z 78 90.35 -21.60 -62.92
CA ARG Z 78 89.71 -22.31 -64.00
C ARG Z 78 89.87 -21.64 -65.35
N GLU Z 79 90.50 -20.46 -65.42
CA GLU Z 79 90.95 -19.93 -66.69
C GLU Z 79 92.36 -20.38 -67.04
N ALA Z 80 93.05 -21.07 -66.12
CA ALA Z 80 94.39 -21.58 -66.38
C ALA Z 80 94.41 -23.07 -66.68
N HIS Z 81 93.29 -23.78 -66.47
CA HIS Z 81 93.23 -25.21 -66.69
C HIS Z 81 92.14 -25.60 -67.68
N GLY Z 82 91.54 -24.63 -68.37
CA GLY Z 82 90.53 -24.93 -69.37
C GLY Z 82 89.18 -25.35 -68.84
N LEU Z 83 88.96 -25.24 -67.53
CA LEU Z 83 87.68 -25.60 -66.96
C LEU Z 83 86.62 -24.54 -67.31
N PRO Z 84 85.35 -24.93 -67.36
CA PRO Z 84 84.30 -23.93 -67.55
C PRO Z 84 84.18 -23.01 -66.35
N LEU Z 85 83.65 -21.81 -66.60
CA LEU Z 85 83.53 -20.79 -65.55
C LEU Z 85 82.60 -21.26 -64.44
N MET Z 86 81.34 -21.49 -64.76
CA MET Z 86 80.41 -22.16 -63.86
C MET Z 86 79.66 -23.23 -64.63
N GLU Z 87 79.17 -24.21 -63.89
CA GLU Z 87 78.49 -25.36 -64.47
C GLU Z 87 77.01 -25.31 -64.17
N SER Z 88 76.22 -25.95 -65.04
CA SER Z 88 74.77 -25.97 -64.86
C SER Z 88 74.35 -26.83 -63.66
N ASN Z 89 75.23 -27.72 -63.19
CA ASN Z 89 74.94 -28.56 -62.04
C ASN Z 89 75.55 -27.91 -60.80
N CYS Z 90 74.71 -27.56 -59.84
CA CYS Z 90 75.20 -26.93 -58.61
C CYS Z 90 76.00 -27.91 -57.77
N PHE Z 91 75.56 -29.17 -57.74
CA PHE Z 91 76.26 -30.23 -57.01
C PHE Z 91 76.82 -31.24 -58.01
N ASP Z 92 77.40 -32.31 -57.48
CA ASP Z 92 78.00 -33.33 -58.32
C ASP Z 92 76.90 -34.16 -58.98
N PRO Z 93 76.85 -34.23 -60.31
CA PRO Z 93 75.79 -35.03 -60.97
C PRO Z 93 76.02 -36.53 -60.88
N SER Z 94 77.18 -36.98 -60.42
CA SER Z 94 77.44 -38.40 -60.26
C SER Z 94 77.12 -38.90 -58.85
N LYS Z 95 76.79 -38.01 -57.92
CA LYS Z 95 76.54 -38.36 -56.53
C LYS Z 95 75.07 -38.16 -56.16
N ILE Z 96 74.18 -38.46 -57.11
CA ILE Z 96 72.74 -38.29 -56.91
C ILE Z 96 72.04 -39.52 -57.46
N GLN Z 97 71.17 -40.13 -56.66
CA GLN Z 97 70.39 -41.28 -57.10
C GLN Z 97 69.12 -40.77 -57.77
N LEU Z 98 69.10 -40.82 -59.10
CA LEU Z 98 67.97 -40.33 -59.85
C LEU Z 98 66.76 -41.25 -59.64
N PRO Z 99 65.57 -40.70 -59.39
CA PRO Z 99 64.39 -41.55 -59.24
C PRO Z 99 63.95 -42.14 -60.57
N GLU Z 100 63.25 -43.27 -60.49
CA GLU Z 100 62.90 -44.04 -61.67
C GLU Z 100 61.82 -43.35 -62.49
N ASP Z 101 61.91 -43.51 -63.80
CA ASP Z 101 60.93 -42.96 -64.72
C ASP Z 101 60.45 -44.01 -65.71
N LYS AA 1 53.77 18.01 17.71
CA LYS AA 1 52.33 17.76 17.76
C LYS AA 1 51.61 18.50 16.65
N PHE AA 2 51.45 17.81 15.51
CA PHE AA 2 50.74 18.39 14.37
C PHE AA 2 49.26 18.06 14.41
N TYR AA 3 48.92 16.77 14.43
CA TYR AA 3 47.52 16.36 14.37
C TYR AA 3 46.82 16.60 15.69
N ILE AA 4 45.53 16.96 15.61
CA ILE AA 4 44.76 17.31 16.80
C ILE AA 4 44.56 16.09 17.70
N GLN AA 5 44.40 14.91 17.13
CA GLN AA 5 44.26 13.68 17.89
C GLN AA 5 45.54 12.86 17.78
N GLU AA 6 45.52 11.68 18.40
CA GLU AA 6 46.61 10.74 18.28
C GLU AA 6 46.21 9.66 17.28
N PRO AA 7 46.83 9.61 16.09
CA PRO AA 7 46.46 8.57 15.13
C PRO AA 7 46.91 7.20 15.62
N PRO AA 8 46.15 6.14 15.30
CA PRO AA 8 46.57 4.79 15.71
C PRO AA 8 47.88 4.34 15.09
N HIS AA 9 48.20 4.83 13.90
CA HIS AA 9 49.44 4.49 13.22
C HIS AA 9 50.50 5.59 13.35
N GLY AA 10 50.30 6.54 14.25
CA GLY AA 10 51.30 7.56 14.52
C GLY AA 10 52.39 7.16 15.47
N SER AA 11 52.32 5.95 16.03
CA SER AA 11 53.32 5.45 16.96
C SER AA 11 53.80 4.07 16.50
N PRO AA 12 55.11 3.81 16.57
CA PRO AA 12 55.61 2.51 16.14
C PRO AA 12 55.30 1.39 17.12
N ASN AA 13 54.38 0.50 16.72
CA ASN AA 13 54.07 -0.67 17.52
C ASN AA 13 55.25 -1.64 17.44
N TRP AA 14 56.03 -1.71 18.52
CA TRP AA 14 57.26 -2.48 18.48
C TRP AA 14 57.01 -3.99 18.50
N LEU AA 15 55.90 -4.41 19.12
CA LEU AA 15 55.58 -5.84 19.17
C LEU AA 15 55.27 -6.40 17.79
N LYS AA 16 54.50 -5.64 16.99
CA LYS AA 16 54.12 -6.12 15.65
C LYS AA 16 55.32 -6.21 14.72
N VAL AA 17 56.16 -5.18 14.72
CA VAL AA 17 57.34 -5.20 13.85
C VAL AA 17 58.37 -6.21 14.36
N GLY AA 18 58.44 -6.43 15.68
CA GLY AA 18 59.31 -7.48 16.19
C GLY AA 18 58.85 -8.86 15.79
N LEU AA 19 57.53 -9.11 15.83
CA LEU AA 19 57.00 -10.38 15.38
C LEU AA 19 57.22 -10.57 13.88
N THR AA 20 57.08 -9.50 13.09
CA THR AA 20 57.31 -9.60 11.66
C THR AA 20 58.78 -9.91 11.35
N LEU AA 21 59.70 -9.24 12.06
CA LEU AA 21 61.13 -9.51 11.87
C LEU AA 21 61.50 -10.92 12.29
N GLY AA 22 60.93 -11.39 13.41
CA GLY AA 22 61.20 -12.75 13.84
C GLY AA 22 60.65 -13.80 12.90
N THR AA 23 59.45 -13.56 12.35
CA THR AA 23 58.88 -14.48 11.37
C THR AA 23 59.69 -14.51 10.09
N SER AA 24 60.17 -13.35 9.63
CA SER AA 24 61.00 -13.31 8.43
C SER AA 24 62.33 -14.03 8.65
N ALA AA 25 62.95 -13.82 9.82
CA ALA AA 25 64.19 -14.51 10.13
C ALA AA 25 63.99 -16.01 10.24
N PHE AA 26 62.89 -16.44 10.86
CA PHE AA 26 62.58 -17.86 10.97
C PHE AA 26 62.37 -18.48 9.60
N LEU AA 27 61.64 -17.79 8.73
CA LEU AA 27 61.40 -18.29 7.37
C LEU AA 27 62.70 -18.41 6.59
N TRP AA 28 63.57 -17.40 6.69
CA TRP AA 28 64.85 -17.45 5.99
C TRP AA 28 65.73 -18.57 6.50
N ILE AA 29 65.82 -18.73 7.83
CA ILE AA 29 66.66 -19.77 8.41
C ILE AA 29 66.16 -21.16 8.04
N TYR AA 30 64.83 -21.34 8.08
CA TYR AA 30 64.24 -22.61 7.66
C TYR AA 30 64.50 -22.86 6.18
N LEU AA 31 64.49 -21.80 5.36
CA LEU AA 31 64.72 -21.97 3.93
C LEU AA 31 66.15 -22.43 3.64
N ILE AA 32 67.15 -21.80 4.26
CA ILE AA 32 68.53 -22.21 4.03
C ILE AA 32 68.79 -23.60 4.62
N LYS AA 33 68.20 -23.90 5.78
CA LYS AA 33 68.38 -25.23 6.37
C LYS AA 33 67.75 -26.31 5.50
N GLN AA 34 66.56 -26.05 4.95
CA GLN AA 34 65.92 -26.99 4.04
C GLN AA 34 66.71 -27.16 2.76
N HIS AA 35 67.28 -26.06 2.23
CA HIS AA 35 68.10 -26.16 1.03
C HIS AA 35 69.36 -26.99 1.28
N ASN AA 36 70.00 -26.80 2.44
CA ASN AA 36 71.17 -27.61 2.78
C ASN AA 36 70.80 -29.09 2.94
N GLU AA 37 69.68 -29.36 3.64
CA GLU AA 37 69.25 -30.74 3.81
C GLU AA 37 68.97 -31.40 2.47
N ASP AA 38 68.32 -30.66 1.56
CA ASP AA 38 68.04 -31.18 0.23
C ASP AA 38 69.32 -31.43 -0.56
N VAL AA 39 70.30 -30.52 -0.50
CA VAL AA 39 71.47 -30.68 -1.37
C VAL AA 39 72.37 -31.82 -0.88
N LEU AA 40 72.61 -31.92 0.43
CA LEU AA 40 73.40 -33.09 0.86
C LEU AA 40 72.61 -34.39 0.84
N GLU AA 41 71.27 -34.36 0.93
CA GLU AA 41 70.54 -35.60 0.69
C GLU AA 41 70.56 -35.99 -0.78
N TYR AA 42 70.65 -35.00 -1.68
CA TYR AA 42 70.80 -35.30 -3.10
C TYR AA 42 72.16 -35.92 -3.39
N LYS AA 43 73.23 -35.36 -2.80
CA LYS AA 43 74.55 -35.96 -2.99
C LYS AA 43 74.66 -37.32 -2.31
N ARG AA 44 73.91 -37.55 -1.23
CA ARG AA 44 73.89 -38.88 -0.62
C ARG AA 44 73.12 -39.88 -1.47
N ARG AA 45 71.99 -39.46 -2.05
CA ARG AA 45 71.11 -40.37 -2.75
C ARG AA 45 71.65 -40.82 -4.10
N ASN AA 46 72.67 -40.14 -4.63
CA ASN AA 46 73.30 -40.54 -5.88
C ASN AA 46 74.80 -40.78 -5.75
N GLY AA 47 75.41 -40.46 -4.62
CA GLY AA 47 76.83 -40.68 -4.44
C GLY AA 47 77.72 -39.78 -5.27
N LEU AA 48 77.21 -38.63 -5.69
CA LEU AA 48 77.98 -37.70 -6.54
C LEU AA 48 78.73 -36.68 -5.69
N GLU AA 49 79.56 -37.20 -4.79
CA GLU AA 49 80.36 -36.35 -3.92
C GLU AA 49 81.82 -36.33 -4.36
N ARG BA 1 79.14 10.57 -3.83
CA ARG BA 1 78.84 10.96 -5.20
C ARG BA 1 77.41 11.45 -5.33
N ASP BA 2 77.23 12.65 -5.87
CA ASP BA 2 75.92 13.25 -6.05
C ASP BA 2 75.37 13.03 -7.45
N HIS BA 3 75.95 12.11 -8.22
CA HIS BA 3 75.47 11.78 -9.55
C HIS BA 3 75.18 10.29 -9.63
N TRP BA 4 74.48 9.76 -8.62
CA TRP BA 4 74.20 8.32 -8.57
C TRP BA 4 73.14 7.89 -9.58
N ILE BA 5 72.28 8.82 -10.02
CA ILE BA 5 71.21 8.45 -10.93
C ILE BA 5 71.68 8.35 -12.37
N HIS BA 6 72.87 8.88 -12.69
CA HIS BA 6 73.37 8.88 -14.05
C HIS BA 6 74.21 7.66 -14.38
N VAL BA 7 74.39 6.74 -13.44
CA VAL BA 7 75.20 5.54 -13.68
C VAL BA 7 74.32 4.31 -13.56
N LEU BA 8 73.03 4.46 -13.87
CA LEU BA 8 72.12 3.32 -13.83
C LEU BA 8 72.23 2.49 -15.11
N VAL BA 9 72.06 3.14 -16.26
CA VAL BA 9 72.12 2.43 -17.54
C VAL BA 9 73.49 1.85 -17.87
N PRO BA 10 74.63 2.54 -17.67
CA PRO BA 10 75.92 1.84 -17.89
C PRO BA 10 76.13 0.63 -16.99
N VAL BA 11 75.66 0.70 -15.74
CA VAL BA 11 75.74 -0.47 -14.86
C VAL BA 11 74.85 -1.59 -15.39
N GLY BA 12 73.66 -1.23 -15.90
CA GLY BA 12 72.79 -2.23 -16.49
C GLY BA 12 73.38 -2.88 -17.73
N PHE BA 13 74.07 -2.09 -18.55
CA PHE BA 13 74.72 -2.65 -19.74
C PHE BA 13 75.90 -3.55 -19.36
N VAL BA 14 76.67 -3.17 -18.34
CA VAL BA 14 77.76 -4.01 -17.87
C VAL BA 14 77.21 -5.33 -17.34
N PHE BA 15 76.12 -5.27 -16.57
CA PHE BA 15 75.49 -6.49 -16.05
C PHE BA 15 74.93 -7.35 -17.17
N GLY BA 16 74.35 -6.73 -18.19
CA GLY BA 16 73.83 -7.49 -19.32
C GLY BA 16 74.92 -8.17 -20.13
N TYR BA 17 76.04 -7.47 -20.33
CA TYR BA 17 77.15 -8.09 -21.05
C TYR BA 17 77.78 -9.21 -20.23
N TYR BA 18 77.86 -9.04 -18.90
CA TYR BA 18 78.34 -10.12 -18.04
C TYR BA 18 77.41 -11.33 -18.10
N LEU BA 19 76.10 -11.09 -18.10
CA LEU BA 19 75.13 -12.17 -18.21
C LEU BA 19 75.25 -12.88 -19.56
N ASP BA 20 75.46 -12.13 -20.64
CA ASP BA 20 75.62 -12.75 -21.95
C ASP BA 20 76.89 -13.58 -22.02
N ARG BA 21 78.00 -13.05 -21.47
CA ARG BA 21 79.27 -13.78 -21.45
C ARG BA 21 79.18 -15.03 -20.58
N LYS BA 22 78.35 -15.01 -19.54
CA LYS BA 22 78.05 -16.25 -18.83
C LYS BA 22 77.14 -17.14 -19.65
N ASN BA 23 76.33 -16.55 -20.54
CA ASN BA 23 75.34 -17.32 -21.27
C ASN BA 23 75.95 -18.17 -22.38
N ASP BA 24 77.03 -17.71 -23.03
CA ASP BA 24 77.58 -18.58 -24.07
C ASP BA 24 78.36 -19.75 -23.48
N GLU BA 25 78.66 -19.73 -22.18
CA GLU BA 25 79.38 -20.82 -21.55
C GLU BA 25 78.53 -22.09 -21.51
N LYS BA 26 77.22 -21.93 -21.33
CA LYS BA 26 76.31 -23.07 -21.34
C LYS BA 26 76.06 -23.62 -22.73
N LEU BA 27 76.48 -22.91 -23.77
CA LEU BA 27 76.29 -23.31 -25.16
C LEU BA 27 77.57 -23.84 -25.79
N ALA BA 28 78.39 -24.54 -25.02
CA ALA BA 28 79.64 -25.09 -25.49
C ALA BA 28 79.52 -26.57 -25.88
N ALA BA 29 78.38 -26.96 -26.44
CA ALA BA 29 78.16 -28.36 -26.79
C ALA BA 29 79.01 -28.78 -27.98
N PHE BA 30 79.23 -27.88 -28.93
CA PHE BA 30 79.95 -28.18 -30.16
C PHE BA 30 81.20 -27.32 -30.32
N ARG BA 31 81.83 -26.95 -29.21
CA ARG BA 31 83.05 -26.16 -29.28
C ARG BA 31 84.20 -27.02 -29.80
N ASN BA 32 84.86 -26.54 -30.85
CA ASN BA 32 85.93 -27.26 -31.55
C ASN BA 32 85.45 -28.62 -32.03
N LYS BA 33 84.21 -28.69 -32.52
CA LYS BA 33 83.65 -29.93 -33.01
C LYS BA 33 82.94 -29.77 -34.35
N SER BA 34 82.82 -28.55 -34.87
CA SER BA 34 82.18 -28.33 -36.16
C SER BA 34 83.03 -28.89 -37.29
N LEU BA 35 82.39 -29.46 -38.30
CA LEU BA 35 83.09 -30.09 -39.41
C LEU BA 35 83.77 -29.09 -40.33
N LEU BA 36 83.52 -27.80 -40.18
CA LEU BA 36 84.06 -26.78 -41.06
C LEU BA 36 85.08 -25.87 -40.39
N TYR BA 37 85.02 -25.70 -39.06
CA TYR BA 37 85.87 -24.77 -38.34
C TYR BA 37 86.82 -25.48 -37.38
N LYS BA 38 86.92 -26.81 -37.46
CA LYS BA 38 87.74 -27.56 -36.51
C LYS BA 38 89.23 -27.34 -36.76
N ARG BA 39 89.98 -27.24 -35.67
CA ARG BA 39 91.42 -27.08 -35.73
C ARG BA 39 92.02 -27.65 -34.45
N GLU BA 40 93.31 -27.97 -34.52
CA GLU BA 40 94.00 -28.49 -33.36
C GLU BA 40 94.20 -27.40 -32.32
N LEU BA 41 93.97 -27.75 -31.05
CA LEU BA 41 94.11 -26.79 -29.97
C LEU BA 41 95.58 -26.50 -29.73
N LYS BA 42 95.96 -25.23 -29.80
CA LYS BA 42 97.36 -24.83 -29.78
C LYS BA 42 97.96 -24.99 -28.39
N PRO BA 43 99.29 -25.13 -28.30
CA PRO BA 43 99.94 -25.07 -27.00
C PRO BA 43 99.82 -23.68 -26.38
N GLN BA 44 99.95 -23.66 -25.04
CA GLN BA 44 99.68 -22.48 -24.21
C GLN BA 44 98.27 -21.95 -24.44
N GLU BA 45 97.31 -22.87 -24.54
CA GLU BA 45 95.91 -22.54 -24.74
C GLU BA 45 95.07 -23.65 -24.10
N GLU BA 46 93.84 -23.31 -23.76
CA GLU BA 46 92.94 -24.28 -23.14
C GLU BA 46 91.62 -24.37 -23.90
N VAL BA 47 91.12 -23.23 -24.39
CA VAL BA 47 89.88 -23.18 -25.16
C VAL BA 47 90.15 -22.42 -26.46
N THR BA 48 89.34 -22.69 -27.47
CA THR BA 48 89.43 -21.95 -28.72
C THR BA 48 88.84 -20.56 -28.59
N TRP BA 49 87.78 -20.40 -27.80
CA TRP BA 49 87.16 -19.10 -27.56
C TRP BA 49 86.44 -19.15 -26.23
N LYS BA 50 86.44 -18.02 -25.53
CA LYS BA 50 85.78 -17.93 -24.24
C LYS BA 50 84.29 -17.68 -24.39
N MET CA 1 -27.18 -43.71 46.97
CA MET CA 1 -26.23 -42.64 47.22
C MET CA 1 -25.08 -42.69 46.22
N TRP CA 2 -23.84 -42.66 46.70
CA TRP CA 2 -22.70 -42.73 45.80
C TRP CA 2 -22.63 -44.08 45.10
N PHE CA 3 -22.89 -45.17 45.82
CA PHE CA 3 -22.77 -46.53 45.29
C PHE CA 3 -23.70 -46.80 44.12
N GLU CA 4 -24.68 -45.92 43.88
CA GLU CA 4 -25.56 -46.04 42.73
C GLU CA 4 -24.84 -45.89 41.39
N VAL CA 5 -23.61 -45.35 41.36
CA VAL CA 5 -22.91 -45.38 40.08
C VAL CA 5 -22.40 -46.79 39.81
N LEU CA 6 -22.16 -47.57 40.87
CA LEU CA 6 -21.58 -48.91 40.83
C LEU CA 6 -22.34 -49.91 39.96
N PRO CA 7 -23.70 -49.83 39.82
CA PRO CA 7 -24.33 -50.61 38.74
C PRO CA 7 -23.83 -50.26 37.35
N GLY CA 8 -23.99 -48.99 36.95
CA GLY CA 8 -23.77 -48.62 35.56
C GLY CA 8 -22.34 -48.84 35.08
N ILE CA 9 -21.36 -48.46 35.92
CA ILE CA 9 -19.95 -48.67 35.59
C ILE CA 9 -19.65 -50.15 35.44
N ALA CA 10 -20.36 -51.01 36.18
CA ALA CA 10 -20.18 -52.45 36.04
C ALA CA 10 -20.53 -52.91 34.63
N VAL CA 11 -21.55 -52.28 34.03
CA VAL CA 11 -21.91 -52.58 32.65
C VAL CA 11 -20.74 -52.27 31.71
N MET CA 12 -20.06 -51.14 31.96
CA MET CA 12 -18.88 -50.81 31.17
C MET CA 12 -17.79 -51.86 31.33
N GLY CA 13 -17.69 -52.44 32.53
CA GLY CA 13 -16.75 -53.54 32.73
C GLY CA 13 -17.04 -54.70 31.80
N VAL CA 14 -18.32 -55.05 31.64
CA VAL CA 14 -18.70 -56.09 30.69
C VAL CA 14 -18.37 -55.63 29.27
N CYS CA 15 -18.55 -54.34 29.00
CA CYS CA 15 -18.21 -53.80 27.68
C CYS CA 15 -16.70 -53.74 27.47
N LEU CA 16 -15.91 -53.86 28.54
CA LEU CA 16 -14.47 -53.99 28.41
C LEU CA 16 -14.00 -55.42 28.58
N PHE CA 17 -14.92 -56.37 28.71
CA PHE CA 17 -14.58 -57.77 28.91
C PHE CA 17 -14.97 -58.62 27.71
N ILE CA 18 -16.09 -58.28 27.05
CA ILE CA 18 -16.57 -59.07 25.91
C ILE CA 18 -15.57 -59.13 24.75
N PRO CA 19 -14.94 -57.99 24.28
CA PRO CA 19 -14.02 -58.12 23.13
C PRO CA 19 -12.83 -59.03 23.32
N GLY CA 20 -11.95 -58.69 24.28
CA GLY CA 20 -10.65 -59.34 24.36
C GLY CA 20 -10.76 -60.83 24.65
N MET CA 21 -11.60 -61.18 25.63
CA MET CA 21 -11.90 -62.58 25.93
C MET CA 21 -12.33 -63.35 24.70
N ALA CA 22 -13.20 -62.72 23.88
CA ALA CA 22 -13.69 -63.38 22.68
C ALA CA 22 -12.54 -63.76 21.75
N THR CA 23 -11.54 -62.87 21.61
CA THR CA 23 -10.38 -63.15 20.79
C THR CA 23 -9.67 -64.40 21.29
N ALA CA 24 -9.47 -64.49 22.61
CA ALA CA 24 -8.83 -65.68 23.19
C ALA CA 24 -9.65 -66.92 22.89
N ARG CA 25 -10.98 -66.81 23.02
CA ARG CA 25 -11.82 -67.97 22.74
C ARG CA 25 -11.79 -68.29 21.25
N ILE CA 26 -11.69 -67.27 20.39
CA ILE CA 26 -11.54 -67.53 18.97
C ILE CA 26 -10.21 -68.22 18.71
N HIS CA 27 -9.18 -67.84 19.48
CA HIS CA 27 -7.88 -68.50 19.35
C HIS CA 27 -7.94 -69.94 19.84
N ARG CA 28 -8.94 -70.31 20.63
CA ARG CA 28 -9.11 -71.69 21.04
C ARG CA 28 -10.03 -72.47 20.11
N PHE CA 29 -10.41 -71.89 18.97
CA PHE CA 29 -11.24 -72.58 18.00
C PHE CA 29 -10.53 -72.83 16.69
N SER CA 30 -9.99 -71.79 16.05
CA SER CA 30 -9.37 -71.96 14.74
C SER CA 30 -8.02 -72.67 14.82
N ASN CA 31 -7.41 -72.73 15.99
CA ASN CA 31 -6.10 -73.34 16.15
C ASN CA 31 -6.16 -74.74 16.75
N GLY CA 32 -7.35 -75.34 16.80
CA GLY CA 32 -7.49 -76.71 17.29
C GLY CA 32 -7.18 -76.90 18.76
N GLY CA 33 -7.55 -75.94 19.60
CA GLY CA 33 -7.36 -76.06 21.04
C GLY CA 33 -6.10 -75.42 21.57
N ARG CA 34 -5.12 -75.12 20.71
CA ARG CA 34 -3.90 -74.45 21.12
C ARG CA 34 -3.99 -72.96 20.83
N GLU CA 35 -2.96 -72.22 21.23
CA GLU CA 35 -2.90 -70.81 20.89
C GLU CA 35 -2.48 -70.64 19.43
N LYS CA 36 -2.68 -69.43 18.92
CA LYS CA 36 -2.22 -69.10 17.58
C LYS CA 36 -0.70 -68.99 17.57
N ARG CA 37 -0.06 -69.64 16.60
CA ARG CA 37 1.39 -69.64 16.50
C ARG CA 37 1.87 -68.25 16.12
N VAL CA 38 2.47 -67.55 17.08
CA VAL CA 38 2.91 -66.17 16.88
C VAL CA 38 4.17 -66.18 16.02
N ALA CA 39 4.06 -65.64 14.82
CA ALA CA 39 5.18 -65.55 13.89
C ALA CA 39 5.73 -64.13 13.90
N HIS CA 40 7.00 -64.00 14.24
CA HIS CA 40 7.65 -62.69 14.34
C HIS CA 40 8.81 -62.51 13.38
N TYR CA 41 9.50 -63.58 13.00
CA TYR CA 41 10.62 -63.48 12.08
C TYR CA 41 10.53 -64.56 11.01
N SER CA 42 11.57 -64.70 10.19
CA SER CA 42 11.50 -65.62 9.06
C SER CA 42 11.60 -67.07 9.50
N TYR CA 43 12.31 -67.35 10.59
CA TYR CA 43 12.48 -68.75 11.01
C TYR CA 43 11.23 -69.29 11.65
N GLN CA 44 10.50 -68.45 12.41
CA GLN CA 44 9.21 -68.88 12.95
C GLN CA 44 8.22 -69.18 11.83
N TRP CA 45 8.21 -68.32 10.79
CA TRP CA 45 7.37 -68.57 9.64
C TRP CA 45 7.81 -69.83 8.90
N TYR CA 46 9.11 -70.09 8.83
CA TYR CA 46 9.59 -71.30 8.18
C TYR CA 46 9.19 -72.55 8.93
N LEU CA 47 9.23 -72.51 10.26
CA LEU CA 47 8.77 -73.65 11.05
C LEU CA 47 7.27 -73.86 10.92
N MET CA 48 6.49 -72.76 10.90
CA MET CA 48 5.05 -72.90 10.73
C MET CA 48 4.71 -73.46 9.34
N GLU CA 49 5.42 -73.01 8.31
CA GLU CA 49 5.24 -73.56 6.98
C GLU CA 49 5.71 -75.01 6.92
N ARG CA 50 6.70 -75.38 7.74
CA ARG CA 50 7.11 -76.77 7.81
C ARG CA 50 6.01 -77.64 8.39
N ASP CA 51 5.34 -77.17 9.45
CA ASP CA 51 4.20 -77.89 9.99
C ASP CA 51 3.06 -77.98 8.98
N ARG CA 52 2.83 -76.89 8.25
CA ARG CA 52 1.79 -76.88 7.22
C ARG CA 52 2.12 -77.88 6.10
N ARG CA 53 3.38 -77.98 5.72
CA ARG CA 53 3.78 -78.88 4.64
C ARG CA 53 3.91 -80.33 5.08
N VAL CA 54 4.09 -80.59 6.39
CA VAL CA 54 4.21 -81.97 6.84
C VAL CA 54 2.87 -82.54 7.31
N SER CA 55 1.90 -81.68 7.69
CA SER CA 55 0.65 -82.18 8.24
C SER CA 55 -0.19 -82.90 7.18
N GLY CA 56 -0.03 -82.55 5.92
CA GLY CA 56 -0.75 -83.22 4.84
C GLY CA 56 -2.18 -82.81 4.68
N VAL CA 57 -2.73 -82.03 5.60
CA VAL CA 57 -4.09 -81.51 5.51
C VAL CA 57 -4.09 -80.01 5.22
N ASN CA 58 -2.90 -79.43 5.01
CA ASN CA 58 -2.70 -78.00 4.79
C ASN CA 58 -3.24 -77.17 5.96
N ARG CA 59 -3.04 -77.69 7.18
CA ARG CA 59 -3.31 -76.96 8.40
C ARG CA 59 -2.10 -77.07 9.31
N TYR CA 60 -1.62 -75.93 9.80
CA TYR CA 60 -0.43 -75.94 10.65
C TYR CA 60 -0.74 -76.40 12.07
N TYR CA 61 -1.97 -76.21 12.53
CA TYR CA 61 -2.32 -76.56 13.92
C TYR CA 61 -2.46 -78.06 14.13
N VAL CA 62 -2.53 -78.86 13.07
CA VAL CA 62 -2.56 -80.31 13.22
C VAL CA 62 -1.12 -80.78 13.43
N SER CA 63 -0.70 -80.86 14.68
CA SER CA 63 0.68 -81.19 15.01
C SER CA 63 0.83 -82.70 15.13
N LYS CA 64 1.75 -83.27 14.37
CA LYS CA 64 2.07 -84.69 14.42
C LYS CA 64 3.38 -84.89 15.18
N GLY CA 65 3.40 -85.89 16.04
CA GLY CA 65 4.50 -86.14 16.93
C GLY CA 65 5.43 -87.24 16.45
N LEU CA 66 6.08 -87.90 17.41
CA LEU CA 66 7.01 -88.98 17.12
C LEU CA 66 6.33 -90.26 16.68
N GLU CA 67 5.01 -90.37 16.87
CA GLU CA 67 4.27 -91.53 16.38
C GLU CA 67 4.09 -91.50 14.87
N ASN CA 68 4.32 -90.36 14.22
CA ASN CA 68 4.18 -90.28 12.78
C ASN CA 68 5.26 -91.09 12.07
N ILE CA 69 6.51 -90.93 12.48
CA ILE CA 69 7.57 -91.77 11.95
C ILE CA 69 7.48 -93.17 12.54
N ASP CA 70 8.04 -94.13 11.82
CA ASP CA 70 8.00 -95.53 12.24
C ASP CA 70 9.06 -95.82 13.29
N LYS DA 1 -62.81 49.07 103.31
CA LYS DA 1 -63.20 48.07 104.29
C LYS DA 1 -62.39 46.80 104.10
N THR DA 2 -62.20 46.04 105.19
CA THR DA 2 -61.45 44.80 105.17
C THR DA 2 -62.35 43.58 105.24
N SER DA 3 -63.21 43.50 106.25
CA SER DA 3 -64.14 42.39 106.40
C SER DA 3 -65.46 42.74 105.72
N PHE DA 4 -65.91 41.87 104.83
CA PHE DA 4 -67.10 42.10 104.03
C PHE DA 4 -68.21 41.14 104.45
N GLY DA 5 -69.32 41.17 103.72
CA GLY DA 5 -70.49 40.41 104.09
C GLY DA 5 -71.33 41.16 105.10
N SER DA 6 -72.40 40.47 105.55
CA SER DA 6 -73.38 41.00 106.50
C SER DA 6 -74.00 42.31 106.00
N LEU DA 7 -74.67 42.20 104.86
CA LEU DA 7 -75.33 43.36 104.26
C LEU DA 7 -76.53 43.78 105.10
N LYS DA 8 -76.68 45.08 105.29
CA LYS DA 8 -77.77 45.59 106.10
C LYS DA 8 -79.10 45.42 105.37
N ASP DA 9 -80.18 45.32 106.15
CA ASP DA 9 -81.49 45.06 105.57
C ASP DA 9 -82.05 46.28 104.83
N GLU DA 10 -81.63 47.49 105.24
CA GLU DA 10 -82.09 48.70 104.57
C GLU DA 10 -81.32 48.99 103.30
N ASP DA 11 -80.15 48.35 103.09
CA ASP DA 11 -79.38 48.51 101.87
C ASP DA 11 -79.64 47.40 100.86
N ARG DA 12 -80.54 46.47 101.16
CA ARG DA 12 -80.90 45.43 100.21
C ARG DA 12 -81.79 46.02 99.13
N ILE DA 13 -81.36 45.91 97.87
CA ILE DA 13 -82.11 46.49 96.76
C ILE DA 13 -83.41 45.73 96.54
N PHE DA 14 -83.34 44.40 96.51
CA PHE DA 14 -84.50 43.58 96.15
C PHE DA 14 -85.30 43.26 97.39
N THR DA 15 -86.07 44.25 97.85
CA THR DA 15 -87.07 43.99 98.87
C THR DA 15 -88.22 43.20 98.26
N ASN DA 16 -88.95 42.50 99.13
CA ASN DA 16 -89.99 41.53 98.75
C ASN DA 16 -89.40 40.47 97.80
N LEU DA 17 -88.25 39.92 98.19
CA LEU DA 17 -87.64 38.85 97.42
C LEU DA 17 -88.31 37.52 97.69
N TYR DA 18 -88.74 37.29 98.93
CA TYR DA 18 -89.37 36.03 99.32
C TYR DA 18 -90.89 36.05 99.13
N GLY DA 19 -91.43 37.12 98.55
CA GLY DA 19 -92.87 37.19 98.34
C GLY DA 19 -93.68 37.49 99.57
N ARG DA 20 -93.14 38.29 100.50
CA ARG DA 20 -93.84 38.63 101.73
C ARG DA 20 -94.60 39.95 101.64
N HIS DA 21 -94.56 40.61 100.49
CA HIS DA 21 -95.38 41.80 100.29
C HIS DA 21 -96.19 41.65 99.00
N ASP DA 22 -96.88 42.72 98.59
CA ASP DA 22 -97.66 42.68 97.37
C ASP DA 22 -96.77 42.90 96.16
N TRP DA 23 -96.98 42.09 95.12
CA TRP DA 23 -96.21 42.18 93.90
C TRP DA 23 -96.84 43.07 92.84
N ARG DA 24 -98.01 43.62 93.11
CA ARG DA 24 -98.70 44.49 92.16
C ARG DA 24 -98.19 45.93 92.31
N LEU DA 25 -98.89 46.88 91.69
CA LEU DA 25 -98.40 48.26 91.65
C LEU DA 25 -98.47 48.91 93.03
N LYS DA 26 -99.52 48.62 93.80
CA LYS DA 26 -99.66 49.22 95.13
C LYS DA 26 -98.55 48.75 96.07
N GLY DA 27 -98.19 47.48 96.02
CA GLY DA 27 -97.07 47.00 96.81
C GLY DA 27 -95.73 47.48 96.29
N ALA DA 28 -95.64 47.73 94.98
CA ALA DA 28 -94.38 48.19 94.40
C ALA DA 28 -94.09 49.63 94.76
N GLN DA 29 -95.10 50.50 94.67
CA GLN DA 29 -94.88 51.92 94.95
C GLN DA 29 -94.74 52.20 96.44
N SER DA 30 -95.21 51.31 97.30
CA SER DA 30 -95.05 51.49 98.74
C SER DA 30 -93.70 51.01 99.24
N ARG DA 31 -92.85 50.45 98.37
CA ARG DA 31 -91.51 50.03 98.74
C ARG DA 31 -90.42 50.93 98.16
N GLY DA 32 -90.79 51.95 97.39
CA GLY DA 32 -89.82 52.87 96.83
C GLY DA 32 -89.65 52.85 95.32
N ASP DA 33 -90.48 52.09 94.61
CA ASP DA 33 -90.38 52.03 93.16
C ASP DA 33 -91.11 53.21 92.51
N TRP DA 34 -90.71 53.50 91.28
CA TRP DA 34 -91.33 54.52 90.43
C TRP DA 34 -91.34 55.90 91.10
N TYR DA 35 -90.23 56.24 91.76
CA TYR DA 35 -90.09 57.52 92.45
C TYR DA 35 -89.13 58.40 91.66
N LYS DA 36 -89.61 59.58 91.24
CA LYS DA 36 -88.83 60.58 90.50
C LYS DA 36 -88.25 60.02 89.21
N THR DA 37 -88.97 59.08 88.59
CA THR DA 37 -88.49 58.48 87.35
C THR DA 37 -88.52 59.48 86.19
N LYS DA 38 -89.44 60.46 86.26
CA LYS DA 38 -89.50 61.51 85.25
C LYS DA 38 -88.22 62.33 85.22
N GLU DA 39 -87.64 62.62 86.39
CA GLU DA 39 -86.36 63.31 86.44
C GLU DA 39 -85.24 62.46 85.84
N ILE DA 40 -85.29 61.14 86.04
CA ILE DA 40 -84.31 60.25 85.45
C ILE DA 40 -84.41 60.26 83.93
N LEU DA 41 -85.64 60.26 83.41
CA LEU DA 41 -85.84 60.28 81.97
C LEU DA 41 -85.49 61.66 81.38
N LEU DA 42 -85.59 62.72 82.18
CA LEU DA 42 -85.30 64.06 81.71
C LEU DA 42 -83.82 64.44 81.81
N LYS DA 43 -83.07 63.85 82.73
CA LYS DA 43 -81.70 64.30 82.96
C LYS DA 43 -80.73 63.90 81.85
N GLY DA 44 -81.10 62.96 80.99
CA GLY DA 44 -80.29 62.67 79.82
C GLY DA 44 -79.63 61.31 79.85
N PRO DA 45 -79.50 60.70 78.67
CA PRO DA 45 -78.78 59.41 78.57
C PRO DA 45 -77.33 59.50 79.00
N ASP DA 46 -76.67 60.62 78.71
CA ASP DA 46 -75.28 60.78 79.14
C ASP DA 46 -75.17 60.81 80.65
N TRP DA 47 -76.11 61.48 81.34
CA TRP DA 47 -76.11 61.50 82.79
C TRP DA 47 -76.41 60.11 83.36
N ILE DA 48 -77.35 59.38 82.75
CA ILE DA 48 -77.66 58.03 83.22
C ILE DA 48 -76.47 57.11 83.07
N LEU DA 49 -75.79 57.17 81.91
CA LEU DA 49 -74.61 56.33 81.70
C LEU DA 49 -73.46 56.76 82.58
N GLY DA 50 -73.34 58.05 82.90
CA GLY DA 50 -72.32 58.48 83.85
C GLY DA 50 -72.58 57.97 85.25
N GLU DA 51 -73.86 57.97 85.67
CA GLU DA 51 -74.20 57.40 86.97
C GLU DA 51 -73.99 55.90 87.00
N VAL DA 52 -74.19 55.21 85.87
CA VAL DA 52 -73.89 53.79 85.80
C VAL DA 52 -72.37 53.54 85.88
N LYS DA 53 -71.60 54.36 85.17
CA LYS DA 53 -70.15 54.21 85.14
C LYS DA 53 -69.52 54.51 86.49
N THR DA 54 -70.09 55.47 87.23
CA THR DA 54 -69.57 55.78 88.55
C THR DA 54 -69.83 54.66 89.55
N SER DA 55 -70.95 53.93 89.38
CA SER DA 55 -71.28 52.83 90.28
C SER DA 55 -70.32 51.66 90.15
N GLY DA 56 -69.65 51.51 89.01
CA GLY DA 56 -68.80 50.36 88.81
C GLY DA 56 -69.55 49.07 88.63
N LEU DA 57 -70.81 49.13 88.21
CA LEU DA 57 -71.62 47.93 88.03
C LEU DA 57 -71.10 47.11 86.86
N ARG DA 58 -70.89 45.83 87.09
CA ARG DA 58 -70.42 44.90 86.08
C ARG DA 58 -71.55 43.97 85.66
N GLY DA 59 -71.30 43.21 84.59
CA GLY DA 59 -72.31 42.31 84.07
C GLY DA 59 -72.61 41.19 85.03
N ARG DA 60 -73.88 41.03 85.37
CA ARG DA 60 -74.33 39.99 86.29
C ARG DA 60 -74.81 38.74 85.59
N GLY DA 61 -74.69 38.70 84.26
CA GLY DA 61 -75.08 37.49 83.53
C GLY DA 61 -74.17 36.32 83.83
N GLY DA 62 -72.88 36.59 84.02
CA GLY DA 62 -71.93 35.54 84.29
C GLY DA 62 -70.57 35.78 83.68
N ALA DA 63 -70.48 36.79 82.82
CA ALA DA 63 -69.23 37.15 82.16
C ALA DA 63 -68.50 38.29 82.83
N GLY DA 64 -69.20 39.15 83.56
CA GLY DA 64 -68.57 40.25 84.27
C GLY DA 64 -68.00 41.34 83.38
N PHE DA 65 -68.67 41.65 82.27
CA PHE DA 65 -68.28 42.81 81.49
C PHE DA 65 -68.75 44.07 82.20
N PRO DA 66 -68.00 45.17 82.08
CA PRO DA 66 -68.46 46.45 82.66
C PRO DA 66 -69.73 46.94 81.97
N THR DA 67 -70.76 47.18 82.77
CA THR DA 67 -72.06 47.58 82.22
C THR DA 67 -72.02 48.98 81.64
N GLY DA 68 -71.16 49.85 82.19
CA GLY DA 68 -71.07 51.22 81.69
C GLY DA 68 -70.58 51.29 80.26
N LEU DA 69 -69.50 50.56 79.96
CA LEU DA 69 -68.95 50.57 78.59
C LEU DA 69 -69.92 49.91 77.60
N LYS DA 70 -70.52 48.79 77.98
CA LYS DA 70 -71.46 48.10 77.11
C LYS DA 70 -72.70 48.94 76.83
N TRP DA 71 -73.20 49.65 77.84
CA TRP DA 71 -74.34 50.53 77.64
C TRP DA 71 -73.95 51.79 76.88
N SER DA 72 -72.70 52.23 77.01
CA SER DA 72 -72.22 53.38 76.25
C SER DA 72 -71.84 53.04 74.83
N PHE DA 73 -71.80 51.75 74.48
CA PHE DA 73 -71.57 51.37 73.08
C PHE DA 73 -72.71 51.78 72.16
N MET DA 74 -73.89 52.06 72.70
CA MET DA 74 -75.02 52.54 71.91
C MET DA 74 -75.11 54.05 71.80
N ASN DA 75 -74.23 54.80 72.46
CA ASN DA 75 -74.31 56.26 72.44
C ASN DA 75 -73.81 56.79 71.10
N LYS DA 76 -74.61 56.54 70.07
CA LYS DA 76 -74.32 56.89 68.68
C LYS DA 76 -75.60 57.38 68.03
N PRO DA 77 -75.50 58.24 67.01
CA PRO DA 77 -76.71 58.71 66.33
C PRO DA 77 -77.39 57.61 65.55
N SER DA 78 -78.71 57.74 65.42
CA SER DA 78 -79.50 56.77 64.69
C SER DA 78 -79.19 56.84 63.19
N ASP DA 79 -79.28 55.68 62.53
CA ASP DA 79 -78.95 55.55 61.12
C ASP DA 79 -80.15 55.07 60.32
N GLY DA 80 -81.34 55.55 60.66
CA GLY DA 80 -82.55 55.13 59.99
C GLY DA 80 -83.15 53.83 60.48
N ARG DA 81 -82.55 53.21 61.50
CA ARG DA 81 -83.04 51.97 62.07
C ARG DA 81 -83.31 52.16 63.55
N PRO DA 82 -84.30 51.47 64.11
CA PRO DA 82 -84.58 51.60 65.55
C PRO DA 82 -83.49 50.93 66.38
N LYS DA 83 -83.61 51.11 67.69
CA LYS DA 83 -82.70 50.50 68.65
C LYS DA 83 -83.51 49.75 69.68
N TYR DA 84 -82.95 48.64 70.17
CA TYR DA 84 -83.69 47.74 71.05
C TYR DA 84 -82.85 47.35 72.26
N LEU DA 85 -83.52 47.25 73.40
CA LEU DA 85 -82.94 46.69 74.62
C LEU DA 85 -83.69 45.41 74.94
N VAL DA 86 -82.95 44.30 75.05
CA VAL DA 86 -83.53 42.99 75.30
C VAL DA 86 -83.02 42.50 76.66
N VAL DA 87 -83.95 42.08 77.50
CA VAL DA 87 -83.64 41.58 78.84
C VAL DA 87 -83.67 40.06 78.79
N ASN DA 88 -82.57 39.44 79.18
CA ASN DA 88 -82.41 38.00 79.13
C ASN DA 88 -82.97 37.38 80.40
N ALA DA 89 -83.98 36.53 80.25
CA ALA DA 89 -84.62 35.85 81.37
C ALA DA 89 -84.86 34.39 81.04
N ASP DA 90 -83.92 33.77 80.32
CA ASP DA 90 -84.07 32.38 79.94
C ASP DA 90 -83.92 31.46 81.14
N GLU DA 91 -82.88 31.67 81.94
CA GLU DA 91 -82.60 30.93 83.18
C GLU DA 91 -82.51 29.42 82.93
N GLY DA 92 -81.54 29.05 82.11
CA GLY DA 92 -81.31 27.64 81.83
C GLY DA 92 -80.16 27.07 82.62
N GLU DA 93 -79.43 27.92 83.31
CA GLU DA 93 -78.25 27.50 84.05
C GLU DA 93 -78.66 26.78 85.33
N PRO DA 94 -78.18 25.55 85.56
CA PRO DA 94 -78.47 24.86 86.82
C PRO DA 94 -77.83 25.57 88.00
N GLY DA 95 -78.51 25.50 89.14
CA GLY DA 95 -78.07 26.15 90.35
C GLY DA 95 -78.57 27.57 90.51
N THR DA 96 -79.05 28.20 89.44
CA THR DA 96 -79.43 29.61 89.45
C THR DA 96 -80.93 29.73 89.21
N CYS DA 97 -81.64 30.33 90.17
CA CYS DA 97 -83.04 30.64 90.02
C CYS DA 97 -83.38 32.00 90.63
N LYS DA 98 -82.42 32.93 90.63
CA LYS DA 98 -82.62 34.23 91.24
C LYS DA 98 -83.54 35.13 90.41
N ASP DA 99 -83.34 35.13 89.08
CA ASP DA 99 -84.17 35.95 88.21
C ASP DA 99 -85.60 35.47 88.18
N ARG DA 100 -85.85 34.18 88.46
CA ARG DA 100 -87.22 33.70 88.61
C ARG DA 100 -87.91 34.38 89.79
N GLU DA 101 -87.20 34.52 90.91
CA GLU DA 101 -87.76 35.22 92.06
C GLU DA 101 -87.93 36.70 91.79
N ILE DA 102 -87.00 37.30 91.04
CA ILE DA 102 -87.10 38.71 90.68
C ILE DA 102 -88.34 38.96 89.82
N ILE DA 103 -88.57 38.08 88.83
CA ILE DA 103 -89.73 38.24 87.95
C ILE DA 103 -91.03 37.95 88.71
N ARG DA 104 -91.04 36.89 89.52
CA ARG DA 104 -92.27 36.47 90.18
C ARG DA 104 -92.69 37.41 91.30
N HIS DA 105 -91.73 38.06 91.96
CA HIS DA 105 -92.06 38.85 93.14
C HIS DA 105 -91.92 40.35 92.96
N ASP DA 106 -90.94 40.82 92.18
CA ASP DA 106 -90.75 42.25 91.94
C ASP DA 106 -90.64 42.53 90.45
N PRO DA 107 -91.76 42.46 89.73
CA PRO DA 107 -91.70 42.69 88.27
C PRO DA 107 -91.63 44.17 87.92
N HIS DA 108 -92.14 45.03 88.80
CA HIS DA 108 -92.17 46.46 88.51
C HIS DA 108 -90.77 47.07 88.58
N LYS DA 109 -89.90 46.52 89.42
CA LYS DA 109 -88.49 46.92 89.39
C LYS DA 109 -87.86 46.58 88.05
N LEU DA 110 -88.19 45.42 87.49
CA LEU DA 110 -87.69 45.04 86.17
C LEU DA 110 -88.25 45.95 85.08
N VAL DA 111 -89.52 46.34 85.20
CA VAL DA 111 -90.13 47.22 84.20
C VAL DA 111 -89.49 48.60 84.24
N GLU DA 112 -89.27 49.14 85.45
CA GLU DA 112 -88.59 50.42 85.57
C GLU DA 112 -87.15 50.34 85.09
N GLY DA 113 -86.49 49.21 85.31
CA GLY DA 113 -85.16 49.02 84.76
C GLY DA 113 -85.16 48.98 83.24
N CYS DA 114 -86.17 48.35 82.65
CA CYS DA 114 -86.31 48.34 81.20
C CYS DA 114 -86.50 49.75 80.67
N LEU DA 115 -87.33 50.56 81.33
CA LEU DA 115 -87.55 51.93 80.89
C LEU DA 115 -86.30 52.78 81.02
N VAL DA 116 -85.59 52.66 82.15
CA VAL DA 116 -84.37 53.44 82.36
C VAL DA 116 -83.28 53.03 81.37
N GLY DA 117 -83.13 51.73 81.14
CA GLY DA 117 -82.16 51.28 80.15
C GLY DA 117 -82.50 51.68 78.73
N GLY DA 118 -83.80 51.65 78.39
CA GLY DA 118 -84.20 52.07 77.06
C GLY DA 118 -83.99 53.55 76.82
N ARG DA 119 -84.25 54.38 77.84
CA ARG DA 119 -83.94 55.81 77.72
C ARG DA 119 -82.44 56.06 77.72
N ALA DA 120 -81.67 55.22 78.41
CA ALA DA 120 -80.23 55.42 78.55
C ALA DA 120 -79.49 55.24 77.24
N MET DA 121 -80.08 54.55 76.25
CA MET DA 121 -79.42 54.31 74.98
C MET DA 121 -80.30 54.68 73.79
N GLY DA 122 -81.42 55.37 74.02
CA GLY DA 122 -82.32 55.72 72.95
C GLY DA 122 -83.01 54.54 72.29
N ALA DA 123 -83.36 53.53 73.07
CA ALA DA 123 -84.04 52.35 72.53
C ALA DA 123 -85.51 52.64 72.31
N ARG DA 124 -86.03 52.20 71.16
CA ARG DA 124 -87.43 52.46 70.83
C ARG DA 124 -88.37 51.64 71.72
N ALA DA 125 -88.03 50.37 71.95
CA ALA DA 125 -88.88 49.47 72.71
C ALA DA 125 -88.03 48.40 73.36
N ALA DA 126 -88.62 47.69 74.32
CA ALA DA 126 -87.91 46.66 75.08
C ALA DA 126 -88.61 45.33 74.95
N TYR DA 127 -87.83 44.27 74.77
CA TYR DA 127 -88.32 42.90 74.71
C TYR DA 127 -87.77 42.12 75.91
N ILE DA 128 -88.61 41.26 76.48
CA ILE DA 128 -88.20 40.39 77.58
C ILE DA 128 -88.40 38.95 77.12
N TYR DA 129 -87.31 38.19 77.06
CA TYR DA 129 -87.34 36.81 76.62
C TYR DA 129 -87.37 35.92 77.86
N ILE DA 130 -88.55 35.38 78.16
CA ILE DA 130 -88.74 34.54 79.33
C ILE DA 130 -88.78 33.08 78.89
N ARG DA 131 -88.52 32.19 79.84
CA ARG DA 131 -88.53 30.76 79.56
C ARG DA 131 -89.94 30.26 79.29
N GLY DA 132 -90.05 29.23 78.44
CA GLY DA 132 -91.33 28.64 78.15
C GLY DA 132 -91.98 27.96 79.35
N GLU DA 133 -91.17 27.35 80.22
CA GLU DA 133 -91.69 26.70 81.41
C GLU DA 133 -92.11 27.68 82.50
N PHE DA 134 -91.75 28.96 82.37
CA PHE DA 134 -92.09 29.96 83.39
C PHE DA 134 -93.40 30.65 83.03
N TYR DA 135 -94.46 29.85 82.92
CA TYR DA 135 -95.76 30.38 82.48
C TYR DA 135 -96.37 31.29 83.53
N ASN DA 136 -96.32 30.92 84.81
CA ASN DA 136 -96.90 31.74 85.86
C ASN DA 136 -96.10 33.02 86.08
N GLU DA 137 -94.77 32.92 85.99
CA GLU DA 137 -93.93 34.11 86.10
C GLU DA 137 -94.16 35.06 84.92
N ALA DA 138 -94.34 34.51 83.71
CA ALA DA 138 -94.66 35.33 82.56
C ALA DA 138 -96.03 35.99 82.71
N SER DA 139 -97.00 35.26 83.26
CA SER DA 139 -98.32 35.84 83.49
C SER DA 139 -98.27 36.96 84.53
N ASN DA 140 -97.47 36.78 85.58
CA ASN DA 140 -97.31 37.83 86.58
C ASN DA 140 -96.63 39.05 85.98
N LEU DA 141 -95.63 38.84 85.12
CA LEU DA 141 -94.97 39.95 84.44
C LEU DA 141 -95.93 40.66 83.50
N GLN DA 142 -96.82 39.91 82.84
CA GLN DA 142 -97.81 40.52 81.96
C GLN DA 142 -98.81 41.35 82.76
N VAL DA 143 -99.22 40.85 83.94
CA VAL DA 143 -100.12 41.62 84.80
C VAL DA 143 -99.45 42.92 85.24
N ALA DA 144 -98.18 42.85 85.63
CA ALA DA 144 -97.46 44.05 86.05
C ALA DA 144 -97.29 45.03 84.90
N ILE DA 145 -97.01 44.54 83.70
CA ILE DA 145 -96.83 45.41 82.54
C ILE DA 145 -98.17 46.04 82.15
N ARG DA 146 -99.27 45.28 82.26
CA ARG DA 146 -100.59 45.84 81.99
C ARG DA 146 -100.97 46.91 83.00
N GLU DA 147 -100.63 46.70 84.27
CA GLU DA 147 -100.91 47.72 85.28
C GLU DA 147 -100.01 48.94 85.12
N ALA DA 148 -98.82 48.76 84.55
CA ALA DA 148 -97.97 49.90 84.25
C ALA DA 148 -98.48 50.69 83.04
N TYR DA 149 -98.95 49.96 82.02
CA TYR DA 149 -99.52 50.60 80.84
C TYR DA 149 -100.79 51.37 81.18
N GLU DA 150 -101.66 50.77 82.00
CA GLU DA 150 -102.95 51.38 82.32
C GLU DA 150 -102.80 52.62 83.19
N ALA DA 151 -101.73 52.70 83.98
CA ALA DA 151 -101.50 53.83 84.85
C ALA DA 151 -100.70 54.94 84.17
N GLY DA 152 -100.36 54.78 82.89
CA GLY DA 152 -99.61 55.80 82.18
C GLY DA 152 -98.13 55.82 82.46
N LEU DA 153 -97.58 54.77 83.09
CA LEU DA 153 -96.16 54.76 83.39
C LEU DA 153 -95.33 54.53 82.13
N ILE DA 154 -95.74 53.59 81.29
CA ILE DA 154 -95.10 53.35 80.01
C ILE DA 154 -96.15 53.46 78.91
N GLY DA 155 -95.68 53.46 77.66
CA GLY DA 155 -96.56 53.67 76.52
C GLY DA 155 -96.33 55.01 75.88
N LYS DA 156 -97.40 55.66 75.41
CA LYS DA 156 -97.28 57.00 74.87
C LYS DA 156 -97.08 58.00 76.00
N ASN DA 157 -96.01 58.81 75.87
CA ASN DA 157 -95.57 59.77 76.89
C ASN DA 157 -95.33 59.04 78.22
N ALA DA 158 -94.33 58.17 78.19
CA ALA DA 158 -94.03 57.30 79.33
C ALA DA 158 -93.53 58.13 80.51
N CYS DA 159 -94.24 57.99 81.65
CA CYS DA 159 -93.91 58.63 82.91
C CYS DA 159 -93.88 60.16 82.81
N GLY DA 160 -94.67 60.71 81.89
CA GLY DA 160 -94.70 62.16 81.71
C GLY DA 160 -93.40 62.75 81.22
N SER DA 161 -92.75 62.12 80.25
CA SER DA 161 -91.45 62.54 79.77
C SER DA 161 -91.42 63.00 78.32
N GLY DA 162 -92.40 62.59 77.51
CA GLY DA 162 -92.35 62.84 76.09
C GLY DA 162 -91.57 61.83 75.29
N TYR DA 163 -90.79 60.97 75.95
CA TYR DA 163 -90.08 59.88 75.30
C TYR DA 163 -90.91 58.62 75.47
N ASP DA 164 -91.50 58.15 74.37
CA ASP DA 164 -92.34 56.97 74.42
C ASP DA 164 -91.50 55.71 74.59
N PHE DA 165 -92.15 54.66 75.10
CA PHE DA 165 -91.48 53.39 75.32
C PHE DA 165 -92.50 52.26 75.32
N ASP DA 166 -92.11 51.12 74.77
CA ASP DA 166 -92.95 49.92 74.75
C ASP DA 166 -92.17 48.77 75.36
N VAL DA 167 -92.86 47.96 76.18
CA VAL DA 167 -92.26 46.80 76.82
C VAL DA 167 -93.02 45.57 76.38
N PHE DA 168 -92.31 44.62 75.78
CA PHE DA 168 -92.90 43.37 75.29
C PHE DA 168 -92.32 42.20 76.05
N VAL DA 169 -93.05 41.08 76.00
CA VAL DA 169 -92.58 39.81 76.55
C VAL DA 169 -92.73 38.75 75.47
N VAL DA 170 -91.64 38.05 75.18
CA VAL DA 170 -91.63 36.94 74.22
C VAL DA 170 -91.28 35.68 74.98
N ARG DA 171 -92.16 34.68 74.90
CA ARG DA 171 -91.96 33.42 75.62
C ARG DA 171 -91.08 32.48 74.81
N GLY DA 172 -90.18 31.80 75.51
CA GLY DA 172 -89.27 30.86 74.88
C GLY DA 172 -89.93 29.52 74.64
N ALA DA 173 -89.09 28.53 74.29
CA ALA DA 173 -89.59 27.20 74.00
C ALA DA 173 -88.72 26.12 74.62
N GLY DA 174 -88.14 26.40 75.79
CA GLY DA 174 -87.40 25.39 76.53
C GLY DA 174 -86.07 25.00 75.93
N ALA DA 175 -85.12 25.94 75.91
CA ALA DA 175 -83.77 25.66 75.43
C ALA DA 175 -82.77 26.42 76.28
N TYR DA 176 -81.70 25.73 76.67
CA TYR DA 176 -80.66 26.35 77.47
C TYR DA 176 -79.77 27.25 76.63
N ILE DA 177 -79.48 26.83 75.38
CA ILE DA 177 -78.61 27.60 74.49
C ILE DA 177 -79.25 28.93 74.12
N CYS DA 178 -80.58 29.05 74.24
CA CYS DA 178 -81.26 30.31 74.02
C CYS DA 178 -80.92 31.37 75.07
N GLY DA 179 -80.24 31.00 76.16
CA GLY DA 179 -79.78 32.00 77.09
C GLY DA 179 -78.63 32.85 76.58
N GLU DA 180 -77.85 32.33 75.63
CA GLU DA 180 -76.78 33.11 75.01
C GLU DA 180 -77.39 34.23 74.18
N GLU DA 181 -76.78 35.41 74.24
CA GLU DA 181 -77.41 36.63 73.75
C GLU DA 181 -77.64 36.60 72.24
N THR DA 182 -76.70 36.03 71.48
CA THR DA 182 -76.86 35.97 70.03
C THR DA 182 -77.85 34.89 69.63
N ALA DA 183 -77.83 33.75 70.33
CA ALA DA 183 -78.85 32.73 70.10
C ALA DA 183 -80.21 33.22 70.54
N LEU DA 184 -80.28 34.02 71.60
CA LEU DA 184 -81.53 34.65 72.00
C LEU DA 184 -82.04 35.60 70.93
N ILE DA 185 -81.14 36.40 70.35
CA ILE DA 185 -81.51 37.32 69.28
C ILE DA 185 -82.03 36.57 68.07
N GLU DA 186 -81.38 35.46 67.72
CA GLU DA 186 -81.85 34.63 66.61
C GLU DA 186 -83.19 33.97 66.93
N SER DA 187 -83.40 33.58 68.20
CA SER DA 187 -84.65 32.91 68.56
C SER DA 187 -85.81 33.87 68.62
N ILE DA 188 -85.55 35.16 68.90
CA ILE DA 188 -86.62 36.16 68.83
C ILE DA 188 -87.12 36.31 67.40
N GLU DA 189 -86.20 36.34 66.45
CA GLU DA 189 -86.49 36.52 65.02
C GLU DA 189 -87.17 35.31 64.38
N GLY DA 190 -87.54 34.25 65.10
CA GLY DA 190 -88.21 33.11 64.50
C GLY DA 190 -87.28 32.04 63.96
N LYS DA 191 -85.98 32.26 63.98
CA LYS DA 191 -85.03 31.24 63.55
C LYS DA 191 -84.72 30.30 64.70
N GLN DA 192 -83.88 29.31 64.44
CA GLN DA 192 -83.41 28.42 65.49
C GLN DA 192 -82.45 29.16 66.41
N GLY DA 193 -82.35 28.68 67.65
CA GLY DA 193 -81.50 29.33 68.63
C GLY DA 193 -80.02 29.04 68.49
N LYS DA 194 -79.45 29.38 67.32
CA LYS DA 194 -78.03 29.16 67.09
C LYS DA 194 -77.29 30.49 67.15
N PRO DA 195 -76.21 30.57 67.91
CA PRO DA 195 -75.53 31.86 68.09
C PRO DA 195 -74.83 32.34 66.82
N ARG DA 196 -74.66 33.66 66.73
CA ARG DA 196 -73.95 34.27 65.63
C ARG DA 196 -72.47 34.40 65.98
N LEU DA 197 -71.68 34.91 65.04
CA LEU DA 197 -70.26 35.18 65.26
C LEU DA 197 -70.07 36.68 65.50
N LYS DA 198 -69.18 37.00 66.43
CA LYS DA 198 -68.88 38.38 66.78
C LYS DA 198 -67.46 38.71 66.38
N PRO DA 199 -67.22 39.71 65.50
CA PRO DA 199 -68.13 40.66 64.85
C PRO DA 199 -69.00 40.03 63.77
N PRO DA 200 -70.19 40.61 63.47
CA PRO DA 200 -70.77 41.86 63.99
C PRO DA 200 -71.35 41.74 65.39
N PHE DA 201 -70.96 42.67 66.26
CA PHE DA 201 -71.47 42.69 67.61
C PHE DA 201 -72.93 43.11 67.62
N PRO DA 202 -73.71 42.69 68.65
CA PRO DA 202 -75.12 43.09 68.70
C PRO DA 202 -75.34 44.59 68.81
N ALA DA 203 -74.37 45.35 69.32
CA ALA DA 203 -74.50 46.80 69.38
C ALA DA 203 -74.56 47.44 68.00
N ASP DA 204 -74.02 46.78 66.98
CA ASP DA 204 -74.10 47.24 65.60
C ASP DA 204 -75.22 46.53 64.83
N VAL DA 205 -75.24 45.20 64.85
CA VAL DA 205 -76.26 44.41 64.17
C VAL DA 205 -76.79 43.40 65.19
N GLY DA 206 -78.05 43.57 65.60
CA GLY DA 206 -78.65 42.69 66.58
C GLY DA 206 -79.96 42.08 66.13
N VAL DA 207 -81.03 42.28 66.91
CA VAL DA 207 -82.32 41.69 66.55
C VAL DA 207 -82.94 42.49 65.41
N PHE DA 208 -83.47 41.76 64.43
CA PHE DA 208 -84.02 42.30 63.18
C PHE DA 208 -83.02 43.12 62.38
N GLY DA 209 -81.72 42.99 62.67
CA GLY DA 209 -80.72 43.83 62.07
C GLY DA 209 -80.51 45.17 62.75
N CYS DA 210 -81.41 45.56 63.64
CA CYS DA 210 -81.30 46.81 64.37
C CYS DA 210 -80.25 46.70 65.46
N PRO DA 211 -79.70 47.83 65.91
CA PRO DA 211 -78.83 47.80 67.10
C PRO DA 211 -79.58 47.27 68.32
N THR DA 212 -78.90 46.41 69.08
CA THR DA 212 -79.53 45.66 70.16
C THR DA 212 -78.57 45.53 71.32
N THR DA 213 -79.05 45.78 72.53
CA THR DA 213 -78.27 45.59 73.74
C THR DA 213 -78.98 44.57 74.62
N VAL DA 214 -78.29 43.47 74.92
CA VAL DA 214 -78.85 42.38 75.72
C VAL DA 214 -78.27 42.46 77.12
N ALA DA 215 -79.15 42.48 78.12
CA ALA DA 215 -78.71 42.63 79.50
C ALA DA 215 -79.48 41.67 80.41
N ASN DA 216 -78.83 41.27 81.51
CA ASN DA 216 -79.43 40.34 82.45
C ASN DA 216 -80.56 41.01 83.23
N VAL DA 217 -81.37 40.18 83.90
CA VAL DA 217 -82.53 40.68 84.64
C VAL DA 217 -82.08 41.56 85.81
N GLU DA 218 -81.14 41.06 86.62
CA GLU DA 218 -80.78 41.79 87.84
C GLU DA 218 -79.90 43.00 87.55
N THR DA 219 -79.08 42.93 86.50
CA THR DA 219 -78.31 44.11 86.14
C THR DA 219 -79.17 45.18 85.49
N VAL DA 220 -80.41 44.86 85.13
CA VAL DA 220 -81.37 45.84 84.65
C VAL DA 220 -82.21 46.38 85.81
N ALA DA 221 -82.68 45.51 86.70
CA ALA DA 221 -83.53 45.92 87.80
C ALA DA 221 -82.77 46.72 88.86
N VAL DA 222 -81.46 46.53 88.97
CA VAL DA 222 -80.67 47.30 89.92
C VAL DA 222 -80.54 48.77 89.46
N SER DA 223 -80.54 48.98 88.15
CA SER DA 223 -80.28 50.31 87.58
C SER DA 223 -81.20 51.45 88.06
N PRO DA 224 -82.52 51.27 88.27
CA PRO DA 224 -83.27 52.35 88.93
C PRO DA 224 -82.77 52.69 90.33
N THR DA 225 -82.37 51.68 91.11
CA THR DA 225 -81.82 51.96 92.43
C THR DA 225 -80.45 52.60 92.35
N ILE DA 226 -79.67 52.27 91.31
CA ILE DA 226 -78.42 52.97 91.05
C ILE DA 226 -78.68 54.44 90.74
N CYS DA 227 -79.66 54.71 89.88
CA CYS DA 227 -79.93 56.07 89.46
C CYS DA 227 -80.58 56.90 90.56
N ARG DA 228 -81.27 56.25 91.50
CA ARG DA 228 -81.89 57.00 92.59
C ARG DA 228 -80.95 57.18 93.79
N ARG DA 229 -80.31 56.10 94.24
CA ARG DA 229 -79.49 56.18 95.45
C ARG DA 229 -78.17 56.89 95.17
N GLY DA 230 -77.52 56.59 94.06
CA GLY DA 230 -76.27 57.23 93.72
C GLY DA 230 -75.16 56.28 93.32
N GLY DA 231 -74.16 56.81 92.61
CA GLY DA 231 -73.04 56.00 92.19
C GLY DA 231 -72.15 55.55 93.32
N ALA DA 232 -71.89 56.46 94.28
CA ALA DA 232 -70.96 56.15 95.37
C ALA DA 232 -71.54 55.12 96.32
N TRP DA 233 -72.86 55.15 96.54
CA TRP DA 233 -73.50 54.17 97.40
C TRP DA 233 -73.36 52.76 96.84
N PHE DA 234 -73.56 52.60 95.53
CA PHE DA 234 -73.40 51.28 94.92
C PHE DA 234 -71.94 50.89 94.77
N ALA DA 235 -71.04 51.86 94.65
CA ALA DA 235 -69.62 51.56 94.52
C ALA DA 235 -68.95 51.33 95.86
N SER DA 236 -69.61 51.64 96.98
CA SER DA 236 -69.00 51.44 98.28
C SER DA 236 -68.85 49.97 98.63
N PHE DA 237 -69.78 49.12 98.18
CA PHE DA 237 -69.74 47.70 98.53
C PHE DA 237 -68.62 46.97 97.80
N GLY DA 238 -68.00 46.02 98.50
CA GLY DA 238 -67.01 45.16 97.89
C GLY DA 238 -65.68 45.86 97.66
N ARG DA 239 -64.77 45.13 97.01
CA ARG DA 239 -63.48 45.67 96.63
C ARG DA 239 -63.63 46.56 95.40
N GLU DA 240 -62.52 47.19 95.00
CA GLU DA 240 -62.51 47.92 93.75
C GLU DA 240 -62.63 46.96 92.56
N ARG DA 241 -63.31 47.43 91.51
CA ARG DA 241 -63.64 46.69 90.30
C ARG DA 241 -64.53 45.47 90.56
N ASN DA 242 -65.09 45.34 91.76
CA ASN DA 242 -66.00 44.26 92.11
C ASN DA 242 -67.15 44.79 92.97
N SER DA 243 -67.67 45.96 92.61
CA SER DA 243 -68.64 46.64 93.45
C SER DA 243 -70.05 46.16 93.19
N GLY DA 244 -70.87 46.20 94.24
CA GLY DA 244 -72.29 45.94 94.13
C GLY DA 244 -72.76 44.89 95.11
N THR DA 245 -74.05 44.59 95.01
CA THR DA 245 -74.69 43.51 95.77
C THR DA 245 -75.14 42.42 94.81
N LYS DA 246 -75.07 41.17 95.27
CA LYS DA 246 -75.37 40.03 94.43
C LYS DA 246 -76.37 39.11 95.10
N LEU DA 247 -77.20 38.47 94.28
CA LEU DA 247 -78.13 37.44 94.74
C LEU DA 247 -77.45 36.08 94.62
N PHE DA 248 -77.24 35.41 95.75
CA PHE DA 248 -76.57 34.13 95.79
C PHE DA 248 -77.60 33.03 96.03
N ASN DA 249 -77.58 32.01 95.18
CA ASN DA 249 -78.41 30.82 95.33
C ASN DA 249 -77.55 29.72 95.90
N ILE DA 250 -77.79 29.36 97.16
CA ILE DA 250 -77.06 28.28 97.80
C ILE DA 250 -77.93 27.04 97.76
N SER DA 251 -77.40 25.95 97.20
CA SER DA 251 -78.15 24.71 97.05
C SER DA 251 -77.19 23.54 97.08
N GLY DA 252 -77.78 22.33 97.13
CA GLY DA 252 -77.00 21.12 97.20
C GLY DA 252 -77.27 20.35 98.48
N HIS DA 253 -76.21 19.93 99.16
CA HIS DA 253 -76.34 19.22 100.44
C HIS DA 253 -76.20 20.20 101.61
N VAL DA 254 -77.14 21.14 101.65
CA VAL DA 254 -77.20 22.17 102.68
C VAL DA 254 -78.54 22.00 103.41
N ASN DA 255 -78.56 22.34 104.70
CA ASN DA 255 -79.77 22.22 105.50
C ASN DA 255 -80.89 23.10 104.96
N ASN DA 256 -80.58 24.36 104.65
CA ASN DA 256 -81.57 25.31 104.14
C ASN DA 256 -81.04 25.96 102.86
N PRO DA 257 -81.27 25.32 101.71
CA PRO DA 257 -80.97 25.99 100.44
C PRO DA 257 -81.88 27.20 100.25
N CYS DA 258 -81.32 28.28 99.70
CA CYS DA 258 -82.06 29.54 99.65
C CYS DA 258 -81.45 30.47 98.61
N THR DA 259 -82.07 31.64 98.47
CA THR DA 259 -81.55 32.75 97.68
C THR DA 259 -81.47 33.97 98.58
N VAL DA 260 -80.29 34.58 98.66
CA VAL DA 260 -80.05 35.65 99.62
C VAL DA 260 -79.24 36.76 98.95
N GLU DA 261 -79.65 38.01 99.20
CA GLU DA 261 -78.86 39.16 98.77
C GLU DA 261 -77.69 39.37 99.73
N GLU DA 262 -76.53 39.71 99.17
CA GLU DA 262 -75.34 39.88 100.00
C GLU DA 262 -74.39 40.85 99.32
N GLU DA 263 -73.42 41.33 100.09
CA GLU DA 263 -72.31 42.10 99.55
C GLU DA 263 -71.45 41.21 98.65
N MET DA 264 -70.66 41.85 97.79
CA MET DA 264 -69.92 41.09 96.79
C MET DA 264 -68.79 40.26 97.39
N SER DA 265 -67.99 40.86 98.28
CA SER DA 265 -66.76 40.22 98.75
C SER DA 265 -66.97 39.34 99.99
N VAL DA 266 -68.15 38.76 100.16
CA VAL DA 266 -68.40 37.88 101.30
C VAL DA 266 -67.63 36.58 101.11
N PRO DA 267 -66.98 36.04 102.15
CA PRO DA 267 -66.37 34.71 102.02
C PRO DA 267 -67.41 33.62 101.84
N LEU DA 268 -66.97 32.53 101.19
CA LEU DA 268 -67.87 31.42 100.88
C LEU DA 268 -68.35 30.72 102.16
N LYS DA 269 -67.41 30.41 103.05
CA LYS DA 269 -67.74 29.68 104.28
C LYS DA 269 -68.64 30.52 105.18
N GLU DA 270 -68.36 31.81 105.31
CA GLU DA 270 -69.20 32.70 106.10
C GLU DA 270 -70.61 32.78 105.53
N LEU DA 271 -70.72 32.89 104.20
CA LEU DA 271 -72.03 32.97 103.56
C LEU DA 271 -72.84 31.70 103.78
N ILE DA 272 -72.20 30.54 103.63
CA ILE DA 272 -72.90 29.26 103.83
C ILE DA 272 -73.33 29.11 105.29
N GLU DA 273 -72.42 29.39 106.23
CA GLU DA 273 -72.73 29.17 107.63
C GLU DA 273 -73.69 30.22 108.19
N LYS DA 274 -73.84 31.37 107.52
CA LYS DA 274 -74.77 32.39 107.99
C LYS DA 274 -76.13 32.28 107.33
N HIS DA 275 -76.18 32.38 106.00
CA HIS DA 275 -77.45 32.51 105.30
C HIS DA 275 -78.02 31.18 104.82
N ALA DA 276 -77.37 30.06 105.14
CA ALA DA 276 -77.86 28.77 104.65
C ALA DA 276 -77.89 27.66 105.68
N GLY DA 277 -77.27 27.82 106.84
CA GLY DA 277 -77.31 26.81 107.88
C GLY DA 277 -76.16 25.83 107.89
N GLY DA 278 -75.24 25.93 106.94
CA GLY DA 278 -74.07 25.06 106.93
C GLY DA 278 -74.32 23.75 106.22
N VAL DA 279 -73.22 23.06 105.92
CA VAL DA 279 -73.27 21.77 105.25
C VAL DA 279 -73.71 20.71 106.24
N THR DA 280 -74.51 19.75 105.76
CA THR DA 280 -74.97 18.66 106.62
C THR DA 280 -73.80 17.80 107.07
N GLY DA 281 -73.78 17.46 108.36
CA GLY DA 281 -72.66 16.75 108.94
C GLY DA 281 -71.50 17.62 109.37
N GLY DA 282 -71.69 18.93 109.45
CA GLY DA 282 -70.63 19.84 109.83
C GLY DA 282 -69.89 20.40 108.62
N TRP DA 283 -69.10 21.44 108.89
CA TRP DA 283 -68.33 22.07 107.82
C TRP DA 283 -67.21 21.16 107.32
N ASP DA 284 -66.66 20.32 108.20
CA ASP DA 284 -65.62 19.39 107.80
C ASP DA 284 -66.17 18.23 106.97
N ASN DA 285 -67.49 18.10 106.84
CA ASN DA 285 -68.09 17.13 105.95
C ASN DA 285 -68.17 17.62 104.51
N LEU DA 286 -67.72 18.84 104.24
CA LEU DA 286 -67.70 19.37 102.88
C LEU DA 286 -66.66 18.63 102.03
N LEU DA 287 -67.03 18.33 100.80
CA LEU DA 287 -66.10 17.74 99.83
C LEU DA 287 -65.77 18.69 98.69
N ALA DA 288 -66.76 19.27 98.03
CA ALA DA 288 -66.51 20.16 96.91
C ALA DA 288 -67.58 21.24 96.85
N VAL DA 289 -67.20 22.38 96.26
CA VAL DA 289 -68.12 23.49 96.07
C VAL DA 289 -68.01 23.94 94.62
N ILE DA 290 -69.14 23.98 93.91
CA ILE DA 290 -69.24 24.63 92.62
C ILE DA 290 -69.64 26.09 92.88
N PRO DA 291 -68.82 27.06 92.49
CA PRO DA 291 -69.05 28.44 92.94
C PRO DA 291 -70.19 29.15 92.21
N GLY DA 292 -70.35 28.90 90.92
CA GLY DA 292 -71.33 29.63 90.15
C GLY DA 292 -72.10 28.83 89.12
N GLY DA 293 -72.28 27.55 89.36
CA GLY DA 293 -73.03 26.70 88.45
C GLY DA 293 -72.15 25.97 87.46
N SER DA 294 -72.81 25.46 86.42
CA SER DA 294 -72.20 24.57 85.44
C SER DA 294 -71.10 25.24 84.60
N SER DA 295 -71.03 26.57 84.59
CA SER DA 295 -70.10 27.28 83.72
C SER DA 295 -68.74 27.53 84.37
N THR DA 296 -68.50 26.99 85.56
CA THR DA 296 -67.24 27.21 86.26
C THR DA 296 -66.78 25.91 86.91
N PRO DA 297 -65.46 25.70 86.98
CA PRO DA 297 -64.95 24.48 87.64
C PRO DA 297 -65.16 24.52 89.15
N LEU DA 298 -65.22 23.32 89.72
CA LEU DA 298 -65.40 23.16 91.16
C LEU DA 298 -64.10 23.45 91.91
N ILE DA 299 -64.24 23.67 93.21
CA ILE DA 299 -63.09 23.89 94.09
C ILE DA 299 -63.20 22.99 95.31
N PRO DA 300 -62.07 22.52 95.86
CA PRO DA 300 -62.13 21.66 97.05
C PRO DA 300 -62.22 22.44 98.34
N LYS DA 301 -62.24 21.72 99.46
CA LYS DA 301 -62.37 22.37 100.77
C LYS DA 301 -61.10 23.11 101.18
N SER DA 302 -59.94 22.72 100.67
CA SER DA 302 -58.69 23.37 101.06
C SER DA 302 -58.59 24.81 100.57
N VAL DA 303 -59.27 25.15 99.48
CA VAL DA 303 -59.29 26.51 98.97
C VAL DA 303 -60.59 27.24 99.33
N CYS DA 304 -61.69 26.51 99.53
CA CYS DA 304 -62.99 27.10 99.84
C CYS DA 304 -63.01 27.81 101.19
N GLU DA 305 -62.07 27.48 102.10
CA GLU DA 305 -62.09 28.04 103.44
C GLU DA 305 -61.84 29.55 103.43
N THR DA 306 -60.89 30.02 102.62
CA THR DA 306 -60.46 31.41 102.62
C THR DA 306 -60.55 32.02 101.23
N VAL DA 307 -61.68 31.83 100.57
CA VAL DA 307 -61.90 32.37 99.22
C VAL DA 307 -62.93 33.49 99.31
N LEU DA 308 -62.83 34.44 98.37
CA LEU DA 308 -63.78 35.53 98.25
C LEU DA 308 -64.60 35.35 96.99
N MET DA 309 -65.92 35.52 97.12
CA MET DA 309 -66.85 35.24 96.04
C MET DA 309 -67.15 36.50 95.22
N ASP DA 310 -66.14 36.95 94.50
CA ASP DA 310 -66.30 37.97 93.47
C ASP DA 310 -65.59 37.51 92.20
N PHE DA 311 -65.51 38.40 91.21
CA PHE DA 311 -64.92 38.02 89.93
C PHE DA 311 -63.42 37.80 90.03
N ASP DA 312 -62.70 38.75 90.64
CA ASP DA 312 -61.23 38.74 90.57
C ASP DA 312 -60.62 37.65 91.45
N ALA DA 313 -61.12 37.49 92.67
CA ALA DA 313 -60.53 36.50 93.58
C ALA DA 313 -60.84 35.08 93.11
N LEU DA 314 -62.04 34.86 92.56
CA LEU DA 314 -62.36 33.53 92.05
C LEU DA 314 -61.64 33.26 90.73
N ILE DA 315 -61.37 34.30 89.93
CA ILE DA 315 -60.52 34.12 88.76
C ILE DA 315 -59.11 33.75 89.18
N GLN DA 316 -58.62 34.36 90.26
CA GLN DA 316 -57.31 34.01 90.81
C GLN DA 316 -57.30 32.59 91.38
N ALA DA 317 -58.47 32.07 91.78
CA ALA DA 317 -58.59 30.71 92.31
C ALA DA 317 -58.85 29.67 91.22
N GLN DA 318 -58.40 29.94 90.00
CA GLN DA 318 -58.62 29.15 88.77
C GLN DA 318 -60.04 28.59 88.67
N THR DA 319 -61.01 29.48 88.86
CA THR DA 319 -62.41 29.19 88.60
C THR DA 319 -63.08 30.50 88.19
N GLY DA 320 -64.40 30.53 88.21
CA GLY DA 320 -65.14 31.72 87.82
C GLY DA 320 -66.34 31.93 88.72
N LEU DA 321 -66.68 33.20 88.90
CA LEU DA 321 -67.87 33.53 89.68
C LEU DA 321 -69.14 33.14 88.96
N GLY DA 322 -69.25 33.50 87.69
CA GLY DA 322 -70.42 33.16 86.89
C GLY DA 322 -71.70 33.78 87.38
N THR DA 323 -72.69 32.94 87.67
CA THR DA 323 -74.02 33.37 88.06
C THR DA 323 -74.22 33.39 89.57
N ALA DA 324 -73.15 33.16 90.34
CA ALA DA 324 -73.16 33.15 91.82
C ALA DA 324 -74.16 32.12 92.35
N ALA DA 325 -73.88 30.85 92.03
CA ALA DA 325 -74.71 29.73 92.45
C ALA DA 325 -73.83 28.72 93.18
N VAL DA 326 -73.93 28.68 94.49
CA VAL DA 326 -73.08 27.83 95.32
C VAL DA 326 -73.74 26.46 95.41
N ILE DA 327 -73.24 25.51 94.62
CA ILE DA 327 -73.66 24.12 94.72
C ILE DA 327 -72.70 23.40 95.66
N VAL DA 328 -73.24 22.68 96.62
CA VAL DA 328 -72.45 22.06 97.69
C VAL DA 328 -72.55 20.55 97.57
N MET DA 329 -71.40 19.87 97.56
CA MET DA 329 -71.37 18.41 97.63
C MET DA 329 -70.55 18.00 98.85
N ASP DA 330 -71.14 17.16 99.70
CA ASP DA 330 -70.48 16.68 100.90
C ASP DA 330 -69.74 15.37 100.58
N ARG DA 331 -69.20 14.72 101.62
CA ARG DA 331 -68.34 13.56 101.44
C ARG DA 331 -69.08 12.31 101.01
N SER DA 332 -70.41 12.31 101.04
CA SER DA 332 -71.21 11.16 100.63
C SER DA 332 -71.72 11.29 99.20
N THR DA 333 -70.93 11.90 98.32
CA THR DA 333 -71.35 12.18 96.95
C THR DA 333 -70.33 11.61 95.98
N ASP DA 334 -70.80 10.83 95.00
CA ASP DA 334 -69.98 10.38 93.88
C ASP DA 334 -69.86 11.54 92.91
N ILE DA 335 -68.79 12.33 93.04
CA ILE DA 335 -68.62 13.53 92.23
C ILE DA 335 -68.35 13.20 90.78
N VAL DA 336 -67.85 11.98 90.48
CA VAL DA 336 -67.72 11.56 89.09
C VAL DA 336 -69.10 11.45 88.45
N LYS DA 337 -70.08 10.93 89.20
CA LYS DA 337 -71.45 10.89 88.71
C LYS DA 337 -72.03 12.29 88.56
N ALA DA 338 -71.68 13.22 89.44
CA ALA DA 338 -72.18 14.59 89.33
C ALA DA 338 -71.64 15.27 88.07
N ILE DA 339 -70.33 15.14 87.81
CA ILE DA 339 -69.76 15.72 86.60
C ILE DA 339 -70.29 15.00 85.36
N ALA DA 340 -70.54 13.69 85.44
CA ALA DA 340 -71.12 12.97 84.31
C ALA DA 340 -72.53 13.46 84.02
N ARG DA 341 -73.33 13.71 85.06
CA ARG DA 341 -74.66 14.26 84.85
C ARG DA 341 -74.60 15.67 84.29
N LEU DA 342 -73.62 16.47 84.71
CA LEU DA 342 -73.46 17.81 84.18
C LEU DA 342 -73.10 17.77 82.69
N ILE DA 343 -72.18 16.88 82.32
CA ILE DA 343 -71.76 16.76 80.92
C ILE DA 343 -72.91 16.19 80.07
N GLU DA 344 -73.70 15.28 80.64
CA GLU DA 344 -74.88 14.79 79.92
C GLU DA 344 -75.93 15.88 79.74
N PHE DA 345 -76.06 16.77 80.73
CA PHE DA 345 -76.92 17.94 80.57
C PHE DA 345 -76.43 18.84 79.44
N TYR DA 346 -75.10 19.03 79.35
CA TYR DA 346 -74.56 19.80 78.23
C TYR DA 346 -74.75 19.08 76.90
N LYS DA 347 -74.72 17.75 76.90
CA LYS DA 347 -74.96 16.99 75.68
C LYS DA 347 -76.40 17.15 75.21
N HIS DA 348 -77.36 17.11 76.15
CA HIS DA 348 -78.74 17.28 75.77
C HIS DA 348 -79.08 18.74 75.43
N GLU DA 349 -78.25 19.68 75.85
CA GLU DA 349 -78.47 21.10 75.57
C GLU DA 349 -77.24 21.66 74.86
N SER DA 350 -77.20 21.52 73.54
CA SER DA 350 -76.14 22.07 72.71
C SER DA 350 -76.69 22.26 71.31
N CYS DA 351 -76.50 23.46 70.75
CA CYS DA 351 -77.16 23.81 69.50
C CYS DA 351 -76.58 23.08 68.30
N GLY DA 352 -75.34 22.61 68.39
CA GLY DA 352 -74.76 21.78 67.35
C GLY DA 352 -74.36 22.49 66.08
N GLN DA 353 -74.26 23.82 66.09
CA GLN DA 353 -73.90 24.54 64.88
C GLN DA 353 -72.43 24.34 64.54
N CYS DA 354 -71.54 24.72 65.46
CA CYS DA 354 -70.11 24.62 65.21
C CYS DA 354 -69.58 23.30 65.74
N THR DA 355 -68.76 22.62 64.94
CA THR DA 355 -68.41 21.22 65.15
C THR DA 355 -67.58 20.84 66.39
N PRO DA 356 -66.68 21.72 67.00
CA PRO DA 356 -65.89 21.23 68.14
C PRO DA 356 -66.74 20.87 69.34
N CYS DA 357 -67.68 21.74 69.73
CA CYS DA 357 -68.63 21.41 70.78
C CYS DA 357 -69.50 20.23 70.38
N ARG DA 358 -70.02 20.23 69.15
CA ARG DA 358 -70.96 19.21 68.69
C ARG DA 358 -70.38 17.80 68.76
N GLU DA 359 -69.07 17.66 68.53
CA GLU DA 359 -68.47 16.34 68.66
C GLU DA 359 -67.86 16.10 70.03
N GLY DA 360 -67.12 17.07 70.57
CA GLY DA 360 -66.39 16.88 71.80
C GLY DA 360 -67.24 16.78 73.04
N VAL DA 361 -68.44 17.37 73.05
CA VAL DA 361 -69.30 17.24 74.22
C VAL DA 361 -69.82 15.81 74.33
N ASP DA 362 -70.21 15.20 73.21
CA ASP DA 362 -70.60 13.79 73.23
C ASP DA 362 -69.41 12.89 73.51
N TRP DA 363 -68.22 13.26 73.01
CA TRP DA 363 -67.00 12.52 73.35
C TRP DA 363 -66.75 12.55 74.86
N MET DA 364 -66.90 13.72 75.47
CA MET DA 364 -66.74 13.87 76.91
C MET DA 364 -67.81 13.11 77.67
N ASN DA 365 -69.03 13.05 77.14
CA ASN DA 365 -70.09 12.28 77.77
C ASN DA 365 -69.75 10.79 77.78
N LYS DA 366 -69.25 10.27 76.66
CA LYS DA 366 -68.84 8.86 76.62
C LYS DA 366 -67.67 8.58 77.56
N VAL DA 367 -66.69 9.50 77.60
CA VAL DA 367 -65.54 9.31 78.48
C VAL DA 367 -65.97 9.37 79.94
N MET DA 368 -66.90 10.27 80.28
CA MET DA 368 -67.37 10.37 81.66
C MET DA 368 -68.21 9.16 82.06
N ALA DA 369 -68.98 8.60 81.12
CA ALA DA 369 -69.71 7.37 81.40
C ALA DA 369 -68.75 6.21 81.67
N ARG DA 370 -67.69 6.11 80.86
CA ARG DA 370 -66.66 5.10 81.10
C ARG DA 370 -65.94 5.33 82.43
N PHE DA 371 -65.74 6.59 82.81
CA PHE DA 371 -65.10 6.90 84.09
C PHE DA 371 -65.99 6.50 85.26
N VAL DA 372 -67.30 6.76 85.14
CA VAL DA 372 -68.25 6.37 86.18
C VAL DA 372 -68.29 4.86 86.32
N ARG DA 373 -68.33 4.14 85.20
CA ARG DA 373 -68.23 2.68 85.27
C ARG DA 373 -66.85 2.22 85.69
N GLY DA 374 -65.83 3.07 85.59
CA GLY DA 374 -64.47 2.70 85.92
C GLY DA 374 -63.71 2.00 84.83
N ASP DA 375 -64.35 1.77 83.67
CA ASP DA 375 -63.70 1.09 82.54
C ASP DA 375 -62.85 2.10 81.79
N ALA DA 376 -61.69 2.39 82.36
CA ALA DA 376 -60.80 3.40 81.80
C ALA DA 376 -59.36 3.10 82.21
N ARG DA 377 -58.43 3.75 81.52
CA ARG DA 377 -57.01 3.66 81.80
C ARG DA 377 -56.51 5.01 82.30
N PRO DA 378 -55.43 5.04 83.09
CA PRO DA 378 -54.86 6.33 83.53
C PRO DA 378 -54.41 7.21 82.38
N ALA DA 379 -53.79 6.63 81.34
CA ALA DA 379 -53.30 7.41 80.21
C ALA DA 379 -54.41 8.05 79.41
N GLU DA 380 -55.65 7.57 79.56
CA GLU DA 380 -56.80 8.23 78.95
C GLU DA 380 -57.02 9.61 79.54
N ILE DA 381 -56.78 9.76 80.85
CA ILE DA 381 -57.22 10.94 81.60
C ILE DA 381 -56.58 12.21 81.04
N ASP DA 382 -55.26 12.20 80.88
CA ASP DA 382 -54.55 13.35 80.31
C ASP DA 382 -55.03 13.64 78.89
N SER DA 383 -55.33 12.57 78.13
CA SER DA 383 -55.90 12.74 76.80
C SER DA 383 -57.20 13.50 76.86
N LEU DA 384 -58.04 13.19 77.86
CA LEU DA 384 -59.28 13.93 78.08
C LEU DA 384 -59.01 15.40 78.29
N TRP DA 385 -57.95 15.72 79.05
CA TRP DA 385 -57.54 17.10 79.25
C TRP DA 385 -57.23 17.77 77.92
N GLU DA 386 -56.51 17.06 77.04
CA GLU DA 386 -56.19 17.60 75.73
C GLU DA 386 -57.46 17.83 74.92
N ILE DA 387 -58.45 16.95 75.08
CA ILE DA 387 -59.72 17.13 74.39
C ILE DA 387 -60.39 18.42 74.83
N SER DA 388 -60.30 18.73 76.13
CA SER DA 388 -60.82 20.00 76.62
C SER DA 388 -60.07 21.17 76.00
N LYS DA 389 -58.76 21.02 75.82
CA LYS DA 389 -57.99 22.09 75.20
C LYS DA 389 -58.27 22.23 73.71
N GLN DA 390 -58.97 21.27 73.11
CA GLN DA 390 -59.42 21.43 71.74
C GLN DA 390 -60.85 21.96 71.66
N ILE DA 391 -61.52 22.13 72.80
CA ILE DA 391 -62.85 22.73 72.83
C ILE DA 391 -62.78 24.18 73.32
N GLU DA 392 -61.99 24.42 74.37
CA GLU DA 392 -61.85 25.75 74.96
C GLU DA 392 -61.10 26.66 74.00
N GLY DA 393 -61.81 27.60 73.38
CA GLY DA 393 -61.20 28.59 72.52
C GLY DA 393 -61.38 28.38 71.04
N HIS DA 394 -62.16 27.38 70.63
CA HIS DA 394 -62.40 27.11 69.21
C HIS DA 394 -63.89 26.99 68.90
N THR DA 395 -64.72 27.68 69.68
CA THR DA 395 -66.17 27.57 69.55
C THR DA 395 -66.78 28.93 69.20
N ILE DA 396 -67.96 28.89 68.58
CA ILE DA 396 -68.68 30.11 68.24
C ILE DA 396 -69.12 30.83 69.50
N CYS DA 397 -69.77 30.11 70.41
CA CYS DA 397 -70.24 30.65 71.66
C CYS DA 397 -69.44 30.05 72.81
N ALA DA 398 -69.81 30.40 74.04
CA ALA DA 398 -69.04 30.02 75.22
C ALA DA 398 -69.60 28.80 75.93
N LEU DA 399 -70.52 28.06 75.30
CA LEU DA 399 -70.97 26.81 75.89
C LEU DA 399 -69.88 25.75 75.84
N GLY DA 400 -68.99 25.81 74.84
CA GLY DA 400 -67.88 24.87 74.78
C GLY DA 400 -66.89 25.07 75.92
N ASP DA 401 -66.59 26.32 76.25
CA ASP DA 401 -65.75 26.60 77.42
C ASP DA 401 -66.44 26.17 78.70
N GLY DA 402 -67.75 26.40 78.80
CA GLY DA 402 -68.51 25.96 79.96
C GLY DA 402 -68.70 24.46 80.05
N ALA DA 403 -68.43 23.73 78.97
CA ALA DA 403 -68.39 22.28 79.01
C ALA DA 403 -67.00 21.77 79.36
N ALA DA 404 -65.96 22.44 78.87
CA ALA DA 404 -64.59 22.01 79.14
C ALA DA 404 -64.16 22.34 80.57
N TRP DA 405 -64.70 23.41 81.15
CA TRP DA 405 -64.26 23.83 82.47
C TRP DA 405 -64.55 22.85 83.60
N PRO DA 406 -65.76 22.27 83.76
CA PRO DA 406 -65.97 21.34 84.88
C PRO DA 406 -65.13 20.08 84.80
N VAL DA 407 -64.88 19.56 83.59
CA VAL DA 407 -64.04 18.38 83.45
C VAL DA 407 -62.59 18.71 83.81
N GLN DA 408 -62.10 19.87 83.38
CA GLN DA 408 -60.75 20.30 83.75
C GLN DA 408 -60.62 20.48 85.25
N GLY DA 409 -61.61 21.09 85.89
CA GLY DA 409 -61.57 21.25 87.33
C GLY DA 409 -61.64 19.93 88.06
N LEU DA 410 -62.50 19.02 87.60
CA LEU DA 410 -62.61 17.70 88.21
C LEU DA 410 -61.30 16.93 88.12
N ILE DA 411 -60.66 16.95 86.94
CA ILE DA 411 -59.38 16.26 86.77
C ILE DA 411 -58.33 16.89 87.68
N ARG DA 412 -58.21 18.22 87.63
CA ARG DA 412 -57.14 18.92 88.34
C ARG DA 412 -57.25 18.77 89.84
N HIS DA 413 -58.47 18.74 90.38
CA HIS DA 413 -58.63 18.69 91.83
C HIS DA 413 -58.96 17.31 92.37
N PHE DA 414 -59.29 16.33 91.53
CA PHE DA 414 -59.65 15.01 92.04
C PHE DA 414 -59.12 13.89 91.15
N ARG DA 415 -57.95 14.09 90.53
CA ARG DA 415 -57.30 12.99 89.82
C ARG DA 415 -57.05 11.72 90.66
N PRO DA 416 -56.60 11.77 91.93
CA PRO DA 416 -56.42 10.51 92.67
C PRO DA 416 -57.67 9.67 92.83
N GLU DA 417 -58.85 10.29 92.96
CA GLU DA 417 -60.09 9.51 93.03
C GLU DA 417 -60.36 8.79 91.72
N LEU DA 418 -60.10 9.45 90.58
CA LEU DA 418 -60.29 8.81 89.28
C LEU DA 418 -59.32 7.65 89.09
N GLU DA 419 -58.06 7.85 89.46
CA GLU DA 419 -57.07 6.77 89.36
C GLU DA 419 -57.42 5.60 90.27
N GLU DA 420 -57.91 5.91 91.48
CA GLU DA 420 -58.35 4.86 92.39
C GLU DA 420 -59.53 4.08 91.82
N ARG DA 421 -60.47 4.78 91.20
CA ARG DA 421 -61.64 4.10 90.62
C ARG DA 421 -61.24 3.17 89.47
N MET DA 422 -60.38 3.65 88.56
CA MET DA 422 -60.02 2.79 87.44
C MET DA 422 -59.11 1.64 87.89
N GLN DA 423 -58.23 1.88 88.86
CA GLN DA 423 -57.41 0.81 89.41
C GLN DA 423 -58.26 -0.24 90.11
N ARG DA 424 -59.28 0.20 90.85
CA ARG DA 424 -60.18 -0.73 91.51
C ARG DA 424 -60.98 -1.56 90.50
N PHE DA 425 -61.45 -0.93 89.42
CA PHE DA 425 -62.17 -1.67 88.39
C PHE DA 425 -61.26 -2.67 87.69
N ALA DA 426 -60.01 -2.28 87.41
CA ALA DA 426 -59.07 -3.20 86.76
C ALA DA 426 -58.70 -4.35 87.69
N GLN DA 427 -58.57 -4.08 88.99
CA GLN DA 427 -58.28 -5.15 89.94
C GLN DA 427 -59.45 -6.11 90.09
N GLN DA 428 -60.68 -5.58 90.12
CA GLN DA 428 -61.85 -6.44 90.32
C GLN DA 428 -62.17 -7.23 89.06
N HIS DA 429 -62.49 -6.54 87.97
CA HIS DA 429 -63.08 -7.21 86.81
C HIS DA 429 -62.06 -8.00 86.00
N GLN DA 430 -60.77 -7.73 86.16
CA GLN DA 430 -59.74 -8.47 85.44
C GLN DA 430 -58.71 -9.05 86.40
N ALA EA 1 -87.93 10.09 70.12
CA ALA EA 1 -86.64 10.75 70.03
C ALA EA 1 -86.14 10.79 68.59
N LEU EA 2 -87.09 10.81 67.65
CA LEU EA 2 -86.77 10.82 66.23
C LEU EA 2 -86.99 12.21 65.65
N PHE EA 3 -86.22 12.53 64.62
CA PHE EA 3 -86.32 13.82 63.94
C PHE EA 3 -86.69 13.65 62.47
N VAL EA 4 -87.45 12.60 62.15
CA VAL EA 4 -87.99 12.36 60.83
C VAL EA 4 -89.44 11.91 60.99
N HIS EA 5 -90.31 12.41 60.12
CA HIS EA 5 -91.74 12.13 60.20
C HIS EA 5 -92.12 11.11 59.12
N ARG EA 6 -92.89 10.10 59.53
CA ARG EA 6 -93.44 9.11 58.61
C ARG EA 6 -94.96 9.27 58.55
N ASP EA 7 -95.51 9.06 57.35
CA ASP EA 7 -96.92 9.32 57.12
C ASP EA 7 -97.79 8.25 57.78
N THR EA 8 -98.23 8.52 59.00
CA THR EA 8 -99.09 7.62 59.77
C THR EA 8 -100.55 7.98 59.54
N PRO EA 9 -101.47 7.02 59.70
CA PRO EA 9 -102.90 7.36 59.61
C PRO EA 9 -103.37 8.37 60.64
N LYS EA 10 -102.83 8.34 61.85
CA LYS EA 10 -103.22 9.32 62.85
C LYS EA 10 -102.59 10.69 62.60
N ASN EA 11 -101.36 10.72 62.08
CA ASN EA 11 -100.62 11.96 61.89
C ASN EA 11 -100.21 12.04 60.42
N ASN EA 12 -101.02 12.74 59.62
CA ASN EA 12 -100.78 12.97 58.21
C ASN EA 12 -101.02 14.44 57.91
N PRO EA 13 -100.49 14.95 56.80
CA PRO EA 13 -100.82 16.32 56.38
C PRO EA 13 -102.30 16.54 56.07
N GLU EA 14 -103.05 15.47 55.81
CA GLU EA 14 -104.47 15.57 55.53
C GLU EA 14 -105.34 15.47 56.79
N THR EA 15 -104.72 15.45 57.96
CA THR EA 15 -105.47 15.43 59.22
C THR EA 15 -106.20 16.76 59.39
N PRO EA 16 -107.50 16.74 59.73
CA PRO EA 16 -108.22 18.01 59.91
C PRO EA 16 -107.75 18.76 61.14
N PHE EA 17 -107.39 20.04 60.94
CA PHE EA 17 -106.99 20.92 62.02
C PHE EA 17 -107.21 22.35 61.57
N ASP EA 18 -107.71 23.18 62.50
CA ASP EA 18 -107.90 24.60 62.22
C ASP EA 18 -107.89 25.36 63.54
N PHE EA 19 -107.56 26.64 63.44
CA PHE EA 19 -107.60 27.52 64.60
C PHE EA 19 -109.02 27.95 64.89
N THR EA 20 -109.33 28.14 66.17
CA THR EA 20 -110.58 28.75 66.57
C THR EA 20 -110.51 30.26 66.31
N PRO EA 21 -111.66 30.92 66.13
CA PRO EA 21 -111.64 32.38 65.89
C PRO EA 21 -111.01 33.19 67.01
N GLU EA 22 -111.18 32.78 68.26
CA GLU EA 22 -110.47 33.44 69.35
C GLU EA 22 -108.96 33.24 69.23
N ASN EA 23 -108.55 32.02 68.83
CA ASN EA 23 -107.14 31.77 68.56
C ASN EA 23 -106.65 32.59 67.37
N TYR EA 24 -107.52 32.84 66.37
CA TYR EA 24 -107.14 33.68 65.25
C TYR EA 24 -106.94 35.13 65.70
N LYS EA 25 -107.79 35.62 66.61
CA LYS EA 25 -107.61 36.96 67.14
C LYS EA 25 -106.33 37.07 67.96
N ARG EA 26 -106.02 36.04 68.76
CA ARG EA 26 -104.76 36.02 69.50
C ARG EA 26 -103.56 35.97 68.54
N ILE EA 27 -103.69 35.23 67.44
CA ILE EA 27 -102.64 35.13 66.44
C ILE EA 27 -102.41 36.50 65.79
N GLU EA 28 -103.50 37.21 65.49
CA GLU EA 28 -103.37 38.55 64.91
C GLU EA 28 -102.74 39.53 65.90
N ALA EA 29 -103.06 39.40 67.18
CA ALA EA 29 -102.40 40.23 68.19
C ALA EA 29 -100.91 39.93 68.26
N ILE EA 30 -100.54 38.65 68.18
CA ILE EA 30 -99.14 38.26 68.19
C ILE EA 30 -98.41 38.78 66.95
N VAL EA 31 -99.09 38.78 65.81
CA VAL EA 31 -98.52 39.31 64.57
C VAL EA 31 -98.30 40.82 64.70
N LYS EA 32 -99.30 41.54 65.22
CA LYS EA 32 -99.18 42.98 65.42
C LYS EA 32 -98.12 43.32 66.47
N ASN EA 33 -97.81 42.39 67.37
CA ASN EA 33 -96.77 42.60 68.38
C ASN EA 33 -95.38 42.82 67.77
N TYR EA 34 -95.13 42.31 66.57
CA TYR EA 34 -93.83 42.35 65.91
C TYR EA 34 -93.77 43.43 64.84
N PRO EA 35 -92.57 43.90 64.47
CA PRO EA 35 -92.45 44.91 63.41
C PRO EA 35 -92.88 44.36 62.05
N GLU EA 36 -93.27 45.29 61.17
CA GLU EA 36 -93.66 44.93 59.82
C GLU EA 36 -92.46 44.40 59.03
N GLY EA 37 -92.72 43.40 58.21
CA GLY EA 37 -91.67 42.75 57.45
C GLY EA 37 -90.97 41.62 58.15
N HIS EA 38 -91.32 41.33 59.40
CA HIS EA 38 -90.69 40.28 60.19
C HIS EA 38 -91.76 39.44 60.87
N LYS EA 39 -92.76 39.01 60.11
CA LYS EA 39 -93.81 38.14 60.64
C LYS EA 39 -93.29 36.77 61.02
N ALA EA 40 -92.15 36.34 60.46
CA ALA EA 40 -91.56 35.06 60.80
C ALA EA 40 -91.13 34.99 62.27
N ALA EA 41 -90.89 36.15 62.90
CA ALA EA 41 -90.62 36.18 64.33
C ALA EA 41 -91.81 35.72 65.15
N ALA EA 42 -93.01 35.69 64.56
CA ALA EA 42 -94.19 35.15 65.21
C ALA EA 42 -94.35 33.65 65.01
N VAL EA 43 -93.35 32.99 64.41
CA VAL EA 43 -93.42 31.54 64.23
C VAL EA 43 -93.39 30.83 65.58
N LEU EA 44 -92.49 31.26 66.47
CA LEU EA 44 -92.34 30.59 67.77
C LEU EA 44 -93.57 30.72 68.67
N PRO EA 45 -94.19 31.90 68.88
CA PRO EA 45 -95.33 31.91 69.80
C PRO EA 45 -96.60 31.29 69.21
N VAL EA 46 -96.90 31.58 67.94
CA VAL EA 46 -98.16 31.15 67.33
C VAL EA 46 -98.24 29.63 67.29
N LEU EA 47 -97.14 28.97 66.93
CA LEU EA 47 -97.09 27.51 66.97
C LEU EA 47 -97.31 26.99 68.38
N ASP EA 48 -96.75 27.69 69.38
CA ASP EA 48 -97.04 27.39 70.78
C ASP EA 48 -98.54 27.45 71.04
N LEU EA 49 -99.21 28.48 70.51
CA LEU EA 49 -100.65 28.60 70.60
C LEU EA 49 -101.34 27.36 70.03
N ALA EA 50 -100.83 26.84 68.91
CA ALA EA 50 -101.42 25.65 68.31
C ALA EA 50 -101.32 24.46 69.25
N GLN EA 51 -100.21 24.36 69.99
CA GLN EA 51 -100.08 23.30 70.98
C GLN EA 51 -101.13 23.45 72.07
N ARG EA 52 -101.42 24.69 72.47
CA ARG EA 52 -102.45 24.91 73.47
C ARG EA 52 -103.85 24.66 72.94
N GLN EA 53 -104.01 24.48 71.63
CA GLN EA 53 -105.29 24.05 71.09
C GLN EA 53 -105.41 22.53 71.06
N ASN EA 54 -104.30 21.80 71.14
CA ASN EA 54 -104.38 20.36 70.93
C ASN EA 54 -103.71 19.56 72.05
N GLY EA 55 -102.62 20.09 72.60
CA GLY EA 55 -101.79 19.35 73.52
C GLY EA 55 -100.65 18.60 72.86
N TRP EA 56 -100.71 18.41 71.54
CA TRP EA 56 -99.63 17.84 70.78
C TRP EA 56 -99.65 18.45 69.38
N LEU EA 57 -98.52 18.36 68.69
CA LEU EA 57 -98.39 18.97 67.38
C LEU EA 57 -98.36 17.90 66.29
N PRO EA 58 -99.46 17.68 65.57
CA PRO EA 58 -99.40 16.86 64.36
C PRO EA 58 -98.76 17.67 63.23
N ILE EA 59 -98.52 17.01 62.10
CA ILE EA 59 -98.09 17.80 60.96
C ILE EA 59 -99.37 18.23 60.23
N SER EA 60 -100.08 19.17 60.85
CA SER EA 60 -101.01 20.06 60.18
C SER EA 60 -100.95 21.47 60.75
N ALA EA 61 -100.52 21.65 62.00
CA ALA EA 61 -100.30 22.98 62.55
C ALA EA 61 -99.04 23.59 62.00
N MET EA 62 -98.07 22.75 61.63
CA MET EA 62 -96.84 23.24 60.99
C MET EA 62 -97.16 23.88 59.65
N ASN EA 63 -97.91 23.18 58.80
CA ASN EA 63 -98.29 23.71 57.50
C ASN EA 63 -99.25 24.88 57.64
N LYS EA 64 -100.14 24.83 58.63
CA LYS EA 64 -101.07 25.95 58.85
C LYS EA 64 -100.33 27.21 59.29
N VAL EA 65 -99.36 27.06 60.20
CA VAL EA 65 -98.55 28.19 60.65
C VAL EA 65 -97.73 28.75 59.49
N ALA EA 66 -97.24 27.86 58.62
CA ALA EA 66 -96.59 28.32 57.40
C ALA EA 66 -97.57 29.06 56.47
N GLU EA 67 -98.84 28.65 56.47
CA GLU EA 67 -99.82 29.26 55.56
C GLU EA 67 -100.21 30.66 56.00
N ILE EA 68 -100.49 30.85 57.30
CA ILE EA 68 -100.84 32.19 57.78
C ILE EA 68 -99.65 33.13 57.73
N LEU EA 69 -98.49 32.68 58.21
CA LEU EA 69 -97.35 33.58 58.33
C LEU EA 69 -96.55 33.71 57.03
N GLN EA 70 -96.94 32.99 55.98
CA GLN EA 70 -96.29 33.04 54.65
C GLN EA 70 -94.80 32.74 54.72
N VAL EA 71 -94.44 31.75 55.55
CA VAL EA 71 -93.06 31.30 55.66
C VAL EA 71 -92.98 29.91 55.02
N PRO EA 72 -91.82 29.46 54.56
CA PRO EA 72 -91.70 28.08 54.08
C PRO EA 72 -91.95 27.10 55.22
N PRO EA 73 -92.60 25.97 54.93
CA PRO EA 73 -92.89 25.00 56.00
C PRO EA 73 -91.65 24.39 56.64
N MET EA 74 -90.50 24.42 55.96
CA MET EA 74 -89.33 23.76 56.52
C MET EA 74 -88.75 24.57 57.68
N ARG EA 75 -88.95 25.89 57.66
CA ARG EA 75 -88.58 26.71 58.81
C ARG EA 75 -89.42 26.36 60.03
N VAL EA 76 -90.72 26.10 59.81
CA VAL EA 76 -91.59 25.68 60.90
C VAL EA 76 -91.17 24.30 61.40
N TYR EA 77 -90.75 23.42 60.49
CA TYR EA 77 -90.25 22.10 60.90
C TYR EA 77 -88.99 22.24 61.75
N GLU EA 78 -88.08 23.13 61.33
CA GLU EA 78 -86.85 23.36 62.08
C GLU EA 78 -87.14 23.92 63.47
N VAL EA 79 -88.08 24.86 63.57
CA VAL EA 79 -88.44 25.45 64.86
C VAL EA 79 -89.08 24.40 65.76
N ALA EA 80 -89.99 23.58 65.21
CA ALA EA 80 -90.69 22.61 66.02
C ALA EA 80 -89.83 21.41 66.39
N THR EA 81 -88.74 21.15 65.66
CA THR EA 81 -87.85 20.07 66.00
C THR EA 81 -86.66 20.49 66.85
N PHE EA 82 -86.24 21.76 66.76
CA PHE EA 82 -85.10 22.22 67.55
C PHE EA 82 -85.44 22.31 69.04
N TYR EA 83 -86.67 22.68 69.38
CA TYR EA 83 -87.07 22.92 70.74
C TYR EA 83 -87.81 21.72 71.32
N THR EA 84 -87.63 21.48 72.62
CA THR EA 84 -88.22 20.33 73.30
C THR EA 84 -89.59 20.62 73.89
N MET EA 85 -90.06 21.87 73.83
CA MET EA 85 -91.38 22.18 74.37
C MET EA 85 -92.49 21.62 73.49
N TYR EA 86 -92.25 21.54 72.18
CA TYR EA 86 -93.26 21.10 71.23
C TYR EA 86 -93.40 19.58 71.30
N ASN EA 87 -94.60 19.10 71.64
CA ASN EA 87 -94.88 17.67 71.69
C ASN EA 87 -95.30 17.23 70.30
N ARG EA 88 -94.39 16.59 69.58
CA ARG EA 88 -94.67 16.09 68.24
C ARG EA 88 -95.30 14.70 68.24
N LYS EA 89 -95.54 14.13 69.41
CA LYS EA 89 -96.25 12.88 69.60
C LYS EA 89 -97.40 13.11 70.55
N PRO EA 90 -98.49 12.34 70.44
CA PRO EA 90 -99.63 12.56 71.34
C PRO EA 90 -99.34 12.17 72.78
N VAL EA 91 -99.13 13.18 73.63
CA VAL EA 91 -98.86 12.97 75.04
C VAL EA 91 -100.18 12.91 75.80
N GLY EA 92 -100.13 12.47 77.05
CA GLY EA 92 -101.31 12.39 77.88
C GLY EA 92 -101.79 13.76 78.33
N LYS EA 93 -102.92 13.74 79.06
CA LYS EA 93 -103.51 14.98 79.54
C LYS EA 93 -102.64 15.66 80.59
N TYR EA 94 -101.97 14.86 81.42
CA TYR EA 94 -101.04 15.37 82.41
C TYR EA 94 -99.62 14.97 82.01
N HIS EA 95 -98.74 15.97 81.90
CA HIS EA 95 -97.39 15.76 81.42
C HIS EA 95 -96.42 15.97 82.58
N ILE EA 96 -95.99 14.89 83.20
CA ILE EA 96 -95.07 14.94 84.34
C ILE EA 96 -93.64 15.01 83.82
N GLN EA 97 -92.91 16.03 84.24
CA GLN EA 97 -91.51 16.19 83.89
C GLN EA 97 -90.70 16.28 85.18
N VAL EA 98 -89.78 15.35 85.37
CA VAL EA 98 -88.95 15.28 86.56
C VAL EA 98 -87.56 15.79 86.23
N CYS EA 99 -87.06 16.71 87.04
CA CYS EA 99 -85.74 17.28 86.85
C CYS EA 99 -84.69 16.41 87.52
N THR EA 100 -83.61 16.12 86.80
CA THR EA 100 -82.53 15.27 87.31
C THR EA 100 -81.18 15.84 86.93
N THR EA 101 -81.01 17.15 87.06
CA THR EA 101 -79.70 17.77 86.91
C THR EA 101 -78.99 17.69 88.26
N THR EA 102 -77.73 18.13 88.31
CA THR EA 102 -76.89 17.93 89.50
C THR EA 102 -77.44 18.56 90.78
N PRO EA 103 -77.90 19.84 90.80
CA PRO EA 103 -78.51 20.34 92.06
C PRO EA 103 -79.79 19.64 92.46
N CYS EA 104 -80.48 18.96 91.53
CA CYS EA 104 -81.64 18.17 91.88
C CYS EA 104 -81.31 16.70 92.14
N MET EA 105 -80.29 16.18 91.45
CA MET EA 105 -79.83 14.82 91.71
C MET EA 105 -79.17 14.70 93.08
N LEU EA 106 -78.53 15.78 93.54
CA LEU EA 106 -77.91 15.77 94.86
C LEU EA 106 -78.93 15.66 95.97
N ARG EA 107 -80.14 16.17 95.76
CA ARG EA 107 -81.19 16.13 96.76
C ARG EA 107 -82.21 15.03 96.50
N ASN EA 108 -81.76 13.90 95.93
CA ASN EA 108 -82.51 12.65 95.85
C ASN EA 108 -83.81 12.80 95.05
N SER EA 109 -83.66 13.12 93.76
CA SER EA 109 -84.77 13.02 92.82
C SER EA 109 -85.02 11.58 92.39
N ASP EA 110 -84.06 10.69 92.62
CA ASP EA 110 -84.24 9.29 92.25
C ASP EA 110 -85.31 8.60 93.09
N SER EA 111 -85.48 9.03 94.34
CA SER EA 111 -86.58 8.51 95.15
C SER EA 111 -87.93 8.94 94.58
N ILE EA 112 -88.01 10.18 94.10
CA ILE EA 112 -89.23 10.68 93.46
C ILE EA 112 -89.52 9.88 92.20
N LEU EA 113 -88.49 9.62 91.39
CA LEU EA 113 -88.68 8.81 90.19
C LEU EA 113 -89.16 7.41 90.55
N GLU EA 114 -88.44 6.72 91.45
CA GLU EA 114 -88.80 5.36 91.84
C GLU EA 114 -90.20 5.30 92.42
N ALA EA 115 -90.64 6.37 93.09
CA ALA EA 115 -92.04 6.47 93.48
C ALA EA 115 -92.97 6.54 92.27
N ILE EA 116 -92.57 7.27 91.22
CA ILE EA 116 -93.43 7.38 90.03
C ILE EA 116 -93.58 6.04 89.32
N GLN EA 117 -92.46 5.33 89.07
CA GLN EA 117 -92.59 3.97 88.53
C GLN EA 117 -93.32 3.01 89.47
N LYS EA 118 -93.10 3.09 90.78
CA LYS EA 118 -93.75 2.14 91.66
C LYS EA 118 -95.23 2.44 91.86
N LYS EA 119 -95.67 3.66 91.55
CA LYS EA 119 -97.08 4.02 91.67
C LYS EA 119 -97.84 3.80 90.36
N LEU EA 120 -97.32 4.32 89.25
CA LEU EA 120 -98.07 4.32 88.01
C LEU EA 120 -97.75 3.12 87.12
N GLY EA 121 -96.60 2.48 87.30
CA GLY EA 121 -96.28 1.29 86.55
C GLY EA 121 -95.91 1.52 85.11
N ILE EA 122 -95.26 2.65 84.80
CA ILE EA 122 -94.79 2.94 83.45
C ILE EA 122 -93.32 3.32 83.54
N LYS EA 123 -92.63 3.19 82.41
CA LYS EA 123 -91.23 3.58 82.32
C LYS EA 123 -91.12 5.02 81.85
N VAL EA 124 -89.88 5.51 81.76
CA VAL EA 124 -89.65 6.86 81.28
C VAL EA 124 -89.94 6.93 79.79
N GLY EA 125 -90.80 7.86 79.39
CA GLY EA 125 -91.23 7.94 78.01
C GLY EA 125 -92.36 7.01 77.63
N GLU EA 126 -92.97 6.34 78.59
CA GLU EA 126 -94.07 5.41 78.34
C GLU EA 126 -95.37 6.03 78.79
N THR EA 127 -96.45 5.69 78.10
CA THR EA 127 -97.77 6.26 78.35
C THR EA 127 -98.63 5.30 79.15
N THR EA 128 -99.63 5.87 79.83
CA THR EA 128 -100.63 5.10 80.54
C THR EA 128 -101.63 4.50 79.56
N PRO EA 129 -102.29 3.40 79.92
CA PRO EA 129 -103.34 2.84 79.04
C PRO EA 129 -104.50 3.79 78.78
N ASP EA 130 -104.87 4.62 79.76
CA ASP EA 130 -105.97 5.58 79.57
C ASP EA 130 -105.48 6.91 79.03
N LYS EA 131 -104.19 7.04 78.72
CA LYS EA 131 -103.59 8.25 78.13
C LYS EA 131 -103.79 9.48 79.00
N LEU EA 132 -103.68 9.30 80.31
CA LEU EA 132 -103.84 10.40 81.25
C LEU EA 132 -102.52 10.98 81.73
N PHE EA 133 -101.47 10.17 81.83
CA PHE EA 133 -100.18 10.62 82.32
C PHE EA 133 -99.08 10.19 81.36
N THR EA 134 -98.05 11.02 81.25
CA THR EA 134 -96.86 10.71 80.46
C THR EA 134 -95.65 11.20 81.26
N LEU EA 135 -94.73 10.28 81.54
CA LEU EA 135 -93.56 10.57 82.37
C LEU EA 135 -92.33 10.68 81.48
N ILE EA 136 -91.65 11.84 81.56
CA ILE EA 136 -90.39 12.06 80.87
C ILE EA 136 -89.41 12.69 81.84
N GLU EA 137 -88.13 12.62 81.48
CA GLU EA 137 -87.05 13.15 82.30
C GLU EA 137 -86.47 14.38 81.61
N VAL EA 138 -86.40 15.48 82.34
CA VAL EA 138 -85.99 16.77 81.77
C VAL EA 138 -84.76 17.29 82.50
N GLU EA 139 -84.21 18.36 81.96
CA GLU EA 139 -83.06 19.05 82.54
C GLU EA 139 -83.53 20.04 83.59
N CYS EA 140 -82.64 20.95 84.00
CA CYS EA 140 -82.96 21.92 85.04
C CYS EA 140 -84.07 22.87 84.62
N LEU EA 141 -85.01 23.10 85.53
CA LEU EA 141 -86.16 23.96 85.28
C LEU EA 141 -86.11 25.25 86.10
N GLY EA 142 -84.94 25.59 86.63
CA GLY EA 142 -84.81 26.81 87.42
C GLY EA 142 -85.56 26.80 88.74
N ALA EA 143 -85.50 25.70 89.48
CA ALA EA 143 -86.02 25.60 90.84
C ALA EA 143 -85.02 24.88 91.73
N CYS EA 144 -83.76 25.29 91.61
CA CYS EA 144 -82.66 24.52 92.18
C CYS EA 144 -82.59 24.63 93.70
N VAL EA 145 -82.90 25.81 94.24
CA VAL EA 145 -82.94 25.98 95.69
C VAL EA 145 -84.15 25.31 96.32
N ASN EA 146 -85.10 24.84 95.51
CA ASN EA 146 -86.25 24.07 95.96
C ASN EA 146 -86.17 22.62 95.51
N ALA EA 147 -84.95 22.10 95.33
CA ALA EA 147 -84.78 20.73 94.91
C ALA EA 147 -85.17 19.78 96.04
N PRO EA 148 -85.75 18.61 95.72
CA PRO EA 148 -86.14 18.11 94.40
C PRO EA 148 -87.47 18.70 93.92
N MET EA 149 -87.74 18.60 92.62
CA MET EA 149 -88.88 19.27 92.04
C MET EA 149 -89.34 18.53 90.79
N VAL EA 150 -90.64 18.64 90.50
CA VAL EA 150 -91.22 18.19 89.25
C VAL EA 150 -92.11 19.31 88.71
N GLN EA 151 -92.50 19.17 87.44
CA GLN EA 151 -93.49 20.05 86.85
C GLN EA 151 -94.54 19.21 86.15
N ILE EA 152 -95.78 19.71 86.14
CA ILE EA 152 -96.89 19.07 85.46
C ILE EA 152 -97.63 20.14 84.68
N ASN EA 153 -97.74 19.94 83.36
CA ASN EA 153 -98.24 20.94 82.40
C ASN EA 153 -97.43 22.23 82.53
N ASP EA 154 -98.02 23.27 83.11
CA ASP EA 154 -97.33 24.53 83.35
C ASP EA 154 -97.15 24.84 84.82
N ASN EA 155 -97.44 23.88 85.69
CA ASN EA 155 -97.39 24.08 87.14
C ASN EA 155 -96.13 23.45 87.73
N TYR EA 156 -95.57 24.09 88.74
CA TYR EA 156 -94.37 23.63 89.42
C TYR EA 156 -94.75 23.03 90.78
N TYR EA 157 -94.23 21.84 91.07
CA TYR EA 157 -94.37 21.23 92.39
C TYR EA 157 -92.98 20.98 92.93
N GLU EA 158 -92.61 21.70 93.99
CA GLU EA 158 -91.25 21.75 94.50
C GLU EA 158 -91.22 21.25 95.95
N ASP EA 159 -90.04 20.77 96.36
CA ASP EA 159 -89.77 20.22 97.69
C ASP EA 159 -90.71 19.04 97.98
N LEU EA 160 -90.56 18.00 97.16
CA LEU EA 160 -91.46 16.86 97.17
C LEU EA 160 -90.81 15.65 97.83
N THR EA 161 -91.65 14.88 98.53
CA THR EA 161 -91.34 13.58 99.09
C THR EA 161 -92.10 12.53 98.30
N PRO EA 162 -91.67 11.25 98.34
CA PRO EA 162 -92.43 10.21 97.62
C PRO EA 162 -93.89 10.09 98.05
N LYS EA 163 -94.17 10.23 99.35
CA LYS EA 163 -95.56 10.26 99.81
C LYS EA 163 -96.29 11.48 99.27
N ASP EA 164 -95.62 12.63 99.22
CA ASP EA 164 -96.26 13.85 98.73
C ASP EA 164 -96.60 13.75 97.24
N ILE EA 165 -95.70 13.20 96.43
CA ILE EA 165 -95.99 13.13 95.00
C ILE EA 165 -96.97 11.99 94.72
N GLU EA 166 -96.97 10.93 95.55
CA GLU EA 166 -98.02 9.93 95.45
C GLU EA 166 -99.39 10.54 95.74
N GLU EA 167 -99.47 11.39 96.77
CA GLU EA 167 -100.72 12.08 97.08
C GLU EA 167 -101.11 13.03 95.96
N ILE EA 168 -100.13 13.66 95.32
CA ILE EA 168 -100.40 14.50 94.15
C ILE EA 168 -101.00 13.67 93.02
N ILE EA 169 -100.48 12.46 92.82
CA ILE EA 169 -101.01 11.57 91.79
C ILE EA 169 -102.45 11.16 92.10
N ASP EA 170 -102.73 10.81 93.36
CA ASP EA 170 -104.12 10.47 93.71
C ASP EA 170 -105.06 11.67 93.59
N GLU EA 171 -104.57 12.87 93.91
CA GLU EA 171 -105.42 14.06 93.78
C GLU EA 171 -105.67 14.40 92.33
N LEU EA 172 -104.68 14.17 91.46
CA LEU EA 172 -104.89 14.35 90.03
C LEU EA 172 -105.82 13.30 89.45
N LYS EA 173 -105.78 12.07 89.98
CA LYS EA 173 -106.70 11.03 89.52
C LYS EA 173 -108.14 11.34 89.90
N ALA EA 174 -108.36 12.16 90.92
CA ALA EA 174 -109.70 12.62 91.28
C ALA EA 174 -110.16 13.79 90.41
N GLY EA 175 -109.27 14.36 89.59
CA GLY EA 175 -109.61 15.44 88.70
C GLY EA 175 -109.28 16.82 89.23
N LYS EA 176 -109.07 16.97 90.53
CA LYS EA 176 -108.77 18.26 91.11
C LYS EA 176 -107.35 18.71 90.74
N ILE EA 177 -107.19 20.01 90.55
CA ILE EA 177 -105.89 20.62 90.25
C ILE EA 177 -105.18 20.92 91.56
N PRO EA 178 -103.92 20.48 91.73
CA PRO EA 178 -103.22 20.76 92.99
C PRO EA 178 -102.77 22.21 93.09
N LYS EA 179 -102.03 22.54 94.15
CA LYS EA 179 -101.56 23.90 94.36
C LYS EA 179 -100.14 24.02 93.83
N PRO EA 180 -99.89 24.81 92.78
CA PRO EA 180 -98.52 24.90 92.24
C PRO EA 180 -97.59 25.71 93.12
N GLY EA 181 -97.04 25.08 94.15
CA GLY EA 181 -96.08 25.71 95.01
C GLY EA 181 -95.23 24.69 95.73
N PRO EA 182 -94.21 25.16 96.45
CA PRO EA 182 -93.44 24.26 97.32
C PRO EA 182 -94.32 23.67 98.42
N ARG EA 183 -94.08 22.40 98.72
CA ARG EA 183 -94.91 21.66 99.68
C ARG EA 183 -94.25 21.51 101.04
N SER EA 184 -93.06 22.09 101.23
CA SER EA 184 -92.37 22.04 102.50
C SER EA 184 -92.79 23.22 103.38
N GLY EA 185 -92.06 23.47 104.47
CA GLY EA 185 -92.40 24.54 105.37
C GLY EA 185 -92.16 25.93 104.82
N ARG EA 186 -91.37 26.05 103.75
CA ARG EA 186 -91.10 27.34 103.14
C ARG EA 186 -92.17 27.67 102.11
N PHE EA 187 -92.22 28.95 101.71
CA PHE EA 187 -93.27 29.42 100.82
C PHE EA 187 -92.82 29.50 99.36
N SER EA 188 -91.82 30.32 99.06
CA SER EA 188 -91.28 30.37 97.71
C SER EA 188 -89.80 30.00 97.65
N CYS EA 189 -88.94 30.76 98.34
CA CYS EA 189 -87.51 30.49 98.31
C CYS EA 189 -86.81 30.74 99.64
N GLU EA 190 -87.54 31.09 100.70
CA GLU EA 190 -86.92 31.44 101.96
C GLU EA 190 -86.37 30.19 102.66
N PRO EA 191 -85.38 30.37 103.54
CA PRO EA 191 -84.91 29.23 104.35
C PRO EA 191 -86.01 28.69 105.24
N ALA EA 192 -86.02 27.37 105.41
CA ALA EA 192 -87.04 26.73 106.22
C ALA EA 192 -86.90 27.10 107.70
N GLY EA 193 -85.67 27.19 108.19
CA GLY EA 193 -85.42 27.53 109.58
C GLY EA 193 -85.41 29.02 109.84
N GLY EA 194 -86.55 29.68 109.61
CA GLY EA 194 -86.67 31.10 109.86
C GLY EA 194 -86.12 31.93 108.71
N LEU EA 195 -86.34 33.24 108.82
CA LEU EA 195 -85.89 34.19 107.82
C LEU EA 195 -84.51 34.73 108.18
N THR EA 196 -83.57 34.62 107.25
CA THR EA 196 -82.23 35.17 107.48
C THR EA 196 -82.24 36.69 107.38
N SER EA 197 -82.97 37.25 106.42
CA SER EA 197 -83.02 38.68 106.21
C SER EA 197 -84.45 39.06 105.82
N LEU EA 198 -84.62 40.34 105.45
CA LEU EA 198 -85.89 40.92 105.02
C LEU EA 198 -86.97 40.80 106.10
N THR EA 199 -86.57 40.84 107.37
CA THR EA 199 -87.53 40.86 108.46
C THR EA 199 -87.93 42.28 108.85
N GLU EA 200 -87.07 43.25 108.59
CA GLU EA 200 -87.40 44.64 108.85
C GLU EA 200 -88.44 45.13 107.83
N PRO EA 201 -89.27 46.11 108.21
CA PRO EA 201 -90.23 46.66 107.25
C PRO EA 201 -89.53 47.39 106.13
N PRO EA 202 -90.12 47.43 104.93
CA PRO EA 202 -89.55 48.25 103.86
C PRO EA 202 -89.61 49.73 104.21
N LYS EA 203 -88.62 50.47 103.73
CA LYS EA 203 -88.44 51.86 104.14
C LYS EA 203 -89.27 52.85 103.34
N GLY EA 204 -90.02 52.39 102.34
CA GLY EA 204 -90.89 53.26 101.58
C GLY EA 204 -90.13 54.12 100.59
N PRO EA 205 -90.83 55.06 99.96
CA PRO EA 205 -90.19 55.91 98.96
C PRO EA 205 -89.31 56.99 99.59
N GLY EA 206 -88.39 57.50 98.77
CA GLY EA 206 -87.58 58.62 99.18
C GLY EA 206 -86.50 58.31 100.19
N PHE EA 207 -86.07 57.06 100.29
CA PHE EA 207 -85.05 56.67 101.26
C PHE EA 207 -83.67 56.90 100.65
N GLY EA 208 -83.02 57.99 101.05
CA GLY EA 208 -81.65 58.26 100.65
C GLY EA 208 -81.44 58.51 99.17
N VAL EA 209 -82.35 59.23 98.53
CA VAL EA 209 -82.17 59.58 97.12
C VAL EA 209 -81.07 60.62 97.00
N GLN EA 210 -80.33 60.55 95.90
CA GLN EA 210 -79.22 61.47 95.69
C GLN EA 210 -79.72 62.88 95.43
N ALA EA 211 -78.91 63.86 95.81
CA ALA EA 211 -79.28 65.26 95.63
C ALA EA 211 -79.27 65.63 94.16
N GLY EA 212 -80.26 66.42 93.76
CA GLY EA 212 -80.36 66.86 92.38
C GLY EA 212 -81.04 65.90 91.44
N LEU EA 213 -81.78 64.92 91.96
CA LEU EA 213 -82.50 63.97 91.12
C LEU EA 213 -83.71 64.63 90.47
N SER FA 1 -58.12 56.06 46.96
CA SER FA 1 -58.14 54.67 47.39
C SER FA 1 -58.10 54.56 48.90
N ASN FA 2 -58.91 53.65 49.45
CA ASN FA 2 -59.00 53.43 50.89
C ASN FA 2 -58.48 52.07 51.29
N LEU FA 3 -57.52 51.53 50.54
CA LEU FA 3 -56.97 50.21 50.82
C LEU FA 3 -56.07 50.27 52.06
N ILE FA 4 -56.45 49.55 53.10
CA ILE FA 4 -55.67 49.50 54.33
C ILE FA 4 -54.60 48.42 54.20
N GLU FA 5 -53.55 48.56 55.01
CA GLU FA 5 -52.38 47.68 54.94
C GLU FA 5 -52.45 46.64 56.07
N VAL FA 6 -52.37 45.37 55.69
CA VAL FA 6 -52.31 44.27 56.64
C VAL FA 6 -51.05 43.46 56.35
N PHE FA 7 -50.75 42.53 57.26
CA PHE FA 7 -49.57 41.68 57.14
C PHE FA 7 -49.98 40.21 57.17
N VAL FA 8 -49.39 39.44 56.26
CA VAL FA 8 -49.50 37.98 56.27
C VAL FA 8 -48.09 37.43 56.37
N ASP FA 9 -47.80 36.75 57.49
CA ASP FA 9 -46.50 36.14 57.77
C ASP FA 9 -45.36 37.16 57.69
N GLY FA 10 -45.64 38.39 58.11
CA GLY FA 10 -44.65 39.45 58.05
C GLY FA 10 -44.54 40.17 56.72
N GLN FA 11 -45.35 39.81 55.73
CA GLN FA 11 -45.32 40.45 54.42
C GLN FA 11 -46.53 41.36 54.26
N SER FA 12 -46.28 42.60 53.84
CA SER FA 12 -47.33 43.59 53.72
C SER FA 12 -48.16 43.37 52.47
N VAL FA 13 -49.47 43.65 52.58
CA VAL FA 13 -50.38 43.64 51.44
C VAL FA 13 -51.51 44.61 51.73
N MET FA 14 -51.99 45.27 50.68
CA MET FA 14 -53.05 46.27 50.79
C MET FA 14 -54.36 45.68 50.31
N VAL FA 15 -55.41 45.80 51.12
CA VAL FA 15 -56.71 45.25 50.81
C VAL FA 15 -57.78 46.32 51.02
N GLU FA 16 -58.90 46.14 50.32
CA GLU FA 16 -60.06 46.98 50.53
C GLU FA 16 -60.66 46.68 51.91
N PRO FA 17 -61.30 47.66 52.55
CA PRO FA 17 -61.99 47.39 53.82
C PRO FA 17 -63.14 46.41 53.61
N GLY FA 18 -63.35 45.56 54.62
CA GLY FA 18 -64.28 44.47 54.52
C GLY FA 18 -63.70 43.18 54.01
N THR FA 19 -62.43 43.17 53.62
CA THR FA 19 -61.78 41.95 53.16
C THR FA 19 -61.49 41.04 54.35
N THR FA 20 -61.90 39.77 54.23
CA THR FA 20 -61.72 38.82 55.31
C THR FA 20 -60.26 38.40 55.42
N VAL FA 21 -59.96 37.67 56.51
CA VAL FA 21 -58.61 37.13 56.69
C VAL FA 21 -58.31 36.08 55.62
N LEU FA 22 -59.31 35.28 55.27
CA LEU FA 22 -59.15 34.29 54.21
C LEU FA 22 -58.86 34.95 52.87
N GLN FA 23 -59.54 36.05 52.56
CA GLN FA 23 -59.32 36.74 51.30
C GLN FA 23 -57.94 37.37 51.25
N ALA FA 24 -57.46 37.92 52.37
CA ALA FA 24 -56.12 38.50 52.41
C ALA FA 24 -55.06 37.42 52.26
N CYS FA 25 -55.23 36.28 52.92
CA CYS FA 25 -54.27 35.19 52.78
C CYS FA 25 -54.30 34.60 51.37
N GLU FA 26 -55.47 34.58 50.73
CA GLU FA 26 -55.54 34.17 49.32
C GLU FA 26 -54.85 35.17 48.42
N LYS FA 27 -54.97 36.47 48.73
CA LYS FA 27 -54.31 37.50 47.94
C LYS FA 27 -52.79 37.39 48.04
N VAL FA 28 -52.28 37.07 49.24
CA VAL FA 28 -50.85 36.81 49.37
C VAL FA 28 -50.47 35.54 48.63
N GLY FA 29 -51.28 34.49 48.75
CA GLY FA 29 -51.05 33.28 47.98
C GLY FA 29 -51.17 31.97 48.72
N MET FA 30 -51.67 31.98 49.96
CA MET FA 30 -51.92 30.76 50.70
C MET FA 30 -53.42 30.52 50.76
N GLN FA 31 -53.83 29.31 50.40
CA GLN FA 31 -55.24 28.93 50.43
C GLN FA 31 -55.55 28.33 51.80
N ILE FA 32 -56.32 29.07 52.60
CA ILE FA 32 -56.60 28.66 53.98
C ILE FA 32 -57.57 27.47 53.96
N PRO FA 33 -57.34 26.43 54.77
CA PRO FA 33 -58.26 25.29 54.80
C PRO FA 33 -59.66 25.69 55.26
N ARG FA 34 -60.67 25.05 54.64
CA ARG FA 34 -62.05 25.41 54.89
C ARG FA 34 -62.95 24.22 54.56
N PHE FA 35 -64.11 24.19 55.19
CA PHE FA 35 -65.12 23.19 54.87
C PHE FA 35 -66.49 23.79 54.59
N CYS FA 36 -66.89 24.82 55.34
CA CYS FA 36 -68.21 25.41 55.16
C CYS FA 36 -68.21 26.69 54.34
N TYR FA 37 -67.07 27.35 54.23
CA TYR FA 37 -67.01 28.60 53.47
C TYR FA 37 -66.99 28.30 51.98
N HIS FA 38 -67.78 29.06 51.23
CA HIS FA 38 -67.80 28.99 49.78
C HIS FA 38 -67.83 30.41 49.23
N GLU FA 39 -67.07 30.65 48.17
CA GLU FA 39 -66.96 32.00 47.63
C GLU FA 39 -68.19 32.46 46.88
N ARG FA 40 -69.16 31.57 46.64
CA ARG FA 40 -70.42 31.95 46.01
C ARG FA 40 -71.62 31.61 46.90
N LEU FA 41 -71.40 31.50 48.21
CA LEU FA 41 -72.47 31.25 49.16
C LEU FA 41 -72.28 32.15 50.36
N SER FA 42 -73.35 32.33 51.12
CA SER FA 42 -73.29 33.17 52.32
C SER FA 42 -72.38 32.53 53.37
N VAL FA 43 -71.75 33.38 54.17
CA VAL FA 43 -70.80 32.90 55.17
C VAL FA 43 -71.55 32.26 56.33
N ALA FA 44 -71.15 31.03 56.67
CA ALA FA 44 -71.75 30.31 57.79
C ALA FA 44 -70.82 30.24 58.99
N GLY FA 45 -69.57 29.85 58.77
CA GLY FA 45 -68.60 29.80 59.85
C GLY FA 45 -68.86 28.76 60.93
N ASN FA 46 -69.24 27.54 60.53
CA ASN FA 46 -69.61 26.50 61.49
C ASN FA 46 -68.85 25.21 61.23
N CYS FA 47 -67.57 25.32 60.89
CA CYS FA 47 -66.70 24.15 60.85
C CYS FA 47 -65.36 24.37 61.54
N ARG FA 48 -64.93 25.62 61.72
CA ARG FA 48 -63.73 26.02 62.47
C ARG FA 48 -62.44 25.46 61.86
N MET FA 49 -62.46 25.06 60.59
CA MET FA 49 -61.23 24.72 59.90
C MET FA 49 -60.35 25.94 59.66
N CYS FA 50 -60.97 27.08 59.37
CA CYS FA 50 -60.24 28.29 58.99
C CYS FA 50 -59.65 29.04 60.17
N LEU FA 51 -59.57 28.44 61.35
CA LEU FA 51 -59.06 29.13 62.53
C LEU FA 51 -57.57 29.41 62.38
N VAL FA 52 -57.22 30.69 62.31
CA VAL FA 52 -55.84 31.14 62.27
C VAL FA 52 -55.60 32.07 63.45
N GLU FA 53 -54.33 32.32 63.73
CA GLU FA 53 -53.94 33.16 64.85
C GLU FA 53 -53.40 34.48 64.35
N ILE FA 54 -53.96 35.57 64.84
CA ILE FA 54 -53.37 36.89 64.68
C ILE FA 54 -52.43 37.12 65.85
N GLU FA 55 -51.26 37.68 65.58
CA GLU FA 55 -50.27 37.86 66.63
C GLU FA 55 -50.72 38.94 67.61
N LYS FA 56 -50.19 38.86 68.83
CA LYS FA 56 -50.56 39.73 69.95
C LYS FA 56 -52.06 39.66 70.24
N ALA FA 57 -52.62 38.46 70.14
CA ALA FA 57 -54.04 38.22 70.40
C ALA FA 57 -54.21 36.80 70.93
N PRO FA 58 -54.68 36.63 72.16
CA PRO FA 58 -54.75 35.28 72.74
C PRO FA 58 -56.03 34.53 72.39
N LYS FA 59 -56.42 34.57 71.12
CA LYS FA 59 -57.57 33.79 70.64
C LYS FA 59 -57.45 33.64 69.14
N VAL FA 60 -57.84 32.48 68.63
CA VAL FA 60 -57.82 32.21 67.20
C VAL FA 60 -59.13 32.67 66.59
N VAL FA 61 -59.05 33.37 65.48
CA VAL FA 61 -60.22 33.94 64.82
C VAL FA 61 -60.58 33.10 63.61
N ALA FA 62 -61.85 33.14 63.23
CA ALA FA 62 -62.32 32.43 62.05
C ALA FA 62 -62.03 33.27 60.82
N ALA FA 63 -61.13 32.78 59.96
CA ALA FA 63 -60.69 33.57 58.81
C ALA FA 63 -61.78 33.71 57.74
N CYS FA 64 -62.78 32.82 57.74
CA CYS FA 64 -63.83 32.89 56.74
C CYS FA 64 -64.84 34.00 57.03
N ALA FA 65 -64.86 34.55 58.25
CA ALA FA 65 -65.89 35.51 58.61
C ALA FA 65 -65.31 36.80 59.16
N MET FA 66 -64.22 36.73 59.89
CA MET FA 66 -63.68 37.89 60.59
C MET FA 66 -63.02 38.85 59.62
N PRO FA 67 -63.45 40.12 59.55
CA PRO FA 67 -62.75 41.10 58.72
C PRO FA 67 -61.42 41.49 59.33
N VAL FA 68 -60.51 41.93 58.46
CA VAL FA 68 -59.16 42.32 58.88
C VAL FA 68 -59.19 43.74 59.43
N MET FA 69 -58.10 44.13 60.08
CA MET FA 69 -57.90 45.49 60.56
C MET FA 69 -56.49 45.93 60.22
N LYS FA 70 -56.23 47.23 60.42
CA LYS FA 70 -54.93 47.78 60.06
C LYS FA 70 -53.84 47.26 60.99
N GLY FA 71 -52.73 46.80 60.40
CA GLY FA 71 -51.61 46.32 61.17
C GLY FA 71 -51.73 44.90 61.67
N TRP FA 72 -52.74 44.15 61.25
CA TRP FA 72 -52.90 42.78 61.71
C TRP FA 72 -51.89 41.87 61.03
N ASN FA 73 -51.16 41.10 61.83
CA ASN FA 73 -50.19 40.14 61.34
C ASN FA 73 -50.79 38.74 61.50
N ILE FA 74 -51.17 38.14 60.37
CA ILE FA 74 -51.83 36.84 60.37
C ILE FA 74 -50.75 35.76 60.40
N LEU FA 75 -50.58 35.12 61.55
CA LEU FA 75 -49.64 34.01 61.68
C LEU FA 75 -50.32 32.77 61.14
N THR FA 76 -50.06 32.48 59.86
CA THR FA 76 -50.80 31.44 59.15
C THR FA 76 -50.35 30.05 59.56
N ASN FA 77 -49.08 29.87 59.90
CA ASN FA 77 -48.51 28.55 60.17
C ASN FA 77 -47.72 28.56 61.47
N SER FA 78 -48.31 29.12 62.52
CA SER FA 78 -47.71 29.08 63.84
C SER FA 78 -48.13 27.79 64.54
N GLU FA 79 -47.78 27.65 65.82
CA GLU FA 79 -48.03 26.40 66.52
C GLU FA 79 -49.52 26.23 66.85
N LYS FA 80 -50.16 27.29 67.36
CA LYS FA 80 -51.54 27.16 67.82
C LYS FA 80 -52.51 27.03 66.66
N THR FA 81 -52.17 27.59 65.49
CA THR FA 81 -52.98 27.38 64.30
C THR FA 81 -53.01 25.91 63.90
N LYS FA 82 -51.84 25.26 63.93
CA LYS FA 82 -51.76 23.85 63.60
C LYS FA 82 -52.45 22.99 64.66
N LYS FA 83 -52.34 23.40 65.93
CA LYS FA 83 -53.04 22.70 67.00
C LYS FA 83 -54.55 22.77 66.82
N ALA FA 84 -55.07 23.96 66.47
CA ALA FA 84 -56.49 24.12 66.22
C ALA FA 84 -56.96 23.31 65.03
N ARG FA 85 -56.16 23.30 63.95
CA ARG FA 85 -56.52 22.50 62.77
C ARG FA 85 -56.53 21.01 63.09
N GLU FA 86 -55.55 20.54 63.86
CA GLU FA 86 -55.51 19.12 64.23
C GLU FA 86 -56.67 18.75 65.14
N GLY FA 87 -57.04 19.63 66.07
CA GLY FA 87 -58.19 19.36 66.91
C GLY FA 87 -59.49 19.32 66.13
N VAL FA 88 -59.64 20.23 65.15
CA VAL FA 88 -60.83 20.26 64.33
C VAL FA 88 -60.91 19.00 63.46
N MET FA 89 -59.77 18.55 62.92
CA MET FA 89 -59.77 17.30 62.17
C MET FA 89 -60.09 16.09 63.04
N GLU FA 90 -59.58 16.07 64.28
CA GLU FA 90 -59.91 14.98 65.19
C GLU FA 90 -61.40 14.95 65.50
N PHE FA 91 -62.01 16.12 65.74
CA PHE FA 91 -63.45 16.17 65.99
C PHE FA 91 -64.25 15.80 64.75
N LEU FA 92 -63.77 16.20 63.57
CA LEU FA 92 -64.51 15.89 62.34
C LEU FA 92 -64.47 14.40 62.02
N LEU FA 93 -63.32 13.77 62.20
CA LEU FA 93 -63.17 12.34 61.94
C LEU FA 93 -63.53 11.48 63.14
N ALA FA 94 -63.98 12.08 64.25
CA ALA FA 94 -64.42 11.31 65.39
C ALA FA 94 -65.65 10.47 65.08
N ASN FA 95 -66.60 11.04 64.34
CA ASN FA 95 -67.87 10.37 64.05
C ASN FA 95 -68.03 9.96 62.59
N HIS FA 96 -67.00 10.16 61.77
CA HIS FA 96 -67.10 9.81 60.36
C HIS FA 96 -67.01 8.30 60.19
N PRO FA 97 -67.87 7.71 59.35
CA PRO FA 97 -67.82 6.26 59.15
C PRO FA 97 -66.65 5.84 58.27
N LEU FA 98 -66.19 4.60 58.49
CA LEU FA 98 -65.10 4.03 57.71
C LEU FA 98 -65.67 3.52 56.39
N ASP FA 99 -65.92 4.47 55.49
CA ASP FA 99 -66.63 4.18 54.25
C ASP FA 99 -65.86 4.61 53.00
N CYS FA 100 -64.58 4.91 53.12
CA CYS FA 100 -63.80 5.32 51.94
C CYS FA 100 -63.76 4.30 50.80
N PRO FA 101 -63.56 2.99 51.00
CA PRO FA 101 -63.55 2.09 49.84
C PRO FA 101 -64.91 1.85 49.19
N ILE FA 102 -66.03 2.18 49.86
CA ILE FA 102 -67.34 2.11 49.20
C ILE FA 102 -67.81 3.48 48.74
N CYS FA 103 -67.02 4.52 48.97
CA CYS FA 103 -67.42 5.88 48.68
C CYS FA 103 -67.18 6.22 47.23
N ASP FA 104 -67.98 7.15 46.71
CA ASP FA 104 -67.75 7.70 45.38
C ASP FA 104 -66.95 9.00 45.42
N GLN FA 105 -66.68 9.54 46.61
CA GLN FA 105 -65.86 10.72 46.74
C GLN FA 105 -64.39 10.40 46.95
N GLY FA 106 -64.04 9.12 47.09
CA GLY FA 106 -62.66 8.70 47.30
C GLY FA 106 -61.75 9.08 46.16
N GLY FA 107 -60.67 9.79 46.47
CA GLY FA 107 -59.80 10.36 45.47
C GLY FA 107 -60.13 11.78 45.07
N GLU FA 108 -61.35 12.24 45.36
CA GLU FA 108 -61.77 13.61 45.11
C GLU FA 108 -62.44 14.20 46.34
N CYS FA 109 -62.04 13.74 47.52
CA CYS FA 109 -62.68 14.11 48.78
C CYS FA 109 -61.87 15.21 49.47
N ASP FA 110 -62.55 16.25 49.93
CA ASP FA 110 -61.88 17.31 50.65
C ASP FA 110 -61.44 16.85 52.03
N LEU FA 111 -62.24 15.99 52.67
CA LEU FA 111 -61.93 15.52 54.03
C LEU FA 111 -60.65 14.71 54.06
N GLN FA 112 -60.46 13.81 53.08
CA GLN FA 112 -59.25 12.99 53.05
C GLN FA 112 -58.01 13.84 52.80
N ASP FA 113 -58.09 14.76 51.83
CA ASP FA 113 -56.95 15.59 51.48
C ASP FA 113 -56.56 16.51 52.64
N GLN FA 114 -57.54 17.16 53.26
CA GLN FA 114 -57.22 18.04 54.38
C GLN FA 114 -56.83 17.25 55.62
N SER FA 115 -57.31 16.02 55.77
CA SER FA 115 -56.89 15.18 56.88
C SER FA 115 -55.44 14.76 56.73
N MET FA 116 -54.99 14.45 55.51
CA MET FA 116 -53.58 14.13 55.33
C MET FA 116 -52.69 15.37 55.47
N MET FA 117 -53.08 16.48 54.85
CA MET FA 117 -52.14 17.60 54.78
C MET FA 117 -52.24 18.54 55.97
N PHE FA 118 -53.25 18.41 56.82
CA PHE FA 118 -53.34 19.25 58.01
C PHE FA 118 -53.57 18.47 59.28
N GLY FA 119 -54.36 17.40 59.24
CA GLY FA 119 -54.72 16.66 60.43
C GLY FA 119 -53.64 15.69 60.88
N SER FA 120 -53.93 14.99 61.97
CA SER FA 120 -53.02 14.02 62.55
C SER FA 120 -53.09 12.72 61.76
N ASP FA 121 -52.43 11.67 62.26
CA ASP FA 121 -52.31 10.41 61.55
C ASP FA 121 -52.82 9.20 62.35
N ARG FA 122 -53.43 9.43 63.51
CA ARG FA 122 -54.00 8.34 64.29
C ARG FA 122 -55.17 8.86 65.10
N SER FA 123 -56.02 7.93 65.52
CA SER FA 123 -57.29 8.26 66.18
C SER FA 123 -57.23 7.92 67.65
N ARG FA 124 -57.64 8.86 68.50
CA ARG FA 124 -57.79 8.63 69.93
C ARG FA 124 -59.23 8.27 70.30
N PHE FA 125 -60.11 8.16 69.34
CA PHE FA 125 -61.52 7.84 69.60
C PHE FA 125 -61.66 6.34 69.81
N LEU FA 126 -62.01 5.94 71.03
CA LEU FA 126 -62.15 4.54 71.39
C LEU FA 126 -63.59 4.15 71.66
N GLU FA 127 -64.55 4.95 71.19
CA GLU FA 127 -65.96 4.73 71.46
C GLU FA 127 -66.71 4.45 70.16
N GLY FA 128 -68.02 4.32 70.27
CA GLY FA 128 -68.85 4.02 69.11
C GLY FA 128 -69.30 5.28 68.39
N LYS FA 129 -69.26 5.21 67.06
CA LYS FA 129 -69.66 6.35 66.24
C LYS FA 129 -71.17 6.42 66.10
N ARG FA 130 -71.65 7.58 65.67
CA ARG FA 130 -73.07 7.74 65.41
C ARG FA 130 -73.42 7.17 64.03
N ALA FA 131 -74.69 6.82 63.88
CA ALA FA 131 -75.20 6.28 62.62
C ALA FA 131 -76.51 6.96 62.31
N VAL FA 132 -76.53 7.77 61.25
CA VAL FA 132 -77.71 8.52 60.84
C VAL FA 132 -78.40 7.75 59.72
N GLU FA 133 -79.72 7.60 59.85
CA GLU FA 133 -80.50 6.90 58.83
C GLU FA 133 -80.54 7.71 57.53
N ASP FA 134 -80.55 6.98 56.42
CA ASP FA 134 -80.51 7.62 55.11
C ASP FA 134 -81.91 8.07 54.69
N LYS FA 135 -81.94 9.01 53.74
CA LYS FA 135 -83.17 9.53 53.18
C LYS FA 135 -83.17 9.35 51.67
N ASN FA 136 -84.17 9.93 51.01
CA ASN FA 136 -84.21 10.00 49.55
C ASN FA 136 -84.80 11.34 49.14
N ILE FA 137 -84.21 11.93 48.10
CA ILE FA 137 -84.66 13.24 47.63
C ILE FA 137 -84.85 13.20 46.12
N GLY FA 138 -84.89 12.00 45.56
CA GLY FA 138 -85.11 11.84 44.13
C GLY FA 138 -84.11 10.90 43.50
N PRO FA 139 -84.29 10.62 42.20
CA PRO FA 139 -83.38 9.71 41.51
C PRO FA 139 -82.13 10.37 40.97
N LEU FA 140 -81.83 11.59 41.44
CA LEU FA 140 -80.66 12.32 40.99
C LEU FA 140 -79.56 12.42 42.04
N VAL FA 141 -79.87 12.22 43.31
CA VAL FA 141 -78.89 12.29 44.39
C VAL FA 141 -79.04 11.05 45.24
N LYS FA 142 -78.06 10.15 45.16
CA LYS FA 142 -77.94 9.09 46.15
C LYS FA 142 -77.56 9.71 47.49
N THR FA 143 -78.33 9.36 48.52
CA THR FA 143 -78.34 10.09 49.79
C THR FA 143 -77.83 9.17 50.89
N ILE FA 144 -76.68 9.51 51.45
CA ILE FA 144 -76.10 8.81 52.61
C ILE FA 144 -75.75 9.89 53.63
N MET FA 145 -76.66 10.16 54.56
CA MET FA 145 -76.42 11.16 55.60
C MET FA 145 -75.58 10.64 56.76
N THR FA 146 -75.10 9.39 56.71
CA THR FA 146 -74.14 8.94 57.71
C THR FA 146 -72.81 9.66 57.56
N ARG FA 147 -72.47 10.08 56.35
CA ARG FA 147 -71.20 10.73 56.07
C ARG FA 147 -71.27 12.25 56.10
N CYS FA 148 -72.44 12.84 56.37
CA CYS FA 148 -72.54 14.28 56.41
C CYS FA 148 -71.85 14.82 57.66
N ILE FA 149 -71.26 16.01 57.52
CA ILE FA 149 -70.55 16.65 58.62
C ILE FA 149 -71.24 17.94 59.05
N GLN FA 150 -72.49 18.15 58.60
CA GLN FA 150 -73.30 19.33 58.93
C GLN FA 150 -72.58 20.63 58.58
N CYS FA 151 -72.02 20.67 57.37
CA CYS FA 151 -71.34 21.86 56.88
C CYS FA 151 -72.31 22.96 56.49
N THR FA 152 -73.58 22.60 56.25
CA THR FA 152 -74.66 23.53 55.89
C THR FA 152 -74.34 24.33 54.62
N ARG FA 153 -73.91 23.62 53.58
CA ARG FA 153 -73.93 24.15 52.23
C ARG FA 153 -75.22 23.81 51.50
N CYS FA 154 -75.87 22.71 51.91
CA CYS FA 154 -77.15 22.31 51.36
C CYS FA 154 -78.20 23.39 51.56
N ILE FA 155 -78.35 23.86 52.79
CA ILE FA 155 -79.40 24.81 53.12
C ILE FA 155 -79.13 26.16 52.47
N ARG FA 156 -77.87 26.57 52.42
CA ARG FA 156 -77.52 27.86 51.83
C ARG FA 156 -77.69 27.83 50.32
N PHE FA 157 -77.37 26.71 49.67
CA PHE FA 157 -77.60 26.61 48.23
C PHE FA 157 -79.08 26.53 47.91
N ALA FA 158 -79.85 25.78 48.70
CA ALA FA 158 -81.27 25.64 48.43
C ALA FA 158 -82.06 26.89 48.78
N SER FA 159 -81.53 27.76 49.63
CA SER FA 159 -82.22 28.99 49.98
C SER FA 159 -81.76 30.20 49.18
N GLU FA 160 -80.49 30.26 48.78
CA GLU FA 160 -79.94 31.45 48.15
C GLU FA 160 -79.92 31.37 46.63
N ILE FA 161 -79.40 30.27 46.08
CA ILE FA 161 -79.19 30.16 44.64
C ILE FA 161 -80.35 29.42 43.98
N ALA FA 162 -80.63 28.21 44.46
CA ALA FA 162 -81.75 27.45 43.94
C ALA FA 162 -83.08 28.10 44.29
N GLY FA 163 -83.19 28.64 45.50
CA GLY FA 163 -84.39 29.34 45.93
C GLY FA 163 -85.63 28.49 46.07
N VAL FA 164 -85.49 27.29 46.64
CA VAL FA 164 -86.63 26.41 46.85
C VAL FA 164 -87.01 26.30 48.33
N ASP FA 165 -86.03 26.42 49.25
CA ASP FA 165 -86.26 26.46 50.70
C ASP FA 165 -87.02 25.23 51.20
N ASP FA 166 -86.43 24.06 50.97
CA ASP FA 166 -86.98 22.81 51.49
C ASP FA 166 -85.99 22.01 52.32
N LEU FA 167 -84.70 22.24 52.18
CA LEU FA 167 -83.70 21.56 52.99
C LEU FA 167 -83.48 22.32 54.29
N GLY FA 168 -83.15 21.58 55.34
CA GLY FA 168 -82.95 22.17 56.64
C GLY FA 168 -82.24 21.22 57.57
N THR FA 169 -82.01 21.69 58.79
CA THR FA 169 -81.35 20.92 59.84
C THR FA 169 -82.34 20.67 60.96
N THR FA 170 -82.71 19.41 61.15
CA THR FA 170 -83.67 19.02 62.17
C THR FA 170 -82.93 18.31 63.31
N GLY FA 171 -83.18 18.76 64.54
CA GLY FA 171 -82.56 18.19 65.70
C GLY FA 171 -81.69 19.20 66.43
N ARG FA 172 -81.15 18.75 67.56
CA ARG FA 172 -80.35 19.61 68.43
C ARG FA 172 -79.18 18.80 68.96
N GLY FA 173 -77.96 19.20 68.61
CA GLY FA 173 -76.78 18.53 69.10
C GLY FA 173 -76.23 17.47 68.17
N ASN FA 174 -75.77 16.36 68.73
CA ASN FA 174 -75.17 15.29 67.93
C ASN FA 174 -76.19 14.53 67.09
N ASP FA 175 -77.49 14.69 67.36
CA ASP FA 175 -78.53 14.02 66.61
C ASP FA 175 -79.12 14.89 65.52
N MET FA 176 -78.50 16.03 65.22
CA MET FA 176 -79.00 16.88 64.15
C MET FA 176 -78.73 16.27 62.79
N GLN FA 177 -79.77 16.23 61.96
CA GLN FA 177 -79.70 15.65 60.62
C GLN FA 177 -80.07 16.71 59.60
N VAL FA 178 -79.32 16.75 58.50
CA VAL FA 178 -79.58 17.67 57.41
C VAL FA 178 -80.52 16.96 56.45
N GLY FA 179 -81.81 17.26 56.55
CA GLY FA 179 -82.82 16.59 55.76
C GLY FA 179 -83.97 17.53 55.45
N THR FA 180 -85.14 16.94 55.17
CA THR FA 180 -86.33 17.71 54.82
C THR FA 180 -87.49 17.47 55.76
N TYR FA 181 -87.36 16.54 56.72
CA TYR FA 181 -88.32 16.15 57.76
C TYR FA 181 -89.55 15.43 57.20
N ILE FA 182 -89.69 15.33 55.89
CA ILE FA 182 -90.80 14.62 55.25
C ILE FA 182 -90.24 13.84 54.06
N GLU FA 183 -91.11 13.06 53.43
CA GLU FA 183 -90.77 12.36 52.19
C GLU FA 183 -91.00 13.29 51.00
N LYS FA 184 -90.18 14.34 50.95
CA LYS FA 184 -90.28 15.37 49.93
C LYS FA 184 -89.19 15.15 48.90
N MET FA 185 -89.58 15.21 47.62
CA MET FA 185 -88.65 15.01 46.51
C MET FA 185 -88.06 16.37 46.15
N PHE FA 186 -86.81 16.60 46.56
CA PHE FA 186 -86.11 17.84 46.24
C PHE FA 186 -85.73 17.79 44.77
N MET FA 187 -86.45 18.56 43.95
CA MET FA 187 -86.24 18.55 42.51
C MET FA 187 -86.36 19.98 41.99
N SER FA 188 -85.23 20.55 41.57
CA SER FA 188 -85.22 21.87 40.96
C SER FA 188 -84.50 21.78 39.61
N GLU FA 189 -84.29 22.93 38.96
CA GLU FA 189 -83.54 22.93 37.71
C GLU FA 189 -82.04 22.92 37.94
N LEU FA 190 -81.58 23.18 39.17
CA LEU FA 190 -80.17 23.16 39.53
C LEU FA 190 -79.93 22.26 40.74
N SER FA 191 -80.60 21.10 40.76
CA SER FA 191 -80.48 20.20 41.91
C SER FA 191 -79.10 19.56 41.97
N GLY FA 192 -78.64 19.00 40.85
CA GLY FA 192 -77.41 18.22 40.82
C GLY FA 192 -76.17 18.99 41.23
N ASN FA 193 -76.23 20.32 41.19
CA ASN FA 193 -75.12 21.15 41.64
C ASN FA 193 -74.80 20.95 43.10
N ILE FA 194 -75.75 20.47 43.92
CA ILE FA 194 -75.44 20.19 45.32
C ILE FA 194 -74.39 19.09 45.42
N ILE FA 195 -74.37 18.17 44.45
CA ILE FA 195 -73.36 17.11 44.41
C ILE FA 195 -71.97 17.72 44.25
N ASP FA 196 -71.87 18.86 43.58
CA ASP FA 196 -70.57 19.51 43.45
C ASP FA 196 -70.13 20.19 44.75
N ILE FA 197 -71.06 20.57 45.62
CA ILE FA 197 -70.67 21.38 46.77
C ILE FA 197 -70.84 20.58 48.05
N CYS FA 198 -70.67 19.27 47.96
CA CYS FA 198 -70.57 18.46 49.16
C CYS FA 198 -69.12 18.08 49.35
N PRO FA 199 -68.40 18.63 50.33
CA PRO FA 199 -66.99 18.28 50.52
C PRO FA 199 -66.76 16.84 50.96
N VAL FA 200 -67.81 16.12 51.36
CA VAL FA 200 -67.71 14.72 51.72
C VAL FA 200 -68.53 13.92 50.73
N GLY FA 201 -68.60 12.60 50.92
CA GLY FA 201 -69.36 11.76 50.03
C GLY FA 201 -70.78 11.51 50.49
N ALA FA 202 -71.39 12.51 51.13
CA ALA FA 202 -72.75 12.35 51.63
C ALA FA 202 -73.76 12.32 50.49
N LEU FA 203 -73.61 13.20 49.52
CA LEU FA 203 -74.50 13.27 48.36
C LEU FA 203 -73.72 12.83 47.13
N THR FA 204 -74.26 11.85 46.41
CA THR FA 204 -73.56 11.23 45.30
C THR FA 204 -74.42 11.31 44.05
N SER FA 205 -73.80 11.55 42.90
CA SER FA 205 -74.52 11.46 41.63
C SER FA 205 -75.01 10.03 41.42
N LYS FA 206 -76.33 9.85 41.42
CA LYS FA 206 -76.90 8.51 41.38
C LYS FA 206 -76.62 7.75 40.09
N PRO FA 207 -76.81 8.32 38.88
CA PRO FA 207 -76.42 7.55 37.68
C PRO FA 207 -74.91 7.29 37.59
N TYR FA 208 -74.08 8.19 38.10
CA TYR FA 208 -72.64 8.01 38.09
C TYR FA 208 -72.14 7.07 39.18
N ALA FA 209 -73.00 6.73 40.16
CA ALA FA 209 -72.56 6.06 41.37
C ALA FA 209 -72.02 4.66 41.08
N PHE FA 210 -70.88 4.35 41.72
CA PHE FA 210 -70.23 3.04 41.68
C PHE FA 210 -69.79 2.64 40.27
N THR FA 211 -69.44 3.63 39.44
CA THR FA 211 -69.05 3.35 38.07
C THR FA 211 -67.60 3.68 37.73
N ALA FA 212 -67.04 4.73 38.33
CA ALA FA 212 -65.70 5.16 37.96
C ALA FA 212 -64.98 5.66 39.20
N ARG FA 213 -63.85 6.35 38.99
CA ARG FA 213 -62.98 6.83 40.05
C ARG FA 213 -62.17 7.97 39.48
N PRO FA 214 -61.96 9.07 40.22
CA PRO FA 214 -61.34 10.26 39.63
C PRO FA 214 -59.92 10.09 39.10
N TRP FA 215 -59.08 9.26 39.72
CA TRP FA 215 -57.69 9.22 39.29
C TRP FA 215 -57.48 8.48 37.98
N GLU FA 216 -58.46 7.69 37.52
CA GLU FA 216 -58.35 6.97 36.27
C GLU FA 216 -59.07 7.66 35.12
N THR FA 217 -59.58 8.87 35.33
CA THR FA 217 -60.35 9.59 34.33
C THR FA 217 -59.48 10.62 33.61
N ARG FA 218 -59.84 10.89 32.36
CA ARG FA 218 -59.21 11.93 31.55
C ARG FA 218 -60.17 13.09 31.40
N LYS FA 219 -59.68 14.30 31.66
CA LYS FA 219 -60.50 15.50 31.68
C LYS FA 219 -60.34 16.25 30.36
N THR FA 220 -61.45 16.53 29.68
CA THR FA 220 -61.43 17.25 28.42
C THR FA 220 -62.41 18.41 28.52
N GLU FA 221 -61.93 19.62 28.26
CA GLU FA 221 -62.79 20.80 28.30
C GLU FA 221 -63.68 20.86 27.08
N SER FA 222 -64.92 21.30 27.27
CA SER FA 222 -65.91 21.31 26.19
C SER FA 222 -66.97 22.35 26.52
N ILE FA 223 -67.93 22.49 25.61
CA ILE FA 223 -69.00 23.49 25.71
C ILE FA 223 -70.34 22.77 25.74
N ASP FA 224 -71.22 23.22 26.64
CA ASP FA 224 -72.57 22.68 26.71
C ASP FA 224 -73.41 23.20 25.55
N VAL FA 225 -74.18 22.30 24.95
CA VAL FA 225 -75.01 22.61 23.80
C VAL FA 225 -76.49 22.36 24.03
N MET FA 226 -76.87 21.85 25.20
CA MET FA 226 -78.27 21.51 25.46
C MET FA 226 -79.14 22.76 25.60
N ASP FA 227 -78.55 23.91 25.87
CA ASP FA 227 -79.26 25.18 25.90
C ASP FA 227 -78.43 26.22 25.15
N ALA FA 228 -78.95 27.45 25.10
CA ALA FA 228 -78.28 28.54 24.41
C ALA FA 228 -77.41 29.37 25.34
N VAL FA 229 -77.27 28.98 26.60
CA VAL FA 229 -76.40 29.70 27.52
C VAL FA 229 -74.94 29.53 27.13
N GLY FA 230 -74.58 28.33 26.67
CA GLY FA 230 -73.20 28.05 26.31
C GLY FA 230 -72.33 27.85 27.53
N SER FA 231 -72.74 26.92 28.40
CA SER FA 231 -71.98 26.63 29.61
C SER FA 231 -70.69 25.90 29.28
N ASN FA 232 -69.62 26.26 29.99
CA ASN FA 232 -68.35 25.57 29.85
C ASN FA 232 -68.30 24.40 30.81
N ILE FA 233 -67.98 23.21 30.29
CA ILE FA 233 -68.01 21.98 31.08
C ILE FA 233 -66.69 21.25 30.88
N VAL FA 234 -66.44 20.28 31.77
CA VAL FA 234 -65.36 19.33 31.65
C VAL FA 234 -65.97 17.94 31.60
N VAL FA 235 -65.65 17.19 30.54
CA VAL FA 235 -66.08 15.81 30.40
C VAL FA 235 -64.94 14.93 30.86
N SER FA 236 -65.17 14.12 31.89
CA SER FA 236 -64.18 13.15 32.34
C SER FA 236 -64.60 11.79 31.80
N THR FA 237 -63.71 11.20 31.00
CA THR FA 237 -63.91 9.93 30.32
C THR FA 237 -63.01 8.87 30.92
N ARG FA 238 -63.32 7.62 30.61
CA ARG FA 238 -62.54 6.48 31.10
C ARG FA 238 -62.37 5.48 29.96
N THR FA 239 -61.16 5.45 29.39
CA THR FA 239 -60.77 4.53 28.32
C THR FA 239 -61.70 4.62 27.11
N GLY FA 240 -61.83 5.85 26.60
CA GLY FA 240 -62.68 6.09 25.45
C GLY FA 240 -64.15 5.91 25.70
N GLU FA 241 -64.64 6.36 26.86
CA GLU FA 241 -66.06 6.26 27.18
C GLU FA 241 -66.38 7.37 28.17
N VAL FA 242 -67.37 8.20 27.84
CA VAL FA 242 -67.71 9.36 28.67
C VAL FA 242 -68.30 8.89 29.98
N MET FA 243 -67.70 9.33 31.09
CA MET FA 243 -68.14 8.91 32.41
C MET FA 243 -68.97 9.97 33.13
N ARG FA 244 -68.45 11.19 33.29
CA ARG FA 244 -69.26 12.19 33.97
C ARG FA 244 -68.93 13.58 33.44
N ILE FA 245 -69.84 14.52 33.71
CA ILE FA 245 -69.75 15.90 33.23
C ILE FA 245 -69.76 16.82 34.44
N LEU FA 246 -68.80 17.73 34.52
CA LEU FA 246 -68.65 18.65 35.62
C LEU FA 246 -68.65 20.09 35.12
N PRO FA 247 -69.05 21.05 35.94
CA PRO FA 247 -68.97 22.46 35.52
C PRO FA 247 -67.53 22.95 35.53
N ARG FA 248 -67.28 23.98 34.71
CA ARG FA 248 -66.02 24.68 34.70
C ARG FA 248 -66.17 26.00 35.45
N MET FA 249 -65.09 26.76 35.52
CA MET FA 249 -65.10 28.07 36.15
C MET FA 249 -65.07 29.13 35.04
N HIS FA 250 -66.13 29.94 34.96
CA HIS FA 250 -66.19 31.05 34.02
C HIS FA 250 -67.13 32.09 34.62
N GLU FA 251 -66.56 33.19 35.12
CA GLU FA 251 -67.30 34.17 35.89
C GLU FA 251 -68.33 34.94 35.06
N ASP FA 252 -68.31 34.82 33.73
CA ASP FA 252 -69.24 35.55 32.88
C ASP FA 252 -70.38 34.70 32.33
N ILE FA 253 -70.31 33.38 32.46
CA ILE FA 253 -71.35 32.53 31.89
C ILE FA 253 -71.98 31.62 32.94
N ASN FA 254 -71.19 30.72 33.51
CA ASN FA 254 -71.70 29.52 34.17
C ASN FA 254 -71.01 29.25 35.52
N GLU FA 255 -70.83 30.32 36.31
CA GLU FA 255 -69.70 30.54 37.21
C GLU FA 255 -69.05 29.30 37.81
N GLU FA 256 -69.84 28.47 38.52
CA GLU FA 256 -69.41 27.08 38.72
C GLU FA 256 -70.59 26.11 38.75
N TRP FA 257 -71.67 26.41 38.03
CA TRP FA 257 -72.86 25.59 38.05
C TRP FA 257 -73.25 25.18 36.64
N ILE FA 258 -74.03 24.09 36.56
CA ILE FA 258 -74.66 23.66 35.32
C ILE FA 258 -76.09 23.23 35.64
N SER FA 259 -76.91 23.14 34.61
CA SER FA 259 -78.26 22.61 34.77
C SER FA 259 -78.21 21.09 34.91
N ASP FA 260 -79.34 20.52 35.34
CA ASP FA 260 -79.41 19.07 35.51
C ASP FA 260 -79.43 18.34 34.18
N LYS FA 261 -80.00 18.97 33.14
CA LYS FA 261 -80.01 18.37 31.82
C LYS FA 261 -78.59 18.22 31.27
N THR FA 262 -77.76 19.24 31.48
CA THR FA 262 -76.35 19.17 31.11
C THR FA 262 -75.64 18.08 31.88
N ARG FA 263 -75.97 17.94 33.16
CA ARG FA 263 -75.31 16.96 34.02
C ARG FA 263 -75.69 15.53 33.64
N PHE FA 264 -76.92 15.29 33.20
CA PHE FA 264 -77.42 13.93 33.05
C PHE FA 264 -77.92 13.61 31.64
N ALA FA 265 -77.46 14.32 30.61
CA ALA FA 265 -77.76 13.93 29.24
C ALA FA 265 -76.80 12.88 28.68
N TYR FA 266 -75.74 12.52 29.40
CA TYR FA 266 -74.70 11.66 28.81
C TYR FA 266 -75.18 10.21 28.66
N ASP FA 267 -75.97 9.71 29.61
CA ASP FA 267 -76.45 8.34 29.49
C ASP FA 267 -77.46 8.17 28.36
N GLY FA 268 -78.13 9.25 27.96
CA GLY FA 268 -78.88 9.23 26.72
C GLY FA 268 -78.05 9.50 25.50
N LEU FA 269 -76.91 10.17 25.66
CA LEU FA 269 -75.96 10.31 24.56
C LEU FA 269 -75.37 8.96 24.16
N LYS FA 270 -75.22 8.04 25.12
CA LYS FA 270 -74.69 6.71 24.80
C LYS FA 270 -75.80 5.70 24.50
N ARG FA 271 -76.96 6.14 24.04
CA ARG FA 271 -78.05 5.23 23.71
C ARG FA 271 -78.73 5.67 22.42
N GLN FA 272 -79.22 4.68 21.67
CA GLN FA 272 -79.97 4.87 20.42
C GLN FA 272 -79.18 5.67 19.39
N ARG FA 273 -77.88 5.40 19.30
CA ARG FA 273 -77.03 6.10 18.36
C ARG FA 273 -77.11 5.48 16.98
N LEU FA 274 -76.72 6.27 15.98
CA LEU FA 274 -76.58 5.81 14.61
C LEU FA 274 -75.10 5.52 14.35
N THR FA 275 -74.78 4.27 14.02
CA THR FA 275 -73.40 3.85 13.87
C THR FA 275 -73.08 3.36 12.46
N GLU FA 276 -74.00 3.48 11.51
CA GLU FA 276 -73.76 3.00 10.16
C GLU FA 276 -74.72 3.73 9.21
N PRO FA 277 -74.31 3.99 7.98
CA PRO FA 277 -75.24 4.54 6.99
C PRO FA 277 -76.35 3.55 6.66
N MET FA 278 -77.55 4.08 6.44
CA MET FA 278 -78.73 3.29 6.13
C MET FA 278 -79.37 3.82 4.86
N VAL FA 279 -79.66 2.93 3.92
CA VAL FA 279 -80.37 3.30 2.70
C VAL FA 279 -81.60 2.42 2.58
N ARG FA 280 -82.51 2.85 1.70
CA ARG FA 280 -83.76 2.13 1.50
C ARG FA 280 -83.52 0.93 0.57
N ASN FA 281 -84.07 -0.22 0.96
CA ASN FA 281 -83.99 -1.42 0.14
C ASN FA 281 -85.11 -1.42 -0.89
N GLU FA 282 -85.36 -2.58 -1.52
CA GLU FA 282 -86.43 -2.68 -2.50
C GLU FA 282 -87.80 -2.51 -1.85
N LYS FA 283 -87.97 -3.03 -0.62
CA LYS FA 283 -89.25 -2.89 0.06
C LYS FA 283 -89.43 -1.47 0.59
N GLY FA 284 -88.39 -0.90 1.17
CA GLY FA 284 -88.49 0.41 1.80
C GLY FA 284 -88.06 0.38 3.26
N LEU FA 285 -87.49 -0.74 3.68
CA LEU FA 285 -86.94 -0.87 5.03
C LEU FA 285 -85.51 -0.37 5.03
N LEU FA 286 -85.16 0.45 6.02
CA LEU FA 286 -83.82 1.01 6.07
C LEU FA 286 -82.81 -0.07 6.44
N THR FA 287 -81.89 -0.35 5.53
CA THR FA 287 -80.89 -1.40 5.70
C THR FA 287 -79.49 -0.81 5.63
N HIS FA 288 -78.54 -1.51 6.26
CA HIS FA 288 -77.17 -1.05 6.33
C HIS FA 288 -76.51 -1.07 4.96
N THR FA 289 -75.55 -0.16 4.78
CA THR FA 289 -74.91 0.08 3.49
C THR FA 289 -73.66 0.91 3.72
N THR FA 290 -72.58 0.56 3.03
CA THR FA 290 -71.29 1.22 3.20
C THR FA 290 -71.36 2.69 2.76
N TRP FA 291 -70.28 3.42 3.07
CA TRP FA 291 -70.26 4.86 2.84
C TRP FA 291 -70.28 5.22 1.37
N GLU FA 292 -69.56 4.45 0.54
CA GLU FA 292 -69.42 4.78 -0.88
C GLU FA 292 -70.76 4.69 -1.61
N ASP FA 293 -71.54 3.65 -1.33
CA ASP FA 293 -72.81 3.46 -2.02
C ASP FA 293 -73.81 4.55 -1.64
N ALA FA 294 -73.91 4.87 -0.35
CA ALA FA 294 -74.84 5.91 0.10
C ALA FA 294 -74.43 7.28 -0.44
N LEU FA 295 -73.14 7.60 -0.39
CA LEU FA 295 -72.68 8.89 -0.91
C LEU FA 295 -72.88 8.99 -2.41
N SER FA 296 -72.65 7.89 -3.14
CA SER FA 296 -72.89 7.89 -4.59
C SER FA 296 -74.37 8.07 -4.90
N ARG FA 297 -75.25 7.44 -4.12
CA ARG FA 297 -76.69 7.60 -4.32
C ARG FA 297 -77.12 9.04 -4.07
N VAL FA 298 -76.62 9.65 -2.99
CA VAL FA 298 -76.97 11.03 -2.69
C VAL FA 298 -76.44 11.98 -3.75
N ALA FA 299 -75.20 11.74 -4.22
CA ALA FA 299 -74.64 12.60 -5.27
C ALA FA 299 -75.37 12.44 -6.59
N GLY FA 300 -75.80 11.21 -6.92
CA GLY FA 300 -76.55 11.01 -8.14
C GLY FA 300 -77.92 11.65 -8.09
N MET FA 301 -78.60 11.59 -6.95
CA MET FA 301 -79.89 12.25 -6.83
C MET FA 301 -79.76 13.76 -6.63
N LEU FA 302 -78.57 14.25 -6.27
CA LEU FA 302 -78.33 15.68 -6.10
C LEU FA 302 -77.93 16.35 -7.40
N GLN FA 303 -77.18 15.66 -8.26
CA GLN FA 303 -76.77 16.24 -9.54
C GLN FA 303 -77.93 16.42 -10.51
N SER FA 304 -79.07 15.75 -10.26
CA SER FA 304 -80.24 15.89 -11.11
C SER FA 304 -81.06 17.12 -10.79
N CYS FA 305 -80.67 17.92 -9.80
CA CYS FA 305 -81.39 19.12 -9.41
C CYS FA 305 -80.59 20.37 -9.74
N GLN FA 306 -81.32 21.46 -9.96
CA GLN FA 306 -80.71 22.78 -10.16
C GLN FA 306 -81.74 23.83 -9.80
N GLY FA 307 -81.37 24.72 -8.86
CA GLY FA 307 -82.27 25.78 -8.45
C GLY FA 307 -82.82 25.61 -7.06
N ASN FA 308 -84.12 25.86 -6.89
CA ASN FA 308 -84.78 25.83 -5.59
C ASN FA 308 -85.40 24.47 -5.28
N ASP FA 309 -84.89 23.40 -5.86
CA ASP FA 309 -85.44 22.07 -5.64
C ASP FA 309 -84.70 21.30 -4.54
N VAL FA 310 -83.69 21.90 -3.92
CA VAL FA 310 -83.06 21.32 -2.74
C VAL FA 310 -83.11 22.35 -1.61
N ALA FA 311 -83.24 21.84 -0.39
CA ALA FA 311 -83.34 22.68 0.80
C ALA FA 311 -82.49 22.06 1.89
N ALA FA 312 -82.51 22.69 3.07
CA ALA FA 312 -81.70 22.22 4.20
C ALA FA 312 -82.33 22.71 5.49
N ILE FA 313 -82.52 21.80 6.44
CA ILE FA 313 -83.05 22.13 7.76
C ILE FA 313 -81.98 21.75 8.79
N ALA FA 314 -81.65 22.69 9.67
CA ALA FA 314 -80.61 22.49 10.67
C ALA FA 314 -81.27 22.29 12.04
N GLY FA 315 -80.84 21.25 12.74
CA GLY FA 315 -81.34 20.96 14.07
C GLY FA 315 -80.73 21.86 15.12
N GLY FA 316 -81.03 21.55 16.37
CA GLY FA 316 -80.57 22.35 17.48
C GLY FA 316 -79.18 22.05 17.99
N LEU FA 317 -78.48 21.07 17.42
CA LEU FA 317 -77.16 20.65 17.89
C LEU FA 317 -76.18 20.59 16.72
N VAL FA 318 -76.15 21.64 15.90
CA VAL FA 318 -75.31 21.70 14.72
C VAL FA 318 -74.30 22.83 14.88
N ASP FA 319 -73.02 22.52 14.63
CA ASP FA 319 -71.98 23.53 14.70
C ASP FA 319 -72.00 24.42 13.46
N ALA FA 320 -71.27 25.53 13.53
CA ALA FA 320 -71.18 26.46 12.41
C ALA FA 320 -70.37 25.89 11.25
N GLU FA 321 -69.46 24.95 11.51
CA GLU FA 321 -68.64 24.38 10.44
C GLU FA 321 -69.48 23.57 9.46
N ALA FA 322 -70.31 22.66 9.99
CA ALA FA 322 -71.20 21.89 9.13
C ALA FA 322 -72.25 22.78 8.48
N LEU FA 323 -72.67 23.84 9.18
CA LEU FA 323 -73.61 24.79 8.61
C LEU FA 323 -73.02 25.48 7.39
N ILE FA 324 -71.78 25.96 7.48
CA ILE FA 324 -71.16 26.64 6.35
C ILE FA 324 -70.80 25.64 5.26
N ALA FA 325 -70.53 24.38 5.62
CA ALA FA 325 -70.23 23.36 4.61
C ALA FA 325 -71.48 23.04 3.79
N LEU FA 326 -72.62 22.84 4.46
CA LEU FA 326 -73.86 22.61 3.73
C LEU FA 326 -74.31 23.85 2.96
N LYS FA 327 -74.03 25.05 3.50
CA LYS FA 327 -74.34 26.27 2.77
C LYS FA 327 -73.55 26.36 1.47
N ASP FA 328 -72.25 26.05 1.53
CA ASP FA 328 -71.44 26.06 0.29
C ASP FA 328 -71.89 24.97 -0.67
N LEU FA 329 -72.22 23.78 -0.14
CA LEU FA 329 -72.64 22.68 -1.00
C LEU FA 329 -73.95 22.98 -1.72
N LEU FA 330 -74.91 23.58 -1.02
CA LEU FA 330 -76.17 23.93 -1.67
C LEU FA 330 -76.11 25.23 -2.45
N ASN FA 331 -75.09 26.06 -2.21
CA ASN FA 331 -74.84 27.21 -3.08
C ASN FA 331 -74.18 26.82 -4.39
N ARG FA 332 -73.44 25.71 -4.40
CA ARG FA 332 -72.93 25.19 -5.66
C ARG FA 332 -74.07 24.74 -6.57
N VAL FA 333 -75.12 24.14 -5.99
CA VAL FA 333 -76.32 23.79 -6.73
C VAL FA 333 -77.24 24.99 -6.89
N ASP FA 334 -76.88 26.13 -6.30
CA ASP FA 334 -77.60 27.40 -6.35
C ASP FA 334 -79.01 27.27 -5.76
N SER FA 335 -79.03 26.99 -4.47
CA SER FA 335 -80.24 27.03 -3.66
C SER FA 335 -79.99 27.90 -2.45
N ASP FA 336 -80.86 28.89 -2.24
CA ASP FA 336 -80.78 29.75 -1.08
C ASP FA 336 -81.83 29.39 -0.02
N THR FA 337 -82.55 28.29 -0.21
CA THR FA 337 -83.59 27.88 0.73
C THR FA 337 -82.97 27.06 1.86
N LEU FA 338 -82.20 27.75 2.69
CA LEU FA 338 -81.58 27.16 3.87
C LEU FA 338 -82.35 27.61 5.10
N CYS FA 339 -82.85 26.66 5.87
CA CYS FA 339 -83.83 26.95 6.92
C CYS FA 339 -83.39 26.34 8.24
N THR FA 340 -83.92 26.90 9.32
CA THR FA 340 -83.73 26.42 10.68
C THR FA 340 -85.07 26.04 11.29
N GLU FA 341 -85.02 25.30 12.40
CA GLU FA 341 -86.26 24.84 13.03
C GLU FA 341 -87.01 25.99 13.69
N GLU FA 342 -86.31 26.83 14.45
CA GLU FA 342 -86.96 27.89 15.22
C GLU FA 342 -87.17 29.12 14.36
N VAL FA 343 -88.35 29.72 14.50
CA VAL FA 343 -88.79 30.81 13.64
C VAL FA 343 -88.37 32.14 14.25
N PHE FA 344 -87.74 32.99 13.43
CA PHE FA 344 -87.41 34.36 13.79
C PHE FA 344 -87.91 35.28 12.69
N PRO FA 345 -88.50 36.43 13.06
CA PRO FA 345 -89.08 37.31 12.03
C PRO FA 345 -87.99 38.05 11.24
N THR FA 346 -88.08 37.95 9.92
CA THR FA 346 -87.16 38.65 9.02
C THR FA 346 -87.71 39.98 8.54
N ALA FA 347 -88.91 40.36 8.97
CA ALA FA 347 -89.48 41.65 8.58
C ALA FA 347 -88.73 42.79 9.26
N GLY FA 348 -88.35 43.78 8.47
CA GLY FA 348 -87.55 44.89 8.98
C GLY FA 348 -86.07 44.61 8.77
N ALA FA 349 -85.30 44.73 9.84
CA ALA FA 349 -83.87 44.43 9.76
C ALA FA 349 -83.63 42.94 9.58
N GLY FA 350 -84.36 42.11 10.32
CA GLY FA 350 -84.20 40.67 10.20
C GLY FA 350 -82.88 40.20 10.78
N THR FA 351 -82.21 39.32 10.06
CA THR FA 351 -80.94 38.75 10.48
C THR FA 351 -79.75 39.50 9.90
N ASP FA 352 -79.98 40.66 9.29
CA ASP FA 352 -78.87 41.42 8.72
C ASP FA 352 -78.03 42.06 9.82
N LEU FA 353 -78.64 42.94 10.62
CA LEU FA 353 -77.94 43.51 11.76
C LEU FA 353 -77.85 42.49 12.88
N ARG FA 354 -76.72 42.49 13.59
CA ARG FA 354 -76.52 41.55 14.68
C ARG FA 354 -77.17 42.00 15.98
N SER FA 355 -77.63 43.24 16.06
CA SER FA 355 -78.08 43.79 17.35
C SER FA 355 -79.48 43.34 17.74
N ASN FA 356 -80.27 42.77 16.83
CA ASN FA 356 -81.67 42.50 17.12
C ASN FA 356 -81.99 41.01 17.22
N TYR FA 357 -80.97 40.15 17.38
CA TYR FA 357 -81.26 38.76 17.70
C TYR FA 357 -80.27 38.18 18.71
N LEU FA 358 -79.60 39.02 19.48
CA LEU FA 358 -78.67 38.57 20.51
C LEU FA 358 -79.05 39.16 21.86
N LEU FA 359 -78.59 38.50 22.92
CA LEU FA 359 -78.61 39.10 24.24
C LEU FA 359 -77.55 40.19 24.24
N ASN FA 360 -77.96 41.44 23.98
CA ASN FA 360 -77.04 42.44 23.47
C ASN FA 360 -76.05 42.92 24.51
N THR FA 361 -76.41 42.92 25.79
CA THR FA 361 -75.49 43.50 26.78
C THR FA 361 -74.36 42.53 27.08
N THR FA 362 -74.68 41.45 27.81
CA THR FA 362 -73.88 40.28 28.21
C THR FA 362 -74.80 39.35 28.98
N ILE FA 363 -74.28 38.19 29.37
CA ILE FA 363 -74.92 37.42 30.44
C ILE FA 363 -74.75 38.16 31.78
N ALA FA 364 -73.57 38.74 32.01
CA ALA FA 364 -73.24 39.39 33.26
C ALA FA 364 -73.84 40.78 33.40
N GLY FA 365 -74.44 41.33 32.34
CA GLY FA 365 -75.00 42.68 32.39
C GLY FA 365 -76.15 42.83 33.38
N VAL FA 366 -76.74 41.72 33.81
CA VAL FA 366 -77.78 41.77 34.84
C VAL FA 366 -77.23 42.28 36.16
N GLU FA 367 -75.92 42.12 36.40
CA GLU FA 367 -75.34 42.73 37.59
C GLU FA 367 -75.27 44.25 37.49
N GLU FA 368 -75.32 44.81 36.29
CA GLU FA 368 -75.26 46.26 36.11
C GLU FA 368 -76.62 46.87 35.83
N ALA FA 369 -77.69 46.11 36.00
CA ALA FA 369 -79.05 46.58 35.73
C ALA FA 369 -79.84 46.69 37.03
N ASP FA 370 -80.97 47.38 36.95
CA ASP FA 370 -81.89 47.50 38.08
C ASP FA 370 -83.34 47.22 37.74
N VAL FA 371 -83.74 47.31 36.47
CA VAL FA 371 -85.10 46.97 36.05
C VAL FA 371 -85.01 45.98 34.90
N VAL FA 372 -85.67 44.83 35.05
CA VAL FA 372 -85.70 43.79 34.02
C VAL FA 372 -87.16 43.49 33.69
N LEU FA 373 -87.48 43.52 32.40
CA LEU FA 373 -88.84 43.26 31.93
C LEU FA 373 -88.80 42.07 30.97
N LEU FA 374 -89.25 40.92 31.47
CA LEU FA 374 -89.33 39.72 30.64
C LEU FA 374 -90.67 39.70 29.90
N VAL FA 375 -90.62 39.34 28.62
CA VAL FA 375 -91.80 39.37 27.75
C VAL FA 375 -92.03 37.97 27.23
N GLY FA 376 -93.07 37.30 27.76
CA GLY FA 376 -93.56 36.04 27.21
C GLY FA 376 -92.57 34.90 27.24
N THR FA 377 -91.82 34.76 28.32
CA THR FA 377 -90.79 33.73 28.41
C THR FA 377 -90.85 33.04 29.76
N ASN FA 378 -90.22 31.87 29.83
CA ASN FA 378 -90.07 31.10 31.06
C ASN FA 378 -88.58 30.81 31.21
N PRO FA 379 -87.81 31.77 31.74
CA PRO FA 379 -86.36 31.60 31.78
C PRO FA 379 -85.87 30.57 32.80
N ARG FA 380 -86.75 30.04 33.64
CA ARG FA 380 -86.35 28.98 34.56
C ARG FA 380 -86.00 27.69 33.82
N PHE FA 381 -86.69 27.40 32.71
CA PHE FA 381 -86.46 26.18 31.97
C PHE FA 381 -85.82 26.38 30.61
N GLU FA 382 -85.84 27.60 30.07
CA GLU FA 382 -85.18 27.86 28.79
C GLU FA 382 -83.69 28.09 28.97
N ALA FA 383 -83.34 29.08 29.79
CA ALA FA 383 -81.95 29.40 30.12
C ALA FA 383 -81.84 29.44 31.64
N PRO FA 384 -81.71 28.28 32.28
CA PRO FA 384 -81.76 28.23 33.76
C PRO FA 384 -80.64 29.00 34.44
N LEU FA 385 -79.44 29.05 33.86
CA LEU FA 385 -78.36 29.78 34.49
C LEU FA 385 -78.52 31.28 34.30
N PHE FA 386 -79.16 31.72 33.22
CA PHE FA 386 -79.53 33.12 33.10
C PHE FA 386 -80.54 33.51 34.17
N ASN FA 387 -81.49 32.62 34.46
CA ASN FA 387 -82.43 32.85 35.56
C ASN FA 387 -81.70 32.87 36.90
N ALA FA 388 -80.69 32.03 37.06
CA ALA FA 388 -79.89 32.06 38.28
C ALA FA 388 -79.13 33.37 38.42
N ARG FA 389 -78.63 33.91 37.31
CA ARG FA 389 -77.96 35.21 37.34
C ARG FA 389 -78.94 36.32 37.69
N ILE FA 390 -80.16 36.25 37.15
CA ILE FA 390 -81.19 37.23 37.49
C ILE FA 390 -81.53 37.13 38.97
N ARG FA 391 -81.61 35.91 39.51
CA ARG FA 391 -81.87 35.74 40.94
C ARG FA 391 -80.72 36.29 41.80
N LYS FA 392 -79.48 36.10 41.34
CA LYS FA 392 -78.33 36.64 42.07
C LYS FA 392 -78.37 38.17 42.10
N SER FA 393 -78.74 38.79 40.98
CA SER FA 393 -78.91 40.25 40.95
C SER FA 393 -80.10 40.68 41.79
N TRP FA 394 -81.14 39.85 41.85
CA TRP FA 394 -82.30 40.14 42.70
C TRP FA 394 -81.93 40.13 44.17
N LEU FA 395 -81.05 39.19 44.56
CA LEU FA 395 -80.64 39.07 45.95
C LEU FA 395 -79.67 40.17 46.35
N HIS FA 396 -78.55 40.29 45.62
CA HIS FA 396 -77.51 41.23 46.02
C HIS FA 396 -77.75 42.65 45.52
N ASN FA 397 -78.02 42.81 44.23
CA ASN FA 397 -78.09 44.13 43.62
C ASN FA 397 -79.46 44.79 43.80
N ASP FA 398 -80.42 44.08 44.39
CA ASP FA 398 -81.79 44.57 44.63
C ASP FA 398 -82.47 44.98 43.32
N LEU FA 399 -82.68 43.97 42.49
CA LEU FA 399 -83.27 44.15 41.16
C LEU FA 399 -84.77 44.44 41.27
N LYS FA 400 -85.37 44.72 40.12
CA LYS FA 400 -86.81 44.93 40.02
C LYS FA 400 -87.29 44.20 38.77
N VAL FA 401 -87.95 43.06 38.97
CA VAL FA 401 -88.27 42.12 37.90
C VAL FA 401 -89.77 42.17 37.62
N ALA FA 402 -90.13 42.00 36.35
CA ALA FA 402 -91.51 41.89 35.93
C ALA FA 402 -91.59 40.90 34.78
N LEU FA 403 -92.80 40.37 34.54
CA LEU FA 403 -93.01 39.37 33.51
C LEU FA 403 -94.37 39.60 32.86
N ILE FA 404 -94.40 39.56 31.53
CA ILE FA 404 -95.63 39.72 30.76
C ILE FA 404 -95.91 38.38 30.10
N GLY FA 405 -96.75 37.57 30.73
CA GLY FA 405 -97.05 36.26 30.20
C GLY FA 405 -97.83 35.42 31.19
N SER FA 406 -97.71 34.11 31.05
CA SER FA 406 -98.39 33.19 31.96
C SER FA 406 -97.78 33.27 33.35
N PRO FA 407 -98.58 33.14 34.41
CA PRO FA 407 -98.03 33.21 35.76
C PRO FA 407 -97.25 31.96 36.14
N VAL FA 408 -95.99 31.90 35.73
CA VAL FA 408 -95.14 30.75 35.96
C VAL FA 408 -94.13 31.08 37.05
N ASP FA 409 -93.73 30.07 37.81
CA ASP FA 409 -92.78 30.27 38.90
C ASP FA 409 -91.40 30.59 38.36
N LEU FA 410 -90.73 31.57 39.01
CA LEU FA 410 -89.39 31.99 38.63
C LEU FA 410 -88.42 31.93 39.80
N THR FA 411 -88.79 31.22 40.87
CA THR FA 411 -88.01 31.05 42.10
C THR FA 411 -87.70 32.37 42.81
N TYR FA 412 -88.46 33.43 42.51
CA TYR FA 412 -88.43 34.66 43.27
C TYR FA 412 -89.78 35.36 43.07
N ARG FA 413 -89.85 36.63 43.49
CA ARG FA 413 -91.07 37.41 43.40
C ARG FA 413 -90.94 38.39 42.24
N TYR FA 414 -91.93 38.37 41.34
CA TYR FA 414 -91.95 39.24 40.17
C TYR FA 414 -93.29 39.94 40.09
N ASP FA 415 -93.38 40.90 39.18
CA ASP FA 415 -94.58 41.71 38.97
C ASP FA 415 -95.32 41.14 37.76
N HIS FA 416 -96.40 40.39 38.02
CA HIS FA 416 -97.18 39.77 36.95
C HIS FA 416 -98.08 40.81 36.33
N LEU FA 417 -97.78 41.22 35.10
CA LEU FA 417 -98.52 42.26 34.40
C LEU FA 417 -99.63 41.71 33.51
N GLY FA 418 -99.82 40.40 33.48
CA GLY FA 418 -100.83 39.80 32.62
C GLY FA 418 -100.21 39.14 31.41
N ASP FA 419 -101.00 38.25 30.80
CA ASP FA 419 -100.55 37.47 29.64
C ASP FA 419 -101.00 38.07 28.32
N SER FA 420 -101.64 39.22 28.32
CA SER FA 420 -102.07 39.85 27.09
C SER FA 420 -100.91 40.58 26.43
N PRO FA 421 -100.63 40.33 25.15
CA PRO FA 421 -99.59 41.12 24.45
C PRO FA 421 -99.94 42.59 24.31
N LYS FA 422 -101.22 42.96 24.40
CA LYS FA 422 -101.63 44.36 24.32
C LYS FA 422 -101.08 45.18 25.48
N ILE FA 423 -100.68 44.54 26.58
CA ILE FA 423 -100.00 45.21 27.68
C ILE FA 423 -98.73 45.88 27.17
N LEU FA 424 -98.04 45.25 26.22
CA LEU FA 424 -96.89 45.87 25.57
C LEU FA 424 -97.27 47.19 24.91
N GLN FA 425 -98.42 47.20 24.22
CA GLN FA 425 -98.93 48.44 23.63
C GLN FA 425 -99.25 49.50 24.67
N ASP FA 426 -99.44 49.10 25.93
CA ASP FA 426 -99.63 50.06 27.00
C ASP FA 426 -98.31 50.70 27.43
N ILE FA 427 -97.20 49.97 27.35
CA ILE FA 427 -95.94 50.49 27.87
C ILE FA 427 -95.38 51.58 26.94
N ALA FA 428 -95.56 51.40 25.63
CA ALA FA 428 -95.02 52.37 24.68
C ALA FA 428 -95.77 53.69 24.71
N SER FA 429 -97.06 53.67 25.03
CA SER FA 429 -97.87 54.87 25.07
C SER FA 429 -97.93 55.52 26.44
N GLY FA 430 -97.29 54.95 27.44
CA GLY FA 430 -97.28 55.53 28.77
C GLY FA 430 -98.56 55.37 29.56
N SER FA 431 -99.46 54.48 29.14
CA SER FA 431 -100.72 54.25 29.83
C SER FA 431 -100.60 53.24 30.96
N HIS FA 432 -99.39 52.94 31.41
CA HIS FA 432 -99.14 52.03 32.50
C HIS FA 432 -98.13 52.65 33.47
N PRO FA 433 -98.26 52.40 34.78
CA PRO FA 433 -97.23 52.87 35.71
C PRO FA 433 -95.86 52.25 35.48
N PHE FA 434 -95.80 51.07 34.87
CA PHE FA 434 -94.51 50.47 34.55
C PHE FA 434 -93.74 51.26 33.50
N SER FA 435 -94.43 52.06 32.68
CA SER FA 435 -93.73 52.98 31.78
C SER FA 435 -92.94 54.02 32.58
N GLN FA 436 -93.55 54.58 33.62
CA GLN FA 436 -92.81 55.50 34.50
C GLN FA 436 -91.73 54.76 35.28
N VAL FA 437 -91.99 53.51 35.67
CA VAL FA 437 -90.98 52.71 36.37
C VAL FA 437 -89.74 52.52 35.50
N LEU FA 438 -89.94 52.22 34.22
CA LEU FA 438 -88.82 52.15 33.29
C LEU FA 438 -88.21 53.53 33.03
N GLN FA 439 -89.03 54.59 33.09
CA GLN FA 439 -88.54 55.92 32.76
C GLN FA 439 -87.58 56.45 33.83
N GLU FA 440 -87.89 56.23 35.11
CA GLU FA 440 -86.97 56.68 36.14
C GLU FA 440 -85.84 55.69 36.42
N ALA FA 441 -85.76 54.59 35.68
CA ALA FA 441 -84.65 53.66 35.82
C ALA FA 441 -83.39 54.25 35.20
N LYS FA 442 -82.24 53.76 35.68
CA LYS FA 442 -80.95 54.22 35.20
C LYS FA 442 -80.37 53.30 34.12
N LYS FA 443 -80.29 52.00 34.39
CA LYS FA 443 -79.81 51.01 33.43
C LYS FA 443 -80.86 49.91 33.30
N PRO FA 444 -81.93 50.16 32.57
CA PRO FA 444 -82.98 49.14 32.43
C PRO FA 444 -82.57 48.04 31.46
N MET FA 445 -83.41 47.01 31.38
CA MET FA 445 -83.14 45.86 30.55
C MET FA 445 -84.45 45.24 30.12
N VAL FA 446 -84.61 45.00 28.82
CA VAL FA 446 -85.77 44.33 28.26
C VAL FA 446 -85.30 43.04 27.61
N VAL FA 447 -85.88 41.92 28.05
CA VAL FA 447 -85.51 40.60 27.55
C VAL FA 447 -86.75 39.99 26.91
N LEU FA 448 -86.61 39.59 25.64
CA LEU FA 448 -87.69 38.94 24.90
C LEU FA 448 -87.32 37.50 24.64
N GLY FA 449 -88.19 36.58 25.06
CA GLY FA 449 -87.91 35.17 24.89
C GLY FA 449 -88.08 34.71 23.46
N SER FA 450 -87.33 33.66 23.10
CA SER FA 450 -87.41 33.11 21.76
C SER FA 450 -88.73 32.38 21.54
N SER FA 451 -89.30 31.80 22.60
CA SER FA 451 -90.55 31.05 22.48
C SER FA 451 -91.74 31.94 22.17
N ALA FA 452 -91.65 33.24 22.47
CA ALA FA 452 -92.70 34.18 22.10
C ALA FA 452 -92.66 34.56 20.63
N LEU FA 453 -91.56 34.27 19.94
CA LEU FA 453 -91.42 34.59 18.53
C LEU FA 453 -91.81 33.44 17.61
N GLN FA 454 -92.14 32.28 18.16
CA GLN FA 454 -92.48 31.11 17.36
C GLN FA 454 -93.96 31.05 17.00
N ARG FA 455 -94.77 31.99 17.46
CA ARG FA 455 -96.18 32.02 17.12
C ARG FA 455 -96.37 32.65 15.74
N ASN FA 456 -97.61 32.97 15.39
CA ASN FA 456 -97.91 33.52 14.09
C ASN FA 456 -97.73 35.04 14.00
N ASP FA 457 -97.45 35.70 15.11
CA ASP FA 457 -97.30 37.15 15.15
C ASP FA 457 -96.07 37.55 15.95
N GLY FA 458 -94.95 36.86 15.70
CA GLY FA 458 -93.70 37.22 16.36
C GLY FA 458 -93.16 38.57 15.94
N ALA FA 459 -93.39 38.95 14.68
CA ALA FA 459 -92.88 40.22 14.17
C ALA FA 459 -93.51 41.41 14.88
N ALA FA 460 -94.81 41.34 15.16
CA ALA FA 460 -95.48 42.43 15.87
C ALA FA 460 -94.96 42.58 17.30
N ILE FA 461 -94.74 41.46 18.00
CA ILE FA 461 -94.19 41.51 19.35
C ILE FA 461 -92.77 42.06 19.33
N LEU FA 462 -91.96 41.64 18.36
CA LEU FA 462 -90.60 42.16 18.26
C LEU FA 462 -90.60 43.65 17.97
N ALA FA 463 -91.51 44.11 17.10
CA ALA FA 463 -91.61 45.54 16.80
C ALA FA 463 -92.03 46.33 18.04
N ALA FA 464 -92.99 45.81 18.80
CA ALA FA 464 -93.44 46.51 20.01
C ALA FA 464 -92.33 46.58 21.06
N VAL FA 465 -91.60 45.48 21.27
CA VAL FA 465 -90.54 45.48 22.26
C VAL FA 465 -89.38 46.38 21.80
N SER FA 466 -89.08 46.38 20.50
CA SER FA 466 -88.05 47.26 19.98
C SER FA 466 -88.44 48.73 20.13
N ASN FA 467 -89.71 49.06 19.88
CA ASN FA 467 -90.18 50.42 20.07
C ASN FA 467 -90.08 50.84 21.53
N ILE FA 468 -90.43 49.94 22.45
CA ILE FA 468 -90.32 50.23 23.88
C ILE FA 468 -88.87 50.47 24.27
N ALA FA 469 -87.96 49.61 23.80
CA ALA FA 469 -86.55 49.72 24.16
C ALA FA 469 -85.93 51.00 23.60
N GLN FA 470 -86.25 51.35 22.35
CA GLN FA 470 -85.72 52.58 21.79
C GLN FA 470 -86.40 53.81 22.36
N LYS FA 471 -87.60 53.68 22.94
CA LYS FA 471 -88.18 54.81 23.65
C LYS FA 471 -87.50 55.05 24.98
N ILE FA 472 -87.16 53.98 25.71
CA ILE FA 472 -86.42 54.16 26.96
C ILE FA 472 -84.99 54.64 26.68
N ARG FA 473 -84.38 54.16 25.60
CA ARG FA 473 -82.96 54.44 25.38
C ARG FA 473 -82.69 55.91 25.05
N THR FA 474 -83.66 56.61 24.47
CA THR FA 474 -83.47 58.00 24.10
C THR FA 474 -84.15 58.98 25.06
N SER FA 475 -85.40 58.71 25.45
CA SER FA 475 -86.13 59.63 26.31
C SER FA 475 -85.67 59.59 27.76
N SER FA 476 -85.26 58.43 28.25
CA SER FA 476 -84.83 58.27 29.64
C SER FA 476 -83.32 58.42 29.74
N GLY FA 477 -82.80 58.24 30.96
CA GLY FA 477 -81.39 58.43 31.23
C GLY FA 477 -80.50 57.25 30.89
N VAL FA 478 -80.25 57.03 29.60
CA VAL FA 478 -79.32 56.02 29.14
C VAL FA 478 -78.13 56.74 28.51
N THR FA 479 -76.93 56.42 28.99
CA THR FA 479 -75.74 57.17 28.59
C THR FA 479 -75.34 56.89 27.15
N GLY FA 480 -75.39 55.63 26.73
CA GLY FA 480 -75.01 55.28 25.39
C GLY FA 480 -74.21 53.99 25.31
N ASP FA 481 -73.44 53.71 26.37
CA ASP FA 481 -72.76 52.42 26.45
C ASP FA 481 -73.75 51.30 26.73
N TRP FA 482 -74.77 51.59 27.52
CA TRP FA 482 -75.76 50.58 27.89
C TRP FA 482 -76.64 50.21 26.70
N LYS FA 483 -76.99 48.94 26.61
CA LYS FA 483 -77.87 48.41 25.58
C LYS FA 483 -79.14 47.88 26.24
N VAL FA 484 -80.28 48.15 25.62
CA VAL FA 484 -81.57 47.88 26.23
C VAL FA 484 -82.29 46.70 25.58
N MET FA 485 -82.17 46.51 24.27
CA MET FA 485 -82.90 45.48 23.55
C MET FA 485 -82.12 44.18 23.59
N ASN FA 486 -82.67 43.17 24.29
CA ASN FA 486 -82.07 41.85 24.37
C ASN FA 486 -83.06 40.79 23.94
N ILE FA 487 -82.54 39.69 23.40
CA ILE FA 487 -83.34 38.53 23.01
C ILE FA 487 -82.69 37.28 23.59
N LEU FA 488 -83.47 36.51 24.34
CA LEU FA 488 -82.99 35.27 24.93
C LEU FA 488 -83.34 34.10 24.02
N HIS FA 489 -82.33 33.27 23.72
CA HIS FA 489 -82.51 32.12 22.84
C HIS FA 489 -82.56 30.83 23.65
N ARG FA 490 -82.90 29.74 22.96
CA ARG FA 490 -82.99 28.43 23.60
C ARG FA 490 -82.39 27.32 22.76
N ILE FA 491 -81.72 27.63 21.66
CA ILE FA 491 -81.14 26.63 20.76
C ILE FA 491 -79.70 27.03 20.50
N ALA FA 492 -78.77 26.08 20.69
CA ALA FA 492 -77.36 26.38 20.53
C ALA FA 492 -76.97 26.62 19.08
N SER FA 493 -77.73 26.06 18.14
CA SER FA 493 -77.45 26.21 16.72
C SER FA 493 -78.24 27.33 16.06
N GLN FA 494 -78.98 28.13 16.83
CA GLN FA 494 -79.78 29.19 16.24
C GLN FA 494 -78.96 30.43 15.96
N VAL FA 495 -78.16 30.86 16.94
CA VAL FA 495 -77.37 32.08 16.80
C VAL FA 495 -76.27 31.89 15.74
N ALA FA 496 -75.63 30.71 15.74
CA ALA FA 496 -74.59 30.44 14.76
C ALA FA 496 -75.15 30.38 13.35
N ALA FA 497 -76.33 29.80 13.17
CA ALA FA 497 -76.94 29.75 11.84
C ALA FA 497 -77.43 31.12 11.40
N LEU FA 498 -77.94 31.93 12.33
CA LEU FA 498 -78.39 33.27 11.98
C LEU FA 498 -77.21 34.19 11.65
N ASP FA 499 -76.06 33.96 12.27
CA ASP FA 499 -74.89 34.78 11.99
C ASP FA 499 -74.32 34.48 10.60
N LEU FA 500 -74.53 33.26 10.10
CA LEU FA 500 -73.99 32.86 8.81
C LEU FA 500 -74.86 33.28 7.64
N GLY FA 501 -76.09 33.71 7.89
CA GLY FA 501 -76.99 34.12 6.83
C GLY FA 501 -78.09 33.14 6.48
N TYR FA 502 -78.40 32.19 7.35
CA TYR FA 502 -79.51 31.28 7.11
C TYR FA 502 -80.84 32.02 7.22
N LYS FA 503 -81.85 31.47 6.53
CA LYS FA 503 -83.19 32.03 6.61
C LYS FA 503 -83.93 31.38 7.75
N PRO FA 504 -84.26 32.10 8.82
CA PRO FA 504 -84.90 31.46 9.97
C PRO FA 504 -86.34 31.05 9.66
N GLY FA 505 -86.76 29.98 10.32
CA GLY FA 505 -88.06 29.41 10.08
C GLY FA 505 -88.08 28.49 8.88
N VAL FA 506 -89.10 27.63 8.84
CA VAL FA 506 -89.26 26.65 7.77
C VAL FA 506 -90.28 27.12 6.74
N GLU FA 507 -90.72 28.37 6.82
CA GLU FA 507 -91.76 28.89 5.92
C GLU FA 507 -91.29 28.93 4.47
N ALA FA 508 -89.99 29.06 4.24
CA ALA FA 508 -89.46 29.08 2.87
C ALA FA 508 -89.68 27.75 2.16
N ILE FA 509 -89.51 26.64 2.87
CA ILE FA 509 -89.78 25.33 2.30
C ILE FA 509 -91.28 25.16 2.07
N ARG FA 510 -92.11 25.62 3.01
CA ARG FA 510 -93.56 25.49 2.87
C ARG FA 510 -94.11 26.39 1.78
N LYS FA 511 -93.38 27.42 1.37
CA LYS FA 511 -93.82 28.25 0.24
C LYS FA 511 -93.72 27.49 -1.07
N ASN FA 512 -92.51 27.04 -1.41
CA ASN FA 512 -92.29 26.21 -2.60
C ASN FA 512 -91.69 24.88 -2.18
N PRO FA 513 -92.37 23.76 -2.39
CA PRO FA 513 -91.84 22.48 -1.92
C PRO FA 513 -90.69 22.01 -2.79
N PRO FA 514 -89.62 21.49 -2.18
CA PRO FA 514 -88.50 20.94 -2.95
C PRO FA 514 -88.66 19.44 -3.16
N LYS FA 515 -87.85 18.92 -4.08
CA LYS FA 515 -87.82 17.49 -4.35
C LYS FA 515 -86.68 16.77 -3.64
N MET FA 516 -85.90 17.48 -2.82
CA MET FA 516 -84.85 16.86 -2.01
C MET FA 516 -84.66 17.70 -0.76
N LEU FA 517 -84.65 17.05 0.39
CA LEU FA 517 -84.56 17.72 1.68
C LEU FA 517 -83.35 17.22 2.44
N PHE FA 518 -82.59 18.14 3.01
CA PHE FA 518 -81.43 17.84 3.85
C PHE FA 518 -81.78 18.14 5.29
N LEU FA 519 -81.57 17.18 6.18
CA LEU FA 519 -81.84 17.33 7.60
C LEU FA 519 -80.55 17.17 8.38
N LEU FA 520 -80.16 18.21 9.10
CA LEU FA 520 -79.00 18.16 9.99
C LEU FA 520 -79.51 17.97 11.42
N GLY FA 521 -79.96 16.75 11.70
CA GLY FA 521 -80.54 16.46 13.01
C GLY FA 521 -81.83 17.21 13.28
N ALA FA 522 -82.68 17.35 12.27
CA ALA FA 522 -83.95 18.08 12.42
C ALA FA 522 -85.01 17.11 12.93
N ASP FA 523 -84.94 16.83 14.22
CA ASP FA 523 -85.89 15.94 14.88
C ASP FA 523 -87.11 16.66 15.42
N GLY FA 524 -87.19 17.98 15.24
CA GLY FA 524 -88.33 18.73 15.73
C GLY FA 524 -89.60 18.53 14.93
N GLY FA 525 -89.51 17.91 13.75
CA GLY FA 525 -90.69 17.68 12.91
C GLY FA 525 -91.32 18.94 12.39
N CYS FA 526 -90.51 19.90 11.92
CA CYS FA 526 -91.06 21.14 11.37
C CYS FA 526 -91.86 20.86 10.10
N VAL FA 527 -91.38 19.95 9.26
CA VAL FA 527 -92.12 19.49 8.09
C VAL FA 527 -92.19 17.98 8.13
N THR FA 528 -93.24 17.44 7.50
CA THR FA 528 -93.43 15.99 7.42
C THR FA 528 -93.63 15.60 5.97
N ARG FA 529 -94.02 14.34 5.74
CA ARG FA 529 -94.23 13.88 4.37
C ARG FA 529 -95.57 14.31 3.80
N GLN FA 530 -96.42 14.97 4.58
CA GLN FA 530 -97.64 15.57 4.07
C GLN FA 530 -97.42 16.98 3.54
N ASP FA 531 -96.34 17.64 3.94
CA ASP FA 531 -95.98 18.97 3.46
C ASP FA 531 -94.93 18.90 2.35
N LEU FA 532 -94.72 17.73 1.77
CA LEU FA 532 -93.70 17.49 0.76
C LEU FA 532 -94.34 16.77 -0.42
N PRO FA 533 -93.74 16.87 -1.62
CA PRO FA 533 -94.29 16.14 -2.77
C PRO FA 533 -94.12 14.63 -2.68
N LYS FA 534 -94.55 13.91 -3.73
CA LYS FA 534 -94.65 12.46 -3.66
C LYS FA 534 -93.27 11.81 -3.60
N ASP FA 535 -92.35 12.21 -4.48
CA ASP FA 535 -91.02 11.61 -4.56
C ASP FA 535 -90.01 12.60 -3.99
N CYS FA 536 -89.81 12.54 -2.68
CA CYS FA 536 -88.87 13.39 -1.98
C CYS FA 536 -87.70 12.57 -1.47
N PHE FA 537 -86.48 13.04 -1.71
CA PHE FA 537 -85.26 12.34 -1.28
C PHE FA 537 -84.76 13.01 -0.01
N ILE FA 538 -85.34 12.62 1.12
CA ILE FA 538 -84.96 13.17 2.42
C ILE FA 538 -83.68 12.50 2.89
N VAL FA 539 -82.68 13.31 3.22
CA VAL FA 539 -81.40 12.83 3.73
C VAL FA 539 -81.24 13.32 5.16
N TYR FA 540 -81.00 12.40 6.09
CA TYR FA 540 -80.82 12.72 7.49
C TYR FA 540 -79.35 12.61 7.86
N GLN FA 541 -78.83 13.63 8.53
CA GLN FA 541 -77.43 13.69 8.94
C GLN FA 541 -77.40 14.03 10.43
N GLY FA 542 -77.46 13.00 11.28
CA GLY FA 542 -77.47 13.22 12.71
C GLY FA 542 -77.02 11.98 13.44
N HIS FA 543 -76.82 12.16 14.76
CA HIS FA 543 -76.34 11.08 15.61
C HIS FA 543 -77.49 10.24 16.15
N HIS FA 544 -78.52 10.87 16.70
CA HIS FA 544 -79.63 10.18 17.32
C HIS FA 544 -80.78 10.06 16.33
N GLY FA 545 -81.32 8.85 16.19
CA GLY FA 545 -82.49 8.64 15.36
C GLY FA 545 -83.78 8.70 16.16
N ASP FA 546 -84.45 9.84 16.14
CA ASP FA 546 -85.65 10.04 16.96
C ASP FA 546 -86.91 10.23 16.12
N VAL FA 547 -86.94 11.24 15.25
CA VAL FA 547 -88.15 11.55 14.51
C VAL FA 547 -87.86 11.58 13.02
N GLY FA 548 -86.85 12.34 12.62
CA GLY FA 548 -86.54 12.50 11.20
C GLY FA 548 -85.82 11.33 10.57
N ALA FA 549 -85.37 10.37 11.35
CA ALA FA 549 -84.65 9.21 10.83
C ALA FA 549 -85.54 8.11 10.24
N PRO FA 550 -86.70 7.73 10.83
CA PRO FA 550 -87.56 6.76 10.14
C PRO FA 550 -88.08 7.23 8.79
N ILE FA 551 -88.35 8.52 8.62
CA ILE FA 551 -88.88 9.01 7.35
C ILE FA 551 -87.80 9.29 6.33
N ALA FA 552 -86.52 9.21 6.71
CA ALA FA 552 -85.45 9.52 5.80
C ALA FA 552 -85.24 8.39 4.80
N ASP FA 553 -84.68 8.74 3.63
CA ASP FA 553 -84.33 7.77 2.61
C ASP FA 553 -82.88 7.31 2.70
N VAL FA 554 -81.96 8.23 2.95
CA VAL FA 554 -80.56 7.90 3.20
C VAL FA 554 -80.18 8.50 4.53
N ILE FA 555 -79.72 7.67 5.46
CA ILE FA 555 -79.34 8.09 6.80
C ILE FA 555 -77.83 8.18 6.87
N LEU FA 556 -77.31 9.35 7.22
CA LEU FA 556 -75.88 9.56 7.34
C LEU FA 556 -75.52 9.80 8.80
N PRO FA 557 -74.92 8.84 9.49
CA PRO FA 557 -74.62 9.03 10.91
C PRO FA 557 -73.53 10.07 11.12
N GLY FA 558 -73.70 10.86 12.17
CA GLY FA 558 -72.77 11.94 12.46
C GLY FA 558 -72.15 11.84 13.83
N ALA FA 559 -71.56 12.94 14.29
CA ALA FA 559 -70.89 12.99 15.58
C ALA FA 559 -71.65 13.89 16.53
N ALA FA 560 -71.68 13.51 17.81
CA ALA FA 560 -72.33 14.31 18.83
C ALA FA 560 -71.43 15.47 19.26
N TYR FA 561 -71.91 16.26 20.20
CA TYR FA 561 -71.15 17.43 20.64
C TYR FA 561 -69.93 17.05 21.47
N THR FA 562 -69.90 15.86 22.04
CA THR FA 562 -68.73 15.37 22.75
C THR FA 562 -67.81 14.54 21.86
N GLU FA 563 -68.13 14.42 20.57
CA GLU FA 563 -67.39 13.53 19.68
C GLU FA 563 -66.80 14.26 18.47
N LYS FA 564 -66.83 15.59 18.45
CA LYS FA 564 -66.26 16.33 17.34
C LYS FA 564 -65.84 17.71 17.82
N SER FA 565 -64.85 18.29 17.14
CA SER FA 565 -64.46 19.67 17.40
C SER FA 565 -65.45 20.60 16.72
N ALA FA 566 -66.20 21.35 17.51
CA ALA FA 566 -67.36 22.08 17.02
C ALA FA 566 -67.35 23.52 17.52
N THR FA 567 -67.70 24.45 16.65
CA THR FA 567 -67.79 25.85 16.99
C THR FA 567 -69.25 26.21 17.25
N TYR FA 568 -69.53 26.70 18.46
CA TYR FA 568 -70.88 27.03 18.88
C TYR FA 568 -70.94 28.47 19.39
N VAL FA 569 -72.03 29.14 19.08
CA VAL FA 569 -72.26 30.52 19.51
C VAL FA 569 -73.47 30.55 20.41
N ASN FA 570 -73.32 31.11 21.61
CA ASN FA 570 -74.39 31.12 22.59
C ASN FA 570 -75.35 32.29 22.31
N THR FA 571 -76.24 32.56 23.26
CA THR FA 571 -77.28 33.57 23.07
C THR FA 571 -76.76 35.00 23.15
N GLU FA 572 -75.52 35.21 23.59
CA GLU FA 572 -74.95 36.54 23.71
C GLU FA 572 -73.91 36.83 22.63
N GLY FA 573 -73.77 35.96 21.63
CA GLY FA 573 -72.85 36.17 20.55
C GLY FA 573 -71.43 35.71 20.78
N ARG FA 574 -71.13 35.16 21.96
CA ARG FA 574 -69.79 34.66 22.22
C ARG FA 574 -69.55 33.35 21.49
N ALA FA 575 -68.38 33.24 20.85
CA ALA FA 575 -68.01 32.04 20.12
C ALA FA 575 -67.13 31.16 20.99
N GLN FA 576 -67.40 29.85 20.96
CA GLN FA 576 -66.66 28.89 21.76
C GLN FA 576 -66.44 27.63 20.93
N GLN FA 577 -65.44 26.84 21.32
CA GLN FA 577 -65.14 25.60 20.62
C GLN FA 577 -65.10 24.44 21.59
N THR FA 578 -65.66 23.32 21.17
CA THR FA 578 -65.60 22.09 21.95
C THR FA 578 -64.38 21.27 21.55
N LYS FA 579 -64.11 20.23 22.32
CA LYS FA 579 -62.97 19.36 22.07
C LYS FA 579 -63.44 17.92 22.02
N VAL FA 580 -62.66 17.10 21.33
CA VAL FA 580 -63.00 15.69 21.14
C VAL FA 580 -62.67 14.93 22.42
N ALA FA 581 -63.69 14.32 23.02
CA ALA FA 581 -63.52 13.48 24.19
C ALA FA 581 -63.46 12.00 23.84
N VAL FA 582 -64.38 11.53 23.00
CA VAL FA 582 -64.41 10.16 22.53
C VAL FA 582 -64.74 10.19 21.03
N MET FA 583 -64.05 9.35 20.26
CA MET FA 583 -64.32 9.26 18.84
C MET FA 583 -65.71 8.66 18.60
N PRO FA 584 -66.38 9.04 17.51
CA PRO FA 584 -67.73 8.55 17.27
C PRO FA 584 -67.76 7.05 17.06
N PRO FA 585 -68.81 6.37 17.52
CA PRO FA 585 -68.83 4.91 17.44
C PRO FA 585 -69.20 4.42 16.04
N GLY FA 586 -68.70 3.23 15.72
CA GLY FA 586 -69.03 2.61 14.45
C GLY FA 586 -68.37 3.31 13.29
N LEU FA 587 -69.14 3.53 12.22
CA LEU FA 587 -68.66 4.16 11.01
C LEU FA 587 -69.07 5.62 10.90
N ALA FA 588 -69.59 6.21 11.97
CA ALA FA 588 -69.99 7.61 11.94
C ALA FA 588 -68.78 8.53 11.91
N ARG FA 589 -68.89 9.61 11.16
CA ARG FA 589 -67.83 10.61 11.01
C ARG FA 589 -68.36 11.99 11.37
N GLU FA 590 -67.48 12.98 11.31
CA GLU FA 590 -67.89 14.37 11.55
C GLU FA 590 -68.77 14.87 10.41
N ASP FA 591 -69.66 15.82 10.74
CA ASP FA 591 -70.69 16.24 9.81
C ASP FA 591 -70.10 16.99 8.62
N TRP FA 592 -69.20 17.93 8.88
CA TRP FA 592 -68.58 18.68 7.79
C TRP FA 592 -67.68 17.80 6.93
N LYS FA 593 -67.09 16.76 7.53
CA LYS FA 593 -66.34 15.78 6.75
C LYS FA 593 -67.25 15.02 5.80
N ILE FA 594 -68.46 14.66 6.27
CA ILE FA 594 -69.44 13.99 5.42
C ILE FA 594 -69.86 14.90 4.27
N ILE FA 595 -70.11 16.18 4.57
CA ILE FA 595 -70.53 17.12 3.54
C ILE FA 595 -69.42 17.33 2.51
N ARG FA 596 -68.16 17.44 2.97
CA ARG FA 596 -67.04 17.63 2.06
C ARG FA 596 -66.81 16.39 1.20
N ALA FA 597 -66.95 15.19 1.77
CA ALA FA 597 -66.82 13.98 0.99
C ALA FA 597 -67.94 13.85 -0.04
N LEU FA 598 -69.16 14.24 0.34
CA LEU FA 598 -70.28 14.23 -0.60
C LEU FA 598 -70.05 15.22 -1.73
N SER FA 599 -69.49 16.39 -1.41
CA SER FA 599 -69.19 17.38 -2.46
C SER FA 599 -68.08 16.89 -3.36
N GLU FA 600 -67.09 16.19 -2.81
CA GLU FA 600 -66.00 15.66 -3.62
C GLU FA 600 -66.47 14.54 -4.54
N ILE FA 601 -67.39 13.71 -4.06
CA ILE FA 601 -67.90 12.63 -4.90
C ILE FA 601 -68.94 13.11 -5.90
N ALA FA 602 -69.44 14.34 -5.76
CA ALA FA 602 -70.44 14.87 -6.67
C ALA FA 602 -69.86 15.80 -7.73
N GLY FA 603 -68.55 15.99 -7.75
CA GLY FA 603 -67.96 16.90 -8.71
C GLY FA 603 -68.11 18.37 -8.37
N MET FA 604 -68.47 18.69 -7.13
CA MET FA 604 -68.64 20.07 -6.69
C MET FA 604 -67.77 20.31 -5.47
N THR FA 605 -66.49 19.94 -5.56
CA THR FA 605 -65.61 19.86 -4.41
C THR FA 605 -65.35 21.25 -3.81
N LEU FA 606 -65.52 21.37 -2.50
CA LEU FA 606 -65.29 22.58 -1.74
C LEU FA 606 -63.79 22.79 -1.49
N PRO FA 607 -63.33 24.04 -1.42
CA PRO FA 607 -61.90 24.33 -1.23
C PRO FA 607 -61.45 24.31 0.24
N TYR FA 608 -61.79 23.26 0.96
CA TYR FA 608 -61.24 23.04 2.29
C TYR FA 608 -61.14 21.55 2.55
N ASP FA 609 -60.08 21.14 3.24
CA ASP FA 609 -59.83 19.74 3.53
C ASP FA 609 -59.81 19.44 5.02
N THR FA 610 -59.07 20.22 5.81
CA THR FA 610 -58.96 20.01 7.24
C THR FA 610 -59.76 21.07 7.99
N LEU FA 611 -59.67 21.04 9.32
CA LEU FA 611 -60.52 21.89 10.14
C LEU FA 611 -60.09 23.35 10.07
N ASP FA 612 -58.78 23.60 9.96
CA ASP FA 612 -58.29 24.99 9.94
C ASP FA 612 -58.73 25.72 8.68
N GLN FA 613 -58.83 25.03 7.55
CA GLN FA 613 -59.32 25.66 6.34
C GLN FA 613 -60.81 25.99 6.45
N VAL FA 614 -61.58 25.13 7.12
CA VAL FA 614 -62.98 25.43 7.36
C VAL FA 614 -63.13 26.62 8.29
N ARG FA 615 -62.25 26.74 9.29
CA ARG FA 615 -62.29 27.91 10.16
C ARG FA 615 -61.82 29.18 9.44
N ASN FA 616 -60.92 29.04 8.47
CA ASN FA 616 -60.57 30.18 7.62
C ASN FA 616 -61.74 30.62 6.76
N ARG FA 617 -62.51 29.65 6.24
CA ARG FA 617 -63.73 29.98 5.52
C ARG FA 617 -64.76 30.65 6.44
N LEU FA 618 -64.84 30.19 7.69
CA LEU FA 618 -65.71 30.81 8.67
C LEU FA 618 -65.31 32.25 8.95
N GLU FA 619 -64.00 32.52 9.06
CA GLU FA 619 -63.52 33.89 9.20
C GLU FA 619 -63.81 34.71 7.96
N GLU FA 620 -63.78 34.08 6.79
CA GLU FA 620 -64.13 34.79 5.55
C GLU FA 620 -65.59 35.21 5.53
N VAL FA 621 -66.50 34.34 5.99
CA VAL FA 621 -67.92 34.66 5.90
C VAL FA 621 -68.36 35.53 7.09
N SER FA 622 -67.81 35.28 8.28
CA SER FA 622 -68.07 36.13 9.44
C SER FA 622 -66.93 36.00 10.45
N PRO FA 623 -66.13 37.06 10.64
CA PRO FA 623 -64.94 36.95 11.51
C PRO FA 623 -65.25 36.63 12.97
N ASN FA 624 -66.39 37.09 13.49
CA ASN FA 624 -66.71 36.92 14.90
C ASN FA 624 -66.90 35.48 15.30
N LEU FA 625 -67.02 34.55 14.35
CA LEU FA 625 -67.13 33.14 14.67
C LEU FA 625 -65.79 32.49 15.00
N VAL FA 626 -64.67 33.13 14.66
CA VAL FA 626 -63.37 32.53 14.92
C VAL FA 626 -62.64 33.17 16.09
N ARG FA 627 -63.23 34.18 16.72
CA ARG FA 627 -62.65 34.82 17.90
C ARG FA 627 -63.29 34.19 19.13
N TYR FA 628 -62.57 33.29 19.78
CA TYR FA 628 -63.12 32.46 20.84
C TYR FA 628 -63.03 33.16 22.19
N ASP FA 629 -64.09 33.01 22.99
CA ASP FA 629 -64.24 33.64 24.31
C ASP FA 629 -64.08 35.15 24.22
N ASP FA 630 -64.67 35.75 23.18
CA ASP FA 630 -64.59 37.19 22.96
C ASP FA 630 -65.93 37.65 22.41
N VAL FA 631 -66.63 38.48 23.16
CA VAL FA 631 -67.93 39.00 22.75
C VAL FA 631 -67.74 40.36 22.09
N GLU FA 632 -68.37 40.54 20.93
CA GLU FA 632 -68.27 41.77 20.15
C GLU FA 632 -69.60 42.50 20.20
N GLY FA 633 -69.55 43.79 20.51
CA GLY FA 633 -70.78 44.57 20.61
C GLY FA 633 -71.36 44.89 19.25
N ALA FA 634 -72.69 44.77 19.16
CA ALA FA 634 -73.43 45.04 17.93
C ALA FA 634 -74.24 46.31 18.13
N ASN FA 635 -73.91 47.35 17.38
CA ASN FA 635 -74.57 48.65 17.51
C ASN FA 635 -75.75 48.73 16.55
N TYR FA 636 -76.26 49.95 16.34
CA TYR FA 636 -77.30 50.28 15.36
C TYR FA 636 -78.62 49.57 15.67
N PHE FA 637 -79.13 49.83 16.88
CA PHE FA 637 -80.53 49.51 17.17
C PHE FA 637 -81.47 50.50 16.49
N GLN FA 638 -80.99 51.73 16.27
CA GLN FA 638 -81.82 52.77 15.67
C GLN FA 638 -82.21 52.42 14.24
N GLN FA 639 -81.28 51.86 13.47
CA GLN FA 639 -81.59 51.46 12.09
C GLN FA 639 -82.60 50.33 12.05
N ALA FA 640 -82.47 49.36 12.95
CA ALA FA 640 -83.44 48.26 13.03
C ALA FA 640 -84.81 48.78 13.45
N SER FA 641 -84.85 49.73 14.38
CA SER FA 641 -86.13 50.32 14.80
C SER FA 641 -86.77 51.11 13.67
N GLU FA 642 -85.96 51.83 12.90
CA GLU FA 642 -86.48 52.57 11.75
C GLU FA 642 -87.01 51.62 10.69
N LEU FA 643 -86.31 50.52 10.43
CA LEU FA 643 -86.76 49.57 9.43
C LEU FA 643 -87.95 48.74 9.89
N SER FA 644 -88.16 48.59 11.20
CA SER FA 644 -89.24 47.78 11.72
C SER FA 644 -90.56 48.54 11.85
N LYS FA 645 -90.56 49.85 11.61
CA LYS FA 645 -91.76 50.67 11.80
C LYS FA 645 -92.62 50.76 10.54
N LEU FA 646 -92.16 50.24 9.40
CA LEU FA 646 -92.94 50.36 8.17
C LEU FA 646 -94.09 49.36 8.14
N VAL FA 647 -93.76 48.06 8.17
CA VAL FA 647 -94.75 47.00 8.02
C VAL FA 647 -95.46 46.85 9.36
N ASN FA 648 -96.65 47.44 9.48
CA ASN FA 648 -97.43 47.35 10.71
C ASN FA 648 -98.16 46.01 10.74
N GLN FA 649 -97.77 45.15 11.67
CA GLN FA 649 -98.38 43.84 11.81
C GLN FA 649 -99.32 43.82 13.00
N GLN FA 650 -100.46 43.14 12.83
CA GLN FA 650 -101.47 43.07 13.87
C GLN FA 650 -101.14 41.96 14.86
N LEU FA 651 -101.41 42.24 16.14
CA LEU FA 651 -101.09 41.31 17.22
C LEU FA 651 -102.17 40.23 17.33
N LEU FA 652 -102.04 39.40 18.34
CA LEU FA 652 -103.04 38.41 18.70
C LEU FA 652 -103.38 38.56 20.18
N ALA FA 653 -104.65 38.41 20.51
CA ALA FA 653 -105.12 38.56 21.88
C ALA FA 653 -104.95 37.30 22.72
N ASP FA 654 -104.41 36.22 22.14
CA ASP FA 654 -104.18 35.00 22.88
C ASP FA 654 -103.10 35.22 23.95
N PRO FA 655 -103.20 34.52 25.08
CA PRO FA 655 -102.19 34.69 26.13
C PRO FA 655 -100.82 34.18 25.71
N LEU FA 656 -99.79 34.89 26.16
CA LEU FA 656 -98.40 34.53 25.85
C LEU FA 656 -98.00 33.36 26.73
N VAL FA 657 -98.29 32.15 26.26
CA VAL FA 657 -98.07 30.93 27.02
C VAL FA 657 -96.75 30.31 26.55
N PRO FA 658 -95.72 30.24 27.41
CA PRO FA 658 -94.52 29.50 27.03
C PRO FA 658 -94.82 28.02 26.95
N PRO FA 659 -94.11 27.27 26.09
CA PRO FA 659 -94.38 25.83 25.97
C PRO FA 659 -93.91 25.01 27.16
N GLN FA 660 -93.02 25.55 27.99
CA GLN FA 660 -92.55 24.86 29.19
C GLN FA 660 -93.13 25.58 30.40
N LEU FA 661 -93.99 24.89 31.15
CA LEU FA 661 -94.61 25.46 32.33
C LEU FA 661 -94.07 24.87 33.62
N THR FA 662 -94.05 23.55 33.75
CA THR FA 662 -93.56 22.89 34.95
C THR FA 662 -92.28 22.13 34.64
N ILE FA 663 -91.74 21.47 35.67
CA ILE FA 663 -90.46 20.77 35.53
C ILE FA 663 -90.63 19.51 34.69
N LYS FA 664 -91.84 18.97 34.61
CA LYS FA 664 -92.09 17.75 33.85
C LYS FA 664 -91.92 17.96 32.34
N ASP FA 665 -92.00 19.20 31.86
CA ASP FA 665 -91.76 19.52 30.47
C ASP FA 665 -90.37 20.08 30.21
N PHE FA 666 -89.51 20.08 31.23
CA PHE FA 666 -88.16 20.62 31.11
C PHE FA 666 -87.15 19.56 30.73
N TYR FA 667 -87.34 18.31 31.18
CA TYR FA 667 -86.35 17.28 30.93
C TYR FA 667 -86.37 16.79 29.49
N MET FA 668 -87.54 16.77 28.85
CA MET FA 668 -87.68 16.27 27.48
C MET FA 668 -87.76 17.47 26.53
N THR FA 669 -86.59 17.91 26.05
CA THR FA 669 -86.52 19.02 25.10
C THR FA 669 -85.86 18.63 23.78
N ASP FA 670 -84.71 17.96 23.83
CA ASP FA 670 -83.91 17.70 22.65
C ASP FA 670 -83.82 16.20 22.36
N SER FA 671 -83.05 15.86 21.33
CA SER FA 671 -82.92 14.47 20.91
C SER FA 671 -82.11 13.66 21.92
N ILE FA 672 -81.07 14.26 22.49
CA ILE FA 672 -80.22 13.55 23.44
C ILE FA 672 -81.00 13.22 24.71
N SER FA 673 -81.81 14.16 25.19
CA SER FA 673 -82.57 13.95 26.42
C SER FA 673 -83.77 13.03 26.20
N ARG FA 674 -84.32 13.00 24.99
CA ARG FA 674 -85.50 12.18 24.73
C ARG FA 674 -85.18 10.69 24.71
N ALA FA 675 -83.92 10.33 24.53
CA ALA FA 675 -83.50 8.92 24.49
C ALA FA 675 -82.65 8.57 25.72
N SER FA 676 -83.03 9.09 26.88
CA SER FA 676 -82.27 8.89 28.11
C SER FA 676 -83.12 8.16 29.14
N GLN FA 677 -82.46 7.31 29.93
CA GLN FA 677 -83.12 6.60 31.01
C GLN FA 677 -83.22 7.43 32.28
N THR FA 678 -82.20 8.25 32.56
CA THR FA 678 -82.26 9.16 33.70
C THR FA 678 -83.35 10.21 33.51
N MET FA 679 -83.53 10.69 32.28
CA MET FA 679 -84.55 11.70 32.03
C MET FA 679 -85.95 11.10 32.14
N ALA FA 680 -86.12 9.87 31.66
CA ALA FA 680 -87.40 9.19 31.83
C ALA FA 680 -87.69 8.92 33.30
N LYS FA 681 -86.66 8.56 34.07
CA LYS FA 681 -86.83 8.37 35.50
C LYS FA 681 -87.20 9.68 36.20
N CYS FA 682 -86.59 10.80 35.79
CA CYS FA 682 -86.91 12.09 36.34
C CYS FA 682 -88.36 12.49 36.03
N VAL FA 683 -88.79 12.24 34.79
CA VAL FA 683 -90.16 12.54 34.39
C VAL FA 683 -91.15 11.69 35.19
N LYS FA 684 -90.84 10.40 35.35
CA LYS FA 684 -91.69 9.52 36.14
C LYS FA 684 -91.72 9.94 37.61
N ALA FA 685 -90.62 10.48 38.12
CA ALA FA 685 -90.58 10.94 39.50
C ALA FA 685 -91.36 12.25 39.71
N VAL FA 686 -91.34 13.15 38.73
CA VAL FA 686 -92.02 14.43 38.92
C VAL FA 686 -93.51 14.36 38.54
N THR FA 687 -93.91 13.41 37.70
CA THR FA 687 -95.32 13.32 37.32
C THR FA 687 -96.13 12.44 38.27
N GLU FA 688 -95.49 11.59 39.06
CA GLU FA 688 -96.21 10.70 39.96
C GLU FA 688 -96.75 11.47 41.17
N THR GA 1 -38.77 15.81 68.47
CA THR GA 1 -38.32 15.59 67.11
C THR GA 1 -37.19 14.56 67.06
N ARG GA 2 -37.10 13.74 68.10
CA ARG GA 2 -36.03 12.74 68.18
C ARG GA 2 -36.24 11.50 67.29
N PRO GA 3 -37.33 10.69 67.47
CA PRO GA 3 -37.27 9.33 66.92
C PRO GA 3 -37.52 9.21 65.41
N THR GA 4 -38.45 9.98 64.86
CA THR GA 4 -38.87 9.81 63.47
C THR GA 4 -38.39 10.95 62.56
N VAL GA 5 -37.54 11.84 63.06
CA VAL GA 5 -37.04 12.96 62.29
C VAL GA 5 -35.53 12.80 62.11
N ARG GA 6 -35.06 13.10 60.91
CA ARG GA 6 -33.64 12.98 60.60
C ARG GA 6 -32.84 14.01 61.39
N PRO GA 7 -31.74 13.62 62.04
CA PRO GA 7 -30.92 14.59 62.77
C PRO GA 7 -30.26 15.59 61.83
N ARG GA 8 -30.03 16.79 62.35
CA ARG GA 8 -29.47 17.89 61.58
C ARG GA 8 -28.04 18.15 62.03
N ASN GA 9 -27.13 18.25 61.06
CA ASN GA 9 -25.73 18.57 61.31
C ASN GA 9 -25.46 20.00 60.84
N ASP GA 10 -24.85 20.80 61.72
CA ASP GA 10 -24.56 22.18 61.41
C ASP GA 10 -23.09 22.45 61.16
N VAL GA 11 -22.19 21.65 61.71
CA VAL GA 11 -20.76 21.83 61.47
C VAL GA 11 -20.43 21.52 60.00
N ALA GA 12 -21.03 20.45 59.46
CA ALA GA 12 -20.81 20.13 58.05
C ALA GA 12 -21.43 21.19 57.14
N HIS GA 13 -22.59 21.73 57.52
CA HIS GA 13 -23.21 22.80 56.76
C HIS GA 13 -22.33 24.05 56.75
N LYS GA 14 -21.77 24.42 57.90
CA LYS GA 14 -20.89 25.59 57.99
C LYS GA 14 -19.63 25.37 57.17
N GLN GA 15 -19.04 24.18 57.25
CA GLN GA 15 -17.82 23.90 56.49
C GLN GA 15 -18.07 23.89 54.99
N LEU GA 16 -19.21 23.34 54.56
CA LEU GA 16 -19.54 23.34 53.13
C LEU GA 16 -19.84 24.75 52.64
N SER GA 17 -20.48 25.59 53.46
CA SER GA 17 -20.70 26.98 53.07
C SER GA 17 -19.39 27.75 52.98
N ALA GA 18 -18.46 27.47 53.89
CA ALA GA 18 -17.14 28.10 53.84
C ALA GA 18 -16.37 27.69 52.59
N PHE GA 19 -16.43 26.40 52.24
CA PHE GA 19 -15.79 25.95 51.01
C PHE GA 19 -16.46 26.51 49.77
N GLY GA 20 -17.79 26.72 49.82
CA GLY GA 20 -18.47 27.36 48.72
C GLY GA 20 -18.06 28.81 48.53
N GLU GA 21 -17.90 29.55 49.64
CA GLU GA 21 -17.35 30.90 49.56
C GLU GA 21 -15.93 30.89 49.02
N TYR GA 22 -15.14 29.90 49.43
CA TYR GA 22 -13.77 29.74 48.96
C TYR GA 22 -13.73 29.54 47.44
N VAL GA 23 -14.59 28.66 46.93
CA VAL GA 23 -14.63 28.39 45.49
C VAL GA 23 -15.16 29.59 44.72
N ALA GA 24 -16.23 30.23 45.23
CA ALA GA 24 -16.80 31.38 44.54
C ALA GA 24 -15.89 32.60 44.58
N GLU GA 25 -14.97 32.66 45.53
CA GLU GA 25 -14.00 33.75 45.56
C GLU GA 25 -12.75 33.46 44.74
N ILE GA 26 -12.36 32.18 44.64
CA ILE GA 26 -11.20 31.84 43.82
C ILE GA 26 -11.51 31.99 42.33
N LEU GA 27 -12.72 31.59 41.92
CA LEU GA 27 -13.14 31.64 40.52
C LEU GA 27 -14.34 32.55 40.37
N PRO GA 28 -14.15 33.85 40.19
CA PRO GA 28 -15.28 34.74 39.89
C PRO GA 28 -15.60 34.90 38.42
N LYS GA 29 -14.85 34.26 37.52
CA LYS GA 29 -15.11 34.41 36.09
C LYS GA 29 -16.31 33.58 35.64
N TYR GA 30 -16.49 32.39 36.20
CA TYR GA 30 -17.52 31.47 35.73
C TYR GA 30 -18.57 31.11 36.76
N VAL GA 31 -18.26 31.20 38.07
CA VAL GA 31 -19.19 30.74 39.09
C VAL GA 31 -20.34 31.72 39.22
N GLN GA 32 -21.56 31.22 39.10
CA GLN GA 32 -22.77 32.05 39.23
C GLN GA 32 -23.41 31.94 40.60
N GLN GA 33 -23.69 30.72 41.07
CA GLN GA 33 -24.38 30.53 42.34
C GLN GA 33 -23.71 29.44 43.15
N VAL GA 34 -23.81 29.56 44.47
CA VAL GA 34 -23.34 28.55 45.41
C VAL GA 34 -24.46 28.34 46.44
N GLN GA 35 -24.91 27.10 46.57
CA GLN GA 35 -26.00 26.83 47.52
C GLN GA 35 -25.75 25.54 48.26
N VAL GA 36 -26.00 25.56 49.57
CA VAL GA 36 -25.89 24.39 50.42
C VAL GA 36 -27.29 23.92 50.78
N SER GA 37 -27.58 22.64 50.53
CA SER GA 37 -28.92 22.11 50.76
C SER GA 37 -29.15 21.86 52.25
N CYS GA 38 -30.38 21.45 52.58
CA CYS GA 38 -30.73 21.22 53.98
C CYS GA 38 -30.05 19.98 54.54
N PHE GA 39 -29.74 18.99 53.69
CA PHE GA 39 -29.06 17.78 54.11
C PHE GA 39 -27.57 17.82 53.85
N SER GA 40 -26.97 19.03 53.88
CA SER GA 40 -25.52 19.25 53.84
C SER GA 40 -24.89 18.68 52.56
N GLU GA 41 -25.30 19.26 51.43
CA GLU GA 41 -24.72 18.91 50.14
C GLU GA 41 -24.50 20.19 49.33
N LEU GA 42 -23.24 20.46 48.97
CA LEU GA 42 -22.89 21.69 48.28
C LEU GA 42 -23.22 21.60 46.80
N GLU GA 43 -23.65 22.72 46.22
CA GLU GA 43 -23.93 22.81 44.80
C GLU GA 43 -23.33 24.10 44.25
N ILE GA 44 -22.57 23.98 43.17
CA ILE GA 44 -21.97 25.10 42.48
C ILE GA 44 -22.58 25.17 41.09
N CYS GA 45 -23.14 26.32 40.74
CA CYS GA 45 -23.75 26.54 39.43
C CYS GA 45 -22.90 27.56 38.68
N ILE GA 46 -22.32 27.14 37.55
CA ILE GA 46 -21.37 27.95 36.80
C ILE GA 46 -21.84 28.11 35.36
N HIS GA 47 -21.12 28.96 34.63
CA HIS GA 47 -21.34 29.13 33.20
C HIS GA 47 -20.86 27.91 32.43
N PRO GA 48 -21.52 27.56 31.31
CA PRO GA 48 -21.02 26.43 30.49
C PRO GA 48 -19.63 26.65 29.92
N ASP GA 49 -19.29 27.87 29.51
CA ASP GA 49 -17.97 28.14 28.99
C ASP GA 49 -16.88 28.00 30.06
N GLY GA 50 -17.25 27.92 31.32
CA GLY GA 50 -16.32 27.60 32.37
C GLY GA 50 -16.50 26.21 32.96
N VAL GA 51 -16.90 25.24 32.14
CA VAL GA 51 -16.93 23.86 32.63
C VAL GA 51 -15.51 23.33 32.85
N ILE GA 52 -14.63 23.52 31.88
CA ILE GA 52 -13.29 22.95 31.99
C ILE GA 52 -12.34 23.71 32.92
N PRO GA 53 -12.26 25.06 32.97
CA PRO GA 53 -11.29 25.66 33.90
C PRO GA 53 -11.69 25.57 35.36
N VAL GA 54 -12.95 25.22 35.66
CA VAL GA 54 -13.34 25.01 37.05
C VAL GA 54 -12.97 23.61 37.50
N LEU GA 55 -13.35 22.60 36.71
CA LEU GA 55 -13.25 21.20 37.14
C LEU GA 55 -11.82 20.80 37.43
N THR GA 56 -10.87 21.18 36.54
CA THR GA 56 -9.47 20.85 36.77
C THR GA 56 -8.95 21.50 38.04
N PHE GA 57 -9.46 22.68 38.40
CA PHE GA 57 -9.16 23.28 39.70
C PHE GA 57 -9.55 22.33 40.83
N LEU GA 58 -10.79 21.85 40.79
CA LEU GA 58 -11.27 20.90 41.77
C LEU GA 58 -10.58 19.55 41.67
N ARG GA 59 -9.85 19.29 40.58
CA ARG GA 59 -9.07 18.06 40.51
C ARG GA 59 -7.62 18.27 40.93
N ASP GA 60 -7.11 19.51 40.92
CA ASP GA 60 -5.69 19.71 41.11
C ASP GA 60 -5.32 20.59 42.28
N HIS GA 61 -6.24 21.34 42.86
CA HIS GA 61 -5.91 22.17 44.01
C HIS GA 61 -5.72 21.30 45.24
N SER GA 62 -4.76 21.69 46.08
CA SER GA 62 -4.48 20.92 47.30
C SER GA 62 -5.59 21.05 48.33
N ASN GA 63 -6.39 22.10 48.26
CA ASN GA 63 -7.48 22.30 49.22
C ASN GA 63 -8.80 21.69 48.76
N ALA GA 64 -8.88 21.17 47.54
CA ALA GA 64 -10.10 20.52 47.07
C ALA GA 64 -9.89 19.03 46.83
N GLN GA 65 -8.98 18.67 45.92
CA GLN GA 65 -8.58 17.29 45.63
C GLN GA 65 -9.77 16.37 45.34
N PHE GA 66 -10.72 16.86 44.54
CA PHE GA 66 -11.88 16.05 44.16
C PHE GA 66 -11.47 15.16 42.99
N LYS GA 67 -10.81 14.07 43.33
CA LYS GA 67 -10.14 13.23 42.34
C LYS GA 67 -11.07 12.23 41.66
N SER GA 68 -12.28 12.03 42.16
CA SER GA 68 -13.19 11.03 41.59
C SER GA 68 -14.38 11.70 40.93
N LEU GA 69 -14.74 11.23 39.75
CA LEU GA 69 -15.98 11.61 39.09
C LEU GA 69 -17.00 10.52 39.34
N ALA GA 70 -17.97 10.80 40.22
CA ALA GA 70 -18.94 9.77 40.59
C ALA GA 70 -19.98 9.58 39.49
N ASP GA 71 -20.75 10.62 39.20
CA ASP GA 71 -21.86 10.52 38.26
C ASP GA 71 -21.91 11.79 37.43
N LEU GA 72 -22.33 11.65 36.18
CA LEU GA 72 -22.53 12.78 35.27
C LEU GA 72 -23.93 12.67 34.69
N THR GA 73 -24.74 13.69 34.90
CA THR GA 73 -26.17 13.62 34.60
C THR GA 73 -26.62 14.89 33.90
N ALA GA 74 -27.50 14.74 32.91
CA ALA GA 74 -28.24 15.84 32.32
C ALA GA 74 -29.71 15.70 32.72
N VAL GA 75 -30.34 16.83 33.02
CA VAL GA 75 -31.75 16.86 33.41
C VAL GA 75 -32.49 17.76 32.43
N ASP GA 76 -33.65 17.30 31.97
CA ASP GA 76 -34.46 18.02 31.00
C ASP GA 76 -35.54 18.81 31.73
N ILE GA 77 -35.47 20.13 31.64
CA ILE GA 77 -36.48 21.04 32.16
C ILE GA 77 -36.99 21.90 31.01
N PRO GA 78 -38.14 21.57 30.43
CA PRO GA 78 -38.59 22.27 29.22
C PRO GA 78 -39.05 23.70 29.44
N THR GA 79 -39.19 24.14 30.69
CA THR GA 79 -39.61 25.51 30.96
C THR GA 79 -38.53 26.51 30.55
N ARG GA 80 -37.29 26.26 30.94
CA ARG GA 80 -36.19 27.17 30.63
C ARG GA 80 -35.82 27.08 29.16
N GLN GA 81 -35.24 28.17 28.65
CA GLN GA 81 -34.75 28.17 27.28
C GLN GA 81 -33.50 27.32 27.11
N ASN GA 82 -32.76 27.08 28.18
CA ASN GA 82 -31.67 26.11 28.20
C ASN GA 82 -32.17 24.88 28.93
N ARG GA 83 -32.85 24.01 28.18
CA ARG GA 83 -33.63 22.93 28.78
C ARG GA 83 -32.78 21.81 29.36
N PHE GA 84 -31.50 21.74 29.04
CA PHE GA 84 -30.63 20.67 29.53
C PHE GA 84 -29.77 21.18 30.67
N GLU GA 85 -29.75 20.44 31.76
CA GLU GA 85 -29.06 20.82 32.99
C GLU GA 85 -27.98 19.78 33.28
N ILE GA 86 -26.76 20.05 32.86
CA ILE GA 86 -25.65 19.13 33.04
C ILE GA 86 -25.19 19.18 34.49
N VAL GA 87 -25.02 18.01 35.10
CA VAL GA 87 -24.67 17.88 36.50
C VAL GA 87 -23.44 16.98 36.62
N TYR GA 88 -22.36 17.49 37.19
CA TYR GA 88 -21.17 16.73 37.51
C TYR GA 88 -21.14 16.47 39.01
N ASN GA 89 -20.91 15.22 39.39
CA ASN GA 89 -20.77 14.85 40.79
C ASN GA 89 -19.32 14.47 41.05
N LEU GA 90 -18.68 15.15 42.00
CA LEU GA 90 -17.27 14.94 42.29
C LEU GA 90 -17.10 14.47 43.72
N LEU GA 91 -16.12 13.60 43.93
CA LEU GA 91 -15.82 13.02 45.23
C LEU GA 91 -14.35 13.23 45.54
N SER GA 92 -14.08 13.75 46.73
CA SER GA 92 -12.73 13.99 47.23
C SER GA 92 -12.44 12.98 48.33
N LEU GA 93 -11.36 12.22 48.17
CA LEU GA 93 -10.99 11.16 49.09
C LEU GA 93 -10.11 11.65 50.22
N ARG GA 94 -9.21 12.60 49.93
CA ARG GA 94 -8.32 13.13 50.96
C ARG GA 94 -9.09 13.91 52.01
N PHE GA 95 -10.12 14.64 51.59
CA PHE GA 95 -10.95 15.42 52.50
C PHE GA 95 -12.28 14.75 52.80
N ASN GA 96 -12.61 13.64 52.15
CA ASN GA 96 -13.80 12.83 52.39
C ASN GA 96 -15.07 13.67 52.23
N SER GA 97 -15.30 14.11 51.00
CA SER GA 97 -16.41 15.00 50.74
C SER GA 97 -16.96 14.78 49.33
N ARG GA 98 -18.11 15.37 49.08
CA ARG GA 98 -18.78 15.29 47.78
C ARG GA 98 -19.27 16.69 47.39
N ILE GA 99 -19.10 17.03 46.11
CA ILE GA 99 -19.52 18.32 45.59
C ILE GA 99 -20.30 18.08 44.29
N ARG GA 100 -21.11 19.07 43.94
CA ARG GA 100 -21.93 19.04 42.74
C ARG GA 100 -21.69 20.32 41.94
N VAL GA 101 -21.41 20.16 40.66
CA VAL GA 101 -21.15 21.28 39.77
C VAL GA 101 -22.21 21.23 38.66
N LYS GA 102 -22.98 22.29 38.53
CA LYS GA 102 -24.12 22.30 37.63
C LYS GA 102 -23.96 23.39 36.57
N THR GA 103 -24.43 23.11 35.37
CA THR GA 103 -24.41 24.08 34.29
C THR GA 103 -25.59 23.78 33.35
N TYR GA 104 -25.74 24.61 32.34
CA TYR GA 104 -26.91 24.56 31.46
C TYR GA 104 -26.48 24.60 30.00
N THR GA 105 -27.32 24.02 29.15
CA THR GA 105 -27.16 24.10 27.71
C THR GA 105 -28.50 23.81 27.03
N ASP GA 106 -28.62 24.31 25.81
CA ASP GA 106 -29.77 24.03 24.95
C ASP GA 106 -29.40 22.92 23.96
N GLU GA 107 -30.26 22.71 22.97
CA GLU GA 107 -30.03 21.64 21.99
C GLU GA 107 -28.81 21.92 21.12
N LEU GA 108 -28.74 23.11 20.54
CA LEU GA 108 -27.75 23.42 19.52
C LEU GA 108 -26.47 24.03 20.07
N THR GA 109 -26.39 24.27 21.37
CA THR GA 109 -25.18 24.86 21.95
C THR GA 109 -24.24 23.75 22.39
N PRO GA 110 -23.02 23.67 21.84
CA PRO GA 110 -22.09 22.64 22.28
C PRO GA 110 -21.52 22.95 23.66
N VAL GA 111 -21.14 21.89 24.37
CA VAL GA 111 -20.49 21.99 25.67
C VAL GA 111 -19.11 21.38 25.55
N GLU GA 112 -18.13 22.00 26.21
CA GLU GA 112 -16.78 21.45 26.19
C GLU GA 112 -16.73 20.15 26.99
N SER GA 113 -16.07 19.15 26.42
CA SER GA 113 -16.02 17.83 27.04
C SER GA 113 -15.07 17.82 28.23
N SER GA 114 -15.19 16.78 29.06
CA SER GA 114 -14.41 16.66 30.28
C SER GA 114 -13.49 15.45 30.26
N VAL GA 115 -13.21 14.88 29.08
CA VAL GA 115 -12.30 13.74 29.00
C VAL GA 115 -10.86 14.15 29.22
N SER GA 116 -10.54 15.45 29.09
CA SER GA 116 -9.22 15.94 29.43
C SER GA 116 -9.00 16.03 30.94
N VAL GA 117 -10.07 15.96 31.73
CA VAL GA 117 -10.00 16.02 33.19
C VAL GA 117 -10.29 14.65 33.82
N TYR GA 118 -11.49 14.12 33.59
CA TYR GA 118 -11.87 12.80 34.06
C TYR GA 118 -12.10 11.90 32.86
N LYS GA 119 -11.41 10.75 32.84
CA LYS GA 119 -11.53 9.84 31.71
C LYS GA 119 -12.82 9.03 31.74
N ALA GA 120 -13.45 8.90 32.92
CA ALA GA 120 -14.72 8.17 33.01
C ALA GA 120 -15.81 8.85 32.19
N ALA GA 121 -15.77 10.17 32.10
CA ALA GA 121 -16.69 10.92 31.26
C ALA GA 121 -16.60 10.52 29.79
N ASN GA 122 -15.47 9.92 29.39
CA ASN GA 122 -15.31 9.32 28.05
C ASN GA 122 -16.47 8.41 27.69
N TRP GA 123 -17.08 7.75 28.67
CA TRP GA 123 -18.35 7.09 28.42
C TRP GA 123 -19.54 7.95 28.78
N TYR GA 124 -19.46 8.67 29.91
CA TYR GA 124 -20.66 9.17 30.59
C TYR GA 124 -21.41 10.18 29.74
N GLU GA 125 -20.72 11.28 29.35
CA GLU GA 125 -21.35 12.29 28.51
C GLU GA 125 -21.72 11.73 27.15
N ARG GA 126 -21.02 10.67 26.71
CA ARG GA 126 -21.39 10.00 25.47
C ARG GA 126 -22.80 9.44 25.57
N GLU GA 127 -23.10 8.80 26.71
CA GLU GA 127 -24.45 8.32 26.97
C GLU GA 127 -25.45 9.47 26.98
N ILE GA 128 -25.01 10.65 27.43
CA ILE GA 128 -25.87 11.84 27.43
C ILE GA 128 -26.31 12.17 26.01
N TRP GA 129 -25.37 12.10 25.06
CA TRP GA 129 -25.74 12.36 23.67
C TRP GA 129 -26.68 11.29 23.15
N ASP GA 130 -26.58 10.07 23.68
CA ASP GA 130 -27.49 9.01 23.29
C ASP GA 130 -28.90 9.25 23.82
N MET GA 131 -29.03 10.00 24.92
CA MET GA 131 -30.31 10.09 25.59
C MET GA 131 -31.00 11.43 25.43
N PHE GA 132 -30.25 12.53 25.39
CA PHE GA 132 -30.84 13.86 25.35
C PHE GA 132 -30.58 14.60 24.05
N GLY GA 133 -29.39 14.49 23.49
CA GLY GA 133 -29.01 15.24 22.32
C GLY GA 133 -28.03 16.36 22.56
N VAL GA 134 -27.43 16.44 23.74
CA VAL GA 134 -26.43 17.45 24.01
C VAL GA 134 -25.13 17.07 23.32
N PHE GA 135 -24.66 17.94 22.42
CA PHE GA 135 -23.41 17.67 21.72
C PHE GA 135 -22.24 18.14 22.56
N PHE GA 136 -21.20 17.31 22.63
CA PHE GA 136 -20.01 17.61 23.40
C PHE GA 136 -18.82 17.82 22.46
N ALA GA 137 -18.15 18.95 22.62
CA ALA GA 137 -17.08 19.32 21.70
C ALA GA 137 -15.80 18.55 22.03
N ASN GA 138 -15.09 18.14 20.97
CA ASN GA 138 -13.79 17.47 21.04
C ASN GA 138 -13.87 16.15 21.81
N HIS GA 139 -14.98 15.43 21.66
CA HIS GA 139 -15.06 14.09 22.21
C HIS GA 139 -14.26 13.13 21.33
N PRO GA 140 -13.52 12.19 21.93
CA PRO GA 140 -12.68 11.28 21.13
C PRO GA 140 -13.48 10.30 20.28
N ASP GA 141 -14.50 9.67 20.87
CA ASP GA 141 -15.30 8.65 20.19
C ASP GA 141 -16.72 8.86 20.70
N LEU GA 142 -17.51 9.59 19.93
CA LEU GA 142 -18.89 9.92 20.29
C LEU GA 142 -19.83 9.13 19.39
N ARG GA 143 -20.50 8.13 19.97
CA ARG GA 143 -21.51 7.37 19.26
C ARG GA 143 -22.50 6.80 20.27
N ARG GA 144 -23.65 6.37 19.75
CA ARG GA 144 -24.73 5.90 20.61
C ARG GA 144 -24.33 4.62 21.34
N ILE GA 145 -24.65 4.55 22.62
CA ILE GA 145 -24.20 3.47 23.47
C ILE GA 145 -25.34 2.67 24.10
N LEU GA 146 -26.56 3.21 24.15
CA LEU GA 146 -27.66 2.52 24.80
C LEU GA 146 -28.81 2.18 23.87
N THR GA 147 -29.20 3.10 22.99
CA THR GA 147 -30.34 2.89 22.12
C THR GA 147 -29.96 2.02 20.93
N ASP GA 148 -30.94 1.73 20.08
CA ASP GA 148 -30.72 0.93 18.89
C ASP GA 148 -29.87 1.69 17.88
N TYR GA 149 -29.29 0.93 16.94
CA TYR GA 149 -28.41 1.52 15.94
C TYR GA 149 -29.18 2.44 15.00
N GLY GA 150 -30.35 2.02 14.55
CA GLY GA 150 -31.18 2.81 13.66
C GLY GA 150 -32.17 3.72 14.34
N PHE GA 151 -32.05 3.91 15.66
CA PHE GA 151 -33.02 4.72 16.39
C PHE GA 151 -32.85 6.19 16.07
N GLU GA 152 -33.96 6.86 15.77
CA GLU GA 152 -33.99 8.30 15.54
C GLU GA 152 -34.76 8.96 16.67
N GLY GA 153 -34.17 10.00 17.24
CA GLY GA 153 -34.80 10.68 18.35
C GLY GA 153 -34.11 10.38 19.66
N HIS GA 154 -34.25 11.30 20.61
CA HIS GA 154 -33.62 11.18 21.91
C HIS GA 154 -34.67 10.85 22.95
N PRO GA 155 -34.61 9.68 23.58
CA PRO GA 155 -35.76 9.19 24.38
C PRO GA 155 -35.93 9.88 25.72
N PHE GA 156 -34.85 10.36 26.33
CA PHE GA 156 -34.96 10.90 27.68
C PHE GA 156 -35.43 12.35 27.71
N ARG GA 157 -35.67 12.96 26.56
CA ARG GA 157 -36.34 14.25 26.54
C ARG GA 157 -37.79 14.07 26.97
N LYS GA 158 -38.32 15.06 27.70
CA LYS GA 158 -39.66 14.94 28.25
C LYS GA 158 -40.74 15.07 27.17
N ASP GA 159 -40.41 15.64 26.02
CA ASP GA 159 -41.36 15.68 24.91
C ASP GA 159 -41.43 14.37 24.14
N PHE GA 160 -40.48 13.46 24.36
CA PHE GA 160 -40.56 12.13 23.77
C PHE GA 160 -41.56 11.29 24.55
N PRO GA 161 -42.45 10.55 23.88
CA PRO GA 161 -43.44 9.76 24.60
C PRO GA 161 -42.81 8.56 25.30
N LEU GA 162 -43.58 7.98 26.23
CA LEU GA 162 -43.13 6.81 26.96
C LEU GA 162 -42.89 5.63 26.02
N SER GA 163 -43.95 5.15 25.38
CA SER GA 163 -43.78 4.21 24.29
C SER GA 163 -43.20 4.93 23.08
N GLY GA 164 -42.36 4.23 22.33
CA GLY GA 164 -41.67 4.84 21.21
C GLY GA 164 -42.56 5.08 20.01
N TYR GA 165 -41.95 5.34 18.85
CA TYR GA 165 -42.71 5.54 17.63
C TYR GA 165 -42.70 4.33 16.72
N VAL GA 166 -41.81 3.36 16.95
CA VAL GA 166 -41.73 2.14 16.16
C VAL GA 166 -41.61 0.96 17.10
N GLU GA 167 -42.21 -0.17 16.68
CA GLU GA 167 -42.11 -1.42 17.41
C GLU GA 167 -41.71 -2.53 16.44
N LEU GA 168 -40.95 -3.49 16.95
CA LEU GA 168 -40.34 -4.53 16.13
C LEU GA 168 -41.20 -5.79 16.14
N ARG GA 169 -41.21 -6.47 14.99
CA ARG GA 169 -41.84 -7.78 14.90
C ARG GA 169 -41.19 -8.56 13.78
N TYR GA 170 -41.20 -9.88 13.91
CA TYR GA 170 -40.66 -10.75 12.87
C TYR GA 170 -41.69 -10.91 11.75
N ASP GA 171 -41.20 -10.92 10.51
CA ASP GA 171 -42.06 -11.03 9.34
C ASP GA 171 -41.55 -12.18 8.48
N ASP GA 172 -42.43 -13.14 8.24
CA ASP GA 172 -42.12 -14.28 7.38
C ASP GA 172 -42.14 -13.89 5.90
N GLU GA 173 -42.84 -12.80 5.56
CA GLU GA 173 -42.91 -12.34 4.17
C GLU GA 173 -41.54 -11.93 3.66
N VAL GA 174 -40.75 -11.26 4.50
CA VAL GA 174 -39.39 -10.86 4.16
C VAL GA 174 -38.35 -11.59 4.98
N LYS GA 175 -38.77 -12.50 5.87
CA LYS GA 175 -37.88 -13.26 6.77
C LYS GA 175 -36.99 -12.33 7.60
N ARG GA 176 -37.58 -11.26 8.12
CA ARG GA 176 -36.76 -10.20 8.71
C ARG GA 176 -37.51 -9.57 9.88
N VAL GA 177 -36.75 -9.00 10.81
CA VAL GA 177 -37.33 -8.25 11.92
C VAL GA 177 -37.52 -6.82 11.45
N VAL GA 178 -38.78 -6.38 11.37
CA VAL GA 178 -39.12 -5.09 10.79
C VAL GA 178 -39.74 -4.21 11.85
N ALA GA 179 -39.70 -2.90 11.58
CA ALA GA 179 -40.25 -1.88 12.45
C ALA GA 179 -41.56 -1.37 11.86
N GLU GA 180 -42.59 -1.32 12.69
CA GLU GA 180 -43.93 -0.90 12.32
C GLU GA 180 -44.36 0.23 13.23
N PRO GA 181 -45.33 1.05 12.81
CA PRO GA 181 -45.88 2.07 13.71
C PRO GA 181 -46.51 1.44 14.94
N VAL GA 182 -46.35 2.12 16.07
CA VAL GA 182 -46.71 1.53 17.36
C VAL GA 182 -48.21 1.45 17.51
N GLU GA 183 -48.69 0.25 17.86
CA GLU GA 183 -50.11 0.02 18.12
C GLU GA 183 -50.20 -0.88 19.34
N LEU GA 184 -50.57 -0.31 20.49
CA LEU GA 184 -50.62 -1.05 21.74
C LEU GA 184 -51.96 -1.77 21.88
N ALA GA 185 -51.90 -2.97 22.46
CA ALA GA 185 -53.12 -3.71 22.72
C ALA GA 185 -53.95 -3.04 23.82
N GLN GA 186 -53.30 -2.39 24.77
CA GLN GA 186 -53.96 -1.63 25.81
C GLN GA 186 -53.25 -0.30 25.99
N GLU GA 187 -54.02 0.78 26.07
CA GLU GA 187 -53.44 2.11 26.26
C GLU GA 187 -52.86 2.24 27.66
N PHE GA 188 -51.76 2.98 27.75
CA PHE GA 188 -51.15 3.31 29.03
C PHE GA 188 -52.08 4.26 29.79
N ARG GA 189 -52.68 3.77 30.87
CA ARG GA 189 -53.66 4.54 31.63
C ARG GA 189 -52.96 5.66 32.39
N LYS GA 190 -53.21 6.90 31.99
CA LYS GA 190 -52.61 8.05 32.64
C LYS GA 190 -53.39 8.38 33.91
N PHE GA 191 -52.68 8.48 35.03
CA PHE GA 191 -53.29 8.72 36.34
C PHE GA 191 -53.02 10.14 36.80
N ASP GA 192 -54.05 10.79 37.31
CA ASP GA 192 -53.94 12.13 37.90
C ASP GA 192 -53.83 11.94 39.41
N LEU GA 193 -52.61 11.97 39.92
CA LEU GA 193 -52.34 11.66 41.32
C LEU GA 193 -52.00 12.90 42.16
N ASN GA 194 -51.97 14.09 41.56
CA ASN GA 194 -51.58 15.28 42.30
C ASN GA 194 -52.74 15.77 43.17
N SER GA 195 -52.49 15.89 44.47
CA SER GA 195 -53.49 16.46 45.37
C SER GA 195 -53.60 17.95 45.13
N PRO GA 196 -54.82 18.52 45.08
CA PRO GA 196 -54.96 19.93 44.75
C PRO GA 196 -54.77 20.89 45.91
N TRP GA 197 -54.18 20.45 47.02
CA TRP GA 197 -53.93 21.31 48.15
C TRP GA 197 -52.44 21.66 48.22
N GLU GA 198 -52.13 22.70 48.98
CA GLU GA 198 -50.78 23.23 49.06
C GLU GA 198 -49.87 22.22 49.75
N ALA GA 199 -48.76 21.88 49.10
CA ALA GA 199 -47.92 20.78 49.57
C ALA GA 199 -47.09 21.18 50.78
N PHE GA 200 -46.21 22.17 50.61
CA PHE GA 200 -45.33 22.61 51.68
C PHE GA 200 -45.34 24.14 51.73
N PRO GA 201 -45.48 24.74 52.90
CA PRO GA 201 -45.53 26.20 52.99
C PRO GA 201 -44.17 26.84 52.81
N ALA GA 202 -43.11 26.12 53.19
CA ALA GA 202 -41.76 26.68 53.11
C ALA GA 202 -41.26 26.79 51.67
N TYR GA 203 -41.85 26.04 50.75
CA TYR GA 203 -41.49 26.08 49.34
C TYR GA 203 -42.52 26.84 48.52
N ARG GA 204 -43.10 27.89 49.08
CA ARG GA 204 -44.14 28.65 48.39
C ARG GA 204 -43.51 29.70 47.49
N GLN GA 205 -43.74 29.56 46.19
CA GLN GA 205 -43.27 30.57 45.26
C GLN GA 205 -44.12 31.84 45.36
N PRO GA 206 -43.51 33.01 45.17
CA PRO GA 206 -44.31 34.24 45.12
C PRO GA 206 -45.20 34.25 43.88
N PRO GA 207 -46.37 34.87 43.97
CA PRO GA 207 -47.29 34.88 42.83
C PRO GA 207 -46.89 35.96 41.82
N GLU GA 208 -47.73 36.09 40.79
CA GLU GA 208 -47.51 37.10 39.76
C GLU GA 208 -48.03 38.46 40.19
N VAL HA 1 -47.07 -47.98 12.77
CA VAL HA 1 -46.23 -46.80 12.93
C VAL HA 1 -46.50 -46.14 14.27
N ALA HA 2 -47.48 -46.69 15.00
CA ALA HA 2 -47.85 -46.12 16.30
C ALA HA 2 -46.75 -46.35 17.34
N LYS HA 3 -46.15 -47.54 17.34
CA LYS HA 3 -45.11 -47.83 18.33
C LYS HA 3 -43.79 -47.16 17.99
N LEU HA 4 -43.47 -47.01 16.70
CA LEU HA 4 -42.26 -46.27 16.32
C LEU HA 4 -42.39 -44.80 16.67
N ASP HA 5 -43.61 -44.26 16.60
CA ASP HA 5 -43.87 -42.92 17.11
C ASP HA 5 -43.66 -42.87 18.62
N ASP HA 6 -44.03 -43.93 19.33
CA ASP HA 6 -43.80 -43.98 20.77
C ASP HA 6 -42.31 -44.06 21.11
N LEU HA 7 -41.49 -44.57 20.19
CA LEU HA 7 -40.06 -44.70 20.46
C LEU HA 7 -39.37 -43.36 20.30
N ILE HA 8 -39.53 -42.70 19.15
CA ILE HA 8 -38.81 -41.46 18.89
C ILE HA 8 -39.32 -40.31 19.75
N ASN HA 9 -40.54 -40.41 20.28
CA ASN HA 9 -40.98 -39.43 21.26
C ASN HA 9 -40.29 -39.63 22.60
N TRP HA 10 -39.98 -40.89 22.93
CA TRP HA 10 -39.25 -41.17 24.17
C TRP HA 10 -37.79 -40.75 24.06
N ALA HA 11 -37.20 -40.88 22.87
CA ALA HA 11 -35.79 -40.53 22.70
C ALA HA 11 -35.57 -39.03 22.75
N ARG HA 12 -36.49 -38.26 22.17
CA ARG HA 12 -36.32 -36.81 22.14
C ARG HA 12 -36.66 -36.16 23.47
N ARG HA 13 -37.63 -36.70 24.21
CA ARG HA 13 -38.07 -36.06 25.44
C ARG HA 13 -37.19 -36.39 26.64
N SER HA 14 -36.37 -37.43 26.55
CA SER HA 14 -35.52 -37.82 27.67
C SER HA 14 -34.07 -37.38 27.49
N SER HA 15 -33.75 -36.66 26.42
CA SER HA 15 -32.41 -36.16 26.19
C SER HA 15 -32.46 -34.73 25.67
N LEU HA 16 -33.30 -33.90 26.28
CA LEU HA 16 -33.42 -32.51 25.87
C LEU HA 16 -32.13 -31.76 26.17
N TRP HA 17 -31.63 -31.02 25.20
CA TRP HA 17 -30.39 -30.26 25.35
C TRP HA 17 -30.71 -28.78 25.20
N PRO HA 18 -30.86 -28.03 26.27
CA PRO HA 18 -31.14 -26.60 26.17
C PRO HA 18 -29.86 -25.83 25.83
N MET HA 19 -30.05 -24.56 25.53
CA MET HA 19 -28.94 -23.69 25.16
C MET HA 19 -28.79 -22.57 26.18
N THR HA 20 -27.56 -22.09 26.33
CA THR HA 20 -27.23 -21.08 27.35
C THR HA 20 -27.61 -19.69 26.84
N PHE HA 21 -28.92 -19.44 26.83
CA PHE HA 21 -29.47 -18.17 26.39
C PHE HA 21 -30.24 -17.55 27.55
N GLY HA 22 -29.52 -16.83 28.40
CA GLY HA 22 -30.13 -16.01 29.42
C GLY HA 22 -29.79 -14.56 29.21
N LEU HA 23 -30.55 -13.64 29.78
CA LEU HA 23 -30.31 -12.22 29.58
C LEU HA 23 -30.34 -11.39 30.86
N ALA HA 24 -30.99 -11.85 31.92
CA ALA HA 24 -31.33 -11.00 33.05
C ALA HA 24 -31.45 -11.80 34.34
N CYS HA 25 -32.27 -11.28 35.26
CA CYS HA 25 -32.57 -11.93 36.54
C CYS HA 25 -32.87 -13.41 36.34
N CYS HA 26 -33.70 -13.67 35.32
CA CYS HA 26 -34.22 -15.00 35.02
C CYS HA 26 -33.11 -15.96 34.64
N ALA HA 27 -32.00 -15.46 34.08
CA ALA HA 27 -30.84 -16.31 33.84
C ALA HA 27 -30.23 -16.80 35.14
N VAL HA 28 -30.15 -15.93 36.15
CA VAL HA 28 -29.66 -16.36 37.46
C VAL HA 28 -30.62 -17.37 38.09
N GLU HA 29 -31.92 -17.20 37.84
CA GLU HA 29 -32.87 -18.22 38.33
C GLU HA 29 -32.67 -19.56 37.61
N MET HA 30 -32.36 -19.55 36.32
CA MET HA 30 -32.04 -20.79 35.62
C MET HA 30 -30.78 -21.45 36.19
N MET HA 31 -29.75 -20.65 36.47
CA MET HA 31 -28.54 -21.18 37.10
C MET HA 31 -28.84 -21.73 38.48
N HIS HA 32 -29.79 -21.14 39.19
CA HIS HA 32 -30.24 -21.70 40.46
C HIS HA 32 -31.00 -23.01 40.28
N MET HA 33 -31.71 -23.16 39.16
CA MET HA 33 -32.36 -24.43 38.91
C MET HA 33 -31.33 -25.52 38.62
N ALA HA 34 -30.26 -25.17 37.90
CA ALA HA 34 -29.21 -26.13 37.57
C ALA HA 34 -28.30 -26.45 38.74
N ALA HA 35 -28.57 -25.91 39.93
CA ALA HA 35 -27.82 -26.19 41.13
C ALA HA 35 -28.11 -27.61 41.60
N PRO HA 36 -27.29 -28.15 42.52
CA PRO HA 36 -27.57 -29.49 43.06
C PRO HA 36 -28.90 -29.65 43.78
N ARG HA 37 -29.57 -28.56 44.15
CA ARG HA 37 -30.86 -28.67 44.81
C ARG HA 37 -31.91 -29.28 43.88
N TYR HA 38 -31.92 -28.89 42.61
CA TYR HA 38 -32.96 -29.34 41.68
C TYR HA 38 -32.44 -30.24 40.57
N ASP HA 39 -31.20 -30.03 40.10
CA ASP HA 39 -30.44 -31.00 39.30
C ASP HA 39 -31.15 -31.35 37.99
N MET HA 40 -31.11 -30.38 37.07
CA MET HA 40 -31.62 -30.59 35.71
C MET HA 40 -31.00 -31.81 35.02
N ASP HA 41 -29.73 -32.12 35.33
CA ASP HA 41 -29.02 -33.19 34.64
C ASP HA 41 -29.61 -34.57 34.93
N ARG HA 42 -30.38 -34.70 36.00
CA ARG HA 42 -31.02 -35.98 36.27
C ARG HA 42 -32.17 -36.27 35.31
N PHE HA 43 -32.69 -35.25 34.61
CA PHE HA 43 -33.78 -35.45 33.68
C PHE HA 43 -33.30 -35.63 32.23
N GLY HA 44 -31.99 -35.83 32.03
CA GLY HA 44 -31.46 -35.82 30.69
C GLY HA 44 -31.33 -34.44 30.11
N VAL HA 45 -31.11 -33.44 30.94
CA VAL HA 45 -31.08 -32.03 30.54
C VAL HA 45 -29.68 -31.51 30.86
N VAL HA 46 -28.81 -31.43 29.86
CA VAL HA 46 -27.45 -30.96 30.03
C VAL HA 46 -27.24 -29.75 29.13
N PHE HA 47 -26.66 -28.68 29.69
CA PHE HA 47 -26.48 -27.44 28.94
C PHE HA 47 -25.46 -27.62 27.83
N ARG HA 48 -25.83 -27.16 26.63
CA ARG HA 48 -24.93 -27.13 25.48
C ARG HA 48 -24.95 -25.73 24.90
N ALA HA 49 -23.77 -25.13 24.73
CA ALA HA 49 -23.68 -23.73 24.33
C ALA HA 49 -23.93 -23.51 22.84
N SER HA 50 -23.82 -24.54 22.02
CA SER HA 50 -23.97 -24.20 20.62
C SER HA 50 -25.42 -24.41 20.17
N PRO HA 51 -25.96 -23.48 19.38
CA PRO HA 51 -27.31 -23.67 18.83
C PRO HA 51 -27.42 -24.84 17.87
N ARG HA 52 -26.32 -25.27 17.27
CA ARG HA 52 -26.36 -26.37 16.31
C ARG HA 52 -26.50 -27.74 16.97
N GLN HA 53 -26.30 -27.83 18.28
CA GLN HA 53 -26.43 -29.10 19.00
C GLN HA 53 -27.39 -28.96 20.17
N SER HA 54 -28.40 -28.09 20.03
CA SER HA 54 -29.38 -27.85 21.08
C SER HA 54 -30.77 -28.25 20.60
N ASP HA 55 -31.58 -28.73 21.54
CA ASP HA 55 -32.94 -29.15 21.25
C ASP HA 55 -33.97 -28.06 21.54
N VAL HA 56 -33.93 -27.48 22.74
CA VAL HA 56 -34.87 -26.45 23.15
C VAL HA 56 -34.09 -25.19 23.53
N MET HA 57 -34.81 -24.08 23.64
CA MET HA 57 -34.25 -22.80 24.03
C MET HA 57 -35.17 -22.15 25.03
N ILE HA 58 -34.63 -21.79 26.20
CA ILE HA 58 -35.39 -21.14 27.25
C ILE HA 58 -34.98 -19.67 27.26
N VAL HA 59 -35.86 -18.80 26.78
CA VAL HA 59 -35.57 -17.38 26.68
C VAL HA 59 -35.81 -16.75 28.06
N ALA HA 60 -34.73 -16.44 28.76
CA ALA HA 60 -34.78 -15.88 30.10
C ALA HA 60 -34.32 -14.43 30.07
N GLY HA 61 -35.19 -13.52 30.46
CA GLY HA 61 -34.84 -12.11 30.56
C GLY HA 61 -35.71 -11.25 29.68
N THR HA 62 -35.24 -10.02 29.48
CA THR HA 62 -35.96 -9.02 28.69
C THR HA 62 -35.37 -8.97 27.28
N LEU HA 63 -36.23 -9.17 26.29
CA LEU HA 63 -35.82 -9.08 24.88
C LEU HA 63 -36.02 -7.64 24.41
N THR HA 64 -34.92 -6.92 24.22
CA THR HA 64 -34.98 -5.52 23.82
C THR HA 64 -34.96 -5.40 22.30
N ASN HA 65 -35.07 -4.17 21.82
CA ASN HA 65 -35.08 -3.93 20.38
C ASN HA 65 -33.70 -4.13 19.75
N LYS HA 66 -32.64 -4.05 20.54
CA LYS HA 66 -31.30 -4.34 20.06
C LYS HA 66 -30.99 -5.83 20.07
N MET HA 67 -31.90 -6.66 20.57
CA MET HA 67 -31.67 -8.08 20.77
C MET HA 67 -32.51 -8.97 19.86
N ALA HA 68 -33.55 -8.43 19.22
CA ALA HA 68 -34.42 -9.25 18.39
C ALA HA 68 -33.74 -9.91 17.19
N PRO HA 69 -32.90 -9.23 16.38
CA PRO HA 69 -32.18 -9.98 15.33
C PRO HA 69 -31.27 -11.08 15.85
N ALA HA 70 -30.63 -10.87 17.01
CA ALA HA 70 -29.76 -11.89 17.57
C ALA HA 70 -30.55 -13.13 17.98
N LEU HA 71 -31.67 -12.93 18.67
CA LEU HA 71 -32.52 -14.06 19.06
C LEU HA 71 -33.10 -14.76 17.83
N ARG HA 72 -33.50 -13.99 16.82
CA ARG HA 72 -34.06 -14.58 15.61
C ARG HA 72 -33.03 -15.41 14.87
N LYS HA 73 -31.78 -14.92 14.76
CA LYS HA 73 -30.73 -15.69 14.10
C LYS HA 73 -30.36 -16.94 14.88
N VAL HA 74 -30.28 -16.83 16.21
CA VAL HA 74 -29.95 -17.98 17.05
C VAL HA 74 -31.04 -19.05 16.95
N TYR HA 75 -32.31 -18.64 16.95
CA TYR HA 75 -33.39 -19.60 16.77
C TYR HA 75 -33.37 -20.21 15.37
N ASP HA 76 -33.04 -19.40 14.35
CA ASP HA 76 -33.04 -19.91 12.99
C ASP HA 76 -31.85 -20.83 12.72
N GLN HA 77 -30.82 -20.81 13.55
CA GLN HA 77 -29.69 -21.72 13.38
C GLN HA 77 -29.88 -23.04 14.12
N MET HA 78 -31.00 -23.24 14.82
CA MET HA 78 -31.15 -24.50 15.53
C MET HA 78 -31.77 -25.56 14.62
N PRO HA 79 -31.29 -26.80 14.70
CA PRO HA 79 -31.85 -27.86 13.85
C PRO HA 79 -33.21 -28.33 14.32
N GLU HA 80 -34.01 -28.78 13.36
CA GLU HA 80 -35.34 -29.30 13.67
C GLU HA 80 -35.21 -30.67 14.34
N PRO HA 81 -36.09 -31.00 15.30
CA PRO HA 81 -37.16 -30.16 15.86
C PRO HA 81 -36.64 -29.19 16.92
N ARG HA 82 -37.31 -28.05 17.05
CA ARG HA 82 -36.93 -27.04 18.02
C ARG HA 82 -38.16 -26.56 18.78
N TYR HA 83 -37.99 -26.34 20.08
CA TYR HA 83 -39.05 -25.82 20.92
C TYR HA 83 -38.52 -24.61 21.68
N VAL HA 84 -39.38 -23.62 21.89
CA VAL HA 84 -39.03 -22.39 22.59
C VAL HA 84 -39.86 -22.31 23.86
N VAL HA 85 -39.20 -22.08 24.99
CA VAL HA 85 -39.86 -21.95 26.28
C VAL HA 85 -39.68 -20.50 26.74
N SER HA 86 -40.77 -19.75 26.75
CA SER HA 86 -40.73 -18.41 27.31
C SER HA 86 -40.63 -18.49 28.82
N MET HA 87 -40.00 -17.48 29.41
CA MET HA 87 -39.71 -17.53 30.84
C MET HA 87 -39.93 -16.15 31.45
N GLY HA 88 -40.34 -16.13 32.71
CA GLY HA 88 -40.54 -14.86 33.37
C GLY HA 88 -41.77 -14.13 32.84
N SER HA 89 -41.80 -12.82 33.09
CA SER HA 89 -42.81 -11.95 32.52
C SER HA 89 -42.28 -11.09 31.40
N CYS HA 90 -40.98 -10.78 31.41
CA CYS HA 90 -40.37 -9.96 30.37
C CYS HA 90 -40.44 -10.65 29.01
N ALA HA 91 -40.14 -11.95 28.97
CA ALA HA 91 -40.24 -12.70 27.73
C ALA HA 91 -41.64 -13.23 27.48
N ASN HA 92 -42.57 -13.02 28.40
CA ASN HA 92 -43.96 -13.44 28.20
C ASN HA 92 -44.78 -12.32 27.57
N GLY HA 93 -44.83 -11.15 28.20
CA GLY HA 93 -45.60 -10.05 27.66
C GLY HA 93 -44.94 -8.71 27.88
N GLY HA 94 -43.64 -8.72 28.14
CA GLY HA 94 -42.93 -7.50 28.48
C GLY HA 94 -42.83 -7.33 29.99
N GLY HA 95 -43.90 -7.68 30.70
CA GLY HA 95 -43.91 -7.65 32.15
C GLY HA 95 -43.84 -6.26 32.74
N TYR HA 96 -42.78 -6.00 33.50
CA TYR HA 96 -42.61 -4.67 34.11
C TYR HA 96 -42.35 -3.61 33.06
N TYR HA 97 -41.61 -3.95 32.01
CA TYR HA 97 -41.19 -3.00 30.98
C TYR HA 97 -42.03 -3.14 29.72
N HIS HA 98 -43.32 -3.41 29.87
CA HIS HA 98 -44.18 -3.61 28.71
C HIS HA 98 -44.36 -2.33 27.91
N TYR HA 99 -44.47 -1.19 28.59
CA TYR HA 99 -44.75 0.08 27.94
C TYR HA 99 -43.49 0.85 27.55
N SER HA 100 -42.32 0.26 27.74
CA SER HA 100 -41.07 0.96 27.44
C SER HA 100 -40.88 1.09 25.93
N TYR HA 101 -40.01 2.04 25.55
CA TYR HA 101 -39.78 2.32 24.14
C TYR HA 101 -38.85 1.34 23.47
N SER HA 102 -38.09 0.55 24.23
CA SER HA 102 -37.07 -0.32 23.66
C SER HA 102 -37.15 -1.71 24.24
N VAL HA 103 -38.37 -2.22 24.43
CA VAL HA 103 -38.60 -3.59 24.91
C VAL HA 103 -39.65 -4.23 24.02
N VAL HA 104 -39.33 -5.40 23.47
CA VAL HA 104 -40.30 -6.14 22.69
C VAL HA 104 -41.39 -6.68 23.62
N ARG HA 105 -42.65 -6.39 23.29
CA ARG HA 105 -43.78 -6.76 24.13
C ARG HA 105 -44.05 -8.26 23.96
N GLY HA 106 -43.28 -9.05 24.69
CA GLY HA 106 -43.37 -10.49 24.58
C GLY HA 106 -42.54 -11.03 23.42
N CYS HA 107 -41.78 -12.08 23.66
CA CYS HA 107 -40.92 -12.65 22.62
C CYS HA 107 -41.68 -13.56 21.67
N ASP HA 108 -43.02 -13.60 21.76
CA ASP HA 108 -43.81 -14.32 20.76
C ASP HA 108 -43.73 -13.65 19.40
N ARG HA 109 -43.49 -12.34 19.37
CA ARG HA 109 -43.45 -11.59 18.11
C ARG HA 109 -42.22 -11.95 17.28
N ILE HA 110 -41.18 -12.53 17.88
CA ILE HA 110 -39.96 -12.88 17.18
C ILE HA 110 -39.87 -14.37 16.93
N VAL HA 111 -40.15 -15.19 17.94
CA VAL HA 111 -40.03 -16.64 17.81
C VAL HA 111 -41.33 -17.29 18.25
N PRO HA 112 -41.71 -18.44 17.68
CA PRO HA 112 -42.91 -19.15 18.15
C PRO HA 112 -42.62 -19.84 19.47
N VAL HA 113 -43.41 -19.52 20.49
CA VAL HA 113 -43.17 -19.99 21.86
C VAL HA 113 -44.08 -21.17 22.12
N ASP HA 114 -43.51 -22.26 22.65
CA ASP HA 114 -44.26 -23.47 22.95
C ASP HA 114 -44.81 -23.48 24.37
N ILE HA 115 -43.96 -23.22 25.36
CA ILE HA 115 -44.33 -23.33 26.77
C ILE HA 115 -44.13 -21.97 27.42
N TYR HA 116 -45.18 -21.47 28.07
CA TYR HA 116 -45.13 -20.21 28.81
C TYR HA 116 -44.95 -20.52 30.29
N VAL HA 117 -43.91 -19.96 30.89
CA VAL HA 117 -43.63 -20.12 32.32
C VAL HA 117 -43.85 -18.76 32.98
N PRO HA 118 -44.87 -18.61 33.83
CA PRO HA 118 -45.13 -17.31 34.47
C PRO HA 118 -44.44 -17.15 35.81
N GLY HA 119 -43.95 -15.95 36.04
CA GLY HA 119 -43.25 -15.63 37.26
C GLY HA 119 -42.40 -14.40 37.06
N CYS HA 120 -41.84 -13.92 38.17
CA CYS HA 120 -40.88 -12.82 38.08
C CYS HA 120 -39.93 -12.83 39.28
N PRO HA 121 -38.88 -13.68 39.29
CA PRO HA 121 -38.68 -14.79 38.36
C PRO HA 121 -39.51 -15.99 38.80
N PRO HA 122 -39.88 -16.87 37.89
CA PRO HA 122 -40.56 -18.10 38.29
C PRO HA 122 -39.64 -18.95 39.15
N THR HA 123 -40.23 -19.63 40.13
CA THR HA 123 -39.45 -20.49 41.01
C THR HA 123 -38.91 -21.67 40.20
N ALA HA 124 -37.73 -22.16 40.62
CA ALA HA 124 -37.06 -23.23 39.89
C ALA HA 124 -37.87 -24.52 39.89
N GLU HA 125 -38.67 -24.75 40.93
CA GLU HA 125 -39.59 -25.88 40.91
C GLU HA 125 -40.68 -25.68 39.87
N ALA HA 126 -41.18 -24.45 39.73
CA ALA HA 126 -42.14 -24.15 38.67
C ALA HA 126 -41.51 -24.29 37.29
N LEU HA 127 -40.23 -23.95 37.16
CA LEU HA 127 -39.55 -24.09 35.89
C LEU HA 127 -39.36 -25.57 35.53
N LEU HA 128 -39.04 -26.38 36.55
CA LEU HA 128 -38.98 -27.83 36.35
C LEU HA 128 -40.34 -28.37 35.95
N TYR HA 129 -41.41 -27.83 36.54
CA TYR HA 129 -42.75 -28.22 36.14
C TYR HA 129 -43.03 -27.86 34.69
N GLY HA 130 -42.59 -26.68 34.26
CA GLY HA 130 -42.78 -26.28 32.87
C GLY HA 130 -42.01 -27.16 31.89
N ILE HA 131 -40.78 -27.55 32.28
CA ILE HA 131 -39.99 -28.45 31.44
C ILE HA 131 -40.62 -29.84 31.38
N LEU HA 132 -41.17 -30.31 32.50
CA LEU HA 132 -41.89 -31.59 32.51
C LEU HA 132 -43.16 -31.51 31.67
N GLN HA 133 -43.84 -30.36 31.68
CA GLN HA 133 -44.99 -30.16 30.81
C GLN HA 133 -44.59 -30.18 29.33
N LEU HA 134 -43.43 -29.59 29.01
CA LEU HA 134 -42.92 -29.68 27.64
C LEU HA 134 -42.59 -31.11 27.26
N GLN HA 135 -42.04 -31.88 28.20
CA GLN HA 135 -41.77 -33.30 27.97
C GLN HA 135 -43.05 -34.08 27.71
N LYS HA 136 -44.10 -33.79 28.48
CA LYS HA 136 -45.38 -34.44 28.25
C LYS HA 136 -46.02 -34.00 26.94
N LYS HA 137 -45.74 -32.76 26.51
CA LYS HA 137 -46.20 -32.32 25.19
C LYS HA 137 -45.47 -33.05 24.08
N ILE HA 138 -44.17 -33.30 24.25
CA ILE HA 138 -43.41 -34.09 23.28
C ILE HA 138 -43.91 -35.53 23.26
N LYS HA 139 -44.31 -36.05 24.42
CA LYS HA 139 -44.73 -37.44 24.52
C LYS HA 139 -45.98 -37.74 23.69
N ARG HA 140 -46.93 -36.81 23.69
CA ARG HA 140 -48.19 -37.01 22.97
C ARG HA 140 -48.13 -36.60 21.51
N GLU HA 141 -46.92 -36.46 20.94
CA GLU HA 141 -46.79 -36.16 19.53
C GLU HA 141 -47.23 -37.35 18.69
N LYS HA 142 -47.68 -37.07 17.47
CA LYS HA 142 -48.35 -38.06 16.64
C LYS HA 142 -47.85 -38.00 15.21
N ARG HA 143 -46.52 -37.91 15.04
CA ARG HA 143 -45.95 -37.61 13.72
C ARG HA 143 -46.17 -38.76 12.74
N LEU HA 144 -45.81 -39.98 13.14
CA LEU HA 144 -45.84 -41.10 12.20
C LEU HA 144 -47.26 -41.60 11.94
N ARG HA 145 -48.14 -41.52 12.93
CA ARG HA 145 -49.54 -41.87 12.70
C ARG HA 145 -50.19 -40.92 11.70
N ILE HA 146 -49.93 -39.62 11.85
CA ILE HA 146 -50.47 -38.63 10.91
C ILE HA 146 -49.86 -38.81 9.53
N TRP HA 147 -48.57 -39.16 9.46
CA TRP HA 147 -47.95 -39.45 8.17
C TRP HA 147 -48.58 -40.68 7.51
N TYR HA 148 -48.92 -41.69 8.31
CA TYR HA 148 -49.56 -42.88 7.76
C TYR HA 148 -50.97 -42.58 7.28
N ARG HA 149 -51.70 -41.71 8.00
CA ARG HA 149 -53.04 -41.34 7.56
C ARG HA 149 -53.01 -40.53 6.28
N ARG HA 150 -52.04 -39.63 6.13
CA ARG HA 150 -51.93 -38.81 4.93
C ARG HA 150 -51.42 -39.62 3.75
N THR IA 42 -8.28 -2.01 61.28
CA THR IA 42 -9.38 -1.63 60.41
C THR IA 42 -9.18 -2.19 59.01
N TYR IA 43 -7.92 -2.27 58.57
CA TYR IA 43 -7.58 -2.79 57.26
C TYR IA 43 -6.50 -3.85 57.38
N LYS IA 44 -6.44 -4.72 56.38
CA LYS IA 44 -5.47 -5.81 56.35
C LYS IA 44 -4.91 -5.94 54.95
N TYR IA 45 -3.72 -6.54 54.87
CA TYR IA 45 -2.98 -6.66 53.62
C TYR IA 45 -3.12 -8.09 53.08
N VAL IA 46 -4.06 -8.29 52.16
CA VAL IA 46 -4.16 -9.60 51.51
C VAL IA 46 -3.01 -9.74 50.51
N ASN IA 47 -2.37 -10.91 50.53
CA ASN IA 47 -1.23 -11.24 49.67
C ASN IA 47 -0.07 -10.27 49.86
N LEU IA 48 0.43 -10.22 51.09
CA LEU IA 48 1.63 -9.47 51.44
C LEU IA 48 2.56 -10.31 52.30
N ARG IA 49 2.78 -11.55 51.90
CA ARG IA 49 3.70 -12.42 52.61
C ARG IA 49 4.94 -12.72 51.78
N MET IA 55 17.17 -23.73 53.07
CA MET IA 55 17.21 -24.78 52.06
C MET IA 55 16.01 -25.71 52.21
N LYS IA 56 15.50 -25.82 53.45
CA LYS IA 56 14.35 -26.68 53.71
C LYS IA 56 13.10 -26.19 52.99
N SER IA 57 12.84 -24.88 53.03
CA SER IA 57 11.66 -24.34 52.37
C SER IA 57 11.77 -24.44 50.85
N VAL IA 58 12.97 -24.20 50.31
CA VAL IA 58 13.18 -24.32 48.87
C VAL IA 58 13.02 -25.77 48.41
N THR IA 59 13.53 -26.71 49.22
CA THR IA 59 13.37 -28.12 48.91
C THR IA 59 11.91 -28.56 49.01
N ASP IA 60 11.18 -28.03 49.98
CA ASP IA 60 9.75 -28.33 50.10
C ASP IA 60 8.97 -27.79 48.91
N ARG IA 61 9.31 -26.58 48.46
CA ARG IA 61 8.65 -26.01 47.28
C ARG IA 61 8.98 -26.80 46.03
N ALA IA 62 10.22 -27.24 45.88
CA ALA IA 62 10.60 -28.04 44.72
C ALA IA 62 9.93 -29.41 44.74
N ALA IA 63 9.79 -30.00 45.93
CA ALA IA 63 9.09 -31.28 46.05
C ALA IA 63 7.61 -31.13 45.78
N GLN IA 64 7.02 -29.99 46.16
CA GLN IA 64 5.63 -29.72 45.81
C GLN IA 64 5.49 -29.52 44.31
N THR IA 65 6.48 -28.90 43.66
CA THR IA 65 6.47 -28.74 42.22
C THR IA 65 6.53 -30.09 41.51
N LEU IA 66 7.44 -30.96 41.94
CA LEU IA 66 7.66 -32.21 41.23
C LEU IA 66 6.62 -33.28 41.57
N LEU IA 67 6.12 -33.30 42.81
CA LEU IA 67 5.25 -34.36 43.28
C LEU IA 67 3.80 -33.93 43.49
N TRP IA 68 3.48 -32.65 43.24
CA TRP IA 68 2.10 -32.14 43.16
C TRP IA 68 1.33 -32.34 44.47
N THR IA 69 1.84 -31.70 45.54
CA THR IA 69 1.24 -31.86 46.86
C THR IA 69 -0.13 -31.19 46.94
N GLU IA 70 -0.23 -29.93 46.52
CA GLU IA 70 -1.49 -29.20 46.65
C GLU IA 70 -2.52 -29.67 45.63
N LEU IA 71 -2.07 -30.18 44.49
CA LEU IA 71 -2.98 -30.81 43.55
C LEU IA 71 -3.60 -32.07 44.15
N ILE IA 72 -2.80 -32.84 44.89
CA ILE IA 72 -3.31 -34.01 45.62
C ILE IA 72 -4.29 -33.57 46.71
N ARG IA 73 -4.02 -32.44 47.37
CA ARG IA 73 -4.95 -31.91 48.36
C ARG IA 73 -6.30 -31.53 47.74
N GLY IA 74 -6.26 -30.84 46.60
CA GLY IA 74 -7.50 -30.48 45.92
C GLY IA 74 -8.26 -31.67 45.41
N LEU IA 75 -7.53 -32.68 44.91
CA LEU IA 75 -8.18 -33.93 44.50
C LEU IA 75 -8.80 -34.65 45.69
N GLY IA 76 -8.14 -34.60 46.84
CA GLY IA 76 -8.70 -35.19 48.04
C GLY IA 76 -9.99 -34.52 48.47
N MET IA 77 -10.06 -33.20 48.35
CA MET IA 77 -11.31 -32.51 48.64
C MET IA 77 -12.40 -32.84 47.62
N THR IA 78 -12.02 -33.00 46.34
CA THR IA 78 -12.99 -33.43 45.34
C THR IA 78 -13.54 -34.82 45.65
N LEU IA 79 -12.66 -35.74 46.07
CA LEU IA 79 -13.10 -37.08 46.44
C LEU IA 79 -13.91 -37.06 47.74
N SER IA 80 -13.65 -36.08 48.61
CA SER IA 80 -14.49 -35.90 49.79
C SER IA 80 -15.90 -35.51 49.39
N TYR IA 81 -16.03 -34.58 48.45
CA TYR IA 81 -17.37 -34.22 47.97
C TYR IA 81 -18.01 -35.32 47.13
N LEU IA 82 -17.24 -36.28 46.63
CA LEU IA 82 -17.84 -37.40 45.92
C LEU IA 82 -18.63 -38.30 46.87
N PHE IA 83 -18.14 -38.49 48.10
CA PHE IA 83 -18.68 -39.48 49.03
C PHE IA 83 -19.72 -38.92 49.99
N ARG IA 84 -20.33 -37.78 49.67
CA ARG IA 84 -21.37 -37.21 50.52
C ARG IA 84 -22.74 -37.49 49.91
N GLU IA 85 -23.78 -37.10 50.67
CA GLU IA 85 -25.15 -37.33 50.23
C GLU IA 85 -25.62 -36.16 49.38
N PRO IA 86 -25.95 -36.37 48.11
CA PRO IA 86 -26.35 -35.25 47.25
C PRO IA 86 -27.70 -34.65 47.67
N ALA IA 87 -27.83 -33.35 47.45
CA ALA IA 87 -28.99 -32.59 47.90
C ALA IA 87 -30.09 -32.51 46.85
N THR IA 88 -30.19 -33.49 45.97
CA THR IA 88 -31.21 -33.47 44.92
C THR IA 88 -32.52 -34.01 45.48
N ILE IA 89 -33.54 -33.16 45.55
CA ILE IA 89 -34.86 -33.57 46.02
C ILE IA 89 -35.64 -34.16 44.84
N ASN IA 90 -36.40 -35.21 45.13
CA ASN IA 90 -37.06 -36.01 44.10
C ASN IA 90 -38.32 -35.30 43.61
N TYR IA 91 -38.12 -34.29 42.77
CA TYR IA 91 -39.24 -33.67 42.08
C TYR IA 91 -39.76 -34.64 41.01
N PRO IA 92 -41.08 -34.70 40.78
CA PRO IA 92 -42.19 -33.96 41.41
C PRO IA 92 -42.80 -34.63 42.63
N PHE IA 93 -42.19 -35.74 43.07
CA PHE IA 93 -42.68 -36.42 44.26
C PHE IA 93 -42.24 -35.74 45.55
N GLU IA 94 -41.28 -34.82 45.47
CA GLU IA 94 -40.87 -34.00 46.58
C GLU IA 94 -40.86 -32.54 46.16
N LYS IA 95 -41.15 -31.66 47.10
CA LYS IA 95 -41.20 -30.23 46.83
C LYS IA 95 -40.25 -29.48 47.75
N GLY IA 96 -39.73 -28.37 47.23
CA GLY IA 96 -38.83 -27.53 48.00
C GLY IA 96 -39.55 -26.80 49.11
N PRO IA 97 -38.81 -26.41 50.14
CA PRO IA 97 -39.43 -25.68 51.26
C PRO IA 97 -39.91 -24.30 50.83
N LEU IA 98 -41.01 -23.86 51.44
CA LEU IA 98 -41.60 -22.58 51.13
C LEU IA 98 -42.02 -21.91 52.44
N SER IA 99 -42.77 -20.83 52.32
CA SER IA 99 -43.20 -20.02 53.44
C SER IA 99 -44.67 -19.69 53.28
N PRO IA 100 -45.39 -19.42 54.37
CA PRO IA 100 -46.80 -18.99 54.25
C PRO IA 100 -46.99 -17.64 53.57
N ARG IA 101 -45.93 -16.87 53.36
CA ARG IA 101 -46.02 -15.58 52.67
C ARG IA 101 -45.74 -15.69 51.18
N PHE IA 102 -45.73 -16.90 50.62
CA PHE IA 102 -45.28 -17.12 49.26
C PHE IA 102 -46.19 -16.43 48.24
N ARG IA 103 -45.58 -15.78 47.26
CA ARG IA 103 -46.27 -15.00 46.25
C ARG IA 103 -46.42 -15.87 45.00
N GLY IA 104 -47.63 -16.39 44.77
CA GLY IA 104 -47.87 -17.24 43.62
C GLY IA 104 -48.98 -16.77 42.70
N GLU IA 105 -50.04 -17.56 42.61
CA GLU IA 105 -51.14 -17.33 41.68
C GLU IA 105 -52.17 -16.39 42.28
N HIS IA 106 -52.67 -15.47 41.48
CA HIS IA 106 -53.67 -14.52 41.94
C HIS IA 106 -55.01 -15.21 42.17
N ALA IA 107 -55.69 -14.84 43.26
CA ALA IA 107 -56.98 -15.43 43.58
C ALA IA 107 -57.89 -14.37 44.18
N LEU IA 108 -59.18 -14.58 44.01
CA LEU IA 108 -60.22 -13.72 44.59
C LEU IA 108 -60.95 -14.52 45.66
N ARG IA 109 -60.87 -14.06 46.90
CA ARG IA 109 -61.45 -14.78 48.02
C ARG IA 109 -62.95 -14.53 48.11
N ARG IA 110 -63.58 -15.06 49.16
CA ARG IA 110 -65.01 -14.85 49.40
C ARG IA 110 -65.24 -14.80 50.90
N TYR IA 111 -66.37 -14.21 51.28
CA TYR IA 111 -66.79 -14.20 52.67
C TYR IA 111 -67.24 -15.60 53.08
N PRO IA 112 -67.29 -15.90 54.39
CA PRO IA 112 -67.84 -17.20 54.80
C PRO IA 112 -69.37 -17.25 54.80
N SER IA 113 -69.98 -16.68 53.77
CA SER IA 113 -71.41 -16.79 53.55
C SER IA 113 -71.75 -16.96 52.08
N GLY IA 114 -70.75 -17.08 51.20
CA GLY IA 114 -70.97 -17.26 49.78
C GLY IA 114 -70.84 -16.00 48.95
N GLU IA 115 -70.93 -14.83 49.57
CA GLU IA 115 -70.91 -13.56 48.86
C GLU IA 115 -69.48 -13.09 48.67
N GLU IA 116 -69.18 -12.59 47.46
CA GLU IA 116 -67.81 -12.29 47.08
C GLU IA 116 -67.26 -11.10 47.85
N ARG IA 117 -65.93 -11.04 47.94
CA ARG IA 117 -65.27 -10.10 48.83
C ARG IA 117 -64.95 -8.77 48.18
N CYS IA 118 -64.72 -8.72 46.86
CA CYS IA 118 -64.33 -7.47 46.23
C CYS IA 118 -65.50 -6.50 46.18
N ILE IA 119 -65.22 -5.26 46.55
CA ILE IA 119 -66.21 -4.20 46.68
C ILE IA 119 -65.95 -3.05 45.71
N ALA IA 120 -65.11 -3.29 44.70
CA ALA IA 120 -64.89 -2.39 43.56
C ALA IA 120 -64.35 -1.04 44.01
N CYS IA 121 -63.29 -1.08 44.80
CA CYS IA 121 -62.68 0.14 45.31
C CYS IA 121 -61.48 0.62 44.50
N LYS IA 122 -60.95 -0.23 43.61
CA LYS IA 122 -59.90 0.13 42.65
C LYS IA 122 -58.62 0.62 43.32
N LEU IA 123 -58.30 0.03 44.47
CA LEU IA 123 -56.99 0.31 45.07
C LEU IA 123 -55.90 -0.58 44.47
N CYS IA 124 -56.24 -1.81 44.10
CA CYS IA 124 -55.26 -2.72 43.52
C CYS IA 124 -54.79 -2.23 42.15
N GLU IA 125 -55.70 -1.72 41.33
CA GLU IA 125 -55.29 -1.21 40.02
C GLU IA 125 -54.64 0.16 40.12
N ALA IA 126 -54.78 0.85 41.25
CA ALA IA 126 -54.10 2.12 41.45
C ALA IA 126 -52.70 1.94 42.04
N VAL IA 127 -52.48 0.85 42.78
CA VAL IA 127 -51.17 0.57 43.36
C VAL IA 127 -50.34 -0.36 42.50
N CYS IA 128 -50.89 -0.93 41.45
CA CYS IA 128 -50.18 -1.91 40.64
C CYS IA 128 -49.06 -1.24 39.85
N PRO IA 129 -47.80 -1.64 40.06
CA PRO IA 129 -46.70 -0.97 39.34
C PRO IA 129 -46.59 -1.34 37.89
N ALA IA 130 -47.24 -2.43 37.46
CA ALA IA 130 -47.17 -2.87 36.07
C ALA IA 130 -48.42 -2.54 35.27
N GLN IA 131 -49.44 -1.96 35.92
CA GLN IA 131 -50.74 -1.67 35.32
C GLN IA 131 -51.36 -2.91 34.69
N ALA IA 132 -51.24 -4.04 35.39
CA ALA IA 132 -51.74 -5.31 34.90
C ALA IA 132 -53.19 -5.57 35.25
N ILE IA 133 -53.80 -4.72 36.08
CA ILE IA 133 -55.16 -4.92 36.56
C ILE IA 133 -56.08 -3.93 35.87
N THR IA 134 -57.16 -4.43 35.30
CA THR IA 134 -58.20 -3.61 34.68
C THR IA 134 -59.53 -3.91 35.38
N ILE IA 135 -60.15 -2.87 35.93
CA ILE IA 135 -61.39 -2.99 36.68
C ILE IA 135 -62.44 -2.13 36.04
N GLU IA 136 -63.62 -2.71 35.80
CA GLU IA 136 -64.81 -1.96 35.42
C GLU IA 136 -65.93 -2.37 36.36
N ALA IA 137 -66.59 -1.38 36.96
CA ALA IA 137 -67.52 -1.62 38.05
C ALA IA 137 -68.86 -0.96 37.78
N GLU IA 138 -69.91 -1.58 38.34
CA GLU IA 138 -71.25 -1.03 38.31
C GLU IA 138 -72.04 -1.66 39.45
N PRO IA 139 -73.06 -0.98 39.98
CA PRO IA 139 -73.89 -1.59 41.02
C PRO IA 139 -74.83 -2.64 40.41
N ARG IA 140 -74.88 -3.81 41.04
CA ARG IA 140 -75.72 -4.89 40.56
C ARG IA 140 -77.14 -4.70 41.09
N ALA IA 141 -77.96 -5.76 40.99
CA ALA IA 141 -79.40 -5.64 41.17
C ALA IA 141 -79.79 -5.27 42.60
N ASP IA 142 -79.03 -5.72 43.60
CA ASP IA 142 -79.36 -5.43 44.99
C ASP IA 142 -78.72 -4.14 45.49
N GLY IA 143 -78.03 -3.40 44.61
CA GLY IA 143 -77.43 -2.13 45.00
C GLY IA 143 -76.07 -2.23 45.63
N SER IA 144 -75.45 -3.41 45.64
CA SER IA 144 -74.14 -3.60 46.23
C SER IA 144 -73.06 -3.21 45.23
N ARG IA 145 -72.07 -2.45 45.69
CA ARG IA 145 -70.98 -1.96 44.85
C ARG IA 145 -70.04 -3.12 44.54
N ARG IA 146 -70.22 -3.75 43.39
CA ARG IA 146 -69.41 -4.88 42.97
C ARG IA 146 -68.72 -4.58 41.65
N THR IA 147 -68.03 -5.58 41.12
CA THR IA 147 -67.30 -5.45 39.86
C THR IA 147 -68.03 -6.19 38.75
N THR IA 148 -67.87 -5.70 37.53
CA THR IA 148 -68.30 -6.39 36.33
C THR IA 148 -67.16 -6.98 35.53
N ARG IA 149 -66.02 -6.29 35.47
CA ARG IA 149 -64.83 -6.80 34.82
C ARG IA 149 -63.65 -6.65 35.77
N TYR IA 150 -62.93 -7.75 36.00
CA TYR IA 150 -61.72 -7.75 36.83
C TYR IA 150 -60.70 -8.60 36.10
N ASP IA 151 -59.88 -7.97 35.27
CA ASP IA 151 -58.94 -8.65 34.40
C ASP IA 151 -57.53 -8.45 34.93
N ILE IA 152 -56.78 -9.54 35.07
CA ILE IA 152 -55.37 -9.47 35.45
C ILE IA 152 -54.55 -10.06 34.32
N ASP IA 153 -53.62 -9.25 33.79
CA ASP IA 153 -52.71 -9.68 32.74
C ASP IA 153 -51.49 -10.29 33.41
N MET IA 154 -51.47 -11.62 33.53
CA MET IA 154 -50.45 -12.31 34.30
C MET IA 154 -49.10 -12.33 33.60
N THR IA 155 -49.04 -11.99 32.33
CA THR IA 155 -47.78 -11.76 31.65
C THR IA 155 -47.25 -10.34 31.84
N LYS IA 156 -48.09 -9.45 32.37
CA LYS IA 156 -47.63 -8.12 32.78
C LYS IA 156 -47.27 -8.06 34.26
N CYS IA 157 -47.91 -8.89 35.08
CA CYS IA 157 -47.74 -8.83 36.52
C CYS IA 157 -46.33 -9.23 36.93
N ILE IA 158 -45.77 -8.49 37.89
CA ILE IA 158 -44.41 -8.72 38.35
C ILE IA 158 -44.36 -9.51 39.65
N TYR IA 159 -45.51 -9.89 40.21
CA TYR IA 159 -45.62 -10.73 41.40
C TYR IA 159 -44.90 -10.11 42.60
N CYS IA 160 -45.35 -8.90 42.96
CA CYS IA 160 -44.71 -8.15 44.04
C CYS IA 160 -45.62 -7.95 45.24
N GLY IA 161 -46.89 -8.36 45.16
CA GLY IA 161 -47.74 -8.38 46.33
C GLY IA 161 -48.18 -7.04 46.87
N PHE IA 162 -48.21 -6.01 46.04
CA PHE IA 162 -48.74 -4.73 46.49
C PHE IA 162 -50.26 -4.75 46.55
N CYS IA 163 -50.90 -5.44 45.59
CA CYS IA 163 -52.36 -5.52 45.59
C CYS IA 163 -52.88 -6.37 46.73
N GLN IA 164 -52.13 -7.40 47.15
CA GLN IA 164 -52.57 -8.23 48.25
C GLN IA 164 -52.43 -7.53 49.60
N GLU IA 165 -51.67 -6.44 49.66
CA GLU IA 165 -51.55 -5.65 50.89
C GLU IA 165 -52.31 -4.35 50.84
N ALA IA 166 -52.74 -3.89 49.67
CA ALA IA 166 -53.53 -2.68 49.54
C ALA IA 166 -55.03 -2.97 49.50
N CYS IA 167 -55.43 -4.23 49.50
CA CYS IA 167 -56.84 -4.56 49.45
C CYS IA 167 -57.46 -4.39 50.84
N PRO IA 168 -58.46 -3.52 51.02
CA PRO IA 168 -59.00 -3.27 52.35
C PRO IA 168 -59.89 -4.37 52.90
N VAL IA 169 -60.26 -5.36 52.08
CA VAL IA 169 -61.17 -6.41 52.52
C VAL IA 169 -60.56 -7.78 52.25
N ASP IA 170 -59.27 -7.79 51.90
CA ASP IA 170 -58.51 -9.01 51.61
C ASP IA 170 -59.14 -9.82 50.48
N ALA IA 171 -59.63 -9.13 49.45
CA ALA IA 171 -60.28 -9.84 48.35
C ALA IA 171 -59.26 -10.45 47.40
N ILE IA 172 -58.36 -9.64 46.85
CA ILE IA 172 -57.32 -10.16 45.98
C ILE IA 172 -56.17 -10.65 46.85
N VAL IA 173 -55.71 -11.88 46.59
CA VAL IA 173 -54.61 -12.47 47.33
C VAL IA 173 -53.66 -13.11 46.34
N GLU IA 174 -52.38 -12.76 46.43
CA GLU IA 174 -51.34 -13.52 45.76
C GLU IA 174 -51.24 -14.85 46.47
N GLY IA 175 -51.83 -15.89 45.88
CA GLY IA 175 -51.97 -17.16 46.53
C GLY IA 175 -50.69 -17.96 46.54
N PRO IA 176 -50.80 -19.24 46.84
CA PRO IA 176 -49.61 -20.06 47.02
C PRO IA 176 -49.21 -20.91 45.82
N ASN IA 177 -50.04 -20.95 44.78
CA ASN IA 177 -49.79 -21.85 43.66
C ASN IA 177 -48.72 -21.27 42.74
N PHE IA 178 -47.70 -22.08 42.44
CA PHE IA 178 -46.65 -21.70 41.52
C PHE IA 178 -46.57 -22.57 40.28
N GLU IA 179 -47.22 -23.73 40.28
CA GLU IA 179 -47.18 -24.65 39.13
C GLU IA 179 -48.44 -24.42 38.31
N PHE IA 180 -48.43 -23.32 37.54
CA PHE IA 180 -49.56 -22.95 36.70
C PHE IA 180 -49.07 -22.50 35.32
N SER IA 181 -48.02 -23.14 34.82
CA SER IA 181 -47.52 -22.84 33.49
C SER IA 181 -48.50 -23.30 32.43
N THR IA 182 -48.61 -22.52 31.35
CA THR IA 182 -49.57 -22.76 30.29
C THR IA 182 -48.84 -23.00 28.97
N GLU IA 183 -49.63 -23.20 27.92
CA GLU IA 183 -49.09 -23.43 26.58
C GLU IA 183 -49.40 -22.30 25.60
N THR IA 184 -50.46 -21.53 25.84
CA THR IA 184 -50.84 -20.43 24.96
C THR IA 184 -50.79 -19.12 25.73
N HIS IA 185 -50.55 -18.04 24.99
CA HIS IA 185 -50.41 -16.72 25.62
C HIS IA 185 -51.74 -16.24 26.20
N GLU IA 186 -52.84 -16.52 25.51
CA GLU IA 186 -54.15 -16.05 25.99
C GLU IA 186 -54.60 -16.77 27.26
N GLU IA 187 -54.04 -17.94 27.55
CA GLU IA 187 -54.42 -18.64 28.78
C GLU IA 187 -53.84 -17.99 30.03
N LEU IA 188 -52.80 -17.16 29.88
CA LEU IA 188 -52.23 -16.41 30.99
C LEU IA 188 -52.86 -15.03 31.14
N LEU IA 189 -54.11 -14.88 30.72
CA LEU IA 189 -54.82 -13.60 30.76
C LEU IA 189 -56.13 -13.84 31.51
N TYR IA 190 -56.09 -13.73 32.84
CA TYR IA 190 -57.21 -14.14 33.66
C TYR IA 190 -58.33 -13.10 33.65
N ASN IA 191 -59.56 -13.57 33.57
CA ASN IA 191 -60.73 -12.72 33.79
C ASN IA 191 -61.22 -12.89 35.22
N LYS IA 192 -62.39 -12.33 35.52
CA LYS IA 192 -62.92 -12.43 36.88
C LYS IA 192 -63.38 -13.84 37.22
N GLU IA 193 -63.94 -14.57 36.24
CA GLU IA 193 -64.41 -15.92 36.50
C GLU IA 193 -63.27 -16.86 36.85
N LYS IA 194 -62.13 -16.74 36.14
CA LYS IA 194 -60.98 -17.58 36.45
C LYS IA 194 -60.40 -17.25 37.81
N LEU IA 195 -60.36 -15.98 38.18
CA LEU IA 195 -59.85 -15.59 39.50
C LEU IA 195 -60.78 -16.09 40.61
N LEU IA 196 -62.09 -16.02 40.40
CA LEU IA 196 -63.03 -16.55 41.38
C LEU IA 196 -62.93 -18.06 41.49
N ASN IA 197 -62.71 -18.75 40.37
CA ASN IA 197 -62.52 -20.19 40.39
C ASN IA 197 -61.23 -20.57 41.11
N ASN IA 198 -60.17 -19.79 40.92
CA ASN IA 198 -58.92 -20.02 41.64
C ASN IA 198 -59.09 -19.80 43.14
N GLY IA 199 -59.86 -18.78 43.51
CA GLY IA 199 -60.13 -18.54 44.92
C GLY IA 199 -60.93 -19.67 45.55
N ASP IA 200 -61.96 -20.14 44.87
CA ASP IA 200 -62.74 -21.28 45.37
C ASP IA 200 -61.95 -22.58 45.33
N LYS IA 201 -60.94 -22.67 44.47
CA LYS IA 201 -60.08 -23.84 44.42
C LYS IA 201 -59.10 -23.86 45.59
N TRP IA 202 -58.49 -22.72 45.92
CA TRP IA 202 -57.40 -22.67 46.88
C TRP IA 202 -57.77 -21.98 48.19
N GLU IA 203 -59.07 -21.81 48.45
CA GLU IA 203 -59.51 -21.19 49.70
C GLU IA 203 -59.05 -21.98 50.92
N ALA IA 204 -59.06 -23.32 50.81
CA ALA IA 204 -58.77 -24.19 51.94
C ALA IA 204 -57.34 -24.05 52.46
N GLU IA 205 -56.42 -23.51 51.66
CA GLU IA 205 -55.08 -23.24 52.17
C GLU IA 205 -54.79 -21.75 52.25
N ILE IA 206 -55.45 -20.93 51.41
CA ILE IA 206 -55.27 -19.48 51.47
C ILE IA 206 -55.78 -18.93 52.81
N ALA IA 207 -56.92 -19.45 53.30
CA ALA IA 207 -57.42 -19.04 54.59
C ALA IA 207 -56.47 -19.43 55.72
N ALA IA 208 -55.88 -20.62 55.65
CA ALA IA 208 -54.92 -21.05 56.67
C ALA IA 208 -53.65 -20.22 56.64
N ASN IA 209 -53.17 -19.89 55.44
CA ASN IA 209 -51.98 -19.04 55.31
C ASN IA 209 -52.23 -17.65 55.85
N ILE IA 210 -53.41 -17.09 55.57
CA ILE IA 210 -53.77 -15.78 56.11
C ILE IA 210 -53.89 -15.84 57.63
N GLN IA 211 -54.48 -16.92 58.16
CA GLN IA 211 -54.58 -17.09 59.61
C GLN IA 211 -53.20 -17.20 60.25
N ALA IA 212 -52.25 -17.83 59.56
CA ALA IA 212 -50.90 -17.96 60.11
C ALA IA 212 -50.10 -16.66 60.00
N ASP IA 213 -50.36 -15.84 58.98
CA ASP IA 213 -49.48 -14.72 58.69
C ASP IA 213 -50.03 -13.35 59.09
N TYR IA 214 -51.34 -13.24 59.35
CA TYR IA 214 -51.98 -11.92 59.43
C TYR IA 214 -51.54 -11.09 60.63
N LEU IA 215 -50.91 -11.69 61.64
CA LEU IA 215 -50.49 -10.91 62.80
C LEU IA 215 -49.17 -10.19 62.58
N TYR IA 216 -48.42 -10.52 61.54
CA TYR IA 216 -47.22 -9.76 61.20
C TYR IA 216 -47.52 -8.50 60.43
N ARG IA 217 -48.74 -8.35 59.90
CA ARG IA 217 -49.11 -7.18 59.12
C ARG IA 217 -49.73 -6.10 59.99
N PRO JA 1 -100.73 48.04 108.71
CA PRO JA 1 -99.77 47.27 109.51
C PRO JA 1 -98.68 46.62 108.66
N PHE JA 2 -97.69 46.02 109.31
CA PHE JA 2 -96.61 45.33 108.63
C PHE JA 2 -96.80 43.84 108.79
N ASP JA 3 -96.98 43.14 107.67
CA ASP JA 3 -97.19 41.69 107.67
C ASP JA 3 -96.10 41.04 106.82
N ASN JA 4 -95.42 40.04 107.41
CA ASN JA 4 -94.39 39.30 106.70
C ASN JA 4 -94.48 37.81 106.99
N THR JA 5 -95.69 37.30 107.22
CA THR JA 5 -95.91 35.90 107.55
C THR JA 5 -96.83 35.17 106.60
N THR JA 6 -97.32 35.85 105.55
CA THR JA 6 -98.24 35.25 104.59
C THR JA 6 -97.67 35.39 103.18
N TYR JA 7 -97.83 34.34 102.38
CA TYR JA 7 -97.42 34.35 100.98
C TYR JA 7 -98.46 35.10 100.18
N LYS JA 8 -98.17 36.35 99.82
CA LYS JA 8 -99.15 37.20 99.16
C LYS JA 8 -99.34 36.86 97.69
N ASN JA 9 -98.41 36.12 97.08
CA ASN JA 9 -98.49 35.80 95.65
C ASN JA 9 -99.28 34.52 95.45
N LEU JA 10 -100.59 34.63 95.70
CA LEU JA 10 -101.51 33.52 95.51
C LEU JA 10 -102.34 33.66 94.24
N GLN JA 11 -101.98 34.59 93.35
CA GLN JA 11 -102.74 34.78 92.14
C GLN JA 11 -102.51 33.66 91.13
N HIS JA 12 -101.32 33.04 91.16
CA HIS JA 12 -100.93 32.06 90.16
C HIS JA 12 -101.71 30.76 90.26
N HIS JA 13 -102.51 30.56 91.30
CA HIS JA 13 -103.43 29.43 91.37
C HIS JA 13 -104.67 29.64 90.51
N ASP JA 14 -104.87 30.83 89.96
CA ASP JA 14 -106.06 31.15 89.17
C ASP JA 14 -105.70 31.52 87.74
N TYR JA 15 -104.82 30.74 87.12
CA TYR JA 15 -104.41 30.95 85.75
C TYR JA 15 -104.76 29.73 84.91
N SER JA 16 -105.38 29.96 83.77
CA SER JA 16 -105.73 28.90 82.84
C SER JA 16 -104.58 28.70 81.84
N THR JA 17 -104.84 27.96 80.77
CA THR JA 17 -103.84 27.73 79.72
C THR JA 17 -103.82 28.84 78.69
N TYR JA 18 -104.67 29.86 78.83
CA TYR JA 18 -104.75 30.95 77.86
C TYR JA 18 -104.55 32.31 78.51
N THR JA 19 -103.92 32.37 79.68
CA THR JA 19 -103.80 33.63 80.41
C THR JA 19 -102.83 34.58 79.72
N PHE JA 20 -101.65 34.09 79.34
CA PHE JA 20 -100.60 34.92 78.76
C PHE JA 20 -101.04 35.49 77.42
N LEU JA 21 -101.63 34.67 76.56
CA LEU JA 21 -101.98 35.09 75.21
C LEU JA 21 -103.16 36.06 75.23
N ASP JA 22 -104.16 35.79 76.07
CA ASP JA 22 -105.28 36.72 76.21
C ASP JA 22 -104.84 38.02 76.85
N LEU JA 23 -103.90 37.97 77.79
CA LEU JA 23 -103.36 39.19 78.37
C LEU JA 23 -102.60 40.01 77.34
N ASN JA 24 -101.85 39.35 76.46
CA ASN JA 24 -101.17 40.06 75.37
C ASN JA 24 -102.17 40.67 74.40
N LEU JA 25 -103.25 39.96 74.10
CA LEU JA 25 -104.29 40.50 73.22
C LEU JA 25 -104.97 41.71 73.86
N ASP JA 26 -105.20 41.67 75.17
CA ASP JA 26 -105.74 42.83 75.88
C ASP JA 26 -104.75 43.97 75.93
N LEU JA 27 -103.45 43.67 76.00
CA LEU JA 27 -102.42 44.70 76.11
C LEU JA 27 -102.03 45.31 74.77
N SER JA 28 -102.42 44.68 73.65
CA SER JA 28 -102.03 45.18 72.34
C SER JA 28 -102.64 46.55 72.02
N LYS JA 29 -103.72 46.94 72.69
CA LYS JA 29 -104.34 48.23 72.41
C LYS JA 29 -103.55 49.41 72.96
N PHE JA 30 -102.64 49.17 73.90
CA PHE JA 30 -101.81 50.22 74.46
C PHE JA 30 -100.55 50.50 73.65
N ARG JA 31 -100.25 49.67 72.66
CA ARG JA 31 -98.96 49.71 71.99
C ARG JA 31 -98.98 50.65 70.78
N MET JA 32 -97.83 51.26 70.52
CA MET JA 32 -97.67 52.13 69.37
C MET JA 32 -97.57 51.33 68.08
N PRO JA 33 -97.80 51.97 66.93
CA PRO JA 33 -97.49 51.31 65.65
C PRO JA 33 -96.01 50.96 65.54
N GLN JA 34 -95.74 49.79 64.97
CA GLN JA 34 -94.40 49.27 64.86
C GLN JA 34 -93.67 49.89 63.66
N PRO JA 35 -92.34 49.93 63.69
CA PRO JA 35 -91.59 50.42 62.53
C PRO JA 35 -91.69 49.46 61.36
N SER JA 36 -91.45 50.00 60.17
CA SER JA 36 -91.54 49.25 58.92
C SER JA 36 -90.15 49.06 58.32
N SER JA 37 -89.94 47.89 57.72
CA SER JA 37 -88.66 47.56 57.09
C SER JA 37 -88.63 47.92 55.61
N GLY JA 38 -89.69 48.48 55.07
CA GLY JA 38 -89.73 48.86 53.67
C GLY JA 38 -90.16 47.77 52.72
N ARG JA 39 -90.51 46.59 53.23
CA ARG JA 39 -90.97 45.50 52.37
C ARG JA 39 -91.86 44.57 53.17
N GLU JA 40 -92.65 43.77 52.46
CA GLU JA 40 -93.55 42.82 53.11
C GLU JA 40 -92.77 41.72 53.81
N SER JA 41 -91.70 41.23 53.19
CA SER JA 41 -90.91 40.13 53.74
C SER JA 41 -89.54 40.16 53.07
N PRO JA 42 -88.52 39.59 53.71
CA PRO JA 42 -87.23 39.43 53.01
C PRO JA 42 -87.30 38.55 51.77
N ARG JA 43 -88.27 37.64 51.69
CA ARG JA 43 -88.49 36.87 50.47
C ARG JA 43 -89.49 37.51 49.53
N HIS JA 44 -89.98 38.71 49.85
CA HIS JA 44 -90.87 39.44 48.96
C HIS JA 44 -90.08 40.43 48.10
N GLY KA 1 -77.45 -20.99 40.04
CA GLY KA 1 -78.51 -21.13 39.06
C GLY KA 1 -78.22 -20.38 37.77
N VAL KA 2 -77.35 -20.98 36.94
CA VAL KA 2 -76.98 -20.36 35.67
C VAL KA 2 -78.14 -20.48 34.68
N ARG KA 3 -78.37 -19.42 33.92
CA ARG KA 3 -79.35 -19.43 32.86
C ARG KA 3 -78.67 -19.67 31.52
N THR KA 4 -79.40 -20.29 30.59
CA THR KA 4 -78.86 -20.73 29.32
C THR KA 4 -79.49 -19.91 28.21
N SER KA 5 -78.67 -19.07 27.56
CA SER KA 5 -79.08 -18.42 26.33
C SER KA 5 -79.21 -19.49 25.24
N PRO KA 6 -80.17 -19.34 24.30
CA PRO KA 6 -80.41 -20.42 23.34
C PRO KA 6 -79.41 -20.49 22.18
N THR KA 7 -78.30 -19.77 22.31
CA THR KA 7 -77.13 -20.02 21.47
C THR KA 7 -76.26 -21.14 22.02
N GLY KA 8 -76.55 -21.63 23.23
CA GLY KA 8 -75.80 -22.69 23.86
C GLY KA 8 -74.85 -22.24 24.94
N GLU KA 9 -74.51 -20.96 24.98
CA GLU KA 9 -73.54 -20.46 25.95
C GLU KA 9 -74.18 -20.24 27.31
N LYS KA 10 -73.44 -20.58 28.36
CA LYS KA 10 -73.85 -20.22 29.72
C LYS KA 10 -73.64 -18.72 29.94
N VAL KA 11 -74.37 -18.18 30.90
CA VAL KA 11 -74.35 -16.74 31.18
C VAL KA 11 -73.67 -16.52 32.53
N THR KA 12 -72.69 -15.62 32.54
CA THR KA 12 -71.97 -15.28 33.75
C THR KA 12 -72.86 -14.48 34.71
N HIS KA 13 -72.37 -14.28 35.93
CA HIS KA 13 -73.13 -13.53 36.92
C HIS KA 13 -73.20 -12.04 36.60
N THR KA 14 -72.32 -11.54 35.72
CA THR KA 14 -72.39 -10.16 35.27
C THR KA 14 -73.39 -9.95 34.15
N GLY KA 15 -74.05 -11.01 33.69
CA GLY KA 15 -75.04 -10.90 32.64
C GLY KA 15 -74.50 -10.96 31.23
N GLN KA 16 -73.18 -11.09 31.06
CA GLN KA 16 -72.60 -11.12 29.72
C GLN KA 16 -72.89 -12.46 29.05
N VAL KA 17 -73.33 -12.41 27.80
CA VAL KA 17 -73.45 -13.59 26.96
C VAL KA 17 -73.35 -13.16 25.50
N TYR KA 18 -72.55 -13.87 24.72
CA TYR KA 18 -72.35 -13.53 23.32
C TYR KA 18 -73.60 -13.84 22.51
N ASP KA 19 -73.92 -12.94 21.58
CA ASP KA 19 -75.11 -13.11 20.75
C ASP KA 19 -74.88 -14.22 19.73
N ASP KA 20 -75.98 -14.67 19.12
CA ASP KA 20 -75.91 -15.79 18.18
C ASP KA 20 -75.17 -15.42 16.90
N GLU KA 21 -75.17 -14.15 16.52
CA GLU KA 21 -74.48 -13.71 15.32
C GLU KA 21 -73.07 -13.23 15.58
N ASP KA 22 -72.61 -13.23 16.83
CA ASP KA 22 -71.27 -12.76 17.15
C ASP KA 22 -70.23 -13.77 16.68
N TYR KA 23 -69.20 -13.27 15.99
CA TYR KA 23 -68.16 -14.16 15.50
C TYR KA 23 -67.23 -14.63 16.60
N ARG KA 24 -67.15 -13.87 17.71
CA ARG KA 24 -66.22 -14.18 18.78
C ARG KA 24 -66.53 -15.48 19.49
N ARG KA 25 -67.73 -16.04 19.30
CA ARG KA 25 -68.05 -17.37 19.80
C ARG KA 25 -67.15 -18.45 19.21
N VAL KA 26 -66.50 -18.17 18.08
CA VAL KA 26 -65.55 -19.12 17.52
C VAL KA 26 -64.32 -19.29 18.41
N ARG KA 27 -64.11 -18.39 19.38
CA ARG KA 27 -63.05 -18.63 20.36
C ARG KA 27 -63.42 -19.74 21.34
N PHE KA 28 -64.69 -20.14 21.41
CA PHE KA 28 -65.15 -21.14 22.34
C PHE KA 28 -65.33 -22.52 21.72
N VAL KA 29 -65.11 -22.65 20.42
CA VAL KA 29 -65.27 -23.95 19.77
C VAL KA 29 -64.02 -24.78 20.01
N GLY KA 30 -64.21 -26.09 20.18
CA GLY KA 30 -63.13 -26.98 20.54
C GLY KA 30 -62.62 -26.82 21.96
N ARG KA 31 -63.23 -25.96 22.76
CA ARG KA 31 -62.79 -25.65 24.11
C ARG KA 31 -64.04 -25.48 24.96
N GLN KA 32 -63.90 -24.89 26.14
CA GLN KA 32 -65.03 -24.67 27.03
C GLN KA 32 -65.03 -23.23 27.52
N LYS KA 33 -66.22 -22.75 27.86
CA LYS KA 33 -66.41 -21.43 28.43
C LYS KA 33 -66.45 -21.54 29.95
N GLU KA 34 -65.47 -20.95 30.61
CA GLU KA 34 -65.32 -21.08 32.05
C GLU KA 34 -66.16 -20.01 32.75
N VAL KA 35 -67.11 -20.44 33.57
CA VAL KA 35 -68.00 -19.54 34.31
C VAL KA 35 -68.17 -20.09 35.71
N ASN KA 36 -68.10 -19.20 36.71
CA ASN KA 36 -68.30 -19.60 38.09
C ASN KA 36 -69.75 -20.01 38.31
N GLU KA 37 -69.95 -21.18 38.91
CA GLU KA 37 -71.28 -21.69 39.18
C GLU KA 37 -71.80 -21.29 40.55
N ASN KA 38 -71.01 -20.56 41.33
CA ASN KA 38 -71.43 -20.06 42.64
C ASN KA 38 -71.79 -18.59 42.48
N PHE KA 39 -73.07 -18.33 42.26
CA PHE KA 39 -73.54 -16.96 42.10
C PHE KA 39 -73.54 -16.25 43.45
N ALA KA 40 -72.99 -15.03 43.49
CA ALA KA 40 -72.85 -14.32 44.75
C ALA KA 40 -74.19 -13.85 45.29
N ILE KA 41 -75.06 -13.34 44.41
CA ILE KA 41 -76.36 -12.83 44.86
C ILE KA 41 -77.25 -13.97 45.33
N ASP KA 42 -77.24 -15.09 44.62
CA ASP KA 42 -78.03 -16.25 45.02
C ASP KA 42 -77.43 -17.01 46.19
N LEU KA 43 -76.22 -16.68 46.60
CA LEU KA 43 -75.62 -17.23 47.81
C LEU KA 43 -75.78 -16.32 49.02
N ILE KA 44 -75.91 -15.01 48.81
CA ILE KA 44 -76.18 -14.09 49.91
C ILE KA 44 -77.68 -13.90 50.12
N ALA KA 45 -78.52 -14.36 49.19
CA ALA KA 45 -79.97 -14.16 49.31
C ALA KA 45 -80.56 -14.94 50.47
N GLU KA 46 -80.11 -16.18 50.69
CA GLU KA 46 -80.71 -17.04 51.69
C GLU KA 46 -80.11 -16.87 53.09
N GLN KA 47 -79.14 -15.98 53.26
CA GLN KA 47 -78.59 -15.73 54.59
C GLN KA 47 -79.64 -15.02 55.45
N PRO KA 48 -79.91 -15.53 56.65
CA PRO KA 48 -81.00 -14.98 57.47
C PRO KA 48 -80.68 -13.59 58.02
N VAL KA 49 -81.74 -12.88 58.38
CA VAL KA 49 -81.62 -11.54 58.93
C VAL KA 49 -81.56 -11.64 60.46
N SER KA 50 -80.65 -10.88 61.06
CA SER KA 50 -80.42 -10.92 62.49
C SER KA 50 -81.15 -9.77 63.17
N GLN KA 51 -81.89 -10.09 64.24
CA GLN KA 51 -82.58 -9.09 65.04
C GLN KA 51 -81.69 -8.68 66.20
N VAL KA 52 -81.41 -7.39 66.32
CA VAL KA 52 -80.55 -6.87 67.38
C VAL KA 52 -81.38 -6.08 68.36
N GLY KA 53 -80.84 -5.92 69.56
CA GLY KA 53 -81.52 -5.26 70.67
C GLY KA 53 -81.25 -3.78 70.82
N SER KA 54 -80.55 -3.16 69.88
CA SER KA 54 -80.22 -1.75 69.96
C SER KA 54 -80.62 -1.05 68.66
N ARG KA 55 -80.55 0.28 68.68
CA ARG KA 55 -80.89 1.07 67.51
C ARG KA 55 -79.85 0.90 66.41
N VAL KA 56 -78.58 0.99 66.75
CA VAL KA 56 -77.48 0.84 65.81
C VAL KA 56 -76.73 -0.43 66.12
N ILE KA 57 -76.08 -1.00 65.10
CA ILE KA 57 -75.32 -2.23 65.26
C ILE KA 57 -74.04 -2.13 64.44
N SER KA 58 -72.96 -2.70 64.98
CA SER KA 58 -71.66 -2.64 64.33
C SER KA 58 -71.40 -3.94 63.58
N CYS KA 59 -70.95 -3.83 62.33
CA CYS KA 59 -70.62 -4.98 61.51
C CYS KA 59 -69.16 -4.89 61.08
N ASP KA 60 -68.42 -5.98 61.29
CA ASP KA 60 -67.05 -6.11 60.80
C ASP KA 60 -66.88 -7.31 59.88
N GLY KA 61 -67.94 -8.05 59.60
CA GLY KA 61 -67.88 -9.20 58.72
C GLY KA 61 -67.42 -10.48 59.36
N GLY KA 62 -67.05 -10.45 60.64
CA GLY KA 62 -66.57 -11.65 61.31
C GLY KA 62 -65.08 -11.82 61.17
N GLY KA 63 -64.47 -12.42 62.20
CA GLY KA 63 -63.05 -12.68 62.21
C GLY KA 63 -62.19 -11.54 62.72
N GLY KA 64 -62.78 -10.41 63.07
CA GLY KA 64 -62.01 -9.29 63.57
C GLY KA 64 -61.23 -8.58 62.49
N ALA KA 65 -59.91 -8.75 62.50
CA ALA KA 65 -59.04 -8.12 61.53
C ALA KA 65 -59.04 -8.82 60.17
N LEU KA 66 -59.71 -9.96 60.05
CA LEU KA 66 -59.77 -10.69 58.79
C LEU KA 66 -60.91 -10.25 57.89
N GLY KA 67 -61.79 -9.37 58.36
CA GLY KA 67 -62.91 -8.92 57.56
C GLY KA 67 -62.77 -7.51 57.04
N HIS KA 68 -63.89 -6.85 56.84
CA HIS KA 68 -63.91 -5.48 56.34
C HIS KA 68 -63.79 -4.49 57.49
N PRO KA 69 -63.52 -3.21 57.20
CA PRO KA 69 -63.56 -2.20 58.26
C PRO KA 69 -64.94 -2.12 58.91
N ARG KA 70 -64.93 -1.85 60.21
CA ARG KA 70 -66.15 -1.89 61.02
C ARG KA 70 -67.04 -0.69 60.68
N VAL KA 71 -68.30 -0.97 60.33
CA VAL KA 71 -69.26 0.06 59.96
C VAL KA 71 -70.48 -0.06 60.86
N TYR KA 72 -71.01 1.08 61.25
CA TYR KA 72 -72.18 1.14 62.12
C TYR KA 72 -73.43 1.39 61.28
N ILE KA 73 -74.43 0.54 61.44
CA ILE KA 73 -75.67 0.58 60.67
C ILE KA 73 -76.78 1.03 61.61
N ASN KA 74 -77.55 2.02 61.16
CA ASN KA 74 -78.70 2.52 61.90
C ASN KA 74 -79.96 1.78 61.44
N LEU KA 75 -80.77 1.37 62.41
CA LEU KA 75 -82.01 0.66 62.16
C LEU KA 75 -83.21 1.46 62.66
N ASP KA 76 -83.17 2.77 62.43
CA ASP KA 76 -84.27 3.63 62.88
C ASP KA 76 -85.54 3.38 62.09
N LYS KA 77 -85.40 3.07 60.79
CA LYS KA 77 -86.55 2.77 59.96
C LYS KA 77 -87.14 1.42 60.34
N GLU KA 78 -88.46 1.29 60.16
CA GLU KA 78 -89.17 0.05 60.44
C GLU KA 78 -89.67 -0.63 59.17
N THR KA 79 -89.23 -0.18 57.99
CA THR KA 79 -89.64 -0.76 56.72
C THR KA 79 -88.54 -1.56 56.06
N LYS KA 80 -87.35 -0.98 55.90
CA LYS KA 80 -86.24 -1.65 55.26
C LYS KA 80 -85.23 -2.13 56.29
N THR KA 81 -84.62 -3.28 56.03
CA THR KA 81 -83.58 -3.81 56.89
C THR KA 81 -82.25 -3.15 56.59
N GLY KA 82 -81.49 -2.85 57.63
CA GLY KA 82 -80.18 -2.25 57.47
C GLY KA 82 -79.16 -3.23 56.94
N THR KA 83 -78.75 -3.04 55.68
CA THR KA 83 -77.80 -3.94 55.03
C THR KA 83 -76.39 -3.35 55.12
N CYS KA 84 -75.42 -4.21 55.38
CA CYS KA 84 -74.03 -3.79 55.47
C CYS KA 84 -73.52 -3.36 54.10
N GLY KA 85 -72.67 -2.34 54.09
CA GLY KA 85 -72.12 -1.86 52.83
C GLY KA 85 -71.16 -2.84 52.19
N TYR KA 86 -70.34 -3.52 53.00
CA TYR KA 86 -69.31 -4.42 52.48
C TYR KA 86 -69.82 -5.84 52.33
N CYS KA 87 -70.23 -6.46 53.43
CA CYS KA 87 -70.48 -7.89 53.45
C CYS KA 87 -71.83 -8.28 52.86
N GLY KA 88 -72.77 -7.34 52.77
CA GLY KA 88 -74.09 -7.65 52.28
C GLY KA 88 -75.04 -8.26 53.29
N LEU KA 89 -74.59 -8.43 54.53
CA LEU KA 89 -75.47 -8.92 55.58
C LEU KA 89 -76.46 -7.83 55.99
N GLN KA 90 -77.67 -8.25 56.35
CA GLN KA 90 -78.74 -7.34 56.71
C GLN KA 90 -79.20 -7.62 58.13
N PHE KA 91 -79.34 -6.56 58.92
CA PHE KA 91 -79.82 -6.64 60.29
C PHE KA 91 -81.13 -5.88 60.40
N ARG KA 92 -81.83 -6.10 61.51
CA ARG KA 92 -83.09 -5.41 61.78
C ARG KA 92 -83.31 -5.37 63.28
N GLN KA 93 -84.43 -4.78 63.67
CA GLN KA 93 -84.85 -4.68 65.06
C GLN KA 93 -86.14 -5.44 65.26
N GLN KA 94 -86.29 -6.06 66.42
CA GLN KA 94 -87.44 -6.93 66.67
C GLN KA 94 -88.72 -6.15 66.91
N HIS KA 95 -88.63 -4.86 67.22
CA HIS KA 95 -89.82 -4.04 67.44
C HIS KA 95 -90.46 -3.63 66.12
N THR LA 1 -13.77 36.33 19.63
CA THR LA 1 -15.16 36.38 19.21
C THR LA 1 -15.88 35.07 19.51
N GLN LA 2 -15.46 34.01 18.80
CA GLN LA 2 -15.98 32.64 18.83
C GLN LA 2 -17.51 32.56 18.88
N LEU LA 3 -18.18 33.46 18.15
CA LEU LA 3 -19.64 33.48 18.14
C LEU LA 3 -20.11 33.88 16.74
N ILE LA 4 -21.24 33.30 16.33
CA ILE LA 4 -21.84 33.59 15.04
C ILE LA 4 -23.24 34.14 15.28
N THR LA 5 -23.81 34.74 14.24
CA THR LA 5 -25.14 35.31 14.29
C THR LA 5 -26.07 34.50 13.39
N VAL LA 6 -27.15 33.99 13.98
CA VAL LA 6 -28.20 33.28 13.25
C VAL LA 6 -29.50 34.04 13.48
N ASP LA 7 -30.12 34.49 12.39
CA ASP LA 7 -31.31 35.33 12.46
C ASP LA 7 -32.54 34.63 11.90
N GLU LA 8 -32.68 33.34 12.20
CA GLU LA 8 -33.81 32.55 11.73
C GLU LA 8 -34.53 31.92 12.91
N LYS LA 9 -35.79 31.55 12.67
CA LYS LA 9 -36.62 30.95 13.71
C LYS LA 9 -36.14 29.54 14.03
N LEU LA 10 -36.06 29.23 15.32
CA LEU LA 10 -35.61 27.91 15.79
C LEU LA 10 -36.62 26.85 15.40
N ASP LA 11 -36.24 25.98 14.48
CA ASP LA 11 -37.07 24.86 14.05
C ASP LA 11 -36.26 23.58 14.16
N ILE LA 12 -36.58 22.75 15.15
CA ILE LA 12 -35.82 21.55 15.44
C ILE LA 12 -36.69 20.32 15.19
N THR LA 13 -37.56 20.40 14.19
CA THR LA 13 -38.35 19.22 13.79
C THR LA 13 -37.46 18.14 13.21
N THR LA 14 -36.33 18.51 12.62
CA THR LA 14 -35.46 17.55 11.94
C THR LA 14 -34.50 16.84 12.89
N LEU LA 15 -34.38 17.27 14.14
CA LEU LA 15 -33.48 16.65 15.09
C LEU LA 15 -34.19 15.94 16.24
N THR LA 16 -35.49 16.19 16.43
CA THR LA 16 -36.24 15.48 17.45
C THR LA 16 -36.59 14.05 17.04
N GLY LA 17 -36.50 13.75 15.74
CA GLY LA 17 -36.72 12.40 15.26
C GLY LA 17 -38.16 11.98 15.13
N VAL LA 18 -39.11 12.89 15.36
CA VAL LA 18 -40.53 12.57 15.27
C VAL LA 18 -40.91 12.37 13.81
N PRO LA 19 -41.90 11.53 13.51
CA PRO LA 19 -42.36 11.40 12.12
C PRO LA 19 -43.08 12.66 11.67
N GLU LA 20 -43.24 12.77 10.34
CA GLU LA 20 -43.82 13.97 9.74
C GLU LA 20 -45.28 14.15 10.11
N GLU LA 21 -46.04 13.05 10.10
CA GLU LA 21 -47.49 13.14 10.29
C GLU LA 21 -47.85 13.59 11.71
N HIS LA 22 -46.97 13.34 12.69
CA HIS LA 22 -47.15 13.83 14.04
C HIS LA 22 -46.53 15.21 14.25
N ILE LA 23 -46.34 15.98 13.19
CA ILE LA 23 -45.84 17.35 13.28
C ILE LA 23 -46.84 18.36 12.74
N LYS LA 24 -47.36 18.11 11.55
CA LYS LA 24 -48.26 19.07 10.90
C LYS LA 24 -49.72 18.82 11.21
N THR LA 25 -50.10 17.58 11.52
CA THR LA 25 -51.50 17.21 11.70
C THR LA 25 -51.94 17.19 13.16
N ARG LA 26 -51.05 17.51 14.09
CA ARG LA 26 -51.37 17.50 15.52
C ARG LA 26 -51.53 18.92 16.02
N LYS LA 27 -52.65 19.20 16.68
CA LYS LA 27 -52.96 20.52 17.21
C LYS LA 27 -52.77 20.49 18.72
N ALA LA 28 -51.70 21.12 19.21
CA ALA LA 28 -51.45 21.19 20.63
C ALA LA 28 -52.37 22.20 21.30
N ARG LA 29 -52.53 22.05 22.61
CA ARG LA 29 -53.40 22.90 23.40
C ARG LA 29 -52.66 23.36 24.63
N ILE LA 30 -52.52 24.67 24.79
CA ILE LA 30 -51.84 25.27 25.93
C ILE LA 30 -52.89 25.96 26.79
N PHE LA 31 -52.99 25.55 28.05
CA PHE LA 31 -54.09 26.02 28.88
C PHE LA 31 -53.73 25.88 30.34
N VAL LA 32 -54.44 26.64 31.17
CA VAL LA 32 -54.42 26.43 32.62
C VAL LA 32 -55.57 25.50 32.97
N PRO LA 33 -55.31 24.34 33.58
CA PRO LA 33 -56.41 23.40 33.86
C PRO LA 33 -57.37 23.95 34.90
N ALA LA 34 -58.65 23.66 34.70
CA ALA LA 34 -59.69 24.13 35.61
C ALA LA 34 -59.69 23.31 36.89
N ARG LA 35 -60.11 23.95 37.97
CA ARG LA 35 -60.20 23.27 39.26
C ARG LA 35 -61.34 22.26 39.23
N ASN LA 36 -61.08 21.07 39.79
CA ASN LA 36 -62.12 20.06 39.94
C ASN LA 36 -63.17 20.57 40.93
N ASN LA 37 -64.41 20.71 40.47
CA ASN LA 37 -65.46 21.31 41.28
C ASN LA 37 -65.89 20.46 42.45
N MET LA 38 -65.52 19.17 42.48
CA MET LA 38 -65.78 18.35 43.66
C MET LA 38 -64.92 18.75 44.84
N GLN LA 39 -63.75 19.36 44.59
CA GLN LA 39 -62.83 19.78 45.62
C GLN LA 39 -62.82 21.30 45.71
N SER LA 40 -61.96 21.83 46.57
CA SER LA 40 -61.84 23.26 46.78
C SER LA 40 -60.42 23.78 46.66
N GLY LA 41 -59.43 22.92 46.48
CA GLY LA 41 -58.07 23.37 46.37
C GLY LA 41 -57.74 23.91 44.99
N VAL LA 42 -56.86 24.92 44.96
CA VAL LA 42 -56.49 25.60 43.73
C VAL LA 42 -55.00 25.42 43.42
N ASN LA 43 -54.37 24.42 44.02
CA ASN LA 43 -52.95 24.18 43.73
C ASN LA 43 -52.76 23.59 42.34
N ASN LA 44 -53.74 22.87 41.82
CA ASN LA 44 -53.63 22.24 40.51
C ASN LA 44 -53.77 23.23 39.35
N THR LA 45 -54.17 24.47 39.62
CA THR LA 45 -54.31 25.50 38.60
C THR LA 45 -53.20 26.53 38.69
N LYS LA 46 -51.97 26.07 39.00
CA LYS LA 46 -50.85 26.98 39.20
C LYS LA 46 -49.91 27.07 38.01
N LYS LA 47 -49.80 26.02 37.20
CA LYS LA 47 -48.86 25.99 36.09
C LYS LA 47 -49.59 25.62 34.80
N TRP LA 48 -49.03 26.06 33.68
CA TRP LA 48 -49.65 25.85 32.38
C TRP LA 48 -49.37 24.44 31.88
N LYS LA 49 -50.40 23.81 31.32
CA LYS LA 49 -50.29 22.47 30.75
C LYS LA 49 -50.40 22.56 29.24
N MET LA 50 -49.48 21.88 28.56
CA MET LA 50 -49.50 21.69 27.12
C MET LA 50 -49.85 20.24 26.85
N GLU LA 51 -50.96 20.01 26.16
CA GLU LA 51 -51.45 18.67 25.85
C GLU LA 51 -51.75 18.59 24.36
N PHE LA 52 -52.26 17.44 23.94
CA PHE LA 52 -52.61 17.21 22.54
C PHE LA 52 -54.05 16.75 22.46
N ASP LA 53 -54.51 16.50 21.24
CA ASP LA 53 -55.88 16.05 21.03
C ASP LA 53 -56.00 14.55 21.33
N THR LA 54 -57.24 14.05 21.28
CA THR LA 54 -57.53 12.65 21.56
C THR LA 54 -57.88 11.96 20.25
N ARG LA 55 -57.11 10.92 19.92
CA ARG LA 55 -57.38 10.11 18.74
C ARG LA 55 -58.28 8.95 19.12
N GLU LA 56 -58.40 7.97 18.23
CA GLU LA 56 -59.31 6.85 18.46
C GLU LA 56 -58.77 5.91 19.54
N ARG LA 57 -59.69 5.36 20.32
CA ARG LA 57 -59.40 4.32 21.30
C ARG LA 57 -60.46 3.24 21.16
N TRP LA 58 -60.14 2.19 20.41
CA TRP LA 58 -61.13 1.17 20.12
C TRP LA 58 -61.02 0.03 21.13
N GLU LA 59 -61.93 -0.93 21.04
CA GLU LA 59 -61.92 -2.06 21.94
C GLU LA 59 -61.03 -3.17 21.40
N ASN LA 60 -60.41 -3.91 22.31
CA ASN LA 60 -59.60 -5.03 21.90
C ASN LA 60 -60.50 -6.20 21.49
N PRO LA 61 -60.09 -7.00 20.52
CA PRO LA 61 -60.89 -8.19 20.15
C PRO LA 61 -60.93 -9.25 21.24
N LEU LA 62 -60.04 -9.21 22.23
CA LEU LA 62 -59.97 -10.25 23.24
C LEU LA 62 -60.89 -9.96 24.42
N MET LA 63 -60.65 -8.83 25.12
CA MET LA 63 -61.50 -8.44 26.24
C MET LA 63 -62.02 -7.02 26.14
N GLY LA 64 -61.85 -6.34 25.01
CA GLY LA 64 -62.27 -4.96 24.92
C GLY LA 64 -61.43 -4.00 25.73
N TRP LA 65 -60.12 -4.20 25.76
CA TRP LA 65 -59.22 -3.21 26.33
C TRP LA 65 -59.17 -1.98 25.43
N ALA LA 66 -58.69 -0.87 26.00
CA ALA LA 66 -58.58 0.38 25.25
C ALA LA 66 -57.33 0.30 24.38
N SER LA 67 -57.49 -0.19 23.16
CA SER LA 67 -56.40 -0.25 22.19
C SER LA 67 -56.33 1.07 21.45
N THR LA 68 -55.14 1.66 21.39
CA THR LA 68 -54.94 2.97 20.79
C THR LA 68 -53.82 2.90 19.76
N ALA LA 69 -53.76 3.94 18.93
CA ALA LA 69 -52.72 4.09 17.93
C ALA LA 69 -51.92 5.37 18.06
N ASP LA 70 -52.38 6.32 18.87
CA ASP LA 70 -51.66 7.57 19.07
C ASP LA 70 -50.52 7.36 20.06
N PRO LA 71 -49.26 7.62 19.68
CA PRO LA 71 -48.19 7.59 20.66
C PRO LA 71 -48.14 8.82 21.56
N LEU LA 72 -48.72 9.93 21.13
CA LEU LA 72 -48.74 11.17 21.91
C LEU LA 72 -50.00 11.32 22.75
N SER LA 73 -50.71 10.21 23.02
CA SER LA 73 -51.97 10.31 23.74
C SER LA 73 -51.79 10.56 25.23
N ASN LA 74 -50.60 10.30 25.77
CA ASN LA 74 -50.34 10.48 27.20
C ASN LA 74 -49.23 11.50 27.45
N LEU LA 75 -49.05 12.44 26.53
CA LEU LA 75 -47.99 13.45 26.64
C LEU LA 75 -48.58 14.72 27.24
N VAL LA 76 -48.21 15.02 28.49
CA VAL LA 76 -48.64 16.23 29.18
C VAL LA 76 -47.39 16.95 29.65
N LEU LA 77 -47.23 18.20 29.24
CA LEU LA 77 -46.06 18.99 29.59
C LEU LA 77 -46.44 20.16 30.48
N THR LA 78 -45.55 20.51 31.40
CA THR LA 78 -45.81 21.56 32.39
C THR LA 78 -44.83 22.70 32.18
N PHE LA 79 -45.36 23.92 32.05
CA PHE LA 79 -44.56 25.12 31.88
C PHE LA 79 -44.97 26.16 32.92
N SER LA 80 -44.02 27.02 33.29
CA SER LA 80 -44.24 27.97 34.37
C SER LA 80 -45.22 29.05 33.98
N THR LA 81 -45.10 29.60 32.77
CA THR LA 81 -46.02 30.62 32.30
C THR LA 81 -46.27 30.40 30.81
N LYS LA 82 -46.96 31.37 30.20
CA LYS LA 82 -47.48 31.18 28.84
C LYS LA 82 -46.38 31.27 27.78
N GLU LA 83 -45.44 32.22 27.95
CA GLU LA 83 -44.50 32.55 26.88
C GLU LA 83 -43.54 31.41 26.58
N ASP LA 84 -43.04 30.72 27.61
CA ASP LA 84 -42.19 29.56 27.35
C ASP LA 84 -42.96 28.42 26.72
N ALA LA 85 -44.23 28.26 27.06
CA ALA LA 85 -45.06 27.24 26.41
C ALA LA 85 -45.26 27.55 24.93
N ILE LA 86 -45.51 28.82 24.60
CA ILE LA 86 -45.65 29.21 23.20
C ILE LA 86 -44.33 29.03 22.46
N ALA LA 87 -43.21 29.38 23.09
CA ALA LA 87 -41.91 29.22 22.47
C ALA LA 87 -41.58 27.75 22.22
N PHE LA 88 -41.91 26.87 23.17
CA PHE LA 88 -41.68 25.45 22.98
C PHE LA 88 -42.61 24.86 21.93
N ALA LA 89 -43.85 25.36 21.85
CA ALA LA 89 -44.77 24.86 20.84
C ALA LA 89 -44.34 25.28 19.44
N GLU LA 90 -43.87 26.50 19.28
CA GLU LA 90 -43.39 26.95 17.97
C GLU LA 90 -41.98 26.48 17.66
N LYS LA 91 -41.24 25.99 18.66
CA LYS LA 91 -39.90 25.47 18.42
C LYS LA 91 -39.95 24.11 17.74
N ASN LA 92 -40.93 23.28 18.07
CA ASN LA 92 -41.10 21.97 17.47
C ASN LA 92 -42.12 21.97 16.34
N GLY LA 93 -42.53 23.15 15.88
CA GLY LA 93 -43.42 23.25 14.73
C GLY LA 93 -44.84 22.83 14.98
N TRP LA 94 -45.25 22.66 16.23
CA TRP LA 94 -46.61 22.23 16.54
C TRP LA 94 -47.55 23.42 16.50
N SER LA 95 -48.58 23.33 15.67
CA SER LA 95 -49.63 24.35 15.67
C SER LA 95 -50.41 24.26 16.96
N TYR LA 96 -50.62 25.39 17.62
CA TYR LA 96 -51.12 25.42 18.98
C TYR LA 96 -52.37 26.27 19.09
N ASP LA 97 -53.22 25.90 20.05
CA ASP LA 97 -54.36 26.71 20.47
C ASP LA 97 -54.13 27.09 21.93
N VAL LA 98 -54.12 28.40 22.21
CA VAL LA 98 -53.80 28.92 23.53
C VAL LA 98 -55.07 29.52 24.14
N GLU LA 99 -55.37 29.12 25.37
CA GLU LA 99 -56.48 29.66 26.13
C GLU LA 99 -55.93 30.44 27.32
N GLU LA 100 -56.42 31.67 27.49
CA GLU LA 100 -55.96 32.50 28.59
C GLU LA 100 -56.50 31.97 29.92
N ARG LA 101 -55.76 32.24 30.98
CA ARG LA 101 -56.19 31.82 32.31
C ARG LA 101 -57.37 32.66 32.78
N LYS LA 102 -58.18 32.07 33.65
CA LYS LA 102 -59.42 32.68 34.13
C LYS LA 102 -59.31 32.86 35.64
N VAL LA 103 -58.77 34.00 36.05
CA VAL LA 103 -58.67 34.31 37.48
C VAL LA 103 -60.05 34.64 38.04
N PRO LA 104 -60.49 34.00 39.13
CA PRO LA 104 -61.78 34.35 39.72
C PRO LA 104 -61.80 35.78 40.27
N LYS LA 105 -62.96 36.39 40.18
CA LYS LA 105 -63.12 37.76 40.65
C LYS LA 105 -63.10 37.80 42.18
N PRO LA 106 -62.36 38.72 42.80
CA PRO LA 106 -62.39 38.83 44.26
C PRO LA 106 -63.73 39.33 44.78
N LYS LA 107 -64.46 38.47 45.47
CA LYS LA 107 -65.79 38.79 45.95
C LYS LA 107 -65.72 39.70 47.18
N SER LA 108 -66.89 40.19 47.59
CA SER LA 108 -67.03 41.03 48.77
C SER LA 108 -67.94 40.29 49.75
N LYS LA 109 -67.33 39.46 50.60
CA LYS LA 109 -68.08 38.63 51.54
C LYS LA 109 -68.28 39.38 52.85
N SER LA 110 -69.54 39.47 53.28
CA SER LA 110 -69.89 40.11 54.53
C SER LA 110 -70.73 39.14 55.36
N TYR LA 111 -70.33 38.91 56.61
CA TYR LA 111 -71.11 38.05 57.48
C TYR LA 111 -72.36 38.76 57.98
N GLY LA 112 -72.31 40.08 58.10
CA GLY LA 112 -73.45 40.84 58.57
C GLY LA 112 -74.58 40.95 57.57
N ALA LA 113 -74.32 40.66 56.30
CA ALA LA 113 -75.35 40.73 55.27
C ALA LA 113 -76.46 39.71 55.49
N ASN LA 114 -76.18 38.60 56.18
CA ASN LA 114 -77.22 37.65 56.52
C ASN LA 114 -78.17 38.18 57.58
N PHE LA 115 -77.80 39.25 58.28
CA PHE LA 115 -78.63 39.79 59.35
C PHE LA 115 -79.01 41.24 59.06
N SER LA 116 -79.42 41.52 57.82
CA SER LA 116 -79.81 42.87 57.43
C SER LA 116 -81.19 43.22 58.01
N TRP LA 117 -81.56 44.49 57.86
CA TRP LA 117 -82.84 44.99 58.34
C TRP LA 117 -83.80 45.36 57.23
N ASN LA 118 -83.30 45.93 56.13
CA ASN LA 118 -84.13 46.37 55.02
C ASN LA 118 -83.56 45.87 53.70
N LYS LA 119 -83.06 44.63 53.68
CA LYS LA 119 -82.49 44.05 52.48
C LYS LA 119 -82.98 42.61 52.32
N ARG LA 120 -82.90 42.12 51.09
CA ARG LA 120 -83.32 40.77 50.75
C ARG LA 120 -82.30 39.72 51.15
N THR LA 121 -81.12 40.11 51.61
CA THR LA 121 -80.06 39.18 51.97
C THR LA 121 -80.24 38.54 53.34
N ARG LA 122 -81.41 38.70 53.96
CA ARG LA 122 -81.70 38.01 55.21
C ARG LA 122 -81.84 36.52 54.95
N VAL LA 123 -81.00 35.73 55.62
CA VAL LA 123 -81.05 34.28 55.42
C VAL LA 123 -82.30 33.72 56.11
N SER LA 124 -82.78 32.59 55.60
CA SER LA 124 -83.96 31.95 56.17
C SER LA 124 -83.63 30.96 57.27
N THR LA 125 -82.46 30.34 57.20
CA THR LA 125 -82.03 29.38 58.22
C THR LA 125 -80.52 29.48 58.38
N LYS LA 126 -80.04 29.01 59.53
CA LYS LA 126 -78.61 29.06 59.82
C LYS LA 126 -78.15 27.78 60.51
N LEU MA 1 -74.01 -4.67 9.72
CA LEU MA 1 -73.01 -5.55 10.31
C LEU MA 1 -72.87 -5.28 11.81
N HIS MA 2 -72.40 -6.29 12.55
CA HIS MA 2 -72.32 -6.21 14.00
C HIS MA 2 -71.21 -5.24 14.42
N HIS MA 3 -71.33 -4.73 15.65
CA HIS MA 3 -70.36 -3.79 16.18
C HIS MA 3 -69.01 -4.44 16.45
N ALA MA 4 -68.98 -5.76 16.67
CA ALA MA 4 -67.71 -6.45 16.88
C ALA MA 4 -66.93 -6.63 15.59
N VAL MA 5 -67.58 -6.47 14.44
CA VAL MA 5 -66.95 -6.65 13.14
C VAL MA 5 -66.84 -5.34 12.37
N ILE MA 6 -67.28 -4.23 12.95
CA ILE MA 6 -67.02 -2.90 12.37
C ILE MA 6 -65.51 -2.64 12.39
N PRO MA 7 -64.91 -2.19 11.29
CA PRO MA 7 -63.46 -1.95 11.28
C PRO MA 7 -63.07 -0.81 12.21
N HIS MA 8 -61.86 -0.92 12.75
CA HIS MA 8 -61.36 0.04 13.72
C HIS MA 8 -59.85 0.16 13.58
N GLY MA 9 -59.32 1.26 14.10
CA GLY MA 9 -57.89 1.44 14.18
C GLY MA 9 -57.26 1.92 12.89
N LYS MA 10 -55.93 2.00 12.92
CA LYS MA 10 -55.13 2.48 11.79
C LYS MA 10 -54.69 1.37 10.86
N GLY MA 11 -55.34 0.21 10.91
CA GLY MA 11 -54.92 -0.91 10.10
C GLY MA 11 -53.57 -1.48 10.49
N GLY MA 12 -53.30 -1.60 11.78
CA GLY MA 12 -52.07 -2.15 12.28
C GLY MA 12 -52.21 -3.61 12.69
N ARG MA 13 -51.32 -4.02 13.59
CA ARG MA 13 -51.33 -5.41 14.05
C ARG MA 13 -52.49 -5.68 15.01
N SER MA 14 -52.76 -4.74 15.91
CA SER MA 14 -53.79 -4.92 16.93
C SER MA 14 -55.13 -4.33 16.53
N SER MA 15 -55.27 -3.80 15.31
CA SER MA 15 -56.52 -3.25 14.87
C SER MA 15 -57.49 -4.35 14.46
N VAL MA 16 -58.72 -3.95 14.13
CA VAL MA 16 -59.75 -4.88 13.66
C VAL MA 16 -60.10 -4.46 12.23
N SER MA 17 -59.90 -5.37 11.28
CA SER MA 17 -60.22 -5.12 9.89
C SER MA 17 -61.60 -5.63 9.50
N GLY MA 18 -62.30 -6.29 10.41
CA GLY MA 18 -63.63 -6.77 10.11
C GLY MA 18 -63.70 -7.94 9.16
N ILE MA 19 -62.62 -8.72 9.06
CA ILE MA 19 -62.56 -9.86 8.16
C ILE MA 19 -62.38 -11.11 9.01
N VAL MA 20 -63.30 -12.05 8.88
CA VAL MA 20 -63.21 -13.35 9.55
C VAL MA 20 -63.01 -14.40 8.46
N ALA MA 21 -61.79 -14.92 8.37
CA ALA MA 21 -61.38 -15.76 7.27
C ALA MA 21 -61.12 -17.18 7.73
N THR MA 22 -61.61 -18.14 6.97
CA THR MA 22 -61.27 -19.55 7.15
C THR MA 22 -60.41 -19.96 5.96
N VAL MA 23 -59.11 -20.11 6.19
CA VAL MA 23 -58.16 -20.47 5.14
C VAL MA 23 -57.95 -21.98 5.22
N PHE MA 24 -58.49 -22.71 4.25
CA PHE MA 24 -58.36 -24.16 4.25
C PHE MA 24 -57.01 -24.57 3.67
N GLY MA 25 -56.29 -25.43 4.39
CA GLY MA 25 -54.97 -25.83 3.98
C GLY MA 25 -53.96 -24.70 4.07
N ALA MA 26 -53.97 -23.99 5.20
CA ALA MA 26 -53.09 -22.84 5.39
C ALA MA 26 -51.67 -23.24 5.78
N THR MA 27 -51.40 -24.51 6.02
CA THR MA 27 -50.07 -24.96 6.43
C THR MA 27 -49.07 -24.94 5.28
N GLY MA 28 -49.52 -24.74 4.05
CA GLY MA 28 -48.63 -24.83 2.91
C GLY MA 28 -47.86 -23.56 2.62
N PHE MA 29 -47.78 -23.20 1.34
CA PHE MA 29 -47.00 -22.07 0.85
C PHE MA 29 -47.85 -20.81 0.71
N LEU MA 30 -48.85 -20.86 -0.17
CA LEU MA 30 -49.79 -19.77 -0.32
C LEU MA 30 -50.59 -19.54 0.95
N GLY MA 31 -50.91 -20.62 1.68
CA GLY MA 31 -51.59 -20.47 2.95
C GLY MA 31 -50.76 -19.72 3.98
N ARG MA 32 -49.46 -20.03 4.04
CA ARG MA 32 -48.56 -19.33 4.95
C ARG MA 32 -48.47 -17.85 4.61
N TYR MA 33 -48.33 -17.52 3.32
CA TYR MA 33 -48.21 -16.12 2.96
C TYR MA 33 -49.52 -15.36 3.10
N LEU MA 34 -50.65 -16.02 2.83
CA LEU MA 34 -51.95 -15.40 3.02
C LEU MA 34 -52.25 -15.15 4.50
N VAL MA 35 -51.90 -16.11 5.36
CA VAL MA 35 -52.08 -15.92 6.80
C VAL MA 35 -51.20 -14.79 7.29
N ASN MA 36 -49.97 -14.69 6.78
CA ASN MA 36 -49.08 -13.60 7.17
C ASN MA 36 -49.64 -12.24 6.72
N HIS MA 37 -50.18 -12.17 5.51
CA HIS MA 37 -50.74 -10.90 5.04
C HIS MA 37 -52.04 -10.55 5.75
N LEU MA 38 -52.81 -11.54 6.18
CA LEU MA 38 -54.04 -11.26 6.91
C LEU MA 38 -53.76 -10.85 8.35
N GLY MA 39 -52.73 -11.42 8.96
CA GLY MA 39 -52.44 -11.13 10.37
C GLY MA 39 -51.87 -9.76 10.62
N ARG MA 40 -51.24 -9.14 9.61
CA ARG MA 40 -50.71 -7.80 9.79
C ARG MA 40 -51.77 -6.72 9.66
N MET MA 41 -52.94 -7.06 9.11
CA MET MA 41 -54.06 -6.14 9.08
C MET MA 41 -54.91 -6.19 10.34
N GLY MA 42 -54.80 -7.27 11.11
CA GLY MA 42 -55.59 -7.44 12.32
C GLY MA 42 -56.94 -8.06 12.04
N SER MA 43 -56.95 -9.20 11.35
CA SER MA 43 -58.18 -9.89 10.99
C SER MA 43 -58.23 -11.25 11.69
N GLN MA 44 -59.45 -11.67 12.02
CA GLN MA 44 -59.64 -12.97 12.64
C GLN MA 44 -59.44 -14.07 11.61
N VAL MA 45 -58.49 -14.97 11.87
CA VAL MA 45 -58.15 -16.06 10.98
C VAL MA 45 -58.46 -17.38 11.68
N ILE MA 46 -59.14 -18.27 10.97
CA ILE MA 46 -59.42 -19.62 11.46
C ILE MA 46 -58.62 -20.58 10.60
N VAL MA 47 -57.67 -21.28 11.21
CA VAL MA 47 -56.79 -22.19 10.50
C VAL MA 47 -57.12 -23.63 10.90
N PRO MA 48 -57.82 -24.38 10.07
CA PRO MA 48 -57.96 -25.82 10.35
C PRO MA 48 -56.79 -26.59 9.76
N TYR MA 49 -56.18 -27.48 10.54
CA TYR MA 49 -55.00 -28.20 10.11
C TYR MA 49 -55.24 -29.70 10.13
N ARG MA 50 -54.62 -30.39 9.18
CA ARG MA 50 -54.64 -31.84 9.10
C ARG MA 50 -53.38 -32.48 9.64
N CYS MA 51 -52.28 -31.74 9.69
CA CYS MA 51 -50.99 -32.28 10.08
C CYS MA 51 -50.80 -32.18 11.59
N GLU MA 52 -49.58 -32.42 12.05
CA GLU MA 52 -49.25 -32.27 13.45
C GLU MA 52 -49.27 -30.80 13.85
N PRO MA 53 -49.59 -30.48 15.10
CA PRO MA 53 -49.62 -29.07 15.53
C PRO MA 53 -48.28 -28.37 15.44
N TYR MA 54 -47.18 -29.09 15.61
CA TYR MA 54 -45.85 -28.48 15.59
C TYR MA 54 -45.55 -27.84 14.25
N ASP MA 55 -45.97 -28.50 13.16
CA ASP MA 55 -45.78 -27.96 11.81
C ASP MA 55 -46.58 -26.68 11.59
N THR MA 56 -47.58 -26.40 12.43
CA THR MA 56 -48.32 -25.15 12.35
C THR MA 56 -47.76 -24.06 13.23
N MET MA 57 -46.68 -24.33 13.97
CA MET MA 57 -46.14 -23.36 14.92
C MET MA 57 -45.64 -22.10 14.23
N HIS MA 58 -45.14 -22.23 13.00
CA HIS MA 58 -44.70 -21.07 12.22
C HIS MA 58 -45.84 -20.16 11.83
N LEU MA 59 -47.10 -20.60 11.95
CA LEU MA 59 -48.23 -19.71 11.73
C LEU MA 59 -48.57 -18.88 12.97
N ARG MA 60 -47.90 -19.11 14.09
CA ARG MA 60 -48.25 -18.44 15.34
C ARG MA 60 -47.83 -16.97 15.43
N PRO MA 61 -46.58 -16.55 15.09
CA PRO MA 61 -46.21 -15.15 15.33
C PRO MA 61 -46.77 -14.17 14.30
N MET MA 62 -47.57 -14.64 13.34
CA MET MA 62 -48.08 -13.76 12.30
C MET MA 62 -49.31 -12.96 12.73
N GLY MA 63 -49.86 -13.24 13.91
CA GLY MA 63 -51.04 -12.53 14.36
C GLY MA 63 -50.93 -12.14 15.82
N ASP MA 64 -51.91 -11.36 16.27
CA ASP MA 64 -51.97 -10.90 17.65
C ASP MA 64 -52.61 -11.98 18.52
N LEU MA 65 -52.97 -11.62 19.75
CA LEU MA 65 -53.52 -12.58 20.69
C LEU MA 65 -54.94 -12.97 20.29
N GLY MA 66 -55.15 -14.25 20.00
CA GLY MA 66 -56.46 -14.75 19.66
C GLY MA 66 -56.93 -14.44 18.25
N GLN MA 67 -56.06 -13.89 17.41
CA GLN MA 67 -56.44 -13.58 16.03
C GLN MA 67 -56.30 -14.77 15.10
N ILE MA 68 -55.62 -15.84 15.52
CA ILE MA 68 -55.54 -17.08 14.76
C ILE MA 68 -56.03 -18.20 15.66
N ILE MA 69 -57.07 -18.90 15.21
CA ILE MA 69 -57.67 -20.00 15.97
C ILE MA 69 -57.39 -21.29 15.22
N PHE MA 70 -56.63 -22.19 15.84
CA PHE MA 70 -56.26 -23.45 15.21
C PHE MA 70 -57.31 -24.51 15.51
N MET MA 71 -57.67 -25.29 14.48
CA MET MA 71 -58.77 -26.22 14.57
C MET MA 71 -58.37 -27.56 13.96
N ASP MA 72 -59.08 -28.60 14.36
CA ASP MA 72 -58.90 -29.93 13.81
C ASP MA 72 -60.01 -30.20 12.80
N TRP MA 73 -59.64 -30.76 11.65
CA TRP MA 73 -60.61 -31.01 10.59
C TRP MA 73 -60.15 -32.18 9.73
N ASN MA 74 -61.11 -32.76 9.02
CA ASN MA 74 -60.86 -33.87 8.11
C ASN MA 74 -61.44 -33.53 6.74
N GLY MA 75 -60.80 -34.06 5.70
CA GLY MA 75 -61.28 -33.82 4.36
C GLY MA 75 -62.55 -34.56 4.00
N ARG MA 76 -62.87 -35.63 4.73
CA ARG MA 76 -64.06 -36.44 4.48
C ARG MA 76 -65.06 -36.37 5.63
N ASP MA 77 -65.02 -35.29 6.41
CA ASP MA 77 -65.93 -35.10 7.54
C ASP MA 77 -66.49 -33.69 7.47
N LYS MA 78 -67.76 -33.58 7.08
CA LYS MA 78 -68.37 -32.27 6.88
C LYS MA 78 -68.68 -31.56 8.20
N ASP MA 79 -68.78 -32.31 9.31
CA ASP MA 79 -69.08 -31.69 10.59
C ASP MA 79 -67.93 -30.82 11.06
N SER MA 80 -66.70 -31.25 10.82
CA SER MA 80 -65.54 -30.42 11.16
C SER MA 80 -65.51 -29.15 10.31
N ILE MA 81 -65.90 -29.26 9.04
CA ILE MA 81 -65.97 -28.08 8.17
C ILE MA 81 -67.03 -27.11 8.67
N ARG MA 82 -68.18 -27.65 9.09
CA ARG MA 82 -69.25 -26.80 9.63
C ARG MA 82 -68.83 -26.16 10.96
N ARG MA 83 -68.02 -26.86 11.75
CA ARG MA 83 -67.44 -26.24 12.93
C ARG MA 83 -66.48 -25.12 12.56
N ALA MA 84 -65.76 -25.29 11.45
CA ALA MA 84 -64.75 -24.31 11.06
C ALA MA 84 -65.39 -23.04 10.50
N VAL MA 85 -66.40 -23.16 9.66
CA VAL MA 85 -66.89 -22.02 8.86
C VAL MA 85 -68.23 -21.49 9.37
N GLU MA 86 -68.62 -21.84 10.60
CA GLU MA 86 -69.91 -21.37 11.11
C GLU MA 86 -69.90 -19.88 11.42
N HIS MA 87 -68.73 -19.31 11.75
CA HIS MA 87 -68.64 -17.93 12.18
C HIS MA 87 -67.88 -17.04 11.22
N SER MA 88 -67.22 -17.58 10.21
CA SER MA 88 -66.49 -16.77 9.25
C SER MA 88 -67.43 -16.06 8.29
N ASN MA 89 -66.95 -14.95 7.74
CA ASN MA 89 -67.64 -14.30 6.64
C ASN MA 89 -66.86 -14.34 5.33
N VAL MA 90 -65.67 -14.94 5.32
CA VAL MA 90 -64.97 -15.24 4.06
C VAL MA 90 -64.23 -16.57 4.21
N VAL MA 91 -64.36 -17.43 3.21
CA VAL MA 91 -63.76 -18.76 3.21
C VAL MA 91 -62.87 -18.87 1.99
N ILE MA 92 -61.60 -19.18 2.19
CA ILE MA 92 -60.60 -19.27 1.13
C ILE MA 92 -60.14 -20.72 1.02
N ASN MA 93 -60.10 -21.22 -0.22
CA ASN MA 93 -59.79 -22.61 -0.50
C ASN MA 93 -58.50 -22.69 -1.31
N LEU MA 94 -57.48 -23.31 -0.70
CA LEU MA 94 -56.15 -23.49 -1.27
C LEU MA 94 -55.68 -24.93 -1.18
N VAL MA 95 -56.59 -25.87 -0.99
CA VAL MA 95 -56.22 -27.25 -0.67
C VAL MA 95 -55.81 -27.97 -1.96
N GLY MA 96 -54.62 -28.55 -1.96
CA GLY MA 96 -54.18 -29.34 -3.10
C GLY MA 96 -52.79 -29.93 -2.97
N ARG MA 97 -52.67 -31.23 -3.28
CA ARG MA 97 -51.40 -31.93 -3.31
C ARG MA 97 -50.96 -32.13 -4.75
N GLU MA 98 -49.65 -32.04 -4.98
CA GLU MA 98 -49.10 -32.25 -6.32
C GLU MA 98 -48.98 -33.72 -6.67
N TRP MA 99 -49.11 -34.63 -5.70
CA TRP MA 99 -48.95 -36.05 -5.93
C TRP MA 99 -50.04 -36.81 -5.20
N GLU MA 100 -50.45 -37.93 -5.78
CA GLU MA 100 -51.45 -38.79 -5.16
C GLU MA 100 -50.81 -39.60 -4.05
N THR MA 101 -51.38 -39.52 -2.85
CA THR MA 101 -50.90 -40.30 -1.71
C THR MA 101 -51.61 -41.65 -1.70
N LYS MA 102 -51.47 -42.39 -0.60
CA LYS MA 102 -52.05 -43.72 -0.50
C LYS MA 102 -53.56 -43.68 -0.48
N ASN MA 103 -54.15 -42.73 0.26
CA ASN MA 103 -55.59 -42.65 0.43
C ASN MA 103 -56.22 -41.55 -0.42
N PHE MA 104 -55.56 -40.41 -0.57
CA PHE MA 104 -56.10 -39.27 -1.30
C PHE MA 104 -55.53 -39.25 -2.70
N ASP MA 105 -56.36 -39.55 -3.69
CA ASP MA 105 -55.99 -39.40 -5.09
C ASP MA 105 -56.26 -37.97 -5.52
N PHE MA 106 -56.19 -37.69 -6.83
CA PHE MA 106 -56.39 -36.33 -7.30
C PHE MA 106 -57.85 -35.90 -7.24
N GLU MA 107 -58.77 -36.85 -7.42
CA GLU MA 107 -60.19 -36.53 -7.46
C GLU MA 107 -60.68 -36.02 -6.11
N ASP MA 108 -60.33 -36.70 -5.03
CA ASP MA 108 -60.85 -36.32 -3.73
C ASP MA 108 -60.10 -35.16 -3.09
N VAL MA 109 -59.03 -34.66 -3.70
CA VAL MA 109 -58.40 -33.43 -3.22
C VAL MA 109 -58.77 -32.24 -4.10
N PHE MA 110 -59.16 -32.47 -5.35
CA PHE MA 110 -59.49 -31.35 -6.23
C PHE MA 110 -60.97 -31.19 -6.54
N VAL MA 111 -61.79 -32.22 -6.32
CA VAL MA 111 -63.21 -32.18 -6.68
C VAL MA 111 -64.10 -32.34 -5.44
N LYS MA 112 -63.86 -33.37 -4.64
CA LYS MA 112 -64.79 -33.69 -3.55
C LYS MA 112 -64.74 -32.67 -2.43
N ILE MA 113 -63.53 -32.33 -1.96
CA ILE MA 113 -63.39 -31.40 -0.85
C ILE MA 113 -63.76 -29.95 -1.18
N PRO MA 114 -63.45 -29.36 -2.35
CA PRO MA 114 -63.98 -28.00 -2.59
C PRO MA 114 -65.48 -27.97 -2.76
N GLN MA 115 -66.07 -29.02 -3.33
CA GLN MA 115 -67.53 -29.10 -3.41
C GLN MA 115 -68.15 -29.20 -2.02
N ALA MA 116 -67.55 -30.01 -1.15
CA ALA MA 116 -68.07 -30.14 0.22
C ALA MA 116 -67.93 -28.83 0.99
N ILE MA 117 -66.80 -28.15 0.85
CA ILE MA 117 -66.58 -26.87 1.52
C ILE MA 117 -67.55 -25.82 1.01
N ALA MA 118 -67.78 -25.79 -0.31
CA ALA MA 118 -68.72 -24.83 -0.87
C ALA MA 118 -70.14 -25.09 -0.42
N GLN MA 119 -70.54 -26.37 -0.35
CA GLN MA 119 -71.89 -26.70 0.10
C GLN MA 119 -72.08 -26.36 1.58
N VAL MA 120 -71.08 -26.63 2.41
CA VAL MA 120 -71.18 -26.31 3.84
C VAL MA 120 -71.20 -24.80 4.04
N SER MA 121 -70.39 -24.06 3.29
CA SER MA 121 -70.37 -22.60 3.41
C SER MA 121 -71.67 -21.99 2.92
N LYS MA 122 -72.27 -22.57 1.88
CA LYS MA 122 -73.57 -22.08 1.41
C LYS MA 122 -74.67 -22.39 2.42
N GLU MA 123 -74.58 -23.53 3.10
CA GLU MA 123 -75.56 -23.85 4.14
C GLU MA 123 -75.41 -22.92 5.35
N ALA MA 124 -74.17 -22.54 5.67
CA ALA MA 124 -73.91 -21.66 6.80
C ALA MA 124 -74.05 -20.18 6.46
N GLY MA 125 -74.36 -19.85 5.20
CA GLY MA 125 -74.52 -18.46 4.81
C GLY MA 125 -73.26 -17.63 4.81
N VAL MA 126 -72.14 -18.22 4.37
CA VAL MA 126 -70.90 -17.45 4.26
C VAL MA 126 -71.00 -16.52 3.06
N GLU MA 127 -70.69 -15.24 3.28
CA GLU MA 127 -70.90 -14.23 2.24
C GLU MA 127 -69.92 -14.38 1.10
N LYS MA 128 -68.63 -14.54 1.41
CA LYS MA 128 -67.57 -14.52 0.40
C LYS MA 128 -66.86 -15.87 0.36
N PHE MA 129 -66.78 -16.44 -0.84
CA PHE MA 129 -66.04 -17.66 -1.08
C PHE MA 129 -64.96 -17.37 -2.13
N ILE MA 130 -63.72 -17.71 -1.82
CA ILE MA 130 -62.60 -17.58 -2.75
C ILE MA 130 -62.02 -18.96 -2.96
N HIS MA 131 -61.86 -19.35 -4.21
CA HIS MA 131 -61.29 -20.63 -4.59
C HIS MA 131 -60.04 -20.40 -5.42
N ILE MA 132 -59.03 -21.24 -5.27
CA ILE MA 132 -57.83 -21.18 -6.09
C ILE MA 132 -57.81 -22.38 -7.03
N SER MA 133 -57.69 -22.10 -8.33
CA SER MA 133 -57.56 -23.14 -9.34
C SER MA 133 -56.35 -22.88 -10.21
N HIS MA 134 -56.19 -23.61 -11.31
CA HIS MA 134 -55.05 -23.45 -12.19
C HIS MA 134 -55.43 -22.67 -13.45
N LEU MA 135 -54.45 -21.91 -13.96
CA LEU MA 135 -54.66 -21.20 -15.23
C LEU MA 135 -54.80 -22.16 -16.39
N ASN MA 136 -53.99 -23.23 -16.41
CA ASN MA 136 -54.01 -24.21 -17.47
C ASN MA 136 -54.99 -25.35 -17.21
N ALA MA 137 -56.03 -25.09 -16.40
CA ALA MA 137 -57.02 -26.12 -16.06
C ALA MA 137 -57.86 -26.43 -17.29
N ASP MA 138 -57.57 -27.57 -17.92
CA ASP MA 138 -58.25 -27.99 -19.13
C ASP MA 138 -58.91 -29.34 -18.92
N ILE MA 139 -60.16 -29.46 -19.39
CA ILE MA 139 -60.84 -30.74 -19.36
C ILE MA 139 -60.17 -31.72 -20.32
N LYS MA 140 -59.61 -31.23 -21.42
CA LYS MA 140 -58.93 -32.04 -22.41
C LYS MA 140 -57.41 -31.92 -22.30
N SER MA 141 -56.87 -31.83 -21.08
CA SER MA 141 -55.45 -31.71 -20.89
C SER MA 141 -54.77 -33.09 -20.94
N SER MA 142 -53.46 -33.09 -20.78
CA SER MA 142 -52.68 -34.33 -20.78
C SER MA 142 -52.32 -34.81 -19.39
N SER MA 143 -52.75 -34.12 -18.34
CA SER MA 143 -52.44 -34.47 -16.96
C SER MA 143 -53.71 -34.60 -16.16
N LYS MA 144 -53.67 -35.48 -15.15
CA LYS MA 144 -54.81 -35.64 -14.25
C LYS MA 144 -55.02 -34.40 -13.39
N TYR MA 145 -53.93 -33.69 -13.08
CA TYR MA 145 -53.98 -32.49 -12.24
C TYR MA 145 -54.90 -31.43 -12.84
N LEU MA 146 -54.67 -31.09 -14.12
CA LEU MA 146 -55.42 -30.01 -14.74
C LEU MA 146 -56.86 -30.42 -15.04
N ARG MA 147 -57.08 -31.69 -15.39
CA ARG MA 147 -58.44 -32.16 -15.64
C ARG MA 147 -59.26 -32.14 -14.36
N ASN MA 148 -58.69 -32.62 -13.25
CA ASN MA 148 -59.40 -32.59 -11.99
C ASN MA 148 -59.55 -31.17 -11.47
N LYS MA 149 -58.62 -30.28 -11.78
CA LYS MA 149 -58.80 -28.86 -11.45
C LYS MA 149 -59.95 -28.25 -12.22
N ALA MA 150 -60.10 -28.61 -13.49
CA ALA MA 150 -61.21 -28.10 -14.29
C ALA MA 150 -62.55 -28.59 -13.75
N VAL MA 151 -62.63 -29.89 -13.41
CA VAL MA 151 -63.87 -30.43 -12.83
C VAL MA 151 -64.15 -29.78 -11.47
N GLY MA 152 -63.11 -29.55 -10.68
CA GLY MA 152 -63.30 -28.94 -9.37
C GLY MA 152 -63.77 -27.50 -9.45
N GLU MA 153 -63.20 -26.70 -10.36
CA GLU MA 153 -63.65 -25.31 -10.48
C GLU MA 153 -65.05 -25.24 -11.09
N LYS MA 154 -65.39 -26.19 -11.97
CA LYS MA 154 -66.77 -26.26 -12.48
C LYS MA 154 -67.75 -26.57 -11.35
N GLU MA 155 -67.40 -27.52 -10.47
CA GLU MA 155 -68.28 -27.85 -9.36
C GLU MA 155 -68.35 -26.72 -8.33
N VAL MA 156 -67.25 -25.97 -8.14
CA VAL MA 156 -67.29 -24.82 -7.25
C VAL MA 156 -68.19 -23.73 -7.82
N ARG MA 157 -68.10 -23.49 -9.12
CA ARG MA 157 -68.96 -22.49 -9.75
C ARG MA 157 -70.42 -22.89 -9.72
N GLU MA 158 -70.71 -24.18 -9.88
CA GLU MA 158 -72.10 -24.63 -9.86
C GLU MA 158 -72.67 -24.61 -8.43
N THR MA 159 -71.90 -25.09 -7.46
CA THR MA 159 -72.40 -25.15 -6.08
C THR MA 159 -72.52 -23.77 -5.47
N PHE MA 160 -71.52 -22.92 -5.68
CA PHE MA 160 -71.51 -21.55 -5.17
C PHE MA 160 -71.49 -20.60 -6.35
N PRO MA 161 -72.65 -20.08 -6.77
CA PRO MA 161 -72.68 -19.18 -7.94
C PRO MA 161 -72.02 -17.83 -7.70
N GLU MA 162 -71.74 -17.47 -6.45
CA GLU MA 162 -71.07 -16.22 -6.12
C GLU MA 162 -69.61 -16.43 -5.75
N ALA MA 163 -69.03 -17.56 -6.15
CA ALA MA 163 -67.66 -17.88 -5.78
C ALA MA 163 -66.67 -17.15 -6.67
N THR MA 164 -65.63 -16.58 -6.06
CA THR MA 164 -64.55 -15.93 -6.79
C THR MA 164 -63.46 -16.97 -7.04
N ILE MA 165 -63.38 -17.46 -8.27
CA ILE MA 165 -62.34 -18.41 -8.66
C ILE MA 165 -61.17 -17.62 -9.21
N ILE MA 166 -59.98 -17.87 -8.67
CA ILE MA 166 -58.77 -17.18 -9.10
C ILE MA 166 -57.78 -18.24 -9.57
N LYS MA 167 -57.19 -18.03 -10.75
CA LYS MA 167 -56.31 -19.01 -11.38
C LYS MA 167 -54.91 -18.43 -11.54
N PRO MA 168 -54.03 -18.63 -10.56
CA PRO MA 168 -52.63 -18.25 -10.75
C PRO MA 168 -51.96 -19.12 -11.81
N ALA MA 169 -51.01 -18.51 -12.52
CA ALA MA 169 -50.34 -19.23 -13.60
C ALA MA 169 -49.22 -20.12 -13.06
N ASP MA 170 -48.21 -19.52 -12.44
CA ASP MA 170 -47.08 -20.26 -11.88
C ASP MA 170 -46.50 -19.42 -10.76
N ILE MA 171 -46.79 -19.79 -9.52
CA ILE MA 171 -46.32 -19.05 -8.37
C ILE MA 171 -44.89 -19.46 -8.03
N PHE MA 172 -44.02 -18.49 -7.83
CA PHE MA 172 -42.66 -18.73 -7.39
C PHE MA 172 -42.38 -17.90 -6.14
N GLY MA 173 -41.52 -18.43 -5.27
CA GLY MA 173 -41.23 -17.76 -4.03
C GLY MA 173 -40.10 -18.44 -3.30
N ARG MA 174 -39.97 -18.09 -2.02
CA ARG MA 174 -38.88 -18.63 -1.20
C ARG MA 174 -39.01 -20.13 -1.01
N GLU MA 175 -40.24 -20.62 -0.83
CA GLU MA 175 -40.46 -22.04 -0.56
C GLU MA 175 -41.38 -22.65 -1.62
N ASP MA 176 -41.13 -22.35 -2.89
CA ASP MA 176 -41.97 -22.83 -3.97
C ASP MA 176 -41.43 -24.15 -4.50
N ARG MA 177 -42.04 -24.66 -5.58
CA ARG MA 177 -41.61 -25.89 -6.22
C ARG MA 177 -41.53 -25.71 -7.74
N PHE MA 178 -41.29 -24.48 -8.19
CA PHE MA 178 -41.19 -24.17 -9.62
C PHE MA 178 -39.77 -23.76 -9.99
N LEU MA 179 -39.23 -22.72 -9.37
CA LEU MA 179 -37.82 -22.39 -9.54
C LEU MA 179 -36.94 -23.31 -8.71
N ASN MA 180 -37.41 -23.71 -7.53
CA ASN MA 180 -36.65 -24.61 -6.67
C ASN MA 180 -36.49 -25.98 -7.32
N TYR MA 181 -37.52 -26.45 -8.02
CA TYR MA 181 -37.41 -27.71 -8.75
C TYR MA 181 -36.38 -27.61 -9.86
N PHE MA 182 -36.36 -26.49 -10.58
CA PHE MA 182 -35.40 -26.31 -11.67
C PHE MA 182 -33.98 -26.23 -11.13
N ALA MA 183 -33.79 -25.61 -9.96
CA ALA MA 183 -32.47 -25.58 -9.35
C ALA MA 183 -32.10 -26.89 -8.67
N ASN MA 184 -33.08 -27.75 -8.38
CA ASN MA 184 -32.81 -29.01 -7.67
C ASN MA 184 -32.61 -30.19 -8.60
N ILE MA 185 -33.09 -30.13 -9.84
CA ILE MA 185 -32.81 -31.21 -10.78
C ILE MA 185 -31.40 -31.12 -11.36
N ARG MA 186 -30.64 -30.09 -10.97
CA ARG MA 186 -29.21 -30.11 -11.24
C ARG MA 186 -28.47 -31.16 -10.41
N TRP MA 187 -29.06 -31.59 -9.29
CA TRP MA 187 -28.47 -32.66 -8.49
C TRP MA 187 -28.61 -34.01 -9.19
N PHE MA 188 -29.65 -34.18 -10.00
CA PHE MA 188 -29.86 -35.44 -10.70
C PHE MA 188 -28.80 -35.68 -11.77
N GLY MA 189 -28.39 -34.63 -12.46
CA GLY MA 189 -27.46 -34.76 -13.56
C GLY MA 189 -27.42 -33.53 -14.44
N GLY MA 190 -27.55 -33.73 -15.75
CA GLY MA 190 -27.45 -32.64 -16.70
C GLY MA 190 -28.76 -31.99 -17.10
N VAL MA 191 -29.62 -31.70 -16.12
CA VAL MA 191 -30.93 -31.03 -16.21
C VAL MA 191 -31.75 -31.53 -17.39
N PRO MA 192 -32.39 -32.71 -17.26
CA PRO MA 192 -33.21 -33.23 -18.36
C PRO MA 192 -34.36 -32.32 -18.72
N LEU MA 193 -34.65 -32.26 -20.02
CA LEU MA 193 -35.68 -31.38 -20.57
C LEU MA 193 -36.07 -31.92 -21.94
N ILE MA 194 -37.31 -31.67 -22.34
CA ILE MA 194 -37.83 -32.19 -23.60
C ILE MA 194 -37.62 -31.15 -24.70
N SER MA 195 -36.90 -31.54 -25.75
CA SER MA 195 -36.64 -30.71 -26.94
C SER MA 195 -35.97 -29.39 -26.56
N LEU MA 196 -35.11 -29.43 -25.55
CA LEU MA 196 -34.39 -28.31 -24.95
C LEU MA 196 -35.30 -27.24 -24.37
N GLY MA 197 -36.61 -27.50 -24.28
CA GLY MA 197 -37.55 -26.52 -23.76
C GLY MA 197 -37.66 -25.25 -24.59
N LYS MA 198 -37.68 -25.39 -25.91
CA LYS MA 198 -37.76 -24.24 -26.81
C LYS MA 198 -39.11 -24.17 -27.52
N LYS MA 199 -40.14 -24.75 -26.93
CA LYS MA 199 -41.47 -24.76 -27.53
C LYS MA 199 -42.58 -24.34 -26.58
N THR MA 200 -42.32 -24.23 -25.29
CA THR MA 200 -43.35 -23.89 -24.30
C THR MA 200 -43.08 -22.53 -23.70
N VAL MA 201 -44.13 -21.73 -23.58
CA VAL MA 201 -44.07 -20.39 -23.01
C VAL MA 201 -44.64 -20.44 -21.61
N LYS MA 202 -43.96 -19.81 -20.66
CA LYS MA 202 -44.37 -19.79 -19.26
C LYS MA 202 -44.33 -18.38 -18.73
N GLN MA 203 -45.32 -18.03 -17.89
CA GLN MA 203 -45.43 -16.70 -17.29
C GLN MA 203 -45.51 -16.87 -15.78
N PRO MA 204 -44.37 -16.94 -15.09
CA PRO MA 204 -44.41 -17.01 -13.63
C PRO MA 204 -44.90 -15.70 -13.02
N VAL MA 205 -45.58 -15.83 -11.88
CA VAL MA 205 -46.17 -14.70 -11.18
C VAL MA 205 -45.69 -14.73 -9.73
N TYR MA 206 -45.25 -13.58 -9.23
CA TYR MA 206 -44.69 -13.49 -7.88
C TYR MA 206 -45.76 -13.76 -6.84
N ILE MA 207 -45.32 -14.36 -5.71
CA ILE MA 207 -46.26 -14.81 -4.68
C ILE MA 207 -46.91 -13.62 -3.98
N VAL MA 208 -46.14 -12.54 -3.77
CA VAL MA 208 -46.67 -11.36 -3.09
C VAL MA 208 -47.77 -10.71 -3.91
N ASP MA 209 -47.63 -10.73 -5.24
CA ASP MA 209 -48.70 -10.21 -6.10
C ASP MA 209 -49.97 -11.06 -5.99
N VAL MA 210 -49.83 -12.37 -5.92
CA VAL MA 210 -51.00 -13.25 -5.77
C VAL MA 210 -51.68 -13.01 -4.43
N THR MA 211 -50.89 -12.86 -3.36
CA THR MA 211 -51.46 -12.61 -2.04
C THR MA 211 -52.14 -11.26 -1.96
N LYS MA 212 -51.54 -10.23 -2.58
CA LYS MA 212 -52.16 -8.91 -2.62
C LYS MA 212 -53.45 -8.94 -3.43
N GLY MA 213 -53.47 -9.69 -4.53
CA GLY MA 213 -54.69 -9.83 -5.30
C GLY MA 213 -55.79 -10.55 -4.54
N ILE MA 214 -55.42 -11.56 -3.77
CA ILE MA 214 -56.40 -12.28 -2.94
C ILE MA 214 -56.96 -11.36 -1.86
N ILE MA 215 -56.08 -10.55 -1.22
CA ILE MA 215 -56.53 -9.61 -0.21
C ILE MA 215 -57.46 -8.56 -0.80
N ASN MA 216 -57.12 -8.05 -1.98
CA ASN MA 216 -57.96 -7.05 -2.64
C ASN MA 216 -59.29 -7.65 -3.09
N ALA MA 217 -59.29 -8.91 -3.52
CA ALA MA 217 -60.53 -9.57 -3.88
C ALA MA 217 -61.39 -9.83 -2.65
N ILE MA 218 -60.78 -10.06 -1.49
CA ILE MA 218 -61.53 -10.13 -0.24
C ILE MA 218 -62.16 -8.78 0.07
N LYS MA 219 -61.40 -7.70 -0.07
CA LYS MA 219 -61.90 -6.38 0.29
C LYS MA 219 -62.94 -5.87 -0.69
N ASP MA 220 -62.68 -6.01 -1.99
CA ASP MA 220 -63.54 -5.39 -2.99
C ASP MA 220 -64.86 -6.14 -3.14
N PRO MA 221 -66.01 -5.48 -3.00
CA PRO MA 221 -67.29 -6.15 -3.24
C PRO MA 221 -67.65 -6.28 -4.71
N ASP MA 222 -66.83 -5.77 -5.62
CA ASP MA 222 -67.08 -5.85 -7.05
C ASP MA 222 -66.42 -7.07 -7.68
N ALA MA 223 -65.72 -7.89 -6.91
CA ALA MA 223 -65.00 -9.05 -7.44
C ALA MA 223 -65.78 -10.35 -7.26
N ARG MA 224 -66.98 -10.30 -6.70
CA ARG MA 224 -67.76 -11.51 -6.46
C ARG MA 224 -68.30 -12.07 -7.76
N GLY MA 225 -68.20 -13.39 -7.93
CA GLY MA 225 -68.73 -14.05 -9.09
C GLY MA 225 -67.86 -13.99 -10.33
N LYS MA 226 -66.67 -13.40 -10.25
CA LYS MA 226 -65.80 -13.28 -11.39
C LYS MA 226 -64.87 -14.49 -11.49
N THR MA 227 -64.00 -14.48 -12.49
CA THR MA 227 -62.97 -15.51 -12.67
C THR MA 227 -61.69 -14.77 -13.05
N PHE MA 228 -60.88 -14.44 -12.05
CA PHE MA 228 -59.64 -13.72 -12.29
C PHE MA 228 -58.58 -14.66 -12.84
N ALA MA 229 -57.61 -14.07 -13.55
CA ALA MA 229 -56.49 -14.81 -14.14
C ALA MA 229 -55.20 -14.13 -13.68
N PHE MA 230 -54.59 -14.66 -12.62
CA PHE MA 230 -53.38 -14.07 -12.06
C PHE MA 230 -52.20 -14.51 -12.91
N VAL MA 231 -51.79 -13.64 -13.82
CA VAL MA 231 -50.76 -13.95 -14.81
C VAL MA 231 -49.64 -12.93 -14.65
N GLY MA 232 -48.40 -13.41 -14.65
CA GLY MA 232 -47.24 -12.56 -14.47
C GLY MA 232 -47.04 -11.58 -15.61
N PRO MA 233 -46.24 -10.53 -15.37
CA PRO MA 233 -46.10 -9.45 -16.34
C PRO MA 233 -45.14 -9.73 -17.49
N ASN MA 234 -44.72 -10.97 -17.69
CA ASN MA 234 -43.74 -11.27 -18.73
C ASN MA 234 -43.91 -12.70 -19.19
N ARG MA 235 -43.50 -12.95 -20.43
CA ARG MA 235 -43.52 -14.29 -21.02
C ARG MA 235 -42.10 -14.75 -21.29
N TYR MA 236 -41.79 -15.98 -20.88
CA TYR MA 236 -40.47 -16.55 -21.10
C TYR MA 236 -40.61 -17.91 -21.75
N LEU MA 237 -39.67 -18.22 -22.65
CA LEU MA 237 -39.51 -19.60 -23.09
C LEU MA 237 -38.92 -20.44 -21.96
N LEU MA 238 -39.17 -21.75 -22.03
CA LEU MA 238 -38.64 -22.64 -20.99
C LEU MA 238 -37.12 -22.70 -21.03
N PHE MA 239 -36.54 -22.70 -22.23
CA PHE MA 239 -35.09 -22.71 -22.35
C PHE MA 239 -34.47 -21.45 -21.76
N ASP MA 240 -35.06 -20.29 -22.04
CA ASP MA 240 -34.54 -19.04 -21.48
C ASP MA 240 -34.79 -18.95 -19.98
N LEU MA 241 -35.90 -19.52 -19.50
CA LEU MA 241 -36.16 -19.53 -18.08
C LEU MA 241 -35.14 -20.38 -17.33
N VAL MA 242 -34.82 -21.58 -17.86
CA VAL MA 242 -33.79 -22.41 -17.26
C VAL MA 242 -32.42 -21.75 -17.38
N GLN MA 243 -32.19 -21.05 -18.49
CA GLN MA 243 -30.96 -20.26 -18.67
C GLN MA 243 -30.79 -19.24 -17.56
N TYR MA 244 -31.85 -18.47 -17.29
CA TYR MA 244 -31.79 -17.45 -16.25
C TYR MA 244 -31.66 -18.06 -14.86
N VAL MA 245 -32.36 -19.17 -14.61
CA VAL MA 245 -32.33 -19.83 -13.31
C VAL MA 245 -30.93 -20.34 -13.00
N PHE MA 246 -30.29 -20.98 -13.98
CA PHE MA 246 -28.91 -21.41 -13.78
C PHE MA 246 -27.93 -20.25 -13.86
N ALA MA 247 -28.33 -19.12 -14.45
CA ALA MA 247 -27.44 -17.97 -14.51
C ALA MA 247 -27.34 -17.26 -13.17
N VAL MA 248 -28.47 -17.09 -12.47
CA VAL MA 248 -28.39 -16.40 -11.17
C VAL MA 248 -27.78 -17.32 -10.12
N ALA MA 249 -27.88 -18.63 -10.29
CA ALA MA 249 -27.28 -19.56 -9.34
C ALA MA 249 -25.77 -19.65 -9.49
N HIS MA 250 -25.21 -19.11 -10.58
CA HIS MA 250 -23.78 -19.22 -10.91
C HIS MA 250 -23.31 -20.67 -10.93
N ARG MA 251 -24.11 -21.51 -11.56
CA ARG MA 251 -23.80 -22.90 -11.83
C ARG MA 251 -23.66 -23.11 -13.32
N PRO MA 252 -22.68 -23.91 -13.76
CA PRO MA 252 -22.51 -24.15 -15.19
C PRO MA 252 -23.69 -24.92 -15.78
N PHE MA 253 -24.02 -24.58 -17.03
CA PHE MA 253 -25.19 -25.11 -17.70
C PHE MA 253 -24.76 -26.20 -18.68
N LEU MA 254 -25.16 -27.44 -18.40
CA LEU MA 254 -24.87 -28.58 -19.27
C LEU MA 254 -26.17 -29.34 -19.51
N PRO MA 255 -27.00 -28.87 -20.44
CA PRO MA 255 -28.30 -29.51 -20.68
C PRO MA 255 -28.20 -30.62 -21.73
N TYR MA 256 -29.29 -31.37 -21.85
CA TYR MA 256 -29.43 -32.40 -22.87
C TYR MA 256 -30.91 -32.61 -23.13
N PRO MA 257 -31.32 -32.89 -24.39
CA PRO MA 257 -32.74 -33.10 -24.67
C PRO MA 257 -33.20 -34.52 -24.35
N GLY MA 267 -39.63 -39.49 -14.81
CA GLY MA 267 -40.13 -38.70 -13.68
C GLY MA 267 -40.88 -39.55 -12.66
N ARG MA 268 -41.33 -40.73 -13.08
CA ARG MA 268 -42.07 -41.62 -12.20
C ARG MA 268 -41.16 -42.46 -11.33
N LEU MA 269 -39.84 -42.40 -11.53
CA LEU MA 269 -38.93 -43.20 -10.71
C LEU MA 269 -38.81 -42.63 -9.30
N PHE MA 270 -38.95 -41.31 -9.15
CA PHE MA 270 -38.82 -40.65 -7.85
C PHE MA 270 -40.17 -40.33 -7.22
N GLU MA 271 -41.27 -40.80 -7.81
CA GLU MA 271 -42.61 -40.54 -7.27
C GLU MA 271 -43.11 -41.65 -6.35
N ILE MA 272 -42.34 -42.73 -6.18
CA ILE MA 272 -42.77 -43.87 -5.39
C ILE MA 272 -42.02 -43.95 -4.06
N SER MA 273 -41.32 -42.88 -3.67
CA SER MA 273 -40.57 -42.89 -2.42
C SER MA 273 -41.53 -42.79 -1.23
N PRO MA 274 -41.19 -43.43 -0.10
CA PRO MA 274 -41.99 -43.24 1.12
C PRO MA 274 -41.94 -41.82 1.65
N PHE MA 275 -40.92 -41.04 1.31
CA PHE MA 275 -40.83 -39.65 1.69
C PHE MA 275 -41.72 -38.80 0.77
N GLU MA 276 -41.60 -37.48 0.87
CA GLU MA 276 -42.23 -36.60 -0.09
C GLU MA 276 -41.52 -36.76 -1.43
N PRO MA 277 -42.24 -37.09 -2.51
CA PRO MA 277 -41.58 -37.42 -3.77
C PRO MA 277 -40.84 -36.23 -4.38
N TRP MA 278 -39.68 -36.51 -4.95
CA TRP MA 278 -38.88 -35.47 -5.58
C TRP MA 278 -39.51 -34.98 -6.87
N THR MA 279 -39.93 -35.91 -7.73
CA THR MA 279 -40.60 -35.56 -8.97
C THR MA 279 -41.59 -36.66 -9.34
N THR MA 280 -42.60 -36.27 -10.11
CA THR MA 280 -43.64 -37.20 -10.56
C THR MA 280 -43.75 -37.11 -12.08
N ARG MA 281 -44.53 -38.03 -12.65
CA ARG MA 281 -44.81 -37.99 -14.09
C ARG MA 281 -45.67 -36.77 -14.43
N ASP MA 282 -46.68 -36.49 -13.61
CA ASP MA 282 -47.58 -35.37 -13.89
C ASP MA 282 -46.88 -34.03 -13.75
N LYS MA 283 -45.85 -33.94 -12.91
CA LYS MA 283 -45.03 -32.74 -12.87
C LYS MA 283 -44.28 -32.53 -14.18
N VAL MA 284 -43.78 -33.62 -14.76
CA VAL MA 284 -43.13 -33.55 -16.07
C VAL MA 284 -44.13 -33.14 -17.15
N GLU MA 285 -45.37 -33.64 -17.04
CA GLU MA 285 -46.42 -33.20 -17.97
C GLU MA 285 -46.73 -31.72 -17.81
N ARG MA 286 -46.79 -31.23 -16.58
CA ARG MA 286 -47.18 -29.85 -16.32
C ARG MA 286 -46.06 -28.86 -16.65
N ILE MA 287 -44.80 -29.28 -16.57
CA ILE MA 287 -43.69 -28.39 -16.91
C ILE MA 287 -43.72 -28.06 -18.40
N HIS MA 288 -43.99 -29.05 -19.25
CA HIS MA 288 -44.02 -28.87 -20.69
C HIS MA 288 -45.40 -28.46 -21.21
N THR MA 289 -46.23 -27.87 -20.36
CA THR MA 289 -47.54 -27.37 -20.76
C THR MA 289 -47.47 -25.85 -20.87
N THR MA 290 -47.82 -25.34 -22.05
CA THR MA 290 -47.71 -23.91 -22.29
C THR MA 290 -48.81 -23.15 -21.54
N ASP MA 291 -48.52 -21.88 -21.25
CA ASP MA 291 -49.48 -21.03 -20.55
C ASP MA 291 -50.59 -20.59 -21.50
N ARG MA 292 -51.84 -20.78 -21.08
CA ARG MA 292 -52.96 -20.31 -21.86
C ARG MA 292 -53.08 -18.79 -21.78
N THR MA 293 -53.56 -18.19 -22.86
CA THR MA 293 -53.76 -16.75 -22.94
C THR MA 293 -55.23 -16.45 -22.70
N LEU MA 294 -55.51 -15.60 -21.71
CA LEU MA 294 -56.87 -15.23 -21.34
C LEU MA 294 -56.96 -13.71 -21.32
N PRO MA 295 -57.15 -13.08 -22.48
CA PRO MA 295 -57.25 -11.61 -22.51
C PRO MA 295 -58.62 -11.12 -22.04
N HIS MA 296 -59.63 -11.97 -22.16
CA HIS MA 296 -60.98 -11.56 -21.77
C HIS MA 296 -61.14 -11.48 -20.26
N LEU MA 297 -60.55 -12.44 -19.54
CA LEU MA 297 -60.68 -12.46 -18.09
C LEU MA 297 -59.81 -11.37 -17.46
N PRO MA 298 -60.24 -10.76 -16.37
CA PRO MA 298 -59.41 -9.74 -15.72
C PRO MA 298 -58.20 -10.36 -15.02
N GLY MA 299 -57.19 -9.51 -14.84
CA GLY MA 299 -55.96 -9.96 -14.21
C GLY MA 299 -55.61 -9.21 -12.95
N LEU MA 300 -54.32 -9.10 -12.64
CA LEU MA 300 -53.86 -8.42 -11.44
C LEU MA 300 -53.83 -6.91 -11.58
N GLU MA 301 -53.91 -6.38 -12.79
CA GLU MA 301 -53.96 -4.95 -12.99
C GLU MA 301 -55.35 -4.38 -12.77
N ASP MA 302 -56.37 -5.22 -12.69
CA ASP MA 302 -57.73 -4.80 -12.41
C ASP MA 302 -58.04 -4.74 -10.92
N LEU MA 303 -57.06 -5.06 -10.07
CA LEU MA 303 -57.22 -5.00 -8.62
C LEU MA 303 -56.24 -4.04 -7.97
N GLY MA 304 -55.58 -3.19 -8.75
CA GLY MA 304 -54.60 -2.26 -8.21
C GLY MA 304 -53.38 -2.91 -7.61
N VAL MA 305 -52.83 -3.93 -8.27
CA VAL MA 305 -51.68 -4.67 -7.78
C VAL MA 305 -50.54 -4.49 -8.77
N GLN MA 306 -49.39 -4.05 -8.27
CA GLN MA 306 -48.20 -3.87 -9.11
C GLN MA 306 -47.59 -5.22 -9.40
N ALA MA 307 -47.58 -5.61 -10.67
CA ALA MA 307 -46.98 -6.89 -11.05
C ALA MA 307 -45.46 -6.81 -10.99
N THR MA 308 -44.84 -7.81 -10.38
CA THR MA 308 -43.40 -7.84 -10.21
C THR MA 308 -42.79 -8.88 -11.15
N PRO MA 309 -41.87 -8.50 -12.02
CA PRO MA 309 -41.27 -9.46 -12.95
C PRO MA 309 -40.21 -10.31 -12.25
N LEU MA 310 -39.65 -11.25 -13.01
CA LEU MA 310 -38.74 -12.24 -12.44
C LEU MA 310 -37.35 -11.67 -12.18
N GLU MA 311 -37.00 -10.53 -12.79
CA GLU MA 311 -35.62 -10.06 -12.76
C GLU MA 311 -35.18 -9.55 -11.39
N LEU MA 312 -36.12 -9.15 -10.53
CA LEU MA 312 -35.77 -8.67 -9.20
C LEU MA 312 -36.05 -9.69 -8.11
N LYS MA 313 -36.70 -10.81 -8.43
CA LYS MA 313 -37.07 -11.80 -7.44
C LYS MA 313 -36.43 -13.17 -7.67
N ALA MA 314 -35.88 -13.44 -8.85
CA ALA MA 314 -35.20 -14.71 -9.09
C ALA MA 314 -33.95 -14.83 -8.22
N ILE MA 315 -33.24 -13.72 -8.04
CA ILE MA 315 -32.07 -13.71 -7.15
C ILE MA 315 -32.50 -13.95 -5.71
N GLU MA 316 -33.61 -13.33 -5.30
CA GLU MA 316 -34.16 -13.56 -3.96
C GLU MA 316 -34.52 -15.02 -3.75
N VAL MA 317 -35.07 -15.65 -4.79
CA VAL MA 317 -35.53 -17.02 -4.66
C VAL MA 317 -34.34 -17.99 -4.63
N LEU MA 318 -33.36 -17.78 -5.52
CA LEU MA 318 -32.30 -18.75 -5.75
C LEU MA 318 -30.93 -18.32 -5.20
N ARG MA 319 -30.89 -17.38 -4.26
CA ARG MA 319 -29.63 -17.08 -3.60
C ARG MA 319 -29.11 -18.26 -2.78
N ARG MA 320 -30.01 -19.04 -2.18
CA ARG MA 320 -29.60 -20.13 -1.30
C ARG MA 320 -28.96 -21.29 -2.04
N HIS MA 321 -29.13 -21.38 -3.35
CA HIS MA 321 -28.56 -22.47 -4.13
C HIS MA 321 -27.12 -22.23 -4.55
N ARG MA 322 -26.57 -21.04 -4.28
CA ARG MA 322 -25.18 -20.76 -4.59
C ARG MA 322 -24.27 -21.26 -3.49
N THR MA 323 -23.09 -21.74 -3.87
CA THR MA 323 -22.05 -22.06 -2.91
C THR MA 323 -21.34 -20.77 -2.48
N TYR MA 324 -20.41 -20.90 -1.53
CA TYR MA 324 -19.73 -19.73 -1.00
C TYR MA 324 -18.73 -19.11 -1.98
N ARG MA 325 -18.41 -19.80 -3.07
CA ARG MA 325 -17.61 -19.19 -4.13
C ARG MA 325 -18.35 -18.02 -4.76
N TRP MA 326 -19.66 -18.16 -4.96
CA TRP MA 326 -20.49 -17.12 -5.54
C TRP MA 326 -21.57 -16.67 -4.57
N LEU MA 327 -21.24 -16.56 -3.29
CA LEU MA 327 -22.18 -16.05 -2.29
C LEU MA 327 -22.10 -14.54 -2.13
N SER MA 328 -21.14 -13.89 -2.77
CA SER MA 328 -20.94 -12.45 -2.64
C SER MA 328 -21.30 -11.68 -3.91
N SER MA 329 -22.06 -12.28 -4.81
CA SER MA 329 -22.45 -11.61 -6.03
C SER MA 329 -23.51 -10.54 -5.75
N GLU MA 330 -23.59 -9.57 -6.66
CA GLU MA 330 -24.54 -8.47 -6.55
C GLU MA 330 -25.81 -8.78 -7.34
N ILE MA 331 -26.77 -7.86 -7.27
CA ILE MA 331 -28.05 -8.05 -7.96
C ILE MA 331 -27.88 -7.93 -9.46
N GLU MA 332 -27.16 -6.89 -9.91
CA GLU MA 332 -27.11 -6.53 -11.33
C GLU MA 332 -26.05 -7.27 -12.11
N ASP MA 333 -25.27 -8.14 -11.48
CA ASP MA 333 -24.17 -8.81 -12.18
C ASP MA 333 -24.60 -10.14 -12.78
N VAL MA 334 -25.73 -10.13 -13.49
CA VAL MA 334 -26.27 -11.28 -14.22
C VAL MA 334 -27.04 -10.75 -15.42
N GLN MA 335 -26.73 -11.27 -16.61
CA GLN MA 335 -27.50 -10.91 -17.80
C GLN MA 335 -28.90 -11.51 -17.69
N PRO MA 336 -29.95 -10.71 -17.86
CA PRO MA 336 -31.31 -11.21 -17.67
C PRO MA 336 -31.78 -12.06 -18.84
N ALA MA 337 -32.91 -12.73 -18.62
CA ALA MA 337 -33.48 -13.63 -19.61
C ALA MA 337 -34.05 -12.86 -20.79
N LYS MA 338 -34.30 -13.58 -21.88
CA LYS MA 338 -34.78 -12.99 -23.12
C LYS MA 338 -36.28 -13.22 -23.24
N THR MA 339 -37.03 -12.14 -23.44
CA THR MA 339 -38.48 -12.22 -23.55
C THR MA 339 -38.88 -12.71 -24.93
N VAL MA 340 -40.16 -13.04 -25.07
CA VAL MA 340 -40.70 -13.49 -26.35
C VAL MA 340 -41.79 -12.53 -26.82
N LEU NA 1 -75.36 34.94 -12.63
CA LEU NA 1 -76.77 35.00 -13.01
C LEU NA 1 -77.53 35.93 -12.08
N GLY NA 2 -76.85 36.47 -11.09
CA GLY NA 2 -77.45 37.40 -10.16
C GLY NA 2 -76.62 37.51 -8.90
N LEU NA 3 -77.02 38.46 -8.06
CA LEU NA 3 -76.40 38.69 -6.76
C LEU NA 3 -77.31 38.11 -5.68
N ARG NA 4 -76.74 37.32 -4.78
CA ARG NA 4 -77.52 36.61 -3.77
C ARG NA 4 -77.43 37.23 -2.39
N GLU NA 5 -76.24 37.60 -1.93
CA GLU NA 5 -76.11 38.25 -0.64
C GLU NA 5 -74.88 39.15 -0.65
N ILE NA 6 -74.91 40.16 0.22
CA ILE NA 6 -73.79 41.09 0.39
C ILE NA 6 -73.37 41.01 1.84
N ARG NA 7 -72.06 41.01 2.09
CA ARG NA 7 -71.52 41.01 3.45
C ARG NA 7 -70.55 42.17 3.61
N ILE NA 8 -70.69 42.92 4.69
CA ILE NA 8 -69.83 44.06 4.98
C ILE NA 8 -69.20 43.80 6.34
N HIS NA 9 -67.92 43.43 6.36
CA HIS NA 9 -67.15 43.33 7.59
C HIS NA 9 -66.50 44.66 7.89
N LEU NA 10 -66.52 45.05 9.17
CA LEU NA 10 -65.91 46.30 9.58
C LEU NA 10 -65.56 46.19 11.06
N CYS NA 11 -64.95 47.25 11.58
CA CYS NA 11 -64.52 47.31 12.97
C CYS NA 11 -65.36 48.30 13.75
N GLN NA 12 -65.25 48.21 15.08
CA GLN NA 12 -65.98 49.10 15.97
C GLN NA 12 -65.19 50.34 16.37
N ARG NA 13 -63.86 50.30 16.31
CA ARG NA 13 -63.06 51.34 16.93
C ARG NA 13 -61.99 51.91 16.01
N SER NA 14 -61.53 51.12 15.05
CA SER NA 14 -60.43 51.56 14.18
C SER NA 14 -60.92 52.68 13.26
N PRO NA 15 -60.13 53.76 13.11
CA PRO NA 15 -60.57 54.86 12.23
C PRO NA 15 -60.63 54.51 10.77
N GLY NA 16 -59.92 53.46 10.33
CA GLY NA 16 -59.96 53.04 8.94
C GLY NA 16 -61.32 52.53 8.49
N SER NA 17 -62.13 52.04 9.43
CA SER NA 17 -63.50 51.65 9.16
C SER NA 17 -64.47 52.80 9.28
N GLN NA 18 -63.98 53.99 9.68
CA GLN NA 18 -64.84 55.06 10.18
C GLN NA 18 -65.84 55.52 9.14
N GLY NA 19 -65.37 55.82 7.93
CA GLY NA 19 -66.28 56.21 6.86
C GLY NA 19 -67.29 55.12 6.54
N VAL NA 20 -66.87 53.85 6.61
CA VAL NA 20 -67.78 52.74 6.42
C VAL NA 20 -68.88 52.78 7.46
N ARG NA 21 -68.51 53.08 8.72
CA ARG NA 21 -69.50 53.26 9.78
C ARG NA 21 -70.49 54.35 9.42
N ASP NA 22 -70.00 55.44 8.82
CA ASP NA 22 -70.86 56.55 8.43
C ASP NA 22 -71.91 56.09 7.43
N PHE NA 23 -71.54 55.15 6.54
CA PHE NA 23 -72.52 54.59 5.61
C PHE NA 23 -73.66 53.93 6.38
N ILE NA 24 -73.32 53.08 7.35
CA ILE NA 24 -74.34 52.45 8.17
C ILE NA 24 -75.02 53.50 9.04
N GLU NA 25 -74.31 54.59 9.36
CA GLU NA 25 -74.92 55.66 10.12
C GLU NA 25 -75.83 56.53 9.26
N LYS NA 26 -75.68 56.49 7.93
CA LYS NA 26 -76.46 57.49 7.19
C LYS NA 26 -77.27 56.91 6.05
N ARG NA 27 -76.75 55.92 5.32
CA ARG NA 27 -77.36 55.50 4.06
C ARG NA 27 -77.70 54.02 4.01
N TYR NA 28 -77.66 53.31 5.14
CA TYR NA 28 -78.05 51.90 5.10
C TYR NA 28 -79.56 51.74 5.03
N VAL NA 29 -80.30 52.62 5.71
CA VAL NA 29 -81.72 52.39 6.02
C VAL NA 29 -82.53 52.23 4.76
N GLU NA 30 -82.59 53.28 3.94
CA GLU NA 30 -83.31 53.20 2.67
C GLU NA 30 -82.66 52.21 1.71
N LEU NA 31 -81.38 51.88 1.90
CA LEU NA 31 -80.76 50.81 1.14
C LEU NA 31 -81.46 49.48 1.39
N LYS NA 32 -81.78 49.20 2.66
CA LYS NA 32 -82.60 48.03 2.96
C LYS NA 32 -84.00 48.18 2.41
N LYS NA 33 -84.49 49.43 2.29
CA LYS NA 33 -85.75 49.67 1.61
C LYS NA 33 -85.61 49.56 0.10
N ALA NA 34 -84.39 49.68 -0.43
CA ALA NA 34 -84.21 49.54 -1.86
C ALA NA 34 -84.36 48.09 -2.31
N ASN NA 35 -83.74 47.17 -1.58
CA ASN NA 35 -83.77 45.75 -1.93
C ASN NA 35 -84.50 44.96 -0.86
N PRO NA 36 -85.73 44.49 -1.12
CA PRO NA 36 -86.47 43.77 -0.08
C PRO NA 36 -86.02 42.33 0.12
N ASP NA 37 -85.25 41.75 -0.81
CA ASP NA 37 -84.88 40.35 -0.72
C ASP NA 37 -83.39 40.10 -0.85
N LEU NA 38 -82.56 41.14 -0.71
CA LEU NA 38 -81.12 40.96 -0.76
C LEU NA 38 -80.54 41.09 0.64
N PRO NA 39 -80.08 40.00 1.26
CA PRO NA 39 -79.53 40.08 2.62
C PRO NA 39 -78.19 40.80 2.62
N ILE NA 40 -78.15 41.94 3.30
CA ILE NA 40 -76.92 42.70 3.50
C ILE NA 40 -76.45 42.51 4.94
N LEU NA 41 -75.59 41.53 5.15
CA LEU NA 41 -75.15 41.15 6.49
C LEU NA 41 -74.02 42.08 6.93
N ILE NA 42 -74.27 42.84 7.99
CA ILE NA 42 -73.29 43.75 8.57
C ILE NA 42 -72.63 43.03 9.74
N ARG NA 43 -71.30 42.95 9.72
CA ARG NA 43 -70.55 42.23 10.75
C ARG NA 43 -69.48 43.16 11.32
N GLU NA 44 -69.64 43.52 12.60
CA GLU NA 44 -68.70 44.39 13.29
C GLU NA 44 -67.83 43.57 14.23
N CYS NA 45 -66.53 43.83 14.20
CA CYS NA 45 -65.59 43.10 15.03
C CYS NA 45 -64.61 44.09 15.64
N SER NA 46 -63.52 43.57 16.23
CA SER NA 46 -62.63 44.39 17.04
C SER NA 46 -61.46 44.95 16.25
N ASP NA 47 -60.74 44.12 15.50
CA ASP NA 47 -59.52 44.56 14.82
C ASP NA 47 -59.45 44.01 13.41
N VAL NA 48 -60.55 44.08 12.67
CA VAL NA 48 -60.62 43.58 11.30
C VAL NA 48 -60.66 44.76 10.35
N GLN NA 49 -59.86 44.69 9.29
CA GLN NA 49 -59.93 45.68 8.23
C GLN NA 49 -61.26 45.59 7.50
N PRO NA 50 -61.75 46.70 6.95
CA PRO NA 50 -63.03 46.66 6.22
C PRO NA 50 -62.95 45.80 4.97
N LYS NA 51 -64.08 45.19 4.63
CA LYS NA 51 -64.17 44.31 3.48
C LYS NA 51 -65.60 44.31 2.97
N LEU NA 52 -65.77 43.85 1.72
CA LEU NA 52 -67.10 43.70 1.15
C LEU NA 52 -67.09 42.40 0.35
N TRP NA 53 -67.85 41.42 0.83
CA TRP NA 53 -67.99 40.14 0.14
C TRP NA 53 -69.36 40.10 -0.53
N ALA NA 54 -69.36 39.86 -1.84
CA ALA NA 54 -70.59 39.75 -2.61
C ALA NA 54 -70.65 38.36 -3.22
N ARG NA 55 -71.70 37.62 -2.90
CA ARG NA 55 -71.89 36.28 -3.44
C ARG NA 55 -72.77 36.34 -4.67
N TYR NA 56 -72.31 35.74 -5.75
CA TYR NA 56 -73.07 35.67 -6.99
C TYR NA 56 -73.72 34.30 -7.11
N ALA NA 57 -74.31 34.03 -8.27
CA ALA NA 57 -74.95 32.75 -8.49
C ALA NA 57 -73.92 31.63 -8.62
N PHE NA 58 -74.34 30.42 -8.23
CA PHE NA 58 -73.53 29.20 -8.29
C PHE NA 58 -72.22 29.34 -7.52
N GLY NA 59 -72.29 30.00 -6.36
CA GLY NA 59 -71.20 30.00 -5.42
C GLY NA 59 -70.06 30.97 -5.70
N GLN NA 60 -70.17 31.81 -6.73
CA GLN NA 60 -69.12 32.76 -7.03
C GLN NA 60 -69.07 33.86 -5.98
N GLU NA 61 -67.85 34.21 -5.55
CA GLU NA 61 -67.65 35.20 -4.51
C GLU NA 61 -66.69 36.27 -5.01
N LYS NA 62 -66.98 37.53 -4.68
CA LYS NA 62 -66.14 38.67 -5.01
C LYS NA 62 -65.79 39.43 -3.74
N ASN NA 63 -64.52 39.82 -3.63
CA ASN NA 63 -64.00 40.51 -2.45
C ASN NA 63 -63.56 41.88 -2.92
N VAL NA 64 -64.02 42.91 -2.22
CA VAL NA 64 -63.60 44.29 -2.49
C VAL NA 64 -63.12 44.89 -1.18
N SER NA 65 -61.89 45.40 -1.17
CA SER NA 65 -61.35 46.03 0.02
C SER NA 65 -62.01 47.39 0.24
N LEU NA 66 -62.35 47.68 1.49
CA LEU NA 66 -63.05 48.91 1.86
C LEU NA 66 -62.28 49.74 2.86
N ASN NA 67 -60.96 49.56 2.93
CA ASN NA 67 -60.14 50.23 3.93
C ASN NA 67 -59.95 51.71 3.58
N ASN NA 68 -60.08 52.56 4.60
CA ASN NA 68 -59.83 54.00 4.50
C ASN NA 68 -60.72 54.68 3.45
N PHE NA 69 -61.96 54.23 3.37
CA PHE NA 69 -62.92 54.75 2.41
C PHE NA 69 -63.86 55.75 3.07
N SER NA 70 -64.26 56.76 2.31
CA SER NA 70 -65.22 57.75 2.78
C SER NA 70 -66.65 57.22 2.56
N ALA NA 71 -67.64 58.08 2.75
CA ALA NA 71 -69.03 57.65 2.54
C ALA NA 71 -69.35 57.52 1.06
N ASP NA 72 -68.88 58.47 0.24
CA ASP NA 72 -69.19 58.42 -1.19
C ASP NA 72 -68.43 57.30 -1.89
N GLN NA 73 -67.18 57.05 -1.48
CA GLN NA 73 -66.40 55.98 -2.07
C GLN NA 73 -67.02 54.62 -1.76
N VAL NA 74 -67.46 54.41 -0.52
CA VAL NA 74 -68.10 53.15 -0.19
C VAL NA 74 -69.48 53.05 -0.84
N THR NA 75 -70.18 54.18 -1.04
CA THR NA 75 -71.44 54.15 -1.76
C THR NA 75 -71.24 53.75 -3.21
N ARG NA 76 -70.17 54.26 -3.83
CA ARG NA 76 -69.81 53.83 -5.19
C ARG NA 76 -69.43 52.36 -5.22
N ALA NA 77 -68.78 51.87 -4.14
CA ALA NA 77 -68.40 50.47 -4.08
C ALA NA 77 -69.63 49.55 -4.06
N LEU NA 78 -70.58 49.81 -3.16
CA LEU NA 78 -71.79 49.00 -3.16
C LEU NA 78 -72.66 49.23 -4.39
N GLU NA 79 -72.62 50.43 -4.98
CA GLU NA 79 -73.39 50.65 -6.21
C GLU NA 79 -72.80 49.85 -7.37
N ASN NA 80 -71.48 49.79 -7.47
CA ASN NA 80 -70.84 48.97 -8.50
C ASN NA 80 -71.10 47.49 -8.27
N VAL NA 81 -71.09 47.05 -6.99
CA VAL NA 81 -71.38 45.66 -6.68
C VAL NA 81 -72.82 45.30 -7.06
N LEU NA 82 -73.76 46.20 -6.76
CA LEU NA 82 -75.16 45.95 -7.12
C LEU NA 82 -75.37 46.03 -8.64
N SER NA 83 -74.60 46.86 -9.33
CA SER NA 83 -74.73 47.00 -10.78
C SER NA 83 -73.91 45.99 -11.57
N SER NA 84 -73.13 45.15 -10.89
CA SER NA 84 -72.40 44.09 -11.59
C SER NA 84 -73.36 43.05 -12.17
N LYS NA 85 -74.11 42.38 -11.29
CA LYS NA 85 -75.15 41.41 -11.66
C LYS NA 85 -74.61 40.28 -12.54
N ALA NA 86 -73.40 39.81 -12.24
CA ALA NA 86 -72.78 38.76 -13.02
C ALA NA 86 -72.58 37.50 -12.17
N LEU OA 1 13.74 5.56 56.31
CA LEU OA 1 13.14 4.26 56.57
C LEU OA 1 13.41 3.30 55.40
N LEU OA 2 13.48 3.86 54.20
CA LEU OA 2 13.73 3.13 52.95
C LEU OA 2 12.70 2.02 52.74
N LYS OA 3 11.44 2.44 52.63
CA LYS OA 3 10.35 1.51 52.36
C LYS OA 3 10.46 0.97 50.95
N LYS OA 4 10.33 -0.35 50.81
CA LYS OA 4 10.40 -0.96 49.47
C LYS OA 4 9.18 -0.59 48.63
N THR OA 5 7.98 -0.67 49.22
CA THR OA 5 6.74 -0.31 48.55
C THR OA 5 6.01 0.76 49.35
N THR OA 6 5.23 1.58 48.65
CA THR OA 6 4.37 2.56 49.27
C THR OA 6 2.95 2.04 49.48
N GLY OA 7 2.64 0.82 49.01
CA GLY OA 7 1.33 0.25 49.13
C GLY OA 7 0.41 0.52 47.96
N LEU OA 8 0.72 1.53 47.14
CA LEU OA 8 -0.08 1.87 45.97
C LEU OA 8 0.65 1.42 44.71
N VAL OA 9 -0.09 0.77 43.82
CA VAL OA 9 0.50 0.26 42.59
C VAL OA 9 0.81 1.41 41.65
N GLY OA 10 2.01 1.37 41.05
CA GLY OA 10 2.41 2.41 40.13
C GLY OA 10 2.85 3.69 40.80
N LEU OA 11 3.43 3.61 41.99
CA LEU OA 11 3.93 4.78 42.71
C LEU OA 11 5.31 4.44 43.25
N ALA OA 12 6.36 4.86 42.54
CA ALA OA 12 7.72 4.57 42.96
C ALA OA 12 8.12 5.44 44.14
N VAL OA 13 8.92 4.87 45.03
CA VAL OA 13 9.36 5.58 46.23
C VAL OA 13 10.53 6.49 45.88
N CYS OA 14 10.48 7.74 46.33
CA CYS OA 14 11.55 8.70 46.12
C CYS OA 14 12.56 8.61 47.25
N GLU OA 15 13.84 8.64 46.88
CA GLU OA 15 14.90 8.46 47.88
C GLU OA 15 15.05 9.69 48.77
N THR OA 16 15.07 10.88 48.17
CA THR OA 16 15.24 12.13 48.91
C THR OA 16 14.00 13.00 48.74
N PRO OA 17 13.09 13.00 49.71
CA PRO OA 17 11.84 13.75 49.53
C PRO OA 17 11.97 15.23 49.86
N HIS OA 18 12.92 15.59 50.74
CA HIS OA 18 13.05 16.97 51.17
C HIS OA 18 13.50 17.88 50.02
N GLU OA 19 14.49 17.43 49.25
CA GLU OA 19 14.99 18.23 48.14
C GLU OA 19 13.94 18.38 47.04
N ARG OA 20 13.21 17.30 46.74
CA ARG OA 20 12.15 17.36 45.74
C ARG OA 20 11.02 18.28 46.18
N LEU OA 21 10.62 18.20 47.45
CA LEU OA 21 9.56 19.06 47.96
C LEU OA 21 9.99 20.52 47.96
N LYS OA 22 11.24 20.81 48.35
CA LYS OA 22 11.72 22.18 48.34
C LYS OA 22 11.81 22.74 46.92
N ILE OA 23 12.26 21.91 45.96
CA ILE OA 23 12.34 22.34 44.57
C ILE OA 23 10.95 22.64 44.03
N LEU OA 24 9.97 21.76 44.32
CA LEU OA 24 8.61 21.97 43.85
C LEU OA 24 7.98 23.21 44.48
N TYR OA 25 8.25 23.47 45.75
CA TYR OA 25 7.65 24.63 46.41
C TYR OA 25 8.27 25.93 45.93
N THR OA 26 9.59 25.94 45.71
CA THR OA 26 10.23 27.11 45.11
C THR OA 26 9.72 27.35 43.69
N LYS OA 27 9.52 26.28 42.92
CA LYS OA 27 9.01 26.42 41.56
C LYS OA 27 7.58 26.94 41.53
N ILE OA 28 6.73 26.46 42.44
CA ILE OA 28 5.34 26.94 42.41
C ILE OA 28 5.28 28.38 42.92
N LEU OA 29 6.16 28.77 43.86
CA LEU OA 29 6.24 30.19 44.23
C LEU OA 29 6.68 31.06 43.06
N ASP OA 30 7.68 30.59 42.31
CA ASP OA 30 8.15 31.34 41.14
C ASP OA 30 7.05 31.47 40.08
N VAL OA 31 6.28 30.41 39.86
CA VAL OA 31 5.20 30.46 38.87
C VAL OA 31 4.07 31.36 39.37
N LEU OA 32 3.72 31.25 40.64
CA LEU OA 32 2.64 32.06 41.22
C LEU OA 32 3.00 33.53 41.33
N GLY OA 33 4.30 33.87 41.25
CA GLY OA 33 4.68 35.28 41.21
C GLY OA 33 4.13 36.03 40.01
N HIS OA 34 3.88 35.32 38.90
CA HIS OA 34 3.35 35.96 37.69
C HIS OA 34 1.89 36.35 37.81
N ILE OA 35 1.14 35.70 38.70
CA ILE OA 35 -0.28 36.00 38.89
C ILE OA 35 -0.43 37.40 39.48
N PRO OA 36 -1.42 38.19 39.07
CA PRO OA 36 -1.66 39.48 39.72
C PRO OA 36 -2.05 39.31 41.18
N LYS OA 37 -1.74 40.35 41.97
CA LYS OA 37 -1.89 40.26 43.42
C LYS OA 37 -3.35 40.19 43.85
N ASN OA 38 -4.26 40.80 43.10
CA ASN OA 38 -5.65 40.84 43.51
C ASN OA 38 -6.37 39.50 43.35
N ALA OA 39 -5.74 38.52 42.69
CA ALA OA 39 -6.35 37.20 42.54
C ALA OA 39 -6.38 36.48 43.88
N ALA OA 40 -7.50 35.82 44.15
CA ALA OA 40 -7.63 35.07 45.40
C ALA OA 40 -6.88 33.75 45.36
N TYR OA 41 -6.82 33.12 44.18
CA TYR OA 41 -6.12 31.85 44.03
C TYR OA 41 -4.64 31.99 44.37
N ARG OA 42 -4.02 33.08 43.90
CA ARG OA 42 -2.61 33.33 44.20
C ARG OA 42 -2.39 33.48 45.70
N LYS OA 43 -3.26 34.23 46.38
CA LYS OA 43 -3.11 34.43 47.82
C LYS OA 43 -3.24 33.13 48.59
N TYR OA 44 -4.30 32.35 48.30
CA TYR OA 44 -4.53 31.13 49.06
C TYR OA 44 -3.48 30.07 48.76
N THR OA 45 -3.08 29.92 47.49
CA THR OA 45 -2.09 28.92 47.13
C THR OA 45 -0.71 29.30 47.65
N GLU OA 46 -0.37 30.59 47.62
CA GLU OA 46 0.89 31.04 48.20
C GLU OA 46 0.91 30.82 49.71
N GLN OA 47 -0.23 31.04 50.38
CA GLN OA 47 -0.32 30.79 51.81
C GLN OA 47 -0.11 29.32 52.15
N ILE OA 48 -0.82 28.42 51.45
CA ILE OA 48 -0.68 27.00 51.78
C ILE OA 48 0.69 26.47 51.36
N THR OA 49 1.27 27.00 50.28
CA THR OA 49 2.60 26.56 49.87
C THR OA 49 3.66 27.01 50.86
N ASN OA 50 3.56 28.25 51.36
CA ASN OA 50 4.50 28.71 52.38
C ASN OA 50 4.34 27.93 53.68
N GLU OA 51 3.10 27.58 54.04
CA GLU OA 51 2.88 26.75 55.24
C GLU OA 51 3.51 25.38 55.07
N LYS OA 52 3.32 24.74 53.92
CA LYS OA 52 3.89 23.42 53.69
C LYS OA 52 5.41 23.47 53.62
N LEU OA 53 5.96 24.56 53.06
CA LEU OA 53 7.42 24.70 53.02
C LEU OA 53 8.00 24.91 54.41
N SER OA 54 7.31 25.67 55.27
CA SER OA 54 7.75 25.81 56.65
C SER OA 54 7.70 24.48 57.39
N ILE OA 55 6.66 23.69 57.15
CA ILE OA 55 6.54 22.39 57.79
C ILE OA 55 7.66 21.46 57.35
N VAL OA 56 7.94 21.43 56.04
CA VAL OA 56 8.98 20.53 55.54
C VAL OA 56 10.38 21.05 55.88
N LYS OA 57 10.53 22.34 56.16
CA LYS OA 57 11.82 22.86 56.61
C LYS OA 57 12.06 22.56 58.08
N ALA OA 58 11.01 22.62 58.91
CA ALA OA 58 11.18 22.53 60.36
C ALA OA 58 11.64 21.15 60.82
N GLU OA 59 11.12 20.09 60.21
CA GLU OA 59 11.38 18.75 60.72
C GLU OA 59 12.06 17.86 59.67
N PRO OA 60 13.04 17.05 60.07
CA PRO OA 60 13.76 16.22 59.10
C PRO OA 60 13.27 14.79 58.95
N ASP OA 61 12.43 14.28 59.85
CA ASP OA 61 12.03 12.88 59.79
C ASP OA 61 10.91 12.67 58.79
N VAL OA 62 10.98 11.55 58.06
CA VAL OA 62 10.00 11.27 57.01
C VAL OA 62 8.64 10.93 57.62
N LYS OA 63 8.63 10.09 58.67
CA LYS OA 63 7.37 9.66 59.27
C LYS OA 63 6.67 10.82 59.97
N LYS OA 64 7.43 11.66 60.67
CA LYS OA 64 6.85 12.84 61.29
C LYS OA 64 6.39 13.84 60.25
N LEU OA 65 7.05 13.89 59.08
CA LEU OA 65 6.54 14.71 57.98
C LEU OA 65 5.21 14.18 57.46
N GLU OA 66 5.09 12.85 57.30
CA GLU OA 66 3.83 12.27 56.82
C GLU OA 66 2.72 12.45 57.84
N GLU OA 67 3.06 12.54 59.12
CA GLU OA 67 2.03 12.76 60.13
C GLU OA 67 1.67 14.23 60.30
N GLN OA 68 2.64 15.14 60.19
CA GLN OA 68 2.35 16.56 60.34
C GLN OA 68 1.66 17.12 59.10
N LEU OA 69 2.13 16.74 57.92
CA LEU OA 69 1.53 17.21 56.68
C LEU OA 69 0.19 16.57 56.40
N GLN OA 70 -0.10 15.42 57.03
CA GLN OA 70 -1.35 14.64 56.93
C GLN OA 70 -1.84 14.45 55.49
N GLY OA 71 -0.91 14.40 54.54
CA GLY OA 71 -1.24 14.16 53.15
C GLY OA 71 -0.98 12.72 52.75
N GLY OA 72 -0.85 11.84 53.74
CA GLY OA 72 -0.54 10.45 53.49
C GLY OA 72 0.93 10.21 53.28
N GLN OA 73 1.26 9.35 52.32
CA GLN OA 73 2.66 9.10 51.99
C GLN OA 73 3.27 10.33 51.33
N ILE OA 74 4.59 10.46 51.45
CA ILE OA 74 5.28 11.62 50.89
C ILE OA 74 5.26 11.61 49.36
N GLU OA 75 5.07 10.43 48.75
CA GLU OA 75 4.89 10.37 47.31
C GLU OA 75 3.60 11.06 46.89
N GLU OA 76 2.54 10.90 47.68
CA GLU OA 76 1.29 11.61 47.41
C GLU OA 76 1.46 13.11 47.60
N VAL OA 77 2.28 13.53 48.55
CA VAL OA 77 2.55 14.96 48.73
C VAL OA 77 3.29 15.52 47.54
N ILE OA 78 4.28 14.79 47.02
CA ILE OA 78 5.03 15.23 45.85
C ILE OA 78 4.12 15.29 44.62
N LEU OA 79 3.26 14.27 44.46
CA LEU OA 79 2.33 14.24 43.33
C LEU OA 79 1.33 15.39 43.42
N GLN OA 80 0.85 15.70 44.63
CA GLN OA 80 -0.08 16.82 44.81
C GLN OA 80 0.60 18.14 44.53
N ALA OA 81 1.87 18.29 44.90
CA ALA OA 81 2.61 19.50 44.58
C ALA OA 81 2.80 19.67 43.08
N GLU OA 82 3.09 18.57 42.38
CA GLU OA 82 3.22 18.62 40.92
C GLU OA 82 1.89 18.97 40.26
N ASN OA 83 0.79 18.40 40.76
CA ASN OA 83 -0.53 18.73 40.22
C ASN OA 83 -0.89 20.18 40.48
N GLU OA 84 -0.50 20.71 41.64
CA GLU OA 84 -0.75 22.13 41.92
C GLU OA 84 0.09 23.04 41.04
N LEU OA 85 1.33 22.63 40.71
CA LEU OA 85 2.13 23.40 39.77
C LEU OA 85 1.50 23.41 38.38
N SER OA 86 0.98 22.25 37.94
CA SER OA 86 0.28 22.19 36.67
C SER OA 86 -0.98 23.05 36.69
N LEU OA 87 -1.69 23.05 37.81
CA LEU OA 87 -2.87 23.90 37.94
C LEU OA 87 -2.50 25.37 37.93
N ALA OA 88 -1.35 25.73 38.51
CA ALA OA 88 -0.92 27.13 38.51
C ALA OA 88 -0.56 27.59 37.10
N ARG OA 89 0.09 26.73 36.31
CA ARG OA 89 0.35 27.05 34.91
C ARG OA 89 -0.94 27.21 34.12
N LYS OA 90 -1.89 26.29 34.32
CA LYS OA 90 -3.18 26.44 33.66
C LYS OA 90 -3.94 27.66 34.16
N MET OA 91 -3.68 28.08 35.41
CA MET OA 91 -4.38 29.20 36.00
C MET OA 91 -3.90 30.53 35.43
N ILE OA 92 -2.58 30.67 35.25
CA ILE OA 92 -2.09 31.87 34.56
C ILE OA 92 -2.50 31.82 33.09
N GLN OA 93 -2.67 30.62 32.53
CA GLN OA 93 -3.20 30.51 31.17
C GLN OA 93 -4.63 31.03 31.08
N TRP OA 94 -5.52 30.57 31.97
CA TRP OA 94 -6.95 30.86 31.81
C TRP OA 94 -7.33 32.28 32.20
N LYS OA 95 -6.65 32.86 33.21
CA LYS OA 95 -7.00 34.12 33.86
C LYS OA 95 -8.45 34.14 34.34
N PRO OA 96 -8.81 33.40 35.39
CA PRO OA 96 -10.20 33.42 35.88
C PRO OA 96 -10.50 34.41 36.99
N TRP OA 97 -9.60 35.33 37.32
CA TRP OA 97 -9.90 36.34 38.33
C TRP OA 97 -10.69 37.52 37.78
N GLU OA 98 -11.01 37.51 36.49
CA GLU OA 98 -11.88 38.52 35.89
C GLU OA 98 -13.31 38.32 36.37
N PRO OA 99 -14.18 39.36 36.26
CA PRO OA 99 -15.58 39.21 36.69
C PRO OA 99 -16.40 38.25 35.83
N LEU OA 100 -17.70 38.17 36.12
CA LEU OA 100 -18.59 37.24 35.44
C LEU OA 100 -18.63 37.51 33.93
N VAL OA 101 -18.45 36.45 33.15
CA VAL OA 101 -18.47 36.61 31.69
C VAL OA 101 -19.89 36.88 31.20
N GLU OA 102 -20.88 36.14 31.71
CA GLU OA 102 -22.27 36.33 31.34
C GLU OA 102 -23.14 36.11 32.57
N GLU OA 103 -24.32 36.73 32.54
CA GLU OA 103 -25.25 36.50 33.63
C GLU OA 103 -26.32 35.51 33.21
N PRO OA 104 -26.75 34.62 34.11
CA PRO OA 104 -27.74 33.61 33.74
C PRO OA 104 -29.11 34.23 33.54
N PRO OA 105 -30.00 33.58 32.81
CA PRO OA 105 -31.38 34.06 32.71
C PRO OA 105 -32.10 33.97 34.04
N ALA OA 106 -33.24 34.67 34.11
CA ALA OA 106 -33.97 34.81 35.37
C ALA OA 106 -34.58 33.50 35.86
N SER OA 107 -34.77 32.51 34.99
CA SER OA 107 -35.33 31.22 35.36
C SER OA 107 -34.32 30.10 35.12
N GLN OA 108 -33.07 30.34 35.51
CA GLN OA 108 -32.01 29.37 35.26
C GLN OA 108 -31.68 28.50 36.46
N TRP OA 109 -31.78 29.03 37.68
CA TRP OA 109 -31.51 28.25 38.88
C TRP OA 109 -32.71 28.26 39.84
N LYS OA 110 -33.90 28.45 39.28
CA LYS OA 110 -35.14 28.46 40.07
C LYS OA 110 -35.69 27.03 40.11
N TRP OA 111 -35.67 26.43 41.29
CA TRP OA 111 -36.21 25.08 41.48
C TRP OA 111 -37.10 25.09 42.72
N PRO OA 112 -38.35 24.61 42.62
CA PRO OA 112 -39.00 24.06 41.43
C PRO OA 112 -39.54 25.14 40.49
N ILE OA 113 -39.94 24.73 39.29
CA ILE OA 113 -40.48 25.65 38.30
C ILE OA 113 -41.83 26.21 38.74
N THR PA 1 -29.52 36.75 19.82
CA THR PA 1 -29.35 36.17 18.50
C THR PA 1 -27.91 35.71 18.29
N SER PA 2 -27.03 36.09 19.21
CA SER PA 2 -25.64 35.68 19.15
C SER PA 2 -25.49 34.28 19.73
N VAL PA 3 -25.05 33.33 18.90
CA VAL PA 3 -24.98 31.94 19.27
C VAL PA 3 -23.56 31.43 19.09
N LYS PA 4 -23.24 30.33 19.78
CA LYS PA 4 -21.93 29.72 19.69
C LYS PA 4 -21.90 28.72 18.54
N PRO PA 5 -20.98 28.84 17.58
CA PRO PA 5 -20.91 27.87 16.50
C PRO PA 5 -20.27 26.57 16.97
N ILE PA 6 -20.49 25.51 16.19
CA ILE PA 6 -19.92 24.22 16.53
C ILE PA 6 -18.78 23.90 15.58
N PHE PA 7 -19.11 23.70 14.30
CA PHE PA 7 -18.15 23.46 13.22
C PHE PA 7 -18.29 24.44 12.08
N SER PA 8 -19.51 24.82 11.72
CA SER PA 8 -19.76 25.66 10.56
C SER PA 8 -19.89 27.12 10.99
N ARG PA 9 -19.02 27.97 10.43
CA ARG PA 9 -19.11 29.39 10.71
C ARG PA 9 -20.28 30.04 9.98
N ASP PA 10 -20.46 29.69 8.71
CA ASP PA 10 -21.54 30.23 7.90
C ASP PA 10 -22.30 29.12 7.18
N MET PA 11 -23.19 29.48 6.26
CA MET PA 11 -23.93 28.48 5.51
C MET PA 11 -23.09 27.78 4.46
N ASN PA 12 -22.04 28.46 3.95
CA ASN PA 12 -21.20 27.87 2.92
C ASN PA 12 -20.42 26.67 3.45
N GLU PA 13 -19.87 26.79 4.66
CA GLU PA 13 -19.12 25.67 5.25
C GLU PA 13 -20.05 24.49 5.57
N ALA PA 14 -21.27 24.79 6.03
CA ALA PA 14 -22.25 23.74 6.29
C ALA PA 14 -22.65 23.03 5.00
N LYS PA 15 -22.80 23.78 3.89
CA LYS PA 15 -23.08 23.15 2.62
C LYS PA 15 -21.90 22.32 2.13
N ARG PA 16 -20.67 22.76 2.43
CA ARG PA 16 -19.50 21.96 2.11
C ARG PA 16 -19.51 20.63 2.87
N ARG PA 17 -19.88 20.67 4.15
CA ARG PA 17 -20.00 19.44 4.94
C ARG PA 17 -21.11 18.53 4.40
N VAL PA 18 -22.22 19.12 3.95
CA VAL PA 18 -23.31 18.34 3.36
C VAL PA 18 -22.84 17.64 2.09
N ARG PA 19 -22.12 18.36 1.24
CA ARG PA 19 -21.60 17.76 0.01
C ARG PA 19 -20.59 16.66 0.31
N GLU PA 20 -19.76 16.85 1.33
CA GLU PA 20 -18.82 15.81 1.74
C GLU PA 20 -19.55 14.55 2.22
N LEU PA 21 -20.61 14.73 3.02
CA LEU PA 21 -21.39 13.59 3.49
C LEU PA 21 -22.06 12.85 2.34
N TYR PA 22 -22.60 13.60 1.38
CA TYR PA 22 -23.23 12.95 0.22
C TYR PA 22 -22.19 12.22 -0.63
N ARG PA 23 -20.99 12.79 -0.76
CA ARG PA 23 -19.92 12.12 -1.49
C ARG PA 23 -19.57 10.79 -0.83
N ALA PA 24 -19.42 10.79 0.49
CA ALA PA 24 -19.09 9.57 1.22
C ALA PA 24 -20.19 8.52 1.11
N TRP PA 25 -21.45 8.96 1.22
CA TRP PA 25 -22.56 8.01 1.14
C TRP PA 25 -22.69 7.41 -0.27
N TYR PA 26 -22.51 8.23 -1.30
CA TYR PA 26 -22.54 7.72 -2.68
C TYR PA 26 -21.37 6.77 -2.93
N ARG PA 27 -20.23 7.03 -2.29
CA ARG PA 27 -19.11 6.08 -2.37
C ARG PA 27 -19.44 4.75 -1.72
N GLU PA 28 -20.08 4.78 -0.55
CA GLU PA 28 -20.20 3.57 0.26
C GLU PA 28 -21.52 2.82 0.05
N VAL PA 29 -22.41 3.32 -0.81
CA VAL PA 29 -23.62 2.56 -1.15
C VAL PA 29 -23.33 1.21 -1.81
N PRO PA 30 -22.45 1.10 -2.83
CA PRO PA 30 -22.20 -0.24 -3.41
C PRO PA 30 -21.59 -1.24 -2.46
N ASN PA 31 -20.68 -0.80 -1.58
CA ASN PA 31 -20.10 -1.71 -0.61
C ASN PA 31 -21.12 -2.12 0.45
N THR PA 32 -22.05 -1.23 0.79
CA THR PA 32 -23.12 -1.59 1.71
C THR PA 32 -24.06 -2.61 1.08
N VAL PA 33 -24.35 -2.47 -0.21
CA VAL PA 33 -25.19 -3.43 -0.91
C VAL PA 33 -24.50 -4.78 -1.02
N HIS PA 34 -23.21 -4.78 -1.35
CA HIS PA 34 -22.50 -6.04 -1.59
C HIS PA 34 -22.20 -6.77 -0.29
N LEU PA 35 -21.79 -6.04 0.76
CA LEU PA 35 -21.33 -6.69 1.98
C LEU PA 35 -22.48 -7.27 2.78
N PHE PA 36 -23.58 -6.54 2.89
CA PHE PA 36 -24.73 -6.98 3.68
C PHE PA 36 -25.60 -8.00 2.95
N GLN PA 37 -25.25 -8.35 1.71
CA GLN PA 37 -26.06 -9.19 0.83
C GLN PA 37 -27.47 -8.63 0.66
N LEU PA 38 -27.56 -7.30 0.52
CA LEU PA 38 -28.84 -6.67 0.27
C LEU PA 38 -29.35 -7.06 -1.11
N ASP PA 39 -30.65 -7.33 -1.19
CA ASP PA 39 -31.26 -7.85 -2.41
C ASP PA 39 -31.90 -6.75 -3.25
N ILE PA 40 -31.30 -5.55 -3.23
CA ILE PA 40 -31.76 -4.42 -4.02
C ILE PA 40 -30.60 -3.96 -4.90
N SER PA 41 -30.92 -3.11 -5.86
CA SER PA 41 -29.91 -2.57 -6.75
C SER PA 41 -29.14 -1.42 -6.07
N VAL PA 42 -28.02 -1.06 -6.69
CA VAL PA 42 -27.22 0.07 -6.20
C VAL PA 42 -27.97 1.38 -6.42
N LYS PA 43 -28.72 1.46 -7.53
CA LYS PA 43 -29.46 2.69 -7.86
C LYS PA 43 -30.55 2.97 -6.82
N GLN PA 44 -31.17 1.90 -6.29
CA GLN PA 44 -32.19 2.08 -5.26
C GLN PA 44 -31.61 2.71 -4.00
N GLY PA 45 -30.45 2.22 -3.56
CA GLY PA 45 -29.81 2.80 -2.39
C GLY PA 45 -29.33 4.22 -2.62
N ARG PA 46 -28.75 4.48 -3.79
CA ARG PA 46 -28.23 5.82 -4.09
C ARG PA 46 -29.36 6.84 -4.18
N ASP PA 47 -30.47 6.47 -4.82
CA ASP PA 47 -31.61 7.38 -4.87
C ASP PA 47 -32.34 7.45 -3.54
N LYS PA 48 -32.21 6.45 -2.67
CA LYS PA 48 -32.69 6.58 -1.30
C LYS PA 48 -31.89 7.63 -0.54
N VAL PA 49 -30.56 7.62 -0.72
CA VAL PA 49 -29.71 8.65 -0.11
C VAL PA 49 -30.09 10.03 -0.63
N ARG PA 50 -30.32 10.13 -1.95
CA ARG PA 50 -30.76 11.39 -2.54
C ARG PA 50 -32.11 11.84 -1.99
N GLU PA 51 -33.03 10.89 -1.80
CA GLU PA 51 -34.35 11.22 -1.27
C GLU PA 51 -34.25 11.73 0.17
N MET PA 52 -33.41 11.10 0.99
CA MET PA 52 -33.22 11.59 2.37
C MET PA 52 -32.58 12.97 2.39
N PHE PA 53 -31.57 13.19 1.53
CA PHE PA 53 -30.90 14.48 1.48
C PHE PA 53 -31.84 15.59 1.01
N LYS PA 54 -32.73 15.28 0.06
CA LYS PA 54 -33.72 16.25 -0.37
C LYS PA 54 -34.83 16.43 0.66
N LYS PA 55 -35.11 15.39 1.45
CA LYS PA 55 -36.11 15.52 2.51
C LYS PA 55 -35.64 16.45 3.61
N ASN PA 56 -34.36 16.38 3.97
CA ASN PA 56 -33.82 17.24 5.01
C ASN PA 56 -33.25 18.55 4.46
N ALA PA 57 -33.73 19.00 3.30
CA ALA PA 57 -33.18 20.17 2.62
C ALA PA 57 -34.05 21.41 2.78
N HIS PA 58 -34.65 21.61 3.95
CA HIS PA 58 -35.48 22.77 4.22
C HIS PA 58 -34.94 23.64 5.34
N VAL PA 59 -33.70 23.40 5.79
CA VAL PA 59 -33.17 24.01 6.99
C VAL PA 59 -32.24 25.17 6.61
N THR PA 60 -32.39 26.30 7.29
CA THR PA 60 -31.55 27.48 7.09
C THR PA 60 -30.64 27.77 8.27
N ASP PA 61 -30.77 27.02 9.38
CA ASP PA 61 -29.93 27.23 10.55
C ASP PA 61 -28.61 26.48 10.39
N PRO PA 62 -27.47 27.14 10.51
CA PRO PA 62 -26.17 26.44 10.42
C PRO PA 62 -25.98 25.36 11.49
N ARG PA 63 -26.49 25.59 12.70
CA ARG PA 63 -26.31 24.62 13.77
C ARG PA 63 -27.12 23.35 13.53
N VAL PA 64 -28.34 23.49 13.02
CA VAL PA 64 -29.20 22.34 12.78
C VAL PA 64 -28.65 21.48 11.64
N VAL PA 65 -28.23 22.11 10.55
CA VAL PA 65 -27.65 21.34 9.45
C VAL PA 65 -26.29 20.77 9.85
N ASP PA 66 -25.56 21.45 10.72
CA ASP PA 66 -24.31 20.90 11.23
C ASP PA 66 -24.56 19.64 12.06
N LEU PA 67 -25.59 19.67 12.91
CA LEU PA 67 -25.95 18.48 13.68
C LEU PA 67 -26.45 17.37 12.78
N LEU PA 68 -27.16 17.72 11.69
CA LEU PA 68 -27.58 16.72 10.72
C LEU PA 68 -26.39 16.06 10.04
N VAL PA 69 -25.35 16.86 9.73
CA VAL PA 69 -24.12 16.32 9.15
C VAL PA 69 -23.43 15.39 10.14
N ILE PA 70 -23.39 15.77 11.42
CA ILE PA 70 -22.79 14.92 12.45
C ILE PA 70 -23.54 13.60 12.57
N LYS PA 71 -24.87 13.64 12.60
CA LYS PA 71 -25.66 12.41 12.71
C LYS PA 71 -25.52 11.53 11.46
N GLY PA 72 -25.41 12.15 10.28
CA GLY PA 72 -25.08 11.38 9.09
C GLY PA 72 -23.72 10.72 9.18
N LYS PA 73 -22.76 11.40 9.82
CA LYS PA 73 -21.45 10.79 10.05
C LYS PA 73 -21.55 9.60 11.00
N MET PA 74 -22.41 9.70 12.02
CA MET PA 74 -22.64 8.56 12.91
C MET PA 74 -23.22 7.38 12.15
N GLU PA 75 -24.20 7.64 11.29
CA GLU PA 75 -24.79 6.57 10.48
C GLU PA 75 -23.75 5.97 9.53
N LEU PA 76 -22.90 6.82 8.95
CA LEU PA 76 -21.84 6.34 8.06
C LEU PA 76 -20.83 5.49 8.81
N GLU PA 77 -20.49 5.86 10.04
CA GLU PA 77 -19.55 5.06 10.83
C GLU PA 77 -20.18 3.75 11.27
N GLU PA 78 -21.48 3.74 11.56
CA GLU PA 78 -22.15 2.49 11.91
C GLU PA 78 -22.39 1.61 10.70
N THR PA 79 -22.34 2.16 9.49
CA THR PA 79 -22.49 1.36 8.27
C THR PA 79 -21.16 0.86 7.74
N ILE PA 80 -20.11 1.70 7.77
CA ILE PA 80 -18.80 1.33 7.22
C ILE PA 80 -18.21 0.17 8.00
N ASN PA 81 -18.18 0.28 9.33
CA ASN PA 81 -17.92 -0.87 10.17
C ASN PA 81 -19.20 -1.68 10.30
N VAL PA 82 -19.06 -2.99 10.40
CA VAL PA 82 -20.23 -3.88 10.41
C VAL PA 82 -20.69 -3.95 11.86
N TRP PA 83 -21.45 -2.93 12.25
CA TRP PA 83 -22.16 -2.89 13.53
C TRP PA 83 -23.66 -3.07 13.38
N LYS PA 84 -24.21 -2.67 12.23
CA LYS PA 84 -25.62 -2.87 11.95
C LYS PA 84 -25.86 -4.32 11.51
N GLN PA 85 -27.11 -4.62 11.20
CA GLN PA 85 -27.51 -5.90 10.65
C GLN PA 85 -28.15 -5.67 9.28
N ARG PA 86 -28.69 -6.73 8.71
CA ARG PA 86 -29.48 -6.59 7.49
C ARG PA 86 -30.75 -5.78 7.74
N THR PA 87 -31.41 -6.03 8.87
CA THR PA 87 -32.65 -5.34 9.18
C THR PA 87 -32.44 -3.86 9.46
N HIS PA 88 -31.30 -3.48 10.04
CA HIS PA 88 -31.05 -2.07 10.33
C HIS PA 88 -30.86 -1.27 9.04
N VAL PA 89 -30.20 -1.85 8.04
CA VAL PA 89 -30.08 -1.17 6.75
C VAL PA 89 -31.42 -1.19 6.02
N MET PA 90 -32.15 -2.31 6.11
CA MET PA 90 -33.41 -2.43 5.39
C MET PA 90 -34.56 -1.66 6.04
N ARG PA 91 -34.37 -1.13 7.25
CA ARG PA 91 -35.42 -0.34 7.90
C ARG PA 91 -35.73 0.95 7.15
N PHE PA 92 -34.78 1.48 6.37
CA PHE PA 92 -35.06 2.64 5.54
C PHE PA 92 -36.09 2.30 4.45
N PHE PA 93 -35.97 1.12 3.85
CA PHE PA 93 -36.88 0.67 2.80
C PHE PA 93 -38.06 -0.01 3.47
N HIS PA 94 -39.15 0.73 3.64
CA HIS PA 94 -40.35 0.20 4.28
C HIS PA 94 -41.04 -0.76 3.33
N GLU PA 95 -40.91 -2.06 3.59
CA GLU PA 95 -41.46 -3.08 2.71
C GLU PA 95 -42.69 -3.79 3.29
N THR PA 96 -42.94 -3.68 4.59
CA THR PA 96 -44.08 -4.34 5.20
C THR PA 96 -45.30 -3.44 5.34
N GLU PA 97 -45.12 -2.13 5.38
CA GLU PA 97 -46.24 -1.21 5.56
C GLU PA 97 -47.02 -1.07 4.26
N ALA PA 98 -48.34 -1.25 4.35
CA ALA PA 98 -49.20 -1.03 3.20
C ALA PA 98 -49.24 0.45 2.84
N PRO PA 99 -49.46 0.78 1.57
CA PRO PA 99 -49.55 2.20 1.18
C PRO PA 99 -50.75 2.88 1.82
N ARG PA 100 -50.47 3.92 2.62
CA ARG PA 100 -51.52 4.66 3.30
C ARG PA 100 -52.29 5.52 2.31
N PRO PA 101 -53.57 5.74 2.54
CA PRO PA 101 -54.34 6.65 1.68
C PRO PA 101 -53.89 8.10 1.85
N LYS PA 102 -54.07 8.87 0.78
CA LYS PA 102 -53.64 10.26 0.78
C LYS PA 102 -54.74 11.23 0.40
N ASP PA 103 -55.62 10.86 -0.51
CA ASP PA 103 -56.74 11.74 -0.86
C ASP PA 103 -57.77 11.75 0.26
N PHE PA 104 -58.66 12.75 0.20
CA PHE PA 104 -59.62 12.95 1.28
C PHE PA 104 -60.68 11.86 1.31
N LEU PA 105 -61.11 11.39 0.13
CA LEU PA 105 -62.18 10.40 0.08
C LEU PA 105 -61.76 9.07 0.68
N SER PA 106 -60.54 8.62 0.38
CA SER PA 106 -60.07 7.35 0.91
C SER PA 106 -59.83 7.43 2.41
N LYS PA 107 -59.26 8.55 2.89
CA LYS PA 107 -59.07 8.71 4.33
C LYS PA 107 -60.40 8.85 5.06
N PHE PA 108 -61.41 9.43 4.39
CA PHE PA 108 -62.75 9.47 4.96
C PHE PA 108 -63.35 8.07 5.05
N TYR PA 109 -63.07 7.23 4.06
CA TYR PA 109 -63.54 5.84 4.11
C TYR PA 109 -62.85 5.07 5.22
N VAL PA 110 -61.55 5.31 5.43
CA VAL PA 110 -60.78 4.47 6.35
C VAL PA 110 -61.10 4.81 7.81
N GLY PA 111 -60.86 6.04 8.22
CA GLY PA 111 -60.99 6.40 9.62
C GLY PA 111 -61.12 7.88 9.88
N HIS PA 112 -60.68 8.29 11.07
CA HIS PA 112 -60.86 9.65 11.56
C HIS PA 112 -59.58 10.47 11.52
N ASP PA 113 -58.61 10.08 10.70
CA ASP PA 113 -57.35 10.81 10.64
C ASP PA 113 -57.60 12.11 9.88
N PRO PA 114 -57.34 13.28 10.46
CA PRO PA 114 -57.55 14.56 9.79
C PRO PA 114 -56.38 14.97 8.90
N AYA QA 1 -25.76 -37.98 57.47
CA AYA QA 1 -25.46 -38.68 58.69
CB AYA QA 1 -26.13 -38.04 59.90
C AYA QA 1 -25.88 -40.14 58.62
O AYA QA 1 -25.85 -40.92 59.58
CT AYA QA 1 -24.79 -37.72 56.51
OT AYA QA 1 -23.61 -38.09 56.67
CM AYA QA 1 -25.24 -36.99 55.27
N SER QA 2 -26.30 -40.52 57.42
CA SER QA 2 -26.74 -41.89 57.16
C SER QA 2 -25.64 -42.69 56.48
N ALA QA 3 -24.39 -42.35 56.79
CA ALA QA 3 -23.23 -42.99 56.19
C ALA QA 3 -22.42 -43.71 57.27
N THR QA 4 -21.73 -44.76 56.86
CA THR QA 4 -20.98 -45.60 57.77
C THR QA 4 -19.77 -44.87 58.33
N ARG QA 5 -19.12 -45.51 59.31
CA ARG QA 5 -18.00 -44.87 60.00
C ARG QA 5 -16.74 -44.86 59.17
N LEU QA 6 -16.53 -45.86 58.31
CA LEU QA 6 -15.34 -45.89 57.47
C LEU QA 6 -15.42 -44.82 56.38
N ILE QA 7 -16.61 -44.61 55.80
CA ILE QA 7 -16.80 -43.52 54.84
C ILE QA 7 -16.63 -42.17 55.53
N GLN QA 8 -17.08 -42.08 56.78
CA GLN QA 8 -16.88 -40.88 57.59
C GLN QA 8 -15.40 -40.58 57.78
N GLY QA 9 -14.62 -41.60 58.15
CA GLY QA 9 -13.19 -41.40 58.34
C GLY QA 9 -12.46 -41.08 57.04
N LEU QA 10 -12.87 -41.73 55.94
CA LEU QA 10 -12.27 -41.44 54.64
C LEU QA 10 -12.53 -40.00 54.21
N ARG QA 11 -13.77 -39.53 54.41
CA ARG QA 11 -14.11 -38.14 54.09
C ARG QA 11 -13.32 -37.17 54.96
N ASN QA 12 -13.18 -37.49 56.25
CA ASN QA 12 -12.45 -36.61 57.16
C ASN QA 12 -10.96 -36.55 56.80
N TRP QA 13 -10.39 -37.68 56.38
CA TRP QA 13 -8.99 -37.67 55.98
C TRP QA 13 -8.77 -36.94 54.67
N ALA QA 14 -9.63 -37.20 53.67
CA ALA QA 14 -9.40 -36.64 52.35
C ALA QA 14 -9.73 -35.14 52.31
N SER QA 15 -10.63 -34.68 53.18
CA SER QA 15 -10.90 -33.25 53.26
C SER QA 15 -9.99 -32.53 54.24
N GLY QA 16 -9.46 -33.25 55.24
CA GLY QA 16 -8.57 -32.67 56.22
C GLY QA 16 -9.24 -31.99 57.39
N ARG QA 17 -10.57 -32.05 57.49
CA ARG QA 17 -11.30 -31.40 58.57
C ARG QA 17 -12.48 -32.26 58.97
N ASP QA 18 -13.04 -31.96 60.14
CA ASP QA 18 -14.18 -32.69 60.69
C ASP QA 18 -15.44 -32.21 59.97
N LEU QA 19 -15.83 -32.95 58.92
CA LEU QA 19 -16.99 -32.58 58.12
C LEU QA 19 -18.29 -32.80 58.88
N GLN QA 20 -18.35 -33.82 59.72
CA GLN QA 20 -19.59 -34.14 60.42
C GLN QA 20 -19.91 -33.19 61.56
N ALA QA 21 -18.96 -32.34 61.95
CA ALA QA 21 -19.26 -31.32 62.96
C ALA QA 21 -20.17 -30.24 62.39
N LYS QA 22 -19.89 -29.79 61.16
CA LYS QA 22 -20.67 -28.75 60.49
C LYS QA 22 -21.16 -29.30 59.16
N LEU QA 23 -22.33 -29.94 59.18
CA LEU QA 23 -22.92 -30.46 57.96
C LEU QA 23 -23.56 -29.34 57.15
N GLN QA 24 -23.53 -29.50 55.82
CA GLN QA 24 -24.15 -28.56 54.92
C GLN QA 24 -25.59 -28.92 54.58
N LEU QA 25 -26.09 -30.04 55.09
CA LEU QA 25 -27.48 -30.46 54.88
C LEU QA 25 -28.23 -30.27 56.19
N ARG QA 26 -29.40 -29.65 56.11
CA ARG QA 26 -30.19 -29.34 57.30
C ARG QA 26 -30.89 -30.58 57.83
N TYR QA 27 -31.13 -30.57 59.13
CA TYR QA 27 -31.73 -31.71 59.85
C TYR QA 27 -32.69 -31.13 60.88
N GLN QA 28 -33.03 -31.94 61.89
CA GLN QA 28 -33.99 -31.56 62.92
C GLN QA 28 -33.56 -30.37 63.76
N GLU QA 29 -32.29 -29.96 63.71
CA GLU QA 29 -31.78 -28.89 64.56
C GLU QA 29 -32.35 -27.52 64.22
N ILE QA 30 -32.97 -27.33 63.06
CA ILE QA 30 -33.49 -26.03 62.66
C ILE QA 30 -34.81 -25.77 63.38
N SER QA 31 -35.30 -24.54 63.30
CA SER QA 31 -36.56 -24.18 63.91
C SER QA 31 -37.73 -24.86 63.20
N LYS QA 32 -38.83 -25.00 63.92
CA LYS QA 32 -39.99 -25.72 63.41
C LYS QA 32 -40.69 -24.91 62.32
N ARG QA 33 -41.38 -25.62 61.44
CA ARG QA 33 -42.07 -25.00 60.32
C ARG QA 33 -43.34 -24.27 60.74
N THR QA 34 -43.88 -24.56 61.92
CA THR QA 34 -45.00 -23.83 62.47
C THR QA 34 -44.55 -23.13 63.75
N GLN QA 35 -45.16 -21.98 64.02
CA GLN QA 35 -44.74 -21.13 65.14
C GLN QA 35 -45.97 -20.61 65.87
N PRO QA 36 -45.85 -20.32 67.16
CA PRO QA 36 -46.95 -19.65 67.86
C PRO QA 36 -47.14 -18.23 67.35
N PRO QA 37 -48.35 -17.70 67.43
CA PRO QA 37 -48.59 -16.32 66.96
C PRO QA 37 -47.88 -15.31 67.84
N PRO QA 38 -47.34 -14.24 67.25
CA PRO QA 38 -46.63 -13.24 68.04
C PRO QA 38 -47.54 -12.10 68.50
N LYS QA 39 -46.98 -11.18 69.29
CA LYS QA 39 -47.65 -9.95 69.67
C LYS QA 39 -46.68 -8.82 69.32
N LEU QA 40 -46.94 -8.14 68.21
CA LEU QA 40 -46.02 -7.14 67.71
C LEU QA 40 -46.01 -5.91 68.61
N PRO QA 41 -44.84 -5.35 68.91
CA PRO QA 41 -44.79 -4.15 69.73
C PRO QA 41 -45.22 -2.92 68.94
N VAL QA 42 -45.49 -1.85 69.68
CA VAL QA 42 -45.97 -0.61 69.10
C VAL QA 42 -44.80 0.36 68.96
N GLY QA 43 -45.03 1.44 68.21
CA GLY QA 43 -44.01 2.44 68.00
C GLY QA 43 -43.94 3.43 69.14
N PRO QA 44 -43.18 4.51 68.94
CA PRO QA 44 -43.02 5.49 70.03
C PRO QA 44 -44.16 6.50 70.14
N SER QA 45 -44.92 6.74 69.07
CA SER QA 45 -45.95 7.76 69.06
C SER QA 45 -47.36 7.20 69.20
N HIS QA 46 -47.49 5.98 69.70
CA HIS QA 46 -48.82 5.41 69.98
C HIS QA 46 -49.27 5.73 71.40
N ARG QA 47 -49.22 7.01 71.74
CA ARG QA 47 -49.65 7.52 73.03
C ARG QA 47 -51.09 8.03 72.92
N LEU QA 48 -51.55 8.70 73.98
CA LEU QA 48 -52.83 9.38 73.96
C LEU QA 48 -52.73 10.85 74.36
N SER QA 49 -51.67 11.26 75.04
CA SER QA 49 -51.49 12.64 75.46
C SER QA 49 -50.16 13.15 74.94
N ASN QA 50 -50.03 14.48 74.92
CA ASN QA 50 -48.90 15.27 74.41
C ASN QA 50 -48.31 14.73 73.11
N ASN QA 51 -49.18 14.32 72.19
CA ASN QA 51 -48.74 13.69 70.95
C ASN QA 51 -49.30 14.43 69.74
N TYR QA 52 -49.22 15.76 69.75
CA TYR QA 52 -49.64 16.54 68.60
C TYR QA 52 -48.70 16.31 67.43
N TYR QA 53 -49.26 16.24 66.22
CA TYR QA 53 -48.48 15.88 65.05
C TYR QA 53 -47.53 16.99 64.63
N CYS QA 54 -47.87 18.25 64.93
CA CYS QA 54 -47.06 19.38 64.48
C CYS QA 54 -45.70 19.44 65.17
N ALA QA 55 -45.55 18.78 66.32
CA ALA QA 55 -44.29 18.81 67.06
C ALA QA 55 -43.33 17.71 66.66
N ARG QA 56 -43.72 16.80 65.77
CA ARG QA 56 -42.83 15.73 65.34
C ARG QA 56 -42.93 15.46 63.84
N ASP QA 57 -43.38 16.43 63.05
CA ASP QA 57 -43.48 16.24 61.61
C ASP QA 57 -42.09 16.26 60.98
N GLY QA 58 -41.82 15.29 60.11
CA GLY QA 58 -40.55 15.21 59.44
C GLY QA 58 -40.51 15.92 58.10
N ARG QA 59 -41.60 15.81 57.34
CA ARG QA 59 -41.64 16.40 56.01
C ARG QA 59 -41.71 17.92 56.06
N ARG QA 60 -42.42 18.48 57.03
CA ARG QA 60 -42.64 19.92 57.08
C ARG QA 60 -41.43 20.69 57.60
N GLU QA 61 -40.45 20.02 58.18
CA GLU QA 61 -39.24 20.68 58.67
C GLU QA 61 -38.18 20.85 57.59
N ALA QA 62 -38.43 20.36 56.37
CA ALA QA 62 -37.49 20.54 55.28
C ALA QA 62 -37.49 22.00 54.83
N MET QA 63 -36.30 22.57 54.69
CA MET QA 63 -36.12 23.95 54.29
C MET QA 63 -35.55 24.02 52.87
N PRO QA 64 -35.83 25.09 52.13
CA PRO QA 64 -35.19 25.27 50.83
C PRO QA 64 -33.69 25.45 50.98
N PRO QA 65 -32.89 25.10 49.97
CA PRO QA 65 -31.44 25.28 50.07
C PRO QA 65 -31.06 26.74 50.20
N SER QA 66 -30.05 26.99 51.04
CA SER QA 66 -29.63 28.34 51.37
C SER QA 66 -28.61 28.81 50.35
N ILE QA 67 -28.91 29.91 49.67
CA ILE QA 67 -27.98 30.49 48.71
C ILE QA 67 -26.88 31.22 49.45
N VAL QA 68 -25.64 30.91 49.10
CA VAL QA 68 -24.47 31.50 49.77
C VAL QA 68 -24.07 32.76 49.04
N MET QA 69 -23.69 32.61 47.77
CA MET QA 69 -23.38 33.74 46.90
C MET QA 69 -24.34 33.69 45.73
N SER QA 70 -24.90 34.83 45.36
CA SER QA 70 -25.90 34.91 44.31
C SER QA 70 -25.45 35.90 43.24
N SER QA 71 -25.75 35.57 41.99
CA SER QA 71 -25.49 36.45 40.86
C SER QA 71 -26.74 37.18 40.40
N GLN QA 72 -27.86 37.02 41.11
CA GLN QA 72 -29.15 37.66 40.82
C GLN QA 72 -29.64 37.41 39.40
N SER QA 89 -10.57 40.99 54.78
CA SER QA 89 -9.48 40.49 55.60
C SER QA 89 -8.84 39.25 54.98
N GLU QA 90 -7.65 38.90 55.44
CA GLU QA 90 -6.93 37.72 54.95
C GLU QA 90 -7.60 36.49 55.54
N LYS QA 91 -8.60 35.98 54.85
CA LYS QA 91 -9.29 34.77 55.28
C LYS QA 91 -8.42 33.55 54.99
N LYS QA 92 -8.41 32.62 55.95
CA LYS QA 92 -7.60 31.42 55.81
C LYS QA 92 -8.18 30.49 54.74
N ALA QA 93 -7.30 29.75 54.08
CA ALA QA 93 -7.73 28.76 53.10
C ALA QA 93 -8.42 27.61 53.80
N VAL QA 94 -9.64 27.31 53.36
CA VAL QA 94 -10.49 26.33 54.02
C VAL QA 94 -10.54 25.06 53.18
N SER QA 95 -11.13 24.02 53.76
CA SER QA 95 -11.31 22.72 53.14
C SER QA 95 -12.76 22.30 53.33
N PRO QA 96 -13.27 21.40 52.47
CA PRO QA 96 -14.62 20.88 52.69
C PRO QA 96 -14.82 20.18 54.02
N ALA QA 97 -13.77 19.54 54.53
CA ALA QA 97 -13.83 18.80 55.79
C ALA QA 97 -12.42 18.63 56.29
N PRO QA 98 -12.23 18.26 57.56
CA PRO QA 98 -10.91 17.83 58.01
C PRO QA 98 -10.48 16.59 57.24
N PRO QA 99 -9.17 16.46 56.99
CA PRO QA 99 -8.68 15.31 56.21
C PRO QA 99 -8.95 13.99 56.92
N ILE QA 100 -9.13 12.95 56.11
CA ILE QA 100 -9.43 11.63 56.65
C ILE QA 100 -8.21 11.10 57.40
N LYS QA 101 -8.43 10.58 58.60
CA LYS QA 101 -7.35 10.08 59.42
C LYS QA 101 -6.79 8.78 58.82
N ARG QA 102 -5.53 8.50 59.12
CA ARG QA 102 -4.89 7.29 58.62
C ARG QA 102 -5.53 6.06 59.24
N TRP QA 103 -5.79 5.06 58.40
CA TRP QA 103 -6.46 3.85 58.86
C TRP QA 103 -5.51 3.04 59.74
N GLU QA 104 -6.08 2.42 60.78
CA GLU QA 104 -5.31 1.61 61.71
C GLU QA 104 -5.25 0.17 61.22
N LEU QA 105 -4.07 -0.43 61.32
CA LEU QA 105 -3.92 -1.83 60.97
C LEU QA 105 -4.67 -2.70 61.97
N SER QA 106 -5.36 -3.73 61.46
CA SER QA 106 -6.20 -4.56 62.30
C SER QA 106 -5.35 -5.46 63.19
N GLN QA 107 -5.63 -5.44 64.49
CA GLN QA 107 -4.89 -6.26 65.44
C GLN QA 107 -5.35 -7.72 65.46
N ASP QA 108 -6.49 -8.02 64.85
CA ASP QA 108 -7.01 -9.38 64.88
C ASP QA 108 -6.31 -10.27 63.85
N GLU QA 109 -6.43 -9.92 62.57
CA GLU QA 109 -5.78 -10.66 61.49
C GLU QA 109 -5.04 -9.65 60.62
N PRO QA 110 -3.85 -9.22 61.03
CA PRO QA 110 -3.10 -8.22 60.24
C PRO QA 110 -2.53 -8.78 58.95
N TYR QA 111 -2.51 -10.11 58.77
CA TYR QA 111 -1.98 -10.77 57.57
C TYR QA 111 -0.50 -10.45 57.33
N LEU QA 112 0.24 -10.20 58.41
CA LEU QA 112 1.64 -9.80 58.31
C LEU QA 112 2.53 -10.69 59.15
N MET RA 1 -19.61 -55.16 62.12
CA MET RA 1 -19.33 -54.79 60.74
C MET RA 1 -20.54 -54.03 60.21
N GLU RA 2 -20.34 -52.75 59.87
CA GLU RA 2 -21.44 -51.87 59.51
C GLU RA 2 -21.98 -52.13 58.11
N LEU RA 3 -21.19 -52.77 57.23
CA LEU RA 3 -21.66 -53.07 55.87
C LEU RA 3 -22.80 -54.07 55.88
N LEU RA 4 -22.76 -55.04 56.79
CA LEU RA 4 -23.86 -55.98 56.94
C LEU RA 4 -25.16 -55.27 57.34
N GLN RA 5 -25.04 -54.20 58.14
CA GLN RA 5 -26.22 -53.39 58.46
C GLN RA 5 -26.75 -52.68 57.22
N VAL RA 6 -25.86 -52.27 56.32
CA VAL RA 6 -26.29 -51.64 55.07
C VAL RA 6 -27.03 -52.64 54.19
N LEU RA 7 -26.53 -53.88 54.11
CA LEU RA 7 -27.23 -54.91 53.35
C LEU RA 7 -28.58 -55.25 53.99
N LYS RA 8 -28.64 -55.25 55.33
CA LYS RA 8 -29.90 -55.47 56.02
C LYS RA 8 -30.90 -54.36 55.73
N ARG RA 9 -30.43 -53.11 55.71
CA ARG RA 9 -31.30 -51.99 55.36
C ARG RA 9 -31.80 -52.10 53.93
N GLY RA 10 -30.93 -52.55 53.02
CA GLY RA 10 -31.36 -52.74 51.64
C GLY RA 10 -32.43 -53.81 51.49
N LEU RA 11 -32.23 -54.96 52.15
CA LEU RA 11 -33.24 -56.02 52.06
C LEU RA 11 -34.52 -55.64 52.78
N GLN RA 12 -34.45 -54.83 53.84
CA GLN RA 12 -35.66 -54.37 54.48
C GLN RA 12 -36.39 -53.33 53.63
N GLN RA 13 -35.66 -52.53 52.85
CA GLN RA 13 -36.30 -51.66 51.87
C GLN RA 13 -36.96 -52.47 50.77
N VAL RA 14 -36.36 -53.59 50.39
CA VAL RA 14 -36.98 -54.49 49.42
C VAL RA 14 -38.27 -55.08 49.98
N SER RA 15 -38.23 -55.53 51.24
CA SER RA 15 -39.39 -56.21 51.81
C SER RA 15 -40.52 -55.25 52.17
N GLY RA 16 -40.17 -54.06 52.66
CA GLY RA 16 -41.17 -53.15 53.22
C GLY RA 16 -42.02 -52.39 52.22
N HIS RA 17 -41.71 -52.47 50.93
CA HIS RA 17 -42.50 -51.81 49.89
C HIS RA 17 -43.56 -52.72 49.30
N GLY RA 18 -44.03 -53.72 50.05
CA GLY RA 18 -44.97 -54.68 49.54
C GLY RA 18 -44.35 -55.84 48.81
N GLY RA 19 -43.02 -55.86 48.67
CA GLY RA 19 -42.35 -56.95 47.98
C GLY RA 19 -41.60 -56.50 46.75
N LEU RA 20 -41.23 -57.47 45.91
CA LEU RA 20 -40.48 -57.16 44.70
C LEU RA 20 -41.31 -56.37 43.70
N ARG RA 21 -42.62 -56.66 43.63
CA ARG RA 21 -43.51 -55.94 42.72
C ARG RA 21 -43.62 -54.47 43.10
N GLY RA 22 -43.87 -54.19 44.38
CA GLY RA 22 -43.92 -52.81 44.84
C GLY RA 22 -42.58 -52.11 44.75
N TYR RA 23 -41.50 -52.85 45.00
CA TYR RA 23 -40.15 -52.29 44.87
C TYR RA 23 -39.87 -51.86 43.44
N LEU RA 24 -40.19 -52.72 42.47
CA LEU RA 24 -39.97 -52.37 41.07
C LEU RA 24 -40.93 -51.27 40.60
N ARG RA 25 -42.16 -51.26 41.12
CA ARG RA 25 -43.11 -50.20 40.78
C ARG RA 25 -42.60 -48.84 41.25
N VAL RA 26 -42.17 -48.75 42.51
CA VAL RA 26 -41.69 -47.48 43.02
C VAL RA 26 -40.34 -47.11 42.39
N LEU RA 27 -39.55 -48.11 41.97
CA LEU RA 27 -38.29 -47.82 41.32
C LEU RA 27 -38.51 -47.24 39.92
N PHE RA 28 -39.45 -47.80 39.17
CA PHE RA 28 -39.69 -47.31 37.83
C PHE RA 28 -40.59 -46.07 37.81
N ARG RA 29 -41.32 -45.79 38.88
CA ARG RA 29 -42.22 -44.64 38.92
C ARG RA 29 -41.60 -43.45 39.65
N ALA RA 30 -41.23 -43.63 40.92
CA ALA RA 30 -40.72 -42.53 41.72
C ALA RA 30 -39.21 -42.36 41.63
N ASN RA 31 -38.50 -43.32 41.02
CA ASN RA 31 -37.04 -43.36 40.96
C ASN RA 31 -36.42 -43.30 42.35
N ASP RA 32 -37.07 -43.94 43.31
CA ASP RA 32 -36.61 -43.97 44.69
C ASP RA 32 -37.23 -45.19 45.36
N VAL RA 33 -36.52 -45.75 46.34
CA VAL RA 33 -36.94 -46.98 46.96
C VAL RA 33 -36.92 -46.87 48.48
N ARG RA 34 -36.97 -45.64 49.00
CA ARG RA 34 -36.97 -45.45 50.45
C ARG RA 34 -38.36 -45.67 51.02
N VAL RA 35 -38.42 -46.38 52.14
CA VAL RA 35 -39.66 -46.54 52.89
C VAL RA 35 -39.82 -45.35 53.83
N GLY RA 36 -41.02 -45.17 54.37
CA GLY RA 36 -41.23 -44.07 55.29
C GLY RA 36 -42.53 -44.26 56.05
N THR RA 37 -42.69 -43.43 57.07
CA THR RA 37 -43.92 -43.44 57.88
C THR RA 37 -45.06 -42.85 57.05
N LEU RA 38 -46.12 -43.63 56.86
CA LEU RA 38 -47.27 -43.18 56.08
C LEU RA 38 -48.03 -42.13 56.88
N VAL RA 39 -47.95 -40.87 56.43
CA VAL RA 39 -48.74 -39.82 57.07
C VAL RA 39 -50.22 -40.03 56.80
N GLY RA 40 -50.57 -40.29 55.54
CA GLY RA 40 -51.98 -40.53 55.25
C GLY RA 40 -52.22 -40.74 53.78
N GLU RA 41 -53.50 -40.67 53.41
CA GLU RA 41 -53.90 -40.72 52.01
C GLU RA 41 -55.14 -39.88 51.82
N ASP RA 42 -55.31 -39.38 50.60
CA ASP RA 42 -56.42 -38.52 50.23
C ASP RA 42 -57.52 -39.32 49.54
N LYS RA 43 -58.52 -38.62 48.99
CA LYS RA 43 -59.66 -39.29 48.38
C LYS RA 43 -59.37 -39.79 46.97
N TYR RA 44 -58.29 -39.34 46.33
CA TYR RA 44 -57.97 -39.80 44.99
C TYR RA 44 -57.06 -41.03 45.02
N GLY RA 45 -56.11 -41.07 45.95
CA GLY RA 45 -55.20 -42.19 46.04
C GLY RA 45 -53.76 -41.78 46.33
N ASN RA 46 -53.53 -40.48 46.49
CA ASN RA 46 -52.19 -39.97 46.77
C ASN RA 46 -51.80 -40.35 48.19
N LYS RA 47 -50.76 -41.17 48.33
CA LYS RA 47 -50.29 -41.62 49.64
C LYS RA 47 -49.11 -40.74 50.07
N TYR RA 48 -49.29 -40.04 51.18
CA TYR RA 48 -48.30 -39.09 51.67
C TYR RA 48 -47.52 -39.73 52.80
N TYR RA 49 -46.20 -39.79 52.64
CA TYR RA 49 -45.28 -40.42 53.57
C TYR RA 49 -44.30 -39.38 54.11
N GLU RA 50 -43.68 -39.73 55.24
CA GLU RA 50 -42.64 -38.89 55.82
C GLU RA 50 -41.61 -39.79 56.49
N ASP RA 51 -40.41 -39.23 56.67
CA ASP RA 51 -39.34 -39.92 57.39
C ASP RA 51 -38.40 -38.84 57.93
N ASN RA 52 -38.41 -38.65 59.25
CA ASN RA 52 -37.68 -37.54 59.85
C ASN RA 52 -36.17 -37.75 59.90
N LYS RA 53 -35.69 -38.96 59.60
CA LYS RA 53 -34.25 -39.21 59.61
C LYS RA 53 -33.54 -38.65 58.39
N GLN RA 54 -34.26 -38.37 57.31
CA GLN RA 54 -33.66 -37.76 56.14
C GLN RA 54 -33.40 -36.28 56.37
N PHE RA 55 -32.62 -35.68 55.48
CA PHE RA 55 -32.31 -34.26 55.61
C PHE RA 55 -33.48 -33.42 55.11
N PHE RA 56 -33.39 -32.11 55.35
CA PHE RA 56 -34.50 -31.21 55.08
C PHE RA 56 -34.74 -31.08 53.59
N GLY RA 57 -36.00 -31.22 53.17
CA GLY RA 57 -36.38 -31.28 51.79
C GLY RA 57 -36.69 -32.70 51.33
N ARG RA 58 -36.13 -33.70 51.99
CA ARG RA 58 -36.41 -35.10 51.70
C ARG RA 58 -37.15 -35.80 52.83
N HIS RA 59 -37.69 -35.04 53.77
CA HIS RA 59 -38.37 -35.61 54.93
C HIS RA 59 -39.87 -35.79 54.72
N ARG RA 60 -40.42 -35.33 53.60
CA ARG RA 60 -41.84 -35.48 53.29
C ARG RA 60 -41.99 -35.71 51.81
N TRP RA 61 -42.74 -36.74 51.42
CA TRP RA 61 -42.93 -37.00 50.01
C TRP RA 61 -44.30 -37.62 49.77
N VAL RA 62 -44.65 -37.77 48.48
CA VAL RA 62 -45.95 -38.25 48.05
C VAL RA 62 -45.76 -39.27 46.93
N ILE RA 63 -46.51 -40.36 46.99
CA ILE RA 63 -46.68 -41.26 45.88
C ILE RA 63 -48.04 -40.97 45.27
N TYR RA 64 -48.06 -40.60 43.99
CA TYR RA 64 -49.29 -40.23 43.31
C TYR RA 64 -50.13 -41.47 43.00
N THR RA 65 -51.38 -41.22 42.61
CA THR RA 65 -52.32 -42.29 42.33
C THR RA 65 -52.06 -42.86 40.93
N THR RA 66 -52.96 -43.74 40.48
CA THR RA 66 -52.86 -44.32 39.15
C THR RA 66 -54.00 -43.90 38.23
N GLU RA 67 -55.07 -43.32 38.76
CA GLU RA 67 -56.19 -42.85 37.94
C GLU RA 67 -56.85 -41.70 38.71
N MET RA 68 -56.59 -40.47 38.27
CA MET RA 68 -57.17 -39.28 38.87
C MET RA 68 -57.91 -38.51 37.81
N ASN RA 69 -59.21 -38.30 38.04
CA ASN RA 69 -60.10 -37.53 37.14
C ASN RA 69 -60.12 -38.11 35.73
N GLY RA 70 -60.04 -39.44 35.63
CA GLY RA 70 -60.25 -40.13 34.37
C GLY RA 70 -59.00 -40.45 33.58
N LYS RA 71 -57.87 -39.81 33.86
CA LYS RA 71 -56.67 -40.02 33.08
C LYS RA 71 -55.76 -41.04 33.75
N ASN RA 72 -54.99 -41.75 32.92
CA ASN RA 72 -54.04 -42.74 33.41
C ASN RA 72 -52.77 -42.03 33.85
N THR RA 73 -52.53 -42.00 35.16
CA THR RA 73 -51.37 -41.32 35.73
C THR RA 73 -50.31 -42.30 36.21
N PHE RA 74 -50.20 -43.45 35.56
CA PHE RA 74 -49.17 -44.41 35.94
C PHE RA 74 -47.79 -43.94 35.50
N TRP RA 75 -47.72 -43.17 34.42
CA TRP RA 75 -46.47 -42.60 33.94
C TRP RA 75 -46.49 -41.09 33.82
N ASP RA 76 -47.64 -40.48 33.53
CA ASP RA 76 -47.74 -39.04 33.37
C ASP RA 76 -48.11 -38.37 34.70
N VAL RA 77 -47.23 -38.54 35.68
CA VAL RA 77 -47.44 -37.93 36.99
C VAL RA 77 -47.16 -36.44 36.91
N ASP RA 78 -48.06 -35.64 37.45
CA ASP RA 78 -47.98 -34.19 37.36
C ASP RA 78 -47.74 -33.61 38.76
N GLY RA 79 -47.13 -32.42 38.80
CA GLY RA 79 -46.90 -31.77 40.07
C GLY RA 79 -48.11 -31.09 40.68
N SER RA 80 -49.18 -30.93 39.91
CA SER RA 80 -50.37 -30.21 40.33
C SER RA 80 -51.56 -31.14 40.58
N MET RA 81 -51.28 -32.35 41.07
CA MET RA 81 -52.33 -33.27 41.48
C MET RA 81 -52.52 -33.30 42.98
N VAL RA 82 -51.98 -32.32 43.70
CA VAL RA 82 -52.02 -32.28 45.16
C VAL RA 82 -53.19 -31.42 45.58
N PRO RA 83 -54.12 -31.92 46.39
CA PRO RA 83 -55.21 -31.09 46.93
C PRO RA 83 -54.65 -30.00 47.85
N PRO RA 84 -55.41 -28.90 48.04
CA PRO RA 84 -54.84 -27.74 48.75
C PRO RA 84 -54.39 -28.00 50.18
N GLU RA 85 -55.08 -28.84 50.95
CA GLU RA 85 -54.61 -29.13 52.29
C GLU RA 85 -53.28 -29.89 52.27
N TRP RA 86 -53.19 -30.89 51.38
CA TRP RA 86 -51.93 -31.60 51.21
C TRP RA 86 -50.90 -30.77 50.48
N HIS RA 87 -51.34 -29.79 49.67
CA HIS RA 87 -50.39 -28.83 49.10
C HIS RA 87 -49.75 -27.98 50.19
N ARG RA 88 -50.55 -27.58 51.19
CA ARG RA 88 -50.01 -26.83 52.32
C ARG RA 88 -49.07 -27.68 53.15
N TRP RA 89 -49.42 -28.95 53.37
CA TRP RA 89 -48.56 -29.81 54.18
C TRP RA 89 -47.26 -30.16 53.47
N LEU RA 90 -47.33 -30.47 52.16
CA LEU RA 90 -46.22 -31.10 51.48
C LEU RA 90 -45.05 -30.16 51.25
N HIS RA 91 -45.33 -28.88 50.96
CA HIS RA 91 -44.28 -27.92 50.64
C HIS RA 91 -43.58 -27.35 51.88
N CYS RA 92 -43.75 -27.99 53.04
CA CYS RA 92 -43.17 -27.57 54.31
C CYS RA 92 -43.59 -26.14 54.66
N MET RA 93 -44.90 -25.94 54.75
CA MET RA 93 -45.46 -24.69 55.24
C MET RA 93 -45.93 -24.79 56.69
N THR RA 94 -46.27 -25.98 57.15
CA THR RA 94 -46.68 -26.19 58.53
C THR RA 94 -46.33 -27.61 58.94
N ASP RA 95 -46.24 -27.83 60.26
CA ASP RA 95 -45.94 -29.15 60.80
C ASP RA 95 -47.18 -29.96 61.10
N ASP RA 96 -48.36 -29.45 60.81
CA ASP RA 96 -49.62 -30.14 61.12
C ASP RA 96 -50.23 -30.70 59.85
N PRO RA 97 -50.22 -32.02 59.66
CA PRO RA 97 -50.86 -32.60 58.48
C PRO RA 97 -52.36 -32.44 58.52
N PRO RA 98 -53.04 -32.44 57.37
CA PRO RA 98 -54.49 -32.25 57.35
C PRO RA 98 -55.28 -33.41 57.92
N THR RA 99 -54.65 -34.55 58.19
CA THR RA 99 -55.35 -35.65 58.86
C THR RA 99 -55.69 -35.31 60.30
N VAL RA 100 -54.86 -34.51 60.96
CA VAL RA 100 -55.12 -34.09 62.33
C VAL RA 100 -55.58 -32.65 62.43
N LYS RA 101 -55.30 -31.81 61.43
CA LYS RA 101 -55.73 -30.41 61.43
C LYS RA 101 -56.47 -30.18 60.11
N PRO RA 102 -57.76 -30.49 60.06
CA PRO RA 102 -58.52 -30.32 58.82
C PRO RA 102 -58.81 -28.85 58.57
N PRO RA 103 -58.97 -28.45 57.31
CA PRO RA 103 -59.39 -27.08 57.01
C PRO RA 103 -60.86 -26.86 57.33
N THR RA 104 -61.22 -25.60 57.51
CA THR RA 104 -62.60 -25.24 57.79
C THR RA 104 -63.48 -25.49 56.57
N ALA RA 105 -64.66 -26.06 56.81
CA ALA RA 105 -65.57 -26.41 55.72
C ALA RA 105 -66.36 -25.18 55.27
N ARG RA 106 -66.44 -25.01 53.95
CA ARG RA 106 -67.18 -23.91 53.34
C ARG RA 106 -68.06 -24.46 52.23
N LYS RA 107 -69.11 -23.71 51.91
CA LYS RA 107 -70.07 -24.12 50.90
C LYS RA 107 -69.57 -23.93 49.47
N PHE RA 108 -68.52 -23.15 49.27
CA PHE RA 108 -68.03 -22.82 47.93
C PHE RA 108 -66.70 -23.48 47.60
N ILE RA 109 -66.16 -24.31 48.48
CA ILE RA 109 -64.89 -24.97 48.24
C ILE RA 109 -65.12 -26.17 47.34
N TRP RA 110 -64.27 -26.32 46.31
CA TRP RA 110 -64.37 -27.41 45.36
C TRP RA 110 -64.21 -28.76 46.05
N THR RA 111 -65.08 -29.71 45.71
CA THR RA 111 -65.00 -31.04 46.27
C THR RA 111 -64.00 -31.94 45.55
N ASN RA 112 -63.48 -31.50 44.40
CA ASN RA 112 -62.48 -32.26 43.67
C ASN RA 112 -61.45 -31.31 43.08
N HIS RA 113 -60.18 -31.68 43.18
CA HIS RA 113 -59.10 -30.87 42.65
C HIS RA 113 -58.86 -31.18 41.18
N LYS RA 114 -58.48 -30.16 40.43
CA LYS RA 114 -58.18 -30.29 39.01
C LYS RA 114 -56.73 -29.95 38.75
N PHE RA 115 -56.09 -30.76 37.91
CA PHE RA 115 -54.70 -30.52 37.53
C PHE RA 115 -54.64 -29.43 36.47
N ASN RA 116 -53.45 -29.21 35.90
CA ASN RA 116 -53.30 -28.24 34.83
C ASN RA 116 -54.01 -28.74 33.58
N LEU RA 117 -54.96 -27.97 33.09
CA LEU RA 117 -55.82 -28.39 31.98
C LEU RA 117 -55.38 -27.79 30.65
N SER RA 118 -54.18 -27.23 30.57
CA SER RA 118 -53.68 -26.69 29.31
C SER RA 118 -53.44 -27.81 28.32
N GLY RA 119 -53.84 -27.57 27.07
CA GLY RA 119 -53.71 -28.57 26.01
C GLY RA 119 -54.86 -29.53 25.90
N THR RA 120 -55.85 -29.44 26.78
CA THR RA 120 -57.02 -30.30 26.79
C THR RA 120 -58.26 -29.49 26.41
N PRO RA 121 -59.37 -30.16 25.98
CA PRO RA 121 -60.59 -29.41 25.64
C PRO RA 121 -61.30 -28.74 26.82
N GLN RA 122 -60.73 -28.79 28.02
CA GLN RA 122 -61.28 -28.09 29.17
C GLN RA 122 -60.41 -26.90 29.59
N GLN RA 123 -59.56 -26.40 28.69
CA GLN RA 123 -58.65 -25.34 29.07
C GLN RA 123 -59.37 -23.99 29.08
N TYR RA 124 -58.76 -23.04 29.78
CA TYR RA 124 -59.36 -21.73 29.97
C TYR RA 124 -59.06 -20.82 28.78
N VAL RA 125 -60.09 -20.08 28.35
CA VAL RA 125 -59.92 -19.06 27.32
C VAL RA 125 -60.44 -17.72 27.85
N PRO RA 126 -59.77 -16.62 27.56
CA PRO RA 126 -60.22 -15.32 28.07
C PRO RA 126 -61.36 -14.75 27.25
N TYR RA 127 -62.22 -14.00 27.95
CA TYR RA 127 -63.33 -13.31 27.31
C TYR RA 127 -63.76 -12.16 28.19
N SER RA 128 -64.34 -11.13 27.56
CA SER RA 128 -64.86 -9.99 28.31
C SER RA 128 -66.13 -10.40 29.04
N THR RA 129 -66.32 -9.79 30.22
CA THR RA 129 -67.48 -10.09 31.06
C THR RA 129 -68.47 -8.92 31.13
N THR RA 130 -68.37 -7.99 30.18
CA THR RA 130 -69.24 -6.83 30.15
C THR RA 130 -70.12 -6.85 28.91
N ARG RA 131 -71.30 -6.25 29.01
CA ARG RA 131 -72.29 -6.27 27.96
C ARG RA 131 -71.96 -5.22 26.89
N LYS RA 132 -72.91 -4.96 26.00
CA LYS RA 132 -72.70 -3.99 24.93
C LYS RA 132 -72.67 -2.58 25.52
N LYS RA 133 -71.64 -1.81 25.17
CA LYS RA 133 -71.47 -0.47 25.72
C LYS RA 133 -72.47 0.52 25.13
N ILE RA 134 -72.57 0.55 23.80
CA ILE RA 134 -73.40 1.53 23.09
C ILE RA 134 -74.44 0.76 22.28
N GLN RA 135 -75.71 1.06 22.51
CA GLN RA 135 -76.78 0.42 21.77
C GLN RA 135 -76.89 1.03 20.37
N GLU RA 136 -77.60 0.32 19.50
CA GLU RA 136 -77.75 0.73 18.11
C GLU RA 136 -79.22 1.01 17.81
N TRP RA 137 -79.46 2.03 16.98
CA TRP RA 137 -80.81 2.41 16.61
C TRP RA 137 -81.38 1.36 15.65
N VAL RA 138 -82.30 0.55 16.15
CA VAL RA 138 -82.97 -0.43 15.28
C VAL RA 138 -83.96 0.30 14.38
N PRO RA 139 -83.92 0.07 13.06
CA PRO RA 139 -84.87 0.76 12.18
C PRO RA 139 -86.27 0.19 12.36
N PRO RA 140 -87.30 1.00 12.14
CA PRO RA 140 -88.67 0.48 12.20
C PRO RA 140 -88.97 -0.45 11.05
N SER RA 141 -89.89 -1.39 11.30
CA SER RA 141 -90.30 -2.35 10.29
C SER RA 141 -91.49 -1.87 9.47
N THR RA 142 -92.11 -0.76 9.85
CA THR RA 142 -93.26 -0.24 9.12
C THR RA 142 -92.80 0.38 7.80
N PRO RA 143 -93.59 0.25 6.73
CA PRO RA 143 -93.28 0.98 5.50
C PRO RA 143 -93.27 2.48 5.72
N TYR RA 144 -92.37 3.16 4.99
CA TYR RA 144 -92.17 4.59 5.16
C TYR RA 144 -93.29 5.43 4.56
N LYS RA 145 -94.11 4.87 3.68
CA LYS RA 145 -95.20 5.62 3.09
C LYS RA 145 -96.38 5.73 4.04
N PRO SA 74 -6.11 10.82 -22.48
CA PRO SA 74 -5.79 12.02 -21.70
C PRO SA 74 -4.50 12.70 -22.19
N LEU SA 75 -3.85 12.10 -23.18
CA LEU SA 75 -2.62 12.68 -23.71
C LEU SA 75 -2.89 14.00 -24.43
N THR SA 76 -3.99 14.06 -25.19
CA THR SA 76 -4.38 15.27 -25.90
C THR SA 76 -5.63 15.85 -25.27
N LEU SA 77 -5.77 17.17 -25.41
CA LEU SA 77 -6.96 17.86 -24.88
C LEU SA 77 -8.23 17.41 -25.59
N GLU SA 78 -8.11 17.01 -26.86
CA GLU SA 78 -9.25 16.43 -27.57
C GLU SA 78 -9.70 15.13 -26.93
N GLY SA 79 -8.74 14.30 -26.51
CA GLY SA 79 -9.08 13.06 -25.83
C GLY SA 79 -9.77 13.30 -24.50
N ILE SA 80 -9.29 14.29 -23.74
CA ILE SA 80 -9.93 14.66 -22.48
C ILE SA 80 -11.35 15.16 -22.72
N LYS SA 81 -11.53 16.00 -23.75
CA LYS SA 81 -12.86 16.53 -24.05
C LYS SA 81 -13.82 15.44 -24.49
N ASP SA 82 -13.36 14.50 -25.33
CA ASP SA 82 -14.29 13.46 -25.77
C ASP SA 82 -14.57 12.45 -24.66
N ARG SA 83 -13.62 12.22 -23.75
CA ARG SA 83 -13.92 11.34 -22.61
C ARG SA 83 -14.89 12.01 -21.65
N VAL SA 84 -14.75 13.33 -21.46
CA VAL SA 84 -15.70 14.06 -20.62
C VAL SA 84 -17.10 14.01 -21.22
N LEU SA 85 -17.20 14.27 -22.53
CA LEU SA 85 -18.50 14.19 -23.18
C LEU SA 85 -19.04 12.75 -23.19
N TYR SA 86 -18.15 11.76 -23.21
CA TYR SA 86 -18.56 10.37 -23.13
C TYR SA 86 -19.20 10.05 -21.78
N VAL SA 87 -18.55 10.46 -20.69
CA VAL SA 87 -19.10 10.15 -19.37
C VAL SA 87 -20.29 11.02 -19.01
N LEU SA 88 -20.46 12.19 -19.63
CA LEU SA 88 -21.73 12.90 -19.50
C LEU SA 88 -22.83 12.29 -20.37
N LYS SA 89 -22.49 11.74 -21.54
CA LYS SA 89 -23.51 11.12 -22.38
C LYS SA 89 -23.98 9.80 -21.80
N LEU SA 90 -23.12 9.09 -21.07
CA LEU SA 90 -23.54 7.87 -20.39
C LEU SA 90 -24.21 8.14 -19.06
N TYR SA 91 -24.22 9.38 -18.58
CA TYR SA 91 -25.00 9.73 -17.40
C TYR SA 91 -26.47 9.83 -17.77
N ASP SA 92 -27.33 9.22 -16.95
CA ASP SA 92 -28.73 9.05 -17.30
C ASP SA 92 -29.61 10.23 -16.87
N LYS SA 93 -29.20 10.99 -15.86
CA LYS SA 93 -30.03 12.07 -15.32
C LYS SA 93 -29.79 13.41 -16.00
N ILE SA 94 -28.95 13.46 -17.03
CA ILE SA 94 -28.73 14.70 -17.77
C ILE SA 94 -29.46 14.65 -19.10
N SER SA 100 -24.15 20.21 -23.69
CA SER SA 100 -23.17 20.78 -24.61
C SER SA 100 -21.83 20.97 -23.92
N VAL SA 101 -20.87 21.56 -24.65
CA VAL SA 101 -19.55 21.78 -24.08
C VAL SA 101 -19.55 22.98 -23.12
N ASN SA 102 -20.45 23.94 -23.33
CA ASN SA 102 -20.49 25.14 -22.52
C ASN SA 102 -21.85 25.33 -21.85
N SER SA 103 -22.40 24.26 -21.28
CA SER SA 103 -23.73 24.29 -20.70
C SER SA 103 -23.65 24.43 -19.17
N HIS SA 104 -24.68 25.04 -18.60
CA HIS SA 104 -24.75 25.30 -17.17
C HIS SA 104 -25.71 24.28 -16.55
N PHE SA 105 -25.25 23.58 -15.51
CA PHE SA 105 -25.99 22.44 -14.99
C PHE SA 105 -27.32 22.86 -14.34
N MET SA 106 -27.30 23.87 -13.49
CA MET SA 106 -28.51 24.24 -12.76
C MET SA 106 -29.56 24.92 -13.66
N LYS SA 107 -29.14 25.82 -14.55
CA LYS SA 107 -30.13 26.61 -15.27
C LYS SA 107 -30.44 26.07 -16.67
N ASP SA 108 -29.54 25.32 -17.29
CA ASP SA 108 -29.80 24.79 -18.61
C ASP SA 108 -30.09 23.29 -18.63
N LEU SA 109 -29.35 22.50 -17.85
CA LEU SA 109 -29.50 21.06 -17.84
C LEU SA 109 -30.56 20.58 -16.84
N GLY SA 110 -31.11 21.49 -16.03
CA GLY SA 110 -32.14 21.13 -15.08
C GLY SA 110 -31.68 20.18 -14.00
N LEU SA 111 -30.51 20.46 -13.41
CA LEU SA 111 -29.93 19.62 -12.38
C LEU SA 111 -29.77 20.41 -11.09
N ASP SA 112 -29.54 19.68 -10.01
CA ASP SA 112 -29.23 20.25 -8.71
C ASP SA 112 -27.76 19.95 -8.34
N SER SA 113 -27.36 20.42 -7.16
CA SER SA 113 -25.96 20.32 -6.76
C SER SA 113 -25.53 18.90 -6.43
N LEU SA 114 -26.45 18.05 -5.97
CA LEU SA 114 -26.11 16.65 -5.75
C LEU SA 114 -25.84 15.93 -7.06
N ASP SA 115 -26.64 16.24 -8.09
CA ASP SA 115 -26.40 15.69 -9.42
C ASP SA 115 -25.05 16.15 -9.98
N GLN SA 116 -24.73 17.42 -9.76
CA GLN SA 116 -23.43 17.93 -10.19
C GLN SA 116 -22.28 17.25 -9.46
N VAL SA 117 -22.42 17.04 -8.16
CA VAL SA 117 -21.33 16.44 -7.41
C VAL SA 117 -21.20 14.95 -7.73
N GLU SA 118 -22.29 14.27 -8.11
CA GLU SA 118 -22.11 12.88 -8.52
C GLU SA 118 -21.65 12.75 -9.97
N ILE SA 119 -21.90 13.76 -10.81
CA ILE SA 119 -21.21 13.84 -12.09
C ILE SA 119 -19.71 14.03 -11.87
N ILE SA 120 -19.36 14.87 -10.88
CA ILE SA 120 -17.96 15.07 -10.51
C ILE SA 120 -17.33 13.76 -10.06
N MET SA 121 -18.03 12.98 -9.23
CA MET SA 121 -17.48 11.69 -8.83
C MET SA 121 -17.52 10.64 -9.93
N ALA SA 122 -18.40 10.78 -10.94
CA ALA SA 122 -18.24 9.97 -12.14
C ALA SA 122 -16.93 10.29 -12.85
N MET SA 123 -16.56 11.57 -12.89
CA MET SA 123 -15.26 11.96 -13.42
C MET SA 123 -14.11 11.41 -12.58
N GLU SA 124 -14.27 11.41 -11.24
CA GLU SA 124 -13.29 10.79 -10.36
C GLU SA 124 -13.13 9.30 -10.65
N ASP SA 125 -14.24 8.60 -10.85
CA ASP SA 125 -14.18 7.17 -11.17
C ASP SA 125 -13.50 6.92 -12.50
N GLU SA 126 -13.82 7.72 -13.51
CA GLU SA 126 -13.29 7.46 -14.85
C GLU SA 126 -11.82 7.85 -14.95
N PHE SA 127 -11.50 9.11 -14.67
CA PHE SA 127 -10.16 9.62 -14.98
C PHE SA 127 -9.12 9.12 -13.98
N GLY SA 128 -9.45 9.10 -12.70
CA GLY SA 128 -8.59 8.45 -11.73
C GLY SA 128 -7.67 9.35 -10.93
N PHE SA 129 -8.16 10.52 -10.53
CA PHE SA 129 -7.45 11.39 -9.59
C PHE SA 129 -8.46 11.92 -8.59
N GLU SA 130 -7.97 12.29 -7.41
CA GLU SA 130 -8.82 12.80 -6.34
C GLU SA 130 -8.81 14.31 -6.34
N ILE SA 131 -10.00 14.91 -6.27
CA ILE SA 131 -10.14 16.37 -6.36
C ILE SA 131 -10.98 16.84 -5.17
N PRO SA 132 -10.54 17.87 -4.44
CA PRO SA 132 -11.26 18.30 -3.25
C PRO SA 132 -12.52 19.10 -3.60
N ASP SA 133 -13.28 19.41 -2.55
CA ASP SA 133 -14.56 20.07 -2.71
C ASP SA 133 -14.43 21.56 -3.01
N ILE SA 134 -13.29 22.17 -2.68
CA ILE SA 134 -13.14 23.61 -2.88
C ILE SA 134 -12.98 23.99 -4.35
N ASP SA 135 -12.65 23.04 -5.22
CA ASP SA 135 -12.71 23.24 -6.67
C ASP SA 135 -13.66 22.24 -7.32
N ALA SA 136 -14.70 21.81 -6.61
CA ALA SA 136 -15.68 20.88 -7.15
C ALA SA 136 -17.04 21.51 -7.41
N GLU SA 137 -17.24 22.78 -7.05
CA GLU SA 137 -18.51 23.45 -7.27
C GLU SA 137 -18.44 24.57 -8.30
N LYS SA 138 -17.26 25.11 -8.59
CA LYS SA 138 -17.13 26.19 -9.55
C LYS SA 138 -16.97 25.70 -10.98
N LEU SA 139 -16.75 24.41 -11.17
CA LEU SA 139 -16.61 23.82 -12.51
C LEU SA 139 -18.01 23.63 -13.06
N MET SA 140 -18.54 24.66 -13.71
CA MET SA 140 -19.96 24.72 -13.99
C MET SA 140 -20.27 24.46 -15.45
N CYS SA 141 -19.30 24.00 -16.23
CA CYS SA 141 -19.49 23.61 -17.62
C CYS SA 141 -18.41 22.61 -17.99
N PRO SA 142 -18.67 21.71 -18.96
CA PRO SA 142 -17.64 20.73 -19.35
C PRO SA 142 -16.36 21.35 -19.90
N GLN SA 143 -16.46 22.50 -20.56
CA GLN SA 143 -15.24 23.20 -20.97
C GLN SA 143 -14.42 23.64 -19.76
N GLU SA 144 -15.09 24.13 -18.72
CA GLU SA 144 -14.38 24.45 -17.48
C GLU SA 144 -13.75 23.22 -16.87
N ILE SA 145 -14.39 22.06 -17.00
CA ILE SA 145 -13.82 20.82 -16.52
C ILE SA 145 -12.52 20.49 -17.27
N VAL SA 146 -12.54 20.62 -18.60
CA VAL SA 146 -11.36 20.22 -19.36
C VAL SA 146 -10.22 21.23 -19.18
N ASP SA 147 -10.51 22.54 -19.04
CA ASP SA 147 -9.40 23.43 -18.71
C ASP SA 147 -8.94 23.25 -17.27
N TYR SA 148 -9.81 22.77 -16.38
CA TYR SA 148 -9.37 22.53 -15.01
C TYR SA 148 -8.40 21.36 -14.92
N ILE SA 149 -8.70 20.27 -15.63
CA ILE SA 149 -7.75 19.15 -15.64
C ILE SA 149 -6.49 19.53 -16.42
N ALA SA 150 -6.64 20.31 -17.51
CA ALA SA 150 -5.47 20.74 -18.26
C ALA SA 150 -4.56 21.64 -17.44
N ASP SA 151 -5.13 22.42 -16.50
CA ASP SA 151 -4.32 23.17 -15.57
C ASP SA 151 -3.82 22.33 -14.41
N LYS SA 152 -4.40 21.14 -14.19
CA LYS SA 152 -3.96 20.25 -13.13
C LYS SA 152 -2.91 19.25 -13.62
N LYS SA 153 -3.15 18.62 -14.77
CA LYS SA 153 -2.21 17.65 -15.32
C LYS SA 153 -1.14 18.35 -16.14
N ASP SA 154 -0.26 17.57 -16.76
CA ASP SA 154 0.82 18.13 -17.56
C ASP SA 154 0.27 18.71 -18.86
N VAL SA 155 -0.33 17.84 -19.69
CA VAL SA 155 -0.95 18.12 -21.01
C VAL SA 155 -0.17 19.11 -21.88
O12 PC1 TA . 5.14 -25.47 38.95
P PC1 TA . 4.87 -25.53 37.49
O14 PC1 TA . 3.48 -25.34 37.01
O13 PC1 TA . 5.81 -24.46 36.79
C11 PC1 TA . 6.45 -23.38 37.54
C12 PC1 TA . 7.85 -23.35 36.98
N PC1 TA . 8.80 -22.38 37.64
C13 PC1 TA . 10.07 -22.29 36.84
C14 PC1 TA . 8.19 -21.02 37.72
C15 PC1 TA . 9.13 -22.85 39.02
O11 PC1 TA . 5.43 -26.93 36.96
C1 PC1 TA . 4.70 -27.65 35.94
C2 PC1 TA . 4.52 -29.09 36.34
O21 PC1 TA . 5.78 -29.77 36.68
C21 PC1 TA . 6.73 -30.05 35.76
O22 PC1 TA . 6.78 -29.57 34.66
C22 PC1 TA . 7.72 -31.05 36.29
C23 PC1 TA . 7.64 -32.37 35.54
C24 PC1 TA . 7.48 -33.59 36.44
C25 PC1 TA . 8.57 -33.71 37.50
C26 PC1 TA . 8.79 -35.13 37.99
C27 PC1 TA . 10.02 -35.29 38.87
C28 PC1 TA . 10.37 -36.73 39.19
C29 PC1 TA . 11.60 -36.90 40.07
C2A PC1 TA . 12.88 -36.34 39.47
C2B PC1 TA . 14.07 -36.44 40.40
C2C PC1 TA . 13.84 -35.75 41.74
C2D PC1 TA . 14.99 -35.84 42.74
C2E PC1 TA . 16.05 -34.75 42.64
C2F PC1 TA . 17.14 -35.01 41.61
C2G PC1 TA . 17.92 -36.30 41.85
C2H PC1 TA . 18.98 -36.58 40.81
C2I PC1 TA . 19.71 -37.89 41.05
C3 PC1 TA . 3.75 -29.90 35.33
O31 PC1 TA . 2.44 -29.32 35.12
C31 PC1 TA . 1.41 -30.17 35.07
O32 PC1 TA . 1.52 -31.35 35.22
C32 PC1 TA . 0.13 -29.45 34.79
C33 PC1 TA . -1.11 -30.33 34.94
C34 PC1 TA . -1.44 -30.67 36.38
C35 PC1 TA . -2.79 -31.35 36.57
C36 PC1 TA . -2.86 -32.78 36.05
C37 PC1 TA . -2.24 -33.82 36.95
C38 PC1 TA . -2.88 -33.92 38.32
C39 PC1 TA . -2.36 -35.05 39.20
C3A PC1 TA . -2.63 -36.46 38.66
C3B PC1 TA . -2.31 -37.56 39.66
C3C PC1 TA . -2.85 -38.93 39.28
C3D PC1 TA . -2.12 -39.63 38.15
C3E PC1 TA . -0.66 -39.93 38.43
C3F PC1 TA . 0.01 -40.88 37.43
C3G PC1 TA . -0.61 -42.26 37.38
C3H PC1 TA . 0.19 -43.28 36.60
C3I PC1 TA . 0.42 -42.89 35.16
O12 PC1 UA . 86.27 0.70 -51.60
P PC1 UA . 85.32 0.95 -52.70
O14 PC1 UA . 85.51 0.20 -53.96
O13 PC1 UA . 83.85 0.69 -52.13
C11 PC1 UA . 83.33 -0.64 -51.87
C12 PC1 UA . 82.59 -0.45 -50.58
N PC1 UA . 81.73 -1.62 -50.13
C13 PC1 UA . 81.51 -1.51 -48.64
C14 PC1 UA . 80.41 -1.57 -50.82
C15 PC1 UA . 82.38 -2.94 -50.42
O11 PC1 UA . 85.26 2.51 -53.00
C1 PC1 UA . 86.20 3.43 -52.42
C2 PC1 UA . 85.71 3.86 -51.06
O21 PC1 UA . 85.05 5.18 -50.97
C21 PC1 UA . 85.65 6.34 -51.35
O22 PC1 UA . 86.73 6.41 -51.87
C22 PC1 UA . 84.79 7.52 -51.03
C23 PC1 UA . 84.56 8.43 -52.22
C24 PC1 UA . 84.10 9.83 -51.83
C25 PC1 UA . 83.85 10.74 -53.03
C26 PC1 UA . 82.54 10.47 -53.75
C27 PC1 UA . 81.34 11.17 -53.13
C28 PC1 UA . 80.00 10.80 -53.73
C29 PC1 UA . 78.89 11.77 -53.42
C2A PC1 UA . 77.50 11.28 -53.82
C2B PC1 UA . 76.98 10.16 -52.94
C2C PC1 UA . 75.69 9.52 -53.41
C2D PC1 UA . 75.81 8.83 -54.76
C2E PC1 UA . 74.61 8.01 -55.17
C2F PC1 UA . 74.76 7.35 -56.53
C2G PC1 UA . 76.00 6.48 -56.66
C2H PC1 UA . 76.17 5.89 -58.04
C2I PC1 UA . 75.03 4.99 -58.45
C3 PC1 UA . 86.75 3.66 -49.98
O31 PC1 UA . 87.84 4.60 -50.12
C31 PC1 UA . 89.04 4.10 -50.42
O32 PC1 UA . 89.28 2.93 -50.53
C32 PC1 UA . 90.03 5.22 -50.66
C33 PC1 UA . 89.53 6.55 -50.12
C34 PC1 UA . 89.95 7.72 -51.00
C35 PC1 UA . 91.45 7.97 -51.04
C36 PC1 UA . 92.06 8.30 -49.69
C37 PC1 UA . 91.41 9.48 -48.99
C38 PC1 UA . 91.52 10.80 -49.74
C39 PC1 UA . 92.93 11.36 -49.81
C3A PC1 UA . 93.01 12.76 -50.41
C3B PC1 UA . 93.23 13.89 -49.40
C3C PC1 UA . 92.15 14.06 -48.34
C3D PC1 UA . 92.27 15.34 -47.53
C3E PC1 UA . 91.95 16.60 -48.33
C3F PC1 UA . 90.53 16.63 -48.88
C3G PC1 UA . 90.21 17.88 -49.69
C3H PC1 UA . 90.30 19.18 -48.91
C3I PC1 UA . 89.96 20.40 -49.73
O12 PC1 VA . 43.83 -30.70 -39.38
P PC1 VA . 42.42 -31.10 -39.16
O14 PC1 VA . 41.88 -31.18 -37.79
O13 PC1 VA . 42.23 -32.51 -39.88
C11 PC1 VA . 43.31 -33.46 -40.04
C12 PC1 VA . 43.80 -33.28 -41.46
N PC1 VA . 42.91 -33.85 -42.57
C13 PC1 VA . 43.80 -34.37 -43.65
C14 PC1 VA . 42.04 -34.97 -42.07
C15 PC1 VA . 42.04 -32.78 -43.13
O11 PC1 VA . 41.49 -30.12 -40.02
C1 PC1 VA . 42.10 -29.24 -40.98
C2 PC1 VA . 42.34 -27.90 -40.34
O21 PC1 VA . 41.23 -27.00 -40.63
C21 PC1 VA . 40.16 -27.04 -39.81
O22 PC1 VA . 40.04 -27.82 -38.91
C22 PC1 VA . 39.16 -25.98 -40.17
C23 PC1 VA . 39.79 -24.68 -40.65
C24 PC1 VA . 38.75 -23.62 -40.99
C25 PC1 VA . 38.02 -23.04 -39.79
C26 PC1 VA . 36.64 -22.46 -40.12
C27 PC1 VA . 35.95 -21.79 -38.94
C28 PC1 VA . 36.40 -20.36 -38.68
C29 PC1 VA . 36.00 -19.38 -39.77
C2A PC1 VA . 36.70 -18.03 -39.72
C2B PC1 VA . 36.37 -17.19 -38.49
C2C PC1 VA . 37.24 -15.94 -38.37
C2D PC1 VA . 36.82 -14.97 -37.28
C2E PC1 VA . 35.49 -14.29 -37.52
C2F PC1 VA . 35.09 -13.31 -36.43
C2G PC1 VA . 36.08 -12.17 -36.22
C2H PC1 VA . 35.72 -11.25 -35.06
C2I PC1 VA . 34.38 -10.57 -35.25
C3 PC1 VA . 43.57 -27.23 -40.90
O31 PC1 VA . 43.69 -25.96 -40.25
C31 PC1 VA . 44.90 -25.62 -39.78
O32 PC1 VA . 45.88 -26.31 -39.90
C32 PC1 VA . 44.86 -24.31 -39.06
C33 PC1 VA . 43.46 -23.71 -39.07
C34 PC1 VA . 43.35 -22.38 -38.35
C35 PC1 VA . 41.95 -21.82 -38.45
C36 PC1 VA . 41.73 -20.50 -37.75
C37 PC1 VA . 40.32 -19.97 -37.94
C38 PC1 VA . 39.97 -19.69 -39.38
C39 PC1 VA . 40.41 -18.33 -39.90
C3A PC1 VA . 40.09 -18.09 -41.36
C3B PC1 VA . 39.98 -16.63 -41.77
C3C PC1 VA . 41.19 -15.78 -41.44
C3D PC1 VA . 40.92 -14.72 -40.38
C3E PC1 VA . 39.78 -13.78 -40.72
C3F PC1 VA . 39.59 -12.64 -39.73
C3G PC1 VA . 38.42 -11.73 -40.06
C3H PC1 VA . 38.29 -10.54 -39.14
C3I PC1 VA . 39.48 -9.61 -39.19
O7 ZMP WA . 25.43 60.63 -67.73
P1 ZMP WA . 26.09 59.17 -67.58
O6 ZMP WA . 25.89 58.67 -66.20
O5 ZMP WA . 25.24 58.28 -68.61
C21 ZMP WA . 23.82 58.39 -68.64
C18 ZMP WA . 23.27 57.51 -69.77
C19 ZMP WA . 23.90 57.95 -71.10
C20 ZMP WA . 23.65 56.05 -69.51
C17 ZMP WA . 21.74 57.68 -69.87
O4 ZMP WA . 21.41 59.04 -69.59
C16 ZMP WA . 20.99 56.74 -68.91
O3 ZMP WA . 21.04 56.93 -67.69
N2 ZMP WA . 20.29 55.74 -69.47
C15 ZMP WA . 20.22 55.52 -70.93
C14 ZMP WA . 20.95 54.24 -71.31
C13 ZMP WA . 20.98 54.12 -72.84
O2 ZMP WA . 20.19 54.76 -73.53
N1 ZMP WA . 21.91 53.30 -73.34
C12 ZMP WA . 22.06 53.09 -74.79
C11 ZMP WA . 23.09 51.99 -75.08
S1 ZMP WA . 22.96 51.35 -76.79
C10 ZMP WA . 24.50 50.55 -76.93
O1 ZMP WA . 25.05 49.94 -76.02
C9 ZMP WA . 25.16 50.65 -78.32
C8 ZMP WA . 25.29 49.26 -78.94
C7 ZMP WA . 26.76 48.81 -78.90
C6 ZMP WA . 26.88 47.41 -79.50
C5 ZMP WA . 28.27 47.22 -80.12
C4 ZMP WA . 29.26 46.72 -79.05
C3 ZMP WA . 30.60 46.42 -79.70
C2 ZMP WA . 31.56 45.87 -78.65
P AMP XA . 23.88 30.27 15.89
O1P AMP XA . 22.74 29.38 16.32
O2P AMP XA . 25.06 30.24 16.83
O3P AMP XA . 23.47 31.65 15.44
O5' AMP XA . 24.43 29.58 14.57
C5' AMP XA . 23.54 29.06 13.59
C4' AMP XA . 23.62 29.83 12.29
O4' AMP XA . 23.83 28.90 11.19
C3' AMP XA . 22.36 30.63 11.94
O3' AMP XA . 22.75 31.84 11.28
C2' AMP XA . 21.65 29.72 10.95
O2' AMP XA . 20.78 30.38 10.06
C1' AMP XA . 22.82 29.09 10.22
N9 AMP XA . 22.52 27.78 9.62
C8 AMP XA . 22.82 26.58 10.17
N7 AMP XA . 22.41 25.57 9.37
C5 AMP XA . 21.83 26.11 8.29
C6 AMP XA . 21.18 25.60 7.05
N6 AMP XA . 21.07 24.28 6.82
N1 AMP XA . 20.71 26.52 6.18
C2 AMP XA . 20.81 27.84 6.40
N3 AMP XA . 21.38 28.36 7.50
C4 AMP XA . 21.90 27.57 8.45
C1 MYR YA . 60.14 15.27 -107.21
O1 MYR YA . 59.81 16.44 -107.34
C2 MYR YA . 60.45 14.65 -105.88
C3 MYR YA . 61.05 15.63 -104.86
C4 MYR YA . 61.21 15.03 -103.48
C5 MYR YA . 59.90 14.61 -102.83
C6 MYR YA . 58.89 15.74 -102.68
C7 MYR YA . 59.34 16.85 -101.75
C8 MYR YA . 58.36 18.01 -101.66
C9 MYR YA . 58.77 19.08 -100.66
C10 MYR YA . 60.12 19.72 -100.93
C11 MYR YA . 60.19 20.48 -102.25
C12 MYR YA . 59.24 21.66 -102.33
C13 MYR YA . 59.32 22.42 -103.65
C14 MYR YA . 58.37 23.59 -103.71
O12 PC1 ZA . 82.56 3.79 -49.83
P PC1 ZA . 82.41 3.45 -48.40
O14 PC1 ZA . 81.42 2.43 -48.01
O13 PC1 ZA . 83.85 3.03 -47.86
C11 PC1 ZA . 84.31 1.65 -47.91
C12 PC1 ZA . 84.87 1.40 -46.53
N PC1 ZA . 86.36 1.53 -46.38
C13 PC1 ZA . 86.79 0.86 -45.10
C14 PC1 ZA . 87.07 0.89 -47.52
C15 PC1 ZA . 86.76 2.98 -46.31
O11 PC1 ZA . 82.10 4.81 -47.62
C1 PC1 ZA . 81.61 4.76 -46.27
C2 PC1 ZA . 80.39 5.62 -46.13
O21 PC1 ZA . 80.83 7.01 -46.22
C21 PC1 ZA . 80.77 7.61 -47.42
O22 PC1 ZA . 80.36 7.08 -48.41
C22 PC1 ZA . 81.30 9.01 -47.35
C23 PC1 ZA . 81.79 9.54 -48.69
C24 PC1 ZA . 82.53 10.86 -48.55
C25 PC1 ZA . 81.70 11.98 -47.94
C26 PC1 ZA . 80.71 12.61 -48.90
C27 PC1 ZA . 81.36 13.41 -50.02
C28 PC1 ZA . 80.38 14.09 -50.97
C29 PC1 ZA . 79.42 15.04 -50.28
C2A PC1 ZA . 78.47 15.74 -51.24
C2B PC1 ZA . 79.14 16.67 -52.23
C2C PC1 ZA . 78.19 17.30 -53.23
C2D PC1 ZA . 77.53 16.31 -54.16
C2E PC1 ZA . 76.49 16.91 -55.09
C2F PC1 ZA . 75.27 17.49 -54.37
C2G PC1 ZA . 74.21 18.04 -55.31
C2H PC1 ZA . 72.98 18.56 -54.60
C2I PC1 ZA . 72.25 17.50 -53.80
C3 PC1 ZA . 79.73 5.45 -44.80
O31 PC1 ZA . 78.48 6.16 -44.78
C31 PC1 ZA . 78.09 6.69 -43.62
O32 PC1 ZA . 78.76 6.65 -42.62
C32 PC1 ZA . 76.74 7.31 -43.73
C33 PC1 ZA . 75.64 6.49 -43.06
C34 PC1 ZA . 75.62 6.64 -41.54
C35 PC1 ZA . 74.60 5.77 -40.85
C36 PC1 ZA . 74.58 5.94 -39.34
C37 PC1 ZA . 74.20 7.33 -38.89
C38 PC1 ZA . 74.28 7.56 -37.39
C39 PC1 ZA . 73.38 6.66 -36.56
C3A PC1 ZA . 71.91 6.75 -36.94
C3B PC1 ZA . 70.99 6.00 -35.99
C3C PC1 ZA . 69.54 5.95 -36.46
C3D PC1 ZA . 69.33 5.10 -37.68
C3E PC1 ZA . 67.92 5.15 -38.24
C3F PC1 ZA . 67.66 4.09 -39.30
C3G PC1 ZA . 67.68 2.68 -38.76
C3H PC1 ZA . 68.39 1.69 -39.66
C3I PC1 ZA . 69.86 2.01 -39.82
FE1 SF4 AB . -71.93 24.36 70.91
FE2 SF4 AB . -72.19 27.07 71.15
FE3 SF4 AB . -70.95 25.90 68.98
FE4 SF4 AB . -73.66 25.79 69.35
S1 SF4 AB . -72.41 27.68 68.94
S2 SF4 AB . -72.29 24.07 68.66
S3 SF4 AB . -73.80 25.49 71.64
S4 SF4 AB . -70.23 25.89 71.16
N1 FMN BB . -77.20 35.27 80.60
C2 FMN BB . -78.38 35.38 81.29
O2 FMN BB . -78.66 36.44 81.84
N3 FMN BB . -79.25 34.32 81.36
C4 FMN BB . -78.93 33.13 80.74
O4 FMN BB . -79.70 32.18 80.80
C4A FMN BB . -77.74 33.02 80.04
N5 FMN BB . -77.42 31.83 79.42
C5A FMN BB . -76.25 31.72 78.72
C6 FMN BB . -75.94 30.52 78.09
C7 FMN BB . -74.75 30.38 77.39
C7M FMN BB . -74.43 29.08 76.71
C8 FMN BB . -73.87 31.45 77.32
C8M FMN BB . -72.58 31.31 76.55
C9 FMN BB . -74.18 32.65 77.93
C9A FMN BB . -75.36 32.79 78.64
N10 FMN BB . -75.68 33.98 79.27
C10 FMN BB . -76.87 34.09 79.96
C1' FMN BB . -74.76 35.17 79.22
C2' FMN BB . -75.12 36.11 78.06
O2' FMN BB . -74.31 35.81 76.95
C3' FMN BB . -74.92 37.57 78.45
O3' FMN BB . -73.79 37.69 79.29
C4' FMN BB . -76.14 38.12 79.17
O4' FMN BB . -77.28 37.95 78.36
C5' FMN BB . -75.98 39.59 79.51
O5' FMN BB . -74.72 39.80 80.10
P FMN BB . -74.48 41.07 81.05
O1P FMN BB . -74.77 40.67 82.48
O2P FMN BB . -73.05 41.54 80.92
O3P FMN BB . -75.42 42.19 80.65
PA NAI CB . -68.27 37.48 77.20
O1A NAI CB . -68.69 37.59 75.80
O2A NAI CB . -67.11 36.84 76.35
O5B NAI CB . -68.71 39.06 76.91
C5B NAI CB . -69.50 39.80 77.87
C4B NAI CB . -70.34 40.84 77.16
O4B NAI CB . -69.48 41.85 76.60
C3B NAI CB . -71.22 40.32 76.03
O3B NAI CB . -72.54 40.84 76.11
C2B NAI CB . -70.49 40.81 74.77
O2B NAI CB . -71.40 41.08 73.71
C1B NAI CB . -69.87 42.12 75.27
N9A NAI CB . -68.69 42.54 74.53
C8A NAI CB . -67.39 42.18 74.76
N7A NAI CB . -66.53 42.73 73.95
C5A NAI CB . -67.32 43.51 73.11
C6A NAI CB . -67.00 44.37 72.03
N6A NAI CB . -65.77 44.57 71.58
N1A NAI CB . -68.03 45.00 71.42
C2A NAI CB . -69.28 44.79 71.86
N3A NAI CB . -69.68 44.02 72.87
C4A NAI CB . -68.65 43.40 73.46
O3 NAI CB . -69.37 36.36 77.53
PN NAI CB . -70.85 36.11 77.03
O1N NAI CB . -70.78 35.77 75.55
O2N NAI CB . -71.73 37.26 77.36
O5D NAI CB . -71.37 34.76 77.80
C5D NAI CB . -70.49 33.79 78.43
C4D NAI CB . -70.57 33.97 79.92
O4D NAI CB . -71.90 33.65 80.38
C3D NAI CB . -69.60 33.10 80.73
O3D NAI CB . -68.88 33.88 81.67
C2D NAI CB . -70.51 32.09 81.43
O2D NAI CB . -70.03 31.75 82.72
C1D NAI CB . -71.82 32.87 81.55
N1N NAI CB . -73.02 32.03 81.64
C2N NAI CB . -74.18 32.52 82.25
C3N NAI CB . -75.31 31.78 82.37
C7N NAI CB . -76.47 32.39 83.03
O7N NAI CB . -77.53 31.77 83.16
N7N NAI CB . -76.34 33.64 83.48
C4N NAI CB . -75.35 30.39 81.81
C5N NAI CB . -74.07 29.98 81.16
C6N NAI CB . -73.01 30.79 81.11
FE1 FES DB . -83.36 20.90 89.07
FE2 FES DB . -82.34 23.32 88.51
S1 FES DB . -84.44 22.83 88.96
S2 FES DB . -81.25 21.45 88.88
FE1 SF4 EB . -64.35 11.25 52.18
FE2 SF4 EB . -63.82 8.72 53.05
FE3 SF4 EB . -65.78 10.19 54.22
FE4 SF4 EB . -66.08 9.23 51.68
S1 SF4 EB . -65.93 7.98 53.60
S2 SF4 EB . -66.64 11.32 52.42
S3 SF4 EB . -63.94 9.41 50.85
S4 SF4 EB . -63.53 10.67 54.25
FE1 SF4 FB . -72.63 19.87 53.66
FE2 SF4 FB . -73.84 17.69 54.66
FE3 SF4 FB . -74.96 18.99 52.56
FE4 SF4 FB . -72.69 17.58 52.20
S1 SF4 FB . -74.74 16.72 52.79
S2 SF4 FB . -73.10 19.71 51.41
S3 SF4 FB . -71.59 17.90 54.20
S4 SF4 FB . -74.68 19.84 54.69
FE1 FES GB . -65.68 27.01 58.29
FE2 FES GB . -64.47 29.38 58.52
S1 FES GB . -65.42 28.21 60.11
S2 FES GB . -64.36 27.99 56.83
K K HB . -70.30 15.15 46.76
FE1 SF4 IB . -37.98 -9.70 33.97
FE2 SF4 IB . -38.81 -10.35 36.41
FE3 SF4 IB . -37.35 -12.16 34.96
FE4 SF4 IB . -36.15 -9.96 36.01
S1 SF4 IB . -37.11 -11.68 37.19
S2 SF4 IB . -35.93 -10.74 33.86
S3 SF4 IB . -37.80 -8.36 35.83
S4 SF4 IB . -39.46 -11.40 34.45
FE1 SF4 JB . -47.94 -6.40 41.96
FE2 SF4 JB . -48.95 -8.22 40.22
FE3 SF4 JB . -50.49 -7.25 42.22
FE4 SF4 JB . -49.80 -5.66 40.12
S1 SF4 JB . -51.13 -7.54 40.02
S2 SF4 JB . -49.77 -5.07 42.35
S3 SF4 JB . -47.67 -6.38 39.68
S4 SF4 JB . -48.60 -8.53 42.47
FE1 SF4 KB . -59.59 -5.32 46.81
FE2 SF4 KB . -59.04 -4.37 44.31
FE3 SF4 KB . -61.55 -5.11 44.93
FE4 SF4 KB . -60.44 -2.87 46.08
S1 SF4 KB . -60.95 -3.17 43.86
S2 SF4 KB . -61.71 -4.47 47.14
S3 SF4 KB . -58.24 -3.53 46.29
S4 SF4 KB . -59.72 -6.50 44.85
ZN ZN LB . -70.31 -6.09 57.31
O12 PC1 MB . -44.93 -34.43 6.37
P PC1 MB . -43.64 -35.12 6.50
O14 PC1 MB . -43.23 -36.08 5.46
O13 PC1 MB . -42.51 -34.01 6.69
C11 PC1 MB . -42.43 -33.17 7.87
C12 PC1 MB . -41.81 -31.88 7.39
N PC1 MB . -42.68 -30.94 6.57
C13 PC1 MB . -42.33 -29.53 6.92
C14 PC1 MB . -44.14 -31.15 6.84
C15 PC1 MB . -42.43 -31.15 5.10
O11 PC1 MB . -43.63 -35.85 7.93
C1 PC1 MB . -43.51 -37.28 7.98
C2 PC1 MB . -42.13 -37.65 8.44
O21 PC1 MB . -42.05 -39.10 8.36
C21 PC1 MB . -41.64 -39.64 7.19
O22 PC1 MB . -41.28 -38.98 6.26
C22 PC1 MB . -41.73 -41.13 7.22
C23 PC1 MB . -40.37 -41.81 7.36
C24 PC1 MB . -40.47 -43.33 7.34
C25 PC1 MB . -41.45 -43.91 8.33
C26 PC1 MB . -41.53 -45.42 8.33
C27 PC1 MB . -41.91 -46.03 6.99
C28 PC1 MB . -42.05 -47.53 7.00
C29 PC1 MB . -40.79 -48.27 7.40
C2A PC1 MB . -40.94 -49.79 7.43
C3 PC1 MB . -41.91 -37.24 9.87
O31 PC1 MB . -40.57 -37.61 10.27
C31 PC1 MB . -40.17 -37.24 11.48
O32 PC1 MB . -40.86 -36.60 12.23
C32 PC1 MB . -38.78 -37.72 11.78
C33 PC1 MB . -38.44 -38.99 11.02
C34 PC1 MB . -37.13 -39.61 11.46
C35 PC1 MB . -36.81 -40.94 10.79
C36 PC1 MB . -37.86 -42.01 11.02
C37 PC1 MB . -38.07 -42.36 12.49
C38 PC1 MB . -36.85 -42.91 13.18
C39 PC1 MB . -36.40 -44.28 12.69
C3A PC1 MB . -35.10 -44.76 13.30
C3B PC1 MB . -35.10 -44.79 14.82
C3C PC1 MB . -33.75 -45.12 15.45
C3D PC1 MB . -32.65 -44.12 15.16
C3E PC1 MB . -31.56 -44.62 14.22
C3F PC1 MB . -30.75 -45.78 14.75
C3G PC1 MB . -29.97 -45.46 16.01
C3H PC1 MB . -29.13 -46.61 16.52
C3I PC1 MB . -28.34 -46.27 17.76
PA NDP NB . -49.29 -26.86 -1.02
O1A NDP NB . -49.08 -28.23 -1.53
O2A NDP NB . -47.95 -26.27 -0.60
O5B NDP NB . -50.29 -26.80 0.24
C5B NDP NB . -51.46 -27.64 0.27
C4B NDP NB . -52.14 -27.49 1.61
O4B NDP NB . -53.40 -28.20 1.60
C3B NDP NB . -51.37 -28.04 2.80
O3B NDP NB . -51.61 -27.26 3.97
C2B NDP NB . -51.95 -29.44 2.97
O2B NDP NB . -51.86 -29.89 4.34
C1B NDP NB . -53.40 -29.23 2.57
N9A NDP NB . -54.02 -30.42 1.97
C8A NDP NB . -53.67 -31.03 0.81
N7A NDP NB . -54.39 -32.08 0.52
C5A NDP NB . -55.29 -32.16 1.57
C6A NDP NB . -56.34 -33.05 1.86
N6A NDP NB . -56.68 -34.08 1.08
N1A NDP NB . -57.05 -32.85 2.99
C2A NDP NB . -56.72 -31.81 3.77
N3A NDP NB . -55.75 -30.91 3.61
C4A NDP NB . -55.08 -31.14 2.47
O3 NDP NB . -49.87 -25.93 -2.19
PN NDP NB . -49.59 -24.42 -2.58
O1N NDP NB . -49.47 -23.60 -1.35
O2N NDP NB . -48.28 -24.36 -3.36
O5D NDP NB . -50.77 -23.96 -3.54
C5D NDP NB . -52.05 -23.50 -3.09
C4D NDP NB . -53.09 -23.78 -4.16
O4D NDP NB . -52.61 -23.28 -5.43
C3D NDP NB . -53.44 -25.25 -4.37
O3D NDP NB . -54.84 -25.40 -4.53
C2D NDP NB . -52.68 -25.60 -5.65
O2D NDP NB . -53.33 -26.64 -6.38
C1D NDP NB . -52.74 -24.28 -6.40
N1N NDP NB . -51.68 -24.10 -7.39
C2N NDP NB . -50.37 -24.32 -7.05
C3N NDP NB . -49.35 -24.18 -7.91
C7N NDP NB . -47.98 -24.40 -7.40
O7N NDP NB . -47.58 -23.76 -6.42
N7N NDP NB . -47.22 -25.31 -8.02
C4N NDP NB . -49.60 -23.83 -9.34
C5N NDP NB . -51.03 -23.55 -9.59
C6N NDP NB . -51.97 -23.71 -8.66
P2B NDP NB . -50.72 -30.86 4.93
O1X NDP NB . -50.12 -30.28 6.16
O2X NDP NB . -51.41 -32.20 5.18
O3X NDP NB . -49.70 -31.06 3.81
O7 ZMP OB . -27.94 24.01 -4.34
P1 ZMP OB . -27.68 22.44 -4.51
O6 ZMP OB . -28.96 21.71 -4.48
O5 ZMP OB . -26.82 22.08 -3.19
C21 ZMP OB . -27.25 22.55 -1.91
C18 ZMP OB . -27.44 21.37 -0.94
C19 ZMP OB . -26.92 20.08 -1.58
C20 ZMP OB . -26.64 21.64 0.32
C17 ZMP OB . -28.94 21.20 -0.63
O4 ZMP OB . -29.70 21.46 -1.81
C16 ZMP OB . -29.39 22.12 0.51
O3 ZMP OB . -29.52 23.33 0.34
N2 ZMP OB . -29.66 21.49 1.66
C15 ZMP OB . -30.09 22.19 2.87
C14 ZMP OB . -29.32 21.59 4.04
C13 ZMP OB . -29.49 20.08 4.05
O2 ZMP OB . -29.88 19.49 3.05
N1 ZMP OB . -29.22 19.48 5.22
C12 ZMP OB . -29.34 18.03 5.43
C11 ZMP OB . -28.17 17.27 4.80
S1 ZMP OB . -27.43 16.03 5.93
C10 ZMP OB . -28.63 14.73 5.89
O1 ZMP OB . -29.76 14.84 5.43
C9 ZMP OB . -28.17 13.41 6.51
C8 ZMP OB . -29.05 12.28 5.99
C7 ZMP OB . -28.25 10.99 5.91
C6 ZMP OB . -28.99 10.01 4.99
C5 ZMP OB . -28.33 8.64 5.03
C4 ZMP OB . -29.39 7.57 4.73
C3 ZMP OB . -28.76 6.41 3.95
C2 ZMP OB . -29.84 5.36 3.69
C1 ZMP OB . -29.45 4.49 2.50
C22 ZMP OB . -28.71 3.25 2.99
C23 ZMP OB . -28.89 2.00 2.11
#